data_7K5J
#
_entry.id   7K5J
#
_cell.length_a   95.181
_cell.length_b   272.917
_cell.length_c   258.342
_cell.angle_alpha   90.000
_cell.angle_beta   94.590
_cell.angle_gamma   90.000
#
_symmetry.space_group_name_H-M   'P 1 21 1'
#
loop_
_entity.id
_entity.type
_entity.pdbx_description
1 polymer Ubiquitin
2 polymer 'Ubiquitin-activating enzyme E1 1'
3 polymer 'Ubiquitin-conjugating enzyme E2-34 kDa'
4 non-polymer 'ADENOSINE MONOPHOSPHATE'
#
loop_
_entity_poly.entity_id
_entity_poly.type
_entity_poly.pdbx_seq_one_letter_code
_entity_poly.pdbx_strand_id
1 'polypeptide(L)'
;MHHHHHHMQIFVRTLTGRTITLEVESSDTIDNVRARIQDREGIPPDQQRLIFAGRQLEDGRTLADYNIQRESTLHLVLRL
RGG
;
N,M,O,P,Q,R,W,X
2 'polypeptide(L)'
;GAMAGEIDESLYSRQLYVLGKEAMLKMQTSNVLILGLKGLGVEIAKNVVLAGVKSMTVFDPEPVQLADLSTQFFLTEKDI
GQKRGDVTRAKLAELNAYVPVNVLDSLDDVTQLSQFQVVVATDTVSLEDKVKINEFCHSSGIRFISSETRGLFGNTFVDL
GDEFTVLDPTGEEPRTGMVSDIEPDGTVTMLDDNRHGLEDGNFVRFSEVEGLDKLNDGTLFKVEVLGPFAFRIGSVKEYG
EYKKGGIFTEVKVPRKISFKSLKQQLSNPEFVFSDFAKFDRAAQLHLGFQALHQFAVRHNGELPRTMNDEDANELIKLVT
DLSVQQPEVLGEGVDVNEDLIKELSYQARGDIPGVVAFFGGLVAQEVLKACSGKFTPLKQFMYFDSLESLPDPKNFPRNE
KTTQPVNSRYDNQIAVFGLDFQKKIANSKVFLVGSGAIGCEMLKNWALLGLGSGSDGYIVVTDNDSIEKSNLNRQFLFRP
KDVGKNKSEVAAEAVCAMNPDLKGKINAKIDKVGPETEEIFNDSFWESLDFVTNALDNVDARTYVDRRCVFYRKPLLESG
TLGTKGNTQVIIPRLTESYSSSRDPPEKSIPLCTLRSFPNKIDHTIAWAKSLFQGYFTDSAENVNMYLTQPNFVEQTLKQ
SGDVKGVLESISDSLSSKPHNFEDCIKWARLEFEKKFNHDIKQLLFNFPKDAKTSNGEPFWSGAKRAPTPLEFDIYNNDH
FHFVVAGASLRAYNYGIKSDDSNSKPNVDEYKSVIDHMIIPEFTPNANLKIQVNDDDPDPNANAANGSDEIDQLVSSLPD
PSTLAGFKLEPVDFEKDDDTNHHIEFITACSNCRAQNYFIETADRQKTKFIAGRIIPAIATTTSLVTGLVNLELYKLIDN
KTDIEQYKNGFVNLALPFFGFSEPIASPKGEYNNKKYDKIWDRFDIKGDIKLSDLIEHFEKDEGLEITMLSYGVSLLYAS
FFPPKKLKERLNLPITQLVKLVTKKDIPAHVSTMILEICADDKEGEDVEVPFITIHL
;
D,A,C,G,I,K,S,U
3 'polypeptide(L)'
;GAMASRKSTASSLLLRQYRELTDPKKAIPSFHIELEDDSNIFTWNIGVMVLNEDSIYHGGFFKAQMRFPEDFPFSPPQFR
FTPAIYHPNVYRDGRLCISILHQSGDPMTDEPDAETWSPVQTVESVLISIVSLLEDPNINSPKNVDAAVDYRKNPEQYKQ
RVKMEVERSKQDIPKGFIMPTSESAYISQSKLDEPES
;
F,B,E,H,J,L,T,V
#
# COMPACT_ATOMS: atom_id res chain seq x y z
N HIS A 4 64.58 -107.39 -19.11
CA HIS A 4 64.26 -107.25 -17.70
C HIS A 4 65.38 -106.55 -16.95
N HIS A 5 65.32 -105.22 -16.91
CA HIS A 5 66.28 -104.37 -16.19
C HIS A 5 67.70 -104.60 -16.71
N HIS A 6 67.90 -104.26 -17.97
CA HIS A 6 69.20 -104.33 -18.62
C HIS A 6 69.66 -102.93 -19.00
N HIS A 7 70.94 -102.64 -18.73
CA HIS A 7 71.48 -101.31 -18.99
C HIS A 7 71.68 -101.10 -20.48
N MET A 8 71.57 -99.84 -20.91
CA MET A 8 71.49 -99.48 -22.32
C MET A 8 71.58 -97.97 -22.47
N GLN A 9 72.29 -97.50 -23.49
CA GLN A 9 72.39 -96.08 -23.77
C GLN A 9 71.64 -95.78 -25.05
N ILE A 10 70.94 -94.64 -25.06
CA ILE A 10 70.11 -94.24 -26.18
C ILE A 10 70.47 -92.82 -26.61
N PHE A 11 70.16 -92.51 -27.87
CA PHE A 11 70.42 -91.21 -28.46
C PHE A 11 69.13 -90.42 -28.57
N VAL A 12 69.26 -89.10 -28.53
CA VAL A 12 68.11 -88.20 -28.62
C VAL A 12 68.47 -87.07 -29.57
N ARG A 13 67.65 -86.89 -30.61
CA ARG A 13 67.84 -85.84 -31.59
C ARG A 13 66.97 -84.64 -31.23
N THR A 14 67.54 -83.45 -31.28
CA THR A 14 66.82 -82.23 -30.95
C THR A 14 66.20 -81.64 -32.23
N LEU A 15 65.62 -80.45 -32.11
CA LEU A 15 65.01 -79.80 -33.27
C LEU A 15 66.06 -79.34 -34.28
N THR A 16 67.26 -79.01 -33.81
CA THR A 16 68.34 -78.49 -34.66
C THR A 16 69.31 -79.60 -35.05
N GLY A 17 68.79 -80.78 -35.39
CA GLY A 17 69.57 -81.97 -35.68
C GLY A 17 70.86 -82.18 -34.89
N ARG A 18 70.79 -82.03 -33.57
CA ARG A 18 71.92 -82.27 -32.70
C ARG A 18 71.59 -83.45 -31.81
N THR A 19 72.53 -84.37 -31.67
CA THR A 19 72.31 -85.62 -30.94
C THR A 19 73.01 -85.61 -29.59
N ILE A 20 72.26 -85.95 -28.54
CA ILE A 20 72.78 -86.08 -27.19
C ILE A 20 72.73 -87.56 -26.81
N THR A 21 73.77 -88.03 -26.13
CA THR A 21 73.85 -89.43 -25.72
C THR A 21 73.52 -89.56 -24.23
N LEU A 22 72.54 -90.39 -23.91
CA LEU A 22 72.09 -90.59 -22.53
C LEU A 22 72.25 -92.06 -22.14
N GLU A 23 72.63 -92.27 -20.88
CA GLU A 23 72.74 -93.60 -20.30
C GLU A 23 71.54 -93.82 -19.38
N VAL A 24 70.67 -94.76 -19.73
CA VAL A 24 69.41 -94.99 -19.04
C VAL A 24 69.20 -96.49 -18.86
N GLU A 25 68.11 -96.85 -18.19
CA GLU A 25 67.69 -98.24 -18.06
C GLU A 25 66.22 -98.36 -18.45
N SER A 26 65.80 -99.59 -18.74
CA SER A 26 64.42 -99.84 -19.14
C SER A 26 63.43 -99.63 -18.00
N SER A 27 63.90 -99.47 -16.77
CA SER A 27 63.04 -99.22 -15.61
C SER A 27 62.86 -97.73 -15.33
N ASP A 28 63.12 -96.87 -16.32
CA ASP A 28 62.98 -95.43 -16.16
C ASP A 28 61.75 -94.97 -16.92
N THR A 29 60.96 -94.11 -16.30
CA THR A 29 59.77 -93.57 -16.95
C THR A 29 60.16 -92.49 -17.96
N ILE A 30 59.26 -92.27 -18.93
CA ILE A 30 59.50 -91.23 -19.93
C ILE A 30 59.57 -89.87 -19.26
N ASP A 31 58.70 -89.61 -18.28
CA ASP A 31 58.78 -88.37 -17.52
C ASP A 31 60.12 -88.24 -16.83
N ASN A 32 60.65 -89.35 -16.32
CA ASN A 32 61.98 -89.34 -15.73
C ASN A 32 63.05 -89.04 -16.77
N VAL A 33 62.90 -89.61 -17.97
CA VAL A 33 63.85 -89.33 -19.04
C VAL A 33 63.61 -87.94 -19.63
N ARG A 34 62.35 -87.52 -19.75
CA ARG A 34 62.06 -86.20 -20.27
C ARG A 34 62.62 -85.12 -19.36
N ALA A 35 62.61 -85.37 -18.05
CA ALA A 35 63.24 -84.45 -17.11
C ALA A 35 64.76 -84.49 -17.20
N ARG A 36 65.32 -85.61 -17.68
CA ARG A 36 66.76 -85.71 -17.88
C ARG A 36 67.21 -84.91 -19.08
N ILE A 37 66.40 -84.88 -20.15
CA ILE A 37 66.73 -84.06 -21.30
C ILE A 37 66.47 -82.58 -21.03
N GLN A 38 65.57 -82.28 -20.08
CA GLN A 38 65.26 -80.89 -19.75
C GLN A 38 66.48 -80.17 -19.20
N ASP A 39 67.16 -80.79 -18.21
CA ASP A 39 68.29 -80.16 -17.55
C ASP A 39 69.55 -80.15 -18.40
N ARG A 40 69.60 -80.91 -19.49
CA ARG A 40 70.79 -80.96 -20.34
C ARG A 40 70.73 -80.01 -21.52
N GLU A 41 69.54 -79.70 -22.02
CA GLU A 41 69.39 -78.86 -23.21
C GLU A 41 68.86 -77.47 -22.91
N GLY A 42 68.06 -77.28 -21.87
CA GLY A 42 67.53 -75.98 -21.55
C GLY A 42 66.11 -75.71 -22.00
N ILE A 43 65.40 -76.74 -22.47
CA ILE A 43 64.05 -76.60 -22.99
C ILE A 43 63.05 -76.78 -21.85
N PRO A 44 62.05 -75.91 -21.73
CA PRO A 44 61.05 -76.08 -20.69
C PRO A 44 60.30 -77.39 -20.90
N PRO A 45 59.75 -77.97 -19.83
CA PRO A 45 59.09 -79.27 -19.97
C PRO A 45 57.82 -79.23 -20.80
N ASP A 46 57.13 -78.10 -20.83
CA ASP A 46 55.87 -77.99 -21.57
C ASP A 46 56.07 -77.86 -23.08
N GLN A 47 57.23 -77.35 -23.51
CA GLN A 47 57.40 -77.03 -24.92
C GLN A 47 57.69 -78.25 -25.77
N GLN A 48 58.40 -79.25 -25.25
CA GLN A 48 58.85 -80.38 -26.06
C GLN A 48 58.34 -81.70 -25.49
N ARG A 49 58.12 -82.66 -26.39
CA ARG A 49 57.78 -84.04 -26.09
C ARG A 49 58.78 -84.98 -26.77
N LEU A 50 58.47 -86.28 -26.78
CA LEU A 50 59.39 -87.31 -27.24
C LEU A 50 58.65 -88.31 -28.11
N ILE A 51 59.20 -88.56 -29.29
CA ILE A 51 58.61 -89.47 -30.27
C ILE A 51 59.65 -90.53 -30.63
N PHE A 52 59.22 -91.79 -30.66
CA PHE A 52 60.10 -92.90 -31.05
C PHE A 52 59.39 -93.76 -32.07
N ALA A 53 59.98 -93.87 -33.26
CA ALA A 53 59.38 -94.60 -34.38
C ALA A 53 57.96 -94.13 -34.65
N GLY A 54 57.73 -92.82 -34.47
CA GLY A 54 56.41 -92.26 -34.69
C GLY A 54 55.43 -92.53 -33.58
N ARG A 55 55.92 -92.71 -32.36
CA ARG A 55 55.08 -92.98 -31.19
C ARG A 55 55.34 -91.92 -30.15
N GLN A 56 54.32 -91.11 -29.84
CA GLN A 56 54.45 -90.13 -28.79
C GLN A 56 54.55 -90.83 -27.43
N LEU A 57 55.70 -90.69 -26.76
CA LEU A 57 55.93 -91.38 -25.51
C LEU A 57 55.19 -90.68 -24.38
N GLU A 58 54.29 -91.40 -23.71
CA GLU A 58 53.56 -90.84 -22.59
C GLU A 58 54.42 -90.85 -21.34
N ASP A 59 54.15 -89.89 -20.44
CA ASP A 59 54.97 -89.72 -19.24
C ASP A 59 54.77 -90.85 -18.23
N GLY A 60 53.68 -91.60 -18.33
CA GLY A 60 53.41 -92.62 -17.33
C GLY A 60 54.11 -93.94 -17.58
N ARG A 61 54.42 -94.25 -18.82
CA ARG A 61 55.02 -95.54 -19.16
C ARG A 61 56.54 -95.47 -18.99
N THR A 62 57.21 -96.57 -19.26
CA THR A 62 58.66 -96.69 -19.12
C THR A 62 59.29 -96.94 -20.48
N LEU A 63 60.61 -97.12 -20.48
CA LEU A 63 61.32 -97.37 -21.74
C LEU A 63 61.05 -98.77 -22.26
N ALA A 64 60.87 -99.74 -21.36
CA ALA A 64 60.57 -101.10 -21.78
C ALA A 64 59.15 -101.23 -22.32
N ASP A 65 58.26 -100.30 -21.95
CA ASP A 65 56.89 -100.34 -22.44
C ASP A 65 56.79 -99.99 -23.92
N TYR A 66 57.83 -99.37 -24.49
CA TYR A 66 57.85 -98.99 -25.90
C TYR A 66 58.82 -99.83 -26.71
N ASN A 67 59.37 -100.90 -26.13
CA ASN A 67 60.35 -101.77 -26.79
C ASN A 67 61.56 -100.97 -27.26
N ILE A 68 62.07 -100.11 -26.37
CA ILE A 68 63.23 -99.28 -26.67
C ILE A 68 64.45 -100.04 -26.17
N GLN A 69 65.10 -100.77 -27.08
CA GLN A 69 66.30 -101.52 -26.74
C GLN A 69 67.50 -100.57 -26.73
N ARG A 70 68.70 -101.14 -26.64
CA ARG A 70 69.91 -100.35 -26.59
C ARG A 70 70.21 -99.68 -27.93
N GLU A 71 70.95 -98.57 -27.87
CA GLU A 71 71.39 -97.83 -29.06
C GLU A 71 70.23 -97.40 -29.93
N SER A 72 69.11 -97.05 -29.29
CA SER A 72 67.97 -96.51 -30.01
C SER A 72 68.09 -94.99 -30.12
N THR A 73 67.21 -94.40 -30.94
CA THR A 73 67.24 -92.97 -31.22
C THR A 73 65.87 -92.37 -30.96
N LEU A 74 65.80 -91.46 -29.99
CA LEU A 74 64.58 -90.73 -29.72
C LEU A 74 64.54 -89.43 -30.54
N HIS A 75 63.36 -88.82 -30.59
CA HIS A 75 63.12 -87.61 -31.36
C HIS A 75 62.32 -86.63 -30.52
N LEU A 76 62.69 -85.36 -30.57
CA LEU A 76 62.06 -84.31 -29.79
C LEU A 76 61.17 -83.48 -30.70
N VAL A 77 59.92 -83.33 -30.31
CA VAL A 77 58.93 -82.59 -31.09
C VAL A 77 58.15 -81.67 -30.15
N LEU A 78 57.69 -80.54 -30.69
CA LEU A 78 56.85 -79.62 -29.93
C LEU A 78 55.62 -80.32 -29.39
N ARG A 79 55.08 -79.78 -28.30
CA ARG A 79 53.85 -80.30 -27.73
C ARG A 79 52.62 -79.83 -28.51
N LEU A 80 52.57 -78.53 -28.81
CA LEU A 80 51.47 -77.94 -29.57
C LEU A 80 52.03 -77.53 -30.93
N ARG A 81 51.64 -78.28 -31.96
CA ARG A 81 52.11 -77.99 -33.32
C ARG A 81 51.02 -78.07 -34.37
N GLY A 82 49.80 -78.44 -33.99
CA GLY A 82 48.72 -78.50 -34.98
C GLY A 82 48.38 -77.13 -35.52
N GLY A 83 47.85 -77.12 -36.73
CA GLY A 83 47.40 -75.90 -37.37
C GLY A 83 46.28 -75.23 -36.61
N GLY B 5 48.62 -21.91 -34.83
CA GLY B 5 48.35 -22.39 -33.48
C GLY B 5 48.46 -21.32 -32.43
N GLU B 6 47.63 -20.28 -32.56
CA GLU B 6 47.60 -19.16 -31.64
C GLU B 6 46.25 -19.10 -30.96
N ILE B 7 46.25 -18.63 -29.70
CA ILE B 7 45.03 -18.47 -28.92
C ILE B 7 44.93 -17.01 -28.52
N ASP B 8 43.79 -16.39 -28.84
CA ASP B 8 43.55 -14.99 -28.51
C ASP B 8 43.30 -14.88 -27.01
N GLU B 9 44.34 -14.55 -26.25
CA GLU B 9 44.23 -14.42 -24.80
C GLU B 9 43.54 -13.13 -24.36
N SER B 10 43.22 -12.25 -25.31
CA SER B 10 42.43 -11.06 -24.98
C SER B 10 40.94 -11.34 -24.99
N LEU B 11 40.49 -12.27 -25.84
CA LEU B 11 39.09 -12.65 -25.95
C LEU B 11 38.75 -13.85 -25.06
N TYR B 12 39.62 -14.86 -25.03
CA TYR B 12 39.43 -16.06 -24.21
C TYR B 12 40.18 -15.99 -22.90
N SER B 13 40.31 -14.79 -22.32
CA SER B 13 41.12 -14.61 -21.12
C SER B 13 40.61 -15.44 -19.95
N ARG B 14 39.35 -15.23 -19.56
CA ARG B 14 38.81 -15.96 -18.42
C ARG B 14 38.62 -17.44 -18.71
N GLN B 15 38.45 -17.82 -19.98
CA GLN B 15 38.25 -19.22 -20.35
C GLN B 15 39.55 -20.01 -20.39
N LEU B 16 40.65 -19.36 -20.79
CA LEU B 16 41.93 -20.06 -20.85
C LEU B 16 42.36 -20.57 -19.48
N TYR B 17 41.99 -19.87 -18.41
CA TYR B 17 42.33 -20.32 -17.07
C TYR B 17 41.56 -21.57 -16.66
N VAL B 18 40.56 -21.97 -17.43
CA VAL B 18 39.79 -23.18 -17.15
C VAL B 18 40.27 -24.35 -17.99
N LEU B 19 40.40 -24.14 -19.31
CA LEU B 19 40.69 -25.22 -20.24
C LEU B 19 42.18 -25.42 -20.51
N GLY B 20 43.00 -24.37 -20.38
CA GLY B 20 44.41 -24.47 -20.66
C GLY B 20 44.72 -24.34 -22.14
N LYS B 21 46.00 -24.11 -22.43
CA LYS B 21 46.43 -23.85 -23.80
C LYS B 21 46.38 -25.11 -24.65
N GLU B 22 46.81 -26.24 -24.09
CA GLU B 22 46.85 -27.48 -24.86
C GLU B 22 45.45 -27.93 -25.26
N ALA B 23 44.50 -27.89 -24.33
CA ALA B 23 43.14 -28.34 -24.63
C ALA B 23 42.46 -27.39 -25.61
N MET B 24 42.68 -26.08 -25.45
CA MET B 24 42.06 -25.11 -26.35
C MET B 24 42.62 -25.20 -27.76
N LEU B 25 43.84 -25.72 -27.93
CA LEU B 25 44.38 -25.90 -29.27
C LEU B 25 43.76 -27.08 -29.98
N LYS B 26 43.36 -28.12 -29.25
CA LYS B 26 42.62 -29.22 -29.87
C LYS B 26 41.20 -28.80 -30.21
N MET B 27 40.60 -27.94 -29.40
CA MET B 27 39.24 -27.47 -29.67
C MET B 27 39.18 -26.65 -30.96
N GLN B 28 40.21 -25.85 -31.21
CA GLN B 28 40.29 -25.02 -32.41
C GLN B 28 40.57 -25.82 -33.67
N THR B 29 40.61 -27.15 -33.58
CA THR B 29 40.79 -28.00 -34.76
C THR B 29 39.68 -29.03 -34.89
N SER B 30 38.54 -28.81 -34.23
CA SER B 30 37.43 -29.75 -34.24
C SER B 30 36.20 -29.07 -34.80
N ASN B 31 35.55 -29.71 -35.76
CA ASN B 31 34.32 -29.22 -36.35
C ASN B 31 33.14 -29.90 -35.68
N VAL B 32 32.19 -29.11 -35.21
CA VAL B 32 31.06 -29.59 -34.43
C VAL B 32 29.81 -29.48 -35.29
N LEU B 33 29.01 -30.55 -35.30
CA LEU B 33 27.73 -30.58 -35.98
C LEU B 33 26.62 -30.76 -34.94
N ILE B 34 25.61 -29.89 -34.99
CA ILE B 34 24.49 -29.92 -34.06
C ILE B 34 23.23 -30.16 -34.87
N LEU B 35 22.48 -31.21 -34.51
CA LEU B 35 21.25 -31.58 -35.22
C LEU B 35 20.05 -31.09 -34.42
N GLY B 36 19.22 -30.27 -35.05
CA GLY B 36 18.06 -29.72 -34.38
C GLY B 36 18.37 -28.42 -33.67
N LEU B 37 17.61 -27.38 -33.98
CA LEU B 37 17.88 -26.06 -33.43
C LEU B 37 16.69 -25.53 -32.65
N LYS B 38 16.11 -26.36 -31.79
CA LYS B 38 15.09 -25.88 -30.86
C LYS B 38 15.80 -25.19 -29.70
N GLY B 39 15.06 -24.94 -28.61
CA GLY B 39 15.67 -24.29 -27.46
C GLY B 39 16.90 -25.00 -26.94
N LEU B 40 16.83 -26.33 -26.84
CA LEU B 40 17.99 -27.09 -26.39
C LEU B 40 19.12 -27.06 -27.41
N GLY B 41 18.79 -27.01 -28.70
CA GLY B 41 19.84 -26.98 -29.71
C GLY B 41 20.57 -25.65 -29.76
N VAL B 42 19.83 -24.54 -29.70
CA VAL B 42 20.46 -23.24 -29.75
C VAL B 42 21.22 -22.93 -28.47
N GLU B 43 20.85 -23.56 -27.36
CA GLU B 43 21.60 -23.35 -26.13
C GLU B 43 22.94 -24.07 -26.20
N ILE B 44 22.98 -25.27 -26.78
CA ILE B 44 24.24 -25.96 -26.97
C ILE B 44 25.08 -25.25 -28.02
N ALA B 45 24.45 -24.76 -29.09
CA ALA B 45 25.19 -24.07 -30.14
C ALA B 45 25.80 -22.77 -29.62
N LYS B 46 25.09 -22.04 -28.77
CA LYS B 46 25.62 -20.78 -28.25
C LYS B 46 26.86 -21.02 -27.40
N ASN B 47 26.79 -21.99 -26.48
CA ASN B 47 27.91 -22.23 -25.58
C ASN B 47 29.09 -22.84 -26.30
N VAL B 48 28.85 -23.65 -27.33
CA VAL B 48 29.98 -24.24 -28.06
C VAL B 48 30.66 -23.19 -28.93
N VAL B 49 29.86 -22.34 -29.58
CA VAL B 49 30.44 -21.26 -30.39
C VAL B 49 31.22 -20.28 -29.52
N LEU B 50 30.68 -19.95 -28.34
CA LEU B 50 31.40 -19.07 -27.44
C LEU B 50 32.70 -19.70 -26.96
N ALA B 51 32.74 -21.03 -26.84
CA ALA B 51 33.94 -21.70 -26.36
C ALA B 51 35.07 -21.68 -27.39
N GLY B 52 34.77 -21.38 -28.65
CA GLY B 52 35.79 -21.29 -29.66
C GLY B 52 36.22 -22.62 -30.25
N VAL B 53 35.29 -23.32 -30.90
CA VAL B 53 35.61 -24.51 -31.68
C VAL B 53 36.02 -24.08 -33.08
N LYS B 54 36.60 -25.02 -33.84
CA LYS B 54 37.08 -24.69 -35.18
C LYS B 54 35.93 -24.22 -36.09
N SER B 55 34.85 -25.01 -36.15
CA SER B 55 33.71 -24.64 -36.97
C SER B 55 32.44 -25.20 -36.34
N MET B 56 31.33 -24.51 -36.59
CA MET B 56 30.03 -24.90 -36.09
C MET B 56 29.08 -25.08 -37.27
N THR B 57 28.41 -26.21 -37.31
CA THR B 57 27.44 -26.51 -38.36
C THR B 57 26.14 -26.94 -37.71
N VAL B 58 25.04 -26.36 -38.17
CA VAL B 58 23.70 -26.67 -37.67
C VAL B 58 22.87 -27.25 -38.80
N PHE B 59 21.88 -28.06 -38.43
CA PHE B 59 21.00 -28.69 -39.41
C PHE B 59 19.60 -28.78 -38.81
N ASP B 60 18.66 -28.00 -39.34
CA ASP B 60 17.26 -28.07 -38.92
C ASP B 60 16.34 -27.52 -40.00
N PRO B 61 15.89 -28.35 -40.94
CA PRO B 61 15.00 -27.88 -42.00
C PRO B 61 13.53 -27.75 -41.61
N GLU B 62 13.20 -27.86 -40.32
CA GLU B 62 11.82 -27.80 -39.86
C GLU B 62 11.31 -26.36 -39.87
N PRO B 63 10.04 -26.17 -40.18
CA PRO B 63 9.49 -24.80 -40.19
C PRO B 63 9.33 -24.25 -38.78
N VAL B 64 9.52 -22.94 -38.65
CA VAL B 64 9.40 -22.27 -37.37
C VAL B 64 7.92 -22.15 -37.01
N GLN B 65 7.56 -22.66 -35.85
CA GLN B 65 6.22 -22.51 -35.28
C GLN B 65 6.28 -21.60 -34.07
N LEU B 66 5.13 -21.01 -33.74
CA LEU B 66 5.07 -20.08 -32.61
C LEU B 66 5.41 -20.78 -31.30
N ALA B 67 5.04 -22.05 -31.15
CA ALA B 67 5.33 -22.76 -29.92
C ALA B 67 6.81 -22.99 -29.70
N ASP B 68 7.62 -22.95 -30.75
CA ASP B 68 9.07 -23.14 -30.61
C ASP B 68 9.76 -21.98 -29.92
N LEU B 69 9.14 -20.80 -29.90
CA LEU B 69 9.71 -19.61 -29.27
C LEU B 69 9.72 -19.68 -27.75
N SER B 70 9.32 -20.81 -27.17
CA SER B 70 9.30 -20.94 -25.72
C SER B 70 10.72 -20.91 -25.14
N THR B 71 11.66 -21.57 -25.81
CA THR B 71 13.02 -21.67 -25.30
C THR B 71 14.08 -21.11 -26.23
N GLN B 72 13.79 -20.94 -27.52
CA GLN B 72 14.77 -20.40 -28.43
C GLN B 72 14.77 -18.88 -28.38
N PHE B 73 15.89 -18.29 -27.97
CA PHE B 73 16.00 -16.85 -27.84
C PHE B 73 16.42 -16.18 -29.13
N PHE B 74 16.88 -16.94 -30.12
CA PHE B 74 17.28 -16.40 -31.41
C PHE B 74 16.16 -16.48 -32.44
N LEU B 75 14.96 -16.83 -32.00
CA LEU B 75 13.80 -16.95 -32.89
C LEU B 75 12.86 -15.79 -32.64
N THR B 76 12.34 -15.20 -33.73
CA THR B 76 11.38 -14.12 -33.67
C THR B 76 10.14 -14.46 -34.49
N GLU B 77 9.10 -13.64 -34.32
CA GLU B 77 7.86 -13.84 -35.07
C GLU B 77 8.05 -13.64 -36.57
N LYS B 78 9.06 -12.88 -36.98
CA LYS B 78 9.33 -12.68 -38.40
C LYS B 78 9.92 -13.93 -39.05
N ASP B 79 10.52 -14.81 -38.26
CA ASP B 79 11.11 -16.03 -38.79
C ASP B 79 10.11 -17.17 -38.92
N ILE B 80 8.84 -16.94 -38.58
CA ILE B 80 7.84 -18.00 -38.63
C ILE B 80 7.59 -18.38 -40.09
N GLY B 81 7.71 -19.67 -40.38
CA GLY B 81 7.50 -20.15 -41.73
C GLY B 81 8.79 -20.63 -42.36
N GLN B 82 9.87 -19.92 -42.07
CA GLN B 82 11.18 -20.27 -42.61
C GLN B 82 11.83 -21.36 -41.77
N LYS B 83 12.89 -21.93 -42.30
CA LYS B 83 13.58 -23.03 -41.63
C LYS B 83 14.30 -22.55 -40.37
N ARG B 84 14.27 -23.39 -39.32
CA ARG B 84 14.90 -23.01 -38.06
C ARG B 84 16.41 -22.82 -38.22
N GLY B 85 17.05 -23.68 -39.02
CA GLY B 85 18.49 -23.60 -39.14
C GLY B 85 18.93 -22.33 -39.85
N ASP B 86 18.17 -21.89 -40.85
CA ASP B 86 18.60 -20.74 -41.63
C ASP B 86 18.51 -19.45 -40.83
N VAL B 87 17.42 -19.27 -40.08
CA VAL B 87 17.23 -18.02 -39.34
C VAL B 87 18.12 -17.94 -38.11
N THR B 88 18.69 -19.07 -37.66
CA THR B 88 19.54 -19.07 -36.49
C THR B 88 21.02 -18.90 -36.83
N ARG B 89 21.42 -19.35 -38.03
CA ARG B 89 22.83 -19.27 -38.41
C ARG B 89 23.34 -17.83 -38.36
N ALA B 90 22.52 -16.87 -38.76
CA ALA B 90 22.94 -15.47 -38.76
C ALA B 90 23.25 -15.00 -37.33
N LYS B 91 22.36 -15.30 -36.39
CA LYS B 91 22.54 -14.85 -35.01
C LYS B 91 23.57 -15.68 -34.25
N LEU B 92 23.86 -16.89 -34.70
CA LEU B 92 24.88 -17.70 -34.05
C LEU B 92 26.28 -17.21 -34.40
N ALA B 93 26.48 -16.80 -35.66
CA ALA B 93 27.79 -16.32 -36.09
C ALA B 93 28.19 -15.02 -35.41
N GLU B 94 27.23 -14.27 -34.86
CA GLU B 94 27.55 -13.01 -34.20
C GLU B 94 28.27 -13.23 -32.87
N LEU B 95 28.21 -14.44 -32.31
CA LEU B 95 28.78 -14.66 -30.99
C LEU B 95 30.30 -14.71 -31.01
N ASN B 96 30.89 -15.20 -32.11
CA ASN B 96 32.34 -15.35 -32.17
C ASN B 96 32.78 -15.25 -33.62
N ALA B 97 33.53 -14.20 -33.95
CA ALA B 97 34.03 -14.06 -35.32
C ALA B 97 35.05 -15.13 -35.66
N TYR B 98 35.68 -15.74 -34.66
CA TYR B 98 36.65 -16.80 -34.90
C TYR B 98 35.99 -18.13 -35.22
N VAL B 99 34.69 -18.27 -34.96
CA VAL B 99 33.98 -19.52 -35.19
C VAL B 99 33.01 -19.28 -36.34
N PRO B 100 33.25 -19.85 -37.52
CA PRO B 100 32.28 -19.74 -38.61
C PRO B 100 31.13 -20.71 -38.39
N VAL B 101 29.91 -20.22 -38.64
CA VAL B 101 28.70 -21.00 -38.46
C VAL B 101 28.11 -21.27 -39.83
N ASN B 102 28.01 -22.55 -40.20
CA ASN B 102 27.46 -22.98 -41.47
C ASN B 102 26.19 -23.77 -41.23
N VAL B 103 25.48 -24.01 -42.33
CA VAL B 103 24.21 -24.74 -42.30
C VAL B 103 24.36 -25.97 -43.19
N LEU B 104 24.09 -27.15 -42.63
CA LEU B 104 24.00 -28.37 -43.41
C LEU B 104 22.64 -28.39 -44.10
N ASP B 105 22.64 -28.52 -45.43
CA ASP B 105 21.40 -28.35 -46.17
C ASP B 105 20.49 -29.57 -46.04
N SER B 106 21.02 -30.76 -46.28
CA SER B 106 20.24 -31.98 -46.22
C SER B 106 21.09 -33.09 -45.64
N LEU B 107 20.56 -33.79 -44.65
CA LEU B 107 21.25 -34.95 -44.09
C LEU B 107 20.72 -36.24 -44.72
N ASP B 108 20.62 -36.23 -46.05
CA ASP B 108 20.18 -37.42 -46.78
C ASP B 108 21.32 -38.41 -46.96
N ASP B 109 22.55 -37.91 -47.05
CA ASP B 109 23.74 -38.74 -47.17
C ASP B 109 24.46 -38.74 -45.83
N VAL B 110 24.55 -39.90 -45.19
CA VAL B 110 25.19 -39.98 -43.89
C VAL B 110 26.71 -39.84 -43.99
N THR B 111 27.28 -40.00 -45.19
CA THR B 111 28.72 -39.82 -45.34
C THR B 111 29.15 -38.38 -45.08
N GLN B 112 28.20 -37.43 -45.05
CA GLN B 112 28.52 -36.05 -44.71
C GLN B 112 28.92 -35.91 -43.26
N LEU B 113 28.61 -36.91 -42.42
CA LEU B 113 29.05 -36.87 -41.03
C LEU B 113 30.56 -37.06 -40.90
N SER B 114 31.22 -37.55 -41.95
CA SER B 114 32.66 -37.84 -41.86
C SER B 114 33.49 -36.59 -41.69
N GLN B 115 32.99 -35.43 -42.12
CA GLN B 115 33.73 -34.17 -42.01
C GLN B 115 33.55 -33.51 -40.65
N PHE B 116 32.94 -34.18 -39.68
CA PHE B 116 32.77 -33.64 -38.35
C PHE B 116 33.45 -34.54 -37.33
N GLN B 117 33.74 -33.97 -36.17
CA GLN B 117 34.34 -34.70 -35.06
C GLN B 117 33.38 -34.95 -33.92
N VAL B 118 32.43 -34.05 -33.67
CA VAL B 118 31.41 -34.22 -32.64
C VAL B 118 30.04 -33.97 -33.27
N VAL B 119 29.15 -34.95 -33.13
CA VAL B 119 27.78 -34.84 -33.64
C VAL B 119 26.83 -34.82 -32.44
N VAL B 120 26.00 -33.79 -32.36
CA VAL B 120 25.08 -33.61 -31.24
C VAL B 120 23.66 -33.73 -31.79
N ALA B 121 22.89 -34.66 -31.25
CA ALA B 121 21.52 -34.90 -31.68
C ALA B 121 20.57 -34.48 -30.58
N THR B 122 19.75 -33.46 -30.86
CA THR B 122 18.80 -32.94 -29.89
C THR B 122 17.47 -33.67 -30.02
N ASP B 123 16.43 -33.13 -29.38
CA ASP B 123 15.14 -33.79 -29.33
C ASP B 123 14.47 -33.90 -30.70
N THR B 124 14.92 -33.14 -31.69
CA THR B 124 14.31 -33.20 -33.01
C THR B 124 14.73 -34.43 -33.81
N VAL B 125 15.57 -35.28 -33.25
CA VAL B 125 16.03 -36.50 -33.91
C VAL B 125 15.31 -37.68 -33.25
N SER B 126 14.72 -38.53 -34.08
CA SER B 126 14.05 -39.71 -33.56
C SER B 126 15.08 -40.70 -33.01
N LEU B 127 14.62 -41.54 -32.08
CA LEU B 127 15.50 -42.53 -31.47
C LEU B 127 16.02 -43.53 -32.50
N GLU B 128 15.20 -43.86 -33.51
CA GLU B 128 15.67 -44.74 -34.58
C GLU B 128 16.80 -44.08 -35.38
N ASP B 129 16.70 -42.77 -35.60
CA ASP B 129 17.77 -42.05 -36.29
C ASP B 129 18.97 -41.82 -35.39
N LYS B 130 18.75 -41.67 -34.08
CA LYS B 130 19.88 -41.52 -33.16
C LYS B 130 20.73 -42.79 -33.13
N VAL B 131 20.10 -43.96 -33.23
CA VAL B 131 20.86 -45.20 -33.22
C VAL B 131 21.59 -45.38 -34.55
N LYS B 132 20.93 -45.04 -35.65
CA LYS B 132 21.58 -45.11 -36.96
C LYS B 132 22.76 -44.17 -37.04
N ILE B 133 22.63 -42.96 -36.49
CA ILE B 133 23.73 -42.00 -36.54
C ILE B 133 24.84 -42.40 -35.58
N ASN B 134 24.48 -42.84 -34.37
CA ASN B 134 25.49 -43.27 -33.41
C ASN B 134 26.29 -44.47 -33.91
N GLU B 135 25.63 -45.40 -34.60
CA GLU B 135 26.33 -46.54 -35.16
C GLU B 135 27.33 -46.11 -36.23
N PHE B 136 27.00 -45.06 -36.99
CA PHE B 136 27.95 -44.55 -37.96
C PHE B 136 29.07 -43.77 -37.29
N CYS B 137 28.76 -43.09 -36.18
CA CYS B 137 29.79 -42.35 -35.47
C CYS B 137 30.71 -43.27 -34.69
N HIS B 138 30.15 -44.27 -34.00
CA HIS B 138 30.97 -45.19 -33.23
C HIS B 138 31.88 -46.02 -34.13
N SER B 139 31.39 -46.40 -35.30
CA SER B 139 32.18 -47.18 -36.24
C SER B 139 33.14 -46.34 -37.07
N SER B 140 33.10 -45.01 -36.94
CA SER B 140 34.00 -44.12 -37.66
C SER B 140 34.85 -43.25 -36.75
N GLY B 141 34.83 -43.50 -35.44
CA GLY B 141 35.60 -42.70 -34.51
C GLY B 141 35.05 -41.31 -34.24
N ILE B 142 33.83 -41.04 -34.64
CA ILE B 142 33.21 -39.74 -34.41
C ILE B 142 32.53 -39.76 -33.04
N ARG B 143 32.68 -38.66 -32.30
CA ARG B 143 32.08 -38.54 -30.98
C ARG B 143 30.60 -38.21 -31.09
N PHE B 144 29.76 -39.00 -30.41
CA PHE B 144 28.31 -38.85 -30.47
C PHE B 144 27.78 -38.40 -29.12
N ILE B 145 26.92 -37.39 -29.14
CA ILE B 145 26.28 -36.87 -27.94
C ILE B 145 24.80 -36.64 -28.25
N SER B 146 23.93 -37.14 -27.36
CA SER B 146 22.50 -36.99 -27.50
C SER B 146 21.92 -36.30 -26.27
N SER B 147 20.77 -35.67 -26.46
CA SER B 147 20.07 -34.97 -25.38
C SER B 147 18.67 -34.62 -25.84
N GLU B 148 17.73 -34.64 -24.90
CA GLU B 148 16.37 -34.22 -25.16
C GLU B 148 15.74 -33.74 -23.87
N THR B 149 14.82 -32.79 -24.00
CA THR B 149 14.11 -32.21 -22.86
C THR B 149 12.62 -32.35 -23.07
N ARG B 150 11.94 -32.95 -22.10
CA ARG B 150 10.48 -33.11 -22.10
C ARG B 150 9.92 -32.41 -20.86
N GLY B 151 9.51 -31.17 -21.02
CA GLY B 151 8.95 -30.43 -19.90
C GLY B 151 9.98 -30.24 -18.81
N LEU B 152 9.64 -30.66 -17.60
CA LEU B 152 10.55 -30.60 -16.46
C LEU B 152 11.48 -31.80 -16.37
N PHE B 153 11.54 -32.62 -17.41
CA PHE B 153 12.42 -33.76 -17.47
C PHE B 153 13.50 -33.49 -18.51
N GLY B 154 14.45 -34.43 -18.60
CA GLY B 154 15.53 -34.33 -19.56
C GLY B 154 16.58 -35.39 -19.32
N ASN B 155 17.39 -35.68 -20.34
CA ASN B 155 18.46 -36.65 -20.22
C ASN B 155 19.55 -36.30 -21.19
N THR B 156 20.67 -37.04 -21.13
CA THR B 156 21.77 -36.83 -22.05
C THR B 156 22.57 -38.12 -22.16
N PHE B 157 23.09 -38.36 -23.37
CA PHE B 157 23.83 -39.57 -23.72
C PHE B 157 25.19 -39.17 -24.28
N VAL B 158 26.22 -39.89 -23.87
CA VAL B 158 27.59 -39.60 -24.29
C VAL B 158 28.24 -40.88 -24.80
N ASP B 159 28.69 -40.86 -26.04
CA ASP B 159 29.42 -41.98 -26.65
C ASP B 159 30.62 -41.39 -27.40
N LEU B 160 31.80 -41.50 -26.80
CA LEU B 160 33.00 -40.90 -27.37
C LEU B 160 33.86 -41.91 -28.10
N GLY B 161 33.28 -43.01 -28.57
CA GLY B 161 34.02 -44.01 -29.30
C GLY B 161 34.65 -45.06 -28.40
N ASP B 162 35.25 -46.05 -29.04
CA ASP B 162 35.86 -47.15 -28.32
C ASP B 162 37.22 -46.80 -27.74
N GLU B 163 37.81 -45.68 -28.14
CA GLU B 163 39.12 -45.26 -27.63
C GLU B 163 39.06 -43.78 -27.29
N PHE B 164 39.04 -43.46 -26.01
CA PHE B 164 39.07 -42.08 -25.52
C PHE B 164 39.97 -42.00 -24.30
N THR B 165 40.92 -41.07 -24.32
CA THR B 165 41.88 -40.90 -23.23
C THR B 165 41.60 -39.60 -22.48
N VAL B 166 41.51 -39.70 -21.16
CA VAL B 166 41.27 -38.56 -20.29
C VAL B 166 42.63 -38.11 -19.76
N LEU B 167 43.14 -37.02 -20.33
CA LEU B 167 44.46 -36.53 -19.95
C LEU B 167 44.45 -35.94 -18.55
N ASP B 168 43.46 -35.09 -18.25
CA ASP B 168 43.30 -34.48 -16.94
C ASP B 168 41.99 -34.96 -16.34
N PRO B 169 42.00 -35.62 -15.19
CA PRO B 169 40.75 -36.16 -14.65
C PRO B 169 39.90 -35.13 -13.91
N THR B 170 40.54 -34.11 -13.32
CA THR B 170 39.84 -33.16 -12.46
C THR B 170 39.98 -31.71 -12.90
N GLY B 171 41.04 -31.36 -13.62
CA GLY B 171 41.26 -29.98 -14.00
C GLY B 171 41.73 -29.08 -12.87
N GLU B 172 41.94 -29.63 -11.68
CA GLU B 172 42.41 -28.86 -10.54
C GLU B 172 43.91 -28.58 -10.66
N GLU B 173 44.41 -27.76 -9.75
CA GLU B 173 45.85 -27.52 -9.70
C GLU B 173 46.54 -28.73 -9.08
N PRO B 174 47.68 -29.15 -9.63
CA PRO B 174 48.41 -30.29 -9.06
C PRO B 174 48.85 -30.00 -7.63
N ARG B 175 48.45 -30.88 -6.71
CA ARG B 175 48.78 -30.70 -5.31
C ARG B 175 50.29 -30.82 -5.11
N THR B 176 50.86 -29.90 -4.36
CA THR B 176 52.30 -29.85 -4.11
C THR B 176 52.56 -29.48 -2.67
N GLY B 177 53.77 -29.77 -2.20
CA GLY B 177 54.18 -29.44 -0.85
C GLY B 177 55.64 -29.78 -0.66
N MET B 178 56.17 -29.37 0.49
CA MET B 178 57.56 -29.57 0.80
C MET B 178 57.76 -30.79 1.68
N VAL B 179 58.90 -31.45 1.51
CA VAL B 179 59.22 -32.71 2.18
C VAL B 179 60.23 -32.45 3.28
N SER B 180 60.07 -33.15 4.40
CA SER B 180 61.00 -33.05 5.51
C SER B 180 61.85 -34.30 5.71
N ASP B 181 61.36 -35.47 5.30
CA ASP B 181 62.11 -36.70 5.46
C ASP B 181 61.56 -37.76 4.51
N ILE B 182 62.46 -38.51 3.89
CA ILE B 182 62.11 -39.67 3.07
C ILE B 182 62.89 -40.85 3.64
N GLU B 183 62.20 -41.72 4.36
CA GLU B 183 62.82 -42.89 4.95
C GLU B 183 63.14 -43.91 3.84
N PRO B 184 64.08 -44.82 4.10
CA PRO B 184 64.43 -45.81 3.07
C PRO B 184 63.27 -46.66 2.59
N ASP B 185 62.23 -46.85 3.41
CA ASP B 185 61.06 -47.61 2.97
C ASP B 185 60.12 -46.79 2.11
N GLY B 186 60.32 -45.47 2.02
CA GLY B 186 59.51 -44.62 1.17
C GLY B 186 58.56 -43.70 1.90
N THR B 187 58.55 -43.71 3.22
CA THR B 187 57.61 -42.88 3.99
C THR B 187 58.01 -41.42 3.86
N VAL B 188 57.32 -40.70 2.99
CA VAL B 188 57.56 -39.27 2.78
C VAL B 188 56.78 -38.50 3.84
N THR B 189 57.48 -37.91 4.80
CA THR B 189 56.87 -37.16 5.88
C THR B 189 56.86 -35.67 5.53
N MET B 190 55.69 -35.04 5.67
CA MET B 190 55.55 -33.65 5.30
C MET B 190 55.94 -32.72 6.44
N LEU B 191 56.01 -31.43 6.12
CA LEU B 191 56.22 -30.40 7.14
C LEU B 191 55.52 -29.09 6.82
N ASP B 192 54.74 -29.02 5.75
CA ASP B 192 54.21 -27.77 5.20
C ASP B 192 53.01 -27.22 5.99
N ASP B 193 52.72 -27.73 7.18
CA ASP B 193 51.59 -27.29 7.98
C ASP B 193 50.26 -27.50 7.27
N ASN B 194 50.29 -28.21 6.14
CA ASN B 194 49.13 -28.56 5.34
C ASN B 194 49.14 -30.05 5.04
N ARG B 195 47.96 -30.63 4.99
CA ARG B 195 47.84 -32.03 4.62
C ARG B 195 47.94 -32.11 3.09
N HIS B 196 48.69 -33.10 2.62
CA HIS B 196 48.99 -33.19 1.19
C HIS B 196 47.73 -33.32 0.34
N GLY B 197 46.67 -33.91 0.90
CA GLY B 197 45.44 -34.07 0.14
C GLY B 197 45.46 -35.19 -0.86
N LEU B 198 46.57 -35.91 -0.99
CA LEU B 198 46.65 -37.01 -1.94
C LEU B 198 45.86 -38.21 -1.42
N GLU B 199 45.41 -39.04 -2.35
CA GLU B 199 44.73 -40.28 -2.02
C GLU B 199 45.44 -41.43 -2.71
N ASP B 200 45.12 -42.65 -2.28
CA ASP B 200 45.77 -43.84 -2.81
C ASP B 200 45.56 -43.94 -4.32
N GLY B 201 46.60 -44.37 -5.02
CA GLY B 201 46.55 -44.46 -6.46
C GLY B 201 47.07 -43.25 -7.20
N ASN B 202 47.40 -42.17 -6.50
CA ASN B 202 47.94 -40.98 -7.14
C ASN B 202 49.38 -41.22 -7.56
N PHE B 203 49.92 -40.27 -8.32
CA PHE B 203 51.29 -40.33 -8.79
C PHE B 203 51.96 -38.97 -8.58
N VAL B 204 53.21 -38.99 -8.15
CA VAL B 204 53.94 -37.76 -7.84
C VAL B 204 55.37 -37.86 -8.36
N ARG B 205 55.88 -36.74 -8.85
CA ARG B 205 57.29 -36.58 -9.16
C ARG B 205 57.96 -35.77 -8.06
N PHE B 206 59.28 -35.73 -8.08
CA PHE B 206 60.04 -35.12 -7.01
C PHE B 206 61.02 -34.10 -7.57
N SER B 207 61.38 -33.14 -6.73
CA SER B 207 62.35 -32.10 -7.07
C SER B 207 63.03 -31.64 -5.78
N GLU B 208 64.31 -31.29 -5.91
CA GLU B 208 65.11 -30.74 -4.82
C GLU B 208 65.26 -31.75 -3.67
N VAL B 209 65.37 -33.02 -4.01
CA VAL B 209 65.63 -34.07 -3.04
C VAL B 209 67.12 -34.39 -3.11
N GLU B 210 67.84 -34.09 -2.03
CA GLU B 210 69.30 -34.25 -2.02
C GLU B 210 69.69 -35.68 -1.68
N GLY B 211 70.45 -36.31 -2.58
CA GLY B 211 71.01 -37.62 -2.36
C GLY B 211 70.35 -38.67 -3.23
N LEU B 212 69.02 -38.76 -3.14
CA LEU B 212 68.24 -39.55 -4.09
C LEU B 212 68.14 -38.78 -5.41
N ASP B 213 69.24 -38.79 -6.17
CA ASP B 213 69.29 -37.98 -7.37
C ASP B 213 68.34 -38.50 -8.43
N LYS B 214 68.18 -39.82 -8.52
CA LYS B 214 67.28 -40.40 -9.52
C LYS B 214 65.81 -40.22 -9.17
N LEU B 215 65.49 -39.66 -8.01
CA LEU B 215 64.11 -39.32 -7.69
C LEU B 215 63.68 -38.01 -8.32
N ASN B 216 64.63 -37.18 -8.73
CA ASN B 216 64.34 -35.86 -9.27
C ASN B 216 64.27 -35.84 -10.80
N ASP B 217 64.59 -36.96 -11.45
CA ASP B 217 64.66 -37.01 -12.91
C ASP B 217 63.28 -36.96 -13.57
N GLY B 218 62.21 -37.09 -12.79
CA GLY B 218 60.86 -37.06 -13.32
C GLY B 218 60.11 -38.37 -13.24
N THR B 219 60.71 -39.42 -12.68
CA THR B 219 60.03 -40.69 -12.53
C THR B 219 58.86 -40.56 -11.57
N LEU B 220 57.74 -41.20 -11.91
CA LEU B 220 56.54 -41.13 -11.08
C LEU B 220 56.50 -42.29 -10.09
N PHE B 221 55.87 -42.03 -8.93
CA PHE B 221 55.77 -43.00 -7.85
C PHE B 221 54.33 -43.06 -7.35
N LYS B 222 53.86 -44.27 -7.05
CA LYS B 222 52.48 -44.44 -6.57
C LYS B 222 52.39 -44.05 -5.10
N VAL B 223 51.32 -43.33 -4.77
CA VAL B 223 51.13 -42.78 -3.43
C VAL B 223 50.34 -43.77 -2.60
N GLU B 224 50.89 -44.17 -1.47
CA GLU B 224 50.20 -44.99 -0.48
C GLU B 224 50.01 -44.13 0.77
N VAL B 225 48.81 -43.60 0.96
CA VAL B 225 48.55 -42.67 2.04
C VAL B 225 48.59 -43.42 3.37
N LEU B 226 49.50 -43.00 4.25
CA LEU B 226 49.57 -43.54 5.61
C LEU B 226 48.79 -42.68 6.59
N GLY B 227 48.88 -41.36 6.45
CA GLY B 227 48.13 -40.45 7.28
C GLY B 227 48.03 -39.09 6.61
N PRO B 228 47.41 -38.12 7.30
CA PRO B 228 47.27 -36.78 6.70
C PRO B 228 48.58 -36.03 6.53
N PHE B 229 49.69 -36.54 7.03
CA PHE B 229 50.97 -35.84 6.95
C PHE B 229 52.09 -36.71 6.36
N ALA B 230 51.77 -37.88 5.81
CA ALA B 230 52.81 -38.73 5.25
C ALA B 230 52.21 -39.75 4.31
N PHE B 231 53.00 -40.15 3.32
CA PHE B 231 52.64 -41.22 2.40
C PHE B 231 53.90 -42.03 2.09
N ARG B 232 53.70 -43.17 1.45
CA ARG B 232 54.80 -44.09 1.17
C ARG B 232 54.87 -44.38 -0.32
N ILE B 233 56.09 -44.48 -0.84
CA ILE B 233 56.32 -44.66 -2.27
C ILE B 233 57.13 -45.90 -2.58
N GLY B 234 57.44 -46.71 -1.57
CA GLY B 234 58.21 -47.92 -1.77
C GLY B 234 59.68 -47.73 -1.43
N SER B 235 60.39 -48.85 -1.39
CA SER B 235 61.79 -48.85 -0.98
C SER B 235 62.63 -47.98 -1.92
N VAL B 236 63.37 -47.05 -1.32
CA VAL B 236 64.22 -46.14 -2.07
C VAL B 236 65.68 -46.43 -1.74
N LYS B 237 65.96 -47.69 -1.36
CA LYS B 237 67.34 -48.07 -1.06
C LYS B 237 68.24 -47.98 -2.29
N GLU B 238 67.68 -48.16 -3.48
CA GLU B 238 68.48 -48.08 -4.69
C GLU B 238 69.00 -46.67 -4.95
N TYR B 239 68.26 -45.65 -4.51
CA TYR B 239 68.60 -44.27 -4.83
C TYR B 239 69.54 -43.63 -3.82
N GLY B 240 69.65 -44.17 -2.62
CA GLY B 240 70.54 -43.62 -1.62
C GLY B 240 69.86 -43.39 -0.30
N GLU B 241 70.16 -42.26 0.35
CA GLU B 241 69.57 -41.88 1.62
C GLU B 241 69.26 -40.39 1.63
N TYR B 242 68.16 -40.04 2.27
CA TYR B 242 67.68 -38.67 2.26
C TYR B 242 68.53 -37.78 3.17
N LYS B 243 68.80 -36.56 2.71
CA LYS B 243 69.55 -35.60 3.51
C LYS B 243 68.71 -34.38 3.88
N LYS B 244 68.17 -33.65 2.91
CA LYS B 244 67.34 -32.47 3.18
C LYS B 244 66.70 -32.01 1.89
N GLY B 245 65.76 -31.06 2.02
CA GLY B 245 65.08 -30.51 0.87
C GLY B 245 63.97 -31.42 0.36
N GLY B 246 63.31 -30.97 -0.69
CA GLY B 246 62.30 -31.80 -1.32
C GLY B 246 60.98 -31.11 -1.59
N ILE B 247 60.50 -31.25 -2.83
CA ILE B 247 59.21 -30.75 -3.25
C ILE B 247 58.57 -31.79 -4.16
N PHE B 248 57.39 -32.28 -3.77
CA PHE B 248 56.66 -33.26 -4.56
C PHE B 248 55.55 -32.55 -5.33
N THR B 249 55.35 -32.99 -6.57
CA THR B 249 54.30 -32.45 -7.43
C THR B 249 53.46 -33.59 -7.96
N GLU B 250 52.15 -33.48 -7.80
CA GLU B 250 51.24 -34.51 -8.29
C GLU B 250 51.14 -34.42 -9.82
N VAL B 251 51.22 -35.57 -10.48
CA VAL B 251 51.13 -35.66 -11.93
C VAL B 251 49.90 -36.48 -12.30
N LYS B 252 49.13 -35.98 -13.26
CA LYS B 252 47.91 -36.66 -13.72
C LYS B 252 48.29 -37.58 -14.88
N VAL B 253 48.18 -38.88 -14.66
CA VAL B 253 48.52 -39.87 -15.68
C VAL B 253 47.31 -40.06 -16.60
N PRO B 254 47.51 -40.44 -17.85
CA PRO B 254 46.37 -40.64 -18.74
C PRO B 254 45.61 -41.91 -18.41
N ARG B 255 44.31 -41.88 -18.67
CA ARG B 255 43.42 -43.01 -18.45
C ARG B 255 42.62 -43.26 -19.70
N LYS B 256 42.62 -44.51 -20.17
CA LYS B 256 41.96 -44.90 -21.41
C LYS B 256 40.64 -45.56 -21.08
N ILE B 257 39.54 -44.85 -21.35
CA ILE B 257 38.19 -45.33 -21.08
C ILE B 257 37.53 -45.75 -22.39
N SER B 258 36.71 -46.80 -22.32
CA SER B 258 36.00 -47.32 -23.48
C SER B 258 34.51 -47.02 -23.34
N PHE B 259 33.89 -46.65 -24.46
CA PHE B 259 32.48 -46.30 -24.50
C PHE B 259 31.70 -47.37 -25.27
N LYS B 260 30.43 -47.54 -24.91
CA LYS B 260 29.53 -48.46 -25.59
C LYS B 260 28.62 -47.70 -26.53
N SER B 261 28.13 -48.41 -27.56
CA SER B 261 27.24 -47.79 -28.53
C SER B 261 25.89 -47.47 -27.90
N LEU B 262 25.08 -46.68 -28.62
CA LEU B 262 23.75 -46.34 -28.13
C LEU B 262 22.85 -47.56 -28.10
N LYS B 263 22.94 -48.44 -29.10
CA LYS B 263 22.13 -49.65 -29.11
C LYS B 263 22.45 -50.56 -27.93
N GLN B 264 23.74 -50.72 -27.62
CA GLN B 264 24.12 -51.54 -26.47
C GLN B 264 23.74 -50.86 -25.17
N GLN B 265 23.73 -49.53 -25.13
CA GLN B 265 23.41 -48.80 -23.91
C GLN B 265 21.92 -48.72 -23.64
N LEU B 266 21.08 -48.86 -24.67
CA LEU B 266 19.64 -48.86 -24.42
C LEU B 266 19.21 -50.09 -23.65
N SER B 267 19.94 -51.20 -23.80
CA SER B 267 19.61 -52.44 -23.11
C SER B 267 20.33 -52.59 -21.78
N ASN B 268 21.61 -52.18 -21.72
CA ASN B 268 22.41 -52.27 -20.50
C ASN B 268 23.04 -50.90 -20.27
N PRO B 269 22.28 -49.97 -19.70
CA PRO B 269 22.79 -48.60 -19.53
C PRO B 269 23.71 -48.45 -18.33
N GLU B 270 24.58 -47.46 -18.42
CA GLU B 270 25.45 -47.06 -17.32
C GLU B 270 25.01 -45.66 -16.89
N PHE B 271 24.47 -45.55 -15.68
CA PHE B 271 23.85 -44.31 -15.23
C PHE B 271 24.84 -43.42 -14.48
N VAL B 272 24.67 -42.11 -14.66
CA VAL B 272 25.29 -41.10 -13.81
C VAL B 272 24.18 -40.26 -13.22
N PHE B 273 24.05 -40.28 -11.90
CA PHE B 273 22.88 -39.75 -11.23
C PHE B 273 23.02 -38.24 -11.02
N SER B 274 21.94 -37.51 -11.30
CA SER B 274 21.91 -36.07 -11.07
C SER B 274 21.44 -35.69 -9.68
N ASP B 275 20.82 -36.62 -8.96
CA ASP B 275 20.34 -36.35 -7.60
C ASP B 275 20.19 -37.69 -6.90
N PHE B 276 21.03 -37.93 -5.89
CA PHE B 276 20.98 -39.21 -5.19
C PHE B 276 19.70 -39.39 -4.38
N ALA B 277 18.96 -38.30 -4.14
CA ALA B 277 17.63 -38.44 -3.55
C ALA B 277 16.63 -39.06 -4.51
N LYS B 278 16.91 -38.98 -5.82
CA LYS B 278 16.07 -39.55 -6.86
C LYS B 278 16.81 -40.63 -7.64
N PHE B 279 17.67 -41.40 -6.96
CA PHE B 279 18.43 -42.44 -7.64
C PHE B 279 17.56 -43.59 -8.12
N ASP B 280 16.30 -43.68 -7.69
CA ASP B 280 15.40 -44.69 -8.21
C ASP B 280 14.80 -44.27 -9.55
N ARG B 281 14.66 -42.96 -9.77
CA ARG B 281 14.04 -42.46 -11.00
C ARG B 281 14.94 -42.60 -12.23
N ALA B 282 16.20 -42.99 -12.06
CA ALA B 282 17.10 -43.09 -13.19
C ALA B 282 16.64 -44.14 -14.18
N ALA B 283 16.49 -45.38 -13.71
CA ALA B 283 16.06 -46.45 -14.60
C ALA B 283 14.62 -46.27 -15.05
N GLN B 284 13.80 -45.58 -14.25
CA GLN B 284 12.40 -45.34 -14.64
C GLN B 284 12.31 -44.42 -15.84
N LEU B 285 13.04 -43.30 -15.81
CA LEU B 285 13.01 -42.37 -16.92
C LEU B 285 13.77 -42.90 -18.14
N HIS B 286 14.65 -43.90 -17.96
CA HIS B 286 15.31 -44.50 -19.11
C HIS B 286 14.30 -45.19 -20.02
N LEU B 287 13.38 -45.95 -19.42
CA LEU B 287 12.31 -46.58 -20.19
C LEU B 287 11.25 -45.58 -20.59
N GLY B 288 11.05 -44.52 -19.79
CA GLY B 288 10.04 -43.53 -20.13
C GLY B 288 10.39 -42.77 -21.40
N PHE B 289 11.66 -42.41 -21.58
CA PHE B 289 12.06 -41.69 -22.79
C PHE B 289 12.05 -42.60 -24.01
N GLN B 290 12.35 -43.89 -23.84
CA GLN B 290 12.22 -44.82 -24.96
C GLN B 290 10.77 -45.00 -25.36
N ALA B 291 9.86 -45.08 -24.39
CA ALA B 291 8.44 -45.23 -24.70
C ALA B 291 7.88 -44.01 -25.38
N LEU B 292 8.42 -42.82 -25.07
CA LEU B 292 7.98 -41.61 -25.76
C LEU B 292 8.31 -41.69 -27.25
N HIS B 293 9.37 -42.44 -27.61
CA HIS B 293 9.69 -42.62 -29.03
C HIS B 293 8.84 -43.72 -29.64
N GLN B 294 8.58 -44.79 -28.90
CA GLN B 294 7.64 -45.82 -29.37
C GLN B 294 6.25 -45.22 -29.55
N PHE B 295 5.84 -44.34 -28.62
CA PHE B 295 4.55 -43.67 -28.75
C PHE B 295 4.51 -42.77 -29.97
N ALA B 296 5.62 -42.10 -30.26
CA ALA B 296 5.66 -41.22 -31.43
C ALA B 296 5.57 -42.03 -32.72
N VAL B 297 6.15 -43.22 -32.74
CA VAL B 297 6.07 -44.05 -33.94
C VAL B 297 4.64 -44.52 -34.17
N ARG B 298 3.98 -44.98 -33.11
CA ARG B 298 2.61 -45.48 -33.22
C ARG B 298 1.58 -44.37 -33.44
N HIS B 299 1.99 -43.10 -33.33
CA HIS B 299 1.05 -41.98 -33.45
C HIS B 299 1.56 -40.94 -34.45
N ASN B 300 2.37 -41.37 -35.42
CA ASN B 300 2.85 -40.51 -36.50
C ASN B 300 3.60 -39.29 -35.97
N GLY B 301 4.63 -39.56 -35.17
CA GLY B 301 5.48 -38.50 -34.65
C GLY B 301 4.81 -37.57 -33.67
N GLU B 302 3.67 -37.96 -33.11
CA GLU B 302 2.96 -37.12 -32.16
C GLU B 302 3.43 -37.42 -30.74
N LEU B 303 3.50 -36.39 -29.93
CA LEU B 303 3.82 -36.58 -28.53
C LEU B 303 2.54 -36.73 -27.72
N PRO B 304 2.60 -37.39 -26.56
CA PRO B 304 1.41 -37.50 -25.72
C PRO B 304 0.78 -36.15 -25.43
N ARG B 305 -0.54 -36.08 -25.59
CA ARG B 305 -1.26 -34.83 -25.42
C ARG B 305 -1.13 -34.32 -23.99
N THR B 306 -1.20 -33.00 -23.88
CA THR B 306 -0.97 -32.35 -22.59
C THR B 306 -2.05 -32.71 -21.59
N MET B 307 -1.63 -33.23 -20.43
CA MET B 307 -2.52 -33.59 -19.33
C MET B 307 -3.56 -34.63 -19.74
N ASN B 308 -3.29 -35.40 -20.78
CA ASN B 308 -4.22 -36.41 -21.26
C ASN B 308 -3.96 -37.74 -20.57
N ASP B 309 -5.01 -38.37 -20.08
CA ASP B 309 -4.88 -39.61 -19.32
C ASP B 309 -4.84 -40.85 -20.21
N GLU B 310 -5.54 -40.83 -21.35
CA GLU B 310 -5.52 -41.99 -22.24
C GLU B 310 -4.12 -42.21 -22.82
N ASP B 311 -3.44 -41.13 -23.21
CA ASP B 311 -2.08 -41.27 -23.71
C ASP B 311 -1.10 -41.59 -22.59
N ALA B 312 -1.33 -41.06 -21.39
CA ALA B 312 -0.47 -41.39 -20.25
C ALA B 312 -0.60 -42.86 -19.87
N ASN B 313 -1.81 -43.42 -20.01
CA ASN B 313 -2.01 -44.84 -19.71
C ASN B 313 -1.38 -45.72 -20.79
N GLU B 314 -1.35 -45.26 -22.03
CA GLU B 314 -0.67 -46.02 -23.09
C GLU B 314 0.83 -46.05 -22.86
N LEU B 315 1.39 -44.95 -22.35
CA LEU B 315 2.83 -44.90 -22.11
C LEU B 315 3.24 -45.90 -21.05
N ILE B 316 2.40 -46.07 -20.02
CA ILE B 316 2.72 -47.03 -18.97
C ILE B 316 2.78 -48.44 -19.53
N LYS B 317 1.93 -48.75 -20.51
CA LYS B 317 2.00 -50.05 -21.15
C LYS B 317 3.29 -50.21 -21.94
N LEU B 318 3.69 -49.16 -22.67
CA LEU B 318 4.93 -49.24 -23.44
C LEU B 318 6.14 -49.40 -22.53
N VAL B 319 6.12 -48.74 -21.37
CA VAL B 319 7.19 -48.89 -20.39
C VAL B 319 7.20 -50.31 -19.83
N THR B 320 6.02 -50.86 -19.55
CA THR B 320 5.94 -52.22 -19.03
C THR B 320 6.38 -53.24 -20.07
N ASP B 321 6.02 -53.02 -21.33
CA ASP B 321 6.47 -53.92 -22.40
C ASP B 321 7.97 -53.87 -22.57
N LEU B 322 8.59 -52.71 -22.31
CA LEU B 322 10.05 -52.60 -22.39
C LEU B 322 10.74 -53.34 -21.25
N SER B 323 10.09 -53.45 -20.09
CA SER B 323 10.68 -54.18 -18.98
C SER B 323 10.89 -55.65 -19.32
N VAL B 324 10.01 -56.22 -20.16
CA VAL B 324 10.21 -57.58 -20.61
C VAL B 324 11.30 -57.63 -21.67
N GLN B 325 11.41 -56.59 -22.51
CA GLN B 325 12.45 -56.56 -23.53
C GLN B 325 13.82 -56.33 -22.91
N GLN B 326 13.91 -55.41 -21.96
CA GLN B 326 15.17 -55.04 -21.29
C GLN B 326 15.02 -55.28 -19.80
N PRO B 327 15.17 -56.52 -19.34
CA PRO B 327 15.03 -56.81 -17.90
C PRO B 327 16.21 -56.34 -17.07
N GLU B 328 17.32 -55.94 -17.71
CA GLU B 328 18.50 -55.52 -16.98
C GLU B 328 18.42 -54.06 -16.54
N VAL B 329 17.58 -53.26 -17.19
CA VAL B 329 17.49 -51.84 -16.87
C VAL B 329 16.91 -51.65 -15.46
N LEU B 330 15.69 -52.15 -15.23
CA LEU B 330 15.07 -51.99 -13.93
C LEU B 330 15.58 -53.03 -12.94
N GLY B 331 15.78 -54.26 -13.38
CA GLY B 331 16.12 -55.35 -12.50
C GLY B 331 14.88 -56.08 -12.01
N GLU B 332 15.12 -57.24 -11.40
CA GLU B 332 14.02 -58.06 -10.91
C GLU B 332 13.47 -57.47 -9.62
N GLY B 333 12.14 -57.42 -9.54
CA GLY B 333 11.46 -56.96 -8.34
C GLY B 333 11.22 -55.47 -8.26
N VAL B 334 11.43 -54.72 -9.32
CA VAL B 334 11.22 -53.28 -9.35
C VAL B 334 9.99 -52.97 -10.19
N ASP B 335 9.03 -52.25 -9.62
CA ASP B 335 7.78 -51.96 -10.30
C ASP B 335 7.97 -50.79 -11.29
N VAL B 336 6.87 -50.44 -11.97
CA VAL B 336 6.95 -49.46 -13.05
C VAL B 336 6.89 -48.02 -12.54
N ASN B 337 6.37 -47.79 -11.34
CA ASN B 337 6.19 -46.44 -10.81
C ASN B 337 5.30 -45.62 -11.74
N GLU B 338 4.04 -46.05 -11.81
CA GLU B 338 3.08 -45.47 -12.75
C GLU B 338 2.93 -43.97 -12.55
N ASP B 339 3.14 -43.47 -11.33
CA ASP B 339 2.99 -42.04 -11.07
C ASP B 339 4.05 -41.23 -11.80
N LEU B 340 5.28 -41.78 -11.89
CA LEU B 340 6.35 -41.08 -12.59
C LEU B 340 6.10 -41.03 -14.09
N ILE B 341 5.73 -42.17 -14.68
CA ILE B 341 5.47 -42.22 -16.12
C ILE B 341 4.29 -41.34 -16.48
N LYS B 342 3.32 -41.20 -15.58
CA LYS B 342 2.16 -40.36 -15.84
C LYS B 342 2.55 -38.89 -15.99
N GLU B 343 3.48 -38.41 -15.15
CA GLU B 343 3.90 -37.02 -15.23
C GLU B 343 4.76 -36.76 -16.47
N LEU B 344 5.55 -37.74 -16.90
CA LEU B 344 6.33 -37.58 -18.11
C LEU B 344 5.41 -37.42 -19.34
N SER B 345 4.33 -38.20 -19.39
CA SER B 345 3.38 -38.06 -20.49
C SER B 345 2.62 -36.74 -20.41
N TYR B 346 2.35 -36.25 -19.20
CA TYR B 346 1.63 -34.99 -19.07
C TYR B 346 2.45 -33.81 -19.55
N GLN B 347 3.78 -33.89 -19.43
CA GLN B 347 4.67 -32.80 -19.81
C GLN B 347 5.52 -33.14 -21.04
N ALA B 348 5.08 -34.10 -21.86
CA ALA B 348 5.90 -34.52 -22.99
C ALA B 348 6.06 -33.38 -24.00
N ARG B 349 5.13 -32.44 -24.04
CA ARG B 349 5.20 -31.33 -24.98
C ARG B 349 5.75 -30.05 -24.36
N GLY B 350 6.24 -30.11 -23.12
CA GLY B 350 6.74 -28.92 -22.47
C GLY B 350 8.14 -28.55 -22.91
N ASP B 351 8.42 -27.24 -22.91
CA ASP B 351 9.74 -26.70 -23.25
C ASP B 351 10.07 -25.67 -22.17
N ILE B 352 10.72 -26.12 -21.11
CA ILE B 352 11.00 -25.27 -19.95
C ILE B 352 12.38 -24.65 -20.11
N PRO B 353 12.50 -23.32 -20.05
CA PRO B 353 13.84 -22.71 -20.19
C PRO B 353 14.82 -23.12 -19.10
N GLY B 354 14.36 -23.30 -17.88
CA GLY B 354 15.27 -23.69 -16.81
C GLY B 354 15.91 -25.05 -17.06
N VAL B 355 15.13 -25.98 -17.61
CA VAL B 355 15.66 -27.31 -17.89
C VAL B 355 16.50 -27.31 -19.16
N VAL B 356 16.06 -26.53 -20.16
CA VAL B 356 16.82 -26.44 -21.40
C VAL B 356 18.17 -25.80 -21.15
N ALA B 357 18.20 -24.68 -20.42
CA ALA B 357 19.46 -24.02 -20.11
C ALA B 357 20.37 -24.91 -19.28
N PHE B 358 19.79 -25.74 -18.40
CA PHE B 358 20.59 -26.67 -17.62
C PHE B 358 21.27 -27.68 -18.53
N PHE B 359 20.49 -28.41 -19.32
CA PHE B 359 21.08 -29.40 -20.21
C PHE B 359 21.83 -28.76 -21.37
N GLY B 360 21.47 -27.53 -21.73
CA GLY B 360 22.21 -26.85 -22.78
C GLY B 360 23.65 -26.59 -22.40
N GLY B 361 23.88 -26.12 -21.17
CA GLY B 361 25.25 -25.90 -20.71
C GLY B 361 25.96 -27.19 -20.40
N LEU B 362 25.25 -28.18 -19.85
CA LEU B 362 25.86 -29.46 -19.51
C LEU B 362 26.32 -30.20 -20.76
N VAL B 363 25.46 -30.29 -21.77
CA VAL B 363 25.83 -31.00 -22.99
C VAL B 363 26.96 -30.27 -23.71
N ALA B 364 26.95 -28.93 -23.67
CA ALA B 364 28.00 -28.15 -24.31
C ALA B 364 29.35 -28.43 -23.67
N GLN B 365 29.41 -28.54 -22.34
CA GLN B 365 30.64 -28.91 -21.67
C GLN B 365 31.10 -30.30 -22.10
N GLU B 366 30.15 -31.21 -22.31
CA GLU B 366 30.51 -32.54 -22.79
C GLU B 366 31.04 -32.50 -24.21
N VAL B 367 30.57 -31.54 -25.02
CA VAL B 367 31.11 -31.36 -26.36
C VAL B 367 32.56 -30.91 -26.28
N LEU B 368 32.88 -30.06 -25.30
CA LEU B 368 34.23 -29.55 -25.15
C LEU B 368 35.19 -30.66 -24.73
N LYS B 369 34.76 -31.54 -23.83
CA LYS B 369 35.61 -32.66 -23.46
C LYS B 369 35.83 -33.62 -24.62
N ALA B 370 34.88 -33.70 -25.56
CA ALA B 370 35.04 -34.63 -26.67
C ALA B 370 36.12 -34.18 -27.63
N CYS B 371 36.24 -32.87 -27.87
CA CYS B 371 37.24 -32.37 -28.79
C CYS B 371 38.60 -32.15 -28.12
N SER B 372 38.61 -31.74 -26.86
CA SER B 372 39.86 -31.43 -26.17
C SER B 372 40.34 -32.55 -25.24
N GLY B 373 39.42 -33.32 -24.67
CA GLY B 373 39.81 -34.33 -23.70
C GLY B 373 40.30 -33.76 -22.39
N LYS B 374 39.87 -32.55 -22.04
CA LYS B 374 40.44 -31.88 -20.88
C LYS B 374 39.90 -32.44 -19.57
N PHE B 375 38.62 -32.76 -19.52
CA PHE B 375 38.01 -33.24 -18.29
C PHE B 375 37.52 -34.67 -18.46
N THR B 376 37.04 -35.24 -17.37
CA THR B 376 36.45 -36.58 -17.41
C THR B 376 35.04 -36.49 -17.97
N PRO B 377 34.75 -37.16 -19.08
CA PRO B 377 33.43 -37.03 -19.71
C PRO B 377 32.37 -37.78 -18.92
N LEU B 378 31.12 -37.51 -19.30
CA LEU B 378 29.98 -38.21 -18.72
C LEU B 378 30.01 -39.67 -19.17
N LYS B 379 29.74 -40.58 -18.22
CA LYS B 379 29.83 -42.01 -18.51
C LYS B 379 28.49 -42.55 -18.96
N GLN B 380 28.17 -42.27 -20.21
CA GLN B 380 27.20 -42.91 -21.10
C GLN B 380 25.74 -42.53 -20.82
N PHE B 381 25.40 -41.87 -19.72
CA PHE B 381 23.99 -41.57 -19.47
C PHE B 381 23.85 -40.69 -18.24
N MET B 382 22.79 -39.89 -18.24
CA MET B 382 22.37 -39.14 -17.07
C MET B 382 20.93 -38.69 -17.27
N TYR B 383 20.13 -38.83 -16.23
CA TYR B 383 18.74 -38.39 -16.25
C TYR B 383 18.51 -37.40 -15.12
N PHE B 384 17.58 -36.47 -15.34
CA PHE B 384 17.33 -35.39 -14.39
C PHE B 384 15.87 -34.97 -14.48
N ASP B 385 15.29 -34.65 -13.33
CA ASP B 385 13.93 -34.13 -13.27
C ASP B 385 13.83 -33.09 -12.15
N SER B 386 12.90 -32.16 -12.32
CA SER B 386 12.68 -31.08 -11.37
C SER B 386 11.21 -31.01 -10.99
N LEU B 387 10.64 -32.17 -10.67
CA LEU B 387 9.21 -32.25 -10.37
C LEU B 387 8.82 -31.40 -9.17
N GLU B 388 9.79 -31.04 -8.32
CA GLU B 388 9.50 -30.16 -7.19
C GLU B 388 9.14 -28.74 -7.63
N SER B 389 9.39 -28.39 -8.90
CA SER B 389 9.04 -27.07 -9.40
C SER B 389 7.56 -26.92 -9.70
N LEU B 390 6.81 -28.02 -9.74
CA LEU B 390 5.37 -27.95 -9.99
C LEU B 390 4.67 -27.28 -8.83
N PRO B 391 3.80 -26.30 -9.07
CA PRO B 391 3.07 -25.65 -7.97
C PRO B 391 2.04 -26.60 -7.37
N ASP B 392 1.52 -26.18 -6.21
CA ASP B 392 0.48 -26.96 -5.56
C ASP B 392 -0.78 -26.93 -6.41
N PRO B 393 -1.34 -28.09 -6.77
CA PRO B 393 -2.54 -28.09 -7.63
C PRO B 393 -3.74 -27.39 -7.01
N LYS B 394 -3.72 -27.10 -5.70
CA LYS B 394 -4.83 -26.38 -5.09
C LYS B 394 -4.83 -24.91 -5.49
N ASN B 395 -3.66 -24.35 -5.78
CA ASN B 395 -3.59 -22.94 -6.17
C ASN B 395 -3.58 -22.77 -7.68
N PHE B 396 -2.84 -23.62 -8.40
CA PHE B 396 -2.74 -23.57 -9.85
C PHE B 396 -3.00 -24.98 -10.37
N PRO B 397 -4.26 -25.36 -10.57
CA PRO B 397 -4.57 -26.72 -10.98
C PRO B 397 -4.16 -26.99 -12.42
N ARG B 398 -3.70 -28.22 -12.66
CA ARG B 398 -3.23 -28.64 -13.97
C ARG B 398 -4.20 -29.67 -14.54
N ASN B 399 -4.76 -29.36 -15.71
CA ASN B 399 -5.66 -30.26 -16.41
C ASN B 399 -5.60 -29.91 -17.90
N GLU B 400 -6.51 -30.50 -18.68
CA GLU B 400 -6.50 -30.27 -20.12
C GLU B 400 -7.04 -28.89 -20.49
N LYS B 401 -7.66 -28.17 -19.55
CA LYS B 401 -8.18 -26.84 -19.82
C LYS B 401 -7.24 -25.73 -19.39
N THR B 402 -6.56 -25.87 -18.25
CA THR B 402 -5.63 -24.84 -17.81
C THR B 402 -4.31 -24.91 -18.58
N THR B 403 -3.90 -26.12 -18.99
CA THR B 403 -2.63 -26.32 -19.66
C THR B 403 -2.78 -26.37 -21.18
N GLN B 404 -3.95 -26.02 -21.70
CA GLN B 404 -4.13 -26.02 -23.14
C GLN B 404 -3.43 -24.81 -23.77
N PRO B 405 -2.98 -24.93 -25.01
CA PRO B 405 -2.29 -23.80 -25.65
C PRO B 405 -3.24 -22.63 -25.88
N VAL B 406 -2.66 -21.44 -25.94
CA VAL B 406 -3.42 -20.20 -26.15
C VAL B 406 -2.92 -19.45 -27.38
N ASN B 407 -2.22 -20.15 -28.28
CA ASN B 407 -1.66 -19.58 -29.51
C ASN B 407 -0.71 -18.42 -29.19
N SER B 408 0.24 -18.69 -28.28
CA SER B 408 1.25 -17.73 -27.89
C SER B 408 2.60 -18.44 -27.79
N ARG B 409 3.65 -17.66 -27.59
CA ARG B 409 4.98 -18.24 -27.46
C ARG B 409 5.14 -19.07 -26.20
N TYR B 410 4.27 -18.87 -25.20
CA TYR B 410 4.38 -19.57 -23.94
C TYR B 410 3.54 -20.85 -23.90
N ASP B 411 3.05 -21.33 -25.05
CA ASP B 411 2.19 -22.50 -25.06
C ASP B 411 2.92 -23.71 -24.49
N ASN B 412 4.21 -23.87 -24.80
CA ASN B 412 4.97 -25.00 -24.29
C ASN B 412 5.33 -24.84 -22.82
N GLN B 413 5.20 -23.64 -22.26
CA GLN B 413 5.34 -23.46 -20.83
C GLN B 413 4.01 -23.65 -20.10
N ILE B 414 2.91 -23.22 -20.73
CA ILE B 414 1.59 -23.44 -20.15
C ILE B 414 1.28 -24.92 -20.08
N ALA B 415 1.82 -25.71 -21.01
CA ALA B 415 1.57 -27.15 -21.05
C ALA B 415 2.03 -27.85 -19.77
N VAL B 416 2.84 -27.20 -18.96
CA VAL B 416 3.32 -27.77 -17.71
C VAL B 416 2.64 -27.12 -16.51
N PHE B 417 2.56 -25.78 -16.50
CA PHE B 417 2.14 -25.05 -15.31
C PHE B 417 0.71 -24.52 -15.38
N GLY B 418 0.15 -24.32 -16.56
CA GLY B 418 -1.18 -23.77 -16.66
C GLY B 418 -1.17 -22.27 -16.92
N LEU B 419 -2.30 -21.78 -17.44
CA LEU B 419 -2.38 -20.38 -17.83
C LEU B 419 -2.30 -19.45 -16.63
N ASP B 420 -2.93 -19.84 -15.51
CA ASP B 420 -2.94 -18.95 -14.36
C ASP B 420 -1.56 -18.82 -13.73
N PHE B 421 -0.72 -19.86 -13.79
CA PHE B 421 0.60 -19.77 -13.20
C PHE B 421 1.51 -18.88 -14.03
N GLN B 422 1.41 -18.98 -15.36
CA GLN B 422 2.17 -18.10 -16.23
C GLN B 422 1.75 -16.64 -16.08
N LYS B 423 0.49 -16.41 -15.74
CA LYS B 423 0.02 -15.04 -15.51
C LYS B 423 0.72 -14.42 -14.31
N LYS B 424 0.96 -15.20 -13.26
CA LYS B 424 1.63 -14.66 -12.08
C LYS B 424 3.11 -14.40 -12.36
N ILE B 425 3.74 -15.23 -13.18
CA ILE B 425 5.14 -15.00 -13.54
C ILE B 425 5.29 -13.67 -14.28
N ALA B 426 4.38 -13.38 -15.20
CA ALA B 426 4.44 -12.12 -15.94
C ALA B 426 4.13 -10.91 -15.07
N ASN B 427 3.49 -11.12 -13.92
CA ASN B 427 3.12 -10.01 -13.03
C ASN B 427 4.10 -9.83 -11.87
N SER B 428 5.25 -10.48 -11.93
CA SER B 428 6.22 -10.38 -10.85
C SER B 428 7.07 -9.14 -11.00
N LYS B 429 7.41 -8.52 -9.86
CA LYS B 429 8.26 -7.34 -9.81
C LYS B 429 9.58 -7.76 -9.17
N VAL B 430 10.62 -7.88 -9.99
CA VAL B 430 11.88 -8.45 -9.54
C VAL B 430 13.00 -7.43 -9.65
N PHE B 431 14.11 -7.74 -8.98
CA PHE B 431 15.28 -6.89 -8.93
C PHE B 431 16.50 -7.77 -9.19
N LEU B 432 17.18 -7.53 -10.31
CA LEU B 432 18.38 -8.27 -10.68
C LEU B 432 19.59 -7.38 -10.37
N VAL B 433 20.41 -7.81 -9.43
CA VAL B 433 21.60 -7.07 -9.02
C VAL B 433 22.79 -7.66 -9.77
N GLY B 434 23.29 -6.93 -10.75
CA GLY B 434 24.41 -7.39 -11.55
C GLY B 434 23.96 -7.82 -12.94
N SER B 435 24.76 -7.48 -13.95
CA SER B 435 24.47 -7.78 -15.33
C SER B 435 25.66 -8.47 -15.99
N GLY B 436 26.36 -9.31 -15.23
CA GLY B 436 27.53 -9.99 -15.73
C GLY B 436 27.20 -11.22 -16.54
N ALA B 437 27.97 -12.29 -16.34
CA ALA B 437 27.70 -13.53 -17.08
C ALA B 437 26.38 -14.15 -16.65
N ILE B 438 26.14 -14.24 -15.34
CA ILE B 438 24.88 -14.78 -14.84
C ILE B 438 23.73 -13.81 -15.12
N GLY B 439 23.99 -12.51 -14.96
CA GLY B 439 22.94 -11.53 -15.21
C GLY B 439 22.45 -11.55 -16.65
N CYS B 440 23.37 -11.77 -17.60
CA CYS B 440 22.95 -11.86 -19.00
C CYS B 440 22.12 -13.12 -19.24
N GLU B 441 22.54 -14.24 -18.65
CA GLU B 441 21.75 -15.47 -18.77
C GLU B 441 20.42 -15.35 -18.00
N MET B 442 20.41 -14.58 -16.93
CA MET B 442 19.18 -14.43 -16.14
C MET B 442 18.13 -13.65 -16.92
N LEU B 443 18.52 -12.53 -17.53
CA LEU B 443 17.56 -11.75 -18.31
C LEU B 443 17.08 -12.51 -19.53
N LYS B 444 17.92 -13.36 -20.11
CA LYS B 444 17.49 -14.17 -21.26
C LYS B 444 16.42 -15.16 -20.84
N ASN B 445 16.62 -15.86 -19.72
CA ASN B 445 15.62 -16.82 -19.24
C ASN B 445 14.36 -16.10 -18.80
N TRP B 446 14.49 -14.96 -18.13
CA TRP B 446 13.31 -14.21 -17.72
C TRP B 446 12.54 -13.68 -18.92
N ALA B 447 13.22 -13.43 -20.03
CA ALA B 447 12.54 -13.03 -21.25
C ALA B 447 11.78 -14.20 -21.87
N LEU B 448 12.35 -15.40 -21.79
CA LEU B 448 11.66 -16.58 -22.33
C LEU B 448 10.45 -16.93 -21.47
N LEU B 449 10.56 -16.75 -20.16
CA LEU B 449 9.43 -17.00 -19.26
C LEU B 449 8.37 -15.92 -19.35
N GLY B 450 8.66 -14.78 -19.97
CA GLY B 450 7.76 -13.66 -19.93
C GLY B 450 7.64 -13.01 -18.56
N LEU B 451 8.61 -13.25 -17.68
CA LEU B 451 8.58 -12.69 -16.34
C LEU B 451 8.66 -11.17 -16.41
N GLY B 452 7.74 -10.50 -15.71
CA GLY B 452 7.70 -9.05 -15.70
C GLY B 452 7.05 -8.41 -16.90
N SER B 453 6.57 -9.20 -17.86
CA SER B 453 5.95 -8.67 -19.06
C SER B 453 4.49 -8.26 -18.85
N GLY B 454 3.88 -8.66 -17.73
CA GLY B 454 2.51 -8.27 -17.47
C GLY B 454 2.38 -6.81 -17.13
N SER B 455 1.13 -6.33 -17.21
CA SER B 455 0.84 -4.92 -16.95
C SER B 455 1.06 -4.52 -15.50
N ASP B 456 1.26 -5.47 -14.60
CA ASP B 456 1.45 -5.18 -13.19
C ASP B 456 2.86 -5.51 -12.69
N GLY B 457 3.67 -6.18 -13.50
CA GLY B 457 5.01 -6.55 -13.12
C GLY B 457 6.06 -5.76 -13.90
N TYR B 458 7.31 -5.91 -13.47
CA TYR B 458 8.42 -5.23 -14.11
C TYR B 458 9.72 -5.91 -13.68
N ILE B 459 10.82 -5.51 -14.31
CA ILE B 459 12.14 -6.01 -14.02
C ILE B 459 13.06 -4.81 -13.80
N VAL B 460 13.79 -4.81 -12.69
CA VAL B 460 14.76 -3.76 -12.39
C VAL B 460 16.14 -4.42 -12.37
N VAL B 461 17.03 -3.97 -13.26
CA VAL B 461 18.38 -4.49 -13.35
C VAL B 461 19.34 -3.31 -13.27
N THR B 462 20.41 -3.47 -12.49
CA THR B 462 21.39 -2.41 -12.28
C THR B 462 22.80 -2.98 -12.32
N ASP B 463 23.71 -2.24 -12.93
CA ASP B 463 25.12 -2.62 -13.00
C ASP B 463 25.92 -1.37 -13.36
N ASN B 464 26.89 -1.02 -12.52
CA ASN B 464 27.67 0.20 -12.69
C ASN B 464 28.90 0.02 -13.58
N ASP B 465 29.04 -1.13 -14.23
CA ASP B 465 30.21 -1.42 -15.04
C ASP B 465 29.92 -1.21 -16.52
N SER B 466 30.99 -1.07 -17.29
CA SER B 466 30.92 -0.94 -18.73
C SER B 466 31.36 -2.24 -19.39
N ILE B 467 31.12 -2.33 -20.69
CA ILE B 467 31.44 -3.54 -21.44
C ILE B 467 32.90 -3.51 -21.86
N GLU B 468 33.57 -4.65 -21.74
CA GLU B 468 34.96 -4.80 -22.13
C GLU B 468 35.08 -5.95 -23.12
N LYS B 469 36.19 -5.97 -23.87
CA LYS B 469 36.36 -6.96 -24.92
C LYS B 469 36.52 -8.37 -24.38
N SER B 470 37.05 -8.52 -23.15
CA SER B 470 37.24 -9.85 -22.58
C SER B 470 35.94 -10.47 -22.10
N ASN B 471 34.92 -9.66 -21.80
CA ASN B 471 33.65 -10.18 -21.31
C ASN B 471 32.79 -10.77 -22.42
N LEU B 472 33.19 -10.62 -23.69
CA LEU B 472 32.39 -11.11 -24.80
C LEU B 472 32.34 -12.64 -24.85
N ASN B 473 33.24 -13.32 -24.14
CA ASN B 473 33.27 -14.78 -24.21
C ASN B 473 32.18 -15.40 -23.35
N ARG B 474 32.00 -14.91 -22.13
CA ARG B 474 31.03 -15.49 -21.21
C ARG B 474 29.71 -14.73 -21.16
N GLN B 475 29.64 -13.55 -21.76
CA GLN B 475 28.44 -12.73 -21.78
C GLN B 475 28.02 -12.58 -23.23
N PHE B 476 26.97 -13.30 -23.63
CA PHE B 476 26.58 -13.41 -25.03
C PHE B 476 25.65 -12.30 -25.50
N LEU B 477 25.10 -11.50 -24.59
CA LEU B 477 24.23 -10.40 -25.01
C LEU B 477 25.01 -9.22 -25.57
N PHE B 478 26.32 -9.17 -25.36
CA PHE B 478 27.14 -8.06 -25.80
C PHE B 478 27.93 -8.44 -27.06
N ARG B 479 28.14 -7.45 -27.91
CA ARG B 479 28.87 -7.61 -29.16
C ARG B 479 30.11 -6.72 -29.15
N PRO B 480 31.08 -6.97 -30.04
CA PRO B 480 32.24 -6.08 -30.10
C PRO B 480 31.89 -4.62 -30.37
N LYS B 481 30.77 -4.36 -31.05
CA LYS B 481 30.35 -3.00 -31.33
C LYS B 481 29.92 -2.25 -30.08
N ASP B 482 29.64 -2.95 -28.98
CA ASP B 482 29.13 -2.35 -27.76
C ASP B 482 30.20 -2.11 -26.71
N VAL B 483 31.47 -2.41 -27.01
CA VAL B 483 32.53 -2.23 -26.03
C VAL B 483 32.65 -0.76 -25.67
N GLY B 484 32.61 -0.48 -24.36
CA GLY B 484 32.64 0.86 -23.84
C GLY B 484 31.31 1.34 -23.28
N LYS B 485 30.20 0.77 -23.72
CA LYS B 485 28.89 1.15 -23.24
C LYS B 485 28.57 0.45 -21.92
N ASN B 486 27.44 0.81 -21.33
CA ASN B 486 27.01 0.25 -20.06
C ASN B 486 26.41 -1.14 -20.24
N LYS B 487 26.62 -1.99 -19.23
CA LYS B 487 26.17 -3.38 -19.31
C LYS B 487 24.65 -3.48 -19.26
N SER B 488 24.04 -2.84 -18.25
CA SER B 488 22.60 -2.99 -18.06
C SER B 488 21.81 -2.33 -19.19
N GLU B 489 22.31 -1.24 -19.76
CA GLU B 489 21.57 -0.55 -20.81
C GLU B 489 21.53 -1.37 -22.09
N VAL B 490 22.64 -2.00 -22.46
CA VAL B 490 22.68 -2.80 -23.67
C VAL B 490 21.90 -4.10 -23.48
N ALA B 491 22.05 -4.72 -22.31
CA ALA B 491 21.34 -5.97 -22.02
C ALA B 491 19.83 -5.75 -21.95
N ALA B 492 19.38 -4.56 -21.56
CA ALA B 492 17.94 -4.30 -21.50
C ALA B 492 17.32 -4.33 -22.89
N GLU B 493 17.89 -3.56 -23.82
CA GLU B 493 17.39 -3.57 -25.19
C GLU B 493 17.72 -4.87 -25.91
N ALA B 494 18.71 -5.62 -25.44
CA ALA B 494 19.06 -6.87 -26.10
C ALA B 494 17.97 -7.92 -25.91
N VAL B 495 17.41 -8.02 -24.70
CA VAL B 495 16.34 -8.99 -24.46
C VAL B 495 14.99 -8.48 -24.93
N CYS B 496 14.80 -7.15 -25.02
CA CYS B 496 13.56 -6.63 -25.58
C CYS B 496 13.44 -6.94 -27.06
N ALA B 497 14.58 -7.09 -27.76
CA ALA B 497 14.53 -7.52 -29.15
C ALA B 497 14.20 -9.01 -29.26
N MET B 498 14.60 -9.80 -28.27
CA MET B 498 14.29 -11.22 -28.28
C MET B 498 12.82 -11.46 -27.98
N ASN B 499 12.29 -10.77 -26.96
CA ASN B 499 10.87 -10.87 -26.62
C ASN B 499 10.36 -9.44 -26.46
N PRO B 500 9.66 -8.89 -27.46
CA PRO B 500 9.17 -7.51 -27.36
C PRO B 500 8.18 -7.30 -26.23
N ASP B 501 7.71 -8.36 -25.58
CA ASP B 501 6.77 -8.19 -24.47
C ASP B 501 7.40 -7.41 -23.32
N LEU B 502 8.71 -7.47 -23.18
CA LEU B 502 9.42 -6.78 -22.11
C LEU B 502 9.75 -5.33 -22.45
N LYS B 503 9.42 -4.87 -23.66
CA LYS B 503 9.70 -3.49 -24.04
C LYS B 503 8.88 -2.53 -23.18
N GLY B 504 9.56 -1.61 -22.51
CA GLY B 504 8.93 -0.68 -21.61
C GLY B 504 8.66 -1.22 -20.22
N LYS B 505 9.10 -2.45 -19.92
CA LYS B 505 8.90 -3.04 -18.62
C LYS B 505 10.21 -3.29 -17.86
N ILE B 506 11.35 -2.97 -18.46
CA ILE B 506 12.65 -3.17 -17.84
C ILE B 506 13.26 -1.80 -17.58
N ASN B 507 13.55 -1.52 -16.31
CA ASN B 507 14.19 -0.27 -15.89
C ASN B 507 15.67 -0.57 -15.68
N ALA B 508 16.49 -0.21 -16.66
CA ALA B 508 17.92 -0.45 -16.60
C ALA B 508 18.62 0.75 -15.95
N LYS B 509 19.27 0.51 -14.82
CA LYS B 509 20.00 1.55 -14.10
C LYS B 509 21.48 1.21 -14.08
N ILE B 510 22.31 2.22 -13.83
CA ILE B 510 23.76 2.06 -13.86
C ILE B 510 24.33 2.41 -12.49
N ASP B 511 23.54 2.22 -11.44
CA ASP B 511 23.92 2.59 -10.08
C ASP B 511 24.41 1.36 -9.32
N LYS B 512 25.48 1.53 -8.55
CA LYS B 512 26.03 0.45 -7.75
C LYS B 512 25.17 0.22 -6.51
N VAL B 513 24.86 -1.04 -6.24
CA VAL B 513 24.09 -1.39 -5.05
C VAL B 513 25.01 -1.37 -3.85
N GLY B 514 24.64 -0.61 -2.82
CA GLY B 514 25.44 -0.49 -1.63
C GLY B 514 24.93 0.59 -0.71
N PRO B 515 25.62 0.82 0.41
CA PRO B 515 25.21 1.88 1.33
C PRO B 515 25.31 3.27 0.74
N GLU B 516 26.08 3.44 -0.36
CA GLU B 516 26.22 4.76 -0.96
C GLU B 516 24.97 5.17 -1.72
N THR B 517 24.22 4.20 -2.26
CA THR B 517 23.06 4.46 -3.10
C THR B 517 21.77 3.99 -2.43
N GLU B 518 21.66 4.20 -1.13
CA GLU B 518 20.46 3.85 -0.39
C GLU B 518 19.31 4.85 -0.61
N GLU B 519 19.57 5.99 -1.24
CA GLU B 519 18.50 6.94 -1.53
C GLU B 519 17.69 6.50 -2.76
N ILE B 520 18.36 5.94 -3.76
CA ILE B 520 17.63 5.43 -4.93
C ILE B 520 16.93 4.13 -4.59
N PHE B 521 17.65 3.19 -3.96
CA PHE B 521 17.05 1.94 -3.51
C PHE B 521 16.56 2.11 -2.07
N ASN B 522 15.52 2.91 -1.94
CA ASN B 522 14.97 3.27 -0.64
C ASN B 522 14.00 2.20 -0.14
N ASP B 523 13.27 2.50 0.93
CA ASP B 523 12.33 1.54 1.49
C ASP B 523 11.16 1.29 0.55
N SER B 524 10.70 2.33 -0.15
CA SER B 524 9.58 2.16 -1.07
C SER B 524 9.95 1.26 -2.24
N PHE B 525 11.21 1.30 -2.68
CA PHE B 525 11.62 0.46 -3.81
C PHE B 525 11.68 -1.01 -3.42
N TRP B 526 12.30 -1.31 -2.27
CA TRP B 526 12.50 -2.70 -1.87
C TRP B 526 11.18 -3.37 -1.52
N GLU B 527 10.30 -2.67 -0.81
CA GLU B 527 9.06 -3.28 -0.34
C GLU B 527 8.10 -3.62 -1.47
N SER B 528 8.20 -2.95 -2.61
CA SER B 528 7.33 -3.24 -3.74
C SER B 528 7.77 -4.47 -4.53
N LEU B 529 8.97 -4.98 -4.30
CA LEU B 529 9.48 -6.11 -5.06
C LEU B 529 8.93 -7.43 -4.54
N ASP B 530 8.90 -8.43 -5.42
CA ASP B 530 8.48 -9.78 -5.05
C ASP B 530 9.66 -10.62 -4.56
N PHE B 531 10.75 -10.63 -5.31
CA PHE B 531 11.99 -11.27 -4.87
C PHE B 531 13.16 -10.66 -5.61
N VAL B 532 14.36 -10.95 -5.11
CA VAL B 532 15.60 -10.38 -5.63
C VAL B 532 16.50 -11.52 -6.08
N THR B 533 17.19 -11.31 -7.20
CA THR B 533 18.12 -12.29 -7.73
C THR B 533 19.51 -11.66 -7.83
N ASN B 534 20.50 -12.33 -7.25
CA ASN B 534 21.87 -11.83 -7.22
C ASN B 534 22.64 -12.38 -8.42
N ALA B 535 23.35 -11.49 -9.10
CA ALA B 535 24.25 -11.84 -10.19
C ALA B 535 25.59 -11.16 -10.01
N LEU B 536 26.11 -11.19 -8.79
CA LEU B 536 27.32 -10.47 -8.42
C LEU B 536 28.52 -11.40 -8.41
N ASP B 537 29.71 -10.79 -8.28
CA ASP B 537 30.97 -11.53 -8.29
C ASP B 537 31.79 -11.36 -7.02
N ASN B 538 31.53 -10.32 -6.22
CA ASN B 538 32.27 -10.07 -5.00
C ASN B 538 31.38 -10.29 -3.78
N VAL B 539 32.01 -10.64 -2.66
CA VAL B 539 31.25 -10.95 -1.47
C VAL B 539 30.74 -9.69 -0.79
N ASP B 540 31.41 -8.56 -0.98
CA ASP B 540 30.97 -7.32 -0.35
C ASP B 540 29.59 -6.92 -0.85
N ALA B 541 29.32 -7.15 -2.14
CA ALA B 541 28.01 -6.84 -2.69
C ALA B 541 26.99 -7.94 -2.40
N ARG B 542 27.42 -9.20 -2.38
CA ARG B 542 26.52 -10.31 -2.04
C ARG B 542 25.98 -10.16 -0.62
N THR B 543 26.87 -9.84 0.33
CA THR B 543 26.47 -9.73 1.73
C THR B 543 25.53 -8.56 1.96
N TYR B 544 25.77 -7.44 1.27
CA TYR B 544 24.91 -6.28 1.46
C TYR B 544 23.49 -6.55 0.97
N VAL B 545 23.37 -7.16 -0.21
CA VAL B 545 22.05 -7.48 -0.75
C VAL B 545 21.36 -8.51 0.14
N ASP B 546 22.11 -9.45 0.71
CA ASP B 546 21.53 -10.42 1.62
C ASP B 546 21.02 -9.76 2.89
N ARG B 547 21.80 -8.83 3.46
CA ARG B 547 21.35 -8.12 4.66
C ARG B 547 20.18 -7.20 4.35
N ARG B 548 20.11 -6.66 3.13
CA ARG B 548 18.94 -5.85 2.75
C ARG B 548 17.71 -6.73 2.61
N CYS B 549 17.86 -7.91 1.99
CA CYS B 549 16.73 -8.81 1.85
C CYS B 549 16.24 -9.31 3.20
N VAL B 550 17.15 -9.51 4.15
CA VAL B 550 16.74 -9.90 5.49
C VAL B 550 15.96 -8.77 6.16
N PHE B 551 16.35 -7.52 5.89
CA PHE B 551 15.67 -6.38 6.51
C PHE B 551 14.24 -6.26 6.00
N TYR B 552 14.06 -6.34 4.68
CA TYR B 552 12.74 -6.17 4.07
C TYR B 552 11.95 -7.48 3.97
N ARG B 553 12.52 -8.59 4.41
CA ARG B 553 11.85 -9.90 4.37
C ARG B 553 11.45 -10.25 2.92
N LYS B 554 12.42 -10.21 2.03
CA LYS B 554 12.21 -10.57 0.64
C LYS B 554 13.06 -11.78 0.26
N PRO B 555 12.55 -12.66 -0.60
CA PRO B 555 13.36 -13.80 -1.03
C PRO B 555 14.56 -13.37 -1.85
N LEU B 556 15.62 -14.17 -1.77
CA LEU B 556 16.86 -13.88 -2.46
C LEU B 556 17.32 -15.12 -3.20
N LEU B 557 17.62 -14.96 -4.49
CA LEU B 557 18.14 -16.03 -5.33
C LEU B 557 19.63 -15.78 -5.56
N GLU B 558 20.47 -16.57 -4.91
CA GLU B 558 21.91 -16.43 -5.00
C GLU B 558 22.49 -17.49 -5.93
N SER B 559 23.52 -17.10 -6.69
CA SER B 559 24.17 -18.02 -7.60
C SER B 559 25.62 -17.57 -7.82
N GLY B 560 26.41 -18.44 -8.42
CA GLY B 560 27.80 -18.14 -8.70
C GLY B 560 28.55 -19.29 -9.34
N THR B 561 29.51 -18.97 -10.22
CA THR B 561 30.28 -19.98 -10.92
C THR B 561 31.77 -19.75 -10.71
N LEU B 562 32.54 -20.83 -10.77
CA LEU B 562 33.99 -20.76 -10.67
C LEU B 562 34.56 -21.91 -11.50
N GLY B 563 34.89 -21.60 -12.75
CA GLY B 563 35.38 -22.64 -13.65
C GLY B 563 34.29 -23.62 -13.98
N THR B 564 34.57 -24.90 -13.81
CA THR B 564 33.56 -25.93 -14.02
C THR B 564 32.69 -26.17 -12.79
N LYS B 565 32.88 -25.42 -11.71
CA LYS B 565 32.07 -25.56 -10.52
C LYS B 565 31.04 -24.45 -10.43
N GLY B 566 29.94 -24.74 -9.74
CA GLY B 566 28.88 -23.76 -9.57
C GLY B 566 27.93 -24.22 -8.49
N ASN B 567 27.20 -23.25 -7.95
CA ASN B 567 26.28 -23.54 -6.85
C ASN B 567 25.11 -22.57 -6.88
N THR B 568 24.01 -23.00 -6.29
CA THR B 568 22.80 -22.19 -6.16
C THR B 568 22.36 -22.19 -4.70
N GLN B 569 21.74 -21.09 -4.28
CA GLN B 569 21.27 -20.94 -2.91
C GLN B 569 19.95 -20.18 -2.91
N VAL B 570 18.98 -20.71 -2.18
CA VAL B 570 17.65 -20.09 -2.05
C VAL B 570 17.50 -19.58 -0.62
N ILE B 571 17.08 -18.32 -0.48
CA ILE B 571 16.88 -17.70 0.82
C ILE B 571 15.42 -17.26 0.92
N ILE B 572 14.67 -17.90 1.80
CA ILE B 572 13.25 -17.63 1.98
C ILE B 572 13.05 -16.96 3.33
N PRO B 573 12.34 -15.84 3.41
CA PRO B 573 12.14 -15.18 4.71
C PRO B 573 11.37 -16.05 5.68
N ARG B 574 11.82 -16.04 6.94
CA ARG B 574 11.25 -16.76 8.07
C ARG B 574 11.34 -18.28 7.93
N LEU B 575 11.93 -18.80 6.86
CA LEU B 575 11.99 -20.24 6.62
C LEU B 575 13.41 -20.78 6.68
N THR B 576 14.32 -20.23 5.89
CA THR B 576 15.68 -20.73 5.79
C THR B 576 16.67 -19.68 6.30
N GLU B 577 17.92 -20.09 6.44
CA GLU B 577 18.95 -19.14 6.82
C GLU B 577 19.40 -18.33 5.62
N SER B 578 20.07 -17.22 5.90
CA SER B 578 20.48 -16.29 4.87
C SER B 578 21.83 -16.69 4.29
N TYR B 579 22.32 -15.90 3.33
CA TYR B 579 23.63 -16.14 2.75
C TYR B 579 24.76 -15.73 3.68
N SER B 580 24.46 -15.01 4.76
CA SER B 580 25.48 -14.63 5.73
C SER B 580 25.74 -15.72 6.76
N SER B 581 24.79 -16.61 6.99
CA SER B 581 24.96 -17.69 7.96
C SER B 581 25.66 -18.90 7.38
N SER B 582 26.43 -18.72 6.30
CA SER B 582 27.22 -19.78 5.69
C SER B 582 28.63 -19.24 5.44
N ARG B 583 29.60 -19.79 6.14
CA ARG B 583 30.97 -19.28 6.03
C ARG B 583 31.90 -20.35 5.46
N CYS B 593 51.76 -12.73 5.26
CA CYS B 593 52.66 -11.64 5.62
C CYS B 593 54.11 -12.13 5.72
N THR B 594 54.37 -13.01 6.70
CA THR B 594 55.71 -13.56 6.86
C THR B 594 56.20 -14.26 5.59
N LEU B 595 55.30 -14.99 4.92
CA LEU B 595 55.69 -15.69 3.70
C LEU B 595 56.08 -14.73 2.58
N ARG B 596 55.60 -13.49 2.62
CA ARG B 596 55.96 -12.50 1.61
C ARG B 596 57.42 -12.05 1.77
N SER B 597 57.95 -12.07 3.00
CA SER B 597 59.31 -11.62 3.24
C SER B 597 60.33 -12.65 2.78
N PHE B 598 60.09 -13.93 3.05
CA PHE B 598 60.96 -15.03 2.62
C PHE B 598 60.12 -15.96 1.76
N PRO B 599 60.10 -15.75 0.44
CA PRO B 599 59.21 -16.53 -0.43
C PRO B 599 59.76 -17.90 -0.76
N ASN B 600 58.82 -18.82 -1.04
CA ASN B 600 59.14 -20.14 -1.55
C ASN B 600 58.28 -20.56 -2.73
N LYS B 601 57.24 -19.80 -3.07
CA LYS B 601 56.43 -20.06 -4.24
C LYS B 601 56.30 -18.77 -5.05
N ILE B 602 55.90 -18.92 -6.32
CA ILE B 602 55.79 -17.76 -7.20
C ILE B 602 54.69 -16.80 -6.75
N ASP B 603 53.71 -17.28 -5.98
CA ASP B 603 52.64 -16.39 -5.52
C ASP B 603 53.16 -15.31 -4.58
N HIS B 604 54.19 -15.62 -3.78
CA HIS B 604 54.72 -14.65 -2.82
C HIS B 604 55.55 -13.57 -3.49
N THR B 605 56.26 -13.91 -4.57
CA THR B 605 57.04 -12.89 -5.27
C THR B 605 56.14 -11.95 -6.04
N ILE B 606 55.00 -12.44 -6.53
CA ILE B 606 54.04 -11.57 -7.23
C ILE B 606 53.41 -10.59 -6.24
N ALA B 607 53.02 -11.07 -5.06
CA ALA B 607 52.49 -10.17 -4.05
C ALA B 607 53.53 -9.15 -3.59
N TRP B 608 54.81 -9.55 -3.58
CA TRP B 608 55.87 -8.60 -3.25
C TRP B 608 56.07 -7.57 -4.35
N ALA B 609 56.01 -8.00 -5.61
CA ALA B 609 56.17 -7.06 -6.72
C ALA B 609 54.95 -6.17 -6.88
N LYS B 610 53.75 -6.72 -6.61
CA LYS B 610 52.53 -5.91 -6.74
C LYS B 610 52.50 -4.78 -5.71
N SER B 611 53.02 -5.03 -4.51
CA SER B 611 53.09 -3.97 -3.51
C SER B 611 54.18 -2.96 -3.86
N LEU B 612 55.29 -3.44 -4.41
CA LEU B 612 56.35 -2.54 -4.87
C LEU B 612 55.89 -1.72 -6.06
N PHE B 613 55.07 -2.32 -6.93
CA PHE B 613 54.51 -1.58 -8.06
C PHE B 613 53.60 -0.45 -7.59
N GLN B 614 52.92 -0.64 -6.46
CA GLN B 614 52.05 0.40 -5.92
C GLN B 614 52.85 1.51 -5.26
N GLY B 615 53.83 1.15 -4.44
CA GLY B 615 54.64 2.16 -3.78
C GLY B 615 55.56 2.93 -4.71
N TYR B 616 55.87 2.35 -5.87
CA TYR B 616 56.76 3.01 -6.82
C TYR B 616 56.02 4.07 -7.64
N PHE B 617 54.90 3.71 -8.25
CA PHE B 617 54.23 4.56 -9.23
C PHE B 617 52.82 4.96 -8.84
N THR B 618 52.31 4.51 -7.70
CA THR B 618 50.97 4.88 -7.25
C THR B 618 50.97 5.62 -5.92
N ASP B 619 51.68 5.10 -4.91
CA ASP B 619 51.67 5.73 -3.59
C ASP B 619 52.57 6.95 -3.54
N SER B 620 53.70 6.93 -4.25
CA SER B 620 54.60 8.08 -4.24
C SER B 620 53.98 9.30 -4.92
N ALA B 621 53.17 9.09 -5.97
CA ALA B 621 52.59 10.21 -6.67
C ALA B 621 51.46 10.87 -5.88
N GLU B 622 50.62 10.06 -5.22
CA GLU B 622 49.53 10.63 -4.43
C GLU B 622 50.04 11.34 -3.19
N ASN B 623 51.22 10.97 -2.70
CA ASN B 623 51.78 11.66 -1.55
C ASN B 623 52.28 13.05 -1.94
N VAL B 624 52.87 13.19 -3.13
CA VAL B 624 53.27 14.50 -3.61
C VAL B 624 52.05 15.34 -3.98
N ASN B 625 51.04 14.70 -4.58
CA ASN B 625 49.82 15.40 -4.97
C ASN B 625 49.04 15.91 -3.76
N MET B 626 49.16 15.26 -2.61
CA MET B 626 48.46 15.67 -1.41
C MET B 626 49.19 16.76 -0.64
N TYR B 627 50.52 16.78 -0.69
CA TYR B 627 51.28 17.85 -0.04
C TYR B 627 50.96 19.20 -0.65
N LEU B 628 50.58 19.22 -1.93
CA LEU B 628 50.29 20.47 -2.62
C LEU B 628 48.84 20.94 -2.43
N THR B 629 47.91 20.02 -2.18
CA THR B 629 46.51 20.38 -2.03
C THR B 629 46.08 20.52 -0.58
N GLN B 630 46.82 19.93 0.36
CA GLN B 630 46.55 20.07 1.79
C GLN B 630 47.74 20.78 2.43
N PRO B 631 47.57 21.98 3.00
CA PRO B 631 48.73 22.68 3.58
C PRO B 631 49.27 22.00 4.83
N ASN B 632 48.39 21.46 5.67
CA ASN B 632 48.76 20.79 6.90
C ASN B 632 49.20 19.34 6.70
N PHE B 633 49.51 18.95 5.47
CA PHE B 633 49.86 17.55 5.20
C PHE B 633 51.10 17.12 5.99
N VAL B 634 52.04 18.04 6.23
CA VAL B 634 53.20 17.71 7.05
C VAL B 634 52.75 17.37 8.46
N GLU B 635 51.85 18.19 9.02
CA GLU B 635 51.33 17.93 10.36
C GLU B 635 50.41 16.71 10.37
N GLN B 636 49.74 16.42 9.25
CA GLN B 636 48.81 15.30 9.21
C GLN B 636 49.54 13.97 9.27
N THR B 637 50.71 13.87 8.62
CA THR B 637 51.44 12.61 8.61
C THR B 637 52.00 12.26 9.98
N LEU B 638 52.33 13.27 10.79
CA LEU B 638 52.86 13.03 12.13
C LEU B 638 51.84 12.41 13.07
N LYS B 639 50.57 12.40 12.71
CA LYS B 639 49.54 11.78 13.53
C LYS B 639 49.49 10.28 13.32
N ASP B 643 52.92 5.39 10.66
CA ASP B 643 54.06 5.55 9.77
C ASP B 643 54.28 7.04 9.45
N VAL B 644 55.46 7.54 9.80
CA VAL B 644 55.83 8.94 9.60
C VAL B 644 57.08 9.06 8.73
N LYS B 645 58.11 8.27 9.06
CA LYS B 645 59.37 8.37 8.32
C LYS B 645 59.24 7.84 6.90
N GLY B 646 58.39 6.82 6.69
CA GLY B 646 58.26 6.24 5.36
C GLY B 646 57.55 7.13 4.37
N VAL B 647 56.60 7.95 4.83
CA VAL B 647 55.91 8.86 3.94
C VAL B 647 56.79 10.06 3.60
N LEU B 648 57.53 10.58 4.58
CA LEU B 648 58.43 11.69 4.31
C LEU B 648 59.57 11.26 3.39
N GLU B 649 60.04 10.02 3.51
CA GLU B 649 61.09 9.53 2.63
C GLU B 649 60.61 9.45 1.19
N SER B 650 59.34 9.10 0.98
CA SER B 650 58.82 8.95 -0.38
C SER B 650 58.72 10.29 -1.09
N ILE B 651 58.31 11.34 -0.38
CA ILE B 651 58.20 12.65 -1.03
C ILE B 651 59.57 13.29 -1.21
N SER B 652 60.52 13.01 -0.32
CA SER B 652 61.84 13.62 -0.44
C SER B 652 62.63 13.03 -1.61
N ASP B 653 62.60 11.70 -1.77
CA ASP B 653 63.35 11.08 -2.85
C ASP B 653 62.69 11.28 -4.21
N SER B 654 61.37 11.45 -4.23
CA SER B 654 60.65 11.63 -5.49
C SER B 654 60.84 13.02 -6.08
N LEU B 655 61.34 13.97 -5.30
CA LEU B 655 61.56 15.33 -5.77
C LEU B 655 63.03 15.72 -5.81
N SER B 656 63.94 14.82 -5.45
CA SER B 656 65.37 15.10 -5.52
C SER B 656 65.98 14.65 -6.84
N SER B 657 65.83 13.36 -7.17
CA SER B 657 66.34 12.81 -8.43
C SER B 657 65.25 12.84 -9.49
N LYS B 658 64.76 14.04 -9.76
CA LYS B 658 63.71 14.24 -10.76
C LYS B 658 64.27 14.01 -12.15
N PRO B 659 63.74 13.05 -12.91
CA PRO B 659 64.29 12.80 -14.25
C PRO B 659 63.89 13.88 -15.23
N HIS B 660 64.75 14.09 -16.22
CA HIS B 660 64.56 15.12 -17.25
C HIS B 660 64.11 14.55 -18.58
N ASN B 661 64.74 13.49 -19.05
CA ASN B 661 64.37 12.81 -20.28
C ASN B 661 64.11 11.34 -20.00
N PHE B 662 63.76 10.59 -21.05
CA PHE B 662 63.50 9.17 -20.88
C PHE B 662 64.77 8.39 -20.57
N GLU B 663 65.95 8.93 -20.91
CA GLU B 663 67.20 8.24 -20.61
C GLU B 663 67.49 8.25 -19.11
N ASP B 664 67.02 9.27 -18.39
CA ASP B 664 67.21 9.30 -16.94
C ASP B 664 66.34 8.25 -16.25
N CYS B 665 65.19 7.91 -16.83
CA CYS B 665 64.36 6.86 -16.24
C CYS B 665 65.03 5.50 -16.37
N ILE B 666 65.75 5.26 -17.47
CA ILE B 666 66.48 4.01 -17.63
C ILE B 666 67.56 3.88 -16.56
N LYS B 667 68.23 4.99 -16.25
CA LYS B 667 69.26 4.97 -15.22
C LYS B 667 68.65 4.68 -13.85
N TRP B 668 67.48 5.23 -13.58
CA TRP B 668 66.83 5.00 -12.30
C TRP B 668 66.38 3.56 -12.15
N ALA B 669 65.84 2.97 -13.23
CA ALA B 669 65.36 1.59 -13.16
C ALA B 669 66.52 0.61 -13.00
N ARG B 670 67.65 0.88 -13.66
CA ARG B 670 68.81 0.00 -13.53
C ARG B 670 69.36 0.04 -12.11
N LEU B 671 69.32 1.21 -11.47
CA LEU B 671 69.80 1.32 -10.10
C LEU B 671 68.87 0.57 -9.15
N GLU B 672 67.55 0.62 -9.42
CA GLU B 672 66.62 -0.10 -8.57
C GLU B 672 66.82 -1.62 -8.66
N PHE B 673 67.27 -2.11 -9.81
CA PHE B 673 67.58 -3.53 -9.93
C PHE B 673 68.71 -3.92 -8.98
N GLU B 674 69.76 -3.11 -8.94
CA GLU B 674 70.89 -3.42 -8.07
C GLU B 674 70.52 -3.28 -6.60
N LYS B 675 69.57 -2.40 -6.28
CA LYS B 675 69.19 -2.22 -4.89
C LYS B 675 68.33 -3.37 -4.39
N LYS B 676 67.28 -3.73 -5.14
CA LYS B 676 66.32 -4.72 -4.67
C LYS B 676 66.81 -6.16 -4.84
N PHE B 677 67.67 -6.43 -5.82
CA PHE B 677 68.06 -7.80 -6.13
C PHE B 677 69.54 -8.08 -5.91
N ASN B 678 70.36 -7.06 -5.69
CA ASN B 678 71.78 -7.26 -5.40
C ASN B 678 72.17 -6.71 -4.04
N HIS B 679 71.81 -5.46 -3.74
CA HIS B 679 72.23 -4.87 -2.48
C HIS B 679 71.42 -5.41 -1.30
N ASP B 680 70.09 -5.37 -1.41
CA ASP B 680 69.26 -5.83 -0.31
C ASP B 680 69.43 -7.32 -0.05
N ILE B 681 69.77 -8.10 -1.08
CA ILE B 681 70.00 -9.52 -0.89
C ILE B 681 71.33 -9.75 -0.17
N LYS B 682 72.36 -8.99 -0.55
CA LYS B 682 73.63 -9.10 0.16
C LYS B 682 73.51 -8.58 1.59
N GLN B 683 72.74 -7.51 1.78
CA GLN B 683 72.54 -6.98 3.12
C GLN B 683 71.81 -8.00 4.00
N LEU B 684 70.83 -8.70 3.43
CA LEU B 684 70.14 -9.75 4.16
C LEU B 684 71.07 -10.93 4.43
N LEU B 685 71.87 -11.32 3.44
CA LEU B 685 72.82 -12.42 3.64
C LEU B 685 73.93 -12.05 4.60
N PHE B 686 74.18 -10.76 4.83
CA PHE B 686 75.19 -10.36 5.80
C PHE B 686 74.71 -10.60 7.23
N ASN B 687 73.46 -10.23 7.52
CA ASN B 687 72.92 -10.45 8.85
C ASN B 687 72.63 -11.93 9.11
N PHE B 688 72.08 -12.62 8.11
CA PHE B 688 71.79 -14.05 8.20
C PHE B 688 72.51 -14.74 7.04
N PRO B 689 73.74 -15.21 7.26
CA PRO B 689 74.45 -15.92 6.19
C PRO B 689 73.77 -17.23 5.86
N LYS B 690 74.22 -17.82 4.75
CA LYS B 690 73.69 -19.12 4.32
C LYS B 690 73.98 -20.21 5.33
N ASP B 691 74.98 -20.03 6.19
CA ASP B 691 75.34 -21.03 7.18
C ASP B 691 74.85 -20.69 8.58
N ALA B 692 73.94 -19.72 8.71
CA ALA B 692 73.47 -19.32 10.04
C ALA B 692 72.73 -20.47 10.71
N LYS B 693 72.80 -20.51 12.04
CA LYS B 693 72.17 -21.56 12.82
C LYS B 693 71.38 -20.98 13.99
N THR B 694 70.34 -21.71 14.40
CA THR B 694 69.45 -21.32 15.47
C THR B 694 69.98 -21.84 16.81
N SER B 695 69.15 -21.79 17.85
CA SER B 695 69.57 -22.22 19.19
C SER B 695 69.96 -23.70 19.20
N ASN B 696 69.13 -24.55 18.61
CA ASN B 696 69.39 -25.98 18.63
C ASN B 696 70.50 -26.40 17.67
N GLY B 697 71.11 -25.45 16.96
CA GLY B 697 72.10 -25.79 15.97
C GLY B 697 71.55 -26.09 14.59
N GLU B 698 70.25 -25.89 14.37
CA GLU B 698 69.64 -26.14 13.07
C GLU B 698 69.88 -24.96 12.14
N PRO B 699 70.07 -25.21 10.84
CA PRO B 699 70.31 -24.10 9.90
C PRO B 699 69.13 -23.16 9.83
N PHE B 700 69.42 -21.86 9.83
CA PHE B 700 68.37 -20.86 9.71
C PHE B 700 67.64 -20.99 8.38
N TRP B 701 68.41 -21.16 7.29
CA TRP B 701 67.83 -21.30 5.95
C TRP B 701 67.55 -22.77 5.70
N SER B 702 66.36 -23.22 6.08
CA SER B 702 65.98 -24.61 5.88
C SER B 702 64.46 -24.70 5.81
N GLY B 703 63.98 -25.70 5.08
CA GLY B 703 62.55 -25.90 4.94
C GLY B 703 61.88 -24.85 4.09
N ALA B 704 60.93 -24.12 4.65
CA ALA B 704 60.24 -23.07 3.91
C ALA B 704 61.14 -21.88 3.60
N LYS B 705 62.31 -21.79 4.22
CA LYS B 705 63.22 -20.69 3.98
C LYS B 705 64.23 -21.12 2.92
N ARG B 706 64.42 -20.27 1.91
CA ARG B 706 65.36 -20.54 0.83
C ARG B 706 66.42 -19.46 0.85
N ALA B 707 67.68 -19.88 0.94
CA ALA B 707 68.81 -18.94 1.02
C ALA B 707 68.93 -18.16 -0.28
N PRO B 708 68.78 -16.85 -0.26
CA PRO B 708 68.83 -16.09 -1.52
C PRO B 708 70.26 -15.96 -2.03
N THR B 709 70.37 -15.47 -3.26
CA THR B 709 71.65 -15.20 -3.89
C THR B 709 71.54 -13.90 -4.68
N PRO B 710 72.56 -13.05 -4.62
CA PRO B 710 72.48 -11.78 -5.33
C PRO B 710 72.49 -12.00 -6.84
N LEU B 711 71.72 -11.18 -7.54
CA LEU B 711 71.59 -11.28 -8.99
C LEU B 711 72.65 -10.42 -9.67
N GLU B 712 73.30 -10.99 -10.68
CA GLU B 712 74.18 -10.23 -11.55
C GLU B 712 73.37 -9.79 -12.77
N PHE B 713 73.24 -8.48 -12.93
CA PHE B 713 72.37 -7.95 -13.99
C PHE B 713 72.82 -8.46 -15.35
N ASP B 714 71.86 -8.96 -16.11
CA ASP B 714 72.09 -9.48 -17.46
C ASP B 714 71.05 -8.86 -18.38
N ILE B 715 71.48 -7.96 -19.26
CA ILE B 715 70.56 -7.30 -20.16
C ILE B 715 69.96 -8.29 -21.15
N TYR B 716 70.64 -9.42 -21.39
CA TYR B 716 70.11 -10.45 -22.26
C TYR B 716 69.11 -11.36 -21.56
N ASN B 717 69.10 -11.37 -20.23
CA ASN B 717 68.05 -12.07 -19.50
C ASN B 717 66.74 -11.33 -19.65
N ASN B 718 65.69 -12.04 -20.07
CA ASN B 718 64.42 -11.39 -20.39
C ASN B 718 63.78 -10.75 -19.16
N ASP B 719 64.02 -11.29 -17.97
CA ASP B 719 63.41 -10.73 -16.78
C ASP B 719 64.17 -9.50 -16.27
N HIS B 720 65.50 -9.53 -16.37
CA HIS B 720 66.28 -8.36 -15.97
C HIS B 720 66.07 -7.21 -16.94
N PHE B 721 65.94 -7.51 -18.23
CA PHE B 721 65.77 -6.47 -19.23
C PHE B 721 64.42 -5.76 -19.09
N HIS B 722 63.35 -6.54 -18.92
CA HIS B 722 62.01 -5.96 -18.87
C HIS B 722 61.74 -5.25 -17.55
N PHE B 723 62.49 -5.56 -16.49
CA PHE B 723 62.34 -4.80 -15.25
C PHE B 723 62.77 -3.35 -15.42
N VAL B 724 63.77 -3.10 -16.27
CA VAL B 724 64.22 -1.74 -16.54
C VAL B 724 63.28 -1.04 -17.52
N VAL B 725 62.85 -1.75 -18.56
CA VAL B 725 61.98 -1.15 -19.57
C VAL B 725 60.65 -0.73 -18.95
N ALA B 726 60.01 -1.63 -18.21
CA ALA B 726 58.74 -1.31 -17.58
C ALA B 726 58.92 -0.32 -16.44
N GLY B 727 60.01 -0.44 -15.69
CA GLY B 727 60.25 0.50 -14.61
C GLY B 727 60.48 1.92 -15.11
N ALA B 728 61.25 2.07 -16.19
CA ALA B 728 61.50 3.38 -16.75
C ALA B 728 60.25 3.98 -17.38
N SER B 729 59.50 3.16 -18.13
CA SER B 729 58.29 3.66 -18.78
C SER B 729 57.23 4.08 -17.77
N LEU B 730 57.17 3.42 -16.61
CA LEU B 730 56.17 3.76 -15.62
C LEU B 730 56.58 5.00 -14.83
N ARG B 731 57.88 5.15 -14.52
CA ARG B 731 58.33 6.38 -13.89
C ARG B 731 58.14 7.57 -14.83
N ALA B 732 58.38 7.37 -16.12
CA ALA B 732 58.15 8.43 -17.09
C ALA B 732 56.68 8.83 -17.16
N TYR B 733 55.76 7.89 -16.85
CA TYR B 733 54.35 8.23 -16.80
C TYR B 733 54.02 9.11 -15.60
N ASN B 734 54.75 8.95 -14.49
CA ASN B 734 54.52 9.78 -13.32
C ASN B 734 54.93 11.23 -13.59
N TYR B 735 56.08 11.42 -14.21
CA TYR B 735 56.62 12.76 -14.45
C TYR B 735 56.24 13.31 -15.82
N GLY B 736 55.39 12.60 -16.56
CA GLY B 736 54.93 13.10 -17.85
C GLY B 736 55.97 13.12 -18.95
N ILE B 737 56.91 12.18 -18.92
CA ILE B 737 57.96 12.07 -19.93
C ILE B 737 57.58 10.98 -20.93
N LYS B 738 57.75 11.28 -22.21
CA LYS B 738 57.48 10.30 -23.26
C LYS B 738 58.76 9.94 -24.01
N LYS B 745 58.49 -0.22 -29.27
CA LYS B 745 59.47 -1.29 -29.43
C LYS B 745 60.80 -0.93 -28.78
N PRO B 746 61.08 -1.51 -27.61
CA PRO B 746 62.35 -1.23 -26.94
C PRO B 746 63.49 -1.99 -27.61
N ASN B 747 64.65 -1.33 -27.68
CA ASN B 747 65.85 -1.92 -28.28
C ASN B 747 66.83 -2.29 -27.18
N VAL B 748 67.40 -3.50 -27.28
CA VAL B 748 68.33 -3.96 -26.24
C VAL B 748 69.64 -3.18 -26.32
N ASP B 749 70.14 -2.94 -27.53
CA ASP B 749 71.42 -2.25 -27.69
C ASP B 749 71.33 -0.81 -27.19
N GLU B 750 70.18 -0.16 -27.36
CA GLU B 750 70.03 1.21 -26.85
C GLU B 750 70.04 1.24 -25.33
N TYR B 751 69.33 0.31 -24.68
CA TYR B 751 69.37 0.22 -23.23
C TYR B 751 70.74 -0.23 -22.73
N LYS B 752 71.49 -0.97 -23.56
CA LYS B 752 72.79 -1.46 -23.11
C LYS B 752 73.83 -0.34 -23.12
N SER B 753 73.82 0.53 -24.13
CA SER B 753 74.78 1.62 -24.17
C SER B 753 74.56 2.60 -23.04
N VAL B 754 73.33 2.71 -22.53
CA VAL B 754 73.06 3.60 -21.40
C VAL B 754 73.58 2.98 -20.11
N ILE B 755 73.48 1.66 -19.98
CA ILE B 755 73.90 1.00 -18.75
C ILE B 755 75.41 0.77 -18.74
N ASP B 756 75.98 0.44 -19.90
CA ASP B 756 77.41 0.16 -19.96
C ASP B 756 78.26 1.39 -19.68
N HIS B 757 77.69 2.59 -19.79
CA HIS B 757 78.41 3.82 -19.47
C HIS B 757 78.13 4.30 -18.06
N MET B 758 77.39 3.53 -17.27
CA MET B 758 77.09 3.89 -15.90
C MET B 758 78.13 3.33 -14.94
N ILE B 759 78.26 3.97 -13.79
CA ILE B 759 79.09 3.50 -12.70
C ILE B 759 78.14 3.04 -11.59
N ILE B 760 78.14 1.75 -11.30
CA ILE B 760 77.24 1.16 -10.32
C ILE B 760 77.98 1.12 -8.97
N PRO B 761 77.45 1.78 -7.93
CA PRO B 761 78.12 1.73 -6.63
C PRO B 761 78.16 0.32 -6.07
N GLU B 762 79.26 0.00 -5.40
CA GLU B 762 79.44 -1.32 -4.80
C GLU B 762 78.63 -1.45 -3.51
N PHE B 763 78.61 -2.66 -2.97
CA PHE B 763 77.89 -2.98 -1.76
C PHE B 763 78.83 -2.92 -0.56
N THR B 764 78.37 -2.26 0.51
CA THR B 764 79.07 -2.19 1.78
C THR B 764 78.06 -2.49 2.88
N PRO B 765 78.37 -3.39 3.82
CA PRO B 765 77.40 -3.73 4.86
C PRO B 765 77.02 -2.53 5.70
N ASN B 766 75.76 -2.49 6.10
CA ASN B 766 75.24 -1.37 6.88
C ASN B 766 75.03 -1.78 8.33
N GLU B 790 67.34 13.44 14.26
CA GLU B 790 66.17 12.60 14.18
C GLU B 790 65.34 12.91 12.93
N ILE B 791 64.02 12.82 13.08
CA ILE B 791 63.11 13.09 11.96
C ILE B 791 63.10 14.56 11.56
N ASP B 792 63.62 15.44 12.41
CA ASP B 792 63.67 16.87 12.07
C ASP B 792 64.58 17.15 10.88
N GLN B 793 65.49 16.23 10.55
CA GLN B 793 66.29 16.40 9.34
C GLN B 793 65.45 16.19 8.09
N LEU B 794 64.49 15.26 8.15
CA LEU B 794 63.64 15.00 7.00
C LEU B 794 62.66 16.13 6.75
N VAL B 795 62.08 16.70 7.82
CA VAL B 795 61.10 17.76 7.65
C VAL B 795 61.73 19.06 7.17
N SER B 796 63.05 19.20 7.29
CA SER B 796 63.73 20.39 6.82
C SER B 796 64.25 20.26 5.39
N SER B 797 64.38 19.03 4.87
CA SER B 797 64.84 18.83 3.51
C SER B 797 63.72 18.95 2.48
N LEU B 798 62.46 18.95 2.91
CA LEU B 798 61.36 19.05 1.95
C LEU B 798 61.28 20.48 1.40
N PRO B 799 61.18 20.64 0.08
CA PRO B 799 61.02 21.99 -0.47
C PRO B 799 59.63 22.56 -0.19
N ASP B 800 59.53 23.87 -0.33
CA ASP B 800 58.30 24.60 -0.11
C ASP B 800 57.37 24.45 -1.32
N PRO B 801 56.06 24.52 -1.11
CA PRO B 801 55.13 24.43 -2.25
C PRO B 801 55.35 25.52 -3.29
N SER B 802 55.93 26.65 -2.91
CA SER B 802 56.24 27.70 -3.89
C SER B 802 57.37 27.30 -4.82
N THR B 803 58.25 26.39 -4.38
CA THR B 803 59.32 25.91 -5.25
C THR B 803 58.75 25.11 -6.41
N LEU B 804 57.83 24.18 -6.12
CA LEU B 804 57.19 23.36 -7.15
C LEU B 804 55.81 23.94 -7.45
N ALA B 805 55.79 24.98 -8.27
CA ALA B 805 54.54 25.63 -8.64
C ALA B 805 53.90 24.88 -9.79
N GLY B 806 52.69 24.33 -9.55
CA GLY B 806 51.98 23.61 -10.57
C GLY B 806 52.49 22.21 -10.87
N PHE B 807 53.51 21.75 -10.16
CA PHE B 807 54.05 20.41 -10.38
C PHE B 807 53.04 19.36 -9.94
N LYS B 808 52.63 18.49 -10.87
CA LYS B 808 51.65 17.46 -10.60
C LYS B 808 52.19 16.12 -11.07
N LEU B 809 52.11 15.11 -10.20
CA LEU B 809 52.46 13.74 -10.55
C LEU B 809 51.19 12.97 -10.92
N GLU B 810 51.31 12.12 -11.94
CA GLU B 810 50.18 11.35 -12.44
C GLU B 810 50.19 9.97 -11.79
N PRO B 811 49.29 9.67 -10.86
CA PRO B 811 49.29 8.35 -10.22
C PRO B 811 48.87 7.26 -11.19
N VAL B 812 49.48 6.09 -11.03
CA VAL B 812 49.22 4.95 -11.90
C VAL B 812 48.05 4.16 -11.34
N ASP B 813 47.00 3.99 -12.13
CA ASP B 813 45.85 3.19 -11.74
C ASP B 813 46.04 1.78 -12.30
N PHE B 814 46.17 0.80 -11.41
CA PHE B 814 46.47 -0.56 -11.82
C PHE B 814 45.34 -1.13 -12.68
N GLU B 815 45.70 -1.59 -13.89
CA GLU B 815 44.75 -2.18 -14.82
C GLU B 815 45.32 -3.51 -15.30
N LYS B 816 44.61 -4.59 -14.99
CA LYS B 816 45.12 -5.93 -15.30
C LYS B 816 44.86 -6.35 -16.73
N ASP B 817 43.84 -5.79 -17.38
CA ASP B 817 43.44 -6.24 -18.72
C ASP B 817 44.13 -5.49 -19.85
N ASP B 818 44.88 -4.43 -19.54
CA ASP B 818 45.61 -3.68 -20.57
C ASP B 818 47.03 -4.23 -20.67
N ASP B 819 47.42 -4.63 -21.88
CA ASP B 819 48.73 -5.23 -22.12
C ASP B 819 49.75 -4.24 -22.67
N THR B 820 49.41 -2.95 -22.72
CA THR B 820 50.32 -1.93 -23.23
C THR B 820 50.72 -0.90 -22.20
N ASN B 821 50.16 -0.93 -21.00
CA ASN B 821 50.48 0.05 -19.96
C ASN B 821 51.67 -0.36 -19.12
N HIS B 822 52.34 -1.46 -19.47
CA HIS B 822 53.51 -1.97 -18.76
C HIS B 822 53.21 -2.33 -17.31
N HIS B 823 51.93 -2.53 -16.97
CA HIS B 823 51.58 -2.92 -15.61
C HIS B 823 51.90 -4.38 -15.36
N ILE B 824 51.37 -5.27 -16.19
CA ILE B 824 51.69 -6.69 -16.06
C ILE B 824 53.15 -6.95 -16.42
N GLU B 825 53.70 -6.17 -17.36
CA GLU B 825 55.10 -6.35 -17.73
C GLU B 825 56.02 -6.10 -16.55
N PHE B 826 55.70 -5.09 -15.72
CA PHE B 826 56.53 -4.79 -14.57
C PHE B 826 56.38 -5.86 -13.50
N ILE B 827 55.15 -6.17 -13.11
CA ILE B 827 54.91 -7.11 -12.02
C ILE B 827 55.46 -8.49 -12.37
N THR B 828 55.31 -8.91 -13.62
CA THR B 828 55.85 -10.20 -14.03
C THR B 828 57.37 -10.21 -13.93
N ALA B 829 58.02 -9.20 -14.51
CA ALA B 829 59.48 -9.17 -14.47
C ALA B 829 59.99 -8.99 -13.05
N CYS B 830 59.36 -8.10 -12.28
CA CYS B 830 59.81 -7.84 -10.92
C CYS B 830 59.65 -9.06 -10.03
N SER B 831 58.56 -9.82 -10.22
CA SER B 831 58.37 -11.04 -9.44
C SER B 831 59.38 -12.10 -9.85
N ASN B 832 59.65 -12.23 -11.14
CA ASN B 832 60.59 -13.25 -11.59
C ASN B 832 62.02 -12.94 -11.14
N CYS B 833 62.37 -11.66 -11.01
CA CYS B 833 63.69 -11.32 -10.53
C CYS B 833 63.88 -11.78 -9.08
N ARG B 834 62.88 -11.52 -8.24
CA ARG B 834 62.93 -12.02 -6.87
C ARG B 834 62.87 -13.54 -6.85
N ALA B 835 62.20 -14.14 -7.84
CA ALA B 835 62.19 -15.60 -7.94
C ALA B 835 63.59 -16.13 -8.22
N GLN B 836 64.37 -15.42 -9.05
CA GLN B 836 65.75 -15.82 -9.29
C GLN B 836 66.60 -15.65 -8.03
N ASN B 837 66.21 -14.72 -7.15
CA ASN B 837 66.93 -14.57 -5.88
C ASN B 837 66.77 -15.82 -5.02
N TYR B 838 65.52 -16.23 -4.77
CA TYR B 838 65.22 -17.34 -3.88
C TYR B 838 65.07 -18.66 -4.61
N PHE B 839 65.61 -18.77 -5.82
CA PHE B 839 65.61 -20.02 -6.59
C PHE B 839 64.19 -20.54 -6.81
N ILE B 840 63.27 -19.64 -7.15
CA ILE B 840 61.91 -20.01 -7.49
C ILE B 840 61.76 -19.95 -9.01
N GLU B 841 61.06 -20.92 -9.58
CA GLU B 841 60.90 -20.96 -11.03
C GLU B 841 60.04 -19.78 -11.49
N THR B 842 60.50 -19.09 -12.52
CA THR B 842 59.81 -17.89 -12.98
C THR B 842 58.50 -18.26 -13.68
N ALA B 843 57.64 -17.26 -13.85
CA ALA B 843 56.35 -17.43 -14.51
C ALA B 843 56.17 -16.34 -15.55
N ASP B 844 55.35 -16.65 -16.57
CA ASP B 844 55.10 -15.70 -17.64
C ASP B 844 54.03 -14.69 -17.22
N ARG B 845 53.63 -13.83 -18.16
CA ARG B 845 52.68 -12.77 -17.84
C ARG B 845 51.31 -13.33 -17.54
N GLN B 846 50.88 -14.35 -18.28
CA GLN B 846 49.53 -14.86 -18.11
C GLN B 846 49.33 -15.50 -16.75
N LYS B 847 50.36 -16.20 -16.24
CA LYS B 847 50.23 -16.74 -14.89
C LYS B 847 50.32 -15.65 -13.85
N THR B 848 51.12 -14.62 -14.10
CA THR B 848 51.19 -13.49 -13.18
C THR B 848 49.91 -12.66 -13.23
N LYS B 849 49.36 -12.44 -14.43
CA LYS B 849 48.10 -11.71 -14.55
C LYS B 849 46.98 -12.39 -13.78
N PHE B 850 46.99 -13.72 -13.70
CA PHE B 850 45.97 -14.43 -12.94
C PHE B 850 46.13 -14.18 -11.45
N ILE B 851 47.36 -14.27 -10.94
CA ILE B 851 47.60 -14.14 -9.51
C ILE B 851 47.52 -12.67 -9.09
N ALA B 852 48.09 -11.77 -9.88
CA ALA B 852 48.11 -10.36 -9.52
C ALA B 852 46.72 -9.75 -9.63
N GLY B 853 46.02 -10.02 -10.73
CA GLY B 853 44.69 -9.50 -10.92
C GLY B 853 43.59 -10.25 -10.19
N ARG B 854 43.92 -11.41 -9.61
CA ARG B 854 42.95 -12.24 -8.89
C ARG B 854 41.74 -12.55 -9.76
N ILE B 855 42.00 -12.87 -11.03
CA ILE B 855 40.93 -13.15 -11.98
C ILE B 855 40.24 -14.45 -11.59
N ILE B 856 38.91 -14.45 -11.66
CA ILE B 856 38.10 -15.62 -11.36
C ILE B 856 37.84 -16.36 -12.68
N PRO B 857 38.25 -17.62 -12.81
CA PRO B 857 37.98 -18.36 -14.05
C PRO B 857 36.50 -18.63 -14.22
N ALA B 858 35.97 -18.21 -15.37
CA ALA B 858 34.54 -18.34 -15.64
C ALA B 858 34.35 -18.73 -17.10
N ILE B 859 33.67 -19.86 -17.32
CA ILE B 859 33.34 -20.34 -18.65
C ILE B 859 31.85 -20.19 -18.86
N ALA B 860 31.45 -20.02 -20.12
CA ALA B 860 30.05 -19.74 -20.43
C ALA B 860 29.15 -20.95 -20.25
N THR B 861 29.72 -22.16 -20.18
CA THR B 861 28.89 -23.36 -20.05
C THR B 861 28.33 -23.48 -18.64
N THR B 862 29.21 -23.37 -17.63
CA THR B 862 28.76 -23.48 -16.25
C THR B 862 27.81 -22.34 -15.88
N THR B 863 27.99 -21.17 -16.48
CA THR B 863 27.12 -20.05 -16.19
C THR B 863 25.69 -20.33 -16.62
N SER B 864 25.52 -20.91 -17.82
CA SER B 864 24.17 -21.23 -18.30
C SER B 864 23.53 -22.32 -17.45
N LEU B 865 24.33 -23.31 -17.03
CA LEU B 865 23.78 -24.39 -16.20
C LEU B 865 23.31 -23.86 -14.86
N VAL B 866 24.13 -23.05 -14.19
CA VAL B 866 23.77 -22.53 -12.88
C VAL B 866 22.54 -21.63 -12.96
N THR B 867 22.46 -20.82 -14.01
CA THR B 867 21.29 -19.95 -14.18
C THR B 867 20.02 -20.78 -14.37
N GLY B 868 20.13 -21.92 -15.06
CA GLY B 868 18.96 -22.76 -15.24
C GLY B 868 18.43 -23.29 -13.91
N LEU B 869 19.33 -23.72 -13.03
CA LEU B 869 18.89 -24.23 -11.73
C LEU B 869 18.23 -23.13 -10.89
N VAL B 870 18.69 -21.88 -11.04
CA VAL B 870 18.09 -20.78 -10.30
C VAL B 870 16.66 -20.57 -10.74
N ASN B 871 16.40 -20.63 -12.05
CA ASN B 871 15.05 -20.44 -12.56
C ASN B 871 14.14 -21.61 -12.24
N LEU B 872 14.70 -22.80 -11.98
CA LEU B 872 13.86 -23.91 -11.54
C LEU B 872 13.41 -23.72 -10.09
N GLU B 873 14.22 -23.04 -9.28
CA GLU B 873 13.78 -22.65 -7.94
C GLU B 873 12.84 -21.45 -7.99
N LEU B 874 12.94 -20.63 -9.03
CA LEU B 874 12.05 -19.48 -9.18
C LEU B 874 10.59 -19.91 -9.28
N TYR B 875 10.32 -21.08 -9.87
CA TYR B 875 8.96 -21.59 -9.93
C TYR B 875 8.39 -21.77 -8.53
N LYS B 876 9.24 -22.16 -7.58
CA LYS B 876 8.79 -22.35 -6.19
C LYS B 876 8.56 -21.04 -5.46
N LEU B 877 9.21 -19.95 -5.90
CA LEU B 877 8.96 -18.65 -5.31
C LEU B 877 7.62 -18.09 -5.77
N ILE B 878 7.21 -18.40 -6.99
CA ILE B 878 5.92 -17.92 -7.49
C ILE B 878 4.77 -18.61 -6.76
N ASP B 879 4.90 -19.91 -6.52
CA ASP B 879 3.90 -20.66 -5.77
C ASP B 879 3.88 -20.31 -4.29
N ASN B 880 4.88 -19.58 -3.81
CA ASN B 880 4.98 -19.21 -2.40
C ASN B 880 5.07 -20.45 -1.52
N LYS B 881 5.95 -21.37 -1.92
CA LYS B 881 6.14 -22.60 -1.16
C LYS B 881 6.76 -22.32 0.20
N THR B 882 6.25 -22.99 1.24
CA THR B 882 6.79 -22.89 2.58
C THR B 882 7.41 -24.19 3.08
N ASP B 883 7.21 -25.30 2.37
CA ASP B 883 7.85 -26.56 2.70
C ASP B 883 9.33 -26.46 2.37
N ILE B 884 10.18 -26.49 3.40
CA ILE B 884 11.61 -26.32 3.17
C ILE B 884 12.21 -27.51 2.43
N GLU B 885 11.58 -28.68 2.48
CA GLU B 885 12.10 -29.85 1.79
C GLU B 885 11.85 -29.82 0.29
N GLN B 886 10.94 -28.96 -0.18
CA GLN B 886 10.71 -28.84 -1.61
C GLN B 886 11.83 -28.07 -2.31
N TYR B 887 12.45 -27.12 -1.61
CA TYR B 887 13.58 -26.40 -2.18
C TYR B 887 14.82 -27.27 -2.18
N LYS B 888 15.74 -26.97 -3.09
CA LYS B 888 16.97 -27.74 -3.22
C LYS B 888 18.10 -26.81 -3.62
N ASN B 889 19.15 -26.80 -2.80
CA ASN B 889 20.38 -26.07 -3.11
C ASN B 889 21.30 -26.96 -3.94
N GLY B 890 21.69 -26.47 -5.12
CA GLY B 890 22.47 -27.25 -6.05
C GLY B 890 23.96 -26.93 -6.01
N PHE B 891 24.76 -27.95 -6.30
CA PHE B 891 26.21 -27.82 -6.45
C PHE B 891 26.64 -28.68 -7.62
N VAL B 892 27.32 -28.06 -8.59
CA VAL B 892 27.71 -28.74 -9.81
C VAL B 892 29.21 -28.61 -10.01
N ASN B 893 29.80 -29.65 -10.59
CA ASN B 893 31.23 -29.67 -10.96
C ASN B 893 31.29 -30.39 -12.30
N LEU B 894 31.29 -29.59 -13.37
CA LEU B 894 31.25 -30.16 -14.72
C LEU B 894 32.51 -30.93 -15.06
N ALA B 895 33.57 -30.82 -14.25
CA ALA B 895 34.82 -31.50 -14.58
C ALA B 895 34.77 -32.99 -14.27
N LEU B 896 33.97 -33.40 -13.29
CA LEU B 896 33.98 -34.78 -12.84
C LEU B 896 33.24 -35.73 -13.78
N PRO B 897 31.98 -35.46 -14.17
CA PRO B 897 31.01 -34.43 -13.76
C PRO B 897 30.19 -34.88 -12.56
N PHE B 898 29.85 -33.94 -11.68
CA PHE B 898 29.09 -34.26 -10.48
C PHE B 898 27.91 -33.32 -10.35
N PHE B 899 26.75 -33.89 -10.01
CA PHE B 899 25.53 -33.12 -9.77
C PHE B 899 24.94 -33.55 -8.45
N GLY B 900 24.85 -32.63 -7.51
CA GLY B 900 24.28 -32.92 -6.21
C GLY B 900 23.36 -31.79 -5.78
N PHE B 901 22.30 -32.16 -5.07
CA PHE B 901 21.34 -31.20 -4.58
C PHE B 901 21.07 -31.49 -3.10
N SER B 902 21.06 -30.44 -2.29
CA SER B 902 20.87 -30.57 -0.85
C SER B 902 19.73 -29.67 -0.40
N GLU B 903 19.04 -30.12 0.66
CA GLU B 903 17.97 -29.32 1.22
C GLU B 903 18.53 -28.08 1.92
N PRO B 904 17.92 -26.92 1.74
CA PRO B 904 18.40 -25.71 2.42
C PRO B 904 18.35 -25.86 3.94
N ILE B 905 19.15 -25.05 4.60
CA ILE B 905 19.27 -25.09 6.06
C ILE B 905 18.27 -24.14 6.68
N ALA B 906 17.51 -24.64 7.65
CA ALA B 906 16.53 -23.81 8.35
C ALA B 906 17.23 -22.72 9.14
N SER B 907 16.57 -21.56 9.21
CA SER B 907 17.12 -20.43 9.94
C SER B 907 17.27 -20.79 11.41
N PRO B 908 18.40 -20.48 12.03
CA PRO B 908 18.58 -20.84 13.44
C PRO B 908 17.65 -20.07 14.35
N LYS B 909 17.13 -20.77 15.36
CA LYS B 909 16.20 -20.20 16.32
C LYS B 909 16.91 -19.93 17.65
N GLY B 910 16.44 -18.90 18.36
CA GLY B 910 16.96 -18.58 19.66
C GLY B 910 15.87 -18.43 20.69
N GLU B 911 16.21 -17.97 21.89
CA GLU B 911 15.21 -17.79 22.94
C GLU B 911 15.72 -16.80 23.97
N TYR B 912 14.80 -16.02 24.52
CA TYR B 912 15.08 -15.12 25.64
C TYR B 912 13.83 -14.97 26.48
N ASN B 913 13.96 -15.22 27.79
CA ASN B 913 12.82 -15.19 28.71
C ASN B 913 11.69 -16.10 28.23
N ASN B 914 12.06 -17.27 27.71
CA ASN B 914 11.13 -18.28 27.20
C ASN B 914 10.30 -17.76 26.03
N LYS B 915 10.76 -16.72 25.36
CA LYS B 915 10.08 -16.17 24.18
C LYS B 915 10.92 -16.51 22.96
N LYS B 916 10.45 -17.44 22.14
CA LYS B 916 11.21 -17.88 20.98
C LYS B 916 11.21 -16.82 19.89
N TYR B 917 12.29 -16.78 19.12
CA TYR B 917 12.42 -15.83 18.02
C TYR B 917 13.29 -16.45 16.93
N ASP B 918 13.32 -15.77 15.79
CA ASP B 918 14.16 -16.17 14.65
C ASP B 918 15.41 -15.31 14.67
N LYS B 919 16.58 -15.97 14.75
CA LYS B 919 17.84 -15.24 14.87
C LYS B 919 18.19 -14.48 13.61
N ILE B 920 17.60 -14.83 12.47
CA ILE B 920 17.94 -14.20 11.20
C ILE B 920 16.89 -13.16 10.81
N TRP B 921 15.60 -13.48 10.96
CA TRP B 921 14.53 -12.68 10.39
C TRP B 921 13.75 -11.85 11.39
N ASP B 922 13.63 -12.30 12.65
CA ASP B 922 12.85 -11.57 13.63
C ASP B 922 13.58 -10.30 14.08
N ARG B 923 12.80 -9.28 14.41
CA ARG B 923 13.34 -8.01 14.85
C ARG B 923 12.26 -7.25 15.61
N PHE B 924 12.70 -6.24 16.37
CA PHE B 924 11.79 -5.38 17.10
C PHE B 924 11.46 -4.15 16.27
N ASP B 925 10.18 -3.85 16.15
CA ASP B 925 9.70 -2.70 15.40
C ASP B 925 9.23 -1.63 16.39
N ILE B 926 9.96 -0.52 16.44
CA ILE B 926 9.63 0.60 17.31
C ILE B 926 9.13 1.74 16.44
N LYS B 927 7.96 2.28 16.78
CA LYS B 927 7.33 3.33 16.00
C LYS B 927 7.75 4.69 16.55
N GLY B 928 8.12 5.59 15.64
CA GLY B 928 8.49 6.93 16.01
C GLY B 928 9.93 7.04 16.47
N ASP B 929 10.44 8.27 16.47
CA ASP B 929 11.79 8.58 16.94
C ASP B 929 11.78 8.56 18.46
N ILE B 930 11.86 7.36 19.02
CA ILE B 930 11.79 7.20 20.46
C ILE B 930 13.06 7.73 21.12
N LYS B 931 12.94 8.14 22.38
CA LYS B 931 14.09 8.58 23.16
C LYS B 931 14.84 7.38 23.73
N LEU B 932 16.11 7.60 24.06
CA LEU B 932 16.95 6.53 24.56
C LEU B 932 16.44 6.02 25.92
N SER B 933 15.92 6.92 26.74
CA SER B 933 15.37 6.49 28.03
C SER B 933 14.12 5.66 27.84
N ASP B 934 13.20 6.11 26.98
CA ASP B 934 11.97 5.36 26.73
C ASP B 934 12.23 4.06 25.99
N LEU B 935 13.33 3.97 25.24
CA LEU B 935 13.65 2.74 24.53
C LEU B 935 14.08 1.64 25.50
N ILE B 936 14.93 1.98 26.48
CA ILE B 936 15.33 1.01 27.48
C ILE B 936 14.14 0.65 28.38
N GLU B 937 13.27 1.62 28.65
CA GLU B 937 12.09 1.34 29.48
C GLU B 937 11.11 0.43 28.76
N HIS B 938 10.94 0.60 27.45
CA HIS B 938 10.02 -0.25 26.71
C HIS B 938 10.51 -1.70 26.65
N PHE B 939 11.82 -1.91 26.71
CA PHE B 939 12.37 -3.26 26.65
C PHE B 939 12.44 -3.95 28.00
N GLU B 940 12.46 -3.19 29.09
CA GLU B 940 12.43 -3.81 30.42
C GLU B 940 11.00 -4.14 30.86
N LYS B 941 10.01 -3.41 30.34
CA LYS B 941 8.62 -3.64 30.70
C LYS B 941 7.96 -4.66 29.78
N ASP B 942 8.02 -4.44 28.46
CA ASP B 942 7.33 -5.31 27.53
C ASP B 942 8.09 -6.61 27.26
N GLU B 943 9.42 -6.55 27.26
CA GLU B 943 10.25 -7.71 26.95
C GLU B 943 11.07 -8.20 28.14
N GLY B 944 11.21 -7.41 29.19
CA GLY B 944 12.03 -7.79 30.32
C GLY B 944 13.51 -7.87 30.01
N LEU B 945 14.00 -7.00 29.15
CA LEU B 945 15.40 -7.00 28.74
C LEU B 945 16.01 -5.65 29.10
N GLU B 946 17.10 -5.69 29.87
CA GLU B 946 17.85 -4.48 30.22
C GLU B 946 18.93 -4.27 29.16
N ILE B 947 18.72 -3.30 28.27
CA ILE B 947 19.66 -3.01 27.20
C ILE B 947 20.97 -2.53 27.79
N THR B 948 22.04 -3.30 27.63
CA THR B 948 23.35 -2.94 28.15
C THR B 948 24.19 -2.17 27.14
N MET B 949 24.02 -2.44 25.85
CA MET B 949 24.74 -1.73 24.80
C MET B 949 23.83 -1.58 23.59
N LEU B 950 24.11 -0.55 22.79
CA LEU B 950 23.31 -0.24 21.61
C LEU B 950 24.20 0.46 20.59
N SER B 951 24.11 0.01 19.34
CA SER B 951 24.92 0.56 18.27
C SER B 951 24.06 0.83 17.04
N TYR B 952 24.59 1.67 16.15
CA TYR B 952 23.94 2.01 14.89
C TYR B 952 25.00 1.92 13.79
N GLY B 953 25.04 0.79 13.10
CA GLY B 953 26.07 0.57 12.11
C GLY B 953 27.43 0.32 12.75
N VAL B 954 28.37 1.25 12.57
CA VAL B 954 29.70 1.12 13.15
C VAL B 954 29.89 2.10 14.30
N SER B 955 28.81 2.62 14.88
CA SER B 955 28.87 3.64 15.91
C SER B 955 28.20 3.13 17.18
N LEU B 956 28.94 3.07 18.27
CA LEU B 956 28.39 2.69 19.56
C LEU B 956 27.73 3.90 20.20
N LEU B 957 26.43 3.79 20.48
CA LEU B 957 25.64 4.90 21.00
C LEU B 957 25.48 4.86 22.52
N TYR B 958 25.08 3.72 23.06
CA TYR B 958 24.77 3.61 24.48
C TYR B 958 25.54 2.45 25.09
N ALA B 959 25.92 2.62 26.36
CA ALA B 959 26.59 1.58 27.13
C ALA B 959 26.24 1.75 28.60
N SER B 960 25.86 0.65 29.25
CA SER B 960 25.44 0.71 30.64
C SER B 960 26.59 1.03 31.58
N PHE B 961 27.83 0.83 31.14
CA PHE B 961 29.00 1.11 31.96
C PHE B 961 29.57 2.50 31.74
N PHE B 962 28.86 3.37 31.02
CA PHE B 962 29.33 4.73 30.83
C PHE B 962 29.28 5.51 32.15
N PRO B 963 30.16 6.49 32.32
CA PRO B 963 30.10 7.34 33.51
C PRO B 963 28.82 8.15 33.54
N PRO B 964 28.39 8.62 34.71
CA PRO B 964 27.14 9.39 34.77
C PRO B 964 27.15 10.65 33.93
N LYS B 965 28.33 11.14 33.51
CA LYS B 965 28.37 12.31 32.65
C LYS B 965 27.95 11.97 31.22
N LYS B 966 28.44 10.84 30.69
CA LYS B 966 28.04 10.42 29.35
C LYS B 966 26.62 9.88 29.33
N LEU B 967 26.15 9.30 30.44
CA LEU B 967 24.80 8.76 30.49
C LEU B 967 23.77 9.88 30.46
N LYS B 968 23.86 10.82 31.40
CA LYS B 968 22.89 11.90 31.47
C LYS B 968 22.91 12.78 30.22
N GLU B 969 24.05 12.82 29.52
CA GLU B 969 24.16 13.64 28.32
C GLU B 969 23.37 13.04 27.16
N ARG B 970 23.40 11.71 27.02
CA ARG B 970 22.80 11.04 25.87
C ARG B 970 21.45 10.41 26.15
N LEU B 971 21.10 10.20 27.42
CA LEU B 971 19.82 9.57 27.75
C LEU B 971 18.63 10.43 27.36
N ASN B 972 18.80 11.75 27.24
CA ASN B 972 17.70 12.65 26.93
C ASN B 972 17.58 12.96 25.45
N LEU B 973 18.43 12.37 24.60
CA LEU B 973 18.35 12.68 23.18
C LEU B 973 17.59 11.61 22.43
N PRO B 974 16.85 11.99 21.37
CA PRO B 974 16.21 10.99 20.51
C PRO B 974 17.24 10.22 19.70
N ILE B 975 16.80 9.22 18.94
CA ILE B 975 17.73 8.35 18.23
C ILE B 975 18.46 9.12 17.13
N THR B 976 17.77 10.02 16.43
CA THR B 976 18.39 10.76 15.35
C THR B 976 19.44 11.74 15.90
N GLN B 977 19.08 12.50 16.94
CA GLN B 977 20.02 13.43 17.55
C GLN B 977 21.11 12.71 18.33
N LEU B 978 20.87 11.49 18.77
CA LEU B 978 21.91 10.71 19.44
C LEU B 978 23.01 10.35 18.46
N VAL B 979 22.65 10.02 17.23
CA VAL B 979 23.66 9.71 16.21
C VAL B 979 24.41 10.97 15.82
N LYS B 980 23.72 12.11 15.75
CA LYS B 980 24.39 13.36 15.42
C LYS B 980 25.42 13.74 16.47
N LEU B 981 25.11 13.52 17.75
CA LEU B 981 26.07 13.84 18.80
C LEU B 981 27.27 12.91 18.74
N VAL B 982 27.04 11.63 18.44
CA VAL B 982 28.11 10.64 18.48
C VAL B 982 28.93 10.66 17.20
N THR B 983 28.27 10.72 16.04
CA THR B 983 28.98 10.63 14.77
C THR B 983 29.31 11.99 14.16
N LYS B 984 28.86 13.09 14.77
CA LYS B 984 29.06 14.44 14.24
C LYS B 984 28.52 14.62 12.83
N LYS B 985 27.57 13.77 12.42
CA LYS B 985 26.98 13.81 11.10
C LYS B 985 25.47 13.71 11.23
N ASP B 986 24.76 14.36 10.32
CA ASP B 986 23.30 14.37 10.35
C ASP B 986 22.73 13.18 9.58
N ILE B 987 21.64 12.63 10.08
CA ILE B 987 20.89 11.59 9.38
C ILE B 987 20.14 12.25 8.24
N PRO B 988 20.38 11.85 6.99
CA PRO B 988 19.71 12.52 5.86
C PRO B 988 18.20 12.30 5.90
N ALA B 989 17.49 13.22 5.25
CA ALA B 989 16.03 13.21 5.26
C ALA B 989 15.45 12.02 4.51
N HIS B 990 16.19 11.44 3.57
CA HIS B 990 15.69 10.29 2.82
C HIS B 990 15.69 9.01 3.65
N VAL B 991 16.31 9.00 4.81
CA VAL B 991 16.33 7.81 5.67
C VAL B 991 15.03 7.73 6.43
N SER B 992 14.32 6.60 6.27
CA SER B 992 13.05 6.39 6.96
C SER B 992 13.14 5.38 8.09
N THR B 993 14.16 4.53 8.11
CA THR B 993 14.33 3.52 9.14
C THR B 993 15.79 3.49 9.58
N MET B 994 16.00 3.00 10.80
CA MET B 994 17.34 2.89 11.38
C MET B 994 17.46 1.54 12.06
N ILE B 995 18.59 0.86 11.84
CA ILE B 995 18.83 -0.46 12.37
C ILE B 995 19.77 -0.35 13.57
N LEU B 996 19.36 -0.92 14.70
CA LEU B 996 20.12 -0.85 15.94
C LEU B 996 20.42 -2.25 16.43
N GLU B 997 21.71 -2.54 16.64
CA GLU B 997 22.14 -3.79 17.26
C GLU B 997 22.27 -3.59 18.76
N ILE B 998 21.77 -4.56 19.53
CA ILE B 998 21.73 -4.44 20.99
C ILE B 998 22.21 -5.74 21.62
N CYS B 999 22.92 -5.61 22.74
CA CYS B 999 23.21 -6.71 23.64
C CYS B 999 22.54 -6.41 24.98
N ALA B 1000 21.90 -7.42 25.56
CA ALA B 1000 21.12 -7.19 26.77
C ALA B 1000 21.14 -8.42 27.65
N ASP B 1001 20.76 -8.21 28.91
CA ASP B 1001 20.63 -9.27 29.90
C ASP B 1001 19.15 -9.55 30.17
N ASP B 1002 18.85 -10.80 30.49
CA ASP B 1002 17.48 -11.23 30.74
C ASP B 1002 17.09 -10.83 32.17
N LYS B 1003 15.97 -11.38 32.65
CA LYS B 1003 15.50 -11.07 34.00
C LYS B 1003 16.40 -11.65 35.09
N GLU B 1004 17.36 -12.50 34.73
CA GLU B 1004 18.30 -13.07 35.68
C GLU B 1004 19.68 -12.42 35.64
N GLY B 1005 19.88 -11.45 34.75
CA GLY B 1005 21.15 -10.74 34.71
C GLY B 1005 22.26 -11.42 33.94
N GLU B 1006 21.92 -12.19 32.90
CA GLU B 1006 22.92 -12.88 32.10
C GLU B 1006 22.72 -12.51 30.63
N ASP B 1007 23.83 -12.38 29.90
CA ASP B 1007 23.78 -12.00 28.50
C ASP B 1007 23.08 -13.07 27.67
N VAL B 1008 22.23 -12.63 26.75
CA VAL B 1008 21.45 -13.53 25.90
C VAL B 1008 21.36 -12.91 24.50
N GLU B 1009 21.40 -13.76 23.48
CA GLU B 1009 21.28 -13.30 22.10
C GLU B 1009 19.87 -12.78 21.84
N VAL B 1010 19.78 -11.56 21.29
CA VAL B 1010 18.49 -10.91 21.06
C VAL B 1010 18.44 -10.40 19.64
N PRO B 1011 17.23 -10.22 19.08
CA PRO B 1011 17.11 -9.67 17.72
C PRO B 1011 17.56 -8.21 17.64
N PHE B 1012 17.56 -7.65 16.43
CA PHE B 1012 17.91 -6.25 16.24
C PHE B 1012 16.66 -5.38 16.30
N ILE B 1013 16.84 -4.06 16.17
CA ILE B 1013 15.78 -3.09 16.31
C ILE B 1013 15.64 -2.30 15.02
N THR B 1014 14.40 -2.04 14.61
CA THR B 1014 14.09 -1.19 13.47
C THR B 1014 13.34 0.03 14.00
N ILE B 1015 13.96 1.20 13.88
CA ILE B 1015 13.36 2.45 14.34
C ILE B 1015 12.67 3.09 13.14
N HIS B 1016 11.33 2.98 13.11
CA HIS B 1016 10.55 3.55 12.02
C HIS B 1016 10.36 5.04 12.28
N LEU B 1017 11.14 5.87 11.58
CA LEU B 1017 11.03 7.31 11.72
C LEU B 1017 9.78 7.83 11.01
N THR C 9 26.43 -10.34 12.48
CA THR C 9 26.75 -10.48 13.90
C THR C 9 28.25 -10.28 14.15
N ALA C 10 28.83 -9.30 13.45
CA ALA C 10 30.23 -8.96 13.65
C ALA C 10 30.41 -7.85 14.69
N SER C 11 29.62 -6.78 14.58
CA SER C 11 29.68 -5.71 15.57
C SER C 11 29.17 -6.18 16.94
N SER C 12 28.18 -7.08 16.95
CA SER C 12 27.65 -7.57 18.21
C SER C 12 28.66 -8.43 18.95
N LEU C 13 29.43 -9.24 18.22
CA LEU C 13 30.44 -10.08 18.86
C LEU C 13 31.60 -9.25 19.40
N LEU C 14 32.00 -8.21 18.67
CA LEU C 14 33.07 -7.34 19.15
C LEU C 14 32.64 -6.57 20.39
N LEU C 15 31.36 -6.20 20.48
CA LEU C 15 30.88 -5.49 21.66
C LEU C 15 30.91 -6.38 22.90
N ARG C 16 30.46 -7.64 22.76
CA ARG C 16 30.46 -8.54 23.91
C ARG C 16 31.87 -8.81 24.41
N GLN C 17 32.86 -8.80 23.52
CA GLN C 17 34.24 -8.98 23.96
C GLN C 17 34.86 -7.68 24.46
N TYR C 18 34.40 -6.54 23.92
CA TYR C 18 34.86 -5.25 24.43
C TYR C 18 34.33 -5.00 25.84
N ARG C 19 33.11 -5.48 26.13
CA ARG C 19 32.54 -5.31 27.46
C ARG C 19 33.23 -6.21 28.48
N GLU C 20 33.67 -7.40 28.07
CA GLU C 20 34.35 -8.31 28.99
C GLU C 20 35.77 -7.89 29.29
N LEU C 21 36.41 -7.12 28.40
CA LEU C 21 37.77 -6.64 28.61
C LEU C 21 37.84 -5.26 29.23
N THR C 22 36.69 -4.60 29.42
CA THR C 22 36.64 -3.31 30.08
C THR C 22 35.81 -3.34 31.36
N ASP C 23 35.09 -4.41 31.62
CA ASP C 23 34.38 -4.57 32.88
C ASP C 23 35.40 -4.72 34.01
N PRO C 24 35.33 -3.90 35.05
CA PRO C 24 36.38 -3.94 36.10
C PRO C 24 36.30 -5.18 36.98
N LYS C 25 35.53 -6.19 36.56
CA LYS C 25 35.50 -7.48 37.23
C LYS C 25 36.22 -8.58 36.47
N LYS C 26 36.10 -8.61 35.15
CA LYS C 26 36.74 -9.64 34.33
C LYS C 26 37.85 -9.10 33.43
N ALA C 27 38.14 -7.80 33.50
CA ALA C 27 39.16 -7.23 32.63
C ALA C 27 40.55 -7.73 32.99
N ILE C 28 41.30 -8.15 31.99
CA ILE C 28 42.68 -8.56 32.18
C ILE C 28 43.52 -7.31 32.42
N PRO C 29 44.27 -7.24 33.53
CA PRO C 29 45.02 -6.02 33.84
C PRO C 29 46.19 -5.76 32.90
N SER C 30 46.43 -6.63 31.91
CA SER C 30 47.54 -6.47 30.98
C SER C 30 47.20 -5.60 29.77
N PHE C 31 45.93 -5.23 29.58
CA PHE C 31 45.52 -4.49 28.39
C PHE C 31 44.55 -3.38 28.78
N HIS C 32 44.79 -2.19 28.25
CA HIS C 32 43.91 -1.04 28.42
C HIS C 32 43.24 -0.76 27.08
N ILE C 33 41.95 -1.09 26.98
CA ILE C 33 41.20 -1.03 25.72
C ILE C 33 40.30 0.19 25.73
N GLU C 34 40.33 0.97 24.65
CA GLU C 34 39.43 2.10 24.46
C GLU C 34 39.11 2.22 22.98
N LEU C 35 37.88 2.65 22.70
CA LEU C 35 37.43 2.84 21.32
C LEU C 35 37.97 4.14 20.74
N GLU C 36 38.17 4.14 19.43
CA GLU C 36 38.57 5.35 18.72
C GLU C 36 37.39 6.32 18.65
N ASP C 37 37.59 7.53 19.16
CA ASP C 37 36.56 8.56 19.26
C ASP C 37 35.38 8.13 20.12
N ASP C 38 35.56 7.08 20.93
CA ASP C 38 34.53 6.52 21.81
C ASP C 38 33.28 6.08 21.03
N SER C 39 33.39 5.94 19.71
CA SER C 39 32.25 5.57 18.89
C SER C 39 32.51 4.47 17.87
N ASN C 40 33.75 4.25 17.45
CA ASN C 40 34.05 3.28 16.41
C ASN C 40 34.36 1.93 17.04
N ILE C 41 33.52 0.94 16.75
CA ILE C 41 33.74 -0.41 17.29
C ILE C 41 34.82 -1.15 16.53
N PHE C 42 35.13 -0.75 15.29
CA PHE C 42 36.09 -1.44 14.46
C PHE C 42 37.48 -0.79 14.49
N THR C 43 37.74 0.07 15.48
CA THR C 43 39.06 0.69 15.61
C THR C 43 39.36 0.85 17.09
N TRP C 44 40.27 0.04 17.61
CA TRP C 44 40.61 0.03 19.02
C TRP C 44 42.01 0.58 19.24
N ASN C 45 42.16 1.45 20.25
CA ASN C 45 43.46 1.94 20.69
C ASN C 45 43.81 1.20 21.98
N ILE C 46 44.76 0.28 21.90
CA ILE C 46 45.07 -0.63 23.00
C ILE C 46 46.47 -0.30 23.53
N GLY C 47 46.59 -0.24 24.85
CA GLY C 47 47.87 -0.09 25.51
C GLY C 47 48.37 -1.41 26.05
N VAL C 48 49.44 -1.93 25.49
CA VAL C 48 49.97 -3.25 25.86
C VAL C 48 50.92 -3.10 27.04
N MET C 49 50.70 -3.90 28.09
CA MET C 49 51.52 -3.88 29.29
C MET C 49 52.00 -5.30 29.60
N VAL C 50 53.24 -5.40 30.05
CA VAL C 50 53.85 -6.69 30.42
C VAL C 50 53.97 -6.71 31.94
N LEU C 51 53.10 -7.47 32.59
CA LEU C 51 53.10 -7.55 34.05
C LEU C 51 54.19 -8.46 34.61
N ASN C 52 54.85 -9.25 33.75
CA ASN C 52 55.91 -10.13 34.21
C ASN C 52 57.10 -9.30 34.69
N GLU C 53 57.53 -9.53 35.93
CA GLU C 53 58.62 -8.73 36.49
C GLU C 53 59.96 -9.09 35.87
N ASP C 54 60.16 -10.36 35.51
CA ASP C 54 61.43 -10.79 34.92
C ASP C 54 61.56 -10.38 33.46
N SER C 55 60.48 -9.94 32.82
CA SER C 55 60.57 -9.54 31.43
C SER C 55 61.29 -8.21 31.29
N ILE C 56 61.94 -8.03 30.14
CA ILE C 56 62.65 -6.78 29.87
C ILE C 56 61.66 -5.64 29.66
N TYR C 57 60.47 -5.94 29.15
CA TYR C 57 59.46 -4.93 28.86
C TYR C 57 58.59 -4.59 30.08
N HIS C 58 59.05 -4.91 31.29
CA HIS C 58 58.27 -4.64 32.49
C HIS C 58 58.15 -3.15 32.71
N GLY C 59 56.99 -2.71 33.20
CA GLY C 59 56.74 -1.32 33.48
C GLY C 59 56.38 -0.47 32.29
N GLY C 60 56.29 -1.06 31.08
CA GLY C 60 56.00 -0.28 29.89
C GLY C 60 54.51 -0.20 29.59
N PHE C 61 54.15 0.82 28.81
CA PHE C 61 52.77 1.06 28.35
C PHE C 61 52.87 1.45 26.88
N PHE C 62 52.79 0.46 26.00
CA PHE C 62 52.99 0.68 24.57
C PHE C 62 51.64 0.88 23.89
N LYS C 63 51.41 2.09 23.42
CA LYS C 63 50.16 2.40 22.73
C LYS C 63 50.15 1.77 21.33
N ALA C 64 48.98 1.28 20.93
CA ALA C 64 48.82 0.64 19.63
C ALA C 64 47.41 0.90 19.13
N GLN C 65 47.15 0.46 17.90
CA GLN C 65 45.85 0.65 17.28
C GLN C 65 45.47 -0.60 16.51
N MET C 66 44.24 -1.08 16.73
CA MET C 66 43.70 -2.26 16.06
C MET C 66 42.56 -1.83 15.15
N ARG C 67 42.60 -2.29 13.89
CA ARG C 67 41.56 -2.04 12.91
C ARG C 67 40.95 -3.38 12.53
N PHE C 68 39.67 -3.58 12.87
CA PHE C 68 38.94 -4.82 12.62
C PHE C 68 38.21 -4.77 11.29
N PRO C 69 38.29 -5.83 10.50
CA PRO C 69 37.54 -5.88 9.24
C PRO C 69 36.05 -6.10 9.50
N GLU C 70 35.28 -6.00 8.43
CA GLU C 70 33.83 -6.16 8.55
C GLU C 70 33.44 -7.61 8.86
N ASP C 71 34.24 -8.58 8.43
CA ASP C 71 33.92 -9.99 8.59
C ASP C 71 34.58 -10.62 9.80
N PHE C 72 34.73 -9.87 10.89
CA PHE C 72 35.26 -10.44 12.12
C PHE C 72 34.27 -11.47 12.68
N PRO C 73 34.76 -12.59 13.24
CA PRO C 73 36.17 -12.97 13.39
C PRO C 73 36.68 -13.91 12.30
N PHE C 74 36.00 -13.93 11.15
CA PHE C 74 36.42 -14.79 10.06
C PHE C 74 37.61 -14.24 9.28
N SER C 75 37.98 -12.98 9.51
CA SER C 75 39.17 -12.39 8.91
C SER C 75 40.04 -11.79 10.00
N PRO C 76 41.36 -11.95 9.92
CA PRO C 76 42.25 -11.44 10.97
C PRO C 76 42.32 -9.92 10.94
N PRO C 77 42.35 -9.29 12.10
CA PRO C 77 42.43 -7.82 12.16
C PRO C 77 43.86 -7.32 12.03
N GLN C 78 43.99 -6.03 11.76
CA GLN C 78 45.28 -5.39 11.63
C GLN C 78 45.73 -4.81 12.96
N PHE C 79 47.03 -4.87 13.22
CA PHE C 79 47.63 -4.39 14.46
C PHE C 79 48.83 -3.51 14.14
N ARG C 80 48.87 -2.31 14.71
CA ARG C 80 49.93 -1.36 14.44
C ARG C 80 50.35 -0.67 15.73
N PHE C 81 51.65 -0.62 15.99
CA PHE C 81 52.18 0.06 17.16
C PHE C 81 52.32 1.55 16.87
N THR C 82 51.80 2.37 17.78
CA THR C 82 51.88 3.83 17.66
C THR C 82 52.51 4.39 18.93
N PRO C 83 53.81 4.75 18.91
CA PRO C 83 54.66 4.61 17.72
C PRO C 83 55.27 3.22 17.59
N ALA C 84 55.97 2.97 16.50
CA ALA C 84 56.62 1.68 16.29
C ALA C 84 57.72 1.46 17.33
N ILE C 85 57.93 0.19 17.68
CA ILE C 85 58.92 -0.19 18.68
C ILE C 85 59.99 -1.06 18.04
N TYR C 86 61.10 -1.21 18.77
CA TYR C 86 62.24 -2.02 18.33
C TYR C 86 62.01 -3.46 18.77
N HIS C 87 61.71 -4.34 17.81
CA HIS C 87 61.43 -5.72 18.13
C HIS C 87 61.68 -6.58 16.90
N PRO C 88 62.20 -7.80 17.05
CA PRO C 88 62.51 -8.62 15.86
C PRO C 88 61.29 -8.98 15.03
N ASN C 89 60.09 -8.87 15.59
CA ASN C 89 58.87 -9.28 14.90
C ASN C 89 57.95 -8.10 14.61
N VAL C 90 58.48 -6.89 14.55
CA VAL C 90 57.69 -5.69 14.32
C VAL C 90 58.33 -4.92 13.15
N TYR C 91 57.48 -4.46 12.22
CA TYR C 91 57.98 -3.73 11.07
C TYR C 91 58.43 -2.32 11.49
N ARG C 92 58.98 -1.59 10.52
CA ARG C 92 59.47 -0.24 10.79
C ARG C 92 58.33 0.72 11.10
N ASP C 93 57.14 0.47 10.54
CA ASP C 93 55.98 1.30 10.82
C ASP C 93 55.14 0.80 11.98
N GLY C 94 55.40 -0.41 12.46
CA GLY C 94 54.71 -0.96 13.61
C GLY C 94 53.70 -2.05 13.31
N ARG C 95 53.61 -2.52 12.06
CA ARG C 95 52.62 -3.52 11.73
C ARG C 95 52.98 -4.87 12.33
N LEU C 96 51.99 -5.75 12.39
CA LEU C 96 52.15 -7.08 12.97
C LEU C 96 51.19 -8.05 12.28
N CYS C 97 51.35 -9.33 12.60
CA CYS C 97 50.45 -10.37 12.09
C CYS C 97 49.76 -11.10 13.22
N PRO C 119 38.38 -18.79 13.47
CA PRO C 119 37.06 -18.61 14.07
C PRO C 119 37.05 -18.90 15.57
N VAL C 120 37.86 -19.88 15.98
CA VAL C 120 37.98 -20.23 17.39
C VAL C 120 38.75 -19.20 18.19
N GLN C 121 39.42 -18.26 17.53
CA GLN C 121 40.26 -17.31 18.22
C GLN C 121 39.46 -16.06 18.60
N THR C 122 39.76 -15.50 19.76
CA THR C 122 39.10 -14.33 20.31
C THR C 122 40.08 -13.17 20.40
N VAL C 123 39.52 -11.97 20.65
CA VAL C 123 40.36 -10.79 20.81
C VAL C 123 41.28 -10.95 22.01
N GLU C 124 40.78 -11.61 23.06
CA GLU C 124 41.63 -11.88 24.22
C GLU C 124 42.81 -12.78 23.85
N SER C 125 42.56 -13.80 23.01
CA SER C 125 43.63 -14.69 22.60
C SER C 125 44.65 -13.97 21.73
N VAL C 126 44.22 -13.00 20.94
CA VAL C 126 45.15 -12.28 20.07
C VAL C 126 46.09 -11.43 20.91
N LEU C 127 45.55 -10.68 21.87
CA LEU C 127 46.39 -9.84 22.71
C LEU C 127 47.34 -10.67 23.56
N ILE C 128 46.86 -11.79 24.10
CA ILE C 128 47.72 -12.68 24.87
C ILE C 128 48.80 -13.29 23.98
N SER C 129 48.48 -13.52 22.70
CA SER C 129 49.49 -14.00 21.77
C SER C 129 50.56 -12.94 21.48
N ILE C 130 50.24 -11.66 21.65
CA ILE C 130 51.21 -10.61 21.35
C ILE C 130 52.25 -10.49 22.47
N VAL C 131 51.80 -10.49 23.72
CA VAL C 131 52.74 -10.39 24.83
C VAL C 131 53.61 -11.64 24.89
N SER C 132 53.13 -12.77 24.38
CA SER C 132 53.95 -13.97 24.32
C SER C 132 55.11 -13.80 23.34
N LEU C 133 54.88 -13.06 22.25
CA LEU C 133 55.97 -12.76 21.33
C LEU C 133 56.95 -11.77 21.94
N LEU C 134 56.47 -10.89 22.82
CA LEU C 134 57.34 -9.89 23.44
C LEU C 134 58.40 -10.53 24.31
N GLU C 135 58.06 -11.62 25.02
CA GLU C 135 59.01 -12.28 25.88
C GLU C 135 59.81 -13.36 25.16
N ASP C 136 59.22 -14.03 24.17
CA ASP C 136 59.89 -15.07 23.39
C ASP C 136 59.72 -14.75 21.92
N PRO C 137 60.62 -13.95 21.34
CA PRO C 137 60.48 -13.59 19.92
C PRO C 137 60.79 -14.78 19.02
N ASN C 138 60.04 -14.85 17.91
CA ASN C 138 60.21 -15.92 16.92
C ASN C 138 61.31 -15.47 15.97
N ILE C 139 62.55 -15.85 16.29
CA ILE C 139 63.71 -15.38 15.53
C ILE C 139 63.71 -15.92 14.10
N ASN C 140 62.98 -17.00 13.83
CA ASN C 140 62.97 -17.57 12.48
C ASN C 140 62.21 -16.69 11.49
N SER C 141 61.22 -15.94 11.95
CA SER C 141 60.40 -15.08 11.09
C SER C 141 60.59 -13.62 11.51
N PRO C 142 61.70 -13.00 11.12
CA PRO C 142 61.97 -11.62 11.52
C PRO C 142 61.41 -10.60 10.54
N LYS C 143 61.03 -9.44 11.09
CA LYS C 143 60.60 -8.29 10.31
C LYS C 143 61.63 -7.18 10.33
N ASN C 144 62.11 -6.81 11.52
CA ASN C 144 63.28 -5.92 11.65
C ASN C 144 64.51 -6.81 11.65
N VAL C 145 65.16 -6.91 10.49
CA VAL C 145 66.37 -7.74 10.39
C VAL C 145 67.44 -7.22 11.32
N ASP C 146 67.45 -5.91 11.59
CA ASP C 146 68.39 -5.34 12.54
C ASP C 146 68.08 -5.83 13.97
N ALA C 147 66.81 -5.77 14.37
CA ALA C 147 66.45 -6.18 15.72
C ALA C 147 66.60 -7.68 15.92
N ALA C 148 66.45 -8.47 14.86
CA ALA C 148 66.61 -9.92 15.01
C ALA C 148 68.08 -10.27 15.22
N VAL C 149 68.98 -9.66 14.46
CA VAL C 149 70.41 -9.95 14.62
C VAL C 149 70.93 -9.37 15.93
N ASP C 150 70.28 -8.32 16.45
CA ASP C 150 70.69 -7.78 17.73
C ASP C 150 70.21 -8.63 18.89
N TYR C 151 69.11 -9.37 18.70
CA TYR C 151 68.60 -10.22 19.77
C TYR C 151 69.53 -11.40 20.03
N ARG C 152 70.19 -11.90 19.00
CA ARG C 152 71.02 -13.10 19.12
C ARG C 152 72.51 -12.81 19.19
N LYS C 153 72.99 -11.82 18.44
CA LYS C 153 74.43 -11.59 18.39
C LYS C 153 74.89 -10.52 19.37
N ASN C 154 74.11 -9.45 19.58
CA ASN C 154 74.48 -8.34 20.45
C ASN C 154 73.45 -8.19 21.56
N PRO C 155 73.46 -9.08 22.55
CA PRO C 155 72.43 -9.01 23.61
C PRO C 155 72.48 -7.73 24.42
N GLU C 156 73.68 -7.22 24.73
CA GLU C 156 73.79 -6.02 25.54
C GLU C 156 73.18 -4.81 24.84
N GLN C 157 73.30 -4.75 23.51
CA GLN C 157 72.71 -3.64 22.77
C GLN C 157 71.19 -3.78 22.67
N TYR C 158 70.70 -5.02 22.53
CA TYR C 158 69.26 -5.22 22.40
C TYR C 158 68.53 -4.78 23.66
N LYS C 159 69.08 -5.10 24.84
CA LYS C 159 68.46 -4.66 26.08
C LYS C 159 68.44 -3.14 26.21
N GLN C 160 69.47 -2.47 25.69
CA GLN C 160 69.51 -1.02 25.78
C GLN C 160 68.50 -0.37 24.84
N ARG C 161 68.30 -0.93 23.65
CA ARG C 161 67.30 -0.39 22.74
C ARG C 161 65.89 -0.62 23.27
N VAL C 162 65.67 -1.72 24.00
CA VAL C 162 64.36 -1.98 24.59
C VAL C 162 64.13 -1.08 25.80
N LYS C 163 65.16 -0.91 26.64
CA LYS C 163 65.05 -0.08 27.83
C LYS C 163 64.71 1.37 27.46
N MET C 164 65.30 1.88 26.38
CA MET C 164 64.95 3.22 25.93
C MET C 164 63.52 3.27 25.41
N GLU C 165 63.05 2.16 24.83
CA GLU C 165 61.67 2.12 24.37
C GLU C 165 60.70 2.07 25.54
N VAL C 166 61.10 1.46 26.66
CA VAL C 166 60.24 1.42 27.83
C VAL C 166 60.14 2.81 28.45
N GLU C 167 61.23 3.56 28.46
CA GLU C 167 61.21 4.91 29.02
C GLU C 167 60.40 5.86 28.14
N ARG C 168 60.56 5.74 26.81
CA ARG C 168 59.74 6.50 25.88
C ARG C 168 58.28 6.04 25.91
N SER C 169 58.02 4.84 26.44
CA SER C 169 56.65 4.39 26.60
C SER C 169 55.97 4.99 27.83
N LYS C 170 56.73 5.35 28.86
CA LYS C 170 56.12 5.89 30.06
C LYS C 170 55.55 7.29 29.87
N GLN C 171 55.97 8.02 28.85
CA GLN C 171 55.36 9.33 28.60
C GLN C 171 53.98 9.22 27.95
N ASP C 172 53.69 8.12 27.26
CA ASP C 172 52.37 7.96 26.63
C ASP C 172 51.43 7.20 27.55
N ILE C 173 51.42 7.61 28.81
CA ILE C 173 50.53 7.07 29.84
C ILE C 173 49.46 8.14 30.11
N PRO C 174 48.20 7.75 30.37
CA PRO C 174 47.21 8.76 30.76
C PRO C 174 47.49 9.28 32.15
N LYS C 175 46.54 10.00 32.77
CA LYS C 175 46.78 10.65 34.04
C LYS C 175 46.11 9.94 35.21
N GLY C 176 44.83 9.61 35.08
CA GLY C 176 44.17 8.88 36.16
C GLY C 176 44.56 7.42 36.24
N PHE C 177 45.27 6.90 35.24
CA PHE C 177 45.61 5.49 35.19
C PHE C 177 46.71 5.14 36.19
N ILE C 178 46.52 4.00 36.86
CA ILE C 178 47.49 3.42 37.77
C ILE C 178 47.93 2.08 37.18
N MET C 179 49.20 1.73 37.34
CA MET C 179 49.71 0.50 36.75
C MET C 179 49.64 -0.64 37.75
N PRO C 180 48.91 -1.72 37.45
CA PRO C 180 48.78 -2.82 38.40
C PRO C 180 49.96 -3.80 38.29
N THR C 181 49.97 -4.74 39.22
CA THR C 181 50.98 -5.80 39.27
C THR C 181 52.40 -5.24 39.29
N GLY D 5 -39.44 38.20 45.66
CA GLY D 5 -39.59 37.73 47.02
C GLY D 5 -39.48 38.83 48.07
N GLU D 6 -40.37 39.82 47.98
CA GLU D 6 -40.38 40.94 48.89
C GLU D 6 -41.69 40.95 49.67
N ILE D 7 -41.62 41.42 50.92
CA ILE D 7 -42.77 41.55 51.79
C ILE D 7 -42.88 43.02 52.19
N ASP D 8 -44.05 43.61 51.96
CA ASP D 8 -44.29 45.01 52.30
C ASP D 8 -44.45 45.10 53.81
N GLU D 9 -43.38 45.45 54.50
CA GLU D 9 -43.40 45.57 55.96
C GLU D 9 -44.10 46.84 56.42
N SER D 10 -44.49 47.72 55.51
CA SER D 10 -45.31 48.87 55.88
C SER D 10 -46.79 48.52 55.92
N LEU D 11 -47.21 47.59 55.07
CA LEU D 11 -48.59 47.13 55.01
C LEU D 11 -48.82 45.89 55.88
N TYR D 12 -47.89 44.93 55.85
CA TYR D 12 -47.99 43.72 56.64
C TYR D 12 -47.17 43.81 57.93
N SER D 13 -47.07 45.00 58.52
CA SER D 13 -46.25 45.18 59.71
C SER D 13 -46.78 44.34 60.87
N ARG D 14 -48.02 44.57 61.27
CA ARG D 14 -48.60 43.85 62.40
C ARG D 14 -48.84 42.38 62.09
N GLN D 15 -49.00 42.02 60.82
CA GLN D 15 -49.24 40.63 60.45
C GLN D 15 -47.95 39.81 60.39
N LEU D 16 -46.83 40.44 60.01
CA LEU D 16 -45.57 39.71 59.94
C LEU D 16 -45.17 39.13 61.29
N TYR D 17 -45.51 39.82 62.37
CA TYR D 17 -45.20 39.32 63.71
C TYR D 17 -46.05 38.11 64.10
N VAL D 18 -47.07 37.77 63.31
CA VAL D 18 -47.88 36.59 63.55
C VAL D 18 -47.42 35.42 62.68
N LEU D 19 -47.26 35.67 61.37
CA LEU D 19 -46.97 34.59 60.43
C LEU D 19 -45.48 34.40 60.18
N GLY D 20 -44.66 35.43 60.32
CA GLY D 20 -43.25 35.34 60.06
C GLY D 20 -42.92 35.47 58.58
N LYS D 21 -41.63 35.68 58.30
CA LYS D 21 -41.20 35.93 56.93
C LYS D 21 -41.27 34.67 56.09
N GLU D 22 -40.87 33.53 56.65
CA GLU D 22 -40.84 32.29 55.88
C GLU D 22 -42.24 31.88 55.46
N ALA D 23 -43.20 31.97 56.37
CA ALA D 23 -44.56 31.56 56.04
C ALA D 23 -45.19 32.53 55.04
N MET D 24 -44.94 33.82 55.21
CA MET D 24 -45.50 34.81 54.29
C MET D 24 -44.89 34.73 52.90
N LEU D 25 -43.68 34.17 52.77
CA LEU D 25 -43.10 34.01 51.45
C LEU D 25 -43.72 32.84 50.69
N LYS D 26 -44.12 31.78 51.40
CA LYS D 26 -44.87 30.70 50.76
C LYS D 26 -46.29 31.11 50.43
N MET D 27 -46.88 31.98 51.26
CA MET D 27 -48.24 32.45 50.99
C MET D 27 -48.30 33.25 49.71
N GLN D 28 -47.26 34.04 49.43
CA GLN D 28 -47.18 34.84 48.21
C GLN D 28 -46.91 34.01 46.97
N THR D 29 -46.89 32.69 47.07
CA THR D 29 -46.73 31.81 45.92
C THR D 29 -47.85 30.78 45.81
N SER D 30 -48.98 31.02 46.48
CA SER D 30 -50.10 30.09 46.49
C SER D 30 -51.34 30.79 45.94
N ASN D 31 -52.00 30.12 44.99
CA ASN D 31 -53.24 30.61 44.40
C ASN D 31 -54.42 29.92 45.06
N VAL D 32 -55.38 30.71 45.52
CA VAL D 32 -56.53 30.23 46.28
C VAL D 32 -57.77 30.37 45.41
N LEU D 33 -58.59 29.32 45.39
CA LEU D 33 -59.88 29.31 44.71
C LEU D 33 -60.99 29.11 45.74
N ILE D 34 -61.99 29.97 45.72
CA ILE D 34 -63.11 29.92 46.65
C ILE D 34 -64.38 29.68 45.86
N LEU D 35 -65.12 28.62 46.20
CA LEU D 35 -66.35 28.25 45.51
C LEU D 35 -67.55 28.71 46.31
N GLY D 36 -68.38 29.56 45.71
CA GLY D 36 -69.53 30.09 46.40
C GLY D 36 -69.24 31.38 47.14
N LEU D 37 -70.01 32.42 46.84
CA LEU D 37 -69.76 33.73 47.41
C LEU D 37 -70.96 34.24 48.21
N LYS D 38 -71.50 33.38 49.07
CA LYS D 38 -72.50 33.81 50.03
C LYS D 38 -71.79 34.49 51.20
N GLY D 39 -72.50 34.70 52.30
CA GLY D 39 -71.88 35.34 53.45
C GLY D 39 -70.62 34.62 53.91
N LEU D 40 -70.67 33.29 53.97
CA LEU D 40 -69.50 32.53 54.37
C LEU D 40 -68.40 32.60 53.34
N GLY D 41 -68.75 32.66 52.06
CA GLY D 41 -67.72 32.72 51.03
C GLY D 41 -67.02 34.06 50.98
N VAL D 42 -67.79 35.15 51.05
CA VAL D 42 -67.19 36.49 51.00
C VAL D 42 -66.43 36.79 52.29
N GLU D 43 -66.80 36.16 53.40
CA GLU D 43 -66.06 36.36 54.63
C GLU D 43 -64.69 35.67 54.55
N ILE D 44 -64.65 34.48 53.95
CA ILE D 44 -63.37 33.82 53.74
C ILE D 44 -62.55 34.58 52.71
N ALA D 45 -63.19 35.08 51.66
CA ALA D 45 -62.46 35.80 50.63
C ALA D 45 -61.86 37.10 51.17
N LYS D 46 -62.58 37.79 52.05
CA LYS D 46 -62.07 39.05 52.59
C LYS D 46 -60.82 38.81 53.43
N ASN D 47 -60.87 37.82 54.32
CA ASN D 47 -59.75 37.58 55.22
C ASN D 47 -58.54 37.01 54.48
N VAL D 48 -58.77 36.21 53.44
CA VAL D 48 -57.64 35.64 52.71
C VAL D 48 -56.99 36.69 51.82
N VAL D 49 -57.79 37.54 51.18
CA VAL D 49 -57.24 38.62 50.36
C VAL D 49 -56.46 39.60 51.23
N LEU D 50 -57.00 39.92 52.41
CA LEU D 50 -56.29 40.80 53.33
C LEU D 50 -54.98 40.20 53.79
N ALA D 51 -54.91 38.86 53.87
CA ALA D 51 -53.70 38.19 54.33
C ALA D 51 -52.58 38.24 53.30
N GLY D 52 -52.89 38.56 52.05
CA GLY D 52 -51.86 38.69 51.04
C GLY D 52 -51.40 37.38 50.42
N VAL D 53 -52.33 36.68 49.76
CA VAL D 53 -51.99 35.49 48.98
C VAL D 53 -51.57 35.91 47.58
N LYS D 54 -50.99 34.98 46.82
CA LYS D 54 -50.50 35.31 45.49
C LYS D 54 -51.64 35.77 44.59
N SER D 55 -52.71 34.98 44.51
CA SER D 55 -53.86 35.33 43.69
C SER D 55 -55.12 34.78 44.32
N MET D 56 -56.23 35.47 44.06
CA MET D 56 -57.53 35.06 44.57
C MET D 56 -58.49 34.88 43.41
N THR D 57 -59.17 33.74 43.38
CA THR D 57 -60.16 33.44 42.35
C THR D 57 -61.46 33.02 43.03
N VAL D 58 -62.57 33.60 42.58
CA VAL D 58 -63.89 33.30 43.11
C VAL D 58 -64.74 32.72 41.99
N PHE D 59 -65.74 31.91 42.39
CA PHE D 59 -66.63 31.25 41.43
C PHE D 59 -68.02 31.14 42.05
N ASP D 60 -68.97 31.90 41.50
CA ASP D 60 -70.37 31.79 41.92
C ASP D 60 -71.30 32.32 40.83
N PRO D 61 -71.74 31.48 39.90
CA PRO D 61 -72.63 31.92 38.83
C PRO D 61 -74.09 32.06 39.23
N GLU D 62 -74.42 31.96 40.51
CA GLU D 62 -75.80 32.05 40.96
C GLU D 62 -76.27 33.50 40.94
N PRO D 63 -77.54 33.74 40.62
CA PRO D 63 -78.05 35.11 40.63
C PRO D 63 -78.21 35.65 42.04
N VAL D 64 -77.99 36.95 42.19
CA VAL D 64 -78.11 37.59 43.50
C VAL D 64 -79.59 37.74 43.84
N GLN D 65 -79.98 37.20 44.99
CA GLN D 65 -81.32 37.37 45.52
C GLN D 65 -81.28 38.24 46.77
N LEU D 66 -82.44 38.82 47.09
CA LEU D 66 -82.52 39.73 48.23
C LEU D 66 -82.20 39.02 49.54
N ALA D 67 -82.55 37.74 49.67
CA ALA D 67 -82.29 37.00 50.90
C ALA D 67 -80.81 36.79 51.15
N ASP D 68 -79.96 36.87 50.12
CA ASP D 68 -78.53 36.69 50.30
C ASP D 68 -77.87 37.84 51.05
N LEU D 69 -78.52 39.01 51.09
CA LEU D 69 -77.95 40.17 51.77
C LEU D 69 -77.96 40.03 53.30
N SER D 70 -78.38 38.88 53.83
CA SER D 70 -78.41 38.71 55.28
C SER D 70 -77.00 38.70 55.86
N THR D 71 -76.07 38.01 55.20
CA THR D 71 -74.70 37.88 55.65
C THR D 71 -73.68 38.39 54.65
N GLN D 72 -74.03 38.52 53.38
CA GLN D 72 -73.12 39.03 52.37
C GLN D 72 -73.14 40.55 52.44
N PHE D 73 -72.00 41.15 52.80
CA PHE D 73 -71.94 42.60 53.00
C PHE D 73 -71.58 43.36 51.72
N PHE D 74 -71.15 42.68 50.66
CA PHE D 74 -70.80 43.33 49.41
C PHE D 74 -71.93 43.34 48.39
N LEU D 75 -73.14 42.97 48.80
CA LEU D 75 -74.31 42.97 47.94
C LEU D 75 -75.24 44.11 48.33
N THR D 76 -75.82 44.75 47.32
CA THR D 76 -76.82 45.80 47.51
C THR D 76 -78.07 45.43 46.74
N GLU D 77 -79.15 46.18 46.98
CA GLU D 77 -80.41 45.91 46.30
C GLU D 77 -80.30 46.14 44.79
N LYS D 78 -79.36 46.99 44.37
CA LYS D 78 -79.14 47.20 42.94
C LYS D 78 -78.46 46.03 42.27
N ASP D 79 -77.77 45.18 43.02
CA ASP D 79 -77.06 44.04 42.46
C ASP D 79 -77.95 42.82 42.28
N ILE D 80 -79.23 42.93 42.59
CA ILE D 80 -80.12 41.77 42.49
C ILE D 80 -80.30 41.40 41.02
N GLY D 81 -80.08 40.13 40.71
CA GLY D 81 -80.24 39.65 39.36
C GLY D 81 -78.93 39.24 38.70
N GLN D 82 -77.87 39.96 38.98
CA GLN D 82 -76.57 39.65 38.39
C GLN D 82 -75.89 38.54 39.20
N LYS D 83 -74.82 38.00 38.63
CA LYS D 83 -74.11 36.89 39.26
C LYS D 83 -73.37 37.38 40.52
N ARG D 84 -73.35 36.51 41.53
CA ARG D 84 -72.72 36.86 42.80
C ARG D 84 -71.22 37.10 42.63
N GLY D 85 -70.57 36.29 41.80
CA GLY D 85 -69.13 36.41 41.64
C GLY D 85 -68.72 37.69 40.95
N ASP D 86 -69.50 38.12 39.95
CA ASP D 86 -69.13 39.30 39.17
C ASP D 86 -69.25 40.57 40.00
N VAL D 87 -70.33 40.70 40.77
CA VAL D 87 -70.53 41.93 41.55
C VAL D 87 -69.60 41.98 42.75
N THR D 88 -69.01 40.86 43.14
CA THR D 88 -68.12 40.82 44.30
C THR D 88 -66.65 41.03 43.92
N ARG D 89 -66.25 40.62 42.71
CA ARG D 89 -64.86 40.74 42.30
C ARG D 89 -64.37 42.18 42.37
N ALA D 90 -65.23 43.13 42.01
CA ALA D 90 -64.83 44.54 42.06
C ALA D 90 -64.53 44.96 43.48
N LYS D 91 -65.43 44.62 44.42
CA LYS D 91 -65.24 45.03 45.81
C LYS D 91 -64.20 44.19 46.54
N LEU D 92 -63.91 42.98 46.06
CA LEU D 92 -62.89 42.18 46.71
C LEU D 92 -61.48 42.66 46.37
N ALA D 93 -61.24 43.07 45.12
CA ALA D 93 -59.92 43.54 44.71
C ALA D 93 -59.52 44.83 45.41
N GLU D 94 -60.50 45.58 45.92
CA GLU D 94 -60.21 46.84 46.61
C GLU D 94 -59.53 46.63 47.95
N LEU D 95 -59.61 45.42 48.50
CA LEU D 95 -59.08 45.19 49.84
C LEU D 95 -57.56 45.11 49.86
N ASN D 96 -56.95 44.65 48.76
CA ASN D 96 -55.49 44.49 48.72
C ASN D 96 -55.03 44.66 47.28
N ALA D 97 -54.25 45.71 47.03
CA ALA D 97 -53.71 45.92 45.69
C ALA D 97 -52.67 44.87 45.32
N TYR D 98 -52.06 44.21 46.30
CA TYR D 98 -51.09 43.16 46.02
C TYR D 98 -51.73 41.84 45.64
N VAL D 99 -53.03 41.68 45.89
CA VAL D 99 -53.75 40.44 45.63
C VAL D 99 -54.74 40.70 44.49
N PRO D 100 -54.50 40.18 43.29
CA PRO D 100 -55.48 40.32 42.21
C PRO D 100 -56.61 39.33 42.41
N VAL D 101 -57.84 39.80 42.19
CA VAL D 101 -59.03 39.00 42.34
C VAL D 101 -59.65 38.78 40.97
N ASN D 102 -59.73 37.51 40.56
CA ASN D 102 -60.30 37.13 39.29
C ASN D 102 -61.55 36.28 39.52
N VAL D 103 -62.29 36.07 38.44
CA VAL D 103 -63.54 35.32 38.47
C VAL D 103 -63.39 34.12 37.55
N LEU D 104 -63.63 32.92 38.08
CA LEU D 104 -63.73 31.72 37.28
C LEU D 104 -65.12 31.67 36.65
N ASP D 105 -65.17 31.56 35.32
CA ASP D 105 -66.44 31.71 34.63
C ASP D 105 -67.31 30.46 34.76
N SER D 106 -66.75 29.29 34.48
CA SER D 106 -67.51 28.05 34.53
C SER D 106 -66.62 26.95 35.08
N LEU D 107 -67.12 26.22 36.07
CA LEU D 107 -66.40 25.06 36.61
C LEU D 107 -66.87 23.77 35.96
N ASP D 108 -66.94 23.78 34.63
CA ASP D 108 -67.37 22.59 33.91
C ASP D 108 -66.23 21.60 33.76
N ASP D 109 -64.99 22.07 33.66
CA ASP D 109 -63.81 21.23 33.54
C ASP D 109 -63.07 21.23 34.87
N VAL D 110 -63.00 20.06 35.52
CA VAL D 110 -62.38 19.99 36.83
C VAL D 110 -60.86 20.11 36.76
N THR D 111 -60.26 19.89 35.58
CA THR D 111 -58.82 20.04 35.46
C THR D 111 -58.37 21.48 35.64
N GLN D 112 -59.31 22.44 35.61
CA GLN D 112 -58.98 23.83 35.88
C GLN D 112 -58.57 24.05 37.33
N LEU D 113 -58.88 23.09 38.20
CA LEU D 113 -58.44 23.17 39.58
C LEU D 113 -56.93 22.99 39.72
N SER D 114 -56.26 22.48 38.69
CA SER D 114 -54.84 22.20 38.76
C SER D 114 -53.99 23.46 38.88
N GLN D 115 -54.51 24.60 38.44
CA GLN D 115 -53.77 25.86 38.54
C GLN D 115 -53.92 26.53 39.90
N PHE D 116 -54.53 25.86 40.87
CA PHE D 116 -54.69 26.40 42.21
C PHE D 116 -54.00 25.49 43.22
N GLN D 117 -53.68 26.05 44.39
CA GLN D 117 -53.07 25.28 45.46
C GLN D 117 -54.03 25.02 46.61
N VAL D 118 -54.96 25.93 46.89
CA VAL D 118 -55.96 25.74 47.94
C VAL D 118 -57.33 26.00 47.35
N VAL D 119 -58.23 25.03 47.50
CA VAL D 119 -59.60 25.13 47.02
C VAL D 119 -60.54 25.18 48.22
N VAL D 120 -61.37 26.20 48.27
CA VAL D 120 -62.31 26.40 49.38
C VAL D 120 -63.73 26.26 48.83
N ALA D 121 -64.47 25.30 49.37
CA ALA D 121 -65.84 25.03 48.96
C ALA D 121 -66.79 25.40 50.10
N THR D 122 -67.64 26.40 49.86
CA THR D 122 -68.57 26.88 50.87
C THR D 122 -69.90 26.12 50.76
N ASP D 123 -70.93 26.64 51.43
CA ASP D 123 -72.21 25.96 51.51
C ASP D 123 -72.93 25.84 50.17
N THR D 124 -72.53 26.64 49.17
CA THR D 124 -73.20 26.61 47.87
C THR D 124 -72.79 25.40 47.03
N VAL D 125 -71.94 24.53 47.54
CA VAL D 125 -71.49 23.33 46.84
C VAL D 125 -72.19 22.13 47.45
N SER D 126 -72.79 21.30 46.60
CA SER D 126 -73.45 20.11 47.07
C SER D 126 -72.43 19.11 47.60
N LEU D 127 -72.89 18.23 48.51
CA LEU D 127 -72.00 17.25 49.11
C LEU D 127 -71.44 16.29 48.07
N GLU D 128 -72.22 15.96 47.03
CA GLU D 128 -71.69 15.12 45.95
C GLU D 128 -70.56 15.83 45.21
N ASP D 129 -70.69 17.15 45.02
CA ASP D 129 -69.62 17.89 44.37
C ASP D 129 -68.42 18.11 45.30
N LYS D 130 -68.66 18.22 46.61
CA LYS D 130 -67.54 18.34 47.54
C LYS D 130 -66.68 17.10 47.54
N VAL D 131 -67.31 15.92 47.38
CA VAL D 131 -66.53 14.70 47.32
C VAL D 131 -65.84 14.57 45.96
N LYS D 132 -66.52 14.99 44.89
CA LYS D 132 -65.89 14.96 43.58
C LYS D 132 -64.68 15.89 43.53
N ILE D 133 -64.82 17.08 44.12
CA ILE D 133 -63.73 18.05 44.07
C ILE D 133 -62.61 17.64 45.03
N ASN D 134 -62.97 17.18 46.23
CA ASN D 134 -61.95 16.73 47.17
C ASN D 134 -61.17 15.53 46.63
N GLU D 135 -61.86 14.62 45.94
CA GLU D 135 -61.18 13.46 45.35
C GLU D 135 -60.18 13.90 44.28
N PHE D 136 -60.52 14.93 43.52
CA PHE D 136 -59.57 15.43 42.53
C PHE D 136 -58.45 16.21 43.17
N CYS D 137 -58.73 16.89 44.28
CA CYS D 137 -57.69 17.65 44.95
C CYS D 137 -56.74 16.73 45.71
N HIS D 138 -57.29 15.74 46.42
CA HIS D 138 -56.46 14.83 47.20
C HIS D 138 -55.54 14.02 46.28
N SER D 139 -56.04 13.63 45.11
CA SER D 139 -55.26 12.85 44.16
C SER D 139 -54.32 13.70 43.31
N SER D 140 -54.37 15.03 43.45
CA SER D 140 -53.50 15.92 42.70
C SER D 140 -52.63 16.79 43.61
N GLY D 141 -52.61 16.52 44.91
CA GLY D 141 -51.81 17.32 45.81
C GLY D 141 -52.35 18.70 46.12
N ILE D 142 -53.59 18.97 45.79
CA ILE D 142 -54.21 20.26 46.05
C ILE D 142 -54.83 20.24 47.44
N ARG D 143 -54.67 21.33 48.16
CA ARG D 143 -55.25 21.44 49.51
C ARG D 143 -56.73 21.77 49.39
N PHE D 144 -57.56 20.96 50.05
CA PHE D 144 -59.00 21.11 50.00
C PHE D 144 -59.52 21.51 51.38
N ILE D 145 -60.39 22.52 51.41
CA ILE D 145 -61.03 22.96 52.64
C ILE D 145 -62.51 23.19 52.34
N SER D 146 -63.38 22.62 53.18
CA SER D 146 -64.81 22.74 53.04
C SER D 146 -65.41 23.34 54.30
N SER D 147 -66.58 23.96 54.15
CA SER D 147 -67.29 24.55 55.28
C SER D 147 -68.70 24.91 54.84
N GLU D 148 -69.64 24.81 55.78
CA GLU D 148 -71.02 25.23 55.54
C GLU D 148 -71.64 25.61 56.87
N THR D 149 -72.55 26.58 56.82
CA THR D 149 -73.23 27.08 58.01
C THR D 149 -74.73 27.01 57.78
N ARG D 150 -75.44 26.38 58.72
CA ARG D 150 -76.90 26.26 58.68
C ARG D 150 -77.48 26.91 59.92
N GLY D 151 -77.89 28.17 59.78
CA GLY D 151 -78.48 28.88 60.91
C GLY D 151 -77.45 29.09 62.01
N LEU D 152 -77.79 28.65 63.22
CA LEU D 152 -76.90 28.73 64.36
C LEU D 152 -75.94 27.55 64.44
N PHE D 153 -75.88 26.72 63.40
CA PHE D 153 -74.97 25.60 63.32
C PHE D 153 -73.91 25.89 62.26
N GLY D 154 -72.95 24.97 62.14
CA GLY D 154 -71.89 25.12 61.17
C GLY D 154 -70.80 24.10 61.34
N ASN D 155 -70.00 23.86 60.31
CA ASN D 155 -68.89 22.93 60.40
C ASN D 155 -67.83 23.33 59.40
N THR D 156 -66.71 22.62 59.43
CA THR D 156 -65.63 22.86 58.48
C THR D 156 -64.82 21.59 58.33
N PHE D 157 -64.30 21.38 57.11
CA PHE D 157 -63.53 20.20 56.75
C PHE D 157 -62.21 20.62 56.16
N VAL D 158 -61.14 19.93 56.56
CA VAL D 158 -59.78 20.25 56.11
C VAL D 158 -59.11 18.98 55.63
N ASP D 159 -58.65 19.00 54.37
CA ASP D 159 -57.88 17.91 53.77
C ASP D 159 -56.69 18.50 53.03
N LEU D 160 -55.51 18.40 53.64
CA LEU D 160 -54.28 18.99 53.10
C LEU D 160 -53.41 17.96 52.38
N GLY D 161 -54.01 16.88 51.88
CA GLY D 161 -53.27 15.87 51.15
C GLY D 161 -52.70 14.81 52.07
N ASP D 162 -52.12 13.78 51.43
CA ASP D 162 -51.57 12.65 52.17
C ASP D 162 -50.21 12.95 52.78
N GLU D 163 -49.57 14.04 52.38
CA GLU D 163 -48.26 14.42 52.92
C GLU D 163 -48.26 15.91 53.22
N PHE D 164 -48.32 16.25 54.51
CA PHE D 164 -48.26 17.63 54.96
C PHE D 164 -47.39 17.71 56.20
N THR D 165 -46.41 18.62 56.19
CA THR D 165 -45.48 18.77 57.29
C THR D 165 -45.73 20.07 58.02
N VAL D 166 -45.89 19.98 59.34
CA VAL D 166 -46.13 21.14 60.20
C VAL D 166 -44.78 21.60 60.71
N LEU D 167 -44.27 22.70 60.14
CA LEU D 167 -42.97 23.19 60.54
C LEU D 167 -42.99 23.79 61.94
N ASP D 168 -43.98 24.63 62.23
CA ASP D 168 -44.15 25.23 63.55
C ASP D 168 -45.47 24.77 64.18
N PRO D 169 -45.45 24.10 65.31
CA PRO D 169 -46.70 23.57 65.86
C PRO D 169 -47.54 24.60 66.62
N THR D 170 -46.89 25.59 67.24
CA THR D 170 -47.58 26.52 68.13
C THR D 170 -47.45 27.98 67.74
N GLY D 171 -46.40 28.36 67.02
CA GLY D 171 -46.17 29.75 66.71
C GLY D 171 -45.68 30.59 67.86
N GLU D 172 -45.45 29.98 69.02
CA GLU D 172 -44.97 30.71 70.18
C GLU D 172 -43.47 30.99 70.06
N GLU D 173 -42.96 31.78 70.99
CA GLU D 173 -41.54 32.03 71.08
C GLU D 173 -40.84 30.82 71.69
N PRO D 174 -39.68 30.42 71.15
CA PRO D 174 -38.95 29.28 71.72
C PRO D 174 -38.57 29.55 73.17
N ARG D 175 -38.99 28.63 74.05
CA ARG D 175 -38.70 28.81 75.46
C ARG D 175 -37.21 28.70 75.72
N THR D 176 -36.67 29.64 76.49
CA THR D 176 -35.25 29.69 76.76
C THR D 176 -35.02 30.08 78.21
N GLY D 177 -33.82 29.78 78.69
CA GLY D 177 -33.44 30.09 80.06
C GLY D 177 -31.98 29.74 80.28
N MET D 178 -31.49 30.12 81.45
CA MET D 178 -30.10 29.90 81.81
C MET D 178 -29.96 28.66 82.67
N VAL D 179 -28.82 27.99 82.53
CA VAL D 179 -28.55 26.72 83.20
C VAL D 179 -27.56 26.95 84.34
N SER D 180 -27.78 26.23 85.44
CA SER D 180 -26.87 26.29 86.59
C SER D 180 -26.08 25.01 86.80
N ASP D 181 -26.61 23.86 86.37
CA ASP D 181 -25.92 22.60 86.56
C ASP D 181 -26.48 21.57 85.60
N ILE D 182 -25.58 20.77 85.02
CA ILE D 182 -25.95 19.62 84.19
C ILE D 182 -25.27 18.41 84.82
N GLU D 183 -26.06 17.59 85.50
CA GLU D 183 -25.54 16.41 86.16
C GLU D 183 -25.17 15.36 85.12
N PRO D 184 -24.30 14.41 85.48
CA PRO D 184 -23.90 13.39 84.51
C PRO D 184 -25.05 12.57 83.95
N ASP D 185 -26.15 12.45 84.69
CA ASP D 185 -27.32 11.74 84.17
C ASP D 185 -28.16 12.59 83.23
N GLY D 186 -27.89 13.90 83.16
CA GLY D 186 -28.60 14.79 82.26
C GLY D 186 -29.56 15.75 82.93
N THR D 187 -29.65 15.74 84.26
CA THR D 187 -30.60 16.60 84.96
C THR D 187 -30.15 18.05 84.86
N VAL D 188 -30.78 18.80 83.95
CA VAL D 188 -30.47 20.20 83.73
C VAL D 188 -31.28 21.02 84.73
N THR D 189 -30.59 21.60 85.71
CA THR D 189 -31.23 22.42 86.74
C THR D 189 -31.15 23.88 86.33
N MET D 190 -32.27 24.59 86.42
CA MET D 190 -32.30 25.95 85.93
C MET D 190 -31.74 26.95 86.94
N LEU D 191 -31.57 28.19 86.48
CA LEU D 191 -31.08 29.29 87.30
C LEU D 191 -32.20 30.24 87.74
N ASP D 192 -32.91 30.81 86.79
CA ASP D 192 -33.84 31.90 87.06
C ASP D 192 -35.08 31.38 87.79
N ASP D 193 -35.74 32.30 88.51
CA ASP D 193 -36.95 31.96 89.25
C ASP D 193 -38.17 31.94 88.35
N ASN D 194 -38.04 31.31 87.18
CA ASN D 194 -39.13 31.11 86.25
C ASN D 194 -39.18 29.63 85.87
N ARG D 195 -40.38 29.13 85.64
CA ARG D 195 -40.53 27.76 85.16
C ARG D 195 -40.28 27.74 83.66
N HIS D 196 -39.50 26.76 83.22
CA HIS D 196 -39.09 26.70 81.82
C HIS D 196 -40.28 26.57 80.88
N GLY D 197 -41.37 25.97 81.36
CA GLY D 197 -42.54 25.80 80.53
C GLY D 197 -42.48 24.67 79.54
N LEU D 198 -41.36 23.93 79.50
CA LEU D 198 -41.28 22.81 78.58
C LEU D 198 -42.09 21.64 79.10
N GLU D 199 -42.53 20.78 78.19
CA GLU D 199 -43.23 19.56 78.52
C GLU D 199 -42.52 18.38 77.85
N ASP D 200 -42.86 17.17 78.29
CA ASP D 200 -42.20 15.98 77.79
C ASP D 200 -42.35 15.88 76.28
N GLY D 201 -41.27 15.44 75.62
CA GLY D 201 -41.25 15.33 74.18
C GLY D 201 -40.71 16.53 73.45
N ASN D 202 -40.42 17.63 74.14
CA ASN D 202 -39.86 18.80 73.49
C ASN D 202 -38.39 18.56 73.16
N PHE D 203 -37.82 19.49 72.40
CA PHE D 203 -36.43 19.42 71.99
C PHE D 203 -35.76 20.77 72.21
N VAL D 204 -34.52 20.74 72.67
CA VAL D 204 -33.78 21.96 73.01
C VAL D 204 -32.36 21.85 72.51
N ARG D 205 -31.82 22.98 72.05
CA ARG D 205 -30.40 23.13 71.76
C ARG D 205 -29.74 23.91 72.89
N PHE D 206 -28.41 23.91 72.88
CA PHE D 206 -27.65 24.49 73.98
C PHE D 206 -26.63 25.49 73.45
N SER D 207 -26.27 26.43 74.32
CA SER D 207 -25.27 27.45 74.00
C SER D 207 -24.60 27.88 75.29
N GLU D 208 -23.31 28.19 75.19
CA GLU D 208 -22.52 28.71 76.31
C GLU D 208 -22.44 27.69 77.45
N VAL D 209 -22.34 26.41 77.11
CA VAL D 209 -22.15 25.36 78.10
C VAL D 209 -20.67 25.01 78.11
N GLU D 210 -20.01 25.33 79.22
CA GLU D 210 -18.57 25.17 79.35
C GLU D 210 -18.22 23.76 79.81
N GLY D 211 -17.65 22.98 78.90
CA GLY D 211 -17.12 21.66 79.21
C GLY D 211 -17.78 20.57 78.39
N LEU D 212 -19.11 20.51 78.42
CA LEU D 212 -19.87 19.68 77.49
C LEU D 212 -19.86 20.40 76.14
N ASP D 213 -18.73 20.32 75.45
CA ASP D 213 -18.54 21.10 74.23
C ASP D 213 -19.46 20.65 73.11
N LYS D 214 -19.75 19.35 73.04
CA LYS D 214 -20.63 18.84 71.99
C LYS D 214 -22.09 19.17 72.22
N LEU D 215 -22.44 19.83 73.33
CA LEU D 215 -23.81 20.28 73.51
C LEU D 215 -24.10 21.58 72.77
N ASN D 216 -23.07 22.32 72.38
CA ASN D 216 -23.26 23.64 71.78
C ASN D 216 -23.25 23.62 70.26
N ASP D 217 -22.94 22.49 69.62
CA ASP D 217 -22.84 22.46 68.17
C ASP D 217 -24.19 22.55 67.47
N GLY D 218 -25.30 22.44 68.21
CA GLY D 218 -26.62 22.50 67.63
C GLY D 218 -27.41 21.22 67.69
N THR D 219 -26.85 20.15 68.27
CA THR D 219 -27.56 18.89 68.41
C THR D 219 -28.75 19.06 69.33
N LEU D 220 -29.88 18.44 68.97
CA LEU D 220 -31.10 18.52 69.77
C LEU D 220 -31.16 17.37 70.76
N PHE D 221 -31.83 17.63 71.89
CA PHE D 221 -31.97 16.66 72.97
C PHE D 221 -33.42 16.60 73.40
N LYS D 222 -33.90 15.40 73.70
CA LYS D 222 -35.28 15.22 74.12
C LYS D 222 -35.44 15.59 75.60
N VAL D 223 -36.51 16.34 75.89
CA VAL D 223 -36.75 16.89 77.21
C VAL D 223 -37.61 15.92 78.01
N GLU D 224 -37.13 15.52 79.18
CA GLU D 224 -37.91 14.73 80.14
C GLU D 224 -38.11 15.60 81.37
N VAL D 225 -39.31 16.16 81.51
CA VAL D 225 -39.58 17.12 82.57
C VAL D 225 -39.62 16.40 83.91
N LEU D 226 -38.75 16.81 84.83
CA LEU D 226 -38.78 16.32 86.21
C LEU D 226 -39.58 17.23 87.12
N GLY D 227 -39.43 18.54 86.97
CA GLY D 227 -40.18 19.51 87.74
C GLY D 227 -40.21 20.85 87.05
N PRO D 228 -40.84 21.84 87.69
CA PRO D 228 -40.92 23.18 87.09
C PRO D 228 -39.58 23.89 86.98
N PHE D 229 -38.51 23.34 87.57
CA PHE D 229 -37.21 23.99 87.55
C PHE D 229 -36.08 23.11 87.04
N ALA D 230 -36.39 21.94 86.48
CA ALA D 230 -35.36 21.06 85.96
C ALA D 230 -35.95 20.06 84.98
N PHE D 231 -35.14 19.64 84.02
CA PHE D 231 -35.50 18.59 83.08
C PHE D 231 -34.25 17.75 82.81
N ARG D 232 -34.44 16.61 82.16
CA ARG D 232 -33.37 15.67 81.91
C ARG D 232 -33.23 15.39 80.42
N ILE D 233 -31.98 15.25 79.96
CA ILE D 233 -31.68 15.09 78.55
C ILE D 233 -30.88 13.82 78.26
N GLY D 234 -30.64 12.98 79.26
CA GLY D 234 -29.88 11.77 79.07
C GLY D 234 -28.43 11.92 79.49
N SER D 235 -27.74 10.78 79.57
CA SER D 235 -26.37 10.77 80.05
C SER D 235 -25.47 11.59 79.14
N VAL D 236 -24.72 12.51 79.74
CA VAL D 236 -23.81 13.38 79.01
C VAL D 236 -22.36 13.06 79.38
N LYS D 237 -22.13 11.82 79.82
CA LYS D 237 -20.77 11.42 80.17
C LYS D 237 -19.85 11.40 78.96
N GLU D 238 -20.41 11.16 77.77
CA GLU D 238 -19.60 11.12 76.56
C GLU D 238 -19.02 12.50 76.23
N TYR D 239 -19.72 13.57 76.61
CA TYR D 239 -19.34 14.91 76.22
C TYR D 239 -18.36 15.58 77.18
N GLY D 240 -18.22 15.06 78.40
CA GLY D 240 -17.30 15.62 79.36
C GLY D 240 -17.89 15.83 80.73
N GLU D 241 -17.60 16.97 81.35
CA GLU D 241 -18.12 17.29 82.67
C GLU D 241 -18.51 18.76 82.70
N TYR D 242 -19.63 19.05 83.37
CA TYR D 242 -20.14 20.40 83.40
C TYR D 242 -19.36 21.28 84.35
N LYS D 243 -19.08 22.51 83.94
CA LYS D 243 -18.40 23.47 84.81
C LYS D 243 -19.28 24.66 85.15
N LYS D 244 -19.77 25.41 84.17
CA LYS D 244 -20.61 26.57 84.43
C LYS D 244 -21.18 27.06 83.11
N GLY D 245 -22.12 27.99 83.21
CA GLY D 245 -22.74 28.57 82.04
C GLY D 245 -23.82 27.68 81.46
N GLY D 246 -24.42 28.16 80.38
CA GLY D 246 -25.41 27.37 79.68
C GLY D 246 -26.69 28.13 79.37
N ILE D 247 -27.14 28.06 78.12
CA ILE D 247 -28.40 28.65 77.69
C ILE D 247 -29.07 27.66 76.75
N PHE D 248 -30.26 27.20 77.12
CA PHE D 248 -31.01 26.26 76.29
C PHE D 248 -32.08 27.01 75.52
N THR D 249 -32.27 26.59 74.27
CA THR D 249 -33.28 27.18 73.41
C THR D 249 -34.12 26.06 72.83
N GLU D 250 -35.44 26.16 72.99
CA GLU D 250 -36.33 25.15 72.46
C GLU D 250 -36.37 25.24 70.94
N VAL D 251 -36.31 24.08 70.29
CA VAL D 251 -36.37 23.98 68.84
C VAL D 251 -37.62 23.22 68.45
N LYS D 252 -38.37 23.74 67.49
CA LYS D 252 -39.59 23.10 67.02
C LYS D 252 -39.24 22.18 65.86
N VAL D 253 -39.39 20.87 66.08
CA VAL D 253 -39.08 19.88 65.06
C VAL D 253 -40.27 19.72 64.12
N PRO D 254 -40.05 19.35 62.87
CA PRO D 254 -41.20 19.15 61.97
C PRO D 254 -41.96 17.88 62.30
N ARG D 255 -43.25 17.90 62.02
CA ARG D 255 -44.13 16.76 62.27
C ARG D 255 -44.92 16.48 61.01
N LYS D 256 -44.82 15.25 60.51
CA LYS D 256 -45.49 14.84 59.28
C LYS D 256 -46.84 14.23 59.65
N ILE D 257 -47.92 14.95 59.34
CA ILE D 257 -49.28 14.48 59.60
C ILE D 257 -49.91 14.09 58.27
N SER D 258 -50.72 13.04 58.30
CA SER D 258 -51.39 12.53 57.11
C SER D 258 -52.88 12.84 57.18
N PHE D 259 -53.45 13.24 56.05
CA PHE D 259 -54.86 13.56 55.96
C PHE D 259 -55.59 12.52 55.11
N LYS D 260 -56.85 12.29 55.43
CA LYS D 260 -57.72 11.38 54.68
C LYS D 260 -58.67 12.19 53.80
N SER D 261 -59.16 11.52 52.75
CA SER D 261 -60.07 12.18 51.82
C SER D 261 -61.42 12.43 52.49
N LEU D 262 -62.26 13.23 51.82
CA LEU D 262 -63.59 13.52 52.33
C LEU D 262 -64.47 12.27 52.33
N LYS D 263 -64.34 11.42 51.30
CA LYS D 263 -65.11 10.19 51.25
C LYS D 263 -64.78 9.28 52.43
N GLN D 264 -63.49 9.16 52.76
CA GLN D 264 -63.10 8.32 53.90
C GLN D 264 -63.53 8.93 55.22
N GLN D 265 -63.58 10.26 55.30
CA GLN D 265 -63.90 10.94 56.55
C GLN D 265 -65.39 10.96 56.85
N LEU D 266 -66.24 10.84 55.84
CA LEU D 266 -67.66 10.80 56.10
C LEU D 266 -68.06 9.56 56.88
N SER D 267 -67.30 8.47 56.72
CA SER D 267 -67.62 7.23 57.42
C SER D 267 -66.87 7.09 58.74
N ASN D 268 -65.60 7.52 58.79
CA ASN D 268 -64.78 7.45 60.00
C ASN D 268 -64.15 8.82 60.22
N PRO D 269 -64.90 9.75 60.80
CA PRO D 269 -64.40 11.11 60.97
C PRO D 269 -63.46 11.24 62.16
N GLU D 270 -62.57 12.22 62.06
CA GLU D 270 -61.68 12.62 63.14
C GLU D 270 -62.12 14.02 63.58
N PHE D 271 -62.67 14.11 64.78
CA PHE D 271 -63.27 15.35 65.25
C PHE D 271 -62.29 16.20 66.03
N VAL D 272 -62.44 17.52 65.89
CA VAL D 272 -61.82 18.50 66.78
C VAL D 272 -62.95 19.31 67.37
N PHE D 273 -63.10 19.25 68.69
CA PHE D 273 -64.30 19.77 69.33
C PHE D 273 -64.20 21.26 69.58
N SER D 274 -65.28 21.97 69.29
CA SER D 274 -65.37 23.40 69.54
C SER D 274 -65.86 23.73 70.94
N ASP D 275 -66.45 22.76 71.64
CA ASP D 275 -66.93 22.98 72.99
C ASP D 275 -67.04 21.62 73.65
N PHE D 276 -66.19 21.37 74.66
CA PHE D 276 -66.21 20.07 75.31
C PHE D 276 -67.48 19.86 76.12
N ALA D 277 -68.24 20.93 76.40
CA ALA D 277 -69.57 20.77 76.98
C ALA D 277 -70.56 20.18 75.98
N LYS D 278 -70.30 20.34 74.69
CA LYS D 278 -71.13 19.80 73.62
C LYS D 278 -70.37 18.78 72.78
N PHE D 279 -69.46 18.03 73.41
CA PHE D 279 -68.68 17.04 72.67
C PHE D 279 -69.51 15.86 72.19
N ASP D 280 -70.74 15.71 72.68
CA ASP D 280 -71.62 14.67 72.16
C ASP D 280 -72.29 15.09 70.87
N ARG D 281 -72.48 16.39 70.66
CA ARG D 281 -73.17 16.88 69.47
C ARG D 281 -72.33 16.78 68.21
N ALA D 282 -71.05 16.41 68.32
CA ALA D 282 -70.18 16.35 67.15
C ALA D 282 -70.66 15.28 66.16
N ALA D 283 -70.76 14.03 66.63
CA ALA D 283 -71.21 12.97 65.75
C ALA D 283 -72.67 13.15 65.35
N GLN D 284 -73.46 13.83 66.19
CA GLN D 284 -74.87 14.05 65.85
C GLN D 284 -75.00 15.01 64.68
N LEU D 285 -74.29 16.15 64.73
CA LEU D 285 -74.33 17.10 63.63
C LEU D 285 -73.58 16.61 62.41
N HIS D 286 -72.68 15.63 62.57
CA HIS D 286 -72.01 15.06 61.41
C HIS D 286 -73.00 14.35 60.50
N LEU D 287 -73.90 13.56 61.09
CA LEU D 287 -74.94 12.92 60.30
C LEU D 287 -76.03 13.92 59.90
N GLY D 288 -76.25 14.94 60.74
CA GLY D 288 -77.26 15.93 60.42
C GLY D 288 -76.92 16.75 59.18
N PHE D 289 -75.65 17.14 59.04
CA PHE D 289 -75.25 17.90 57.86
C PHE D 289 -75.26 17.03 56.61
N GLN D 290 -74.96 15.74 56.75
CA GLN D 290 -75.09 14.82 55.62
C GLN D 290 -76.55 14.64 55.23
N ALA D 291 -77.45 14.54 56.21
CA ALA D 291 -78.87 14.37 55.92
C ALA D 291 -79.47 15.62 55.28
N LEU D 292 -78.93 16.80 55.59
CA LEU D 292 -79.38 18.00 54.93
C LEU D 292 -79.09 17.96 53.43
N HIS D 293 -78.02 17.24 53.04
CA HIS D 293 -77.72 17.08 51.63
C HIS D 293 -78.56 15.96 51.01
N GLN D 294 -78.77 14.87 51.75
CA GLN D 294 -79.68 13.82 51.28
C GLN D 294 -81.09 14.38 51.11
N PHE D 295 -81.51 15.24 52.03
CA PHE D 295 -82.82 15.89 51.91
C PHE D 295 -82.87 16.79 50.68
N ALA D 296 -81.77 17.49 50.38
CA ALA D 296 -81.75 18.37 49.22
C ALA D 296 -81.85 17.60 47.90
N VAL D 297 -81.26 16.41 47.84
CA VAL D 297 -81.35 15.60 46.63
C VAL D 297 -82.79 15.14 46.40
N ARG D 298 -83.45 14.66 47.44
CA ARG D 298 -84.81 14.16 47.33
C ARG D 298 -85.84 15.25 47.13
N HIS D 299 -85.46 16.52 47.24
CA HIS D 299 -86.43 17.61 47.16
C HIS D 299 -86.00 18.68 46.16
N ASN D 300 -85.23 18.30 45.16
CA ASN D 300 -84.82 19.20 44.06
C ASN D 300 -84.06 20.42 44.59
N GLY D 301 -83.01 20.14 45.34
CA GLY D 301 -82.16 21.20 45.87
C GLY D 301 -82.81 22.09 46.91
N GLU D 302 -83.92 21.65 47.49
CA GLU D 302 -84.61 22.43 48.50
C GLU D 302 -84.11 22.07 49.90
N LEU D 303 -84.01 23.07 50.75
CA LEU D 303 -83.68 22.82 52.14
C LEU D 303 -84.94 22.66 52.96
N PRO D 304 -84.86 21.95 54.09
CA PRO D 304 -86.04 21.81 54.94
C PRO D 304 -86.67 23.16 55.27
N ARG D 305 -87.99 23.21 55.13
CA ARG D 305 -88.73 24.45 55.32
C ARG D 305 -88.56 24.97 56.74
N THR D 306 -88.64 26.28 56.88
CA THR D 306 -88.39 26.93 58.15
C THR D 306 -89.44 26.53 59.18
N MET D 307 -88.99 26.03 60.32
CA MET D 307 -89.84 25.65 61.44
C MET D 307 -90.87 24.59 61.06
N ASN D 308 -90.61 23.83 60.01
CA ASN D 308 -91.55 22.82 59.54
C ASN D 308 -91.26 21.49 60.22
N ASP D 309 -92.32 20.84 60.71
CA ASP D 309 -92.17 19.58 61.43
C ASP D 309 -92.12 18.36 60.52
N GLU D 310 -92.78 18.41 59.37
CA GLU D 310 -92.74 17.27 58.45
C GLU D 310 -91.33 17.05 57.91
N ASP D 311 -90.63 18.14 57.56
CA ASP D 311 -89.25 18.01 57.10
C ASP D 311 -88.31 17.67 58.24
N ALA D 312 -88.57 18.20 59.44
CA ALA D 312 -87.73 17.88 60.59
C ALA D 312 -87.84 16.40 60.95
N ASN D 313 -89.04 15.82 60.84
CA ASN D 313 -89.21 14.40 61.12
C ASN D 313 -88.60 13.55 60.01
N GLU D 314 -88.63 14.03 58.77
CA GLU D 314 -87.98 13.30 57.68
C GLU D 314 -86.47 13.30 57.87
N LEU D 315 -85.91 14.40 58.38
CA LEU D 315 -84.47 14.48 58.58
C LEU D 315 -84.02 13.48 59.64
N ILE D 316 -84.82 13.26 60.69
CA ILE D 316 -84.47 12.29 61.71
C ILE D 316 -84.40 10.90 61.12
N LYS D 317 -85.27 10.61 60.16
CA LYS D 317 -85.21 9.31 59.48
C LYS D 317 -83.94 9.18 58.66
N LEU D 318 -83.56 10.24 57.94
CA LEU D 318 -82.34 10.20 57.14
C LEU D 318 -81.11 10.05 58.03
N VAL D 319 -81.10 10.70 59.19
CA VAL D 319 -80.00 10.55 60.14
C VAL D 319 -79.97 9.12 60.68
N THR D 320 -81.14 8.55 60.96
CA THR D 320 -81.18 7.17 61.46
C THR D 320 -80.72 6.19 60.38
N ASP D 321 -81.10 6.44 59.12
CA ASP D 321 -80.64 5.58 58.04
C ASP D 321 -79.13 5.69 57.86
N LEU D 322 -78.56 6.87 58.15
CA LEU D 322 -77.11 7.03 58.05
C LEU D 322 -76.40 6.32 59.19
N SER D 323 -77.04 6.20 60.36
CA SER D 323 -76.42 5.49 61.47
C SER D 323 -76.20 4.02 61.14
N VAL D 324 -77.09 3.44 60.32
CA VAL D 324 -76.89 2.08 59.87
C VAL D 324 -75.82 2.02 58.79
N GLN D 325 -75.71 3.06 57.96
CA GLN D 325 -74.68 3.08 56.93
C GLN D 325 -73.30 3.29 57.55
N GLN D 326 -73.18 4.21 58.50
CA GLN D 326 -71.92 4.55 59.16
C GLN D 326 -72.07 4.30 60.65
N PRO D 327 -71.93 3.05 61.10
CA PRO D 327 -72.07 2.76 62.53
C PRO D 327 -70.90 3.22 63.36
N GLU D 328 -69.80 3.63 62.74
CA GLU D 328 -68.62 4.07 63.48
C GLU D 328 -68.73 5.52 63.92
N VAL D 329 -69.58 6.31 63.26
CA VAL D 329 -69.70 7.72 63.61
C VAL D 329 -70.27 7.87 65.02
N LEU D 330 -71.48 7.35 65.24
CA LEU D 330 -72.11 7.43 66.55
C LEU D 330 -71.57 6.37 67.50
N GLY D 331 -71.31 5.17 66.98
CA GLY D 331 -70.95 4.04 67.79
C GLY D 331 -72.18 3.22 68.18
N GLU D 332 -71.92 2.02 68.68
CA GLU D 332 -72.99 1.12 69.06
C GLU D 332 -73.59 1.55 70.39
N GLY D 333 -74.92 1.56 70.45
CA GLY D 333 -75.63 1.89 71.68
C GLY D 333 -75.89 3.36 71.91
N VAL D 334 -75.65 4.21 70.92
CA VAL D 334 -75.86 5.65 71.04
C VAL D 334 -77.08 6.03 70.21
N ASP D 335 -78.03 6.72 70.82
CA ASP D 335 -79.28 7.08 70.15
C ASP D 335 -79.07 8.28 69.23
N VAL D 336 -80.17 8.68 68.57
CA VAL D 336 -80.09 9.69 67.52
C VAL D 336 -80.14 11.12 68.06
N ASN D 337 -80.67 11.34 69.26
CA ASN D 337 -80.86 12.68 69.81
C ASN D 337 -81.76 13.51 68.89
N GLU D 338 -83.01 13.05 68.82
CA GLU D 338 -83.98 13.63 67.90
C GLU D 338 -84.18 15.13 68.11
N ASP D 339 -83.96 15.62 69.32
CA ASP D 339 -84.17 17.04 69.59
C ASP D 339 -83.15 17.90 68.84
N LEU D 340 -81.92 17.42 68.72
CA LEU D 340 -80.90 18.19 68.02
C LEU D 340 -81.18 18.25 66.52
N ILE D 341 -81.50 17.11 65.91
CA ILE D 341 -81.75 17.07 64.47
C ILE D 341 -82.96 17.91 64.10
N LYS D 342 -83.96 17.99 64.99
CA LYS D 342 -85.13 18.80 64.70
C LYS D 342 -84.79 20.28 64.65
N GLU D 343 -83.90 20.75 65.54
CA GLU D 343 -83.51 22.15 65.53
C GLU D 343 -82.64 22.47 64.32
N LEU D 344 -81.82 21.51 63.86
CA LEU D 344 -81.03 21.73 62.66
C LEU D 344 -81.93 21.91 61.44
N SER D 345 -83.01 21.11 61.36
CA SER D 345 -83.97 21.27 60.27
C SER D 345 -84.75 22.57 60.38
N TYR D 346 -85.01 23.03 61.60
CA TYR D 346 -85.74 24.27 61.78
C TYR D 346 -84.92 25.48 61.32
N GLN D 347 -83.60 25.40 61.44
CA GLN D 347 -82.72 26.51 61.09
C GLN D 347 -81.88 26.23 59.86
N ALA D 348 -82.30 25.28 59.02
CA ALA D 348 -81.50 24.91 57.86
C ALA D 348 -81.38 26.06 56.87
N ARG D 349 -82.33 26.99 56.87
CA ARG D 349 -82.31 28.12 55.96
C ARG D 349 -81.80 29.40 56.60
N GLY D 350 -81.30 29.33 57.83
CA GLY D 350 -80.83 30.52 58.50
C GLY D 350 -79.44 30.94 58.05
N ASP D 351 -79.21 32.25 58.07
CA ASP D 351 -77.92 32.85 57.71
C ASP D 351 -77.57 33.86 58.80
N ILE D 352 -76.87 33.40 59.84
CA ILE D 352 -76.58 34.21 61.02
C ILE D 352 -75.22 34.88 60.83
N PRO D 353 -75.14 36.21 60.92
CA PRO D 353 -73.83 36.87 60.77
C PRO D 353 -72.82 36.43 61.81
N GLY D 354 -73.27 36.21 63.05
CA GLY D 354 -72.34 35.77 64.08
C GLY D 354 -71.72 34.43 63.78
N VAL D 355 -72.49 33.52 63.19
CA VAL D 355 -71.95 32.20 62.85
C VAL D 355 -71.12 32.29 61.58
N VAL D 356 -71.54 33.13 60.63
CA VAL D 356 -70.79 33.29 59.39
C VAL D 356 -69.43 33.92 59.65
N ALA D 357 -69.40 35.00 60.45
CA ALA D 357 -68.14 35.66 60.78
C ALA D 357 -67.21 34.74 61.56
N PHE D 358 -67.76 33.88 62.41
CA PHE D 358 -66.95 32.92 63.15
C PHE D 358 -66.25 31.96 62.19
N PHE D 359 -67.03 31.24 61.38
CA PHE D 359 -66.45 30.29 60.46
C PHE D 359 -65.70 30.95 59.31
N GLY D 360 -66.05 32.19 58.98
CA GLY D 360 -65.31 32.90 57.94
C GLY D 360 -63.87 33.13 58.34
N GLY D 361 -63.64 33.57 59.58
CA GLY D 361 -62.27 33.75 60.05
C GLY D 361 -61.58 32.44 60.36
N LEU D 362 -62.32 31.46 60.88
CA LEU D 362 -61.72 30.17 61.20
C LEU D 362 -61.24 29.46 59.94
N VAL D 363 -62.09 29.39 58.91
CA VAL D 363 -61.71 28.70 57.68
C VAL D 363 -60.59 29.47 56.97
N ALA D 364 -60.61 30.80 57.04
CA ALA D 364 -59.57 31.59 56.38
C ALA D 364 -58.18 31.29 56.97
N GLN D 365 -58.10 31.15 58.30
CA GLN D 365 -56.82 30.79 58.91
C GLN D 365 -56.35 29.41 58.44
N GLU D 366 -57.30 28.48 58.24
CA GLU D 366 -56.94 27.17 57.72
C GLU D 366 -56.43 27.25 56.28
N VAL D 367 -56.90 28.24 55.53
CA VAL D 367 -56.36 28.47 54.20
C VAL D 367 -54.93 28.96 54.28
N LEU D 368 -54.62 29.80 55.28
CA LEU D 368 -53.27 30.32 55.43
C LEU D 368 -52.29 29.22 55.84
N LYS D 369 -52.71 28.33 56.74
CA LYS D 369 -51.86 27.20 57.11
C LYS D 369 -51.63 26.29 55.91
N ALA D 370 -52.58 26.24 54.98
CA ALA D 370 -52.40 25.41 53.80
C ALA D 370 -51.36 26.00 52.86
N CYS D 371 -51.27 27.32 52.78
CA CYS D 371 -50.32 27.96 51.88
C CYS D 371 -48.93 28.08 52.51
N SER D 372 -48.88 28.32 53.81
CA SER D 372 -47.64 28.57 54.52
C SER D 372 -47.15 27.38 55.34
N GLY D 373 -48.06 26.55 55.85
CA GLY D 373 -47.66 25.49 56.75
C GLY D 373 -47.17 25.99 58.08
N LYS D 374 -47.61 27.20 58.48
CA LYS D 374 -47.04 27.84 59.66
C LYS D 374 -47.57 27.26 60.96
N PHE D 375 -48.85 26.91 61.02
CA PHE D 375 -49.44 26.43 62.26
C PHE D 375 -49.91 25.00 62.08
N THR D 376 -50.40 24.42 63.18
CA THR D 376 -50.99 23.08 63.12
C THR D 376 -52.40 23.18 62.56
N PRO D 377 -52.70 22.52 61.44
CA PRO D 377 -54.02 22.63 60.82
C PRO D 377 -55.07 21.83 61.57
N LEU D 378 -56.33 22.08 61.19
CA LEU D 378 -57.46 21.34 61.74
C LEU D 378 -57.40 19.88 61.31
N LYS D 379 -57.66 18.98 62.24
CA LYS D 379 -57.57 17.54 61.96
C LYS D 379 -58.93 17.03 61.51
N GLN D 380 -59.24 17.37 60.26
CA GLN D 380 -60.23 16.77 59.37
C GLN D 380 -61.68 17.14 59.67
N PHE D 381 -62.01 17.77 60.80
CA PHE D 381 -63.42 18.05 61.06
C PHE D 381 -63.57 18.93 62.30
N MET D 382 -64.63 19.72 62.29
CA MET D 382 -65.06 20.47 63.46
C MET D 382 -66.51 20.88 63.26
N TYR D 383 -67.32 20.72 64.30
CA TYR D 383 -68.71 21.14 64.29
C TYR D 383 -68.95 22.13 65.43
N PHE D 384 -69.90 23.03 65.21
CA PHE D 384 -70.14 24.11 66.17
C PHE D 384 -71.61 24.52 66.12
N ASP D 385 -72.16 24.83 67.30
CA ASP D 385 -73.52 25.34 67.41
C ASP D 385 -73.58 26.37 68.51
N SER D 386 -74.53 27.30 68.39
CA SER D 386 -74.75 28.35 69.37
C SER D 386 -76.22 28.38 69.78
N LEU D 387 -76.76 27.20 70.11
CA LEU D 387 -78.17 27.08 70.44
C LEU D 387 -78.55 27.88 71.67
N GLU D 388 -77.58 28.23 72.52
CA GLU D 388 -77.87 29.08 73.68
C GLU D 388 -78.26 30.49 73.27
N SER D 389 -78.04 30.89 72.02
CA SER D 389 -78.44 32.20 71.54
C SER D 389 -79.94 32.31 71.26
N LEU D 390 -80.64 31.19 71.19
CA LEU D 390 -82.07 31.21 70.94
C LEU D 390 -82.80 31.85 72.13
N PRO D 391 -83.70 32.80 71.89
CA PRO D 391 -84.42 33.43 73.00
C PRO D 391 -85.40 32.46 73.64
N ASP D 392 -85.89 32.86 74.80
CA ASP D 392 -86.89 32.07 75.52
C ASP D 392 -88.18 32.05 74.71
N PRO D 393 -88.72 30.87 74.37
CA PRO D 393 -89.97 30.83 73.60
C PRO D 393 -91.15 31.47 74.31
N LYS D 394 -91.03 31.77 75.61
CA LYS D 394 -92.12 32.45 76.31
C LYS D 394 -92.22 33.90 75.90
N ASN D 395 -91.11 34.53 75.53
CA ASN D 395 -91.06 35.92 75.11
C ASN D 395 -91.11 36.08 73.60
N PHE D 396 -90.36 35.26 72.86
CA PHE D 396 -90.30 35.31 71.40
C PHE D 396 -90.53 33.91 70.86
N PRO D 397 -91.78 33.51 70.68
CA PRO D 397 -92.05 32.13 70.22
C PRO D 397 -91.66 31.95 68.76
N ARG D 398 -91.16 30.75 68.45
CA ARG D 398 -90.70 30.39 67.12
C ARG D 398 -91.64 29.36 66.53
N ASN D 399 -92.21 29.69 65.37
CA ASN D 399 -93.09 28.77 64.65
C ASN D 399 -93.02 29.10 63.17
N GLU D 400 -93.89 28.48 62.39
CA GLU D 400 -93.86 28.67 60.94
C GLU D 400 -94.42 30.03 60.51
N LYS D 401 -95.07 30.78 61.40
CA LYS D 401 -95.61 32.09 61.07
C LYS D 401 -94.71 33.24 61.49
N THR D 402 -94.04 33.14 62.65
CA THR D 402 -93.16 34.21 63.07
C THR D 402 -91.86 34.20 62.28
N THR D 403 -91.42 33.01 61.86
CA THR D 403 -90.15 32.84 61.17
C THR D 403 -90.30 32.83 59.66
N GLN D 404 -91.47 33.20 59.13
CA GLN D 404 -91.66 33.24 57.70
C GLN D 404 -90.97 34.46 57.10
N PRO D 405 -90.56 34.39 55.83
CA PRO D 405 -89.90 35.53 55.21
C PRO D 405 -90.85 36.71 55.05
N VAL D 406 -90.29 37.91 55.02
CA VAL D 406 -91.06 39.13 54.87
C VAL D 406 -90.59 39.94 53.65
N ASN D 407 -89.90 39.27 52.72
CA ASN D 407 -89.38 39.90 51.50
C ASN D 407 -88.45 41.07 51.83
N SER D 408 -87.49 40.80 52.72
CA SER D 408 -86.50 41.79 53.12
C SER D 408 -85.14 41.13 53.20
N ARG D 409 -84.10 41.95 53.42
CA ARG D 409 -82.75 41.40 53.51
C ARG D 409 -82.57 40.54 54.75
N TYR D 410 -83.42 40.67 55.75
CA TYR D 410 -83.28 39.93 57.00
C TYR D 410 -84.09 38.64 57.02
N ASP D 411 -84.59 38.18 55.87
CA ASP D 411 -85.45 37.00 55.84
C ASP D 411 -84.75 35.77 56.40
N ASN D 412 -83.46 35.60 56.08
CA ASN D 412 -82.74 34.44 56.56
C ASN D 412 -82.38 34.54 58.03
N GLN D 413 -82.47 35.73 58.62
CA GLN D 413 -82.30 35.87 60.06
C GLN D 413 -83.61 35.71 60.82
N ILE D 414 -84.71 36.20 60.24
CA ILE D 414 -86.02 36.01 60.87
C ILE D 414 -86.38 34.54 60.94
N ALA D 415 -85.88 33.74 59.98
CA ALA D 415 -86.16 32.31 59.95
C ALA D 415 -85.69 31.57 61.20
N VAL D 416 -84.85 32.19 62.01
CA VAL D 416 -84.34 31.58 63.23
C VAL D 416 -84.99 32.20 64.46
N PHE D 417 -85.07 33.53 64.51
CA PHE D 417 -85.48 34.24 65.72
C PHE D 417 -86.90 34.78 65.69
N GLY D 418 -87.46 35.00 64.51
CA GLY D 418 -88.80 35.55 64.41
C GLY D 418 -88.80 37.06 64.18
N LEU D 419 -89.93 37.55 63.67
CA LEU D 419 -90.02 38.95 63.29
C LEU D 419 -89.97 39.87 64.50
N ASP D 420 -90.60 39.46 65.61
CA ASP D 420 -90.63 40.31 66.79
C ASP D 420 -89.25 40.43 67.45
N PHE D 421 -88.43 39.39 67.35
CA PHE D 421 -87.09 39.46 67.93
C PHE D 421 -86.18 40.38 67.12
N GLN D 422 -86.30 40.33 65.79
CA GLN D 422 -85.54 41.23 64.94
C GLN D 422 -85.96 42.67 65.14
N LYS D 423 -87.24 42.90 65.49
CA LYS D 423 -87.71 44.24 65.77
C LYS D 423 -87.02 44.82 67.00
N LYS D 424 -86.79 43.99 68.01
CA LYS D 424 -86.12 44.48 69.21
C LYS D 424 -84.64 44.74 68.92
N ILE D 425 -84.02 43.92 68.07
CA ILE D 425 -82.64 44.14 67.68
C ILE D 425 -82.48 45.47 66.96
N ALA D 426 -83.40 45.77 66.04
CA ALA D 426 -83.33 47.03 65.31
C ALA D 426 -83.64 48.24 66.19
N ASN D 427 -84.29 48.04 67.33
CA ASN D 427 -84.66 49.14 68.22
C ASN D 427 -83.70 49.29 69.40
N SER D 428 -82.55 48.62 69.36
CA SER D 428 -81.59 48.69 70.45
C SER D 428 -80.72 49.94 70.33
N LYS D 429 -80.39 50.53 71.47
CA LYS D 429 -79.52 51.70 71.54
C LYS D 429 -78.22 51.24 72.21
N VAL D 430 -77.16 51.09 71.42
CA VAL D 430 -75.90 50.52 71.88
C VAL D 430 -74.79 51.54 71.73
N PHE D 431 -73.67 51.26 72.38
CA PHE D 431 -72.50 52.13 72.41
C PHE D 431 -71.26 51.29 72.12
N LEU D 432 -70.61 51.57 70.99
CA LEU D 432 -69.39 50.86 70.60
C LEU D 432 -68.21 51.78 70.86
N VAL D 433 -67.35 51.37 71.79
CA VAL D 433 -66.18 52.15 72.19
C VAL D 433 -64.99 51.60 71.41
N GLY D 434 -64.52 52.38 70.45
CA GLY D 434 -63.39 51.97 69.62
C GLY D 434 -63.86 51.59 68.23
N SER D 435 -63.07 51.97 67.23
CA SER D 435 -63.36 51.71 65.83
C SER D 435 -62.16 51.06 65.16
N GLY D 436 -61.44 50.23 65.90
CA GLY D 436 -60.25 49.59 65.36
C GLY D 436 -60.53 48.37 64.53
N ALA D 437 -59.71 47.33 64.68
CA ALA D 437 -59.92 46.10 63.91
C ALA D 437 -61.21 45.42 64.34
N ILE D 438 -61.44 45.30 65.65
CA ILE D 438 -62.68 44.70 66.14
C ILE D 438 -63.86 45.64 65.90
N GLY D 439 -63.65 46.94 66.08
CA GLY D 439 -64.74 47.89 65.88
C GLY D 439 -65.25 47.90 64.45
N CYS D 440 -64.35 47.73 63.48
CA CYS D 440 -64.79 47.67 62.08
C CYS D 440 -65.58 46.39 61.81
N GLU D 441 -65.12 45.26 62.36
CA GLU D 441 -65.86 44.02 62.22
C GLU D 441 -67.17 44.07 62.99
N MET D 442 -67.20 44.83 64.09
CA MET D 442 -68.43 44.93 64.87
C MET D 442 -69.50 45.71 64.11
N LEU D 443 -69.12 46.84 63.52
CA LEU D 443 -70.08 47.63 62.75
C LEU D 443 -70.56 46.87 61.52
N LYS D 444 -69.70 46.03 60.93
CA LYS D 444 -70.12 45.22 59.79
C LYS D 444 -71.17 44.20 60.21
N ASN D 445 -70.93 43.51 61.33
CA ASN D 445 -71.92 42.54 61.82
C ASN D 445 -73.19 43.22 62.28
N TRP D 446 -73.07 44.38 62.94
CA TRP D 446 -74.26 45.10 63.36
C TRP D 446 -75.06 45.61 62.16
N ALA D 447 -74.40 45.88 61.04
CA ALA D 447 -75.12 46.27 59.84
C ALA D 447 -75.90 45.10 59.26
N LEU D 448 -75.33 43.90 59.32
CA LEU D 448 -76.02 42.72 58.83
C LEU D 448 -77.19 42.37 59.74
N LEU D 449 -77.04 42.58 61.05
CA LEU D 449 -78.13 42.33 61.98
C LEU D 449 -79.21 43.38 61.91
N GLY D 450 -78.97 44.51 61.25
CA GLY D 450 -79.91 45.60 61.30
C GLY D 450 -80.02 46.28 62.65
N LEU D 451 -79.02 46.10 63.51
CA LEU D 451 -79.06 46.68 64.85
C LEU D 451 -79.05 48.20 64.76
N GLY D 452 -80.00 48.84 65.44
CA GLY D 452 -80.11 50.28 65.43
C GLY D 452 -80.82 50.87 64.23
N SER D 453 -81.28 50.04 63.29
CA SER D 453 -81.95 50.53 62.09
C SER D 453 -83.41 50.87 62.33
N GLY D 454 -83.99 50.46 63.44
CA GLY D 454 -85.37 50.79 63.73
C GLY D 454 -85.54 52.26 64.09
N SER D 455 -86.79 52.70 64.05
CA SER D 455 -87.10 54.09 64.33
C SER D 455 -86.86 54.48 65.79
N ASP D 456 -86.61 53.51 66.67
CA ASP D 456 -86.39 53.78 68.09
C ASP D 456 -84.97 53.48 68.56
N GLY D 457 -84.15 52.83 67.73
CA GLY D 457 -82.79 52.49 68.10
C GLY D 457 -81.76 53.31 67.34
N TYR D 458 -80.52 53.18 67.77
CA TYR D 458 -79.40 53.88 67.14
C TYR D 458 -78.10 53.24 67.58
N ILE D 459 -77.00 53.66 66.95
CA ILE D 459 -75.66 53.20 67.26
C ILE D 459 -74.77 54.42 67.46
N VAL D 460 -74.04 54.45 68.56
CA VAL D 460 -73.07 55.51 68.85
C VAL D 460 -71.69 54.89 68.89
N VAL D 461 -70.82 55.34 67.98
CA VAL D 461 -69.44 54.86 67.91
C VAL D 461 -68.52 56.07 67.93
N THR D 462 -67.43 55.97 68.69
CA THR D 462 -66.50 57.08 68.85
C THR D 462 -65.08 56.57 68.80
N ASP D 463 -64.20 57.34 68.16
CA ASP D 463 -62.78 57.02 68.08
C ASP D 463 -62.03 58.29 67.71
N ASN D 464 -61.08 58.68 68.56
CA ASN D 464 -60.33 59.92 68.38
C ASN D 464 -59.09 59.74 67.51
N ASP D 465 -58.93 58.60 66.87
CA ASP D 465 -57.75 58.30 66.07
C ASP D 465 -58.00 58.54 64.60
N SER D 466 -56.91 58.66 63.85
CA SER D 466 -56.94 58.81 62.40
C SER D 466 -56.50 57.50 61.74
N ILE D 467 -56.69 57.43 60.44
CA ILE D 467 -56.36 56.22 59.69
C ILE D 467 -54.89 56.24 59.31
N GLU D 468 -54.23 55.09 59.43
CA GLU D 468 -52.83 54.92 59.07
C GLU D 468 -52.67 53.81 58.05
N LYS D 469 -51.54 53.83 57.36
CA LYS D 469 -51.30 52.87 56.29
C LYS D 469 -51.16 51.44 56.82
N SER D 470 -50.70 51.30 58.07
CA SER D 470 -50.52 49.97 58.65
C SER D 470 -51.83 49.32 59.05
N ASN D 471 -52.88 50.12 59.30
CA ASN D 471 -54.17 49.57 59.69
C ASN D 471 -54.97 49.03 58.51
N LEU D 472 -54.50 49.22 57.27
CA LEU D 472 -55.24 48.75 56.11
C LEU D 472 -55.26 47.22 56.02
N ASN D 473 -54.38 46.54 56.75
CA ASN D 473 -54.32 45.09 56.68
C ASN D 473 -55.41 44.44 57.51
N ARG D 474 -55.64 44.92 58.73
CA ARG D 474 -56.62 44.32 59.63
C ARG D 474 -57.95 45.06 59.64
N GLN D 475 -58.03 46.25 59.05
CA GLN D 475 -59.27 47.04 59.01
C GLN D 475 -59.71 47.18 57.56
N PHE D 476 -60.76 46.45 57.19
CA PHE D 476 -61.19 46.35 55.80
C PHE D 476 -62.15 47.45 55.39
N LEU D 477 -62.72 48.21 56.33
CA LEU D 477 -63.61 49.30 55.97
C LEU D 477 -62.88 50.51 55.44
N PHE D 478 -61.57 50.59 55.65
CA PHE D 478 -60.76 51.72 55.23
C PHE D 478 -59.96 51.38 53.98
N ARG D 479 -59.74 52.39 53.14
CA ARG D 479 -59.00 52.28 51.91
C ARG D 479 -57.79 53.20 51.94
N PRO D 480 -56.80 52.96 51.06
CA PRO D 480 -55.64 53.88 51.01
C PRO D 480 -56.03 55.32 50.70
N LYS D 481 -57.14 55.54 49.99
CA LYS D 481 -57.56 56.90 49.68
C LYS D 481 -58.06 57.67 50.90
N ASP D 482 -58.41 56.97 51.98
CA ASP D 482 -58.97 57.59 53.17
C ASP D 482 -57.97 57.76 54.30
N VAL D 483 -56.71 57.41 54.08
CA VAL D 483 -55.71 57.51 55.14
C VAL D 483 -55.54 58.97 55.56
N GLY D 484 -55.60 59.22 56.86
CA GLY D 484 -55.56 60.56 57.42
C GLY D 484 -56.87 61.05 57.98
N LYS D 485 -57.99 60.49 57.55
CA LYS D 485 -59.29 60.88 58.07
C LYS D 485 -59.56 60.16 59.39
N ASN D 486 -60.68 60.49 60.02
CA ASN D 486 -61.04 59.90 61.30
C ASN D 486 -61.61 58.51 61.10
N LYS D 487 -61.33 57.63 62.08
CA LYS D 487 -61.73 56.24 61.97
C LYS D 487 -63.25 56.07 62.04
N SER D 488 -63.87 56.65 63.06
CA SER D 488 -65.30 56.46 63.27
C SER D 488 -66.13 57.13 62.17
N GLU D 489 -65.67 58.27 61.65
CA GLU D 489 -66.43 58.97 60.63
C GLU D 489 -66.43 58.21 59.31
N VAL D 490 -65.29 57.66 58.92
CA VAL D 490 -65.22 56.93 57.65
C VAL D 490 -65.93 55.59 57.77
N ALA D 491 -65.77 54.90 58.90
CA ALA D 491 -66.43 53.62 59.11
C ALA D 491 -67.95 53.76 59.17
N ALA D 492 -68.45 54.93 59.58
CA ALA D 492 -69.90 55.13 59.63
C ALA D 492 -70.51 55.12 58.24
N GLU D 493 -69.95 55.92 57.32
CA GLU D 493 -70.46 55.93 55.95
C GLU D 493 -70.13 54.63 55.20
N ALA D 494 -69.13 53.88 55.67
CA ALA D 494 -68.76 52.63 54.99
C ALA D 494 -69.84 51.58 55.14
N VAL D 495 -70.40 51.43 56.35
CA VAL D 495 -71.43 50.43 56.57
C VAL D 495 -72.79 50.89 56.08
N CYS D 496 -73.02 52.20 55.98
CA CYS D 496 -74.27 52.71 55.44
C CYS D 496 -74.42 52.38 53.96
N ALA D 497 -73.30 52.25 53.25
CA ALA D 497 -73.37 51.82 51.86
C ALA D 497 -73.70 50.33 51.76
N MET D 498 -73.29 49.53 52.74
CA MET D 498 -73.63 48.11 52.73
C MET D 498 -75.10 47.91 53.07
N ASN D 499 -75.61 48.62 54.07
CA ASN D 499 -77.01 48.57 54.46
C ASN D 499 -77.53 49.99 54.58
N PRO D 500 -78.25 50.50 53.58
CA PRO D 500 -78.74 51.88 53.65
C PRO D 500 -79.73 52.11 54.78
N ASP D 501 -80.20 51.06 55.45
CA ASP D 501 -81.12 51.23 56.56
C ASP D 501 -80.49 51.97 57.72
N LEU D 502 -79.17 51.89 57.85
CA LEU D 502 -78.46 52.54 58.94
C LEU D 502 -78.12 54.00 58.68
N LYS D 503 -78.43 54.53 57.49
CA LYS D 503 -78.14 55.92 57.21
C LYS D 503 -78.96 56.83 58.12
N GLY D 504 -78.28 57.71 58.84
CA GLY D 504 -78.92 58.59 59.79
C GLY D 504 -79.17 57.97 61.15
N LYS D 505 -78.71 56.75 61.38
CA LYS D 505 -78.89 56.09 62.67
C LYS D 505 -77.58 55.84 63.40
N ILE D 506 -76.44 56.19 62.80
CA ILE D 506 -75.13 56.00 63.40
C ILE D 506 -74.54 57.37 63.68
N ASN D 507 -74.24 57.64 64.96
CA ASN D 507 -73.61 58.89 65.37
C ASN D 507 -72.12 58.65 65.55
N ALA D 508 -71.33 59.06 64.57
CA ALA D 508 -69.88 58.88 64.60
C ALA D 508 -69.25 60.10 65.25
N LYS D 509 -68.58 59.88 66.38
CA LYS D 509 -67.90 60.92 67.12
C LYS D 509 -66.40 60.66 67.12
N ILE D 510 -65.64 61.71 67.38
CA ILE D 510 -64.18 61.63 67.37
C ILE D 510 -63.64 61.98 68.75
N ASP D 511 -64.44 61.74 69.79
CA ASP D 511 -64.09 62.09 71.16
C ASP D 511 -63.58 60.86 71.89
N LYS D 512 -62.52 61.05 72.68
CA LYS D 512 -61.94 59.97 73.45
C LYS D 512 -62.79 59.69 74.68
N VAL D 513 -63.08 58.42 74.94
CA VAL D 513 -63.84 58.02 76.11
C VAL D 513 -62.90 58.06 77.31
N GLY D 514 -63.28 58.82 78.34
CA GLY D 514 -62.46 58.97 79.51
C GLY D 514 -62.98 60.06 80.41
N PRO D 515 -62.26 60.33 81.50
CA PRO D 515 -62.67 61.42 82.40
C PRO D 515 -62.64 62.80 81.75
N GLU D 516 -61.95 62.94 80.62
CA GLU D 516 -61.86 64.24 79.97
C GLU D 516 -63.16 64.62 79.27
N THR D 517 -63.91 63.64 78.79
CA THR D 517 -65.13 63.88 78.02
C THR D 517 -66.36 63.36 78.76
N GLU D 518 -66.42 63.57 80.07
CA GLU D 518 -67.58 63.16 80.86
C GLU D 518 -68.75 64.11 80.70
N GLU D 519 -68.55 65.28 80.10
CA GLU D 519 -69.67 66.19 79.83
C GLU D 519 -70.46 65.75 78.61
N ILE D 520 -69.78 65.23 77.60
CA ILE D 520 -70.45 64.72 76.42
C ILE D 520 -71.14 63.39 76.72
N PHE D 521 -70.41 62.47 77.36
CA PHE D 521 -70.98 61.19 77.78
C PHE D 521 -71.50 61.33 79.21
N ASN D 522 -72.57 62.11 79.34
CA ASN D 522 -73.16 62.44 80.63
C ASN D 522 -74.09 61.33 81.10
N ASP D 523 -74.86 61.60 82.15
CA ASP D 523 -75.78 60.59 82.68
C ASP D 523 -76.90 60.30 81.69
N SER D 524 -77.39 61.33 80.98
CA SER D 524 -78.46 61.12 80.03
C SER D 524 -78.02 60.23 78.87
N PHE D 525 -76.75 60.30 78.48
CA PHE D 525 -76.27 59.48 77.38
C PHE D 525 -76.17 58.03 77.81
N TRP D 526 -75.56 57.77 78.97
CA TRP D 526 -75.33 56.39 79.41
C TRP D 526 -76.62 55.68 79.77
N GLU D 527 -77.52 56.38 80.47
CA GLU D 527 -78.75 55.74 80.94
C GLU D 527 -79.67 55.36 79.79
N SER D 528 -79.57 56.03 78.65
CA SER D 528 -80.40 55.72 77.50
C SER D 528 -79.92 54.51 76.72
N LEU D 529 -78.71 54.02 76.99
CA LEU D 529 -78.15 52.91 76.23
C LEU D 529 -78.70 51.58 76.74
N ASP D 530 -78.69 50.58 75.85
CA ASP D 530 -79.08 49.23 76.19
C ASP D 530 -77.90 48.41 76.70
N PHE D 531 -76.78 48.43 75.97
CA PHE D 531 -75.54 47.80 76.42
C PHE D 531 -74.38 48.46 75.68
N VAL D 532 -73.17 48.17 76.15
CA VAL D 532 -71.95 48.76 75.62
C VAL D 532 -71.04 47.64 75.14
N THR D 533 -70.39 47.84 73.99
CA THR D 533 -69.47 46.87 73.42
C THR D 533 -68.09 47.49 73.29
N ASN D 534 -67.09 46.81 73.84
CA ASN D 534 -65.72 47.31 73.86
C ASN D 534 -64.96 46.81 72.64
N ALA D 535 -64.27 47.73 71.96
CA ALA D 535 -63.41 47.42 70.84
C ALA D 535 -62.08 48.12 71.00
N LEU D 536 -61.55 48.11 72.22
CA LEU D 536 -60.33 48.84 72.57
C LEU D 536 -59.13 47.92 72.57
N ASP D 537 -57.94 48.53 72.69
CA ASP D 537 -56.69 47.79 72.67
C ASP D 537 -55.85 47.96 73.94
N ASN D 538 -56.10 48.99 74.73
CA ASN D 538 -55.32 49.24 75.94
C ASN D 538 -56.17 49.01 77.17
N VAL D 539 -55.51 48.69 78.28
CA VAL D 539 -56.22 48.36 79.51
C VAL D 539 -56.75 49.62 80.20
N ASP D 540 -56.11 50.76 79.97
CA ASP D 540 -56.55 52.00 80.63
C ASP D 540 -57.95 52.38 80.18
N ALA D 541 -58.27 52.17 78.90
CA ALA D 541 -59.60 52.51 78.42
C ALA D 541 -60.62 51.42 78.75
N ARG D 542 -60.21 50.15 78.76
CA ARG D 542 -61.12 49.08 79.13
C ARG D 542 -61.61 49.24 80.56
N THR D 543 -60.71 49.57 81.48
CA THR D 543 -61.09 49.68 82.89
C THR D 543 -62.05 50.84 83.11
N TYR D 544 -61.85 51.96 82.40
CA TYR D 544 -62.74 53.09 82.58
C TYR D 544 -64.14 52.77 82.06
N VAL D 545 -64.23 52.15 80.89
CA VAL D 545 -65.53 51.80 80.33
C VAL D 545 -66.21 50.75 81.20
N ASP D 546 -65.44 49.82 81.75
CA ASP D 546 -66.02 48.82 82.66
C ASP D 546 -66.55 49.47 83.93
N ARG D 547 -65.79 50.42 84.50
CA ARG D 547 -66.26 51.11 85.70
C ARG D 547 -67.46 52.00 85.40
N ARG D 548 -67.55 52.53 84.19
CA ARG D 548 -68.75 53.30 83.81
C ARG D 548 -69.96 52.39 83.70
N CYS D 549 -69.78 51.20 83.11
CA CYS D 549 -70.89 50.25 83.01
C CYS D 549 -71.34 49.78 84.37
N VAL D 550 -70.42 49.62 85.32
CA VAL D 550 -70.82 49.24 86.67
C VAL D 550 -71.61 50.38 87.32
N PHE D 551 -71.23 51.62 87.05
CA PHE D 551 -71.93 52.77 87.63
C PHE D 551 -73.35 52.88 87.08
N TYR D 552 -73.49 52.79 85.77
CA TYR D 552 -74.78 52.94 85.11
C TYR D 552 -75.55 51.63 84.96
N ARG D 553 -74.99 50.51 85.41
CA ARG D 553 -75.66 49.21 85.37
C ARG D 553 -76.07 48.85 83.94
N LYS D 554 -75.09 48.87 83.04
CA LYS D 554 -75.32 48.48 81.65
C LYS D 554 -74.47 47.25 81.32
N PRO D 555 -74.97 46.35 80.49
CA PRO D 555 -74.16 45.20 80.09
C PRO D 555 -72.97 45.63 79.24
N LEU D 556 -71.90 44.84 79.32
CA LEU D 556 -70.66 45.13 78.63
C LEU D 556 -70.20 43.90 77.87
N LEU D 557 -69.94 44.07 76.57
CA LEU D 557 -69.42 43.00 75.72
C LEU D 557 -67.94 43.27 75.46
N GLU D 558 -67.07 42.50 76.09
CA GLU D 558 -65.63 42.68 75.99
C GLU D 558 -65.03 41.68 75.01
N SER D 559 -64.03 42.13 74.26
CA SER D 559 -63.36 41.28 73.29
C SER D 559 -61.94 41.78 73.10
N GLY D 560 -61.12 40.95 72.45
CA GLY D 560 -59.73 41.30 72.21
C GLY D 560 -58.96 40.20 71.52
N THR D 561 -58.00 40.57 70.68
CA THR D 561 -57.22 39.61 69.93
C THR D 561 -55.73 39.84 70.20
N LEU D 562 -54.96 38.77 70.10
CA LEU D 562 -53.50 38.82 70.25
C LEU D 562 -52.92 37.72 69.36
N GLY D 563 -52.56 38.08 68.13
CA GLY D 563 -52.06 37.09 67.21
C GLY D 563 -53.15 36.13 66.82
N THR D 564 -52.88 34.84 66.97
CA THR D 564 -53.87 33.80 66.74
C THR D 564 -54.76 33.55 67.94
N LYS D 565 -54.60 34.32 69.02
CA LYS D 565 -55.42 34.16 70.21
C LYS D 565 -56.50 35.22 70.25
N GLY D 566 -57.59 34.91 70.96
CA GLY D 566 -58.69 35.83 71.12
C GLY D 566 -59.60 35.36 72.23
N ASN D 567 -60.38 36.30 72.76
CA ASN D 567 -61.28 35.97 73.87
C ASN D 567 -62.51 36.89 73.83
N THR D 568 -63.59 36.40 74.43
CA THR D 568 -64.81 37.18 74.59
C THR D 568 -65.25 37.10 76.05
N GLN D 569 -65.86 38.18 76.53
CA GLN D 569 -66.33 38.24 77.91
C GLN D 569 -67.64 39.00 77.96
N VAL D 570 -68.60 38.44 78.68
CA VAL D 570 -69.91 39.05 78.86
C VAL D 570 -70.02 39.51 80.30
N ILE D 571 -70.43 40.76 80.50
CA ILE D 571 -70.59 41.36 81.82
C ILE D 571 -72.04 41.80 81.95
N ILE D 572 -72.77 41.14 82.83
CA ILE D 572 -74.19 41.42 83.05
C ILE D 572 -74.34 42.08 84.41
N PRO D 573 -75.02 43.22 84.51
CA PRO D 573 -75.18 43.88 85.82
C PRO D 573 -75.95 43.01 86.79
N ARG D 574 -75.47 43.01 88.04
CA ARG D 574 -76.03 42.28 89.18
C ARG D 574 -75.94 40.77 89.02
N LEU D 575 -75.35 40.27 87.93
CA LEU D 575 -75.30 38.84 87.68
C LEU D 575 -73.87 38.30 87.69
N THR D 576 -72.98 38.84 86.87
CA THR D 576 -71.62 38.34 86.72
C THR D 576 -70.62 39.41 87.19
N GLU D 577 -69.36 38.99 87.25
CA GLU D 577 -68.30 39.91 87.60
C GLU D 577 -67.90 40.76 86.39
N SER D 578 -67.20 41.85 86.68
CA SER D 578 -66.81 42.82 85.65
C SER D 578 -65.50 42.39 85.01
N TYR D 579 -65.01 43.19 84.06
CA TYR D 579 -63.74 42.92 83.43
C TYR D 579 -62.55 43.28 84.31
N SER D 580 -62.76 44.04 85.39
CA SER D 580 -61.66 44.36 86.28
C SER D 580 -61.43 43.26 87.32
N SER D 581 -62.47 42.49 87.64
CA SER D 581 -62.36 41.40 88.61
C SER D 581 -61.94 40.09 87.97
N SER D 582 -61.23 40.14 86.84
CA SER D 582 -60.73 38.95 86.16
C SER D 582 -59.26 38.99 85.79
N ARG D 583 -58.65 40.17 85.72
CA ARG D 583 -57.23 40.25 85.41
C ARG D 583 -56.40 39.66 86.54
N ASP D 584 -55.42 38.84 86.18
CA ASP D 584 -54.59 38.11 87.11
C ASP D 584 -53.12 38.31 86.75
N PRO D 585 -52.20 38.10 87.71
CA PRO D 585 -50.75 38.19 87.45
C PRO D 585 -50.29 37.33 86.27
N LEU D 592 -37.67 44.56 84.76
CA LEU D 592 -36.94 44.79 86.00
C LEU D 592 -35.80 45.78 85.78
N CYS D 593 -35.49 46.56 86.82
CA CYS D 593 -34.43 47.56 86.71
C CYS D 593 -33.04 46.94 86.84
N THR D 594 -32.90 45.89 87.66
CA THR D 594 -31.61 45.23 87.79
C THR D 594 -31.12 44.70 86.46
N LEU D 595 -32.02 44.11 85.67
CA LEU D 595 -31.66 43.58 84.36
C LEU D 595 -31.28 44.67 83.37
N ARG D 596 -31.74 45.91 83.61
CA ARG D 596 -31.39 47.00 82.72
C ARG D 596 -29.92 47.39 82.87
N SER D 597 -29.38 47.27 84.08
CA SER D 597 -27.99 47.65 84.32
C SER D 597 -27.02 46.59 83.79
N PHE D 598 -27.33 45.31 84.03
CA PHE D 598 -26.51 44.19 83.56
C PHE D 598 -27.39 43.31 82.67
N PRO D 599 -27.39 43.54 81.37
CA PRO D 599 -28.31 42.81 80.48
C PRO D 599 -27.80 41.41 80.16
N ASN D 600 -28.76 40.51 79.87
CA ASN D 600 -28.46 39.18 79.38
C ASN D 600 -29.31 38.76 78.19
N LYS D 601 -30.33 39.55 77.83
CA LYS D 601 -31.14 39.30 76.65
C LYS D 601 -31.24 40.58 75.84
N ILE D 602 -31.64 40.43 74.57
CA ILE D 602 -31.75 41.59 73.68
C ILE D 602 -32.83 42.56 74.13
N ASP D 603 -33.80 42.11 74.93
CA ASP D 603 -34.84 43.02 75.40
C ASP D 603 -34.27 44.10 76.32
N HIS D 604 -33.23 43.77 77.09
CA HIS D 604 -32.69 44.72 78.05
C HIS D 604 -31.85 45.81 77.36
N THR D 605 -31.16 45.48 76.26
CA THR D 605 -30.37 46.49 75.57
C THR D 605 -31.27 47.47 74.83
N ILE D 606 -32.42 47.01 74.35
CA ILE D 606 -33.36 47.91 73.68
C ILE D 606 -33.98 48.87 74.69
N ALA D 607 -34.37 48.35 75.86
CA ALA D 607 -34.88 49.24 76.91
C ALA D 607 -33.81 50.20 77.40
N TRP D 608 -32.56 49.76 77.42
CA TRP D 608 -31.47 50.66 77.78
C TRP D 608 -31.24 51.71 76.70
N ALA D 609 -31.29 51.31 75.44
CA ALA D 609 -31.11 52.26 74.35
C ALA D 609 -32.31 53.20 74.22
N LYS D 610 -33.52 52.69 74.48
CA LYS D 610 -34.70 53.52 74.38
C LYS D 610 -34.71 54.63 75.42
N SER D 611 -34.19 54.35 76.62
CA SER D 611 -34.11 55.39 77.64
C SER D 611 -33.02 56.40 77.32
N LEU D 612 -31.90 55.94 76.77
CA LEU D 612 -30.84 56.84 76.35
C LEU D 612 -31.29 57.71 75.18
N PHE D 613 -32.11 57.17 74.28
CA PHE D 613 -32.62 57.96 73.16
C PHE D 613 -33.49 59.10 73.64
N GLN D 614 -34.20 58.93 74.76
CA GLN D 614 -35.04 60.00 75.28
C GLN D 614 -34.20 61.08 75.94
N GLY D 615 -33.22 60.70 76.76
CA GLY D 615 -32.39 61.67 77.44
C GLY D 615 -31.46 62.42 76.52
N TYR D 616 -31.19 61.88 75.32
CA TYR D 616 -30.29 62.55 74.39
C TYR D 616 -31.00 63.64 73.62
N PHE D 617 -32.15 63.33 73.00
CA PHE D 617 -32.80 64.23 72.07
C PHE D 617 -34.19 64.67 72.48
N THR D 618 -34.71 64.21 73.62
CA THR D 618 -36.03 64.60 74.09
C THR D 618 -35.98 65.30 75.44
N ASP D 619 -35.27 64.72 76.42
CA ASP D 619 -35.22 65.32 77.75
C ASP D 619 -34.26 66.50 77.82
N SER D 620 -33.15 66.44 77.09
CA SER D 620 -32.20 67.56 77.12
C SER D 620 -32.82 68.81 76.49
N ALA D 621 -33.65 68.64 75.45
CA ALA D 621 -34.26 69.78 74.80
C ALA D 621 -35.37 70.38 75.64
N GLU D 622 -36.16 69.54 76.31
CA GLU D 622 -37.26 70.05 77.13
C GLU D 622 -36.74 70.77 78.37
N ASN D 623 -35.55 70.41 78.85
CA ASN D 623 -34.97 71.14 79.98
C ASN D 623 -34.46 72.51 79.55
N VAL D 624 -33.89 72.60 78.35
CA VAL D 624 -33.45 73.90 77.83
C VAL D 624 -34.64 74.77 77.48
N ASN D 625 -35.70 74.16 76.91
CA ASN D 625 -36.89 74.93 76.58
C ASN D 625 -37.57 75.50 77.81
N MET D 626 -37.44 74.83 78.95
CA MET D 626 -38.02 75.32 80.20
C MET D 626 -37.09 76.28 80.93
N TYR D 627 -35.78 76.08 80.82
CA TYR D 627 -34.84 77.02 81.43
C TYR D 627 -34.92 78.39 80.78
N LEU D 628 -35.31 78.44 79.50
CA LEU D 628 -35.42 79.70 78.77
C LEU D 628 -36.78 80.35 78.92
N THR D 629 -37.83 79.55 79.17
CA THR D 629 -39.19 80.08 79.27
C THR D 629 -39.65 80.30 80.71
N GLN D 630 -38.99 79.68 81.68
CA GLN D 630 -39.33 79.89 83.08
C GLN D 630 -38.17 80.59 83.77
N PRO D 631 -38.35 81.81 84.28
CA PRO D 631 -37.22 82.49 84.94
C PRO D 631 -36.84 81.83 86.25
N ASN D 632 -37.84 81.40 87.03
CA ASN D 632 -37.62 80.73 88.30
C ASN D 632 -37.37 79.24 88.16
N PHE D 633 -37.04 78.78 86.94
CA PHE D 633 -36.87 77.34 86.71
C PHE D 633 -35.76 76.76 87.57
N VAL D 634 -34.72 77.55 87.86
CA VAL D 634 -33.65 77.06 88.73
C VAL D 634 -34.20 76.76 90.12
N GLU D 635 -34.98 77.70 90.67
CA GLU D 635 -35.60 77.49 91.98
C GLU D 635 -36.71 76.46 91.93
N GLN D 636 -37.34 76.29 90.76
CA GLN D 636 -38.46 75.37 90.64
C GLN D 636 -38.01 73.91 90.75
N THR D 637 -36.81 73.58 90.27
CA THR D 637 -36.37 72.19 90.27
C THR D 637 -36.14 71.66 91.68
N LEU D 638 -35.73 72.50 92.62
CA LEU D 638 -35.54 72.01 94.00
C LEU D 638 -36.88 71.65 94.64
N LYS D 645 -29.50 67.20 90.35
CA LYS D 645 -28.24 67.43 89.65
C LYS D 645 -28.34 66.96 88.20
N GLY D 646 -29.14 65.91 87.97
CA GLY D 646 -29.27 65.37 86.63
C GLY D 646 -29.90 66.36 85.65
N VAL D 647 -30.80 67.20 86.13
CA VAL D 647 -31.42 68.21 85.27
C VAL D 647 -30.45 69.36 85.02
N LEU D 648 -29.71 69.78 86.04
CA LEU D 648 -28.74 70.85 85.85
C LEU D 648 -27.59 70.42 84.96
N GLU D 649 -27.17 69.15 85.07
CA GLU D 649 -26.09 68.66 84.23
C GLU D 649 -26.48 68.63 82.77
N SER D 650 -27.75 68.31 82.48
CA SER D 650 -28.19 68.19 81.09
C SER D 650 -28.20 69.54 80.38
N ILE D 651 -28.58 70.60 81.09
CA ILE D 651 -28.64 71.92 80.45
C ILE D 651 -27.25 72.49 80.24
N SER D 652 -26.28 72.14 81.10
CA SER D 652 -24.94 72.70 80.96
C SER D 652 -24.21 72.16 79.74
N ASP D 653 -24.29 70.85 79.51
CA ASP D 653 -23.60 70.26 78.37
C ASP D 653 -24.30 70.57 77.05
N SER D 654 -25.61 70.83 77.09
CA SER D 654 -26.35 71.09 75.86
C SER D 654 -26.05 72.48 75.30
N LEU D 655 -25.47 73.37 76.10
CA LEU D 655 -25.14 74.72 75.64
C LEU D 655 -23.64 74.97 75.59
N SER D 656 -22.82 73.99 75.94
CA SER D 656 -21.37 74.15 75.88
C SER D 656 -20.80 73.69 74.54
N SER D 657 -21.02 72.43 74.19
CA SER D 657 -20.56 71.89 72.90
C SER D 657 -21.67 72.00 71.85
N LYS D 658 -22.10 73.24 71.64
CA LYS D 658 -23.17 73.52 70.68
C LYS D 658 -22.67 73.33 69.25
N PRO D 659 -23.24 72.42 68.48
CA PRO D 659 -22.75 72.20 67.11
C PRO D 659 -23.17 73.32 66.16
N HIS D 660 -22.34 73.55 65.16
CA HIS D 660 -22.57 74.59 64.16
C HIS D 660 -23.01 74.02 62.81
N ASN D 661 -22.33 72.99 62.33
CA ASN D 661 -22.67 72.34 61.07
C ASN D 661 -22.88 70.86 61.31
N PHE D 662 -23.17 70.14 60.23
CA PHE D 662 -23.42 68.70 60.33
C PHE D 662 -22.16 67.93 60.69
N GLU D 663 -20.97 68.50 60.45
CA GLU D 663 -19.73 67.81 60.79
C GLU D 663 -19.52 67.76 62.29
N ASP D 664 -20.03 68.74 63.04
CA ASP D 664 -19.89 68.71 64.49
C ASP D 664 -20.75 67.63 65.12
N CYS D 665 -21.88 67.28 64.49
CA CYS D 665 -22.72 66.21 65.02
C CYS D 665 -22.05 64.85 64.91
N ILE D 666 -21.26 64.64 63.85
CA ILE D 666 -20.52 63.39 63.73
C ILE D 666 -19.48 63.29 64.84
N LYS D 667 -18.84 64.40 65.17
CA LYS D 667 -17.87 64.41 66.25
C LYS D 667 -18.52 64.11 67.60
N TRP D 668 -19.70 64.67 67.83
CA TRP D 668 -20.40 64.42 69.09
C TRP D 668 -20.87 62.97 69.17
N ALA D 669 -21.38 62.44 68.06
CA ALA D 669 -21.85 61.06 68.06
C ALA D 669 -20.71 60.07 68.19
N ARG D 670 -19.57 60.37 67.57
CA ARG D 670 -18.41 59.48 67.69
C ARG D 670 -17.89 59.46 69.12
N LEU D 671 -17.92 60.60 69.80
CA LEU D 671 -17.48 60.65 71.19
C LEU D 671 -18.43 59.90 72.11
N GLU D 672 -19.74 59.97 71.83
CA GLU D 672 -20.70 59.24 72.64
C GLU D 672 -20.51 57.73 72.53
N PHE D 673 -20.04 57.26 71.37
CA PHE D 673 -19.73 55.84 71.22
C PHE D 673 -18.62 55.41 72.18
N GLU D 674 -17.56 56.21 72.25
CA GLU D 674 -16.44 55.89 73.12
C GLU D 674 -16.81 56.01 74.61
N LYS D 675 -17.75 56.90 74.93
CA LYS D 675 -18.12 57.08 76.33
C LYS D 675 -18.96 55.92 76.83
N LYS D 676 -20.04 55.59 76.10
CA LYS D 676 -21.00 54.60 76.56
C LYS D 676 -20.52 53.16 76.36
N PHE D 677 -19.69 52.92 75.35
CA PHE D 677 -19.31 51.56 75.00
C PHE D 677 -17.84 51.25 75.18
N ASN D 678 -17.00 52.26 75.42
CA ASN D 678 -15.58 52.05 75.68
C ASN D 678 -15.15 52.55 77.04
N HIS D 679 -15.47 53.79 77.39
CA HIS D 679 -15.01 54.33 78.67
C HIS D 679 -15.81 53.76 79.83
N ASP D 680 -17.14 53.84 79.76
CA ASP D 680 -17.97 53.37 80.86
C ASP D 680 -17.82 51.86 81.08
N ILE D 681 -17.53 51.11 80.03
CA ILE D 681 -17.31 49.68 80.18
C ILE D 681 -15.98 49.41 80.88
N LYS D 682 -14.94 50.17 80.52
CA LYS D 682 -13.66 50.03 81.21
C LYS D 682 -13.77 50.52 82.65
N GLN D 683 -14.53 51.58 82.89
CA GLN D 683 -14.71 52.09 84.25
C GLN D 683 -15.44 51.09 85.13
N LEU D 684 -16.43 50.39 84.57
CA LEU D 684 -17.11 49.34 85.32
C LEU D 684 -16.17 48.17 85.59
N LEU D 685 -15.40 47.77 84.59
CA LEU D 685 -14.46 46.67 84.75
C LEU D 685 -13.30 47.02 85.68
N PHE D 686 -13.04 48.29 85.93
CA PHE D 686 -11.99 48.65 86.89
C PHE D 686 -12.45 48.38 88.32
N ASN D 687 -13.68 48.74 88.65
CA ASN D 687 -14.20 48.48 89.99
C ASN D 687 -14.51 47.00 90.20
N PHE D 688 -15.10 46.35 89.19
CA PHE D 688 -15.40 44.92 89.24
C PHE D 688 -14.74 44.24 88.04
N PRO D 689 -13.52 43.76 88.20
CA PRO D 689 -12.84 43.08 87.08
C PRO D 689 -13.53 41.76 86.74
N LYS D 690 -13.09 41.19 85.62
CA LYS D 690 -13.60 39.89 85.20
C LYS D 690 -13.25 38.79 86.19
N ASP D 691 -12.23 39.02 87.02
CA ASP D 691 -11.79 38.05 88.02
C ASP D 691 -12.28 38.42 89.41
N ALA D 692 -13.21 39.36 89.52
CA ALA D 692 -13.71 39.80 90.82
C ALA D 692 -14.41 38.66 91.55
N LYS D 693 -14.38 38.73 92.88
CA LYS D 693 -15.00 37.73 93.73
C LYS D 693 -15.88 38.43 94.77
N THR D 694 -16.92 37.73 95.20
CA THR D 694 -17.87 38.27 96.17
C THR D 694 -17.38 37.97 97.59
N SER D 695 -18.24 38.19 98.58
CA SER D 695 -17.87 37.95 99.96
C SER D 695 -17.57 36.47 100.19
N ASN D 696 -18.45 35.59 99.70
CA ASN D 696 -18.28 34.15 99.89
C ASN D 696 -17.19 33.55 99.01
N GLY D 697 -16.50 34.35 98.21
CA GLY D 697 -15.52 33.84 97.29
C GLY D 697 -16.05 33.42 95.94
N GLU D 698 -17.33 33.67 95.66
CA GLU D 698 -17.90 33.31 94.38
C GLU D 698 -17.57 34.37 93.33
N PRO D 699 -17.37 33.97 92.07
CA PRO D 699 -17.09 34.96 91.02
C PRO D 699 -18.24 35.93 90.86
N PHE D 700 -17.90 37.22 90.78
CA PHE D 700 -18.92 38.25 90.63
C PHE D 700 -19.68 38.09 89.32
N TRP D 701 -18.95 37.87 88.22
CA TRP D 701 -19.57 37.71 86.91
C TRP D 701 -19.90 36.25 86.71
N SER D 702 -21.10 35.86 87.13
CA SER D 702 -21.53 34.48 86.98
C SER D 702 -23.05 34.44 86.94
N GLY D 703 -23.58 33.44 86.24
CA GLY D 703 -25.02 33.30 86.11
C GLY D 703 -25.64 34.35 85.21
N ALA D 704 -26.58 35.13 85.76
CA ALA D 704 -27.25 36.16 84.98
C ALA D 704 -26.33 37.32 84.63
N LYS D 705 -25.15 37.40 85.23
CA LYS D 705 -24.22 38.49 84.97
C LYS D 705 -23.24 38.08 83.89
N ARG D 706 -23.04 38.94 82.91
CA ARG D 706 -22.13 38.69 81.80
C ARG D 706 -21.05 39.76 81.82
N ALA D 707 -19.80 39.34 81.91
CA ALA D 707 -18.67 40.27 81.98
C ALA D 707 -18.56 41.04 80.67
N PRO D 708 -18.72 42.36 80.69
CA PRO D 708 -18.67 43.12 79.44
C PRO D 708 -17.25 43.26 78.91
N THR D 709 -17.16 43.77 77.68
CA THR D 709 -15.89 44.06 77.05
C THR D 709 -16.02 45.36 76.27
N PRO D 710 -15.03 46.24 76.36
CA PRO D 710 -15.13 47.53 75.66
C PRO D 710 -15.08 47.33 74.15
N LEU D 711 -15.86 48.15 73.43
CA LEU D 711 -15.91 48.06 71.99
C LEU D 711 -14.88 49.00 71.36
N GLU D 712 -14.17 48.49 70.36
CA GLU D 712 -13.31 49.30 69.52
C GLU D 712 -14.10 49.71 68.29
N PHE D 713 -14.27 51.02 68.10
CA PHE D 713 -15.11 51.54 67.04
C PHE D 713 -14.65 51.05 65.67
N ASP D 714 -15.59 50.52 64.90
CA ASP D 714 -15.34 50.04 63.55
C ASP D 714 -16.40 50.64 62.65
N ILE D 715 -16.01 51.58 61.78
CA ILE D 715 -16.99 52.22 60.91
C ILE D 715 -17.57 51.23 59.91
N TYR D 716 -16.86 50.12 59.63
CA TYR D 716 -17.40 49.11 58.73
C TYR D 716 -18.39 48.20 59.43
N ASN D 717 -18.40 48.19 60.76
CA ASN D 717 -19.45 47.51 61.49
C ASN D 717 -20.75 48.29 61.34
N ASN D 718 -21.82 47.60 60.93
CA ASN D 718 -23.07 48.28 60.63
C ASN D 718 -23.68 48.91 61.88
N ASP D 719 -23.42 48.34 63.05
CA ASP D 719 -24.02 48.88 64.27
C ASP D 719 -23.23 50.08 64.80
N HIS D 720 -21.90 50.04 64.68
CA HIS D 720 -21.09 51.19 65.09
C HIS D 720 -21.29 52.36 64.14
N PHE D 721 -21.43 52.08 62.84
CA PHE D 721 -21.59 53.14 61.85
C PHE D 721 -22.92 53.85 62.02
N HIS D 722 -24.01 53.09 62.16
CA HIS D 722 -25.32 53.71 62.27
C HIS D 722 -25.53 54.40 63.61
N PHE D 723 -24.79 54.03 64.64
CA PHE D 723 -24.88 54.75 65.90
C PHE D 723 -24.40 56.19 65.75
N VAL D 724 -23.41 56.41 64.89
CA VAL D 724 -22.93 57.76 64.63
C VAL D 724 -23.85 58.48 63.65
N VAL D 725 -24.30 57.77 62.61
CA VAL D 725 -25.17 58.38 61.60
C VAL D 725 -26.49 58.81 62.24
N ALA D 726 -27.14 57.91 62.97
CA ALA D 726 -28.42 58.26 63.59
C ALA D 726 -28.21 59.27 64.71
N GLY D 727 -27.11 59.15 65.46
CA GLY D 727 -26.83 60.11 66.50
C GLY D 727 -26.61 61.50 65.96
N ALA D 728 -25.88 61.60 64.84
CA ALA D 728 -25.65 62.92 64.24
C ALA D 728 -26.94 63.50 63.66
N SER D 729 -27.73 62.68 62.97
CA SER D 729 -28.96 63.18 62.37
C SER D 729 -29.97 63.61 63.43
N LEU D 730 -29.98 62.95 64.59
CA LEU D 730 -30.93 63.30 65.64
C LEU D 730 -30.50 64.52 66.41
N ARG D 731 -29.20 64.66 66.68
CA ARG D 731 -28.70 65.88 67.32
C ARG D 731 -28.88 67.08 66.40
N ALA D 732 -28.68 66.88 65.09
CA ALA D 732 -28.90 67.96 64.13
C ALA D 732 -30.35 68.42 64.11
N TYR D 733 -31.29 67.54 64.43
CA TYR D 733 -32.69 67.95 64.51
C TYR D 733 -32.95 68.84 65.72
N ASN D 734 -32.21 68.63 66.81
CA ASN D 734 -32.40 69.46 67.99
C ASN D 734 -31.98 70.90 67.71
N TYR D 735 -30.83 71.08 67.08
CA TYR D 735 -30.32 72.42 66.81
C TYR D 735 -30.71 72.92 65.42
N GLY D 736 -31.50 72.16 64.66
CA GLY D 736 -32.02 72.60 63.39
C GLY D 736 -31.00 72.79 62.28
N ILE D 737 -29.91 72.04 62.30
CA ILE D 737 -28.87 72.13 61.28
C ILE D 737 -29.01 70.98 60.30
N LYS D 738 -28.93 71.29 59.01
CA LYS D 738 -28.96 70.28 57.94
C LYS D 738 -28.46 70.85 56.63
N LYS D 745 -28.88 60.05 52.62
CA LYS D 745 -28.07 58.88 52.28
C LYS D 745 -26.66 59.07 52.79
N PRO D 746 -26.32 58.40 53.90
CA PRO D 746 -24.98 58.57 54.48
C PRO D 746 -23.92 57.79 53.73
N ASN D 747 -22.73 58.40 53.63
CA ASN D 747 -21.58 57.80 52.99
C ASN D 747 -20.56 57.39 54.05
N VAL D 748 -20.02 56.19 53.92
CA VAL D 748 -19.09 55.69 54.94
C VAL D 748 -17.77 56.45 54.87
N ASP D 749 -17.26 56.69 53.67
CA ASP D 749 -15.98 57.39 53.53
C ASP D 749 -16.06 58.83 54.01
N GLU D 750 -17.21 59.49 53.80
CA GLU D 750 -17.37 60.86 54.29
C GLU D 750 -17.38 60.91 55.81
N TYR D 751 -18.12 60.00 56.45
CA TYR D 751 -18.10 59.92 57.91
C TYR D 751 -16.75 59.45 58.43
N LYS D 752 -16.00 58.70 57.62
CA LYS D 752 -14.70 58.19 58.06
C LYS D 752 -13.67 59.30 58.10
N SER D 753 -13.68 60.19 57.09
CA SER D 753 -12.74 61.30 57.08
C SER D 753 -12.98 62.24 58.24
N VAL D 754 -14.22 62.33 58.73
CA VAL D 754 -14.51 63.16 59.89
C VAL D 754 -14.00 62.51 61.17
N ILE D 755 -14.09 61.17 61.24
CA ILE D 755 -13.67 60.47 62.44
C ILE D 755 -12.16 60.25 62.45
N ASP D 756 -11.57 59.98 61.27
CA ASP D 756 -10.13 59.75 61.20
C ASP D 756 -9.32 60.99 61.53
N HIS D 757 -9.94 62.18 61.48
CA HIS D 757 -9.28 63.43 61.84
C HIS D 757 -9.56 63.83 63.28
N MET D 758 -10.23 62.98 64.05
CA MET D 758 -10.53 63.28 65.44
C MET D 758 -9.45 62.74 66.36
N ILE D 759 -9.36 63.35 67.53
CA ILE D 759 -8.49 62.92 68.61
C ILE D 759 -9.39 62.34 69.70
N ILE D 760 -9.27 61.04 69.93
CA ILE D 760 -10.10 60.34 70.91
C ILE D 760 -9.37 60.33 72.25
N PRO D 761 -9.93 60.91 73.30
CA PRO D 761 -9.25 60.89 74.61
C PRO D 761 -9.10 59.47 75.12
N GLU D 762 -7.98 59.22 75.78
CA GLU D 762 -7.73 57.91 76.35
C GLU D 762 -8.55 57.70 77.62
N PHE D 763 -8.53 56.48 78.13
CA PHE D 763 -9.28 56.13 79.34
C PHE D 763 -8.35 56.20 80.54
N THR D 764 -8.81 56.87 81.59
CA THR D 764 -8.12 56.95 82.86
C THR D 764 -9.15 56.70 83.96
N PRO D 765 -8.85 55.83 84.93
CA PRO D 765 -9.85 55.55 85.97
C PRO D 765 -10.20 56.81 86.74
N ASN D 766 -11.47 56.91 87.11
CA ASN D 766 -11.98 58.10 87.79
C ASN D 766 -12.23 57.81 89.26
N ILE D 791 -22.39 72.08 94.84
CA ILE D 791 -23.35 72.07 93.74
C ILE D 791 -23.55 73.49 93.20
N ASP D 792 -23.13 74.48 93.99
CA ASP D 792 -23.22 75.86 93.56
C ASP D 792 -22.32 76.17 92.37
N GLN D 793 -21.34 75.32 92.09
CA GLN D 793 -20.51 75.51 90.91
C GLN D 793 -21.28 75.21 89.63
N LEU D 794 -22.20 74.25 89.69
CA LEU D 794 -22.96 73.90 88.49
C LEU D 794 -23.97 75.00 88.15
N VAL D 795 -24.64 75.57 89.15
CA VAL D 795 -25.64 76.59 88.91
C VAL D 795 -25.03 77.91 88.45
N SER D 796 -23.72 78.09 88.65
CA SER D 796 -23.06 79.32 88.24
C SER D 796 -22.45 79.24 86.84
N SER D 797 -22.26 78.02 86.30
CA SER D 797 -21.72 77.85 84.97
C SER D 797 -22.76 78.02 83.87
N LEU D 798 -24.04 78.01 84.22
CA LEU D 798 -25.09 78.16 83.21
C LEU D 798 -25.11 79.57 82.66
N PRO D 799 -25.16 79.76 81.35
CA PRO D 799 -25.28 81.11 80.79
C PRO D 799 -26.64 81.71 81.08
N ASP D 800 -26.72 83.02 80.94
CA ASP D 800 -27.98 83.69 81.21
C ASP D 800 -28.95 83.49 80.05
N PRO D 801 -30.25 83.41 80.33
CA PRO D 801 -31.23 83.29 79.23
C PRO D 801 -31.22 84.48 78.28
N SER D 802 -30.77 85.64 78.73
CA SER D 802 -30.70 86.81 77.86
C SER D 802 -29.61 86.71 76.80
N THR D 803 -28.59 85.87 77.02
CA THR D 803 -27.55 85.70 76.01
C THR D 803 -28.10 85.06 74.73
N LEU D 804 -28.85 83.96 74.89
CA LEU D 804 -29.48 83.29 73.77
C LEU D 804 -30.97 83.63 73.76
N ALA D 805 -31.28 84.79 73.20
CA ALA D 805 -32.64 85.29 73.14
C ALA D 805 -33.39 84.62 71.99
N GLY D 806 -34.48 83.94 72.32
CA GLY D 806 -35.25 83.23 71.31
C GLY D 806 -34.69 81.90 70.88
N PHE D 807 -33.61 81.43 71.51
CA PHE D 807 -33.02 80.13 71.17
C PHE D 807 -33.98 79.02 71.57
N LYS D 808 -34.36 78.19 70.60
CA LYS D 808 -35.31 77.11 70.81
C LYS D 808 -34.74 75.81 70.31
N LEU D 809 -34.79 74.78 71.14
CA LEU D 809 -34.43 73.41 70.76
C LEU D 809 -35.68 72.65 70.36
N GLU D 810 -35.57 71.82 69.33
CA GLU D 810 -36.71 71.07 68.84
C GLU D 810 -36.72 69.69 69.49
N PRO D 811 -37.62 69.41 70.42
CA PRO D 811 -37.64 68.10 71.05
C PRO D 811 -38.08 67.02 70.08
N VAL D 812 -37.50 65.83 70.25
CA VAL D 812 -37.79 64.70 69.37
C VAL D 812 -38.98 63.94 69.92
N ASP D 813 -40.03 63.81 69.10
CA ASP D 813 -41.20 63.03 69.46
C ASP D 813 -41.06 61.63 68.89
N PHE D 814 -41.00 60.63 69.77
CA PHE D 814 -40.74 59.27 69.34
C PHE D 814 -41.86 58.77 68.44
N GLU D 815 -41.49 58.32 67.25
CA GLU D 815 -42.44 57.78 66.27
C GLU D 815 -41.93 56.43 65.78
N LYS D 816 -42.70 55.38 66.05
CA LYS D 816 -42.25 54.02 65.74
C LYS D 816 -42.50 53.64 64.29
N ASP D 817 -43.48 54.27 63.63
CA ASP D 817 -43.88 53.86 62.29
C ASP D 817 -43.13 54.58 61.17
N ASP D 818 -42.36 55.63 61.48
CA ASP D 818 -41.60 56.34 60.47
C ASP D 818 -40.20 55.77 60.38
N ASP D 819 -39.78 55.35 59.18
CA ASP D 819 -38.50 54.72 58.96
C ASP D 819 -37.44 55.68 58.42
N THR D 820 -37.75 56.97 58.35
CA THR D 820 -36.81 57.96 57.85
C THR D 820 -36.41 59.00 58.89
N ASN D 821 -36.99 58.96 60.09
CA ASN D 821 -36.66 59.91 61.13
C ASN D 821 -35.46 59.49 61.97
N HIS D 822 -34.81 58.38 61.61
CA HIS D 822 -33.64 57.86 62.30
C HIS D 822 -33.93 57.48 63.76
N HIS D 823 -35.20 57.33 64.12
CA HIS D 823 -35.56 56.94 65.48
C HIS D 823 -35.27 55.47 65.72
N ILE D 824 -35.83 54.59 64.88
CA ILE D 824 -35.55 53.17 64.99
C ILE D 824 -34.11 52.89 64.60
N GLU D 825 -33.55 53.69 63.69
CA GLU D 825 -32.15 53.50 63.30
C GLU D 825 -31.23 53.68 64.50
N PHE D 826 -31.53 54.65 65.35
CA PHE D 826 -30.69 54.89 66.52
C PHE D 826 -30.86 53.78 67.55
N ILE D 827 -32.11 53.48 67.92
CA ILE D 827 -32.35 52.51 68.98
C ILE D 827 -31.82 51.15 68.58
N THR D 828 -31.96 50.78 67.31
CA THR D 828 -31.44 49.49 66.84
C THR D 828 -29.92 49.45 66.96
N ALA D 829 -29.23 50.48 66.44
CA ALA D 829 -27.77 50.50 66.50
C ALA D 829 -27.29 50.62 67.94
N CYS D 830 -27.94 51.48 68.75
CA CYS D 830 -27.51 51.66 70.12
C CYS D 830 -27.71 50.40 70.95
N SER D 831 -28.82 49.69 70.72
CA SER D 831 -29.08 48.46 71.47
C SER D 831 -28.10 47.36 71.08
N ASN D 832 -27.79 47.24 69.78
CA ASN D 832 -26.86 46.20 69.36
C ASN D 832 -25.44 46.49 69.82
N CYS D 833 -25.09 47.77 69.96
CA CYS D 833 -23.76 48.11 70.47
C CYS D 833 -23.59 47.63 71.90
N ARG D 834 -24.58 47.88 72.76
CA ARG D 834 -24.52 47.34 74.10
C ARG D 834 -24.61 45.81 74.10
N ALA D 835 -25.28 45.24 73.12
CA ALA D 835 -25.31 43.79 73.00
C ALA D 835 -23.92 43.24 72.72
N GLN D 836 -23.14 43.93 71.89
CA GLN D 836 -21.77 43.50 71.64
C GLN D 836 -20.92 43.64 72.89
N ASN D 837 -21.29 44.56 73.79
CA ASN D 837 -20.56 44.70 75.04
C ASN D 837 -20.73 43.46 75.91
N TYR D 838 -21.98 43.06 76.16
CA TYR D 838 -22.29 41.97 77.08
C TYR D 838 -22.48 40.63 76.35
N PHE D 839 -21.94 40.51 75.14
CA PHE D 839 -21.97 39.25 74.38
C PHE D 839 -23.41 38.78 74.15
N ILE D 840 -24.29 39.71 73.81
CA ILE D 840 -25.67 39.42 73.47
C ILE D 840 -25.82 39.49 71.96
N GLU D 841 -26.56 38.54 71.39
CA GLU D 841 -26.76 38.52 69.94
C GLU D 841 -27.56 39.74 69.51
N THR D 842 -27.10 40.39 68.44
CA THR D 842 -27.75 41.61 67.98
C THR D 842 -29.09 41.29 67.32
N ALA D 843 -29.90 42.33 67.12
CA ALA D 843 -31.20 42.21 66.48
C ALA D 843 -31.36 43.26 65.40
N ASP D 844 -32.20 42.96 64.42
CA ASP D 844 -32.44 43.87 63.30
C ASP D 844 -33.46 44.93 63.69
N ARG D 845 -33.84 45.77 62.72
CA ARG D 845 -34.77 46.86 63.00
C ARG D 845 -36.17 46.34 63.33
N GLN D 846 -36.63 45.32 62.59
CA GLN D 846 -37.98 44.84 62.78
C GLN D 846 -38.18 44.22 64.15
N LYS D 847 -37.17 43.50 64.66
CA LYS D 847 -37.28 42.98 66.01
C LYS D 847 -37.17 44.09 67.04
N THR D 848 -36.36 45.11 66.75
CA THR D 848 -36.26 46.24 67.66
C THR D 848 -37.53 47.07 67.66
N LYS D 849 -38.11 47.31 66.47
CA LYS D 849 -39.37 48.04 66.40
C LYS D 849 -40.48 47.32 67.18
N PHE D 850 -40.45 45.99 67.19
CA PHE D 850 -41.46 45.24 67.93
C PHE D 850 -41.29 45.44 69.44
N ILE D 851 -40.07 45.33 69.93
CA ILE D 851 -39.83 45.41 71.36
C ILE D 851 -39.89 46.85 71.86
N ALA D 852 -39.33 47.78 71.09
CA ALA D 852 -39.32 49.18 71.52
C ALA D 852 -40.71 49.78 71.45
N GLY D 853 -41.42 49.56 70.35
CA GLY D 853 -42.76 50.08 70.19
C GLY D 853 -43.84 49.29 70.90
N ARG D 854 -43.50 48.12 71.43
CA ARG D 854 -44.46 47.26 72.12
C ARG D 854 -45.67 46.96 71.23
N ILE D 855 -45.40 46.68 69.96
CA ILE D 855 -46.46 46.45 69.00
C ILE D 855 -47.18 45.14 69.34
N ILE D 856 -48.50 45.17 69.28
CA ILE D 856 -49.32 43.99 69.52
C ILE D 856 -49.60 43.34 68.17
N PRO D 857 -49.21 42.08 67.95
CA PRO D 857 -49.50 41.41 66.68
C PRO D 857 -51.00 41.16 66.54
N ALA D 858 -51.53 41.49 65.36
CA ALA D 858 -52.96 41.34 65.09
C ALA D 858 -53.16 40.91 63.64
N ILE D 859 -53.83 39.78 63.45
CA ILE D 859 -54.16 39.27 62.13
C ILE D 859 -55.67 39.42 61.93
N ALA D 860 -56.07 39.56 60.67
CA ALA D 860 -57.47 39.83 60.35
C ALA D 860 -58.36 38.61 60.54
N THR D 861 -57.79 37.40 60.61
CA THR D 861 -58.64 36.22 60.75
C THR D 861 -59.18 36.10 62.17
N THR D 862 -58.32 36.21 63.17
CA THR D 862 -58.77 36.12 64.56
C THR D 862 -59.70 37.26 64.91
N THR D 863 -59.51 38.43 64.30
CA THR D 863 -60.38 39.57 64.58
C THR D 863 -61.81 39.28 64.14
N SER D 864 -61.97 38.68 62.97
CA SER D 864 -63.31 38.37 62.46
C SER D 864 -63.98 37.29 63.31
N LEU D 865 -63.21 36.28 63.73
CA LEU D 865 -63.76 35.20 64.53
C LEU D 865 -64.25 35.69 65.89
N VAL D 866 -63.41 36.50 66.55
CA VAL D 866 -63.77 37.00 67.88
C VAL D 866 -65.02 37.87 67.81
N THR D 867 -65.14 38.67 66.75
CA THR D 867 -66.32 39.52 66.59
C THR D 867 -67.59 38.68 66.42
N GLY D 868 -67.47 37.54 65.74
CA GLY D 868 -68.63 36.69 65.57
C GLY D 868 -69.15 36.14 66.89
N LEU D 869 -68.24 35.71 67.76
CA LEU D 869 -68.66 35.17 69.06
C LEU D 869 -69.31 36.25 69.93
N VAL D 870 -68.89 37.50 69.80
CA VAL D 870 -69.50 38.57 70.58
C VAL D 870 -70.96 38.76 70.17
N ASN D 871 -71.23 38.73 68.86
CA ASN D 871 -72.60 38.90 68.39
C ASN D 871 -73.49 37.69 68.71
N LEU D 872 -72.89 36.52 68.94
CA LEU D 872 -73.68 35.39 69.38
C LEU D 872 -74.09 35.53 70.85
N GLU D 873 -73.27 36.21 71.65
CA GLU D 873 -73.67 36.57 73.01
C GLU D 873 -74.62 37.76 73.03
N LEU D 874 -74.56 38.60 72.01
CA LEU D 874 -75.48 39.73 71.91
C LEU D 874 -76.93 39.27 71.81
N TYR D 875 -77.16 38.13 71.17
CA TYR D 875 -78.51 37.57 71.09
C TYR D 875 -79.08 37.32 72.47
N LYS D 876 -78.23 36.92 73.42
CA LYS D 876 -78.69 36.68 74.78
C LYS D 876 -78.94 37.97 75.54
N LEU D 877 -78.30 39.07 75.14
CA LEU D 877 -78.60 40.36 75.76
C LEU D 877 -79.95 40.89 75.31
N ILE D 878 -80.35 40.60 74.08
CA ILE D 878 -81.65 41.06 73.59
C ILE D 878 -82.78 40.34 74.31
N ASP D 879 -82.61 39.05 74.56
CA ASP D 879 -83.61 38.27 75.31
C ASP D 879 -83.61 38.61 76.79
N ASN D 880 -82.62 39.37 77.26
CA ASN D 880 -82.52 39.73 78.67
C ASN D 880 -82.40 38.48 79.54
N LYS D 881 -81.52 37.58 79.14
CA LYS D 881 -81.30 36.34 79.88
C LYS D 881 -80.67 36.62 81.24
N THR D 882 -81.17 35.93 82.26
CA THR D 882 -80.63 36.02 83.61
C THR D 882 -79.99 34.72 84.09
N ASP D 883 -80.18 33.62 83.37
CA ASP D 883 -79.51 32.37 83.68
C ASP D 883 -78.04 32.49 83.35
N ILE D 884 -77.18 32.43 84.36
CA ILE D 884 -75.75 32.62 84.14
C ILE D 884 -75.15 31.48 83.32
N GLU D 885 -75.78 30.31 83.32
CA GLU D 885 -75.26 29.18 82.56
C GLU D 885 -75.50 29.31 81.07
N GLN D 886 -76.43 30.17 80.65
CA GLN D 886 -76.70 30.36 79.22
C GLN D 886 -75.61 31.19 78.54
N TYR D 887 -75.01 32.12 79.26
CA TYR D 887 -73.93 32.90 78.68
C TYR D 887 -72.67 32.06 78.59
N LYS D 888 -71.76 32.47 77.71
CA LYS D 888 -70.55 31.70 77.43
C LYS D 888 -69.39 32.65 77.16
N ASN D 889 -68.33 32.53 77.96
CA ASN D 889 -67.08 33.24 77.73
C ASN D 889 -66.19 32.39 76.82
N GLY D 890 -65.76 32.97 75.71
CA GLY D 890 -65.00 32.25 74.71
C GLY D 890 -63.49 32.51 74.79
N PHE D 891 -62.72 31.50 74.42
CA PHE D 891 -61.28 31.59 74.29
C PHE D 891 -60.86 30.79 73.06
N VAL D 892 -60.18 31.45 72.11
CA VAL D 892 -59.79 30.82 70.86
C VAL D 892 -58.28 30.96 70.67
N ASN D 893 -57.69 29.94 70.06
CA ASN D 893 -56.27 29.94 69.68
C ASN D 893 -56.18 29.24 68.33
N LEU D 894 -56.21 30.04 67.26
CA LEU D 894 -56.25 29.50 65.90
C LEU D 894 -55.00 28.73 65.54
N ALA D 895 -53.93 28.81 66.34
CA ALA D 895 -52.70 28.13 65.98
C ALA D 895 -52.75 26.63 66.23
N LEU D 896 -53.52 26.19 67.23
CA LEU D 896 -53.50 24.77 67.59
C LEU D 896 -54.28 23.89 66.62
N PRO D 897 -55.56 24.19 66.30
CA PRO D 897 -56.50 25.19 66.82
C PRO D 897 -57.27 24.68 68.02
N PHE D 898 -57.57 25.57 68.96
CA PHE D 898 -58.29 25.22 70.18
C PHE D 898 -59.47 26.15 70.36
N PHE D 899 -60.62 25.57 70.71
CA PHE D 899 -61.83 26.34 70.98
C PHE D 899 -62.41 25.87 72.30
N GLY D 900 -62.50 26.79 73.26
CA GLY D 900 -63.08 26.47 74.55
C GLY D 900 -64.02 27.55 75.02
N PHE D 901 -65.08 27.15 75.72
CA PHE D 901 -66.06 28.10 76.23
C PHE D 901 -66.35 27.76 77.68
N SER D 902 -66.38 28.78 78.54
CA SER D 902 -66.62 28.60 79.95
C SER D 902 -67.78 29.49 80.40
N GLU D 903 -68.49 29.04 81.42
CA GLU D 903 -69.57 29.83 81.99
C GLU D 903 -69.00 31.05 82.72
N PRO D 904 -69.61 32.22 82.55
CA PRO D 904 -69.12 33.41 83.26
C PRO D 904 -69.15 33.23 84.77
N ILE D 905 -68.25 33.94 85.44
CA ILE D 905 -68.11 33.86 86.89
C ILE D 905 -69.11 34.81 87.54
N ALA D 906 -69.87 34.30 88.52
CA ALA D 906 -70.81 35.13 89.24
C ALA D 906 -70.07 36.19 90.06
N SER D 907 -70.69 37.36 90.17
CA SER D 907 -70.09 38.45 90.92
C SER D 907 -69.93 38.06 92.38
N PRO D 908 -68.77 38.31 92.99
CA PRO D 908 -68.59 37.93 94.40
C PRO D 908 -69.47 38.73 95.34
N LYS D 909 -70.01 38.03 96.33
CA LYS D 909 -70.90 38.63 97.33
C LYS D 909 -70.17 38.84 98.64
N GLY D 910 -70.57 39.88 99.37
CA GLY D 910 -70.01 40.16 100.68
C GLY D 910 -71.07 40.35 101.74
N GLU D 911 -70.66 40.78 102.93
CA GLU D 911 -71.62 41.01 104.01
C GLU D 911 -71.02 41.96 105.03
N TYR D 912 -71.90 42.76 105.65
CA TYR D 912 -71.51 43.63 106.75
C TYR D 912 -72.70 43.76 107.69
N ASN D 913 -72.46 43.49 108.98
CA ASN D 913 -73.54 43.48 109.99
C ASN D 913 -74.66 42.52 109.58
N ASN D 914 -74.27 41.38 109.02
CA ASN D 914 -75.18 40.33 108.55
C ASN D 914 -76.12 40.81 107.44
N LYS D 915 -75.74 41.87 106.73
CA LYS D 915 -76.51 42.38 105.59
C LYS D 915 -75.72 42.07 104.32
N LYS D 916 -76.23 41.12 103.54
CA LYS D 916 -75.53 40.70 102.33
C LYS D 916 -75.64 41.78 101.25
N TYR D 917 -74.59 41.86 100.42
CA TYR D 917 -74.55 42.83 99.33
C TYR D 917 -73.69 42.27 98.21
N ASP D 918 -73.75 42.95 97.06
CA ASP D 918 -72.95 42.60 95.88
C ASP D 918 -71.73 43.51 95.85
N LYS D 919 -70.53 42.89 95.87
CA LYS D 919 -69.29 43.67 95.94
C LYS D 919 -69.02 44.44 94.65
N ILE D 920 -69.63 44.06 93.54
CA ILE D 920 -69.36 44.67 92.25
C ILE D 920 -70.43 45.70 91.87
N TRP D 921 -71.70 45.37 92.06
CA TRP D 921 -72.80 46.17 91.51
C TRP D 921 -73.56 47.00 92.53
N ASP D 922 -73.65 46.57 93.78
CA ASP D 922 -74.42 47.30 94.77
C ASP D 922 -73.69 48.57 95.20
N ARG D 923 -74.47 49.58 95.56
CA ARG D 923 -73.92 50.86 96.00
C ARG D 923 -74.97 51.58 96.85
N PHE D 924 -74.49 52.57 97.59
CA PHE D 924 -75.37 53.41 98.41
C PHE D 924 -75.76 54.66 97.62
N ASP D 925 -77.05 54.94 97.59
CA ASP D 925 -77.60 56.09 96.88
C ASP D 925 -78.00 57.14 97.92
N ILE D 926 -77.28 58.26 97.94
CA ILE D 926 -77.57 59.37 98.84
C ILE D 926 -78.12 60.52 98.02
N LYS D 927 -79.26 61.05 98.45
CA LYS D 927 -79.96 62.11 97.72
C LYS D 927 -79.52 63.47 98.24
N GLY D 928 -79.23 64.38 97.32
CA GLY D 928 -78.85 65.73 97.66
C GLY D 928 -77.39 65.86 98.03
N ASP D 929 -76.91 67.11 97.98
CA ASP D 929 -75.54 67.44 98.38
C ASP D 929 -75.48 67.44 99.90
N ILE D 930 -75.36 66.24 100.46
CA ILE D 930 -75.38 66.07 101.91
C ILE D 930 -74.11 66.65 102.51
N LYS D 931 -74.21 67.05 103.78
CA LYS D 931 -73.05 67.53 104.52
C LYS D 931 -72.25 66.34 105.06
N LEU D 932 -70.97 66.60 105.34
CA LEU D 932 -70.11 65.52 105.82
C LEU D 932 -70.57 64.99 107.17
N SER D 933 -71.08 65.88 108.02
CA SER D 933 -71.58 65.43 109.32
C SER D 933 -72.83 64.58 109.16
N ASP D 934 -73.77 65.03 108.32
CA ASP D 934 -75.00 64.26 108.12
C ASP D 934 -74.74 62.96 107.37
N LEU D 935 -73.66 62.90 106.59
CA LEU D 935 -73.34 61.67 105.87
C LEU D 935 -72.84 60.59 106.83
N ILE D 936 -71.95 60.96 107.76
CA ILE D 936 -71.49 60.00 108.77
C ILE D 936 -72.63 59.66 109.73
N GLU D 937 -73.49 60.64 110.04
CA GLU D 937 -74.62 60.38 110.94
C GLU D 937 -75.63 59.44 110.29
N HIS D 938 -75.89 59.62 108.99
CA HIS D 938 -76.83 58.73 108.31
C HIS D 938 -76.27 57.32 108.18
N PHE D 939 -74.95 57.17 108.14
CA PHE D 939 -74.34 55.85 108.00
C PHE D 939 -74.19 55.13 109.33
N GLU D 940 -74.16 55.86 110.45
CA GLU D 940 -74.13 55.21 111.76
C GLU D 940 -75.53 54.86 112.24
N LYS D 941 -76.55 55.58 111.76
CA LYS D 941 -77.94 55.33 112.13
C LYS D 941 -78.61 54.31 111.21
N ASP D 942 -78.55 54.53 109.90
CA ASP D 942 -79.26 53.67 108.96
C ASP D 942 -78.50 52.38 108.68
N GLU D 943 -77.17 52.42 108.65
CA GLU D 943 -76.37 51.26 108.30
C GLU D 943 -75.51 50.74 109.46
N GLY D 944 -75.31 51.52 110.51
CA GLY D 944 -74.45 51.10 111.60
C GLY D 944 -72.98 51.01 111.21
N LEU D 945 -72.52 51.92 110.36
CA LEU D 945 -71.16 51.93 109.86
C LEU D 945 -70.44 53.20 110.28
N GLU D 946 -69.28 53.04 110.92
CA GLU D 946 -68.45 54.16 111.32
C GLU D 946 -67.50 54.48 110.17
N ILE D 947 -67.79 55.55 109.44
CA ILE D 947 -66.98 55.95 108.30
C ILE D 947 -65.61 56.40 108.84
N THR D 948 -64.56 55.62 108.54
CA THR D 948 -63.22 55.99 108.98
C THR D 948 -62.45 56.76 107.92
N MET D 949 -62.72 56.49 106.63
CA MET D 949 -62.06 57.18 105.54
C MET D 949 -63.03 57.35 104.39
N LEU D 950 -62.79 58.37 103.58
CA LEU D 950 -63.65 58.69 102.45
C LEU D 950 -62.80 59.37 101.37
N SER D 951 -62.94 58.94 100.14
CA SER D 951 -62.17 59.50 99.04
C SER D 951 -63.07 59.79 97.85
N TYR D 952 -62.58 60.64 96.96
CA TYR D 952 -63.27 61.01 95.72
C TYR D 952 -62.26 60.97 94.58
N GLY D 953 -62.24 59.85 93.86
CA GLY D 953 -61.26 59.65 92.82
C GLY D 953 -59.86 59.42 93.37
N VAL D 954 -58.96 60.37 93.16
CA VAL D 954 -57.60 60.28 93.67
C VAL D 954 -57.39 61.26 94.82
N SER D 955 -58.47 61.71 95.46
CA SER D 955 -58.40 62.74 96.50
C SER D 955 -59.00 62.18 97.78
N LEU D 956 -58.21 62.15 98.84
CA LEU D 956 -58.70 61.74 100.16
C LEU D 956 -59.38 62.94 100.82
N LEU D 957 -60.66 62.77 101.17
CA LEU D 957 -61.46 63.87 101.72
C LEU D 957 -61.57 63.81 103.25
N TYR D 958 -61.93 62.65 103.80
CA TYR D 958 -62.18 62.54 105.23
C TYR D 958 -61.38 61.39 105.82
N ALA D 959 -60.99 61.56 107.09
CA ALA D 959 -60.30 60.53 107.84
C ALA D 959 -60.66 60.71 109.31
N SER D 960 -61.04 59.61 109.97
CA SER D 960 -61.46 59.69 111.37
C SER D 960 -60.30 60.00 112.30
N PHE D 961 -59.07 59.76 111.86
CA PHE D 961 -57.88 60.03 112.66
C PHE D 961 -57.27 61.40 112.39
N PHE D 962 -57.98 62.26 111.67
CA PHE D 962 -57.47 63.59 111.38
C PHE D 962 -57.38 64.43 112.65
N PRO D 963 -56.46 65.39 112.70
CA PRO D 963 -56.39 66.31 113.85
C PRO D 963 -57.63 67.18 113.89
N PRO D 964 -57.93 67.77 115.07
CA PRO D 964 -59.14 68.61 115.18
C PRO D 964 -59.18 69.77 114.20
N LYS D 965 -58.07 70.13 113.57
CA LYS D 965 -58.11 71.21 112.59
C LYS D 965 -58.78 70.76 111.31
N LYS D 966 -58.45 69.56 110.82
CA LYS D 966 -59.08 69.05 109.61
C LYS D 966 -60.50 68.58 109.89
N LEU D 967 -60.78 68.13 111.12
CA LEU D 967 -62.11 67.63 111.45
C LEU D 967 -63.12 68.77 111.53
N LYS D 968 -62.86 69.77 112.37
CA LYS D 968 -63.81 70.86 112.55
C LYS D 968 -64.01 71.68 111.28
N GLU D 969 -63.00 71.74 110.41
CA GLU D 969 -63.14 72.53 109.19
C GLU D 969 -64.04 71.86 108.15
N ARG D 970 -63.93 70.55 108.00
CA ARG D 970 -64.62 69.84 106.93
C ARG D 970 -65.88 69.12 107.34
N LEU D 971 -66.09 68.88 108.64
CA LEU D 971 -67.28 68.16 109.07
C LEU D 971 -68.55 68.93 108.78
N ASN D 972 -68.47 70.27 108.70
CA ASN D 972 -69.63 71.12 108.48
C ASN D 972 -69.82 71.50 107.02
N LEU D 973 -68.96 71.00 106.11
CA LEU D 973 -69.06 71.37 104.70
C LEU D 973 -69.78 70.28 103.91
N PRO D 974 -70.52 70.67 102.88
CA PRO D 974 -71.12 69.65 101.99
C PRO D 974 -70.06 68.97 101.15
N ILE D 975 -70.50 67.96 100.40
CA ILE D 975 -69.55 67.16 99.62
C ILE D 975 -68.94 67.97 98.49
N THR D 976 -69.73 68.83 97.84
CA THR D 976 -69.23 69.61 96.71
C THR D 976 -68.20 70.63 97.18
N GLN D 977 -68.50 71.36 98.26
CA GLN D 977 -67.55 72.33 98.81
C GLN D 977 -66.35 71.66 99.46
N LEU D 978 -66.49 70.40 99.88
CA LEU D 978 -65.35 69.68 100.45
C LEU D 978 -64.29 69.40 99.39
N VAL D 979 -64.71 69.07 98.17
CA VAL D 979 -63.75 68.82 97.10
C VAL D 979 -63.07 70.14 96.69
N LYS D 980 -63.82 71.25 96.71
CA LYS D 980 -63.23 72.54 96.38
C LYS D 980 -62.13 72.91 97.38
N LEU D 981 -62.34 72.63 98.66
CA LEU D 981 -61.33 72.94 99.66
C LEU D 981 -60.11 72.05 99.51
N VAL D 982 -60.31 70.77 99.22
CA VAL D 982 -59.20 69.82 99.21
C VAL D 982 -58.44 69.87 97.89
N THR D 983 -59.16 69.87 96.76
CA THR D 983 -58.53 69.79 95.44
C THR D 983 -58.33 71.15 94.80
N LYS D 984 -58.81 72.23 95.42
CA LYS D 984 -58.77 73.58 94.86
C LYS D 984 -59.46 73.65 93.50
N LYS D 985 -60.36 72.70 93.24
CA LYS D 985 -61.09 72.62 91.98
C LYS D 985 -62.56 72.41 92.25
N ASP D 986 -63.39 72.99 91.39
CA ASP D 986 -64.83 72.93 91.51
C ASP D 986 -65.42 71.75 90.74
N ILE D 987 -66.48 71.17 91.30
CA ILE D 987 -67.26 70.17 90.58
C ILE D 987 -68.04 70.93 89.53
N PRO D 988 -67.87 70.63 88.25
CA PRO D 988 -68.57 71.39 87.20
C PRO D 988 -70.08 71.20 87.29
N ALA D 989 -70.80 72.17 86.74
CA ALA D 989 -72.25 72.17 86.84
C ALA D 989 -72.89 71.04 86.05
N HIS D 990 -72.20 70.51 85.04
CA HIS D 990 -72.74 69.40 84.26
C HIS D 990 -72.68 68.09 85.01
N VAL D 991 -71.96 68.03 86.13
CA VAL D 991 -71.86 66.81 86.92
C VAL D 991 -73.10 66.69 87.80
N SER D 992 -73.80 65.56 87.67
CA SER D 992 -75.00 65.30 88.44
C SER D 992 -74.82 64.27 89.54
N THR D 993 -73.77 63.45 89.48
CA THR D 993 -73.51 62.43 90.47
C THR D 993 -72.03 62.42 90.82
N MET D 994 -71.72 61.92 92.02
CA MET D 994 -70.35 61.83 92.50
C MET D 994 -70.14 60.47 93.12
N ILE D 995 -69.01 59.83 92.80
CA ILE D 995 -68.67 58.51 93.29
C ILE D 995 -67.66 58.65 94.41
N LEU D 996 -67.98 58.06 95.57
CA LEU D 996 -67.15 58.16 96.76
C LEU D 996 -66.76 56.77 97.24
N GLU D 997 -65.46 56.54 97.42
CA GLU D 997 -64.97 55.31 98.03
C GLU D 997 -64.83 55.52 99.54
N ILE D 998 -65.27 54.53 100.32
CA ILE D 998 -65.29 54.66 101.77
C ILE D 998 -64.75 53.39 102.40
N CYS D 999 -64.02 53.55 103.50
CA CYS D 999 -63.64 52.47 104.40
C CYS D 999 -64.32 52.72 105.74
N ALA D 1000 -64.88 51.66 106.32
CA ALA D 1000 -65.67 51.83 107.54
C ALA D 1000 -65.54 50.60 108.42
N ASP D 1001 -65.91 50.77 109.68
CA ASP D 1001 -65.96 49.70 110.67
C ASP D 1001 -67.41 49.33 110.95
N ASP D 1002 -67.63 48.06 111.25
CA ASP D 1002 -68.98 47.55 111.52
C ASP D 1002 -69.39 47.91 112.95
N LYS D 1003 -70.50 47.32 113.41
CA LYS D 1003 -70.98 47.59 114.76
C LYS D 1003 -70.09 47.00 115.84
N GLU D 1004 -69.11 46.18 115.46
CA GLU D 1004 -68.17 45.58 116.42
C GLU D 1004 -66.81 46.25 116.41
N GLY D 1005 -66.60 47.26 115.56
CA GLY D 1005 -65.34 47.97 115.54
C GLY D 1005 -64.24 47.32 114.72
N GLU D 1006 -64.59 46.59 113.66
CA GLU D 1006 -63.61 45.94 112.80
C GLU D 1006 -63.84 46.36 111.35
N ASP D 1007 -62.74 46.51 110.62
CA ASP D 1007 -62.84 46.94 109.23
C ASP D 1007 -63.56 45.89 108.38
N VAL D 1008 -64.44 46.35 107.50
CA VAL D 1008 -65.22 45.48 106.64
C VAL D 1008 -65.38 46.15 105.28
N GLU D 1009 -65.35 45.34 104.22
CA GLU D 1009 -65.50 45.85 102.87
C GLU D 1009 -66.93 46.34 102.66
N VAL D 1010 -67.07 47.55 102.15
CA VAL D 1010 -68.38 48.18 101.95
C VAL D 1010 -68.47 48.69 100.53
N PRO D 1011 -69.69 48.82 99.99
CA PRO D 1011 -69.85 49.39 98.64
C PRO D 1011 -69.48 50.86 98.57
N PHE D 1012 -69.53 51.45 97.38
CA PHE D 1012 -69.22 52.85 97.22
C PHE D 1012 -70.50 53.69 97.36
N ILE D 1013 -70.35 55.00 97.25
CA ILE D 1013 -71.44 55.94 97.47
C ILE D 1013 -71.65 56.75 96.19
N THR D 1014 -72.91 56.98 95.86
CA THR D 1014 -73.30 57.85 94.74
C THR D 1014 -74.04 59.04 95.33
N ILE D 1015 -73.47 60.23 95.20
CA ILE D 1015 -74.07 61.45 95.71
C ILE D 1015 -74.84 62.08 94.55
N HIS D 1016 -76.17 61.94 94.57
CA HIS D 1016 -77.01 62.49 93.51
C HIS D 1016 -77.18 63.98 93.75
N LEU D 1017 -76.44 64.79 93.01
CA LEU D 1017 -76.51 66.24 93.13
C LEU D 1017 -77.79 66.79 92.51
N SER E 8 -62.14 51.82 91.22
CA SER E 8 -61.51 50.52 91.33
C SER E 8 -61.13 50.22 92.77
N THR E 9 -60.69 48.99 93.04
CA THR E 9 -60.24 48.61 94.38
C THR E 9 -58.73 48.71 94.53
N ALA E 10 -58.12 49.69 93.86
CA ALA E 10 -56.70 49.99 94.02
C ALA E 10 -56.50 51.09 95.06
N SER E 11 -57.26 52.18 94.92
CA SER E 11 -57.22 53.24 95.92
C SER E 11 -57.79 52.78 97.24
N SER E 12 -58.79 51.89 97.21
CA SER E 12 -59.37 51.37 98.45
C SER E 12 -58.38 50.52 99.21
N LEU E 13 -57.57 49.73 98.49
CA LEU E 13 -56.56 48.93 99.16
C LEU E 13 -55.43 49.81 99.70
N LEU E 14 -55.06 50.85 98.94
CA LEU E 14 -54.05 51.78 99.42
C LEU E 14 -54.53 52.55 100.64
N LEU E 15 -55.82 52.88 100.70
CA LEU E 15 -56.36 53.58 101.86
C LEU E 15 -56.31 52.71 103.11
N ARG E 16 -56.71 51.44 102.98
CA ARG E 16 -56.70 50.55 104.14
C ARG E 16 -55.30 50.34 104.69
N GLN E 17 -54.29 50.41 103.83
CA GLN E 17 -52.91 50.29 104.31
C GLN E 17 -52.36 51.63 104.81
N TYR E 18 -52.85 52.74 104.27
CA TYR E 18 -52.45 54.05 104.79
C TYR E 18 -53.00 54.28 106.19
N ARG E 19 -54.21 53.77 106.46
CA ARG E 19 -54.77 53.90 107.80
C ARG E 19 -54.07 52.97 108.78
N GLU E 20 -53.60 51.82 108.31
CA GLU E 20 -52.93 50.87 109.19
C GLU E 20 -51.52 51.35 109.57
N LEU E 21 -50.91 52.18 108.73
CA LEU E 21 -49.58 52.71 108.99
C LEU E 21 -49.59 54.10 109.62
N THR E 22 -50.76 54.73 109.76
CA THR E 22 -50.87 56.03 110.39
C THR E 22 -51.74 56.03 111.65
N ASP E 23 -52.45 54.94 111.93
CA ASP E 23 -53.21 54.82 113.17
C ASP E 23 -52.24 54.78 114.34
N PRO E 24 -52.36 55.68 115.33
CA PRO E 24 -51.35 55.73 116.40
C PRO E 24 -51.44 54.55 117.37
N LYS E 25 -52.17 53.51 117.00
CA LYS E 25 -52.19 52.26 117.75
C LYS E 25 -51.44 51.13 117.06
N LYS E 26 -51.53 51.03 115.73
CA LYS E 26 -50.88 49.97 114.98
C LYS E 26 -49.75 50.46 114.08
N ALA E 27 -49.46 51.76 114.09
CA ALA E 27 -48.42 52.30 113.21
C ALA E 27 -47.04 51.84 113.66
N ILE E 28 -46.25 51.34 112.72
CA ILE E 28 -44.88 50.96 113.00
C ILE E 28 -44.05 52.23 113.17
N PRO E 29 -43.34 52.39 114.30
CA PRO E 29 -42.60 53.63 114.54
C PRO E 29 -41.38 53.81 113.63
N SER E 30 -41.12 52.88 112.71
CA SER E 30 -39.96 52.98 111.84
C SER E 30 -40.21 53.84 110.61
N PHE E 31 -41.45 54.24 110.34
CA PHE E 31 -41.77 54.99 109.13
C PHE E 31 -42.74 56.11 109.46
N HIS E 32 -42.47 57.30 108.92
CA HIS E 32 -43.33 58.46 109.06
C HIS E 32 -43.97 58.74 107.69
N ILE E 33 -45.25 58.38 107.55
CA ILE E 33 -45.95 58.43 106.27
C ILE E 33 -46.90 59.61 106.27
N GLU E 34 -46.86 60.40 105.20
CA GLU E 34 -47.80 61.49 104.98
C GLU E 34 -48.08 61.61 103.49
N LEU E 35 -49.31 61.96 103.16
CA LEU E 35 -49.72 62.09 101.76
C LEU E 35 -49.22 63.39 101.16
N GLU E 36 -49.04 63.38 99.83
CA GLU E 36 -48.72 64.60 99.10
C GLU E 36 -49.95 65.50 99.09
N ASP E 37 -49.79 66.73 99.61
CA ASP E 37 -50.89 67.68 99.78
C ASP E 37 -51.98 67.13 100.70
N ASP E 38 -51.67 66.08 101.46
CA ASP E 38 -52.60 65.41 102.37
C ASP E 38 -53.87 64.93 101.65
N SER E 39 -53.83 64.84 100.32
CA SER E 39 -54.98 64.45 99.53
C SER E 39 -54.72 63.41 98.46
N ASN E 40 -53.50 63.25 97.99
CA ASN E 40 -53.20 62.33 96.89
C ASN E 40 -52.84 60.97 97.47
N ILE E 41 -53.65 59.96 97.17
CA ILE E 41 -53.42 58.61 97.65
C ILE E 41 -52.33 57.89 96.87
N PHE E 42 -52.01 58.33 95.65
CA PHE E 42 -51.04 57.65 94.81
C PHE E 42 -49.65 58.29 94.87
N THR E 43 -49.39 59.14 95.87
CA THR E 43 -48.08 59.75 96.04
C THR E 43 -47.81 59.90 97.53
N TRP E 44 -46.90 59.10 98.06
CA TRP E 44 -46.60 59.07 99.48
C TRP E 44 -45.21 59.66 99.74
N ASN E 45 -45.12 60.53 100.74
CA ASN E 45 -43.84 61.04 101.24
C ASN E 45 -43.53 60.32 102.55
N ILE E 46 -42.55 59.43 102.52
CA ILE E 46 -42.24 58.55 103.65
C ILE E 46 -40.88 58.92 104.21
N GLY E 47 -40.80 59.01 105.54
CA GLY E 47 -39.53 59.20 106.21
C GLY E 47 -39.01 57.90 106.80
N VAL E 48 -37.91 57.40 106.26
CA VAL E 48 -37.37 56.10 106.65
C VAL E 48 -36.45 56.28 107.86
N MET E 49 -36.69 55.48 108.89
CA MET E 49 -35.90 55.51 110.11
C MET E 49 -35.44 54.10 110.45
N VAL E 50 -34.20 53.98 110.92
CA VAL E 50 -33.61 52.70 111.31
C VAL E 50 -33.55 52.68 112.83
N LEU E 51 -34.44 51.91 113.46
CA LEU E 51 -34.48 51.84 114.92
C LEU E 51 -33.41 50.91 115.49
N ASN E 52 -32.74 50.12 114.66
CA ASN E 52 -31.68 49.25 115.15
C ASN E 52 -30.51 50.10 115.64
N GLU E 53 -30.10 49.86 116.89
CA GLU E 53 -29.05 50.70 117.47
C GLU E 53 -27.67 50.41 116.87
N ASP E 54 -27.40 49.16 116.50
CA ASP E 54 -26.11 48.80 115.90
C ASP E 54 -26.01 49.17 114.43
N SER E 55 -27.10 49.55 113.78
CA SER E 55 -27.01 49.86 112.36
C SER E 55 -26.22 51.16 112.16
N ILE E 56 -25.54 51.24 111.02
CA ILE E 56 -24.78 52.44 110.70
C ILE E 56 -25.71 53.61 110.45
N TYR E 57 -26.92 53.34 109.95
CA TYR E 57 -27.90 54.36 109.65
C TYR E 57 -28.76 54.74 110.86
N HIS E 58 -28.31 54.41 112.07
CA HIS E 58 -29.09 54.67 113.27
C HIS E 58 -29.22 56.18 113.50
N GLY E 59 -30.38 56.59 113.99
CA GLY E 59 -30.63 57.99 114.28
C GLY E 59 -30.97 58.84 113.08
N GLY E 60 -31.03 58.26 111.87
CA GLY E 60 -31.30 59.02 110.68
C GLY E 60 -32.78 59.12 110.34
N PHE E 61 -33.11 60.14 109.54
CA PHE E 61 -34.47 60.39 109.06
C PHE E 61 -34.35 60.76 107.58
N PHE E 62 -34.44 59.75 106.72
CA PHE E 62 -34.25 59.93 105.28
C PHE E 62 -35.60 60.11 104.62
N LYS E 63 -35.87 61.31 104.12
CA LYS E 63 -37.12 61.57 103.42
C LYS E 63 -37.09 60.94 102.04
N ALA E 64 -38.24 60.45 101.59
CA ALA E 64 -38.35 59.79 100.30
C ALA E 64 -39.74 60.05 99.73
N GLN E 65 -39.96 59.59 98.50
CA GLN E 65 -41.23 59.78 97.81
C GLN E 65 -41.59 58.51 97.06
N MET E 66 -42.84 58.06 97.24
CA MET E 66 -43.36 56.88 96.57
C MET E 66 -44.43 57.29 95.57
N ARG E 67 -44.34 56.76 94.35
CA ARG E 67 -45.33 57.00 93.32
C ARG E 67 -45.99 55.67 92.99
N PHE E 68 -47.28 55.56 93.29
CA PHE E 68 -48.00 54.31 93.05
C PHE E 68 -48.67 54.34 91.69
N PRO E 69 -48.58 53.28 90.90
CA PRO E 69 -49.29 53.24 89.62
C PRO E 69 -50.78 53.03 89.84
N GLU E 70 -51.54 53.13 88.75
CA GLU E 70 -52.99 52.96 88.85
C GLU E 70 -53.35 51.51 89.14
N ASP E 71 -52.51 50.55 88.74
CA ASP E 71 -52.81 49.14 88.88
C ASP E 71 -52.18 48.52 90.11
N PHE E 72 -52.08 49.27 91.21
CA PHE E 72 -51.62 48.71 92.46
C PHE E 72 -52.64 47.68 92.97
N PRO E 73 -52.19 46.55 93.55
CA PRO E 73 -50.80 46.16 93.76
C PRO E 73 -50.27 45.20 92.69
N PHE E 74 -50.89 45.17 91.52
CA PHE E 74 -50.45 44.28 90.45
C PHE E 74 -49.23 44.82 89.72
N SER E 75 -48.84 46.07 89.96
CA SER E 75 -47.63 46.65 89.42
C SER E 75 -46.79 47.24 90.54
N PRO E 76 -45.48 47.08 90.51
CA PRO E 76 -44.64 47.58 91.60
C PRO E 76 -44.57 49.09 91.59
N PRO E 77 -44.58 49.72 92.76
CA PRO E 77 -44.53 51.18 92.82
C PRO E 77 -43.10 51.72 92.68
N GLN E 78 -43.02 53.02 92.40
CA GLN E 78 -41.74 53.69 92.27
C GLN E 78 -41.31 54.29 93.60
N PHE E 79 -40.01 54.25 93.87
CA PHE E 79 -39.44 54.76 95.11
C PHE E 79 -38.23 55.62 94.80
N ARG E 80 -38.19 56.83 95.35
CA ARG E 80 -37.08 57.74 95.09
C ARG E 80 -36.70 58.44 96.39
N PHE E 81 -35.41 58.47 96.68
CA PHE E 81 -34.90 59.16 97.86
C PHE E 81 -34.78 60.65 97.57
N THR E 82 -35.35 61.47 98.46
CA THR E 82 -35.28 62.92 98.33
C THR E 82 -34.72 63.51 99.62
N PRO E 83 -33.41 63.87 99.64
CA PRO E 83 -32.51 63.73 98.49
C PRO E 83 -31.89 62.34 98.37
N ALA E 84 -31.14 62.11 97.30
CA ALA E 84 -30.49 60.83 97.10
C ALA E 84 -29.45 60.57 98.19
N ILE E 85 -29.26 59.29 98.51
CA ILE E 85 -28.31 58.90 99.55
C ILE E 85 -27.21 58.04 98.92
N TYR E 86 -26.13 57.88 99.67
CA TYR E 86 -24.99 57.08 99.24
C TYR E 86 -25.22 55.64 99.69
N HIS E 87 -25.49 54.75 98.73
CA HIS E 87 -25.79 53.36 99.05
C HIS E 87 -25.49 52.53 97.82
N PRO E 88 -24.98 51.30 97.98
CA PRO E 88 -24.65 50.48 96.80
C PRO E 88 -25.85 50.13 95.94
N ASN E 89 -27.06 50.23 96.49
CA ASN E 89 -28.27 49.84 95.79
C ASN E 89 -29.18 51.03 95.51
N VAL E 90 -28.59 52.21 95.36
CA VAL E 90 -29.32 53.44 95.12
C VAL E 90 -28.66 54.19 93.97
N TYR E 91 -29.46 54.59 92.98
CA TYR E 91 -28.94 55.33 91.83
C TYR E 91 -28.50 56.73 92.26
N ARG E 92 -27.95 57.48 91.30
CA ARG E 92 -27.64 58.89 91.56
C ARG E 92 -28.88 59.76 91.62
N ASP E 93 -30.04 59.24 91.20
CA ASP E 93 -31.31 59.93 91.31
C ASP E 93 -32.06 59.55 92.58
N GLY E 94 -31.55 58.60 93.35
CA GLY E 94 -32.22 58.14 94.55
C GLY E 94 -33.23 57.03 94.34
N ARG E 95 -33.23 56.40 93.17
CA ARG E 95 -34.22 55.39 92.85
C ARG E 95 -33.89 54.06 93.52
N LEU E 96 -34.91 53.21 93.65
CA LEU E 96 -34.75 51.88 94.22
C LEU E 96 -35.88 51.01 93.72
N CYS E 97 -35.60 49.71 93.56
CA CYS E 97 -36.61 48.76 93.13
C CYS E 97 -36.82 47.66 94.17
N PRO E 119 -49.02 39.97 93.98
CA PRO E 119 -50.15 40.63 94.64
C PRO E 119 -50.12 40.45 96.16
N VAL E 120 -49.36 39.45 96.62
CA VAL E 120 -49.28 39.12 98.03
C VAL E 120 -48.48 40.14 98.84
N GLN E 121 -47.77 41.06 98.17
CA GLN E 121 -46.90 41.98 98.87
C GLN E 121 -47.67 43.24 99.27
N THR E 122 -47.33 43.76 100.45
CA THR E 122 -47.96 44.94 101.02
C THR E 122 -46.96 46.08 101.10
N VAL E 123 -47.50 47.29 101.34
CA VAL E 123 -46.63 48.46 101.50
C VAL E 123 -45.73 48.30 102.72
N GLU E 124 -46.24 47.65 103.78
CA GLU E 124 -45.41 47.39 104.95
C GLU E 124 -44.25 46.47 104.61
N SER E 125 -44.49 45.44 103.79
CA SER E 125 -43.43 44.52 103.41
C SER E 125 -42.38 45.20 102.54
N VAL E 126 -42.78 46.16 101.71
CA VAL E 126 -41.83 46.87 100.86
C VAL E 126 -40.92 47.75 101.70
N LEU E 127 -41.49 48.51 102.63
CA LEU E 127 -40.69 49.38 103.48
C LEU E 127 -39.75 48.58 104.37
N ILE E 128 -40.24 47.46 104.92
CA ILE E 128 -39.39 46.59 105.73
C ILE E 128 -38.29 45.98 104.87
N SER E 129 -38.57 45.72 103.59
CA SER E 129 -37.54 45.24 102.68
C SER E 129 -36.48 46.30 102.40
N ILE E 130 -36.82 47.58 102.56
CA ILE E 130 -35.86 48.64 102.27
C ILE E 130 -34.85 48.77 103.40
N VAL E 131 -35.34 48.80 104.65
CA VAL E 131 -34.42 48.88 105.79
C VAL E 131 -33.58 47.62 105.90
N SER E 132 -34.10 46.49 105.43
CA SER E 132 -33.30 45.26 105.42
C SER E 132 -32.16 45.37 104.42
N LEU E 133 -32.40 46.05 103.28
CA LEU E 133 -31.32 46.31 102.34
C LEU E 133 -30.37 47.37 102.88
N LEU E 134 -30.87 48.28 103.69
CA LEU E 134 -30.04 49.34 104.25
C LEU E 134 -28.98 48.77 105.19
N GLU E 135 -29.32 47.71 105.94
CA GLU E 135 -28.37 47.10 106.86
C GLU E 135 -27.55 46.01 106.21
N ASP E 136 -28.10 45.30 105.23
CA ASP E 136 -27.40 44.25 104.50
C ASP E 136 -27.55 44.52 103.01
N PRO E 137 -26.68 45.32 102.42
CA PRO E 137 -26.81 45.62 100.99
C PRO E 137 -26.47 44.43 100.12
N ASN E 138 -27.22 44.29 99.02
CA ASN E 138 -27.01 43.20 98.07
C ASN E 138 -25.96 43.66 97.06
N ILE E 139 -24.70 43.36 97.36
CA ILE E 139 -23.57 43.85 96.58
C ILE E 139 -23.58 43.28 95.16
N ASN E 140 -24.30 42.19 94.91
CA ASN E 140 -24.30 41.58 93.59
C ASN E 140 -25.04 42.44 92.57
N SER E 141 -26.03 43.22 92.99
CA SER E 141 -26.81 44.08 92.09
C SER E 141 -26.58 45.54 92.49
N PRO E 142 -25.44 46.11 92.10
CA PRO E 142 -25.12 47.48 92.51
C PRO E 142 -25.64 48.54 91.54
N LYS E 143 -26.43 49.48 92.06
CA LYS E 143 -26.85 50.63 91.26
C LYS E 143 -25.76 51.70 91.23
N ASN E 144 -25.06 51.88 92.35
CA ASN E 144 -23.94 52.82 92.46
C ASN E 144 -22.66 52.01 92.55
N VAL E 145 -21.95 51.91 91.43
CA VAL E 145 -20.70 51.14 91.39
C VAL E 145 -19.67 51.71 92.35
N ASP E 146 -19.73 53.02 92.61
CA ASP E 146 -18.81 53.62 93.58
C ASP E 146 -19.09 53.13 94.99
N ALA E 147 -20.36 53.15 95.41
CA ALA E 147 -20.69 52.74 96.77
C ALA E 147 -20.50 51.24 96.98
N ALA E 148 -20.64 50.44 95.93
CA ALA E 148 -20.47 49.00 96.09
C ALA E 148 -19.00 48.66 96.32
N VAL E 149 -18.10 49.25 95.55
CA VAL E 149 -16.68 48.97 95.73
C VAL E 149 -16.18 49.57 97.03
N ASP E 150 -16.82 50.65 97.51
CA ASP E 150 -16.43 51.22 98.80
C ASP E 150 -16.96 50.39 99.95
N TYR E 151 -18.08 49.68 99.75
CA TYR E 151 -18.66 48.87 100.80
C TYR E 151 -17.78 47.66 101.12
N ARG E 152 -17.09 47.12 100.13
CA ARG E 152 -16.32 45.90 100.29
C ARG E 152 -14.83 46.15 100.46
N LYS E 153 -14.28 47.12 99.75
CA LYS E 153 -12.83 47.33 99.78
C LYS E 153 -12.41 48.36 100.80
N ASN E 154 -13.18 49.43 100.97
CA ASN E 154 -12.84 50.52 101.89
C ASN E 154 -13.97 50.70 102.90
N PRO E 155 -14.09 49.79 103.86
CA PRO E 155 -15.20 49.89 104.83
C PRO E 155 -15.14 51.16 105.66
N GLU E 156 -13.94 51.60 106.05
CA GLU E 156 -13.82 52.79 106.88
C GLU E 156 -14.34 54.03 106.15
N GLN E 157 -14.14 54.10 104.83
CA GLN E 157 -14.66 55.22 104.06
C GLN E 157 -16.16 55.12 103.90
N TYR E 158 -16.69 53.91 103.72
CA TYR E 158 -18.13 53.75 103.55
C TYR E 158 -18.88 54.18 104.80
N LYS E 159 -18.38 53.82 105.98
CA LYS E 159 -19.04 54.25 107.21
C LYS E 159 -19.00 55.76 107.35
N GLN E 160 -17.94 56.40 106.87
CA GLN E 160 -17.85 57.86 106.97
C GLN E 160 -18.80 58.54 105.99
N ARG E 161 -18.98 57.96 104.80
CA ARG E 161 -19.91 58.54 103.84
C ARG E 161 -21.34 58.40 104.31
N VAL E 162 -21.65 57.34 105.06
CA VAL E 162 -23.00 57.14 105.59
C VAL E 162 -23.25 58.10 106.75
N LYS E 163 -22.27 58.25 107.65
CA LYS E 163 -22.43 59.11 108.81
C LYS E 163 -22.68 60.56 108.41
N MET E 164 -22.00 61.03 107.35
CA MET E 164 -22.25 62.38 106.88
C MET E 164 -23.64 62.49 106.24
N GLU E 165 -24.13 61.41 105.65
CA GLU E 165 -25.49 61.42 105.10
C GLU E 165 -26.53 61.38 106.21
N VAL E 166 -26.21 60.77 107.34
CA VAL E 166 -27.15 60.70 108.46
C VAL E 166 -27.34 62.09 109.07
N GLU E 167 -26.27 62.90 109.10
CA GLU E 167 -26.38 64.24 109.66
C GLU E 167 -27.26 65.12 108.78
N ARG E 168 -27.14 64.98 107.46
CA ARG E 168 -28.03 65.70 106.55
C ARG E 168 -29.47 65.21 106.66
N SER E 169 -29.69 64.02 107.21
CA SER E 169 -31.05 63.54 107.41
C SER E 169 -31.71 64.19 108.62
N LYS E 170 -30.93 64.58 109.62
CA LYS E 170 -31.50 65.24 110.78
C LYS E 170 -31.94 66.66 110.44
N GLN E 171 -31.46 67.21 109.31
CA GLN E 171 -31.87 68.53 108.86
C GLN E 171 -33.27 68.54 108.26
N ASP E 172 -33.73 67.41 107.73
CA ASP E 172 -35.05 67.32 107.10
C ASP E 172 -36.13 66.82 108.05
N ILE E 173 -35.82 66.64 109.33
CA ILE E 173 -36.88 66.24 110.26
C ILE E 173 -37.89 67.37 110.38
N PRO E 174 -39.19 67.10 110.42
CA PRO E 174 -40.17 68.17 110.59
C PRO E 174 -40.14 68.74 112.00
N LYS E 175 -40.64 69.97 112.12
CA LYS E 175 -40.62 70.66 113.39
C LYS E 175 -41.60 69.99 114.37
N GLY E 176 -41.12 69.70 115.58
CA GLY E 176 -41.95 69.07 116.57
C GLY E 176 -41.87 67.57 116.64
N PHE E 177 -41.20 66.93 115.69
CA PHE E 177 -41.16 65.48 115.61
C PHE E 177 -40.33 64.88 116.73
N ILE E 178 -40.82 63.78 117.31
CA ILE E 178 -40.11 63.02 118.32
C ILE E 178 -39.77 61.66 117.72
N MET E 179 -38.55 61.17 118.01
CA MET E 179 -38.15 59.89 117.44
C MET E 179 -38.33 58.75 118.44
N PRO E 180 -38.51 57.52 117.95
CA PRO E 180 -38.75 56.39 118.84
C PRO E 180 -37.44 55.86 119.43
N THR E 181 -37.56 54.77 120.17
CA THR E 181 -36.41 54.15 120.83
C THR E 181 -35.44 53.57 119.81
N GLY F 5 5.50 -24.39 -93.81
CA GLY F 5 6.47 -23.32 -93.63
C GLY F 5 6.29 -22.55 -92.34
N GLU F 6 6.37 -23.25 -91.21
CA GLU F 6 6.19 -22.65 -89.90
C GLU F 6 7.47 -22.76 -89.09
N ILE F 7 7.70 -21.74 -88.25
CA ILE F 7 8.85 -21.71 -87.34
C ILE F 7 8.30 -21.53 -85.93
N ASP F 8 8.70 -22.41 -85.02
CA ASP F 8 8.26 -22.33 -83.62
C ASP F 8 8.96 -21.15 -82.96
N GLU F 9 8.30 -20.01 -82.93
CA GLU F 9 8.88 -18.79 -82.36
C GLU F 9 8.88 -18.79 -80.83
N SER F 10 8.30 -19.80 -80.20
CA SER F 10 8.40 -19.95 -78.75
C SER F 10 9.67 -20.68 -78.34
N LEU F 11 10.15 -21.61 -79.17
CA LEU F 11 11.38 -22.36 -78.92
C LEU F 11 12.59 -21.72 -79.59
N TYR F 12 12.45 -21.29 -80.85
CA TYR F 12 13.52 -20.66 -81.60
C TYR F 12 13.46 -19.14 -81.55
N SER F 13 12.98 -18.57 -80.44
CA SER F 13 12.81 -17.13 -80.35
C SER F 13 14.15 -16.39 -80.46
N ARG F 14 15.07 -16.70 -79.56
CA ARG F 14 16.36 -16.02 -79.53
C ARG F 14 17.24 -16.38 -80.73
N GLN F 15 17.02 -17.54 -81.34
CA GLN F 15 17.81 -17.93 -82.50
C GLN F 15 17.29 -17.27 -83.78
N LEU F 16 15.98 -17.00 -83.86
CA LEU F 16 15.42 -16.37 -85.04
C LEU F 16 16.00 -14.98 -85.29
N TYR F 17 16.37 -14.27 -84.23
CA TYR F 17 16.98 -12.95 -84.37
C TYR F 17 18.40 -13.03 -84.92
N VAL F 18 18.99 -14.21 -85.00
CA VAL F 18 20.32 -14.40 -85.57
C VAL F 18 20.23 -14.87 -87.02
N LEU F 19 19.42 -15.91 -87.27
CA LEU F 19 19.37 -16.53 -88.59
C LEU F 19 18.29 -15.94 -89.49
N GLY F 20 17.23 -15.38 -88.92
CA GLY F 20 16.15 -14.82 -89.71
C GLY F 20 15.16 -15.87 -90.16
N LYS F 21 14.01 -15.39 -90.63
CA LYS F 21 12.92 -16.28 -91.01
C LYS F 21 13.24 -17.02 -92.31
N GLU F 22 13.80 -16.31 -93.29
CA GLU F 22 14.07 -16.92 -94.60
C GLU F 22 15.13 -18.01 -94.50
N ALA F 23 16.22 -17.73 -93.78
CA ALA F 23 17.30 -18.70 -93.69
C ALA F 23 16.89 -19.92 -92.87
N MET F 24 16.12 -19.72 -91.80
CA MET F 24 15.68 -20.85 -90.99
C MET F 24 14.70 -21.75 -91.72
N LEU F 25 14.00 -21.23 -92.74
CA LEU F 25 13.09 -22.08 -93.51
C LEU F 25 13.83 -22.98 -94.48
N LYS F 26 14.96 -22.53 -95.01
CA LYS F 26 15.80 -23.41 -95.82
C LYS F 26 16.50 -24.46 -94.96
N MET F 27 16.84 -24.11 -93.71
CA MET F 27 17.48 -25.08 -92.83
C MET F 27 16.54 -26.23 -92.51
N GLN F 28 15.26 -25.95 -92.34
CA GLN F 28 14.26 -26.97 -92.03
C GLN F 28 13.94 -27.87 -93.22
N THR F 29 14.66 -27.74 -94.34
CA THR F 29 14.47 -28.60 -95.50
C THR F 29 15.77 -29.29 -95.91
N SER F 30 16.75 -29.33 -95.01
CA SER F 30 18.07 -29.90 -95.29
C SER F 30 18.36 -31.05 -94.33
N ASN F 31 18.75 -32.19 -94.89
CA ASN F 31 19.13 -33.37 -94.12
C ASN F 31 20.65 -33.41 -93.98
N VAL F 32 21.12 -33.54 -92.75
CA VAL F 32 22.55 -33.46 -92.42
C VAL F 32 23.04 -34.85 -92.04
N LEU F 33 24.19 -35.24 -92.57
CA LEU F 33 24.84 -36.50 -92.23
C LEU F 33 26.18 -36.23 -91.55
N ILE F 34 26.39 -36.84 -90.39
CA ILE F 34 27.63 -36.66 -89.62
C ILE F 34 28.32 -38.01 -89.50
N LEU F 35 29.57 -38.08 -89.97
CA LEU F 35 30.35 -39.31 -89.96
C LEU F 35 31.32 -39.27 -88.79
N GLY F 36 31.23 -40.28 -87.92
CA GLY F 36 32.07 -40.33 -86.73
C GLY F 36 31.44 -39.60 -85.58
N LEU F 37 31.26 -40.28 -84.45
CA LEU F 37 30.61 -39.67 -83.30
C LEU F 37 31.51 -39.67 -82.07
N LYS F 38 32.75 -39.26 -82.22
CA LYS F 38 33.63 -39.03 -81.08
C LYS F 38 33.28 -37.67 -80.49
N GLY F 39 34.14 -37.15 -79.62
CA GLY F 39 33.86 -35.85 -79.01
C GLY F 39 33.61 -34.75 -80.03
N LEU F 40 34.45 -34.69 -81.07
CA LEU F 40 34.24 -33.66 -82.09
C LEU F 40 32.95 -33.89 -82.86
N GLY F 41 32.57 -35.14 -83.07
CA GLY F 41 31.35 -35.43 -83.81
C GLY F 41 30.10 -35.11 -83.02
N VAL F 42 30.08 -35.49 -81.73
CA VAL F 42 28.90 -35.26 -80.90
C VAL F 42 28.72 -33.78 -80.58
N GLU F 43 29.80 -32.99 -80.62
CA GLU F 43 29.65 -31.56 -80.39
C GLU F 43 29.01 -30.88 -81.59
N ILE F 44 29.37 -31.30 -82.80
CA ILE F 44 28.74 -30.75 -83.99
C ILE F 44 27.28 -31.17 -84.08
N ALA F 45 26.98 -32.42 -83.71
CA ALA F 45 25.61 -32.91 -83.79
C ALA F 45 24.69 -32.17 -82.83
N LYS F 46 25.19 -31.85 -81.63
CA LYS F 46 24.36 -31.15 -80.65
C LYS F 46 23.96 -29.77 -81.16
N ASN F 47 24.92 -29.00 -81.67
CA ASN F 47 24.63 -27.64 -82.09
C ASN F 47 23.75 -27.59 -83.32
N VAL F 48 23.89 -28.57 -84.22
CA VAL F 48 23.07 -28.59 -85.43
C VAL F 48 21.64 -29.03 -85.12
N VAL F 49 21.50 -30.04 -84.26
CA VAL F 49 20.17 -30.50 -83.85
C VAL F 49 19.42 -29.41 -83.09
N LEU F 50 20.13 -28.70 -82.21
CA LEU F 50 19.50 -27.60 -81.50
C LEU F 50 19.08 -26.49 -82.45
N ALA F 51 19.79 -26.32 -83.56
CA ALA F 51 19.47 -25.27 -84.51
C ALA F 51 18.19 -25.55 -85.29
N GLY F 52 17.71 -26.79 -85.28
CA GLY F 52 16.47 -27.13 -85.95
C GLY F 52 16.62 -27.39 -87.44
N VAL F 53 17.41 -28.39 -87.80
CA VAL F 53 17.50 -28.84 -89.19
C VAL F 53 16.38 -29.83 -89.43
N LYS F 54 16.12 -30.16 -90.70
CA LYS F 54 15.02 -31.06 -91.03
C LYS F 54 15.24 -32.44 -90.41
N SER F 55 16.41 -33.04 -90.64
CA SER F 55 16.71 -34.35 -90.09
C SER F 55 18.19 -34.45 -89.83
N MET F 56 18.55 -35.27 -88.84
CA MET F 56 19.93 -35.51 -88.47
C MET F 56 20.22 -37.00 -88.56
N THR F 57 21.30 -37.35 -89.26
CA THR F 57 21.73 -38.74 -89.41
C THR F 57 23.19 -38.85 -89.00
N VAL F 58 23.49 -39.83 -88.16
CA VAL F 58 24.84 -40.06 -87.66
C VAL F 58 25.29 -41.44 -88.13
N PHE F 59 26.61 -41.62 -88.23
CA PHE F 59 27.17 -42.90 -88.67
C PHE F 59 28.48 -43.15 -87.94
N ASP F 60 28.47 -44.11 -87.01
CA ASP F 60 29.68 -44.52 -86.33
C ASP F 60 29.49 -45.92 -85.76
N PRO F 61 29.81 -46.97 -86.53
CA PRO F 61 29.62 -48.34 -86.05
C PRO F 61 30.73 -48.84 -85.12
N GLU F 62 31.62 -47.97 -84.67
CA GLU F 62 32.71 -48.38 -83.81
C GLU F 62 32.23 -48.60 -82.37
N PRO F 63 32.80 -49.57 -81.66
CA PRO F 63 32.39 -49.78 -80.28
C PRO F 63 32.91 -48.68 -79.37
N VAL F 64 32.13 -48.38 -78.34
CA VAL F 64 32.52 -47.34 -77.38
C VAL F 64 33.65 -47.87 -76.50
N GLN F 65 34.75 -47.11 -76.45
CA GLN F 65 35.86 -47.42 -75.58
C GLN F 65 35.94 -46.39 -74.46
N LEU F 66 36.61 -46.78 -73.36
CA LEU F 66 36.67 -45.89 -72.20
C LEU F 66 37.36 -44.58 -72.54
N ALA F 67 38.36 -44.61 -73.42
CA ALA F 67 39.08 -43.37 -73.77
C ALA F 67 38.20 -42.39 -74.53
N ASP F 68 37.09 -42.86 -75.11
CA ASP F 68 36.19 -41.97 -75.85
C ASP F 68 35.44 -41.02 -74.94
N LEU F 69 35.33 -41.34 -73.65
CA LEU F 69 34.60 -40.50 -72.70
C LEU F 69 35.35 -39.23 -72.36
N SER F 70 36.49 -38.97 -73.00
CA SER F 70 37.24 -37.77 -72.70
C SER F 70 36.51 -36.51 -73.16
N THR F 71 35.89 -36.55 -74.35
CA THR F 71 35.22 -35.39 -74.90
C THR F 71 33.75 -35.59 -75.22
N GLN F 72 33.29 -36.82 -75.38
CA GLN F 72 31.88 -37.06 -75.65
C GLN F 72 31.09 -37.09 -74.36
N PHE F 73 30.15 -36.19 -74.22
CA PHE F 73 29.37 -36.07 -72.99
C PHE F 73 28.17 -36.99 -72.99
N PHE F 74 27.84 -37.63 -74.11
CA PHE F 74 26.70 -38.52 -74.17
C PHE F 74 27.06 -39.99 -73.95
N LEU F 75 28.32 -40.29 -73.59
CA LEU F 75 28.75 -41.65 -73.32
C LEU F 75 29.03 -41.83 -71.84
N THR F 76 28.66 -43.00 -71.31
CA THR F 76 28.97 -43.38 -69.95
C THR F 76 29.73 -44.71 -69.97
N GLU F 77 30.30 -45.06 -68.82
CA GLU F 77 31.08 -46.29 -68.73
C GLU F 77 30.25 -47.54 -69.02
N LYS F 78 28.93 -47.47 -68.84
CA LYS F 78 28.07 -48.60 -69.15
C LYS F 78 27.95 -48.84 -70.64
N ASP F 79 28.22 -47.82 -71.47
CA ASP F 79 28.07 -47.94 -72.91
C ASP F 79 29.28 -48.56 -73.59
N ILE F 80 30.30 -48.95 -72.82
CA ILE F 80 31.51 -49.50 -73.43
C ILE F 80 31.19 -50.84 -74.06
N GLY F 81 31.54 -50.99 -75.34
CA GLY F 81 31.28 -52.22 -76.05
C GLY F 81 30.23 -52.06 -77.14
N GLN F 82 29.22 -51.24 -76.89
CA GLN F 82 28.17 -51.02 -77.86
C GLN F 82 28.60 -49.97 -78.87
N LYS F 83 27.83 -49.87 -79.96
CA LYS F 83 28.17 -48.96 -81.05
C LYS F 83 28.00 -47.51 -80.62
N ARG F 84 28.92 -46.66 -81.08
CA ARG F 84 28.90 -45.24 -80.71
C ARG F 84 27.64 -44.57 -81.25
N GLY F 85 27.24 -44.89 -82.47
CA GLY F 85 26.10 -44.22 -83.07
C GLY F 85 24.80 -44.53 -82.37
N ASP F 86 24.62 -45.79 -81.97
CA ASP F 86 23.33 -46.19 -81.38
C ASP F 86 23.12 -45.57 -80.01
N VAL F 87 24.16 -45.55 -79.17
CA VAL F 87 23.99 -45.02 -77.81
C VAL F 87 23.91 -43.51 -77.79
N THR F 88 24.31 -42.84 -78.88
CA THR F 88 24.24 -41.39 -78.95
C THR F 88 22.94 -40.89 -79.55
N ARG F 89 22.36 -41.66 -80.48
CA ARG F 89 21.12 -41.24 -81.13
C ARG F 89 20.02 -40.97 -80.12
N ALA F 90 19.96 -41.78 -79.06
CA ALA F 90 18.93 -41.60 -78.05
C ALA F 90 19.05 -40.25 -77.38
N LYS F 91 20.25 -39.90 -76.92
CA LYS F 91 20.44 -38.65 -76.20
C LYS F 91 20.47 -37.45 -77.13
N LEU F 92 20.74 -37.66 -78.43
CA LEU F 92 20.71 -36.57 -79.37
C LEU F 92 19.29 -36.15 -79.71
N ALA F 93 18.38 -37.14 -79.87
CA ALA F 93 17.00 -36.84 -80.22
C ALA F 93 16.27 -36.10 -79.10
N GLU F 94 16.77 -36.18 -77.87
CA GLU F 94 16.13 -35.48 -76.76
C GLU F 94 16.31 -33.97 -76.83
N LEU F 95 17.28 -33.50 -77.61
CA LEU F 95 17.59 -32.07 -77.63
C LEU F 95 16.54 -31.28 -78.39
N ASN F 96 15.92 -31.87 -79.39
CA ASN F 96 14.95 -31.14 -80.23
C ASN F 96 13.92 -32.14 -80.74
N ALA F 97 12.67 -31.97 -80.29
CA ALA F 97 11.60 -32.85 -80.75
C ALA F 97 11.25 -32.62 -82.20
N TYR F 98 11.58 -31.45 -82.76
CA TYR F 98 11.30 -31.18 -84.16
C TYR F 98 12.32 -31.80 -85.11
N VAL F 99 13.46 -32.25 -84.59
CA VAL F 99 14.53 -32.79 -85.41
C VAL F 99 14.61 -34.30 -85.13
N PRO F 100 14.23 -35.15 -86.08
CA PRO F 100 14.41 -36.59 -85.88
C PRO F 100 15.85 -37.00 -86.14
N VAL F 101 16.38 -37.85 -85.27
CA VAL F 101 17.76 -38.31 -85.35
C VAL F 101 17.73 -39.79 -85.70
N ASN F 102 18.30 -40.14 -86.85
CA ASN F 102 18.38 -41.52 -87.31
C ASN F 102 19.85 -41.94 -87.37
N VAL F 103 20.07 -43.24 -87.51
CA VAL F 103 21.40 -43.81 -87.55
C VAL F 103 21.58 -44.54 -88.87
N LEU F 104 22.61 -44.16 -89.63
CA LEU F 104 23.01 -44.92 -90.80
C LEU F 104 23.84 -46.11 -90.33
N ASP F 105 23.42 -47.33 -90.69
CA ASP F 105 24.05 -48.52 -90.13
C ASP F 105 25.39 -48.82 -90.79
N SER F 106 25.44 -48.83 -92.13
CA SER F 106 26.67 -49.16 -92.81
C SER F 106 26.81 -48.29 -94.05
N LEU F 107 27.97 -47.67 -94.19
CA LEU F 107 28.30 -46.84 -95.37
C LEU F 107 29.11 -47.63 -96.38
N ASP F 108 28.65 -48.82 -96.74
CA ASP F 108 29.38 -49.60 -97.73
C ASP F 108 29.15 -49.09 -99.14
N ASP F 109 27.96 -48.55 -99.42
CA ASP F 109 27.62 -47.98 -100.72
C ASP F 109 27.59 -46.47 -100.59
N VAL F 110 28.46 -45.80 -101.36
CA VAL F 110 28.56 -44.35 -101.24
C VAL F 110 27.35 -43.63 -101.82
N THR F 111 26.55 -44.31 -102.65
CA THR F 111 25.41 -43.67 -103.28
C THR F 111 24.31 -43.24 -102.32
N GLN F 112 24.31 -43.75 -101.08
CA GLN F 112 23.29 -43.28 -100.13
C GLN F 112 23.51 -41.86 -99.66
N LEU F 113 24.68 -41.26 -99.93
CA LEU F 113 24.91 -39.88 -99.58
C LEU F 113 24.04 -38.91 -100.37
N SER F 114 23.40 -39.35 -101.45
CA SER F 114 22.62 -38.46 -102.29
C SER F 114 21.38 -37.92 -101.58
N GLN F 115 20.89 -38.60 -100.56
CA GLN F 115 19.71 -38.15 -99.82
C GLN F 115 20.03 -37.13 -98.75
N PHE F 116 21.25 -36.62 -98.71
CA PHE F 116 21.67 -35.61 -97.75
C PHE F 116 22.12 -34.35 -98.46
N GLN F 117 22.10 -33.24 -97.73
CA GLN F 117 22.57 -31.97 -98.24
C GLN F 117 23.92 -31.55 -97.69
N VAL F 118 24.22 -31.92 -96.45
CA VAL F 118 25.50 -31.61 -95.83
C VAL F 118 26.06 -32.91 -95.24
N VAL F 119 27.29 -33.24 -95.63
CA VAL F 119 27.99 -34.41 -95.13
C VAL F 119 29.17 -33.93 -94.31
N VAL F 120 29.26 -34.37 -93.05
CA VAL F 120 30.30 -33.95 -92.13
C VAL F 120 31.17 -35.17 -91.80
N ALA F 121 32.47 -35.06 -92.08
CA ALA F 121 33.44 -36.12 -91.80
C ALA F 121 34.38 -35.64 -90.71
N THR F 122 34.31 -36.30 -89.55
CA THR F 122 35.11 -35.92 -88.40
C THR F 122 36.43 -36.70 -88.39
N ASP F 123 37.14 -36.63 -87.27
CA ASP F 123 38.47 -37.22 -87.18
C ASP F 123 38.47 -38.74 -87.32
N THR F 124 37.31 -39.39 -87.15
CA THR F 124 37.23 -40.83 -87.27
C THR F 124 37.26 -41.33 -88.71
N VAL F 125 37.32 -40.44 -89.69
CA VAL F 125 37.36 -40.81 -91.10
C VAL F 125 38.77 -40.61 -91.60
N SER F 126 39.31 -41.63 -92.27
CA SER F 126 40.67 -41.53 -92.80
C SER F 126 40.75 -40.50 -93.92
N LEU F 127 41.95 -39.98 -94.14
CA LEU F 127 42.13 -38.99 -95.18
C LEU F 127 41.82 -39.56 -96.55
N GLU F 128 42.11 -40.83 -96.76
CA GLU F 128 41.77 -41.45 -98.04
C GLU F 128 40.26 -41.49 -98.23
N ASP F 129 39.51 -41.77 -97.15
CA ASP F 129 38.05 -41.78 -97.24
C ASP F 129 37.46 -40.38 -97.29
N LYS F 130 38.12 -39.40 -96.68
CA LYS F 130 37.65 -38.02 -96.75
C LYS F 130 37.75 -37.48 -98.18
N VAL F 131 38.77 -37.90 -98.92
CA VAL F 131 38.91 -37.46 -100.30
C VAL F 131 37.91 -38.18 -101.20
N LYS F 132 37.69 -39.47 -100.95
CA LYS F 132 36.72 -40.21 -101.75
C LYS F 132 35.32 -39.66 -101.56
N ILE F 133 34.96 -39.32 -100.31
CA ILE F 133 33.61 -38.84 -100.05
C ILE F 133 33.41 -37.43 -100.58
N ASN F 134 34.39 -36.55 -100.37
CA ASN F 134 34.26 -35.19 -100.87
C ASN F 134 34.18 -35.17 -102.39
N GLU F 135 34.92 -36.06 -103.06
CA GLU F 135 34.87 -36.12 -104.51
C GLU F 135 33.47 -36.49 -105.00
N PHE F 136 32.78 -37.35 -104.26
CA PHE F 136 31.41 -37.69 -104.60
C PHE F 136 30.44 -36.55 -104.26
N CYS F 137 30.73 -35.79 -103.20
CA CYS F 137 29.87 -34.67 -102.84
C CYS F 137 30.05 -33.49 -103.79
N HIS F 138 31.29 -33.19 -104.15
CA HIS F 138 31.55 -32.07 -105.05
C HIS F 138 30.93 -32.31 -106.42
N SER F 139 30.98 -33.55 -106.89
CA SER F 139 30.41 -33.92 -108.19
C SER F 139 28.92 -34.15 -108.13
N SER F 140 28.30 -34.09 -106.95
CA SER F 140 26.86 -34.29 -106.80
C SER F 140 26.17 -33.08 -106.21
N GLY F 141 26.86 -31.96 -106.04
CA GLY F 141 26.25 -30.78 -105.46
C GLY F 141 26.01 -30.85 -103.96
N ILE F 142 26.60 -31.82 -103.27
CA ILE F 142 26.45 -31.99 -101.83
C ILE F 142 27.50 -31.14 -101.13
N ARG F 143 27.08 -30.47 -100.05
CA ARG F 143 27.98 -29.65 -99.26
C ARG F 143 28.83 -30.54 -98.36
N PHE F 144 30.14 -30.36 -98.42
CA PHE F 144 31.10 -31.18 -97.67
C PHE F 144 31.80 -30.33 -96.64
N ILE F 145 31.87 -30.83 -95.41
CA ILE F 145 32.59 -30.18 -94.32
C ILE F 145 33.37 -31.24 -93.56
N SER F 146 34.66 -30.99 -93.34
CA SER F 146 35.54 -31.90 -92.62
C SER F 146 36.17 -31.18 -91.44
N SER F 147 36.60 -31.97 -90.45
CA SER F 147 37.22 -31.42 -89.26
C SER F 147 37.89 -32.55 -88.48
N GLU F 148 39.01 -32.23 -87.84
CA GLU F 148 39.69 -33.18 -86.97
C GLU F 148 40.49 -32.42 -85.94
N THR F 149 40.61 -33.00 -84.75
CA THR F 149 41.36 -32.40 -83.65
C THR F 149 42.40 -33.40 -83.16
N ARG F 150 43.65 -32.96 -83.07
CA ARG F 150 44.74 -33.75 -82.55
C ARG F 150 45.30 -33.01 -81.33
N GLY F 151 44.84 -33.39 -80.14
CA GLY F 151 45.32 -32.74 -78.93
C GLY F 151 44.94 -31.27 -78.90
N LEU F 152 45.93 -30.41 -78.72
CA LEU F 152 45.71 -28.96 -78.71
C LEU F 152 45.71 -28.37 -80.11
N PHE F 153 45.70 -29.19 -81.15
CA PHE F 153 45.65 -28.75 -82.53
C PHE F 153 44.29 -29.06 -83.13
N GLY F 154 44.09 -28.62 -84.36
CA GLY F 154 42.83 -28.88 -85.03
C GLY F 154 42.69 -28.11 -86.31
N ASN F 155 41.82 -28.56 -87.20
CA ASN F 155 41.57 -27.86 -88.46
C ASN F 155 40.15 -28.14 -88.90
N THR F 156 39.75 -27.49 -90.00
CA THR F 156 38.44 -27.69 -90.57
C THR F 156 38.49 -27.34 -92.05
N PHE F 157 37.70 -28.07 -92.84
CA PHE F 157 37.64 -27.91 -94.29
C PHE F 157 36.20 -27.67 -94.70
N VAL F 158 36.00 -26.74 -95.63
CA VAL F 158 34.66 -26.37 -96.08
C VAL F 158 34.64 -26.40 -97.61
N ASP F 159 33.76 -27.22 -98.17
CA ASP F 159 33.57 -27.30 -99.62
C ASP F 159 32.07 -27.30 -99.89
N LEU F 160 31.55 -26.15 -100.33
CA LEU F 160 30.13 -25.98 -100.56
C LEU F 160 29.76 -26.04 -102.05
N GLY F 161 30.58 -26.71 -102.86
CA GLY F 161 30.29 -26.87 -104.28
C GLY F 161 30.79 -25.71 -105.12
N ASP F 162 30.69 -25.89 -106.43
CA ASP F 162 31.16 -24.90 -107.40
C ASP F 162 30.19 -23.73 -107.57
N GLU F 163 28.97 -23.84 -107.04
CA GLU F 163 27.96 -22.79 -107.17
C GLU F 163 27.35 -22.58 -105.79
N PHE F 164 27.73 -21.48 -105.14
CA PHE F 164 27.17 -21.11 -103.85
C PHE F 164 26.97 -19.61 -103.84
N THR F 165 25.77 -19.18 -103.43
CA THR F 165 25.42 -17.77 -103.41
C THR F 165 25.29 -17.28 -101.98
N VAL F 166 25.98 -16.19 -101.66
CA VAL F 166 25.97 -15.59 -100.33
C VAL F 166 24.93 -14.47 -100.36
N LEU F 167 23.75 -14.74 -99.79
CA LEU F 167 22.69 -13.75 -99.80
C LEU F 167 23.00 -12.62 -98.82
N ASP F 168 23.42 -12.97 -97.60
CA ASP F 168 23.79 -11.99 -96.59
C ASP F 168 25.26 -12.19 -96.22
N PRO F 169 26.13 -11.21 -96.39
CA PRO F 169 27.56 -11.44 -96.13
C PRO F 169 27.91 -11.36 -94.66
N THR F 170 27.18 -10.56 -93.88
CA THR F 170 27.54 -10.29 -92.50
C THR F 170 26.46 -10.66 -91.50
N GLY F 171 25.19 -10.66 -91.91
CA GLY F 171 24.10 -10.91 -90.98
C GLY F 171 23.76 -9.75 -90.07
N GLU F 172 24.42 -8.61 -90.22
CA GLU F 172 24.15 -7.43 -89.42
C GLU F 172 22.87 -6.74 -89.90
N GLU F 173 22.46 -5.73 -89.14
CA GLU F 173 21.33 -4.90 -89.56
C GLU F 173 21.77 -3.95 -90.67
N PRO F 174 20.96 -3.80 -91.73
CA PRO F 174 21.31 -2.87 -92.81
C PRO F 174 21.45 -1.44 -92.29
N ARG F 175 22.60 -0.84 -92.54
CA ARG F 175 22.86 0.50 -92.06
C ARG F 175 21.98 1.52 -92.77
N THR F 176 21.40 2.44 -92.01
CA THR F 176 20.51 3.45 -92.54
C THR F 176 20.80 4.78 -91.87
N GLY F 177 20.39 5.86 -92.52
CA GLY F 177 20.62 7.19 -91.98
C GLY F 177 19.95 8.22 -92.87
N MET F 178 19.97 9.46 -92.39
CA MET F 178 19.37 10.59 -93.08
C MET F 178 20.44 11.35 -93.85
N VAL F 179 20.03 11.94 -94.99
CA VAL F 179 20.92 12.65 -95.88
C VAL F 179 20.68 14.14 -95.74
N SER F 180 21.76 14.92 -95.77
CA SER F 180 21.65 16.37 -95.69
C SER F 180 22.02 17.08 -96.99
N ASP F 181 22.86 16.48 -97.83
CA ASP F 181 23.23 17.11 -99.09
C ASP F 181 23.81 16.06 -100.04
N ILE F 182 23.43 16.15 -101.31
CA ILE F 182 23.98 15.32 -102.37
C ILE F 182 24.54 16.26 -103.43
N GLU F 183 25.86 16.39 -103.49
CA GLU F 183 26.48 17.26 -104.46
C GLU F 183 26.40 16.63 -105.86
N PRO F 184 26.50 17.45 -106.90
CA PRO F 184 26.41 16.90 -108.27
C PRO F 184 27.47 15.86 -108.58
N ASP F 185 28.61 15.87 -107.90
CA ASP F 185 29.64 14.86 -108.12
C ASP F 185 29.32 13.55 -107.42
N GLY F 186 28.32 13.52 -106.55
CA GLY F 186 27.92 12.29 -105.87
C GLY F 186 28.28 12.23 -104.41
N THR F 187 28.89 13.27 -103.85
CA THR F 187 29.30 13.28 -102.45
C THR F 187 28.05 13.37 -101.57
N VAL F 188 27.62 12.23 -101.03
CA VAL F 188 26.45 12.18 -100.18
C VAL F 188 26.89 12.52 -98.75
N THR F 189 26.51 13.69 -98.27
CA THR F 189 26.86 14.16 -96.94
C THR F 189 25.71 13.83 -95.98
N MET F 190 26.05 13.26 -94.82
CA MET F 190 25.01 12.82 -93.92
C MET F 190 24.47 13.99 -93.10
N LEU F 191 23.40 13.72 -92.36
CA LEU F 191 22.78 14.70 -91.47
C LEU F 191 23.14 14.46 -90.00
N ASP F 192 22.81 13.27 -89.50
CA ASP F 192 22.87 13.01 -88.07
C ASP F 192 24.30 12.86 -87.59
N ASP F 193 24.48 12.92 -86.26
CA ASP F 193 25.77 12.74 -85.62
C ASP F 193 26.06 11.26 -85.45
N ASN F 194 25.82 10.48 -86.51
CA ASN F 194 26.07 9.05 -86.54
C ASN F 194 26.89 8.72 -87.77
N ARG F 195 27.83 7.78 -87.61
CA ARG F 195 28.62 7.33 -88.74
C ARG F 195 27.85 6.28 -89.51
N HIS F 196 27.86 6.41 -90.85
CA HIS F 196 27.05 5.52 -91.67
C HIS F 196 27.50 4.07 -91.53
N GLY F 197 28.78 3.83 -91.24
CA GLY F 197 29.27 2.49 -91.11
C GLY F 197 29.51 1.74 -92.40
N LEU F 198 29.26 2.37 -93.54
CA LEU F 198 29.49 1.69 -94.81
C LEU F 198 30.98 1.61 -95.11
N GLU F 199 31.36 0.60 -95.89
CA GLU F 199 32.71 0.45 -96.38
C GLU F 199 32.68 0.31 -97.89
N ASP F 200 33.86 0.42 -98.51
CA ASP F 200 33.95 0.36 -99.95
C ASP F 200 33.40 -0.95 -100.50
N GLY F 201 32.69 -0.87 -101.62
CA GLY F 201 32.07 -2.02 -102.24
C GLY F 201 30.63 -2.26 -101.85
N ASN F 202 30.09 -1.50 -100.90
CA ASN F 202 28.69 -1.65 -100.52
C ASN F 202 27.78 -1.02 -101.56
N PHE F 203 26.48 -1.27 -101.41
CA PHE F 203 25.46 -0.73 -102.28
C PHE F 203 24.31 -0.19 -101.45
N VAL F 204 23.74 0.92 -101.87
CA VAL F 204 22.67 1.60 -101.13
C VAL F 204 21.60 2.07 -102.10
N ARG F 205 20.35 1.98 -101.66
CA ARG F 205 19.21 2.59 -102.33
C ARG F 205 18.80 3.86 -101.58
N PHE F 206 17.93 4.64 -102.21
CA PHE F 206 17.56 5.94 -101.67
C PHE F 206 16.05 6.08 -101.58
N SER F 207 15.61 6.94 -100.67
CA SER F 207 14.20 7.23 -100.46
C SER F 207 14.06 8.66 -99.94
N GLU F 208 12.98 9.32 -100.37
CA GLU F 208 12.63 10.66 -99.90
C GLU F 208 13.70 11.68 -100.29
N VAL F 209 14.30 11.49 -101.46
CA VAL F 209 15.27 12.44 -102.01
C VAL F 209 14.55 13.32 -103.03
N GLU F 210 14.44 14.61 -102.73
CA GLU F 210 13.72 15.53 -103.57
C GLU F 210 14.62 16.05 -104.69
N GLY F 211 14.04 16.26 -105.86
CA GLY F 211 14.74 16.83 -106.98
C GLY F 211 15.32 15.76 -107.89
N LEU F 212 16.24 14.96 -107.35
CA LEU F 212 16.70 13.74 -108.01
C LEU F 212 15.60 12.69 -107.89
N ASP F 213 14.55 12.85 -108.70
CA ASP F 213 13.39 11.98 -108.58
C ASP F 213 13.73 10.55 -109.00
N LYS F 214 14.58 10.38 -109.99
CA LYS F 214 14.99 9.06 -110.47
C LYS F 214 15.97 8.37 -109.54
N LEU F 215 16.39 9.03 -108.46
CA LEU F 215 17.25 8.39 -107.47
C LEU F 215 16.46 7.54 -106.49
N ASN F 216 15.14 7.73 -106.41
CA ASN F 216 14.29 7.04 -105.45
C ASN F 216 13.64 5.78 -106.01
N ASP F 217 13.84 5.49 -107.29
CA ASP F 217 13.14 4.37 -107.92
C ASP F 217 13.60 3.01 -107.43
N GLY F 218 14.68 2.93 -106.67
CA GLY F 218 15.18 1.67 -106.14
C GLY F 218 16.49 1.21 -106.73
N THR F 219 17.07 1.97 -107.66
CA THR F 219 18.35 1.60 -108.24
C THR F 219 19.44 1.66 -107.17
N LEU F 220 20.34 0.68 -107.21
CA LEU F 220 21.43 0.62 -106.24
C LEU F 220 22.64 1.38 -106.77
N PHE F 221 23.43 1.92 -105.84
CA PHE F 221 24.61 2.69 -106.18
C PHE F 221 25.79 2.23 -105.34
N LYS F 222 26.95 2.16 -105.97
CA LYS F 222 28.15 1.70 -105.28
C LYS F 222 28.68 2.80 -104.37
N VAL F 223 29.07 2.41 -103.17
CA VAL F 223 29.49 3.35 -102.14
C VAL F 223 31.01 3.52 -102.21
N GLU F 224 31.46 4.76 -102.36
CA GLU F 224 32.87 5.11 -102.29
C GLU F 224 33.05 5.95 -101.04
N VAL F 225 33.55 5.33 -99.97
CA VAL F 225 33.64 6.00 -98.68
C VAL F 225 34.73 7.07 -98.73
N LEU F 226 34.34 8.32 -98.47
CA LEU F 226 35.29 9.40 -98.33
C LEU F 226 35.69 9.60 -96.87
N GLY F 227 34.73 9.51 -95.97
CA GLY F 227 34.98 9.60 -94.55
C GLY F 227 33.85 8.96 -93.76
N PRO F 228 33.95 9.03 -92.42
CA PRO F 228 32.89 8.44 -91.58
C PRO F 228 31.54 9.15 -91.67
N PHE F 229 31.45 10.30 -92.35
CA PHE F 229 30.19 11.03 -92.42
C PHE F 229 29.76 11.35 -93.84
N ALA F 230 30.41 10.77 -94.85
CA ALA F 230 30.01 11.02 -96.23
C ALA F 230 30.59 9.93 -97.12
N PHE F 231 29.89 9.65 -98.22
CA PHE F 231 30.37 8.73 -99.25
C PHE F 231 29.95 9.26 -100.61
N ARG F 232 30.50 8.66 -101.65
CA ARG F 232 30.28 9.11 -103.02
C ARG F 232 29.75 7.97 -103.87
N ILE F 233 28.82 8.29 -104.76
CA ILE F 233 28.15 7.30 -105.60
C ILE F 233 28.32 7.60 -107.08
N GLY F 234 29.11 8.61 -107.43
CA GLY F 234 29.32 8.99 -108.81
C GLY F 234 28.47 10.19 -109.21
N SER F 235 28.78 10.72 -110.39
CA SER F 235 28.14 11.94 -110.87
C SER F 235 26.63 11.73 -111.01
N VAL F 236 25.86 12.62 -110.39
CA VAL F 236 24.40 12.53 -110.43
C VAL F 236 23.82 13.70 -111.22
N LYS F 237 24.60 14.27 -112.13
CA LYS F 237 24.08 15.35 -112.96
C LYS F 237 22.96 14.87 -113.88
N GLU F 238 22.98 13.58 -114.25
CA GLU F 238 21.95 13.04 -115.12
C GLU F 238 20.59 13.01 -114.46
N TYR F 239 20.55 12.89 -113.12
CA TYR F 239 19.30 12.70 -112.41
C TYR F 239 18.63 14.02 -112.01
N GLY F 240 19.36 15.12 -112.02
CA GLY F 240 18.78 16.41 -111.67
C GLY F 240 19.60 17.23 -110.70
N GLU F 241 18.93 17.86 -109.74
CA GLU F 241 19.58 18.70 -108.74
C GLU F 241 18.95 18.46 -107.39
N TYR F 242 19.78 18.45 -106.35
CA TYR F 242 19.31 18.19 -105.01
C TYR F 242 18.65 19.41 -104.40
N LYS F 243 17.54 19.19 -103.69
CA LYS F 243 16.86 20.27 -102.98
C LYS F 243 16.88 20.05 -101.47
N LYS F 244 16.35 18.93 -100.98
CA LYS F 244 16.33 18.63 -99.55
C LYS F 244 15.85 17.20 -99.36
N GLY F 245 15.97 16.72 -98.13
CA GLY F 245 15.53 15.38 -97.79
C GLY F 245 16.50 14.30 -98.20
N GLY F 246 16.13 13.06 -97.89
CA GLY F 246 16.92 11.92 -98.29
C GLY F 246 17.16 10.91 -97.19
N ILE F 247 16.91 9.64 -97.48
CA ILE F 247 17.17 8.53 -96.55
C ILE F 247 17.74 7.37 -97.36
N PHE F 248 18.95 6.96 -97.03
CA PHE F 248 19.61 5.85 -97.71
C PHE F 248 19.53 4.58 -96.87
N THR F 249 19.31 3.45 -97.54
CA THR F 249 19.25 2.15 -96.89
C THR F 249 20.18 1.20 -97.65
N GLU F 250 21.10 0.57 -96.92
CA GLU F 250 22.01 -0.39 -97.53
C GLU F 250 21.29 -1.68 -97.88
N VAL F 251 21.56 -2.19 -99.08
CA VAL F 251 21.01 -3.46 -99.56
C VAL F 251 22.16 -4.42 -99.81
N LYS F 252 22.03 -5.65 -99.33
CA LYS F 252 23.06 -6.67 -99.47
C LYS F 252 22.83 -7.44 -100.77
N VAL F 253 23.74 -7.28 -101.72
CA VAL F 253 23.64 -7.95 -103.01
C VAL F 253 24.24 -9.35 -102.89
N PRO F 254 23.78 -10.32 -103.67
CA PRO F 254 24.36 -11.66 -103.60
C PRO F 254 25.73 -11.73 -104.25
N ARG F 255 26.55 -12.65 -103.75
CA ARG F 255 27.87 -12.90 -104.28
C ARG F 255 28.02 -14.41 -104.47
N LYS F 256 28.37 -14.81 -105.69
CA LYS F 256 28.48 -16.22 -106.05
C LYS F 256 29.95 -16.63 -105.92
N ILE F 257 30.25 -17.42 -104.89
CA ILE F 257 31.60 -17.88 -104.61
C ILE F 257 31.73 -19.35 -105.02
N SER F 258 32.91 -19.71 -105.51
CA SER F 258 33.21 -21.07 -105.94
C SER F 258 34.16 -21.73 -104.95
N PHE F 259 33.90 -22.99 -104.66
CA PHE F 259 34.69 -23.78 -103.73
C PHE F 259 35.45 -24.86 -104.51
N LYS F 260 36.63 -25.23 -104.00
CA LYS F 260 37.42 -26.29 -104.60
C LYS F 260 37.30 -27.57 -103.79
N SER F 261 37.54 -28.71 -104.46
CA SER F 261 37.46 -30.01 -103.82
C SER F 261 38.61 -30.20 -102.83
N LEU F 262 38.48 -31.24 -102.02
CA LEU F 262 39.51 -31.54 -101.02
C LEU F 262 40.80 -31.98 -101.68
N LYS F 263 40.71 -32.77 -102.76
CA LYS F 263 41.93 -33.20 -103.45
C LYS F 263 42.70 -32.01 -104.00
N GLN F 264 41.99 -31.05 -104.61
CA GLN F 264 42.65 -29.87 -105.16
C GLN F 264 43.20 -28.97 -104.06
N GLN F 265 42.56 -28.96 -102.88
CA GLN F 265 42.97 -28.09 -101.80
C GLN F 265 44.15 -28.63 -101.01
N LEU F 266 44.38 -29.95 -101.04
CA LEU F 266 45.53 -30.50 -100.32
C LEU F 266 46.84 -30.05 -100.94
N SER F 267 46.85 -29.74 -102.23
CA SER F 267 48.05 -29.27 -102.90
C SER F 267 48.15 -27.75 -102.94
N ASN F 268 47.03 -27.06 -103.12
CA ASN F 268 46.99 -25.60 -103.17
C ASN F 268 45.88 -25.12 -102.24
N PRO F 269 46.15 -25.06 -100.94
CA PRO F 269 45.10 -24.66 -99.99
C PRO F 269 44.90 -23.17 -99.94
N GLU F 270 43.68 -22.77 -99.56
CA GLU F 270 43.31 -21.39 -99.31
C GLU F 270 43.01 -21.26 -97.83
N PHE F 271 43.85 -20.53 -97.11
CA PHE F 271 43.77 -20.51 -95.65
C PHE F 271 42.92 -19.37 -95.14
N VAL F 272 42.25 -19.62 -94.01
CA VAL F 272 41.64 -18.59 -93.20
C VAL F 272 42.27 -18.71 -91.81
N PHE F 273 42.95 -17.65 -91.39
CA PHE F 273 43.80 -17.72 -90.21
C PHE F 273 43.00 -17.45 -88.93
N SER F 274 43.24 -18.27 -87.91
CA SER F 274 42.59 -18.08 -86.62
C SER F 274 43.38 -17.17 -85.69
N ASP F 275 44.65 -16.91 -85.98
CA ASP F 275 45.47 -16.03 -85.15
C ASP F 275 46.62 -15.55 -86.03
N PHE F 276 46.62 -14.25 -86.35
CA PHE F 276 47.64 -13.73 -87.24
C PHE F 276 49.03 -13.72 -86.61
N ALA F 277 49.13 -13.87 -85.29
CA ALA F 277 50.44 -14.05 -84.67
C ALA F 277 51.03 -15.40 -85.01
N LYS F 278 50.19 -16.38 -85.35
CA LYS F 278 50.66 -17.71 -85.75
C LYS F 278 50.27 -18.02 -87.19
N PHE F 279 50.19 -17.00 -88.04
CA PHE F 279 49.79 -17.23 -89.42
C PHE F 279 50.83 -18.01 -90.20
N ASP F 280 52.02 -18.20 -89.64
CA ASP F 280 53.02 -19.05 -90.28
C ASP F 280 52.74 -20.52 -90.04
N ARG F 281 52.10 -20.86 -88.93
CA ARG F 281 51.83 -22.25 -88.59
C ARG F 281 50.73 -22.86 -89.45
N ALA F 282 50.02 -22.07 -90.25
CA ALA F 282 48.94 -22.62 -91.05
C ALA F 282 49.47 -23.64 -92.05
N ALA F 283 50.43 -23.23 -92.89
CA ALA F 283 51.00 -24.16 -93.86
C ALA F 283 51.81 -25.26 -93.19
N GLN F 284 52.36 -25.00 -92.00
CA GLN F 284 53.11 -26.01 -91.29
C GLN F 284 52.21 -27.14 -90.81
N LEU F 285 51.10 -26.79 -90.17
CA LEU F 285 50.16 -27.80 -89.69
C LEU F 285 49.37 -28.44 -90.83
N HIS F 286 49.33 -27.79 -92.00
CA HIS F 286 48.66 -28.40 -93.15
C HIS F 286 49.37 -29.66 -93.59
N LEU F 287 50.70 -29.64 -93.65
CA LEU F 287 51.45 -30.85 -93.95
C LEU F 287 51.50 -31.80 -92.77
N GLY F 288 51.44 -31.28 -91.54
CA GLY F 288 51.51 -32.14 -90.37
C GLY F 288 50.29 -33.05 -90.25
N PHE F 289 49.10 -32.51 -90.52
CA PHE F 289 47.89 -33.33 -90.43
C PHE F 289 47.82 -34.37 -91.55
N GLN F 290 48.35 -34.03 -92.74
CA GLN F 290 48.43 -35.02 -93.80
C GLN F 290 49.42 -36.12 -93.45
N ALA F 291 50.54 -35.75 -92.83
CA ALA F 291 51.53 -36.75 -92.43
C ALA F 291 51.01 -37.65 -91.33
N LEU F 292 50.11 -37.15 -90.49
CA LEU F 292 49.50 -38.01 -89.47
C LEU F 292 48.68 -39.12 -90.11
N HIS F 293 48.13 -38.88 -91.30
CA HIS F 293 47.41 -39.94 -92.00
C HIS F 293 48.37 -40.85 -92.73
N GLN F 294 49.44 -40.31 -93.30
CA GLN F 294 50.48 -41.14 -93.88
C GLN F 294 51.12 -42.02 -92.82
N PHE F 295 51.31 -41.49 -91.61
CA PHE F 295 51.84 -42.29 -90.52
C PHE F 295 50.89 -43.42 -90.15
N ALA F 296 49.57 -43.15 -90.17
CA ALA F 296 48.62 -44.19 -89.81
C ALA F 296 48.60 -45.31 -90.84
N VAL F 297 48.78 -44.97 -92.12
CA VAL F 297 48.80 -45.99 -93.16
C VAL F 297 50.03 -46.89 -92.99
N ARG F 298 51.20 -46.29 -92.80
CA ARG F 298 52.44 -47.04 -92.67
C ARG F 298 52.53 -47.80 -91.35
N HIS F 299 51.61 -47.57 -90.41
CA HIS F 299 51.70 -48.19 -89.08
C HIS F 299 50.41 -48.88 -88.69
N ASN F 300 49.63 -49.34 -89.67
CA ASN F 300 48.41 -50.12 -89.44
C ASN F 300 47.39 -49.32 -88.62
N GLY F 301 47.06 -48.14 -89.13
CA GLY F 301 46.04 -47.31 -88.51
C GLY F 301 46.41 -46.78 -87.14
N GLU F 302 47.69 -46.84 -86.79
CA GLU F 302 48.14 -46.34 -85.50
C GLU F 302 48.58 -44.89 -85.61
N LEU F 303 48.31 -44.14 -84.58
CA LEU F 303 48.81 -42.77 -84.49
C LEU F 303 50.15 -42.76 -83.77
N PRO F 304 50.96 -41.74 -84.00
CA PRO F 304 52.24 -41.63 -83.29
C PRO F 304 52.06 -41.75 -81.78
N ARG F 305 52.89 -42.57 -81.15
CA ARG F 305 52.76 -42.84 -79.72
C ARG F 305 52.95 -41.56 -78.91
N THR F 306 52.29 -41.50 -77.76
CA THR F 306 52.28 -40.29 -76.95
C THR F 306 53.68 -39.97 -76.42
N MET F 307 54.13 -38.74 -76.68
CA MET F 307 55.43 -38.22 -76.22
C MET F 307 56.60 -39.07 -76.71
N ASN F 308 56.41 -39.82 -77.79
CA ASN F 308 57.43 -40.71 -78.31
C ASN F 308 58.29 -39.95 -79.32
N ASP F 309 59.60 -40.07 -79.16
CA ASP F 309 60.54 -39.37 -80.04
C ASP F 309 60.84 -40.12 -81.32
N GLU F 310 60.81 -41.46 -81.29
CA GLU F 310 61.04 -42.24 -82.49
C GLU F 310 59.97 -41.96 -83.54
N ASP F 311 58.71 -41.90 -83.11
CA ASP F 311 57.62 -41.56 -84.02
C ASP F 311 57.62 -40.07 -84.36
N ALA F 312 58.01 -39.21 -83.41
CA ALA F 312 58.05 -37.79 -83.70
C ALA F 312 59.09 -37.48 -84.76
N ASN F 313 60.21 -38.21 -84.74
CA ASN F 313 61.23 -38.00 -85.77
C ASN F 313 60.76 -38.54 -87.12
N GLU F 314 59.96 -39.61 -87.11
CA GLU F 314 59.42 -40.12 -88.35
C GLU F 314 58.41 -39.16 -88.98
N LEU F 315 57.62 -38.48 -88.14
CA LEU F 315 56.63 -37.54 -88.65
C LEU F 315 57.29 -36.36 -89.34
N ILE F 316 58.43 -35.90 -88.81
CA ILE F 316 59.14 -34.80 -89.45
C ILE F 316 59.62 -35.21 -90.83
N LYS F 317 59.99 -36.48 -91.00
CA LYS F 317 60.39 -36.97 -92.32
C LYS F 317 59.22 -36.98 -93.29
N LEU F 318 58.05 -37.43 -92.84
CA LEU F 318 56.89 -37.45 -93.71
C LEU F 318 56.46 -36.04 -94.11
N VAL F 319 56.55 -35.08 -93.18
CA VAL F 319 56.23 -33.69 -93.51
C VAL F 319 57.23 -33.14 -94.52
N THR F 320 58.51 -33.47 -94.36
CA THR F 320 59.52 -33.02 -95.31
C THR F 320 59.30 -33.65 -96.69
N ASP F 321 58.89 -34.92 -96.72
CA ASP F 321 58.59 -35.56 -97.99
C ASP F 321 57.39 -34.91 -98.68
N LEU F 322 56.44 -34.38 -97.90
CA LEU F 322 55.30 -33.71 -98.50
C LEU F 322 55.67 -32.36 -99.09
N SER F 323 56.70 -31.71 -98.54
CA SER F 323 57.13 -30.42 -99.08
C SER F 323 57.64 -30.57 -100.51
N VAL F 324 58.23 -31.71 -100.84
CA VAL F 324 58.63 -31.95 -102.22
C VAL F 324 57.43 -32.28 -103.08
N GLN F 325 56.43 -32.97 -102.52
CA GLN F 325 55.22 -33.29 -103.28
C GLN F 325 54.36 -32.07 -103.53
N GLN F 326 54.17 -31.23 -102.49
CA GLN F 326 53.34 -30.03 -102.57
C GLN F 326 54.20 -28.81 -102.24
N PRO F 327 54.95 -28.30 -103.21
CA PRO F 327 55.80 -27.14 -102.94
C PRO F 327 55.03 -25.83 -102.78
N GLU F 328 53.72 -25.82 -103.08
CA GLU F 328 52.94 -24.60 -102.96
C GLU F 328 52.45 -24.35 -101.54
N VAL F 329 52.41 -25.39 -100.70
CA VAL F 329 51.91 -25.23 -99.34
C VAL F 329 52.85 -24.34 -98.53
N LEU F 330 54.09 -24.76 -98.37
CA LEU F 330 55.05 -23.98 -97.59
C LEU F 330 55.65 -22.85 -98.42
N GLY F 331 55.93 -23.12 -99.69
CA GLY F 331 56.64 -22.18 -100.53
C GLY F 331 58.14 -22.43 -100.54
N GLU F 332 58.81 -21.80 -101.49
CA GLU F 332 60.24 -21.98 -101.65
C GLU F 332 61.00 -21.22 -100.57
N GLY F 333 62.00 -21.87 -99.98
CA GLY F 333 62.85 -21.23 -99.00
C GLY F 333 62.33 -21.26 -97.59
N VAL F 334 61.27 -22.00 -97.31
CA VAL F 334 60.70 -22.10 -95.97
C VAL F 334 60.98 -23.50 -95.42
N ASP F 335 61.58 -23.55 -94.23
CA ASP F 335 61.95 -24.82 -93.63
C ASP F 335 60.73 -25.51 -93.03
N VAL F 336 60.97 -26.68 -92.44
CA VAL F 336 59.89 -27.54 -92.00
C VAL F 336 59.33 -27.15 -90.63
N ASN F 337 60.09 -26.42 -89.82
CA ASN F 337 59.70 -26.10 -88.44
C ASN F 337 59.50 -27.38 -87.63
N GLU F 338 60.60 -28.10 -87.47
CA GLU F 338 60.56 -29.42 -86.85
C GLU F 338 59.98 -29.37 -85.44
N ASP F 339 60.13 -28.24 -84.74
CA ASP F 339 59.63 -28.15 -83.38
C ASP F 339 58.10 -28.21 -83.34
N LEU F 340 57.42 -27.64 -84.33
CA LEU F 340 55.97 -27.69 -84.36
C LEU F 340 55.46 -29.09 -84.65
N ILE F 341 56.04 -29.75 -85.66
CA ILE F 341 55.63 -31.11 -86.03
C ILE F 341 55.89 -32.09 -84.89
N LYS F 342 56.96 -31.86 -84.12
CA LYS F 342 57.27 -32.75 -83.00
C LYS F 342 56.17 -32.68 -81.94
N GLU F 343 55.63 -31.48 -81.69
CA GLU F 343 54.55 -31.35 -80.72
C GLU F 343 53.24 -31.95 -81.25
N LEU F 344 53.01 -31.88 -82.56
CA LEU F 344 51.81 -32.50 -83.13
C LEU F 344 51.86 -34.01 -82.96
N SER F 345 53.03 -34.61 -83.17
CA SER F 345 53.17 -36.04 -82.96
C SER F 345 53.03 -36.40 -81.48
N TYR F 346 53.47 -35.51 -80.59
CA TYR F 346 53.35 -35.78 -79.16
C TYR F 346 51.91 -35.78 -78.70
N GLN F 347 51.05 -34.99 -79.35
CA GLN F 347 49.65 -34.86 -78.97
C GLN F 347 48.71 -35.49 -80.00
N ALA F 348 49.22 -36.40 -80.82
CA ALA F 348 48.39 -36.94 -81.90
C ALA F 348 47.20 -37.72 -81.36
N ARG F 349 47.31 -38.28 -80.15
CA ARG F 349 46.22 -39.05 -79.56
C ARG F 349 45.42 -38.25 -78.53
N GLY F 350 45.68 -36.95 -78.40
CA GLY F 350 44.99 -36.17 -77.39
C GLY F 350 43.59 -35.77 -77.80
N ASP F 351 42.70 -35.69 -76.81
CA ASP F 351 41.30 -35.31 -77.01
C ASP F 351 40.96 -34.25 -75.97
N ILE F 352 41.17 -33.00 -76.32
CA ILE F 352 41.01 -31.90 -75.36
C ILE F 352 39.59 -31.33 -75.47
N PRO F 353 38.84 -31.27 -74.38
CA PRO F 353 37.48 -30.72 -74.46
C PRO F 353 37.40 -29.28 -74.94
N GLY F 354 38.34 -28.44 -74.52
CA GLY F 354 38.31 -27.04 -74.95
C GLY F 354 38.48 -26.89 -76.45
N VAL F 355 39.29 -27.75 -77.07
CA VAL F 355 39.50 -27.65 -78.50
C VAL F 355 38.31 -28.26 -79.25
N VAL F 356 37.73 -29.32 -78.70
CA VAL F 356 36.56 -29.94 -79.34
C VAL F 356 35.38 -28.99 -79.32
N ALA F 357 35.11 -28.37 -78.17
CA ALA F 357 34.01 -27.42 -78.09
C ALA F 357 34.24 -26.22 -79.00
N PHE F 358 35.50 -25.81 -79.18
CA PHE F 358 35.81 -24.72 -80.09
C PHE F 358 35.44 -25.09 -81.53
N PHE F 359 36.02 -26.17 -82.04
CA PHE F 359 35.73 -26.59 -83.40
C PHE F 359 34.33 -27.12 -83.56
N GLY F 360 33.72 -27.62 -82.47
CA GLY F 360 32.35 -28.09 -82.54
C GLY F 360 31.37 -26.99 -82.88
N GLY F 361 31.52 -25.82 -82.25
CA GLY F 361 30.67 -24.71 -82.59
C GLY F 361 31.02 -24.08 -83.92
N LEU F 362 32.31 -24.06 -84.27
CA LEU F 362 32.74 -23.48 -85.53
C LEU F 362 32.22 -24.28 -86.72
N VAL F 363 32.41 -25.60 -86.69
CA VAL F 363 31.99 -26.45 -87.81
C VAL F 363 30.47 -26.48 -87.91
N ALA F 364 29.77 -26.48 -86.77
CA ALA F 364 28.32 -26.50 -86.80
C ALA F 364 27.77 -25.25 -87.47
N GLN F 365 28.35 -24.09 -87.18
CA GLN F 365 27.93 -22.87 -87.85
C GLN F 365 28.17 -22.95 -89.35
N GLU F 366 29.25 -23.61 -89.76
CA GLU F 366 29.49 -23.82 -91.19
C GLU F 366 28.47 -24.78 -91.79
N VAL F 367 27.96 -25.71 -90.99
CA VAL F 367 26.85 -26.55 -91.45
C VAL F 367 25.61 -25.70 -91.66
N LEU F 368 25.38 -24.72 -90.76
CA LEU F 368 24.21 -23.87 -90.91
C LEU F 368 24.31 -22.98 -92.13
N LYS F 369 25.50 -22.45 -92.42
CA LYS F 369 25.67 -21.67 -93.64
C LYS F 369 25.50 -22.56 -94.87
N ALA F 370 25.81 -23.84 -94.75
CA ALA F 370 25.64 -24.75 -95.89
C ALA F 370 24.18 -24.99 -96.20
N CYS F 371 23.32 -25.04 -95.17
CA CYS F 371 21.89 -25.27 -95.34
C CYS F 371 21.12 -24.00 -95.65
N SER F 372 21.50 -22.88 -95.04
CA SER F 372 20.77 -21.64 -95.22
C SER F 372 21.46 -20.65 -96.15
N GLY F 373 22.79 -20.65 -96.19
CA GLY F 373 23.50 -19.64 -96.96
C GLY F 373 23.41 -18.27 -96.33
N LYS F 374 23.20 -18.21 -95.01
CA LYS F 374 22.92 -16.94 -94.34
C LYS F 374 24.17 -16.09 -94.14
N PHE F 375 25.30 -16.72 -93.86
CA PHE F 375 26.52 -15.99 -93.57
C PHE F 375 27.59 -16.29 -94.62
N THR F 376 28.72 -15.62 -94.50
CA THR F 376 29.85 -15.88 -95.38
C THR F 376 30.58 -17.14 -94.92
N PRO F 377 30.69 -18.17 -95.74
CA PRO F 377 31.30 -19.42 -95.29
C PRO F 377 32.82 -19.31 -95.18
N LEU F 378 33.39 -20.30 -94.51
CA LEU F 378 34.85 -20.40 -94.38
C LEU F 378 35.46 -20.78 -95.74
N LYS F 379 36.54 -20.10 -96.10
CA LYS F 379 37.13 -20.26 -97.44
C LYS F 379 38.22 -21.33 -97.41
N GLN F 380 37.76 -22.58 -97.41
CA GLN F 380 38.48 -23.83 -97.69
C GLN F 380 39.37 -24.35 -96.57
N PHE F 381 39.68 -23.60 -95.52
CA PHE F 381 40.61 -24.14 -94.53
C PHE F 381 40.72 -23.19 -93.35
N MET F 382 41.04 -23.78 -92.20
CA MET F 382 41.44 -23.03 -91.01
C MET F 382 42.17 -23.98 -90.09
N TYR F 383 43.30 -23.53 -89.57
CA TYR F 383 44.07 -24.31 -88.61
C TYR F 383 44.19 -23.52 -87.32
N PHE F 384 44.27 -24.24 -86.20
CA PHE F 384 44.25 -23.61 -84.90
C PHE F 384 45.05 -24.44 -83.93
N ASP F 385 45.78 -23.76 -83.05
CA ASP F 385 46.51 -24.42 -81.97
C ASP F 385 46.47 -23.54 -80.73
N SER F 386 46.57 -24.19 -79.58
CA SER F 386 46.58 -23.52 -78.28
C SER F 386 47.77 -24.00 -77.47
N LEU F 387 48.95 -23.98 -78.09
CA LEU F 387 50.14 -24.49 -77.42
C LEU F 387 50.47 -23.71 -76.16
N GLU F 388 49.96 -22.48 -76.03
CA GLU F 388 50.18 -21.70 -74.81
C GLU F 388 49.48 -22.31 -73.61
N SER F 389 48.57 -23.26 -73.79
CA SER F 389 47.93 -23.92 -72.66
C SER F 389 48.81 -24.98 -72.02
N LEU F 390 49.88 -25.39 -72.68
CA LEU F 390 50.77 -26.38 -72.09
C LEU F 390 51.46 -25.79 -70.87
N PRO F 391 51.47 -26.49 -69.73
CA PRO F 391 52.12 -25.94 -68.53
C PRO F 391 53.63 -25.89 -68.69
N ASP F 392 54.25 -25.15 -67.77
CA ASP F 392 55.71 -25.03 -67.71
C ASP F 392 56.33 -26.38 -67.37
N PRO F 393 57.23 -26.92 -68.19
CA PRO F 393 57.81 -28.23 -67.88
C PRO F 393 58.56 -28.26 -66.57
N LYS F 394 58.85 -27.09 -65.97
CA LYS F 394 59.50 -27.07 -64.67
C LYS F 394 58.54 -27.49 -63.57
N ASN F 395 57.24 -27.27 -63.74
CA ASN F 395 56.23 -27.67 -62.78
C ASN F 395 55.57 -29.00 -63.12
N PHE F 396 55.18 -29.19 -64.39
CA PHE F 396 54.52 -30.41 -64.85
C PHE F 396 55.18 -30.90 -66.12
N PRO F 397 56.27 -31.64 -66.01
CA PRO F 397 56.97 -32.12 -67.21
C PRO F 397 56.17 -33.20 -67.92
N ARG F 398 56.32 -33.22 -69.24
CA ARG F 398 55.64 -34.16 -70.12
C ARG F 398 56.66 -35.14 -70.70
N ASN F 399 56.43 -36.43 -70.47
CA ASN F 399 57.28 -37.47 -71.03
C ASN F 399 56.43 -38.73 -71.16
N GLU F 400 57.07 -39.86 -71.52
CA GLU F 400 56.33 -41.08 -71.74
C GLU F 400 55.84 -41.72 -70.45
N LYS F 401 56.30 -41.25 -69.29
CA LYS F 401 55.86 -41.78 -68.00
C LYS F 401 54.74 -40.94 -67.39
N THR F 402 54.80 -39.61 -67.56
CA THR F 402 53.76 -38.75 -67.03
C THR F 402 52.50 -38.75 -67.89
N THR F 403 52.65 -38.93 -69.21
CA THR F 403 51.52 -38.89 -70.13
C THR F 403 51.00 -40.27 -70.50
N GLN F 404 51.48 -41.32 -69.85
CA GLN F 404 51.00 -42.65 -70.18
C GLN F 404 49.58 -42.83 -69.65
N PRO F 405 48.77 -43.66 -70.31
CA PRO F 405 47.40 -43.86 -69.84
C PRO F 405 47.35 -44.57 -68.50
N VAL F 406 46.26 -44.32 -67.76
CA VAL F 406 46.03 -44.90 -66.45
C VAL F 406 44.71 -45.66 -66.39
N ASN F 407 44.19 -46.04 -67.56
CA ASN F 407 42.91 -46.77 -67.66
C ASN F 407 41.76 -45.98 -67.05
N SER F 408 41.62 -44.73 -67.50
CA SER F 408 40.53 -43.87 -67.03
C SER F 408 39.95 -43.12 -68.21
N ARG F 409 38.85 -42.40 -67.96
CA ARG F 409 38.23 -41.62 -69.01
C ARG F 409 39.10 -40.43 -69.43
N TYR F 410 40.07 -40.05 -68.61
CA TYR F 410 40.92 -38.92 -68.90
C TYR F 410 42.22 -39.31 -69.60
N ASP F 411 42.32 -40.54 -70.11
CA ASP F 411 43.58 -41.00 -70.70
C ASP F 411 44.00 -40.11 -71.86
N ASN F 412 43.06 -39.68 -72.69
CA ASN F 412 43.38 -38.81 -73.81
C ASN F 412 43.66 -37.38 -73.40
N GLN F 413 43.29 -36.98 -72.17
CA GLN F 413 43.69 -35.67 -71.63
C GLN F 413 45.04 -35.76 -70.94
N ILE F 414 45.29 -36.87 -70.25
CA ILE F 414 46.59 -37.08 -69.63
C ILE F 414 47.68 -37.17 -70.69
N ALA F 415 47.33 -37.66 -71.89
CA ALA F 415 48.32 -37.79 -72.95
C ALA F 415 48.92 -36.45 -73.35
N VAL F 416 48.28 -35.34 -72.99
CA VAL F 416 48.77 -34.02 -73.33
C VAL F 416 49.38 -33.31 -72.12
N PHE F 417 48.74 -33.38 -70.97
CA PHE F 417 49.14 -32.58 -69.82
C PHE F 417 49.88 -33.38 -68.74
N GLY F 418 49.74 -34.69 -68.72
CA GLY F 418 50.39 -35.50 -67.71
C GLY F 418 49.47 -35.81 -66.55
N LEU F 419 49.77 -36.90 -65.86
CA LEU F 419 48.88 -37.37 -64.80
C LEU F 419 48.84 -36.41 -63.63
N ASP F 420 49.98 -35.80 -63.30
CA ASP F 420 50.02 -34.89 -62.15
C ASP F 420 49.23 -33.60 -62.43
N PHE F 421 49.18 -33.15 -63.69
CA PHE F 421 48.45 -31.93 -63.99
C PHE F 421 46.94 -32.17 -63.95
N GLN F 422 46.49 -33.32 -64.46
CA GLN F 422 45.06 -33.63 -64.40
C GLN F 422 44.59 -33.80 -62.97
N LYS F 423 45.47 -34.27 -62.08
CA LYS F 423 45.10 -34.37 -60.67
C LYS F 423 44.84 -32.98 -60.09
N LYS F 424 45.66 -32.00 -60.49
CA LYS F 424 45.46 -30.65 -59.99
C LYS F 424 44.16 -30.04 -60.51
N ILE F 425 43.80 -30.36 -61.75
CA ILE F 425 42.52 -29.89 -62.29
C ILE F 425 41.37 -30.44 -61.46
N ALA F 426 41.44 -31.72 -61.08
CA ALA F 426 40.38 -32.31 -60.29
C ALA F 426 40.30 -31.72 -58.89
N ASN F 427 41.38 -31.09 -58.42
CA ASN F 427 41.41 -30.53 -57.08
C ASN F 427 41.13 -29.03 -57.05
N SER F 428 40.66 -28.45 -58.15
CA SER F 428 40.43 -27.02 -58.20
C SER F 428 39.10 -26.65 -57.55
N LYS F 429 39.09 -25.51 -56.86
CA LYS F 429 37.90 -25.00 -56.18
C LYS F 429 37.46 -23.75 -56.93
N VAL F 430 36.41 -23.87 -57.73
CA VAL F 430 35.98 -22.83 -58.65
C VAL F 430 34.58 -22.35 -58.28
N PHE F 431 34.21 -21.21 -58.86
CA PHE F 431 32.92 -20.56 -58.61
C PHE F 431 32.36 -20.15 -59.97
N LEU F 432 31.25 -20.74 -60.37
CA LEU F 432 30.58 -20.40 -61.62
C LEU F 432 29.36 -19.55 -61.29
N VAL F 433 29.38 -18.29 -61.74
CA VAL F 433 28.30 -17.35 -61.48
C VAL F 433 27.39 -17.35 -62.70
N GLY F 434 26.22 -17.95 -62.56
CA GLY F 434 25.27 -18.06 -63.66
C GLY F 434 25.24 -19.47 -64.22
N SER F 435 24.04 -19.93 -64.57
CA SER F 435 23.84 -21.27 -65.11
C SER F 435 23.06 -21.22 -66.42
N GLY F 436 23.31 -20.19 -67.22
CA GLY F 436 22.61 -20.03 -68.48
C GLY F 436 23.21 -20.84 -69.63
N ALA F 437 23.29 -20.22 -70.81
CA ALA F 437 23.85 -20.91 -71.97
C ALA F 437 25.34 -21.17 -71.79
N ILE F 438 26.08 -20.15 -71.35
CA ILE F 438 27.52 -20.33 -71.10
C ILE F 438 27.74 -21.21 -69.87
N GLY F 439 26.94 -21.01 -68.83
CA GLY F 439 27.09 -21.83 -67.64
C GLY F 439 26.82 -23.29 -67.91
N CYS F 440 25.84 -23.58 -68.78
CA CYS F 440 25.57 -24.97 -69.12
C CYS F 440 26.71 -25.56 -69.94
N GLU F 441 27.24 -24.78 -70.88
CA GLU F 441 28.40 -25.25 -71.64
C GLU F 441 29.63 -25.33 -70.75
N MET F 442 29.72 -24.45 -69.74
CA MET F 442 30.89 -24.47 -68.86
C MET F 442 30.89 -25.72 -67.98
N LEU F 443 29.75 -26.05 -67.37
CA LEU F 443 29.69 -27.23 -66.52
C LEU F 443 29.91 -28.51 -67.31
N LYS F 444 29.50 -28.53 -68.58
CA LYS F 444 29.74 -29.72 -69.40
C LYS F 444 31.23 -29.92 -69.63
N ASN F 445 31.95 -28.85 -69.95
CA ASN F 445 33.38 -28.99 -70.15
C ASN F 445 34.08 -29.33 -68.84
N TRP F 446 33.66 -28.71 -67.74
CA TRP F 446 34.27 -29.03 -66.44
C TRP F 446 34.00 -30.48 -66.05
N ALA F 447 32.88 -31.04 -66.49
CA ALA F 447 32.62 -32.45 -66.20
C ALA F 447 33.57 -33.34 -66.99
N LEU F 448 33.87 -32.95 -68.22
CA LEU F 448 34.81 -33.72 -69.03
C LEU F 448 36.24 -33.64 -68.50
N LEU F 449 36.62 -32.48 -67.95
CA LEU F 449 37.94 -32.29 -67.37
C LEU F 449 38.10 -33.01 -66.04
N GLY F 450 37.02 -33.47 -65.43
CA GLY F 450 37.08 -33.96 -64.08
C GLY F 450 37.36 -32.88 -63.08
N LEU F 451 37.17 -31.61 -63.47
CA LEU F 451 37.46 -30.48 -62.59
C LEU F 451 36.55 -30.51 -61.37
N GLY F 452 37.15 -30.38 -60.20
CA GLY F 452 36.42 -30.44 -58.95
C GLY F 452 36.09 -31.83 -58.45
N SER F 453 36.48 -32.88 -59.19
CA SER F 453 36.20 -34.24 -58.78
C SER F 453 37.19 -34.76 -57.75
N GLY F 454 38.32 -34.07 -57.56
CA GLY F 454 39.31 -34.49 -56.60
C GLY F 454 38.88 -34.26 -55.17
N SER F 455 39.58 -34.92 -54.24
CA SER F 455 39.19 -34.84 -52.84
C SER F 455 39.39 -33.46 -52.25
N ASP F 456 40.08 -32.56 -52.95
CA ASP F 456 40.34 -31.22 -52.44
C ASP F 456 39.64 -30.13 -53.24
N GLY F 457 39.04 -30.45 -54.38
CA GLY F 457 38.37 -29.47 -55.21
C GLY F 457 36.85 -29.62 -55.18
N TYR F 458 36.19 -28.64 -55.75
CA TYR F 458 34.73 -28.64 -55.84
C TYR F 458 34.32 -27.59 -56.86
N ILE F 459 33.01 -27.58 -57.17
CA ILE F 459 32.42 -26.61 -58.08
C ILE F 459 31.22 -25.99 -57.40
N VAL F 460 31.16 -24.68 -57.37
CA VAL F 460 30.03 -23.94 -56.83
C VAL F 460 29.42 -23.15 -57.98
N VAL F 461 28.14 -23.42 -58.27
CA VAL F 461 27.41 -22.73 -59.32
C VAL F 461 26.14 -22.16 -58.72
N THR F 462 25.81 -20.92 -59.06
CA THR F 462 24.65 -20.25 -58.50
C THR F 462 23.91 -19.50 -59.59
N ASP F 463 22.58 -19.56 -59.54
CA ASP F 463 21.72 -18.84 -60.47
C ASP F 463 20.33 -18.82 -59.87
N ASN F 464 19.78 -17.61 -59.69
CA ASN F 464 18.48 -17.43 -59.06
C ASN F 464 17.31 -17.53 -60.03
N ASP F 465 17.55 -17.95 -61.27
CA ASP F 465 16.53 -17.99 -62.30
C ASP F 465 15.97 -19.40 -62.47
N SER F 466 14.78 -19.46 -63.08
CA SER F 466 14.11 -20.71 -63.41
C SER F 466 14.20 -20.97 -64.90
N ILE F 467 13.83 -22.18 -65.30
CA ILE F 467 13.92 -22.59 -66.69
C ILE F 467 12.68 -22.14 -67.46
N GLU F 468 12.87 -21.65 -68.68
CA GLU F 468 11.80 -21.21 -69.55
C GLU F 468 11.85 -21.98 -70.86
N LYS F 469 10.72 -21.96 -71.59
CA LYS F 469 10.61 -22.76 -72.81
C LYS F 469 11.55 -22.30 -73.91
N SER F 470 11.88 -21.00 -73.94
CA SER F 470 12.76 -20.48 -74.98
C SER F 470 14.23 -20.83 -74.75
N ASN F 471 14.62 -21.13 -73.51
CA ASN F 471 16.01 -21.42 -73.19
C ASN F 471 16.46 -22.81 -73.63
N LEU F 472 15.52 -23.67 -74.05
CA LEU F 472 15.88 -25.03 -74.44
C LEU F 472 16.71 -25.06 -75.71
N ASN F 473 16.74 -23.98 -76.48
CA ASN F 473 17.46 -23.96 -77.74
C ASN F 473 18.96 -23.79 -77.53
N ARG F 474 19.37 -22.87 -76.66
CA ARG F 474 20.77 -22.57 -76.43
C ARG F 474 21.34 -23.24 -75.19
N GLN F 475 20.50 -23.80 -74.33
CA GLN F 475 20.94 -24.46 -73.10
C GLN F 475 20.57 -25.94 -73.22
N PHE F 476 21.57 -26.78 -73.48
CA PHE F 476 21.30 -28.17 -73.81
C PHE F 476 21.18 -29.08 -72.59
N LEU F 477 21.55 -28.59 -71.40
CA LEU F 477 21.39 -29.41 -70.21
C LEU F 477 19.94 -29.49 -69.74
N PHE F 478 19.08 -28.60 -70.24
CA PHE F 478 17.69 -28.57 -69.80
C PHE F 478 16.78 -29.20 -70.85
N ARG F 479 15.73 -29.84 -70.37
CA ARG F 479 14.72 -30.51 -71.18
C ARG F 479 13.36 -29.89 -70.90
N PRO F 480 12.37 -30.13 -71.78
CA PRO F 480 11.03 -29.63 -71.50
C PRO F 480 10.46 -30.10 -70.17
N LYS F 481 10.90 -31.27 -69.70
CA LYS F 481 10.44 -31.77 -68.41
C LYS F 481 10.93 -30.93 -67.24
N ASP F 482 11.94 -30.07 -67.46
CA ASP F 482 12.55 -29.30 -66.39
C ASP F 482 12.05 -27.86 -66.32
N VAL F 483 11.10 -27.48 -67.17
CA VAL F 483 10.60 -26.11 -67.15
C VAL F 483 9.91 -25.85 -65.82
N GLY F 484 10.31 -24.77 -65.15
CA GLY F 484 9.81 -24.44 -63.84
C GLY F 484 10.79 -24.70 -62.72
N LYS F 485 11.75 -25.59 -62.93
CA LYS F 485 12.76 -25.89 -61.92
C LYS F 485 13.86 -24.84 -61.94
N ASN F 486 14.77 -24.95 -60.97
CA ASN F 486 15.88 -24.01 -60.87
C ASN F 486 16.98 -24.37 -61.87
N LYS F 487 17.65 -23.33 -62.38
CA LYS F 487 18.66 -23.56 -63.43
C LYS F 487 19.87 -24.28 -62.86
N SER F 488 20.43 -23.77 -61.75
CA SER F 488 21.66 -24.34 -61.21
C SER F 488 21.45 -25.73 -60.67
N GLU F 489 20.28 -26.02 -60.11
CA GLU F 489 20.04 -27.34 -59.54
C GLU F 489 19.91 -28.40 -60.63
N VAL F 490 19.22 -28.08 -61.73
CA VAL F 490 19.07 -29.04 -62.82
C VAL F 490 20.38 -29.20 -63.58
N ALA F 491 21.09 -28.09 -63.80
CA ALA F 491 22.36 -28.17 -64.49
C ALA F 491 23.38 -28.95 -63.68
N ALA F 492 23.26 -28.94 -62.36
CA ALA F 492 24.18 -29.71 -61.52
C ALA F 492 23.98 -31.20 -61.72
N GLU F 493 22.73 -31.68 -61.60
CA GLU F 493 22.47 -33.10 -61.80
C GLU F 493 22.65 -33.51 -63.25
N ALA F 494 22.57 -32.57 -64.20
CA ALA F 494 22.71 -32.92 -65.61
C ALA F 494 24.14 -33.35 -65.93
N VAL F 495 25.13 -32.63 -65.41
CA VAL F 495 26.52 -32.98 -65.68
C VAL F 495 27.01 -34.11 -64.80
N CYS F 496 26.38 -34.34 -63.65
CA CYS F 496 26.75 -35.48 -62.82
C CYS F 496 26.39 -36.79 -63.50
N ALA F 497 25.36 -36.78 -64.36
CA ALA F 497 25.04 -37.99 -65.11
C ALA F 497 26.06 -38.26 -66.21
N MET F 498 26.67 -37.20 -66.75
CA MET F 498 27.71 -37.36 -67.77
C MET F 498 28.99 -37.90 -67.17
N ASN F 499 29.41 -37.38 -66.03
CA ASN F 499 30.60 -37.85 -65.33
C ASN F 499 30.23 -38.06 -63.87
N PRO F 500 30.01 -39.30 -63.44
CA PRO F 500 29.63 -39.54 -62.04
C PRO F 500 30.69 -39.14 -61.03
N ASP F 501 31.90 -38.81 -61.49
CA ASP F 501 32.94 -38.36 -60.57
C ASP F 501 32.57 -37.05 -59.91
N LEU F 502 31.75 -36.24 -60.57
CA LEU F 502 31.32 -34.96 -60.00
C LEU F 502 30.11 -35.09 -59.10
N LYS F 503 29.55 -36.29 -58.97
CA LYS F 503 28.39 -36.46 -58.11
C LYS F 503 28.81 -36.19 -56.67
N GLY F 504 28.09 -35.27 -56.02
CA GLY F 504 28.42 -34.88 -54.66
C GLY F 504 29.53 -33.87 -54.54
N LYS F 505 30.02 -33.33 -55.66
CA LYS F 505 31.09 -32.35 -55.64
C LYS F 505 30.65 -30.99 -56.17
N ILE F 506 29.40 -30.83 -56.59
CA ILE F 506 28.90 -29.58 -57.14
C ILE F 506 27.87 -29.01 -56.17
N ASN F 507 28.11 -27.80 -55.70
CA ASN F 507 27.20 -27.11 -54.79
C ASN F 507 26.36 -26.15 -55.62
N ALA F 508 25.13 -26.55 -55.92
CA ALA F 508 24.22 -25.72 -56.70
C ALA F 508 23.41 -24.85 -55.76
N LYS F 509 23.53 -23.54 -55.92
CA LYS F 509 22.79 -22.57 -55.13
C LYS F 509 21.87 -21.78 -56.04
N ILE F 510 20.84 -21.18 -55.44
CA ILE F 510 19.83 -20.44 -56.20
C ILE F 510 19.82 -19.00 -55.73
N ASP F 511 20.96 -18.52 -55.25
CA ASP F 511 21.10 -17.19 -54.67
C ASP F 511 21.70 -16.22 -55.68
N LYS F 512 21.14 -15.01 -55.73
CA LYS F 512 21.64 -14.00 -56.65
C LYS F 512 22.92 -13.38 -56.10
N VAL F 513 23.93 -13.27 -56.95
CA VAL F 513 25.18 -12.65 -56.56
C VAL F 513 25.01 -11.14 -56.59
N GLY F 514 25.33 -10.48 -55.47
CA GLY F 514 25.18 -9.05 -55.36
C GLY F 514 25.39 -8.56 -53.94
N PRO F 515 25.25 -7.25 -53.73
CA PRO F 515 25.41 -6.71 -52.38
C PRO F 515 24.40 -7.22 -51.37
N GLU F 516 23.28 -7.76 -51.83
CA GLU F 516 22.26 -8.25 -50.90
C GLU F 516 22.70 -9.56 -50.24
N THR F 517 23.52 -10.36 -50.93
CA THR F 517 23.90 -11.69 -50.48
C THR F 517 25.38 -11.78 -50.16
N GLU F 518 25.94 -10.73 -49.54
CA GLU F 518 27.33 -10.77 -49.12
C GLU F 518 27.52 -11.57 -47.84
N GLU F 519 26.44 -11.94 -47.16
CA GLU F 519 26.55 -12.77 -45.96
C GLU F 519 26.74 -14.23 -46.32
N ILE F 520 26.10 -14.68 -47.40
CA ILE F 520 26.26 -16.06 -47.86
C ILE F 520 27.61 -16.24 -48.54
N PHE F 521 27.95 -15.34 -49.45
CA PHE F 521 29.28 -15.33 -50.08
C PHE F 521 30.21 -14.39 -49.31
N ASN F 522 30.56 -14.83 -48.11
CA ASN F 522 31.36 -14.03 -47.19
C ASN F 522 32.84 -14.16 -47.53
N ASP F 523 33.71 -13.67 -46.64
CA ASP F 523 35.15 -13.72 -46.88
C ASP F 523 35.65 -15.16 -46.90
N SER F 524 35.08 -16.02 -46.06
CA SER F 524 35.51 -17.42 -46.02
C SER F 524 35.21 -18.13 -47.33
N PHE F 525 34.11 -17.77 -48.00
CA PHE F 525 33.77 -18.41 -49.25
C PHE F 525 34.72 -17.99 -50.36
N TRP F 526 34.92 -16.68 -50.52
CA TRP F 526 35.71 -16.18 -51.65
C TRP F 526 37.19 -16.54 -51.51
N GLU F 527 37.74 -16.43 -50.30
CA GLU F 527 39.16 -16.68 -50.13
C GLU F 527 39.53 -18.14 -50.35
N SER F 528 38.58 -19.06 -50.18
CA SER F 528 38.86 -20.48 -50.38
C SER F 528 38.88 -20.89 -51.84
N LEU F 529 38.41 -20.02 -52.74
CA LEU F 529 38.32 -20.36 -54.15
C LEU F 529 39.67 -20.22 -54.84
N ASP F 530 39.84 -20.96 -55.93
CA ASP F 530 41.03 -20.87 -56.77
C ASP F 530 40.86 -19.81 -57.86
N PHE F 531 39.72 -19.84 -58.56
CA PHE F 531 39.39 -18.80 -59.52
C PHE F 531 37.89 -18.78 -59.72
N VAL F 532 37.40 -17.72 -60.37
CA VAL F 532 35.98 -17.50 -60.57
C VAL F 532 35.71 -17.41 -62.07
N THR F 533 34.60 -17.98 -62.51
CA THR F 533 34.17 -17.96 -63.89
C THR F 533 32.82 -17.27 -64.01
N ASN F 534 32.73 -16.30 -64.90
CA ASN F 534 31.50 -15.53 -65.08
C ASN F 534 30.66 -16.15 -66.21
N ALA F 535 29.37 -16.34 -65.93
CA ALA F 535 28.40 -16.80 -66.91
C ALA F 535 27.14 -15.94 -66.85
N LEU F 536 27.33 -14.62 -66.78
CA LEU F 536 26.25 -13.67 -66.60
C LEU F 536 25.85 -13.04 -67.94
N ASP F 537 24.74 -12.30 -67.90
CA ASP F 537 24.20 -11.65 -69.09
C ASP F 537 24.11 -10.13 -69.00
N ASN F 538 24.12 -9.56 -67.81
CA ASN F 538 24.03 -8.12 -67.64
C ASN F 538 25.35 -7.57 -67.10
N VAL F 539 25.61 -6.29 -67.40
CA VAL F 539 26.88 -5.69 -67.03
C VAL F 539 26.90 -5.33 -65.55
N ASP F 540 25.74 -5.07 -64.95
CA ASP F 540 25.71 -4.73 -63.53
C ASP F 540 26.21 -5.88 -62.65
N ALA F 541 25.88 -7.12 -63.03
CA ALA F 541 26.34 -8.27 -62.26
C ALA F 541 27.77 -8.65 -62.60
N ARG F 542 28.18 -8.49 -63.87
CA ARG F 542 29.56 -8.77 -64.22
C ARG F 542 30.50 -7.86 -63.46
N THR F 543 30.17 -6.58 -63.36
CA THR F 543 31.05 -5.62 -62.69
C THR F 543 31.18 -5.92 -61.21
N TYR F 544 30.08 -6.35 -60.56
CA TYR F 544 30.15 -6.66 -59.14
C TYR F 544 31.06 -7.85 -58.88
N VAL F 545 30.93 -8.91 -59.69
CA VAL F 545 31.80 -10.07 -59.53
C VAL F 545 33.24 -9.70 -59.82
N ASP F 546 33.46 -8.81 -60.78
CA ASP F 546 34.82 -8.38 -61.11
C ASP F 546 35.45 -7.61 -59.95
N ARG F 547 34.70 -6.69 -59.34
CA ARG F 547 35.24 -5.95 -58.21
C ARG F 547 35.46 -6.85 -57.00
N ARG F 548 34.67 -7.92 -56.86
CA ARG F 548 34.89 -8.89 -55.80
C ARG F 548 36.18 -9.66 -56.04
N CYS F 549 36.44 -10.05 -57.29
CA CYS F 549 37.67 -10.77 -57.61
C CYS F 549 38.89 -9.90 -57.39
N VAL F 550 38.79 -8.60 -57.66
CA VAL F 550 39.91 -7.71 -57.39
C VAL F 550 40.15 -7.58 -55.90
N PHE F 551 39.08 -7.56 -55.10
CA PHE F 551 39.23 -7.42 -53.65
C PHE F 551 39.90 -8.64 -53.04
N TYR F 552 39.45 -9.84 -53.42
CA TYR F 552 39.99 -11.08 -52.87
C TYR F 552 41.19 -11.61 -53.64
N ARG F 553 41.60 -10.91 -54.71
CA ARG F 553 42.76 -11.31 -55.51
C ARG F 553 42.61 -12.73 -56.06
N LYS F 554 41.50 -12.96 -56.75
CA LYS F 554 41.22 -14.23 -57.41
C LYS F 554 41.13 -14.01 -58.92
N PRO F 555 41.61 -14.95 -59.72
CA PRO F 555 41.45 -14.81 -61.18
C PRO F 555 40.00 -14.90 -61.60
N LEU F 556 39.66 -14.21 -62.69
CA LEU F 556 38.31 -14.17 -63.21
C LEU F 556 38.32 -14.44 -64.71
N LEU F 557 37.50 -15.40 -65.13
CA LEU F 557 37.36 -15.75 -66.55
C LEU F 557 36.03 -15.18 -67.06
N GLU F 558 36.11 -14.11 -67.84
CA GLU F 558 34.93 -13.42 -68.35
C GLU F 558 34.68 -13.82 -69.80
N SER F 559 33.41 -13.95 -70.16
CA SER F 559 33.03 -14.32 -71.51
C SER F 559 31.62 -13.79 -71.79
N GLY F 560 31.23 -13.85 -73.06
CA GLY F 560 29.92 -13.38 -73.45
C GLY F 560 29.67 -13.45 -74.94
N THR F 561 28.43 -13.72 -75.34
CA THR F 561 28.06 -13.84 -76.75
C THR F 561 26.93 -12.88 -77.08
N LEU F 562 26.88 -12.48 -78.34
CA LEU F 562 25.80 -11.63 -78.85
C LEU F 562 25.60 -11.99 -80.32
N GLY F 563 24.65 -12.89 -80.57
CA GLY F 563 24.44 -13.36 -81.94
C GLY F 563 25.58 -14.24 -82.38
N THR F 564 26.14 -13.93 -83.55
CA THR F 564 27.30 -14.65 -84.07
C THR F 564 28.61 -14.12 -83.52
N LYS F 565 28.57 -13.13 -82.64
CA LYS F 565 29.78 -12.55 -82.04
C LYS F 565 29.98 -13.08 -80.62
N GLY F 566 31.23 -13.06 -80.19
CA GLY F 566 31.57 -13.52 -78.86
C GLY F 566 32.98 -13.08 -78.51
N ASN F 567 33.25 -13.05 -77.21
CA ASN F 567 34.55 -12.57 -76.72
C ASN F 567 34.90 -13.27 -75.42
N THR F 568 36.20 -13.34 -75.15
CA THR F 568 36.73 -13.89 -73.91
C THR F 568 37.71 -12.89 -73.30
N GLN F 569 37.78 -12.90 -71.97
CA GLN F 569 38.67 -11.99 -71.23
C GLN F 569 39.25 -12.72 -70.04
N VAL F 570 40.56 -12.60 -69.86
CA VAL F 570 41.27 -13.21 -68.75
C VAL F 570 41.71 -12.12 -67.79
N ILE F 571 41.45 -12.30 -66.50
CA ILE F 571 41.80 -11.33 -65.48
C ILE F 571 42.70 -12.03 -64.48
N ILE F 572 43.96 -11.62 -64.43
CA ILE F 572 44.97 -12.23 -63.56
C ILE F 572 45.31 -11.24 -62.46
N PRO F 573 45.32 -11.66 -61.20
CA PRO F 573 45.66 -10.73 -60.11
C PRO F 573 47.10 -10.23 -60.25
N ARG F 574 47.27 -8.94 -60.00
CA ARG F 574 48.55 -8.22 -60.01
C ARG F 574 49.19 -8.16 -61.38
N LEU F 575 48.56 -8.72 -62.42
CA LEU F 575 49.17 -8.75 -63.75
C LEU F 575 48.38 -7.94 -64.77
N THR F 576 47.10 -8.21 -64.95
CA THR F 576 46.29 -7.57 -65.97
C THR F 576 45.20 -6.72 -65.34
N GLU F 577 44.52 -5.94 -66.17
CA GLU F 577 43.41 -5.14 -65.71
C GLU F 577 42.14 -6.00 -65.57
N SER F 578 41.17 -5.46 -64.85
CA SER F 578 39.94 -6.15 -64.56
C SER F 578 38.91 -5.91 -65.66
N TYR F 579 37.72 -6.49 -65.50
CA TYR F 579 36.64 -6.25 -66.44
C TYR F 579 35.99 -4.88 -66.26
N SER F 580 36.30 -4.19 -65.16
CA SER F 580 35.76 -2.85 -64.94
C SER F 580 36.58 -1.78 -65.65
N SER F 581 37.86 -2.04 -65.93
CA SER F 581 38.71 -1.09 -66.62
C SER F 581 38.57 -1.15 -68.14
N SER F 582 37.46 -1.67 -68.63
CA SER F 582 37.17 -1.73 -70.06
C SER F 582 35.75 -1.23 -70.29
N ARG F 583 35.57 -0.42 -71.33
CA ARG F 583 34.26 0.12 -71.66
C ARG F 583 33.43 -0.97 -72.34
N ASP F 584 33.12 -2.00 -71.55
CA ASP F 584 32.33 -3.16 -72.00
C ASP F 584 32.95 -3.80 -73.24
N CYS F 593 14.22 10.87 -74.25
CA CYS F 593 14.10 12.28 -73.89
C CYS F 593 13.55 13.11 -75.05
N THR F 594 14.39 14.01 -75.57
CA THR F 594 13.98 14.84 -76.71
C THR F 594 13.64 13.97 -77.93
N LEU F 595 14.43 12.92 -78.18
CA LEU F 595 14.21 12.08 -79.34
C LEU F 595 12.89 11.30 -79.28
N ARG F 596 12.35 11.06 -78.08
CA ARG F 596 11.06 10.37 -77.98
C ARG F 596 9.90 11.25 -78.40
N SER F 597 10.03 12.57 -78.25
CA SER F 597 8.91 13.47 -78.54
C SER F 597 8.66 13.60 -80.04
N PHE F 598 9.73 13.70 -80.84
CA PHE F 598 9.60 13.82 -82.29
C PHE F 598 10.31 12.62 -82.92
N PRO F 599 9.60 11.54 -83.16
CA PRO F 599 10.25 10.31 -83.65
C PRO F 599 10.51 10.36 -85.16
N ASN F 600 11.55 9.63 -85.56
CA ASN F 600 11.85 9.42 -86.97
C ASN F 600 12.18 7.97 -87.31
N LYS F 601 12.33 7.09 -86.32
CA LYS F 601 12.57 5.67 -86.54
C LYS F 601 11.58 4.86 -85.71
N ILE F 602 11.44 3.58 -86.07
CA ILE F 602 10.51 2.70 -85.37
C ILE F 602 10.94 2.46 -83.93
N ASP F 603 12.22 2.63 -83.62
CA ASP F 603 12.68 2.46 -82.25
C ASP F 603 12.08 3.51 -81.31
N HIS F 604 11.86 4.73 -81.81
CA HIS F 604 11.32 5.80 -80.97
C HIS F 604 9.83 5.62 -80.71
N THR F 605 9.09 5.07 -81.67
CA THR F 605 7.66 4.84 -81.46
C THR F 605 7.42 3.65 -80.53
N ILE F 606 8.30 2.64 -80.56
CA ILE F 606 8.14 1.51 -79.66
C ILE F 606 8.42 1.91 -78.23
N ALA F 607 9.48 2.70 -78.02
CA ALA F 607 9.76 3.23 -76.67
C ALA F 607 8.65 4.15 -76.20
N TRP F 608 8.00 4.86 -77.12
CA TRP F 608 6.85 5.69 -76.76
C TRP F 608 5.66 4.83 -76.37
N ALA F 609 5.42 3.74 -77.11
CA ALA F 609 4.30 2.85 -76.79
C ALA F 609 4.54 2.09 -75.49
N LYS F 610 5.79 1.69 -75.24
CA LYS F 610 6.10 1.01 -74.00
C LYS F 610 5.89 1.92 -72.79
N SER F 611 6.16 3.21 -72.94
CA SER F 611 5.90 4.15 -71.86
C SER F 611 4.41 4.40 -71.67
N LEU F 612 3.66 4.43 -72.78
CA LEU F 612 2.21 4.55 -72.68
C LEU F 612 1.59 3.31 -72.05
N PHE F 613 2.15 2.14 -72.34
CA PHE F 613 1.69 0.92 -71.70
C PHE F 613 1.94 0.95 -70.20
N GLN F 614 2.99 1.65 -69.76
CA GLN F 614 3.29 1.75 -68.34
C GLN F 614 2.34 2.72 -67.64
N GLY F 615 2.13 3.90 -68.23
CA GLY F 615 1.23 4.87 -67.63
C GLY F 615 -0.24 4.49 -67.68
N TYR F 616 -0.61 3.59 -68.58
CA TYR F 616 -2.01 3.20 -68.72
C TYR F 616 -2.41 2.17 -67.65
N PHE F 617 -1.65 1.09 -67.55
CA PHE F 617 -2.07 -0.06 -66.76
C PHE F 617 -1.13 -0.39 -65.60
N THR F 618 -0.04 0.34 -65.40
CA THR F 618 0.87 0.07 -64.31
C THR F 618 0.98 1.23 -63.33
N ASP F 619 1.17 2.46 -63.81
CA ASP F 619 1.30 3.59 -62.91
C ASP F 619 -0.05 4.08 -62.39
N SER F 620 -1.10 4.00 -63.21
CA SER F 620 -2.42 4.43 -62.75
C SER F 620 -2.94 3.53 -61.65
N ALA F 621 -2.65 2.22 -61.73
CA ALA F 621 -3.10 1.28 -60.71
C ALA F 621 -2.28 1.42 -59.43
N GLU F 622 -0.96 1.61 -59.55
CA GLU F 622 -0.12 1.76 -58.37
C GLU F 622 -0.38 3.07 -57.64
N ASN F 623 -0.87 4.08 -58.36
CA ASN F 623 -1.25 5.33 -57.71
C ASN F 623 -2.52 5.13 -56.89
N VAL F 624 -3.44 4.31 -57.40
CA VAL F 624 -4.65 3.97 -56.66
C VAL F 624 -4.30 3.09 -55.46
N ASN F 625 -3.33 2.19 -55.62
CA ASN F 625 -2.96 1.30 -54.53
C ASN F 625 -2.38 2.05 -53.34
N MET F 626 -1.70 3.18 -53.58
CA MET F 626 -1.15 3.95 -52.47
C MET F 626 -2.11 4.99 -51.91
N TYR F 627 -2.91 5.62 -52.78
CA TYR F 627 -3.87 6.61 -52.31
C TYR F 627 -5.00 5.97 -51.50
N LEU F 628 -5.33 4.71 -51.75
CA LEU F 628 -6.46 4.09 -51.07
C LEU F 628 -6.09 3.47 -49.73
N THR F 629 -4.85 3.02 -49.55
CA THR F 629 -4.46 2.42 -48.27
C THR F 629 -3.72 3.38 -47.37
N GLN F 630 -3.11 4.43 -47.92
CA GLN F 630 -2.47 5.48 -47.15
C GLN F 630 -3.18 6.79 -47.46
N PRO F 631 -3.84 7.42 -46.47
CA PRO F 631 -4.60 8.65 -46.79
C PRO F 631 -3.73 9.84 -47.15
N ASN F 632 -2.59 10.00 -46.50
CA ASN F 632 -1.73 11.16 -46.74
C ASN F 632 -0.85 11.02 -47.97
N PHE F 633 -1.12 10.06 -48.86
CA PHE F 633 -0.28 9.86 -50.03
C PHE F 633 -0.28 11.11 -50.91
N VAL F 634 -1.41 11.80 -51.01
CA VAL F 634 -1.47 13.03 -51.78
C VAL F 634 -0.59 14.10 -51.15
N GLU F 635 -0.67 14.25 -49.83
CA GLU F 635 0.17 15.23 -49.14
C GLU F 635 1.63 14.81 -49.12
N GLN F 636 1.90 13.50 -49.15
CA GLN F 636 3.28 13.02 -49.12
C GLN F 636 4.00 13.30 -50.42
N THR F 637 3.30 13.23 -51.55
CA THR F 637 3.94 13.46 -52.83
C THR F 637 4.38 14.92 -52.99
N LEU F 638 3.68 15.85 -52.34
CA LEU F 638 4.03 17.26 -52.40
C LEU F 638 5.37 17.52 -51.71
N ASP F 643 6.90 15.23 -60.45
CA ASP F 643 5.61 15.50 -61.06
C ASP F 643 4.50 15.37 -60.03
N VAL F 644 3.60 16.36 -60.00
CA VAL F 644 2.48 16.39 -59.06
C VAL F 644 1.14 16.38 -59.79
N LYS F 645 0.98 17.24 -60.80
CA LYS F 645 -0.29 17.30 -61.51
C LYS F 645 -0.56 16.02 -62.29
N GLY F 646 0.49 15.38 -62.83
CA GLY F 646 0.31 14.15 -63.57
C GLY F 646 -0.19 13.00 -62.71
N VAL F 647 0.22 12.98 -61.44
CA VAL F 647 -0.22 11.91 -60.54
C VAL F 647 -1.66 12.14 -60.08
N LEU F 648 -2.01 13.39 -59.78
CA LEU F 648 -3.38 13.69 -59.37
C LEU F 648 -4.36 13.48 -60.52
N GLU F 649 -3.93 13.79 -61.74
CA GLU F 649 -4.79 13.57 -62.90
C GLU F 649 -5.03 12.08 -63.15
N SER F 650 -4.03 11.24 -62.86
CA SER F 650 -4.18 9.80 -63.09
C SER F 650 -5.22 9.19 -62.16
N ILE F 651 -5.27 9.67 -60.92
CA ILE F 651 -6.25 9.14 -59.97
C ILE F 651 -7.64 9.65 -60.31
N SER F 652 -7.73 10.85 -60.89
CA SER F 652 -9.03 11.41 -61.23
C SER F 652 -9.68 10.66 -62.40
N ASP F 653 -8.89 10.35 -63.43
CA ASP F 653 -9.45 9.65 -64.59
C ASP F 653 -9.72 8.18 -64.30
N SER F 654 -8.98 7.58 -63.37
CA SER F 654 -9.17 6.17 -63.06
C SER F 654 -10.41 5.92 -62.21
N LEU F 655 -10.96 6.95 -61.56
CA LEU F 655 -12.14 6.79 -60.72
C LEU F 655 -13.36 7.55 -61.23
N SER F 656 -13.25 8.27 -62.34
CA SER F 656 -14.39 8.99 -62.91
C SER F 656 -15.12 8.14 -63.95
N SER F 657 -14.41 7.72 -65.00
CA SER F 657 -14.99 6.90 -66.06
C SER F 657 -14.80 5.41 -65.75
N LYS F 658 -15.34 4.99 -64.62
CA LYS F 658 -15.22 3.60 -64.20
C LYS F 658 -16.06 2.70 -65.09
N PRO F 659 -15.45 1.76 -65.82
CA PRO F 659 -16.24 0.88 -66.69
C PRO F 659 -16.98 -0.19 -65.91
N HIS F 660 -18.11 -0.62 -66.46
CA HIS F 660 -18.95 -1.63 -65.84
C HIS F 660 -18.87 -2.98 -66.52
N ASN F 661 -18.94 -3.03 -67.85
CA ASN F 661 -18.81 -4.27 -68.60
C ASN F 661 -17.70 -4.14 -69.63
N PHE F 662 -17.49 -5.20 -70.40
CA PHE F 662 -16.45 -5.19 -71.43
C PHE F 662 -16.78 -4.24 -72.57
N GLU F 663 -18.06 -3.90 -72.77
CA GLU F 663 -18.42 -2.95 -73.81
C GLU F 663 -17.97 -1.54 -73.47
N ASP F 664 -17.92 -1.21 -72.17
CA ASP F 664 -17.43 0.12 -71.78
C ASP F 664 -15.94 0.25 -71.99
N CYS F 665 -15.20 -0.87 -71.90
CA CYS F 665 -13.76 -0.83 -72.16
C CYS F 665 -13.47 -0.58 -73.63
N ILE F 666 -14.31 -1.11 -74.52
CA ILE F 666 -14.13 -0.85 -75.95
C ILE F 666 -14.34 0.62 -76.27
N LYS F 667 -15.32 1.24 -75.61
CA LYS F 667 -15.57 2.67 -75.82
C LYS F 667 -14.39 3.52 -75.34
N TRP F 668 -13.78 3.14 -74.22
CA TRP F 668 -12.65 3.91 -73.70
C TRP F 668 -11.44 3.81 -74.62
N ALA F 669 -11.19 2.62 -75.17
CA ALA F 669 -10.05 2.44 -76.06
C ALA F 669 -10.23 3.22 -77.36
N ARG F 670 -11.47 3.29 -77.86
CA ARG F 670 -11.73 4.05 -79.08
C ARG F 670 -11.50 5.54 -78.84
N LEU F 671 -11.84 6.03 -77.66
CA LEU F 671 -11.63 7.45 -77.35
C LEU F 671 -10.14 7.77 -77.22
N GLU F 672 -9.36 6.86 -76.63
CA GLU F 672 -7.93 7.09 -76.51
C GLU F 672 -7.25 7.10 -77.87
N PHE F 673 -7.78 6.34 -78.83
CA PHE F 673 -7.24 6.39 -80.19
C PHE F 673 -7.40 7.78 -80.79
N GLU F 674 -8.58 8.37 -80.63
CA GLU F 674 -8.81 9.71 -81.18
C GLU F 674 -8.02 10.77 -80.41
N LYS F 675 -7.75 10.54 -79.13
CA LYS F 675 -7.00 11.52 -78.35
C LYS F 675 -5.52 11.48 -78.69
N LYS F 676 -4.92 10.28 -78.67
CA LYS F 676 -3.48 10.17 -78.82
C LYS F 676 -3.01 10.32 -80.28
N PHE F 677 -3.86 9.95 -81.24
CA PHE F 677 -3.46 9.92 -82.64
C PHE F 677 -4.22 10.88 -83.54
N ASN F 678 -5.31 11.48 -83.07
CA ASN F 678 -6.05 12.46 -83.85
C ASN F 678 -6.07 13.83 -83.22
N HIS F 679 -6.43 13.92 -81.93
CA HIS F 679 -6.53 15.21 -81.27
C HIS F 679 -5.15 15.77 -80.93
N ASP F 680 -4.31 14.96 -80.27
CA ASP F 680 -2.97 15.44 -79.91
C ASP F 680 -2.13 15.74 -81.14
N ILE F 681 -2.39 15.06 -82.24
CA ILE F 681 -1.66 15.35 -83.47
C ILE F 681 -2.12 16.69 -84.06
N LYS F 682 -3.43 16.96 -84.01
CA LYS F 682 -3.93 18.26 -84.45
C LYS F 682 -3.46 19.38 -83.53
N GLN F 683 -3.37 19.11 -82.23
CA GLN F 683 -2.87 20.11 -81.29
C GLN F 683 -1.42 20.44 -81.57
N LEU F 684 -0.61 19.43 -81.90
CA LEU F 684 0.78 19.70 -82.29
C LEU F 684 0.86 20.44 -83.61
N LEU F 685 0.04 20.04 -84.60
CA LEU F 685 0.01 20.72 -85.87
C LEU F 685 -0.60 22.12 -85.77
N PHE F 686 -1.36 22.39 -84.72
CA PHE F 686 -1.91 23.73 -84.52
C PHE F 686 -0.82 24.70 -84.08
N ASN F 687 0.04 24.28 -83.15
CA ASN F 687 1.13 25.15 -82.69
C ASN F 687 2.22 25.26 -83.74
N PHE F 688 2.57 24.16 -84.39
CA PHE F 688 3.59 24.12 -85.45
C PHE F 688 2.97 23.54 -86.70
N PRO F 689 2.46 24.37 -87.59
CA PRO F 689 1.86 23.86 -88.85
C PRO F 689 2.92 23.21 -89.73
N LYS F 690 2.43 22.54 -90.78
CA LYS F 690 3.33 21.89 -91.73
C LYS F 690 4.20 22.88 -92.48
N ASP F 691 3.79 24.14 -92.58
CA ASP F 691 4.55 25.17 -93.27
C ASP F 691 5.30 26.10 -92.31
N ALA F 692 5.39 25.75 -91.03
CA ALA F 692 6.08 26.60 -90.07
C ALA F 692 7.56 26.69 -90.42
N LYS F 693 8.16 27.83 -90.07
CA LYS F 693 9.56 28.09 -90.39
C LYS F 693 10.30 28.58 -89.16
N THR F 694 11.59 28.28 -89.11
CA THR F 694 12.45 28.65 -88.00
C THR F 694 13.01 30.05 -88.23
N SER F 695 14.03 30.43 -87.45
CA SER F 695 14.61 31.76 -87.57
C SER F 695 15.23 31.96 -88.96
N ASN F 696 15.98 30.98 -89.43
CA ASN F 696 16.65 31.08 -90.72
C ASN F 696 15.71 30.93 -91.91
N GLY F 697 14.41 30.73 -91.68
CA GLY F 697 13.48 30.50 -92.75
C GLY F 697 13.35 29.06 -93.21
N GLU F 698 14.00 28.13 -92.51
CA GLU F 698 13.94 26.71 -92.87
C GLU F 698 12.66 26.08 -92.32
N PRO F 699 12.06 25.15 -93.06
CA PRO F 699 10.86 24.48 -92.55
C PRO F 699 11.16 23.72 -91.26
N PHE F 700 10.24 23.85 -90.30
CA PHE F 700 10.41 23.19 -89.00
C PHE F 700 10.49 21.68 -89.16
N TRP F 701 9.63 21.10 -90.00
CA TRP F 701 9.61 19.65 -90.22
C TRP F 701 10.61 19.33 -91.32
N SER F 702 11.86 19.09 -90.92
CA SER F 702 12.93 18.77 -91.84
C SER F 702 13.99 17.97 -91.09
N GLY F 703 14.69 17.11 -91.83
CA GLY F 703 15.71 16.28 -91.23
C GLY F 703 15.12 15.20 -90.34
N ALA F 704 15.51 15.20 -89.06
CA ALA F 704 14.99 14.23 -88.11
C ALA F 704 13.53 14.46 -87.76
N LYS F 705 12.96 15.62 -88.11
CA LYS F 705 11.56 15.92 -87.83
C LYS F 705 10.71 15.58 -89.03
N ARG F 706 9.62 14.85 -88.80
CA ARG F 706 8.68 14.46 -89.84
C ARG F 706 7.31 15.04 -89.50
N ALA F 707 6.73 15.77 -90.44
CA ALA F 707 5.44 16.41 -90.21
C ALA F 707 4.36 15.35 -90.05
N PRO F 708 3.71 15.27 -88.89
CA PRO F 708 2.70 14.24 -88.67
C PRO F 708 1.39 14.58 -89.38
N THR F 709 0.48 13.60 -89.37
CA THR F 709 -0.83 13.73 -89.96
C THR F 709 -1.87 13.06 -89.08
N PRO F 710 -3.04 13.67 -88.90
CA PRO F 710 -4.06 13.07 -88.04
C PRO F 710 -4.62 11.79 -88.65
N LEU F 711 -4.89 10.82 -87.79
CA LEU F 711 -5.40 9.53 -88.23
C LEU F 711 -6.92 9.52 -88.23
N GLU F 712 -7.48 8.98 -89.32
CA GLU F 712 -8.91 8.70 -89.40
C GLU F 712 -9.11 7.24 -89.01
N PHE F 713 -9.85 7.00 -87.94
CA PHE F 713 -9.97 5.65 -87.38
C PHE F 713 -10.56 4.68 -88.41
N ASP F 714 -9.88 3.55 -88.59
CA ASP F 714 -10.31 2.49 -89.49
C ASP F 714 -10.23 1.17 -88.74
N ILE F 715 -11.39 0.61 -88.40
CA ILE F 715 -11.43 -0.65 -87.67
C ILE F 715 -10.88 -1.80 -88.51
N TYR F 716 -10.87 -1.66 -89.83
CA TYR F 716 -10.32 -2.69 -90.70
C TYR F 716 -8.80 -2.64 -90.78
N ASN F 717 -8.19 -1.53 -90.36
CA ASN F 717 -6.76 -1.47 -90.20
C ASN F 717 -6.33 -2.36 -89.03
N ASN F 718 -5.38 -3.25 -89.29
CA ASN F 718 -5.00 -4.24 -88.27
C ASN F 718 -4.43 -3.58 -87.03
N ASP F 719 -3.78 -2.42 -87.18
CA ASP F 719 -3.18 -1.76 -86.02
C ASP F 719 -4.22 -1.00 -85.21
N HIS F 720 -5.20 -0.38 -85.87
CA HIS F 720 -6.25 0.31 -85.14
C HIS F 720 -7.16 -0.68 -84.43
N PHE F 721 -7.44 -1.83 -85.04
CA PHE F 721 -8.34 -2.81 -84.44
C PHE F 721 -7.72 -3.42 -83.19
N HIS F 722 -6.45 -3.83 -83.28
CA HIS F 722 -5.80 -4.46 -82.14
C HIS F 722 -5.49 -3.47 -81.03
N PHE F 723 -5.40 -2.18 -81.36
CA PHE F 723 -5.24 -1.18 -80.32
C PHE F 723 -6.48 -1.10 -79.43
N VAL F 724 -7.66 -1.30 -80.01
CA VAL F 724 -8.89 -1.29 -79.22
C VAL F 724 -9.06 -2.62 -78.50
N VAL F 725 -8.78 -3.73 -79.18
CA VAL F 725 -8.96 -5.05 -78.55
C VAL F 725 -8.02 -5.21 -77.37
N ALA F 726 -6.73 -4.91 -77.57
CA ALA F 726 -5.77 -5.03 -76.48
C ALA F 726 -6.00 -3.95 -75.43
N GLY F 727 -6.36 -2.74 -75.86
CA GLY F 727 -6.64 -1.68 -74.92
C GLY F 727 -7.83 -1.98 -74.02
N ALA F 728 -8.89 -2.53 -74.59
CA ALA F 728 -10.05 -2.91 -73.78
C ALA F 728 -9.72 -4.09 -72.88
N SER F 729 -9.02 -5.09 -73.41
CA SER F 729 -8.69 -6.27 -72.62
C SER F 729 -7.74 -5.93 -71.47
N LEU F 730 -6.85 -4.96 -71.66
CA LEU F 730 -5.92 -4.58 -70.61
C LEU F 730 -6.59 -3.71 -69.56
N ARG F 731 -7.47 -2.79 -69.98
CA ARG F 731 -8.24 -2.01 -69.02
C ARG F 731 -9.20 -2.91 -68.25
N ALA F 732 -9.78 -3.91 -68.92
CA ALA F 732 -10.66 -4.85 -68.25
C ALA F 732 -9.92 -5.65 -67.18
N TYR F 733 -8.61 -5.86 -67.36
CA TYR F 733 -7.83 -6.52 -66.32
C TYR F 733 -7.67 -5.64 -65.10
N ASN F 734 -7.61 -4.32 -65.30
CA ASN F 734 -7.50 -3.40 -64.16
C ASN F 734 -8.78 -3.42 -63.32
N TYR F 735 -9.93 -3.35 -63.99
CA TYR F 735 -11.23 -3.30 -63.33
C TYR F 735 -11.87 -4.67 -63.15
N GLY F 736 -11.17 -5.75 -63.51
CA GLY F 736 -11.69 -7.07 -63.26
C GLY F 736 -12.87 -7.49 -64.11
N ILE F 737 -12.97 -7.00 -65.34
CA ILE F 737 -14.06 -7.34 -66.24
C ILE F 737 -13.58 -8.41 -67.22
N LYS F 738 -14.39 -9.44 -67.42
CA LYS F 738 -14.05 -10.49 -68.37
C LYS F 738 -14.23 -10.01 -69.81
N LYS F 745 -10.39 -14.91 -78.93
CA LYS F 745 -10.52 -14.55 -80.34
C LYS F 745 -11.51 -13.40 -80.51
N PRO F 746 -11.00 -12.20 -80.75
CA PRO F 746 -11.87 -11.05 -80.94
C PRO F 746 -12.52 -11.03 -82.31
N ASN F 747 -13.75 -10.55 -82.34
CA ASN F 747 -14.54 -10.45 -83.58
C ASN F 747 -14.58 -9.00 -84.04
N VAL F 748 -14.35 -8.79 -85.33
CA VAL F 748 -14.29 -7.42 -85.86
C VAL F 748 -15.69 -6.79 -85.87
N ASP F 749 -16.70 -7.56 -86.26
CA ASP F 749 -18.05 -7.01 -86.36
C ASP F 749 -18.61 -6.60 -85.01
N GLU F 750 -18.25 -7.32 -83.94
CA GLU F 750 -18.73 -6.94 -82.61
C GLU F 750 -18.15 -5.60 -82.17
N TYR F 751 -16.85 -5.40 -82.39
CA TYR F 751 -16.24 -4.11 -82.07
C TYR F 751 -16.74 -3.01 -82.99
N LYS F 752 -17.19 -3.36 -84.20
CA LYS F 752 -17.66 -2.35 -85.14
C LYS F 752 -19.01 -1.78 -84.73
N SER F 753 -19.93 -2.63 -84.28
CA SER F 753 -21.23 -2.14 -83.85
C SER F 753 -21.13 -1.29 -82.60
N VAL F 754 -20.11 -1.52 -81.76
CA VAL F 754 -19.93 -0.71 -80.57
C VAL F 754 -19.37 0.67 -80.91
N ILE F 755 -18.48 0.73 -81.90
CA ILE F 755 -17.85 2.00 -82.26
C ILE F 755 -18.75 2.82 -83.18
N ASP F 756 -19.45 2.15 -84.10
CA ASP F 756 -20.32 2.87 -85.03
C ASP F 756 -21.49 3.55 -84.34
N HIS F 757 -21.81 3.14 -83.12
CA HIS F 757 -22.87 3.77 -82.33
C HIS F 757 -22.32 4.82 -81.36
N MET F 758 -21.04 5.13 -81.43
CA MET F 758 -20.41 6.11 -80.56
C MET F 758 -20.46 7.50 -81.19
N ILE F 759 -20.41 8.50 -80.33
CA ILE F 759 -20.29 9.90 -80.74
C ILE F 759 -18.88 10.35 -80.36
N ILE F 760 -18.07 10.66 -81.37
CA ILE F 760 -16.67 11.04 -81.15
C ILE F 760 -16.60 12.55 -81.05
N PRO F 761 -16.15 13.11 -79.93
CA PRO F 761 -16.04 14.57 -79.82
C PRO F 761 -15.05 15.14 -80.81
N GLU F 762 -15.36 16.33 -81.31
CA GLU F 762 -14.48 17.00 -82.26
C GLU F 762 -13.29 17.62 -81.53
N PHE F 763 -12.33 18.11 -82.32
CA PHE F 763 -11.11 18.71 -81.80
C PHE F 763 -11.25 20.22 -81.74
N THR F 764 -10.85 20.81 -80.61
CA THR F 764 -10.78 22.25 -80.46
C THR F 764 -9.43 22.61 -79.87
N PRO F 765 -8.70 23.55 -80.46
CA PRO F 765 -7.37 23.89 -79.95
C PRO F 765 -7.43 24.47 -78.54
N ASN F 766 -6.41 24.15 -77.75
CA ASN F 766 -6.33 24.60 -76.37
C ASN F 766 -5.30 25.71 -76.21
N GLU F 790 -6.25 26.59 -59.12
CA GLU F 790 -4.89 26.05 -59.03
C GLU F 790 -4.91 24.52 -58.99
N ILE F 791 -3.82 23.95 -58.47
CA ILE F 791 -3.75 22.50 -58.33
C ILE F 791 -4.66 22.01 -57.21
N ASP F 792 -5.12 22.91 -56.34
CA ASP F 792 -6.04 22.54 -55.27
C ASP F 792 -7.39 22.09 -55.79
N GLN F 793 -7.70 22.36 -57.06
CA GLN F 793 -8.95 21.88 -57.65
C GLN F 793 -8.92 20.36 -57.83
N LEU F 794 -7.76 19.79 -58.13
CA LEU F 794 -7.68 18.35 -58.32
C LEU F 794 -7.85 17.59 -57.01
N VAL F 795 -7.25 18.10 -55.93
CA VAL F 795 -7.32 17.38 -54.65
C VAL F 795 -8.72 17.43 -54.05
N SER F 796 -9.57 18.35 -54.52
CA SER F 796 -10.94 18.42 -54.02
C SER F 796 -11.92 17.64 -54.88
N SER F 797 -11.57 17.33 -56.12
CA SER F 797 -12.42 16.54 -57.00
C SER F 797 -12.27 15.04 -56.77
N LEU F 798 -11.22 14.62 -56.08
CA LEU F 798 -11.01 13.19 -55.83
C LEU F 798 -12.02 12.69 -54.82
N PRO F 799 -12.68 11.55 -55.06
CA PRO F 799 -13.59 11.00 -54.06
C PRO F 799 -12.84 10.51 -52.83
N ASP F 800 -13.57 10.35 -51.74
CA ASP F 800 -12.97 9.93 -50.49
C ASP F 800 -12.71 8.43 -50.51
N PRO F 801 -11.66 7.97 -49.82
CA PRO F 801 -11.40 6.52 -49.74
C PRO F 801 -12.54 5.74 -49.09
N SER F 802 -13.35 6.38 -48.25
CA SER F 802 -14.49 5.70 -47.66
C SER F 802 -15.58 5.42 -48.69
N THR F 803 -15.65 6.23 -49.76
CA THR F 803 -16.60 5.96 -50.82
C THR F 803 -16.24 4.66 -51.55
N LEU F 804 -14.97 4.50 -51.90
CA LEU F 804 -14.49 3.30 -52.56
C LEU F 804 -13.83 2.41 -51.51
N ALA F 805 -14.66 1.70 -50.75
CA ALA F 805 -14.17 0.84 -49.69
C ALA F 805 -13.77 -0.51 -50.27
N GLY F 806 -12.49 -0.86 -50.13
CA GLY F 806 -11.98 -2.13 -50.62
C GLY F 806 -11.78 -2.21 -52.12
N PHE F 807 -12.04 -1.15 -52.87
CA PHE F 807 -11.85 -1.18 -54.32
C PHE F 807 -10.36 -1.25 -54.64
N LYS F 808 -9.97 -2.28 -55.38
CA LYS F 808 -8.58 -2.50 -55.73
C LYS F 808 -8.44 -2.68 -57.23
N LEU F 809 -7.51 -1.95 -57.83
CA LEU F 809 -7.14 -2.12 -59.22
C LEU F 809 -5.92 -3.03 -59.31
N GLU F 810 -5.92 -3.92 -60.30
CA GLU F 810 -4.83 -4.88 -60.45
C GLU F 810 -3.82 -4.36 -61.45
N PRO F 811 -2.62 -3.95 -61.01
CA PRO F 811 -1.62 -3.46 -61.97
C PRO F 811 -1.12 -4.56 -62.87
N VAL F 812 -0.80 -4.19 -64.11
CA VAL F 812 -0.36 -5.14 -65.12
C VAL F 812 1.15 -5.29 -65.02
N ASP F 813 1.62 -6.51 -64.84
CA ASP F 813 3.04 -6.81 -64.80
C ASP F 813 3.49 -7.21 -66.20
N PHE F 814 4.37 -6.40 -66.79
CA PHE F 814 4.78 -6.59 -68.18
C PHE F 814 5.50 -7.92 -68.35
N GLU F 815 5.00 -8.75 -69.27
CA GLU F 815 5.61 -10.03 -69.60
C GLU F 815 5.74 -10.11 -71.12
N LYS F 816 6.98 -10.18 -71.61
CA LYS F 816 7.22 -10.15 -73.04
C LYS F 816 7.04 -11.50 -73.72
N ASP F 817 7.18 -12.60 -72.98
CA ASP F 817 7.17 -13.94 -73.58
C ASP F 817 5.78 -14.55 -73.64
N ASP F 818 4.77 -13.94 -73.01
CA ASP F 818 3.41 -14.44 -73.05
C ASP F 818 2.66 -13.79 -74.20
N ASP F 819 2.12 -14.60 -75.10
CA ASP F 819 1.44 -14.11 -76.30
C ASP F 819 -0.07 -14.09 -76.15
N THR F 820 -0.60 -14.37 -74.96
CA THR F 820 -2.03 -14.37 -74.73
C THR F 820 -2.50 -13.32 -73.75
N ASN F 821 -1.59 -12.60 -73.11
CA ASN F 821 -1.94 -11.56 -72.16
C ASN F 821 -2.16 -10.20 -72.82
N HIS F 822 -2.11 -10.13 -74.15
CA HIS F 822 -2.29 -8.90 -74.92
C HIS F 822 -1.25 -7.84 -74.60
N HIS F 823 -0.12 -8.24 -74.00
CA HIS F 823 0.94 -7.28 -73.69
C HIS F 823 1.70 -6.88 -74.95
N ILE F 824 2.23 -7.87 -75.68
CA ILE F 824 2.93 -7.58 -76.92
C ILE F 824 1.95 -7.08 -77.98
N GLU F 825 0.71 -7.57 -77.96
CA GLU F 825 -0.28 -7.14 -78.93
C GLU F 825 -0.55 -5.63 -78.84
N PHE F 826 -0.60 -5.10 -77.62
CA PHE F 826 -0.89 -3.68 -77.44
C PHE F 826 0.29 -2.80 -77.89
N ILE F 827 1.48 -3.08 -77.37
CA ILE F 827 2.64 -2.23 -77.65
C ILE F 827 2.96 -2.22 -79.13
N THR F 828 2.82 -3.37 -79.81
CA THR F 828 3.07 -3.42 -81.24
C THR F 828 2.08 -2.55 -82.00
N ALA F 829 0.79 -2.72 -81.72
CA ALA F 829 -0.23 -1.94 -82.42
C ALA F 829 -0.13 -0.46 -82.07
N CYS F 830 0.11 -0.13 -80.81
CA CYS F 830 0.19 1.27 -80.39
C CYS F 830 1.38 1.97 -81.03
N SER F 831 2.51 1.27 -81.16
CA SER F 831 3.69 1.86 -81.79
C SER F 831 3.44 2.11 -83.27
N ASN F 832 2.79 1.16 -83.94
CA ASN F 832 2.52 1.31 -85.37
C ASN F 832 1.49 2.41 -85.63
N CYS F 833 0.59 2.66 -84.68
CA CYS F 833 -0.36 3.76 -84.84
C CYS F 833 0.37 5.10 -84.85
N ARG F 834 1.31 5.29 -83.93
CA ARG F 834 2.14 6.49 -83.96
C ARG F 834 3.04 6.51 -85.19
N ALA F 835 3.44 5.33 -85.68
CA ALA F 835 4.23 5.28 -86.90
C ALA F 835 3.46 5.78 -88.11
N GLN F 836 2.15 5.48 -88.17
CA GLN F 836 1.34 6.02 -89.26
C GLN F 836 1.18 7.53 -89.15
N ASN F 837 1.29 8.08 -87.94
CA ASN F 837 1.21 9.53 -87.77
C ASN F 837 2.39 10.21 -88.43
N TYR F 838 3.61 9.81 -88.10
CA TYR F 838 4.82 10.47 -88.57
C TYR F 838 5.43 9.78 -89.80
N PHE F 839 4.63 9.00 -90.54
CA PHE F 839 5.06 8.38 -91.79
C PHE F 839 6.30 7.50 -91.58
N ILE F 840 6.29 6.75 -90.49
CA ILE F 840 7.36 5.80 -90.17
C ILE F 840 6.86 4.40 -90.51
N GLU F 841 7.73 3.59 -91.10
CA GLU F 841 7.34 2.25 -91.51
C GLU F 841 7.00 1.40 -90.29
N THR F 842 5.87 0.70 -90.34
CA THR F 842 5.41 -0.08 -89.21
C THR F 842 6.27 -1.33 -89.02
N ALA F 843 6.13 -1.94 -87.85
CA ALA F 843 6.84 -3.16 -87.51
C ALA F 843 5.87 -4.18 -86.94
N ASP F 844 6.22 -5.45 -87.09
CA ASP F 844 5.38 -6.54 -86.62
C ASP F 844 5.62 -6.79 -85.12
N ARG F 845 4.97 -7.84 -84.60
CA ARG F 845 5.08 -8.13 -83.18
C ARG F 845 6.47 -8.65 -82.82
N GLN F 846 7.05 -9.49 -83.66
CA GLN F 846 8.33 -10.11 -83.32
C GLN F 846 9.46 -9.09 -83.28
N LYS F 847 9.44 -8.12 -84.20
CA LYS F 847 10.45 -7.06 -84.16
C LYS F 847 10.22 -6.12 -82.98
N THR F 848 8.97 -5.89 -82.62
CA THR F 848 8.68 -5.04 -81.47
C THR F 848 9.08 -5.72 -80.16
N LYS F 849 8.82 -7.02 -80.04
CA LYS F 849 9.27 -7.76 -78.85
C LYS F 849 10.77 -7.68 -78.69
N PHE F 850 11.51 -7.64 -79.79
CA PHE F 850 12.96 -7.54 -79.71
C PHE F 850 13.39 -6.20 -79.13
N ILE F 851 12.80 -5.10 -79.62
CA ILE F 851 13.22 -3.78 -79.19
C ILE F 851 12.67 -3.45 -77.80
N ALA F 852 11.41 -3.81 -77.53
CA ALA F 852 10.81 -3.49 -76.24
C ALA F 852 11.42 -4.35 -75.13
N GLY F 853 11.56 -5.65 -75.38
CA GLY F 853 12.12 -6.56 -74.40
C GLY F 853 13.62 -6.51 -74.26
N ARG F 854 14.31 -5.79 -75.14
CA ARG F 854 15.78 -5.71 -75.13
C ARG F 854 16.40 -7.10 -75.22
N ILE F 855 15.83 -7.94 -76.10
CA ILE F 855 16.30 -9.31 -76.24
C ILE F 855 17.67 -9.34 -76.88
N ILE F 856 18.56 -10.16 -76.33
CA ILE F 856 19.89 -10.37 -76.88
C ILE F 856 19.84 -11.62 -77.76
N PRO F 857 20.16 -11.52 -79.05
CA PRO F 857 20.16 -12.71 -79.90
C PRO F 857 21.29 -13.65 -79.51
N ALA F 858 20.96 -14.92 -79.32
CA ALA F 858 21.93 -15.91 -78.84
C ALA F 858 21.71 -17.23 -79.57
N ILE F 859 22.75 -17.72 -80.23
CA ILE F 859 22.71 -19.01 -80.91
C ILE F 859 23.63 -19.97 -80.16
N ALA F 860 23.30 -21.26 -80.24
CA ALA F 860 24.02 -22.26 -79.46
C ALA F 860 25.43 -22.53 -79.98
N THR F 861 25.73 -22.12 -81.21
CA THR F 861 27.06 -22.37 -81.76
C THR F 861 28.10 -21.45 -81.14
N THR F 862 27.80 -20.14 -81.09
CA THR F 862 28.75 -19.20 -80.51
C THR F 862 28.97 -19.47 -79.03
N THR F 863 27.94 -19.97 -78.34
CA THR F 863 28.09 -20.29 -76.92
C THR F 863 29.09 -21.42 -76.71
N SER F 864 29.03 -22.46 -77.53
CA SER F 864 29.97 -23.57 -77.37
C SER F 864 31.39 -23.14 -77.70
N LEU F 865 31.56 -22.34 -78.75
CA LEU F 865 32.90 -21.92 -79.15
C LEU F 865 33.55 -21.04 -78.10
N VAL F 866 32.82 -20.04 -77.60
CA VAL F 866 33.38 -19.15 -76.60
C VAL F 866 33.71 -19.90 -75.32
N THR F 867 32.84 -20.84 -74.92
CA THR F 867 33.11 -21.63 -73.73
C THR F 867 34.36 -22.48 -73.89
N GLY F 868 34.61 -22.98 -75.11
CA GLY F 868 35.82 -23.74 -75.34
C GLY F 868 37.07 -22.89 -75.15
N LEU F 869 37.04 -21.65 -75.67
CA LEU F 869 38.20 -20.78 -75.54
C LEU F 869 38.48 -20.40 -74.09
N VAL F 870 37.43 -20.27 -73.28
CA VAL F 870 37.63 -19.97 -71.86
C VAL F 870 38.35 -21.11 -71.17
N ASN F 871 37.97 -22.36 -71.48
CA ASN F 871 38.61 -23.50 -70.87
C ASN F 871 40.03 -23.71 -71.36
N LEU F 872 40.39 -23.16 -72.52
CA LEU F 872 41.78 -23.20 -72.95
C LEU F 872 42.64 -22.23 -72.14
N GLU F 873 42.06 -21.11 -71.70
CA GLU F 873 42.75 -20.22 -70.78
C GLU F 873 42.75 -20.77 -69.36
N LEU F 874 41.75 -21.58 -69.01
CA LEU F 874 41.70 -22.20 -67.70
C LEU F 874 42.90 -23.10 -67.46
N TYR F 875 43.40 -23.75 -68.53
CA TYR F 875 44.60 -24.56 -68.39
C TYR F 875 45.78 -23.71 -67.93
N LYS F 876 45.83 -22.45 -68.37
CA LYS F 876 46.91 -21.55 -67.98
C LYS F 876 46.78 -21.04 -66.56
N LEU F 877 45.57 -21.00 -66.02
CA LEU F 877 45.39 -20.63 -64.63
C LEU F 877 45.83 -21.75 -63.69
N ILE F 878 45.68 -23.00 -64.12
CA ILE F 878 46.07 -24.13 -63.29
C ILE F 878 47.58 -24.18 -63.15
N ASP F 879 48.31 -23.88 -64.23
CA ASP F 879 49.77 -23.82 -64.17
C ASP F 879 50.28 -22.60 -63.43
N ASN F 880 49.39 -21.66 -63.10
CA ASN F 880 49.75 -20.41 -62.41
C ASN F 880 50.73 -19.59 -63.25
N LYS F 881 50.42 -19.48 -64.53
CA LYS F 881 51.27 -18.71 -65.43
C LYS F 881 51.22 -17.23 -65.06
N THR F 882 52.40 -16.61 -65.06
CA THR F 882 52.52 -15.19 -64.78
C THR F 882 53.00 -14.38 -65.96
N ASP F 883 53.49 -15.02 -67.02
CA ASP F 883 53.86 -14.32 -68.25
C ASP F 883 52.59 -13.86 -68.95
N ILE F 884 52.42 -12.53 -69.04
CA ILE F 884 51.19 -11.99 -69.62
C ILE F 884 51.07 -12.31 -71.11
N GLU F 885 52.16 -12.65 -71.78
CA GLU F 885 52.12 -12.97 -73.20
C GLU F 885 51.55 -14.35 -73.47
N GLN F 886 51.50 -15.22 -72.46
CA GLN F 886 50.91 -16.54 -72.63
C GLN F 886 49.39 -16.51 -72.65
N TYR F 887 48.78 -15.58 -71.92
CA TYR F 887 47.34 -15.44 -71.93
C TYR F 887 46.87 -14.79 -73.22
N LYS F 888 45.62 -15.06 -73.58
CA LYS F 888 45.07 -14.56 -74.84
C LYS F 888 43.60 -14.23 -74.68
N ASN F 889 43.22 -12.99 -74.98
CA ASN F 889 41.83 -12.58 -75.02
C ASN F 889 41.29 -12.81 -76.43
N GLY F 890 40.22 -13.58 -76.55
CA GLY F 890 39.66 -13.95 -77.83
C GLY F 890 38.44 -13.14 -78.21
N PHE F 891 38.27 -12.94 -79.51
CA PHE F 891 37.09 -12.30 -80.09
C PHE F 891 36.73 -13.02 -81.38
N VAL F 892 35.50 -13.51 -81.48
CA VAL F 892 35.05 -14.28 -82.63
C VAL F 892 33.80 -13.66 -83.22
N ASN F 893 33.68 -13.78 -84.54
CA ASN F 893 32.48 -13.37 -85.30
C ASN F 893 32.27 -14.44 -86.36
N LEU F 894 31.45 -15.44 -86.02
CA LEU F 894 31.26 -16.62 -86.87
C LEU F 894 30.62 -16.28 -88.21
N ALA F 895 30.10 -15.07 -88.39
CA ALA F 895 29.44 -14.73 -89.65
C ALA F 895 30.43 -14.51 -90.78
N LEU F 896 31.64 -14.05 -90.47
CA LEU F 896 32.60 -13.67 -91.50
C LEU F 896 33.28 -14.88 -92.15
N PRO F 897 33.86 -15.82 -91.39
CA PRO F 897 34.13 -15.92 -89.95
C PRO F 897 35.47 -15.26 -89.61
N PHE F 898 35.55 -14.65 -88.43
CA PHE F 898 36.78 -13.99 -88.00
C PHE F 898 37.18 -14.52 -86.64
N PHE F 899 38.47 -14.80 -86.49
CA PHE F 899 39.04 -15.25 -85.23
C PHE F 899 40.26 -14.39 -84.93
N GLY F 900 40.22 -13.69 -83.81
CA GLY F 900 41.33 -12.87 -83.38
C GLY F 900 41.63 -13.06 -81.90
N PHE F 901 42.91 -13.02 -81.54
CA PHE F 901 43.34 -13.18 -80.16
C PHE F 901 44.34 -12.10 -79.83
N SER F 902 44.15 -11.45 -78.69
CA SER F 902 45.01 -10.34 -78.28
C SER F 902 45.56 -10.60 -76.89
N GLU F 903 46.76 -10.09 -76.64
CA GLU F 903 47.35 -10.20 -75.32
C GLU F 903 46.57 -9.33 -74.34
N PRO F 904 46.33 -9.83 -73.12
CA PRO F 904 45.62 -9.02 -72.13
C PRO F 904 46.36 -7.74 -71.79
N ILE F 905 45.61 -6.69 -71.45
CA ILE F 905 46.20 -5.41 -71.11
C ILE F 905 46.83 -5.49 -69.73
N ALA F 906 48.08 -5.03 -69.62
CA ALA F 906 48.76 -5.02 -68.32
C ALA F 906 48.09 -4.01 -67.39
N SER F 907 48.03 -4.36 -66.12
CA SER F 907 47.41 -3.48 -65.13
C SER F 907 48.18 -2.18 -65.05
N PRO F 908 47.51 -1.03 -65.08
CA PRO F 908 48.24 0.25 -65.04
C PRO F 908 48.91 0.45 -63.68
N LYS F 909 50.13 0.96 -63.72
CA LYS F 909 50.92 1.22 -62.53
C LYS F 909 50.95 2.71 -62.21
N GLY F 910 51.05 3.02 -60.92
CA GLY F 910 51.17 4.39 -60.49
C GLY F 910 52.32 4.56 -59.50
N GLU F 911 52.44 5.76 -58.92
CA GLU F 911 53.49 6.01 -57.94
C GLU F 911 53.10 7.20 -57.08
N TYR F 912 53.56 7.17 -55.83
CA TYR F 912 53.38 8.27 -54.90
C TYR F 912 54.60 8.33 -54.01
N ASN F 913 55.22 9.50 -53.92
CA ASN F 913 56.48 9.67 -53.21
C ASN F 913 57.54 8.72 -53.73
N ASN F 914 57.55 8.52 -55.05
CA ASN F 914 58.47 7.63 -55.76
C ASN F 914 58.31 6.17 -55.32
N LYS F 915 57.15 5.83 -54.76
CA LYS F 915 56.85 4.47 -54.33
C LYS F 915 55.83 3.90 -55.32
N LYS F 916 56.27 2.97 -56.14
CA LYS F 916 55.41 2.40 -57.19
C LYS F 916 54.36 1.47 -56.60
N TYR F 917 53.20 1.43 -57.26
CA TYR F 917 52.10 0.58 -56.82
C TYR F 917 51.28 0.17 -58.04
N ASP F 918 50.38 -0.79 -57.82
CA ASP F 918 49.45 -1.26 -58.84
C ASP F 918 48.10 -0.57 -58.64
N LYS F 919 47.64 0.15 -59.66
CA LYS F 919 46.42 0.94 -59.53
C LYS F 919 45.17 0.08 -59.41
N ILE F 920 45.23 -1.19 -59.82
CA ILE F 920 44.06 -2.05 -59.82
C ILE F 920 44.03 -2.98 -58.60
N TRP F 921 45.16 -3.59 -58.27
CA TRP F 921 45.20 -4.68 -57.32
C TRP F 921 45.79 -4.32 -55.95
N ASP F 922 46.73 -3.38 -55.89
CA ASP F 922 47.37 -3.05 -54.63
C ASP F 922 46.44 -2.24 -53.74
N ARG F 923 46.60 -2.42 -52.43
CA ARG F 923 45.80 -1.72 -51.43
C ARG F 923 46.55 -1.72 -50.11
N PHE F 924 46.12 -0.84 -49.21
CA PHE F 924 46.68 -0.76 -47.87
C PHE F 924 45.86 -1.62 -46.92
N ASP F 925 46.55 -2.44 -46.13
CA ASP F 925 45.91 -3.32 -45.15
C ASP F 925 46.19 -2.77 -43.75
N ILE F 926 45.12 -2.31 -43.09
CA ILE F 926 45.20 -1.78 -41.73
C ILE F 926 44.51 -2.78 -40.80
N LYS F 927 45.20 -3.16 -39.73
CA LYS F 927 44.70 -4.16 -38.80
C LYS F 927 43.89 -3.51 -37.69
N GLY F 928 42.74 -4.10 -37.38
CA GLY F 928 41.90 -3.64 -36.30
C GLY F 928 41.02 -2.47 -36.71
N ASP F 929 39.98 -2.25 -35.91
CA ASP F 929 39.07 -1.11 -36.10
C ASP F 929 39.77 0.15 -35.60
N ILE F 930 40.65 0.67 -36.46
CA ILE F 930 41.46 1.82 -36.09
C ILE F 930 40.60 3.07 -35.98
N LYS F 931 41.07 4.03 -35.20
CA LYS F 931 40.38 5.30 -35.10
C LYS F 931 40.73 6.20 -36.29
N LEU F 932 39.86 7.16 -36.55
CA LEU F 932 40.07 8.06 -37.68
C LEU F 932 41.33 8.90 -37.50
N SER F 933 41.63 9.29 -36.26
CA SER F 933 42.84 10.07 -36.01
C SER F 933 44.09 9.23 -36.25
N ASP F 934 44.10 7.99 -35.74
CA ASP F 934 45.27 7.14 -35.95
C ASP F 934 45.41 6.72 -37.41
N LEU F 935 44.31 6.71 -38.16
CA LEU F 935 44.41 6.35 -39.57
C LEU F 935 45.09 7.45 -40.37
N ILE F 936 44.72 8.71 -40.13
CA ILE F 936 45.42 9.82 -40.78
C ILE F 936 46.85 9.90 -40.27
N GLU F 937 47.07 9.57 -39.00
CA GLU F 937 48.42 9.57 -38.44
C GLU F 937 49.25 8.45 -39.04
N HIS F 938 48.65 7.28 -39.27
CA HIS F 938 49.39 6.16 -39.84
C HIS F 938 49.83 6.44 -41.27
N PHE F 939 49.08 7.25 -42.00
CA PHE F 939 49.43 7.54 -43.38
C PHE F 939 50.41 8.67 -43.52
N GLU F 940 50.49 9.57 -42.52
CA GLU F 940 51.49 10.62 -42.54
C GLU F 940 52.83 10.15 -41.99
N LYS F 941 52.82 9.13 -41.12
CA LYS F 941 54.04 8.58 -40.55
C LYS F 941 54.63 7.47 -41.42
N ASP F 942 53.82 6.44 -41.71
CA ASP F 942 54.33 5.27 -42.42
C ASP F 942 54.36 5.45 -43.93
N GLU F 943 53.41 6.19 -44.50
CA GLU F 943 53.32 6.33 -45.94
C GLU F 943 53.60 7.74 -46.45
N GLY F 944 53.61 8.75 -45.58
CA GLY F 944 53.81 10.10 -46.04
C GLY F 944 52.67 10.64 -46.87
N LEU F 945 51.44 10.25 -46.54
CA LEU F 945 50.25 10.68 -47.27
C LEU F 945 49.33 11.41 -46.30
N GLU F 946 48.96 12.64 -46.64
CA GLU F 946 48.02 13.42 -45.85
C GLU F 946 46.62 13.13 -46.37
N ILE F 947 45.88 12.31 -45.62
CA ILE F 947 44.53 11.92 -46.02
C ILE F 947 43.62 13.14 -46.05
N THR F 948 43.18 13.53 -47.25
CA THR F 948 42.30 14.69 -47.39
C THR F 948 40.83 14.30 -47.42
N MET F 949 40.51 13.11 -47.94
CA MET F 949 39.14 12.64 -47.99
C MET F 949 39.12 11.13 -47.78
N LEU F 950 37.98 10.63 -47.32
CA LEU F 950 37.82 9.21 -47.04
C LEU F 950 36.35 8.85 -47.22
N SER F 951 36.10 7.75 -47.93
CA SER F 951 34.75 7.31 -48.21
C SER F 951 34.64 5.81 -47.96
N TYR F 952 33.40 5.35 -47.80
CA TYR F 952 33.09 3.94 -47.60
C TYR F 952 31.93 3.60 -48.53
N GLY F 953 32.24 3.04 -49.69
CA GLY F 953 31.22 2.76 -50.69
C GLY F 953 30.71 4.04 -51.32
N VAL F 954 29.45 4.38 -51.05
CA VAL F 954 28.85 5.59 -51.55
C VAL F 954 28.66 6.61 -50.43
N SER F 955 29.41 6.47 -49.33
CA SER F 955 29.24 7.31 -48.16
C SER F 955 30.55 8.05 -47.87
N LEU F 956 30.49 9.39 -47.89
CA LEU F 956 31.65 10.20 -47.53
C LEU F 956 31.73 10.34 -46.02
N LEU F 957 32.84 9.89 -45.44
CA LEU F 957 33.01 9.87 -43.99
C LEU F 957 33.83 11.04 -43.48
N TYR F 958 35.00 11.29 -44.08
CA TYR F 958 35.93 12.29 -43.61
C TYR F 958 36.33 13.23 -44.74
N ALA F 959 36.56 14.49 -44.40
CA ALA F 959 37.03 15.49 -45.35
C ALA F 959 37.87 16.50 -44.60
N SER F 960 39.05 16.83 -45.14
CA SER F 960 39.95 17.76 -44.47
C SER F 960 39.43 19.19 -44.48
N PHE F 961 38.50 19.52 -45.37
CA PHE F 961 37.92 20.85 -45.43
C PHE F 961 36.63 20.97 -44.64
N PHE F 962 36.29 19.95 -43.85
CA PHE F 962 35.09 20.01 -43.03
C PHE F 962 35.28 21.04 -41.91
N PRO F 963 34.18 21.62 -41.41
CA PRO F 963 34.28 22.58 -40.29
C PRO F 963 34.81 21.90 -39.04
N PRO F 964 35.38 22.66 -38.11
CA PRO F 964 35.95 22.05 -36.89
C PRO F 964 34.94 21.28 -36.04
N LYS F 965 33.63 21.50 -36.23
CA LYS F 965 32.64 20.74 -35.47
C LYS F 965 32.55 19.30 -35.95
N LYS F 966 32.56 19.08 -37.27
CA LYS F 966 32.50 17.73 -37.80
C LYS F 966 33.81 16.98 -37.61
N LEU F 967 34.94 17.71 -37.55
CA LEU F 967 36.24 17.05 -37.42
C LEU F 967 36.40 16.40 -36.04
N LYS F 968 36.29 17.19 -34.97
CA LYS F 968 36.49 16.64 -33.63
C LYS F 968 35.44 15.59 -33.27
N GLU F 969 34.26 15.64 -33.88
CA GLU F 969 33.24 14.65 -33.59
C GLU F 969 33.63 13.28 -34.12
N ARG F 970 34.24 13.24 -35.31
CA ARG F 970 34.56 11.98 -35.98
C ARG F 970 36.02 11.58 -35.82
N LEU F 971 36.90 12.51 -35.45
CA LEU F 971 38.31 12.18 -35.30
C LEU F 971 38.54 11.20 -34.15
N ASN F 972 37.64 11.18 -33.16
CA ASN F 972 37.76 10.32 -32.00
C ASN F 972 36.97 9.02 -32.14
N LEU F 973 36.31 8.81 -33.27
CA LEU F 973 35.51 7.61 -33.45
C LEU F 973 36.27 6.58 -34.26
N PRO F 974 36.07 5.29 -33.97
CA PRO F 974 36.65 4.25 -34.84
C PRO F 974 35.94 4.20 -36.18
N ILE F 975 36.43 3.36 -37.10
CA ILE F 975 35.87 3.32 -38.44
C ILE F 975 34.44 2.80 -38.40
N THR F 976 34.16 1.82 -37.55
CA THR F 976 32.82 1.25 -37.49
C THR F 976 31.81 2.25 -36.94
N GLN F 977 32.15 2.93 -35.85
CA GLN F 977 31.25 3.94 -35.31
C GLN F 977 31.17 5.18 -36.19
N LEU F 978 32.17 5.44 -37.03
CA LEU F 978 32.10 6.54 -37.97
C LEU F 978 31.04 6.28 -39.03
N VAL F 979 30.92 5.04 -39.49
CA VAL F 979 29.90 4.69 -40.47
C VAL F 979 28.52 4.76 -39.83
N LYS F 980 28.41 4.36 -38.57
CA LYS F 980 27.13 4.45 -37.87
C LYS F 980 26.67 5.90 -37.75
N LEU F 981 27.60 6.81 -37.47
CA LEU F 981 27.24 8.22 -37.34
C LEU F 981 26.81 8.81 -38.68
N VAL F 982 27.49 8.43 -39.76
CA VAL F 982 27.26 9.07 -41.05
C VAL F 982 26.05 8.46 -41.77
N THR F 983 25.96 7.14 -41.79
CA THR F 983 24.91 6.45 -42.55
C THR F 983 23.69 6.09 -41.72
N LYS F 984 23.72 6.35 -40.41
CA LYS F 984 22.65 6.00 -39.48
C LYS F 984 22.32 4.50 -39.49
N LYS F 985 23.27 3.69 -39.94
CA LYS F 985 23.10 2.24 -40.00
C LYS F 985 24.35 1.57 -39.45
N ASP F 986 24.15 0.42 -38.83
CA ASP F 986 25.25 -0.33 -38.23
C ASP F 986 25.86 -1.28 -39.25
N ILE F 987 27.17 -1.46 -39.16
CA ILE F 987 27.86 -2.47 -39.97
C ILE F 987 27.50 -3.83 -39.40
N PRO F 988 26.89 -4.72 -40.18
CA PRO F 988 26.47 -6.02 -39.63
C PRO F 988 27.65 -6.85 -39.15
N ALA F 989 27.34 -7.78 -38.23
CA ALA F 989 28.39 -8.59 -37.62
C ALA F 989 29.04 -9.54 -38.60
N HIS F 990 28.36 -9.91 -39.69
CA HIS F 990 28.95 -10.81 -40.67
C HIS F 990 30.01 -10.12 -41.51
N VAL F 991 30.12 -8.80 -41.43
CA VAL F 991 31.14 -8.07 -42.18
C VAL F 991 32.47 -8.17 -41.44
N SER F 992 33.49 -8.68 -42.13
CA SER F 992 34.82 -8.84 -41.56
C SER F 992 35.83 -7.85 -42.11
N THR F 993 35.57 -7.24 -43.26
CA THR F 993 36.48 -6.29 -43.89
C THR F 993 35.70 -5.10 -44.39
N MET F 994 36.39 -3.97 -44.53
CA MET F 994 35.77 -2.74 -44.99
C MET F 994 36.67 -2.07 -46.02
N ILE F 995 36.06 -1.60 -47.11
CA ILE F 995 36.77 -0.99 -48.22
C ILE F 995 36.63 0.52 -48.10
N LEU F 996 37.76 1.23 -48.07
CA LEU F 996 37.78 2.67 -47.92
C LEU F 996 38.53 3.30 -49.09
N GLU F 997 37.88 4.23 -49.77
CA GLU F 997 38.52 5.04 -50.79
C GLU F 997 39.02 6.33 -50.17
N ILE F 998 40.24 6.73 -50.52
CA ILE F 998 40.88 7.90 -49.93
C ILE F 998 41.53 8.72 -51.02
N CYS F 999 41.47 10.04 -50.86
CA CYS F 999 42.26 10.98 -51.65
C CYS F 999 43.23 11.67 -50.71
N ALA F 1000 44.49 11.81 -51.15
CA ALA F 1000 45.52 12.30 -50.26
C ALA F 1000 46.54 13.09 -51.06
N ASP F 1001 47.32 13.89 -50.34
CA ASP F 1001 48.42 14.66 -50.89
C ASP F 1001 49.75 14.01 -50.52
N ASP F 1002 50.73 14.14 -51.40
CA ASP F 1002 52.04 13.56 -51.17
C ASP F 1002 52.83 14.46 -50.21
N LYS F 1003 54.13 14.18 -50.07
CA LYS F 1003 54.96 14.99 -49.19
C LYS F 1003 55.18 16.40 -49.70
N GLU F 1004 54.75 16.71 -50.93
CA GLU F 1004 54.86 18.05 -51.48
C GLU F 1004 53.55 18.80 -51.44
N GLY F 1005 52.47 18.18 -50.95
CA GLY F 1005 51.20 18.86 -50.81
C GLY F 1005 50.33 18.92 -52.05
N GLU F 1006 50.42 17.92 -52.92
CA GLU F 1006 49.61 17.89 -54.12
C GLU F 1006 48.86 16.57 -54.19
N ASP F 1007 47.63 16.61 -54.69
CA ASP F 1007 46.80 15.42 -54.75
C ASP F 1007 47.41 14.39 -55.70
N VAL F 1008 47.39 13.13 -55.28
CA VAL F 1008 47.96 12.04 -56.05
C VAL F 1008 47.08 10.81 -55.89
N GLU F 1009 46.94 10.04 -56.96
CA GLU F 1009 46.13 8.82 -56.92
C GLU F 1009 46.80 7.79 -56.02
N VAL F 1010 46.02 7.23 -55.10
CA VAL F 1010 46.53 6.28 -54.13
C VAL F 1010 45.64 5.05 -54.12
N PRO F 1011 46.16 3.89 -53.67
CA PRO F 1011 45.31 2.69 -53.57
C PRO F 1011 44.20 2.82 -52.55
N PHE F 1012 43.35 1.80 -52.46
CA PHE F 1012 42.28 1.79 -51.49
C PHE F 1012 42.76 1.13 -50.20
N ILE F 1013 41.88 1.09 -49.20
CA ILE F 1013 42.21 0.60 -47.87
C ILE F 1013 41.31 -0.58 -47.54
N THR F 1014 41.89 -1.60 -46.92
CA THR F 1014 41.16 -2.75 -46.40
C THR F 1014 41.30 -2.74 -44.88
N ILE F 1015 40.17 -2.52 -44.19
CA ILE F 1015 40.15 -2.47 -42.74
C ILE F 1015 39.76 -3.87 -42.25
N HIS F 1016 40.75 -4.62 -41.78
CA HIS F 1016 40.50 -5.98 -41.28
C HIS F 1016 39.97 -5.88 -39.85
N LEU F 1017 38.65 -6.02 -39.72
CA LEU F 1017 38.00 -5.97 -38.41
C LEU F 1017 38.28 -7.23 -37.59
N THR G 9 36.98 3.65 -59.31
CA THR G 9 37.42 5.05 -59.23
C THR G 9 36.30 6.00 -59.68
N ALA G 10 35.08 5.68 -59.27
CA ALA G 10 33.92 6.53 -59.55
C ALA G 10 33.68 7.54 -58.42
N SER G 11 33.71 7.07 -57.18
CA SER G 11 33.56 7.97 -56.04
C SER G 11 34.74 8.92 -55.90
N SER G 12 35.94 8.48 -56.29
CA SER G 12 37.11 9.34 -56.18
C SER G 12 37.04 10.53 -57.13
N LEU G 13 36.53 10.32 -58.35
CA LEU G 13 36.42 11.42 -59.29
C LEU G 13 35.32 12.39 -58.87
N LEU G 14 34.20 11.87 -58.36
CA LEU G 14 33.12 12.74 -57.90
C LEU G 14 33.54 13.56 -56.68
N LEU G 15 34.37 12.98 -55.81
CA LEU G 15 34.84 13.72 -54.65
C LEU G 15 35.74 14.88 -55.06
N ARG G 16 36.67 14.64 -55.98
CA ARG G 16 37.59 15.70 -56.41
C ARG G 16 36.86 16.83 -57.09
N GLN G 17 35.75 16.53 -57.79
CA GLN G 17 34.98 17.60 -58.42
C GLN G 17 34.02 18.25 -57.43
N TYR G 18 33.56 17.50 -56.42
CA TYR G 18 32.75 18.11 -55.38
C TYR G 18 33.59 19.07 -54.54
N ARG G 19 34.87 18.75 -54.34
CA ARG G 19 35.76 19.65 -53.60
C ARG G 19 36.08 20.89 -54.42
N GLU G 20 36.14 20.76 -55.75
CA GLU G 20 36.44 21.91 -56.59
C GLU G 20 35.25 22.86 -56.69
N LEU G 21 34.03 22.35 -56.51
CA LEU G 21 32.82 23.16 -56.58
C LEU G 21 32.34 23.66 -55.22
N THR G 22 32.96 23.22 -54.12
CA THR G 22 32.59 23.68 -52.79
C THR G 22 33.73 24.38 -52.07
N ASP G 23 34.94 24.36 -52.60
CA ASP G 23 36.04 25.12 -52.03
C ASP G 23 35.73 26.61 -52.19
N PRO G 24 35.73 27.40 -51.12
CA PRO G 24 35.32 28.81 -51.25
C PRO G 24 36.35 29.67 -51.94
N LYS G 25 37.33 29.04 -52.59
CA LYS G 25 38.28 29.73 -53.44
C LYS G 25 38.05 29.49 -54.93
N LYS G 26 37.69 28.28 -55.32
CA LYS G 26 37.47 27.93 -56.73
C LYS G 26 36.02 27.62 -57.06
N ALA G 27 35.10 27.74 -56.10
CA ALA G 27 33.71 27.39 -56.36
C ALA G 27 33.07 28.40 -57.31
N ILE G 28 32.36 27.89 -58.32
CA ILE G 28 31.64 28.73 -59.25
C ILE G 28 30.44 29.33 -58.52
N PRO G 29 30.30 30.66 -58.50
CA PRO G 29 29.20 31.28 -57.74
C PRO G 29 27.82 31.08 -58.34
N SER G 30 27.71 30.39 -59.48
CA SER G 30 26.42 30.18 -60.10
C SER G 30 25.69 28.95 -59.57
N PHE G 31 26.36 28.13 -58.77
CA PHE G 31 25.78 26.89 -58.26
C PHE G 31 26.14 26.71 -56.80
N HIS G 32 25.16 26.31 -56.00
CA HIS G 32 25.36 25.98 -54.59
C HIS G 32 25.21 24.47 -54.46
N ILE G 33 26.33 23.79 -54.27
CA ILE G 33 26.40 22.33 -54.30
C ILE G 33 26.48 21.80 -52.88
N GLU G 34 25.63 20.81 -52.58
CA GLU G 34 25.66 20.12 -51.30
C GLU G 34 25.29 18.66 -51.54
N LEU G 35 25.90 17.76 -50.79
CA LEU G 35 25.62 16.34 -50.93
C LEU G 35 24.29 16.00 -50.25
N GLU G 36 23.64 14.96 -50.75
CA GLU G 36 22.43 14.46 -50.11
C GLU G 36 22.80 13.83 -48.78
N ASP G 37 22.23 14.36 -47.69
CA ASP G 37 22.56 13.95 -46.33
C ASP G 37 24.03 14.21 -46.00
N ASP G 38 24.70 15.04 -46.80
CA ASP G 38 26.12 15.36 -46.64
C ASP G 38 27.00 14.12 -46.68
N SER G 39 26.48 13.01 -47.18
CA SER G 39 27.22 11.75 -47.19
C SER G 39 27.19 11.00 -48.52
N ASN G 40 26.21 11.23 -49.38
CA ASN G 40 26.08 10.47 -50.61
C ASN G 40 26.85 11.18 -51.72
N ILE G 41 27.90 10.54 -52.22
CA ILE G 41 28.69 11.14 -53.29
C ILE G 41 28.02 11.03 -54.64
N PHE G 42 27.12 10.07 -54.82
CA PHE G 42 26.45 9.83 -56.10
C PHE G 42 25.06 10.45 -56.16
N THR G 43 24.75 11.35 -55.23
CA THR G 43 23.46 12.06 -55.23
C THR G 43 23.70 13.46 -54.71
N TRP G 44 23.64 14.45 -55.59
CA TRP G 44 23.94 15.83 -55.26
C TRP G 44 22.68 16.68 -55.30
N ASN G 45 22.50 17.52 -54.29
CA ASN G 45 21.44 18.52 -54.25
C ASN G 45 22.07 19.87 -54.56
N ILE G 46 21.82 20.39 -55.77
CA ILE G 46 22.49 21.58 -56.28
C ILE G 46 21.45 22.68 -56.45
N GLY G 47 21.81 23.89 -56.00
CA GLY G 47 20.97 25.05 -56.23
C GLY G 47 21.49 25.89 -57.39
N VAL G 48 20.71 25.94 -58.47
CA VAL G 48 21.13 26.63 -59.69
C VAL G 48 20.74 28.10 -59.60
N MET G 49 21.71 28.97 -59.87
CA MET G 49 21.51 30.42 -59.86
C MET G 49 22.00 30.99 -61.17
N VAL G 50 21.28 31.98 -61.70
CA VAL G 50 21.63 32.66 -62.93
C VAL G 50 22.15 34.04 -62.56
N LEU G 51 23.47 34.22 -62.64
CA LEU G 51 24.08 35.49 -62.27
C LEU G 51 23.96 36.56 -63.35
N ASN G 52 23.58 36.18 -64.57
CA ASN G 52 23.41 37.16 -65.63
C ASN G 52 22.23 38.06 -65.32
N GLU G 53 22.48 39.37 -65.26
CA GLU G 53 21.41 40.31 -64.91
C GLU G 53 20.43 40.49 -66.06
N ASP G 54 20.89 40.40 -67.31
CA ASP G 54 20.03 40.56 -68.46
C ASP G 54 19.14 39.35 -68.73
N SER G 55 19.39 38.23 -68.08
CA SER G 55 18.58 37.04 -68.29
C SER G 55 17.21 37.21 -67.65
N ILE G 56 16.21 36.55 -68.25
CA ILE G 56 14.85 36.61 -67.70
C ILE G 56 14.77 35.84 -66.39
N TYR G 57 15.58 34.80 -66.23
CA TYR G 57 15.59 33.97 -65.03
C TYR G 57 16.50 34.51 -63.93
N HIS G 58 16.85 35.79 -63.99
CA HIS G 58 17.77 36.37 -63.02
C HIS G 58 17.14 36.41 -61.63
N GLY G 59 17.96 36.21 -60.61
CA GLY G 59 17.50 36.23 -59.24
C GLY G 59 16.85 34.96 -58.74
N GLY G 60 16.78 33.92 -59.57
CA GLY G 60 16.12 32.69 -59.17
C GLY G 60 17.07 31.71 -58.49
N PHE G 61 16.46 30.79 -57.72
CA PHE G 61 17.20 29.74 -57.03
C PHE G 61 16.39 28.45 -57.21
N PHE G 62 16.71 27.70 -58.27
CA PHE G 62 15.98 26.50 -58.64
C PHE G 62 16.71 25.28 -58.09
N LYS G 63 16.10 24.61 -57.12
CA LYS G 63 16.69 23.41 -56.55
C LYS G 63 16.55 22.25 -57.52
N ALA G 64 17.55 21.37 -57.54
CA ALA G 64 17.55 20.23 -58.44
C ALA G 64 18.26 19.06 -57.76
N GLN G 65 18.24 17.91 -58.43
CA GLN G 65 18.84 16.69 -57.90
C GLN G 65 19.56 15.95 -59.02
N MET G 66 20.80 15.56 -58.77
CA MET G 66 21.62 14.82 -59.72
C MET G 66 21.89 13.42 -59.18
N ARG G 67 21.67 12.41 -60.01
CA ARG G 67 21.94 11.02 -59.65
C ARG G 67 23.03 10.51 -60.58
N PHE G 68 24.20 10.18 -60.02
CA PHE G 68 25.34 9.71 -60.81
C PHE G 68 25.34 8.19 -60.88
N PRO G 69 25.56 7.61 -62.05
CA PRO G 69 25.61 6.14 -62.16
C PRO G 69 26.90 5.58 -61.57
N GLU G 70 26.95 4.25 -61.50
CA GLU G 70 28.12 3.56 -60.95
C GLU G 70 29.34 3.69 -61.87
N ASP G 71 29.12 3.83 -63.18
CA ASP G 71 30.19 3.88 -64.16
C ASP G 71 30.56 5.31 -64.55
N PHE G 72 30.46 6.25 -63.60
CA PHE G 72 30.87 7.62 -63.86
C PHE G 72 32.37 7.67 -64.11
N PRO G 73 32.85 8.50 -65.05
CA PRO G 73 32.07 9.39 -65.91
C PRO G 73 31.76 8.81 -67.29
N PHE G 74 31.82 7.48 -67.42
CA PHE G 74 31.57 6.84 -68.70
C PHE G 74 30.09 6.76 -69.04
N SER G 75 29.20 7.07 -68.09
CA SER G 75 27.77 7.13 -68.33
C SER G 75 27.22 8.49 -67.87
N PRO G 76 26.32 9.09 -68.64
CA PRO G 76 25.80 10.41 -68.26
C PRO G 76 24.91 10.33 -67.04
N PRO G 77 25.00 11.31 -66.14
CA PRO G 77 24.17 11.30 -64.94
C PRO G 77 22.77 11.84 -65.21
N GLN G 78 21.88 11.57 -64.26
CA GLN G 78 20.49 12.04 -64.35
C GLN G 78 20.35 13.39 -63.67
N PHE G 79 19.50 14.25 -64.25
CA PHE G 79 19.24 15.57 -63.73
C PHE G 79 17.73 15.81 -63.70
N ARG G 80 17.23 16.23 -62.55
CA ARG G 80 15.81 16.45 -62.35
C ARG G 80 15.59 17.71 -61.52
N PHE G 81 14.68 18.57 -61.97
CA PHE G 81 14.33 19.76 -61.21
C PHE G 81 13.33 19.41 -60.12
N THR G 82 13.62 19.83 -58.89
CA THR G 82 12.75 19.57 -57.75
C THR G 82 12.38 20.88 -57.08
N PRO G 83 11.17 21.41 -57.30
CA PRO G 83 10.16 20.81 -58.17
C PRO G 83 10.37 21.16 -59.65
N ALA G 84 9.55 20.60 -60.53
CA ALA G 84 9.66 20.90 -61.95
C ALA G 84 9.35 22.38 -62.20
N ILE G 85 10.00 22.93 -63.22
CA ILE G 85 9.86 24.34 -63.57
C ILE G 85 9.25 24.45 -64.97
N TYR G 86 8.79 25.66 -65.29
CA TYR G 86 8.18 25.96 -66.58
C TYR G 86 9.28 26.37 -67.56
N HIS G 87 9.59 25.49 -68.52
CA HIS G 87 10.65 25.76 -69.47
C HIS G 87 10.41 24.91 -70.71
N PRO G 88 10.67 25.42 -71.92
CA PRO G 88 10.42 24.62 -73.13
C PRO G 88 11.31 23.39 -73.24
N ASN G 89 12.41 23.32 -72.48
CA ASN G 89 13.34 22.21 -72.54
C ASN G 89 13.38 21.42 -71.24
N VAL G 90 12.31 21.49 -70.45
CA VAL G 90 12.17 20.72 -69.23
C VAL G 90 10.80 20.07 -69.24
N TYR G 91 10.76 18.74 -69.09
CA TYR G 91 9.51 18.03 -69.10
C TYR G 91 8.69 18.36 -67.85
N ARG G 92 7.41 17.97 -67.87
CA ARG G 92 6.53 18.23 -66.75
C ARG G 92 6.97 17.52 -65.48
N ASP G 93 7.77 16.46 -65.58
CA ASP G 93 8.23 15.71 -64.42
C ASP G 93 9.61 16.13 -63.94
N GLY G 94 10.30 17.02 -64.65
CA GLY G 94 11.58 17.55 -64.22
C GLY G 94 12.76 17.12 -65.05
N ARG G 95 12.66 15.99 -65.76
CA ARG G 95 13.78 15.51 -66.53
C ARG G 95 14.02 16.38 -67.77
N LEU G 96 15.19 16.23 -68.37
CA LEU G 96 15.51 16.92 -69.60
C LEU G 96 16.26 16.01 -70.58
N PRO G 119 33.29 10.68 -71.28
CA PRO G 119 34.35 10.69 -70.27
C PRO G 119 35.02 12.05 -70.15
N VAL G 120 35.13 12.76 -71.28
CA VAL G 120 35.75 14.08 -71.31
C VAL G 120 34.91 15.13 -70.60
N GLN G 121 33.68 14.82 -70.25
CA GLN G 121 32.79 15.81 -69.65
C GLN G 121 32.94 15.81 -68.14
N THR G 122 32.89 16.99 -67.55
CA THR G 122 33.02 17.19 -66.12
C THR G 122 31.71 17.73 -65.55
N VAL G 123 31.59 17.67 -64.22
CA VAL G 123 30.41 18.23 -63.57
C VAL G 123 30.36 19.73 -63.79
N GLU G 124 31.51 20.39 -63.83
CA GLU G 124 31.54 21.82 -64.11
C GLU G 124 31.01 22.12 -65.51
N SER G 125 31.39 21.30 -66.49
CA SER G 125 30.91 21.50 -67.85
C SER G 125 29.42 21.23 -67.97
N VAL G 126 28.91 20.27 -67.19
CA VAL G 126 27.49 19.96 -67.23
C VAL G 126 26.68 21.09 -66.65
N LEU G 127 27.08 21.60 -65.48
CA LEU G 127 26.35 22.67 -64.83
C LEU G 127 26.35 23.94 -65.66
N ILE G 128 27.50 24.27 -66.26
CA ILE G 128 27.58 25.44 -67.13
C ILE G 128 26.72 25.23 -68.37
N SER G 129 26.61 23.99 -68.85
CA SER G 129 25.72 23.70 -69.97
C SER G 129 24.24 23.85 -69.61
N ILE G 130 23.90 23.73 -68.33
CA ILE G 130 22.50 23.80 -67.92
C ILE G 130 22.00 25.24 -67.89
N VAL G 131 22.80 26.16 -67.34
CA VAL G 131 22.37 27.56 -67.28
C VAL G 131 22.27 28.16 -68.67
N SER G 132 23.00 27.63 -69.65
CA SER G 132 22.88 28.14 -71.01
C SER G 132 21.53 27.80 -71.62
N LEU G 133 20.97 26.63 -71.28
CA LEU G 133 19.63 26.30 -71.76
C LEU G 133 18.56 27.12 -71.06
N LEU G 134 18.82 27.53 -69.82
CA LEU G 134 17.84 28.31 -69.07
C LEU G 134 17.59 29.66 -69.73
N GLU G 135 18.64 30.25 -70.30
CA GLU G 135 18.52 31.56 -70.93
C GLU G 135 18.15 31.49 -72.40
N ASP G 136 18.52 30.41 -73.10
CA ASP G 136 18.23 30.28 -74.53
C ASP G 136 17.49 28.98 -74.82
N PRO G 137 16.16 28.98 -74.74
CA PRO G 137 15.38 27.77 -75.03
C PRO G 137 15.32 27.46 -76.52
N ASN G 138 16.30 26.72 -77.05
CA ASN G 138 16.30 26.40 -78.47
C ASN G 138 15.04 25.62 -78.87
N ILE G 139 14.32 26.16 -79.86
CA ILE G 139 13.03 25.62 -80.27
C ILE G 139 13.16 24.25 -80.95
N ASN G 140 14.37 23.86 -81.37
CA ASN G 140 14.53 22.60 -82.09
C ASN G 140 14.27 21.39 -81.19
N SER G 141 14.54 21.50 -79.89
CA SER G 141 14.35 20.40 -78.95
C SER G 141 13.30 20.79 -77.92
N PRO G 142 12.01 20.76 -78.29
CA PRO G 142 10.97 21.13 -77.34
C PRO G 142 10.48 19.95 -76.52
N LYS G 143 10.52 20.06 -75.20
CA LYS G 143 10.02 19.02 -74.31
C LYS G 143 8.63 19.33 -73.80
N ASN G 144 8.41 20.56 -73.31
CA ASN G 144 7.07 21.06 -73.03
C ASN G 144 6.64 21.87 -74.25
N VAL G 145 5.87 21.24 -75.13
CA VAL G 145 5.38 21.92 -76.33
C VAL G 145 4.51 23.11 -75.97
N ASP G 146 3.87 23.04 -74.79
CA ASP G 146 3.07 24.17 -74.31
C ASP G 146 3.97 25.37 -74.02
N ALA G 147 5.08 25.14 -73.30
CA ALA G 147 6.00 26.23 -73.01
C ALA G 147 6.73 26.69 -74.26
N ALA G 148 6.89 25.81 -75.24
CA ALA G 148 7.59 26.18 -76.47
C ALA G 148 6.76 27.15 -77.30
N VAL G 149 5.45 26.91 -77.42
CA VAL G 149 4.61 27.80 -78.21
C VAL G 149 4.45 29.15 -77.54
N ASP G 150 4.60 29.22 -76.21
CA ASP G 150 4.51 30.51 -75.53
C ASP G 150 5.79 31.33 -75.69
N TYR G 151 6.93 30.66 -75.88
CA TYR G 151 8.19 31.39 -76.02
C TYR G 151 8.26 32.17 -77.33
N ARG G 152 7.67 31.64 -78.40
CA ARG G 152 7.78 32.25 -79.72
C ARG G 152 6.54 33.02 -80.15
N LYS G 153 5.34 32.54 -79.80
CA LYS G 153 4.11 33.15 -80.28
C LYS G 153 3.55 34.18 -79.30
N ASN G 154 3.65 33.94 -78.00
CA ASN G 154 3.10 34.83 -76.97
C ASN G 154 4.23 35.28 -76.05
N PRO G 155 5.09 36.20 -76.52
CA PRO G 155 6.25 36.59 -75.69
C PRO G 155 5.86 37.27 -74.39
N GLU G 156 4.82 38.11 -74.40
CA GLU G 156 4.42 38.82 -73.18
C GLU G 156 3.96 37.85 -72.10
N GLN G 157 3.31 36.75 -72.48
CA GLN G 157 2.87 35.77 -71.50
C GLN G 157 4.03 34.98 -70.93
N TYR G 158 5.05 34.69 -71.77
CA TYR G 158 6.18 33.91 -71.30
C TYR G 158 6.95 34.63 -70.19
N LYS G 159 7.14 35.94 -70.34
CA LYS G 159 7.80 36.70 -69.28
C LYS G 159 6.98 36.69 -67.99
N GLN G 160 5.65 36.67 -68.12
CA GLN G 160 4.80 36.65 -66.93
C GLN G 160 4.86 35.30 -66.22
N ARG G 161 4.92 34.22 -66.98
CA ARG G 161 5.04 32.88 -66.37
C ARG G 161 6.40 32.67 -65.73
N VAL G 162 7.45 33.29 -66.26
CA VAL G 162 8.78 33.13 -65.70
C VAL G 162 8.91 33.91 -64.39
N LYS G 163 8.40 35.14 -64.35
CA LYS G 163 8.51 35.96 -63.16
C LYS G 163 7.85 35.30 -61.96
N MET G 164 6.70 34.65 -62.16
CA MET G 164 6.06 33.94 -61.07
C MET G 164 6.86 32.70 -60.68
N GLU G 165 7.57 32.09 -61.63
CA GLU G 165 8.41 30.93 -61.31
C GLU G 165 9.64 31.34 -60.51
N VAL G 166 10.17 32.54 -60.74
CA VAL G 166 11.36 32.98 -60.00
C VAL G 166 11.01 33.30 -58.56
N GLU G 167 9.84 33.88 -58.30
CA GLU G 167 9.48 34.24 -56.95
C GLU G 167 9.15 33.03 -56.10
N ARG G 168 8.42 32.06 -56.66
CA ARG G 168 8.13 30.83 -55.93
C ARG G 168 9.37 29.96 -55.76
N SER G 169 10.42 30.18 -56.55
CA SER G 169 11.66 29.44 -56.38
C SER G 169 12.51 29.99 -55.24
N LYS G 170 12.34 31.26 -54.89
CA LYS G 170 13.10 31.88 -53.81
C LYS G 170 12.74 31.33 -52.43
N GLN G 171 11.65 30.56 -52.31
CA GLN G 171 11.30 29.99 -51.01
C GLN G 171 12.24 28.87 -50.59
N ASP G 172 12.90 28.20 -51.53
CA ASP G 172 13.81 27.11 -51.18
C ASP G 172 15.26 27.59 -51.11
N ILE G 173 15.49 28.71 -50.40
CA ILE G 173 16.83 29.23 -50.20
C ILE G 173 17.30 28.83 -48.79
N PRO G 174 18.58 28.53 -48.59
CA PRO G 174 19.05 28.22 -47.24
C PRO G 174 19.13 29.44 -46.35
N LYS G 175 19.78 29.29 -45.19
CA LYS G 175 19.84 30.33 -44.18
C LYS G 175 21.25 30.91 -44.16
N GLY G 176 21.35 32.23 -44.21
CA GLY G 176 22.64 32.89 -44.19
C GLY G 176 23.31 33.02 -45.55
N PHE G 177 22.76 32.40 -46.58
CA PHE G 177 23.38 32.41 -47.90
C PHE G 177 23.23 33.76 -48.58
N ILE G 178 24.28 34.21 -49.25
CA ILE G 178 24.28 35.44 -50.04
C ILE G 178 24.42 35.09 -51.51
N MET G 179 23.67 35.81 -52.36
CA MET G 179 23.71 35.62 -53.80
C MET G 179 24.61 36.67 -54.42
N PRO G 180 25.64 36.28 -55.17
CA PRO G 180 26.58 37.26 -55.72
C PRO G 180 26.00 37.97 -56.94
N THR G 181 26.80 38.87 -57.51
CA THR G 181 26.38 39.72 -58.63
C THR G 181 25.95 38.91 -59.84
N GLY H 5 -82.13 35.64 -13.41
CA GLY H 5 -81.10 36.62 -13.19
C GLY H 5 -81.27 37.41 -11.90
N GLU H 6 -81.26 36.70 -10.77
CA GLU H 6 -81.42 37.31 -9.46
C GLU H 6 -80.16 37.08 -8.63
N ILE H 7 -79.85 38.06 -7.79
CA ILE H 7 -78.72 38.00 -6.87
C ILE H 7 -79.25 38.22 -5.47
N ASP H 8 -78.89 37.33 -4.55
CA ASP H 8 -79.34 37.42 -3.16
C ASP H 8 -78.61 38.59 -2.50
N GLU H 9 -79.27 39.74 -2.45
CA GLU H 9 -78.67 40.93 -1.84
C GLU H 9 -78.68 40.90 -0.32
N SER H 10 -79.28 39.87 0.28
CA SER H 10 -79.17 39.70 1.72
C SER H 10 -77.90 38.95 2.09
N LEU H 11 -77.46 38.04 1.22
CA LEU H 11 -76.22 37.29 1.41
C LEU H 11 -75.03 37.96 0.76
N TYR H 12 -75.19 38.46 -0.47
CA TYR H 12 -74.12 39.14 -1.20
C TYR H 12 -74.21 40.66 -1.07
N SER H 13 -74.66 41.17 0.07
CA SER H 13 -74.85 42.61 0.21
C SER H 13 -73.53 43.37 0.09
N ARG H 14 -72.56 43.05 0.96
CA ARG H 14 -71.28 43.75 0.95
C ARG H 14 -70.43 43.39 -0.26
N GLN H 15 -70.63 42.22 -0.86
CA GLN H 15 -69.84 41.83 -2.02
C GLN H 15 -70.35 42.46 -3.31
N LEU H 16 -71.67 42.69 -3.41
CA LEU H 16 -72.22 43.29 -4.62
C LEU H 16 -71.63 44.68 -4.88
N TYR H 17 -71.30 45.41 -3.81
CA TYR H 17 -70.70 46.72 -3.96
C TYR H 17 -69.26 46.66 -4.49
N VAL H 18 -68.67 45.48 -4.54
CA VAL H 18 -67.32 45.29 -5.07
C VAL H 18 -67.35 44.84 -6.52
N LEU H 19 -68.13 43.81 -6.83
CA LEU H 19 -68.13 43.21 -8.16
C LEU H 19 -69.21 43.80 -9.07
N GLY H 20 -70.28 44.33 -8.50
CA GLY H 20 -71.37 44.88 -9.28
C GLY H 20 -72.33 43.81 -9.76
N LYS H 21 -73.50 44.26 -10.21
CA LYS H 21 -74.54 43.32 -10.61
C LYS H 21 -74.20 42.64 -11.93
N GLU H 22 -73.66 43.40 -12.90
CA GLU H 22 -73.39 42.83 -14.22
C GLU H 22 -72.32 41.74 -14.15
N ALA H 23 -71.24 42.01 -13.41
CA ALA H 23 -70.15 41.04 -13.32
C ALA H 23 -70.55 39.81 -12.51
N MET H 24 -71.34 39.99 -11.44
CA MET H 24 -71.74 38.86 -10.62
C MET H 24 -72.69 37.91 -11.35
N LEU H 25 -73.41 38.39 -12.35
CA LEU H 25 -74.29 37.51 -13.12
C LEU H 25 -73.50 36.62 -14.08
N LYS H 26 -72.37 37.12 -14.60
CA LYS H 26 -71.52 36.27 -15.42
C LYS H 26 -70.81 35.21 -14.57
N MET H 27 -70.49 35.54 -13.32
CA MET H 27 -69.86 34.55 -12.44
C MET H 27 -70.81 33.40 -12.13
N GLN H 28 -72.10 33.68 -12.00
CA GLN H 28 -73.09 32.66 -11.70
C GLN H 28 -73.39 31.77 -12.90
N THR H 29 -72.65 31.90 -14.01
CA THR H 29 -72.80 31.03 -15.17
C THR H 29 -71.48 30.38 -15.56
N SER H 30 -70.51 30.37 -14.66
CA SER H 30 -69.18 29.83 -14.91
C SER H 30 -68.89 28.70 -13.93
N ASN H 31 -68.45 27.57 -14.47
CA ASN H 31 -68.08 26.41 -13.67
C ASN H 31 -66.56 26.38 -13.51
N VAL H 32 -66.11 26.26 -12.26
CA VAL H 32 -64.70 26.34 -11.91
C VAL H 32 -64.22 24.94 -11.51
N LEU H 33 -63.05 24.56 -12.04
CA LEU H 33 -62.40 23.31 -11.68
C LEU H 33 -61.08 23.59 -10.99
N ILE H 34 -60.87 22.99 -9.82
CA ILE H 34 -59.67 23.18 -9.03
C ILE H 34 -58.95 21.84 -8.90
N LEU H 35 -57.70 21.80 -9.34
CA LEU H 35 -56.89 20.59 -9.34
C LEU H 35 -55.95 20.62 -8.13
N GLY H 36 -56.06 19.62 -7.27
CA GLY H 36 -55.25 19.56 -6.08
C GLY H 36 -55.90 20.29 -4.92
N LEU H 37 -56.09 19.59 -3.80
CA LEU H 37 -56.79 20.15 -2.65
C LEU H 37 -55.88 20.17 -1.42
N LYS H 38 -54.65 20.62 -1.60
CA LYS H 38 -53.75 20.89 -0.48
C LYS H 38 -54.13 22.25 0.11
N GLY H 39 -53.27 22.79 0.96
CA GLY H 39 -53.58 24.08 1.58
C GLY H 39 -53.86 25.16 0.55
N LEU H 40 -53.06 25.21 -0.51
CA LEU H 40 -53.28 26.23 -1.53
C LEU H 40 -54.57 25.98 -2.29
N GLY H 41 -54.94 24.71 -2.49
CA GLY H 41 -56.16 24.41 -3.22
C GLY H 41 -57.42 24.74 -2.45
N VAL H 42 -57.48 24.35 -1.17
CA VAL H 42 -58.68 24.60 -0.39
C VAL H 42 -58.87 26.07 -0.06
N GLU H 43 -57.79 26.87 -0.06
CA GLU H 43 -57.95 28.30 0.17
C GLU H 43 -58.61 28.97 -1.02
N ILE H 44 -58.22 28.56 -2.24
CA ILE H 44 -58.85 29.11 -3.44
C ILE H 44 -60.30 28.66 -3.53
N ALA H 45 -60.57 27.40 -3.19
CA ALA H 45 -61.93 26.88 -3.27
C ALA H 45 -62.85 27.58 -2.29
N LYS H 46 -62.37 27.87 -1.08
CA LYS H 46 -63.20 28.56 -0.09
C LYS H 46 -63.57 29.95 -0.58
N ASN H 47 -62.60 30.70 -1.08
CA ASN H 47 -62.86 32.07 -1.50
C ASN H 47 -63.72 32.13 -2.75
N VAL H 48 -63.57 31.16 -3.65
CA VAL H 48 -64.35 31.15 -4.88
C VAL H 48 -65.79 30.72 -4.61
N VAL H 49 -65.97 29.70 -3.78
CA VAL H 49 -67.31 29.26 -3.41
C VAL H 49 -68.05 30.35 -2.67
N LEU H 50 -67.36 31.05 -1.76
CA LEU H 50 -67.98 32.16 -1.07
C LEU H 50 -68.36 33.27 -2.04
N ALA H 51 -67.60 33.42 -3.14
CA ALA H 51 -67.89 34.48 -4.10
C ALA H 51 -69.14 34.19 -4.92
N GLY H 52 -69.62 32.94 -4.93
CA GLY H 52 -70.83 32.61 -5.65
C GLY H 52 -70.66 32.35 -7.12
N VAL H 53 -69.87 31.33 -7.48
CA VAL H 53 -69.77 30.87 -8.86
C VAL H 53 -70.90 29.89 -9.14
N LYS H 54 -71.12 29.58 -10.41
CA LYS H 54 -72.21 28.67 -10.78
C LYS H 54 -72.01 27.30 -10.15
N SER H 55 -70.84 26.70 -10.34
CA SER H 55 -70.56 25.39 -9.76
C SER H 55 -69.07 25.28 -9.48
N MET H 56 -68.73 24.48 -8.48
CA MET H 56 -67.36 24.25 -8.07
C MET H 56 -67.05 22.76 -8.17
N THR H 57 -65.98 22.42 -8.84
CA THR H 57 -65.54 21.03 -8.99
C THR H 57 -64.09 20.92 -8.56
N VAL H 58 -63.81 19.95 -7.70
CA VAL H 58 -62.46 19.74 -7.19
C VAL H 58 -61.99 18.36 -7.64
N PHE H 59 -60.66 18.21 -7.75
CA PHE H 59 -60.06 16.95 -8.18
C PHE H 59 -58.76 16.76 -7.42
N ASP H 60 -58.74 15.79 -6.51
CA ASP H 60 -57.53 15.41 -5.78
C ASP H 60 -57.69 13.99 -5.25
N PRO H 61 -57.31 12.97 -6.01
CA PRO H 61 -57.46 11.58 -5.56
C PRO H 61 -56.39 11.11 -4.58
N GLU H 62 -55.55 12.02 -4.09
CA GLU H 62 -54.46 11.66 -3.20
C GLU H 62 -55.00 11.41 -1.79
N PRO H 63 -54.43 10.45 -1.07
CA PRO H 63 -54.89 10.19 0.31
C PRO H 63 -54.44 11.29 1.26
N VAL H 64 -55.27 11.54 2.27
CA VAL H 64 -54.95 12.57 3.25
C VAL H 64 -53.82 12.05 4.13
N GLN H 65 -52.74 12.82 4.23
CA GLN H 65 -51.62 12.53 5.10
C GLN H 65 -51.56 13.52 6.25
N LEU H 66 -50.91 13.13 7.34
CA LEU H 66 -50.83 14.00 8.51
C LEU H 66 -50.13 15.31 8.19
N ALA H 67 -49.13 15.27 7.30
CA ALA H 67 -48.40 16.48 6.94
C ALA H 67 -49.27 17.46 6.16
N ASP H 68 -50.38 17.00 5.57
CA ASP H 68 -51.24 17.89 4.82
C ASP H 68 -51.98 18.88 5.71
N LEU H 69 -52.14 18.58 6.99
CA LEU H 69 -52.87 19.47 7.90
C LEU H 69 -52.12 20.75 8.23
N SER H 70 -50.97 21.01 7.60
CA SER H 70 -50.23 22.22 7.91
C SER H 70 -50.97 23.46 7.43
N THR H 71 -51.55 23.40 6.23
CA THR H 71 -52.27 24.54 5.67
C THR H 71 -53.72 24.25 5.33
N GLN H 72 -54.10 22.98 5.18
CA GLN H 72 -55.47 22.61 4.84
C GLN H 72 -56.31 22.59 6.11
N PHE H 73 -57.29 23.49 6.20
CA PHE H 73 -58.09 23.63 7.40
C PHE H 73 -59.30 22.71 7.42
N PHE H 74 -59.64 22.08 6.30
CA PHE H 74 -60.79 21.19 6.23
C PHE H 74 -60.40 19.73 6.43
N LEU H 75 -59.15 19.45 6.80
CA LEU H 75 -58.69 18.10 7.06
C LEU H 75 -58.48 17.91 8.55
N THR H 76 -58.86 16.74 9.05
CA THR H 76 -58.61 16.39 10.44
C THR H 76 -57.85 15.07 10.48
N GLU H 77 -57.33 14.76 11.67
CA GLU H 77 -56.55 13.53 11.83
C GLU H 77 -57.39 12.28 11.58
N LYS H 78 -58.71 12.36 11.79
CA LYS H 78 -59.55 11.20 11.52
C LYS H 78 -59.71 10.96 10.02
N ASP H 79 -59.48 11.98 9.20
CA ASP H 79 -59.62 11.86 7.75
C ASP H 79 -58.36 11.32 7.08
N ILE H 80 -57.35 10.95 7.87
CA ILE H 80 -56.11 10.45 7.30
C ILE H 80 -56.36 9.10 6.66
N GLY H 81 -55.93 8.95 5.41
CA GLY H 81 -56.12 7.71 4.69
C GLY H 81 -57.10 7.81 3.53
N GLN H 82 -58.14 8.62 3.70
CA GLN H 82 -59.14 8.83 2.66
C GLN H 82 -58.67 9.89 1.67
N LYS H 83 -59.36 9.98 0.54
CA LYS H 83 -58.97 10.92 -0.50
C LYS H 83 -59.21 12.35 -0.07
N ARG H 84 -58.31 13.24 -0.47
CA ARG H 84 -58.43 14.65 -0.10
C ARG H 84 -59.68 15.28 -0.68
N GLY H 85 -60.03 14.93 -1.92
CA GLY H 85 -61.16 15.58 -2.57
C GLY H 85 -62.49 15.22 -1.92
N ASP H 86 -62.65 13.95 -1.53
CA ASP H 86 -63.95 13.53 -0.99
C ASP H 86 -64.20 14.12 0.39
N VAL H 87 -63.18 14.15 1.25
CA VAL H 87 -63.36 14.65 2.62
C VAL H 87 -63.47 16.18 2.65
N THR H 88 -63.06 16.85 1.58
CA THR H 88 -63.13 18.30 1.51
C THR H 88 -64.42 18.78 0.87
N ARG H 89 -64.97 18.01 -0.07
CA ARG H 89 -66.18 18.41 -0.76
C ARG H 89 -67.31 18.67 0.23
N ALA H 90 -67.39 17.85 1.29
CA ALA H 90 -68.46 18.02 2.26
C ALA H 90 -68.38 19.39 2.94
N LYS H 91 -67.19 19.77 3.40
CA LYS H 91 -67.02 21.02 4.11
C LYS H 91 -66.99 22.24 3.18
N LEU H 92 -66.70 22.04 1.89
CA LEU H 92 -66.71 23.16 0.96
C LEU H 92 -68.13 23.58 0.59
N ALA H 93 -69.04 22.63 0.41
CA ALA H 93 -70.41 22.96 0.04
C ALA H 93 -71.15 23.68 1.16
N GLU H 94 -70.68 23.56 2.41
CA GLU H 94 -71.35 24.23 3.51
C GLU H 94 -71.16 25.74 3.48
N LEU H 95 -70.18 26.23 2.72
CA LEU H 95 -69.89 27.66 2.74
C LEU H 95 -70.95 28.45 1.99
N ASN H 96 -71.55 27.85 0.96
CA ASN H 96 -72.53 28.55 0.14
C ASN H 96 -73.52 27.51 -0.36
N ALA H 97 -74.77 27.61 0.09
CA ALA H 97 -75.79 26.67 -0.37
C ALA H 97 -76.12 26.86 -1.85
N TYR H 98 -75.84 28.05 -2.39
CA TYR H 98 -76.13 28.33 -3.79
C TYR H 98 -75.09 27.77 -4.74
N VAL H 99 -73.94 27.34 -4.23
CA VAL H 99 -72.85 26.83 -5.06
C VAL H 99 -72.70 25.34 -4.79
N PRO H 100 -73.06 24.46 -5.74
CA PRO H 100 -72.84 23.03 -5.54
C PRO H 100 -71.39 22.66 -5.76
N VAL H 101 -70.87 21.82 -4.87
CA VAL H 101 -69.49 21.38 -4.92
C VAL H 101 -69.48 19.89 -5.26
N ASN H 102 -68.86 19.54 -6.38
CA ASN H 102 -68.74 18.17 -6.84
C ASN H 102 -67.27 17.76 -6.86
N VAL H 103 -67.04 16.47 -7.05
CA VAL H 103 -65.69 15.89 -7.07
C VAL H 103 -65.49 15.21 -8.42
N LEU H 104 -64.44 15.61 -9.13
CA LEU H 104 -64.03 14.91 -10.34
C LEU H 104 -63.26 13.66 -9.96
N ASP H 105 -63.72 12.50 -10.41
CA ASP H 105 -63.16 11.23 -9.97
C ASP H 105 -61.83 10.92 -10.64
N SER H 106 -61.77 11.05 -11.96
CA SER H 106 -60.56 10.72 -12.70
C SER H 106 -60.35 11.73 -13.82
N LEU H 107 -59.15 12.28 -13.90
CA LEU H 107 -58.74 13.21 -14.96
C LEU H 107 -57.88 12.51 -16.01
N ASP H 108 -58.25 11.29 -16.41
CA ASP H 108 -57.44 10.57 -17.39
C ASP H 108 -57.64 11.08 -18.80
N ASP H 109 -58.84 11.54 -19.14
CA ASP H 109 -59.12 12.12 -20.45
C ASP H 109 -59.24 13.64 -20.29
N VAL H 110 -58.36 14.37 -20.99
CA VAL H 110 -58.32 15.81 -20.86
C VAL H 110 -59.54 16.48 -21.46
N THR H 111 -60.31 15.76 -22.29
CA THR H 111 -61.51 16.32 -22.89
C THR H 111 -62.57 16.67 -21.86
N GLN H 112 -62.44 16.19 -20.62
CA GLN H 112 -63.40 16.55 -19.58
C GLN H 112 -63.29 18.01 -19.17
N LEU H 113 -62.20 18.69 -19.54
CA LEU H 113 -62.05 20.10 -19.20
C LEU H 113 -63.02 20.99 -19.97
N SER H 114 -63.65 20.48 -21.04
CA SER H 114 -64.52 21.32 -21.86
C SER H 114 -65.76 21.80 -21.12
N GLN H 115 -66.20 21.07 -20.08
CA GLN H 115 -67.37 21.46 -19.32
C GLN H 115 -67.08 22.50 -18.25
N PHE H 116 -65.86 23.05 -18.24
CA PHE H 116 -65.46 24.07 -17.28
C PHE H 116 -65.08 25.35 -18.01
N GLN H 117 -65.11 26.45 -17.28
CA GLN H 117 -64.71 27.74 -17.83
C GLN H 117 -63.37 28.22 -17.29
N VAL H 118 -63.04 27.88 -16.05
CA VAL H 118 -61.78 28.25 -15.43
C VAL H 118 -61.18 26.99 -14.82
N VAL H 119 -59.95 26.67 -15.18
CA VAL H 119 -59.23 25.52 -14.63
C VAL H 119 -58.07 26.04 -13.80
N VAL H 120 -58.00 25.61 -12.55
CA VAL H 120 -56.97 26.04 -11.61
C VAL H 120 -56.11 24.83 -11.25
N ALA H 121 -54.81 24.94 -11.50
CA ALA H 121 -53.86 23.87 -11.19
C ALA H 121 -52.93 24.36 -10.07
N THR H 122 -53.03 23.72 -8.92
CA THR H 122 -52.24 24.09 -7.76
C THR H 122 -50.93 23.31 -7.74
N ASP H 123 -50.22 23.37 -6.62
CA ASP H 123 -48.88 22.77 -6.52
C ASP H 123 -48.89 21.26 -6.67
N THR H 124 -50.05 20.61 -6.53
CA THR H 124 -50.12 19.16 -6.65
C THR H 124 -50.07 18.67 -8.08
N VAL H 125 -49.99 19.57 -9.06
CA VAL H 125 -49.92 19.23 -10.48
C VAL H 125 -48.49 19.42 -10.95
N SER H 126 -47.94 18.40 -11.58
CA SER H 126 -46.58 18.49 -12.09
C SER H 126 -46.49 19.49 -13.24
N LEU H 127 -45.29 20.02 -13.44
CA LEU H 127 -45.09 21.00 -14.50
C LEU H 127 -45.35 20.40 -15.87
N GLU H 128 -45.03 19.11 -16.04
CA GLU H 128 -45.34 18.45 -17.31
C GLU H 128 -46.85 18.38 -17.53
N ASP H 129 -47.61 18.12 -16.46
CA ASP H 129 -49.07 18.08 -16.57
C ASP H 129 -49.67 19.48 -16.66
N LYS H 130 -49.02 20.48 -16.05
CA LYS H 130 -49.50 21.85 -16.17
C LYS H 130 -49.40 22.35 -17.60
N VAL H 131 -48.35 21.93 -18.33
CA VAL H 131 -48.21 22.36 -19.72
C VAL H 131 -49.20 21.61 -20.60
N LYS H 132 -49.42 20.32 -20.33
CA LYS H 132 -50.40 19.56 -21.10
C LYS H 132 -51.80 20.12 -20.91
N ILE H 133 -52.15 20.51 -19.68
CA ILE H 133 -53.49 21.00 -19.40
C ILE H 133 -53.68 22.41 -19.98
N ASN H 134 -52.68 23.28 -19.80
CA ASN H 134 -52.79 24.65 -20.31
C ASN H 134 -52.90 24.65 -21.83
N GLU H 135 -52.16 23.75 -22.50
CA GLU H 135 -52.22 23.70 -23.95
C GLU H 135 -53.61 23.32 -24.44
N PHE H 136 -54.30 22.45 -23.71
CA PHE H 136 -55.67 22.11 -24.08
C PHE H 136 -56.65 23.23 -23.73
N CYS H 137 -56.37 23.98 -22.66
CA CYS H 137 -57.26 25.09 -22.29
C CYS H 137 -57.06 26.29 -23.22
N HIS H 138 -55.81 26.60 -23.56
CA HIS H 138 -55.57 27.76 -24.42
C HIS H 138 -56.15 27.53 -25.81
N SER H 139 -56.08 26.30 -26.32
CA SER H 139 -56.59 25.97 -27.64
C SER H 139 -58.10 25.71 -27.64
N SER H 140 -58.75 25.72 -26.48
CA SER H 140 -60.19 25.50 -26.38
C SER H 140 -60.93 26.69 -25.79
N GLY H 141 -60.26 27.82 -25.60
CA GLY H 141 -60.88 28.99 -25.01
C GLY H 141 -61.12 28.90 -23.52
N ILE H 142 -60.52 27.94 -22.84
CA ILE H 142 -60.69 27.76 -21.40
C ILE H 142 -59.66 28.62 -20.68
N ARG H 143 -60.10 29.27 -19.60
CA ARG H 143 -59.20 30.10 -18.81
C ARG H 143 -58.37 29.20 -17.90
N PHE H 144 -57.05 29.38 -17.94
CA PHE H 144 -56.12 28.58 -17.16
C PHE H 144 -55.43 29.44 -16.12
N ILE H 145 -55.38 28.96 -14.89
CA ILE H 145 -54.67 29.64 -13.81
C ILE H 145 -53.87 28.60 -13.02
N SER H 146 -52.59 28.87 -12.81
CA SER H 146 -51.72 27.97 -12.06
C SER H 146 -51.12 28.70 -10.88
N SER H 147 -50.71 27.93 -9.88
CA SER H 147 -50.11 28.50 -8.67
C SER H 147 -49.45 27.39 -7.87
N GLU H 148 -48.35 27.73 -7.21
CA GLU H 148 -47.65 26.82 -6.32
C GLU H 148 -46.89 27.61 -5.26
N THR H 149 -46.78 27.05 -4.07
CA THR H 149 -46.07 27.67 -2.96
C THR H 149 -45.02 26.70 -2.43
N ARG H 150 -43.79 27.17 -2.34
CA ARG H 150 -42.66 26.39 -1.81
C ARG H 150 -42.13 27.12 -0.60
N GLY H 151 -42.59 26.72 0.59
CA GLY H 151 -42.11 27.37 1.81
C GLY H 151 -42.52 28.83 1.84
N LEU H 152 -41.53 29.69 2.02
CA LEU H 152 -41.75 31.14 2.02
C LEU H 152 -41.72 31.72 0.61
N PHE H 153 -41.73 30.87 -0.40
CA PHE H 153 -41.78 31.31 -1.79
C PHE H 153 -43.14 30.98 -2.38
N GLY H 154 -43.37 31.43 -3.60
CA GLY H 154 -44.61 31.17 -4.28
C GLY H 154 -44.79 31.97 -5.55
N ASN H 155 -45.65 31.48 -6.46
CA ASN H 155 -45.92 32.18 -7.69
C ASN H 155 -47.33 31.83 -8.16
N THR H 156 -47.75 32.48 -9.24
CA THR H 156 -49.04 32.20 -9.84
C THR H 156 -48.96 32.57 -11.32
N PHE H 157 -49.68 31.81 -12.14
CA PHE H 157 -49.69 31.98 -13.58
C PHE H 157 -51.12 32.18 -14.04
N VAL H 158 -51.32 33.11 -14.97
CA VAL H 158 -52.65 33.44 -15.47
C VAL H 158 -52.62 33.42 -16.99
N ASP H 159 -53.48 32.58 -17.57
CA ASP H 159 -53.63 32.49 -19.02
C ASP H 159 -55.13 32.47 -19.32
N LEU H 160 -55.66 33.61 -19.75
CA LEU H 160 -57.09 33.79 -19.97
C LEU H 160 -57.46 33.68 -21.45
N GLY H 161 -56.65 32.97 -22.23
CA GLY H 161 -56.93 32.77 -23.64
C GLY H 161 -56.40 33.88 -24.52
N ASP H 162 -56.53 33.66 -25.82
CA ASP H 162 -56.04 34.61 -26.81
C ASP H 162 -56.96 35.82 -27.00
N GLU H 163 -58.18 35.78 -26.47
CA GLU H 163 -59.14 36.86 -26.59
C GLU H 163 -59.77 37.14 -25.24
N PHE H 164 -59.38 38.25 -24.61
CA PHE H 164 -59.96 38.67 -23.34
C PHE H 164 -60.15 40.18 -23.36
N THR H 165 -61.34 40.63 -23.01
CA THR H 165 -61.70 42.05 -23.01
C THR H 165 -61.87 42.53 -21.58
N VAL H 166 -61.17 43.61 -21.24
CA VAL H 166 -61.26 44.20 -19.90
C VAL H 166 -62.31 45.31 -19.98
N LEU H 167 -63.51 45.00 -19.48
CA LEU H 167 -64.59 45.99 -19.51
C LEU H 167 -64.35 47.10 -18.50
N ASP H 168 -64.01 46.74 -17.27
CA ASP H 168 -63.71 47.70 -16.22
C ASP H 168 -62.26 47.53 -15.79
N PRO H 169 -61.43 48.54 -15.93
CA PRO H 169 -60.01 48.35 -15.61
C PRO H 169 -59.70 48.46 -14.13
N THR H 170 -60.46 49.26 -13.39
CA THR H 170 -60.13 49.55 -12.00
C THR H 170 -61.21 49.19 -10.99
N GLY H 171 -62.47 49.16 -11.40
CA GLY H 171 -63.56 48.93 -10.46
C GLY H 171 -63.89 50.10 -9.57
N GLU H 172 -63.24 51.24 -9.76
CA GLU H 172 -63.53 52.43 -8.98
C GLU H 172 -64.82 53.10 -9.49
N GLU H 173 -65.25 54.11 -8.76
CA GLU H 173 -66.38 54.91 -9.23
C GLU H 173 -65.92 55.85 -10.35
N PRO H 174 -66.70 55.99 -11.41
CA PRO H 174 -66.32 56.90 -12.51
C PRO H 174 -66.17 58.32 -12.00
N ARG H 175 -65.00 58.90 -12.24
CA ARG H 175 -64.72 60.26 -11.76
C ARG H 175 -65.58 61.28 -12.49
N THR H 176 -66.17 62.20 -11.73
CA THR H 176 -67.06 63.20 -12.29
C THR H 176 -66.79 64.54 -11.59
N GLY H 177 -67.19 65.62 -12.24
CA GLY H 177 -67.00 66.95 -11.68
C GLY H 177 -67.66 67.99 -12.56
N MET H 178 -67.66 69.22 -12.06
CA MET H 178 -68.28 70.34 -12.75
C MET H 178 -67.22 71.15 -13.49
N VAL H 179 -67.62 71.74 -14.60
CA VAL H 179 -66.71 72.50 -15.47
C VAL H 179 -66.99 73.99 -15.30
N SER H 180 -65.93 74.79 -15.28
CA SER H 180 -66.05 76.24 -15.18
C SER H 180 -65.63 76.97 -16.46
N ASP H 181 -64.76 76.39 -17.28
CA ASP H 181 -64.31 77.04 -18.49
C ASP H 181 -63.74 76.00 -19.44
N ILE H 182 -64.07 76.11 -20.72
CA ILE H 182 -63.51 75.27 -21.77
C ILE H 182 -62.89 76.21 -22.80
N GLU H 183 -61.57 76.28 -22.83
CA GLU H 183 -60.88 77.13 -23.77
C GLU H 183 -60.97 76.55 -25.18
N PRO H 184 -60.82 77.39 -26.21
CA PRO H 184 -60.94 76.88 -27.59
C PRO H 184 -59.93 75.79 -27.92
N ASP H 185 -58.78 75.76 -27.24
CA ASP H 185 -57.80 74.70 -27.48
C ASP H 185 -58.17 73.39 -26.79
N GLY H 186 -59.18 73.41 -25.91
CA GLY H 186 -59.64 72.20 -25.24
C GLY H 186 -59.29 72.10 -23.78
N THR H 187 -58.63 73.10 -23.20
CA THR H 187 -58.23 73.07 -21.79
C THR H 187 -59.48 73.18 -20.92
N VAL H 188 -59.94 72.06 -20.40
CA VAL H 188 -61.13 72.03 -19.54
C VAL H 188 -60.70 72.37 -18.12
N THR H 189 -61.08 73.55 -17.64
CA THR H 189 -60.74 74.01 -16.30
C THR H 189 -61.89 73.70 -15.37
N MET H 190 -61.58 73.15 -14.19
CA MET H 190 -62.64 72.70 -13.30
C MET H 190 -63.23 73.87 -12.51
N LEU H 191 -64.33 73.59 -11.81
CA LEU H 191 -65.00 74.57 -10.97
C LEU H 191 -64.71 74.36 -9.49
N ASP H 192 -65.02 73.18 -8.97
CA ASP H 192 -64.99 72.94 -7.54
C ASP H 192 -63.57 72.83 -7.01
N ASP H 193 -63.44 72.92 -5.69
CA ASP H 193 -62.16 72.79 -5.01
C ASP H 193 -61.83 71.31 -4.78
N ASN H 194 -62.03 70.49 -5.81
CA ASN H 194 -61.73 69.08 -5.79
C ASN H 194 -60.90 68.72 -7.02
N ARG H 195 -59.94 67.81 -6.83
CA ARG H 195 -59.12 67.35 -7.94
C ARG H 195 -59.87 66.27 -8.72
N HIS H 196 -59.85 66.39 -10.05
CA HIS H 196 -60.62 65.47 -10.89
C HIS H 196 -60.15 64.03 -10.74
N GLY H 197 -58.87 63.82 -10.45
CA GLY H 197 -58.36 62.47 -10.31
C GLY H 197 -58.11 61.73 -11.60
N LEU H 198 -58.37 62.34 -12.75
CA LEU H 198 -58.14 61.65 -14.01
C LEU H 198 -56.64 61.56 -14.30
N GLU H 199 -56.28 60.56 -15.09
CA GLU H 199 -54.91 60.37 -15.55
C GLU H 199 -54.90 60.28 -17.07
N ASP H 200 -53.70 60.37 -17.65
CA ASP H 200 -53.56 60.35 -19.10
C ASP H 200 -54.08 59.03 -19.67
N GLY H 201 -54.75 59.12 -20.82
CA GLY H 201 -55.34 57.96 -21.46
C GLY H 201 -56.79 57.70 -21.11
N ASN H 202 -57.36 58.45 -20.17
CA ASN H 202 -58.76 58.28 -19.80
C ASN H 202 -59.67 58.88 -20.87
N PHE H 203 -60.96 58.61 -20.73
CA PHE H 203 -61.98 59.12 -21.63
C PHE H 203 -63.15 59.64 -20.81
N VAL H 204 -63.73 60.76 -21.25
CA VAL H 204 -64.80 61.41 -20.51
C VAL H 204 -65.88 61.86 -21.50
N ARG H 205 -67.13 61.76 -21.06
CA ARG H 205 -68.25 62.37 -21.78
C ARG H 205 -68.67 63.64 -21.04
N PHE H 206 -69.52 64.43 -21.70
CA PHE H 206 -69.88 65.75 -21.19
C PHE H 206 -71.39 65.89 -21.16
N SER H 207 -71.85 66.80 -20.30
CA SER H 207 -73.28 67.09 -20.15
C SER H 207 -73.45 68.54 -19.68
N GLU H 208 -74.53 69.17 -20.14
CA GLU H 208 -74.92 70.52 -19.70
C GLU H 208 -73.88 71.58 -20.08
N VAL H 209 -73.26 71.45 -21.24
CA VAL H 209 -72.34 72.45 -21.74
C VAL H 209 -73.09 73.34 -22.72
N GLU H 210 -73.30 74.59 -22.32
CA GLU H 210 -74.11 75.57 -23.05
C GLU H 210 -73.25 76.32 -24.06
N GLY H 211 -73.21 75.84 -25.30
CA GLY H 211 -72.57 76.60 -26.35
C GLY H 211 -71.87 75.78 -27.42
N LEU H 212 -71.46 74.57 -27.07
CA LEU H 212 -71.00 73.56 -28.03
C LEU H 212 -71.79 72.28 -27.78
N ASP H 213 -73.00 72.26 -28.35
CA ASP H 213 -73.97 71.20 -28.09
C ASP H 213 -73.50 69.84 -28.57
N LYS H 214 -72.71 69.79 -29.64
CA LYS H 214 -72.25 68.50 -30.14
C LYS H 214 -71.22 67.84 -29.24
N LEU H 215 -70.79 68.50 -28.16
CA LEU H 215 -69.94 67.85 -27.16
C LEU H 215 -70.75 67.02 -26.19
N ASN H 216 -72.06 67.26 -26.11
CA ASN H 216 -72.94 66.62 -25.14
C ASN H 216 -73.64 65.39 -25.67
N ASP H 217 -73.48 65.06 -26.95
CA ASP H 217 -74.21 63.94 -27.53
C ASP H 217 -73.72 62.59 -27.02
N GLY H 218 -72.62 62.53 -26.28
CA GLY H 218 -72.09 61.30 -25.75
C GLY H 218 -70.76 60.89 -26.34
N THR H 219 -70.19 61.68 -27.24
CA THR H 219 -68.88 61.35 -27.81
C THR H 219 -67.81 61.38 -26.72
N LEU H 220 -66.90 60.42 -26.76
CA LEU H 220 -65.84 60.35 -25.78
C LEU H 220 -64.61 61.11 -26.28
N PHE H 221 -63.85 61.66 -25.33
CA PHE H 221 -62.67 62.46 -25.65
C PHE H 221 -61.51 62.02 -24.77
N LYS H 222 -60.32 61.97 -25.37
CA LYS H 222 -59.12 61.55 -24.66
C LYS H 222 -58.62 62.66 -23.76
N VAL H 223 -58.25 62.29 -22.53
CA VAL H 223 -57.86 63.26 -21.50
C VAL H 223 -56.35 63.45 -21.55
N GLU H 224 -55.93 64.70 -21.69
CA GLU H 224 -54.52 65.10 -21.61
C GLU H 224 -54.37 65.96 -20.36
N VAL H 225 -53.85 65.36 -19.29
CA VAL H 225 -53.79 66.05 -18.00
C VAL H 225 -52.71 67.12 -18.04
N LEU H 226 -53.12 68.37 -17.81
CA LEU H 226 -52.18 69.47 -17.66
C LEU H 226 -51.82 69.69 -16.20
N GLY H 227 -52.79 69.58 -15.30
CA GLY H 227 -52.56 69.69 -13.88
C GLY H 227 -53.68 69.04 -13.09
N PRO H 228 -53.60 69.13 -11.76
CA PRO H 228 -54.65 68.54 -10.92
C PRO H 228 -56.01 69.20 -11.03
N PHE H 229 -56.14 70.32 -11.74
CA PHE H 229 -57.42 71.02 -11.83
C PHE H 229 -57.85 71.31 -13.26
N ALA H 230 -57.18 70.73 -14.27
CA ALA H 230 -57.57 70.94 -15.65
C ALA H 230 -56.96 69.86 -16.52
N PHE H 231 -57.66 69.57 -17.62
CA PHE H 231 -57.17 68.65 -18.64
C PHE H 231 -57.59 69.19 -20.00
N ARG H 232 -57.03 68.59 -21.05
CA ARG H 232 -57.26 69.03 -22.42
C ARG H 232 -57.79 67.90 -23.26
N ILE H 233 -58.71 68.21 -24.17
CA ILE H 233 -59.38 67.22 -25.01
C ILE H 233 -59.20 67.54 -26.49
N GLY H 234 -58.40 68.55 -26.83
CA GLY H 234 -58.18 68.95 -28.20
C GLY H 234 -59.04 70.14 -28.59
N SER H 235 -58.70 70.70 -29.75
CA SER H 235 -59.35 71.93 -30.22
C SER H 235 -60.85 71.70 -30.39
N VAL H 236 -61.64 72.59 -29.79
CA VAL H 236 -63.09 72.50 -29.85
C VAL H 236 -63.67 73.66 -30.66
N LYS H 237 -62.88 74.25 -31.57
CA LYS H 237 -63.42 75.30 -32.42
C LYS H 237 -64.49 74.77 -33.35
N GLU H 238 -64.41 73.50 -33.72
CA GLU H 238 -65.40 72.92 -34.63
C GLU H 238 -66.79 72.86 -34.01
N TYR H 239 -66.86 72.72 -32.68
CA TYR H 239 -68.13 72.52 -32.01
C TYR H 239 -68.81 73.82 -31.60
N GLY H 240 -68.08 74.93 -31.58
CA GLY H 240 -68.65 76.21 -31.22
C GLY H 240 -67.82 76.99 -30.21
N GLU H 241 -68.48 77.62 -29.24
CA GLU H 241 -67.80 78.41 -28.24
C GLU H 241 -68.44 78.17 -26.87
N TYR H 242 -67.60 78.13 -25.83
CA TYR H 242 -68.08 77.86 -24.49
C TYR H 242 -68.71 79.11 -23.89
N LYS H 243 -69.83 78.93 -23.20
CA LYS H 243 -70.49 80.05 -22.50
C LYS H 243 -70.52 79.83 -20.99
N LYS H 244 -71.09 78.74 -20.52
CA LYS H 244 -71.17 78.46 -19.08
C LYS H 244 -71.69 77.04 -18.89
N GLY H 245 -71.61 76.56 -17.65
CA GLY H 245 -72.09 75.24 -17.31
C GLY H 245 -71.12 74.14 -17.70
N GLY H 246 -71.52 72.91 -17.39
CA GLY H 246 -70.74 71.76 -17.80
C GLY H 246 -70.51 70.74 -16.69
N ILE H 247 -70.77 69.47 -16.99
CA ILE H 247 -70.51 68.37 -16.08
C ILE H 247 -69.95 67.21 -16.89
N PHE H 248 -68.72 66.80 -16.58
CA PHE H 248 -68.08 65.68 -17.27
C PHE H 248 -68.13 64.41 -16.41
N THR H 249 -68.33 63.29 -17.07
CA THR H 249 -68.34 61.98 -16.40
C THR H 249 -67.40 61.05 -17.15
N GLU H 250 -66.46 60.45 -16.42
CA GLU H 250 -65.51 59.53 -17.03
C GLU H 250 -66.18 58.20 -17.37
N VAL H 251 -65.89 57.70 -18.58
CA VAL H 251 -66.41 56.42 -19.05
C VAL H 251 -65.23 55.49 -19.28
N LYS H 252 -65.34 54.26 -18.80
CA LYS H 252 -64.29 53.26 -18.94
C LYS H 252 -64.52 52.49 -20.24
N VAL H 253 -63.59 52.65 -21.18
CA VAL H 253 -63.69 51.98 -22.48
C VAL H 253 -63.13 50.57 -22.36
N PRO H 254 -63.60 49.61 -23.17
CA PRO H 254 -63.05 48.25 -23.09
C PRO H 254 -61.66 48.18 -23.71
N ARG H 255 -60.86 47.25 -23.19
CA ARG H 255 -59.50 47.03 -23.66
C ARG H 255 -59.32 45.55 -23.94
N LYS H 256 -58.60 45.24 -25.02
CA LYS H 256 -58.39 43.88 -25.50
C LYS H 256 -56.95 43.47 -25.22
N ILE H 257 -56.74 42.60 -24.23
CA ILE H 257 -55.43 42.09 -23.89
C ILE H 257 -55.31 40.65 -24.38
N SER H 258 -54.12 40.29 -24.85
CA SER H 258 -53.84 38.97 -25.37
C SER H 258 -52.88 38.24 -24.44
N PHE H 259 -53.15 36.96 -24.22
CA PHE H 259 -52.32 36.13 -23.34
C PHE H 259 -51.58 35.09 -24.16
N LYS H 260 -50.40 34.71 -23.69
CA LYS H 260 -49.59 33.65 -24.28
C LYS H 260 -49.73 32.36 -23.48
N SER H 261 -49.44 31.25 -24.13
CA SER H 261 -49.56 29.96 -23.47
C SER H 261 -48.47 29.81 -22.40
N LEU H 262 -48.63 28.77 -21.57
CA LEU H 262 -47.64 28.51 -20.53
C LEU H 262 -46.31 28.10 -21.15
N LYS H 263 -46.35 27.32 -22.23
CA LYS H 263 -45.11 26.92 -22.89
C LYS H 263 -44.34 28.13 -23.38
N GLN H 264 -45.03 29.11 -23.97
CA GLN H 264 -44.36 30.32 -24.43
C GLN H 264 -43.86 31.17 -23.26
N GLN H 265 -44.55 31.11 -22.11
CA GLN H 265 -44.19 31.94 -20.98
C GLN H 265 -43.03 31.39 -20.17
N LEU H 266 -42.78 30.08 -20.24
CA LEU H 266 -41.63 29.54 -19.52
C LEU H 266 -40.32 30.02 -20.12
N SER H 267 -40.30 30.33 -21.42
CA SER H 267 -39.11 30.80 -22.09
C SER H 267 -39.01 32.32 -22.13
N ASN H 268 -40.12 33.01 -22.35
CA ASN H 268 -40.18 34.48 -22.39
C ASN H 268 -41.33 34.93 -21.50
N PRO H 269 -41.10 34.99 -20.20
CA PRO H 269 -42.18 35.35 -19.28
C PRO H 269 -42.41 36.85 -19.21
N GLU H 270 -43.64 37.21 -18.85
CA GLU H 270 -44.01 38.60 -18.58
C GLU H 270 -44.34 38.69 -17.09
N PHE H 271 -43.50 39.41 -16.35
CA PHE H 271 -43.57 39.43 -14.90
C PHE H 271 -44.42 40.58 -14.39
N VAL H 272 -45.09 40.34 -13.28
CA VAL H 272 -45.69 41.39 -12.46
C VAL H 272 -45.07 41.25 -11.08
N PHE H 273 -44.39 42.30 -10.62
CA PHE H 273 -43.55 42.20 -9.44
C PHE H 273 -44.35 42.37 -8.17
N SER H 274 -44.07 41.51 -7.18
CA SER H 274 -44.73 41.59 -5.88
C SER H 274 -44.01 42.53 -4.92
N ASP H 275 -42.77 42.87 -5.21
CA ASP H 275 -42.01 43.79 -4.38
C ASP H 275 -40.90 44.36 -5.26
N PHE H 276 -41.00 45.65 -5.57
CA PHE H 276 -40.02 46.23 -6.48
C PHE H 276 -38.64 46.32 -5.86
N ALA H 277 -38.53 46.19 -4.54
CA ALA H 277 -37.21 46.08 -3.92
C ALA H 277 -36.54 44.75 -4.22
N LYS H 278 -37.31 43.72 -4.56
CA LYS H 278 -36.78 42.41 -4.92
C LYS H 278 -37.13 42.07 -6.37
N PHE H 279 -37.22 43.08 -7.24
CA PHE H 279 -37.58 42.83 -8.63
C PHE H 279 -36.52 42.04 -9.38
N ASP H 280 -35.33 41.88 -8.80
CA ASP H 280 -34.30 41.03 -9.38
C ASP H 280 -34.56 39.56 -9.11
N ARG H 281 -35.25 39.24 -8.01
CA ARG H 281 -35.53 37.85 -7.67
C ARG H 281 -36.58 37.23 -8.57
N ALA H 282 -37.25 38.02 -9.40
CA ALA H 282 -38.32 37.49 -10.24
C ALA H 282 -37.78 36.46 -11.22
N ALA H 283 -36.80 36.86 -12.03
CA ALA H 283 -36.22 35.92 -12.99
C ALA H 283 -35.45 34.81 -12.30
N GLN H 284 -34.93 35.07 -11.09
CA GLN H 284 -34.21 34.04 -10.36
C GLN H 284 -35.15 32.93 -9.91
N LEU H 285 -36.28 33.32 -9.31
CA LEU H 285 -37.24 32.32 -8.85
C LEU H 285 -38.00 31.67 -10.00
N HIS H 286 -38.03 32.31 -11.18
CA HIS H 286 -38.68 31.69 -12.33
C HIS H 286 -37.95 30.41 -12.74
N LEU H 287 -36.63 30.47 -12.83
CA LEU H 287 -35.85 29.27 -13.13
C LEU H 287 -35.79 28.34 -11.93
N GLY H 288 -35.87 28.88 -10.72
CA GLY H 288 -35.82 28.04 -9.54
C GLY H 288 -37.02 27.12 -9.42
N PHE H 289 -38.20 27.64 -9.72
CA PHE H 289 -39.39 26.79 -9.64
C PHE H 289 -39.44 25.76 -10.76
N GLN H 290 -38.91 26.11 -11.94
CA GLN H 290 -38.81 25.12 -13.01
C GLN H 290 -37.83 24.02 -12.64
N ALA H 291 -36.70 24.37 -12.03
CA ALA H 291 -35.73 23.37 -11.64
C ALA H 291 -36.26 22.46 -10.53
N LEU H 292 -37.16 22.98 -9.68
CA LEU H 292 -37.76 22.14 -8.65
C LEU H 292 -38.57 21.01 -9.28
N HIS H 293 -39.14 21.25 -10.46
CA HIS H 293 -39.86 20.19 -11.15
C HIS H 293 -38.90 19.28 -11.89
N GLN H 294 -37.84 19.85 -12.48
CA GLN H 294 -36.79 19.03 -13.08
C GLN H 294 -36.11 18.16 -12.04
N PHE H 295 -35.92 18.70 -10.82
CA PHE H 295 -35.39 17.90 -9.73
C PHE H 295 -36.34 16.77 -9.36
N ALA H 296 -37.65 17.05 -9.38
CA ALA H 296 -38.63 16.03 -9.05
C ALA H 296 -38.67 14.93 -10.09
N VAL H 297 -38.46 15.28 -11.37
CA VAL H 297 -38.45 14.27 -12.42
C VAL H 297 -37.29 13.31 -12.23
N ARG H 298 -36.11 13.85 -11.97
CA ARG H 298 -34.91 13.02 -11.81
C ARG H 298 -34.90 12.23 -10.51
N HIS H 299 -35.84 12.49 -9.59
CA HIS H 299 -35.82 11.87 -8.28
C HIS H 299 -37.16 11.25 -7.91
N ASN H 300 -37.94 10.82 -8.90
CA ASN H 300 -39.20 10.12 -8.68
C ASN H 300 -40.18 10.98 -7.87
N GLY H 301 -40.43 12.18 -8.38
CA GLY H 301 -41.39 13.07 -7.75
C GLY H 301 -41.01 13.56 -6.38
N GLU H 302 -39.74 13.42 -6.01
CA GLU H 302 -39.26 13.87 -4.71
C GLU H 302 -38.76 15.30 -4.79
N LEU H 303 -39.00 16.06 -3.76
CA LEU H 303 -38.48 17.42 -3.65
C LEU H 303 -37.14 17.40 -2.94
N PRO H 304 -36.32 18.42 -3.17
CA PRO H 304 -35.04 18.50 -2.46
C PRO H 304 -35.24 18.40 -0.96
N ARG H 305 -34.42 17.56 -0.32
CA ARG H 305 -34.58 17.30 1.11
C ARG H 305 -34.40 18.58 1.91
N THR H 306 -35.08 18.64 3.06
CA THR H 306 -35.11 19.86 3.86
C THR H 306 -33.72 20.16 4.41
N MET H 307 -33.25 21.40 4.17
CA MET H 307 -31.97 21.89 4.64
C MET H 307 -30.80 21.04 4.15
N ASN H 308 -31.00 20.30 3.06
CA ASN H 308 -29.97 19.42 2.53
C ASN H 308 -29.12 20.17 1.51
N ASP H 309 -27.80 20.06 1.65
CA ASP H 309 -26.85 20.76 0.79
C ASP H 309 -26.55 20.00 -0.50
N GLU H 310 -26.56 18.67 -0.45
CA GLU H 310 -26.32 17.91 -1.67
C GLU H 310 -27.44 18.16 -2.68
N ASP H 311 -28.69 18.20 -2.22
CA ASP H 311 -29.79 18.53 -3.10
C ASP H 311 -29.80 20.01 -3.47
N ALA H 312 -29.41 20.88 -2.54
CA ALA H 312 -29.35 22.31 -2.84
C ALA H 312 -28.29 22.60 -3.88
N ASN H 313 -27.18 21.86 -3.86
CA ASN H 313 -26.14 22.05 -4.86
C ASN H 313 -26.60 21.56 -6.23
N GLU H 314 -27.41 20.50 -6.26
CA GLU H 314 -27.93 20.02 -7.54
C GLU H 314 -28.91 21.02 -8.13
N LEU H 315 -29.72 21.67 -7.30
CA LEU H 315 -30.70 22.62 -7.81
C LEU H 315 -30.02 23.81 -8.47
N ILE H 316 -28.90 24.29 -7.90
CA ILE H 316 -28.18 25.41 -8.50
C ILE H 316 -27.66 25.04 -9.88
N LYS H 317 -27.25 23.77 -10.06
CA LYS H 317 -26.80 23.33 -11.38
C LYS H 317 -27.96 23.28 -12.37
N LEU H 318 -29.13 22.81 -11.92
CA LEU H 318 -30.30 22.76 -12.81
C LEU H 318 -30.74 24.16 -13.21
N VAL H 319 -30.65 25.12 -12.29
CA VAL H 319 -30.99 26.50 -12.63
C VAL H 319 -30.00 27.06 -13.65
N THR H 320 -28.71 26.73 -13.50
CA THR H 320 -27.73 27.21 -14.47
C THR H 320 -27.96 26.57 -15.83
N ASP H 321 -28.33 25.28 -15.87
CA ASP H 321 -28.64 24.64 -17.14
C ASP H 321 -29.88 25.24 -17.78
N LEU H 322 -30.84 25.68 -16.97
CA LEU H 322 -32.02 26.33 -17.51
C LEU H 322 -31.70 27.73 -18.04
N SER H 323 -30.70 28.39 -17.45
CA SER H 323 -30.30 29.72 -17.93
C SER H 323 -29.77 29.66 -19.35
N VAL H 324 -29.12 28.55 -19.72
CA VAL H 324 -28.67 28.38 -21.10
C VAL H 324 -29.84 28.05 -22.00
N GLN H 325 -30.84 27.31 -21.49
CA GLN H 325 -31.99 26.96 -22.29
C GLN H 325 -32.87 28.18 -22.56
N GLN H 326 -33.09 29.01 -21.55
CA GLN H 326 -33.95 30.20 -21.64
C GLN H 326 -33.09 31.42 -21.30
N PRO H 327 -32.33 31.94 -22.26
CA PRO H 327 -31.47 33.10 -21.98
C PRO H 327 -32.22 34.40 -21.83
N GLU H 328 -33.52 34.43 -22.17
CA GLU H 328 -34.30 35.66 -22.06
C GLU H 328 -34.83 35.88 -20.65
N VAL H 329 -34.91 34.83 -19.83
CA VAL H 329 -35.45 34.97 -18.48
C VAL H 329 -34.51 35.85 -17.64
N LEU H 330 -33.26 35.42 -17.49
CA LEU H 330 -32.30 36.18 -16.69
C LEU H 330 -31.72 37.34 -17.49
N GLY H 331 -31.46 37.14 -18.76
CA GLY H 331 -30.76 38.11 -19.58
C GLY H 331 -29.27 37.87 -19.61
N GLU H 332 -28.61 38.55 -20.54
CA GLU H 332 -27.18 38.39 -20.71
C GLU H 332 -26.43 39.10 -19.59
N GLY H 333 -25.44 38.42 -19.03
CA GLY H 333 -24.59 39.02 -18.01
C GLY H 333 -25.12 38.94 -16.60
N VAL H 334 -26.18 38.17 -16.36
CA VAL H 334 -26.77 38.03 -15.03
C VAL H 334 -26.48 36.63 -14.53
N ASP H 335 -25.90 36.55 -13.33
CA ASP H 335 -25.50 35.27 -12.76
C ASP H 335 -26.70 34.54 -12.17
N VAL H 336 -26.44 33.38 -11.58
CA VAL H 336 -27.50 32.49 -11.14
C VAL H 336 -28.09 32.88 -9.78
N ASN H 337 -27.36 33.66 -8.97
CA ASN H 337 -27.78 33.99 -7.61
C ASN H 337 -27.94 32.72 -6.76
N GLU H 338 -26.80 32.05 -6.58
CA GLU H 338 -26.80 30.75 -5.91
C GLU H 338 -27.39 30.81 -4.51
N ASP H 339 -27.30 31.96 -3.84
CA ASP H 339 -27.82 32.06 -2.48
C ASP H 339 -29.34 31.95 -2.46
N LEU H 340 -30.02 32.51 -3.46
CA LEU H 340 -31.47 32.42 -3.52
C LEU H 340 -31.94 31.00 -3.81
N ILE H 341 -31.33 30.36 -4.81
CA ILE H 341 -31.71 29.00 -5.18
C ILE H 341 -31.42 28.03 -4.03
N LYS H 342 -30.35 28.29 -3.27
CA LYS H 342 -30.05 27.43 -2.14
C LYS H 342 -31.14 27.51 -1.08
N GLU H 343 -31.68 28.71 -0.84
CA GLU H 343 -32.76 28.85 0.12
C GLU H 343 -34.06 28.25 -0.42
N LEU H 344 -34.28 28.34 -1.73
CA LEU H 344 -35.48 27.72 -2.31
C LEU H 344 -35.46 26.21 -2.13
N SER H 345 -34.30 25.59 -2.31
CA SER H 345 -34.18 24.15 -2.08
C SER H 345 -34.34 23.81 -0.60
N TYR H 346 -33.91 24.70 0.30
CA TYR H 346 -34.04 24.42 1.73
C TYR H 346 -35.49 24.40 2.18
N GLN H 347 -36.35 25.20 1.54
CA GLN H 347 -37.75 25.31 1.92
C GLN H 347 -38.68 24.71 0.87
N ALA H 348 -38.15 23.83 0.01
CA ALA H 348 -38.94 23.29 -1.09
C ALA H 348 -40.13 22.47 -0.59
N ARG H 349 -40.03 21.90 0.61
CA ARG H 349 -41.10 21.09 1.16
C ARG H 349 -41.95 21.85 2.16
N GLY H 350 -41.74 23.16 2.29
CA GLY H 350 -42.47 23.92 3.28
C GLY H 350 -43.87 24.28 2.84
N ASP H 351 -44.78 24.36 3.82
CA ASP H 351 -46.17 24.75 3.60
C ASP H 351 -46.51 25.79 4.67
N ILE H 352 -46.31 27.06 4.34
CA ILE H 352 -46.47 28.15 5.30
C ILE H 352 -47.89 28.69 5.18
N PRO H 353 -48.68 28.71 6.25
CA PRO H 353 -50.05 29.24 6.14
C PRO H 353 -50.11 30.68 5.69
N GLY H 354 -49.16 31.51 6.11
CA GLY H 354 -49.17 32.90 5.71
C GLY H 354 -49.00 33.07 4.22
N VAL H 355 -48.19 32.22 3.59
CA VAL H 355 -47.99 32.32 2.14
C VAL H 355 -49.16 31.71 1.39
N VAL H 356 -49.73 30.62 1.91
CA VAL H 356 -50.87 30.00 1.25
C VAL H 356 -52.07 30.93 1.26
N ALA H 357 -52.38 31.51 2.41
CA ALA H 357 -53.51 32.43 2.49
C ALA H 357 -53.28 33.65 1.59
N PHE H 358 -52.03 34.05 1.41
CA PHE H 358 -51.73 35.15 0.51
C PHE H 358 -52.10 34.79 -0.93
N PHE H 359 -51.53 33.71 -1.44
CA PHE H 359 -51.84 33.29 -2.80
C PHE H 359 -53.25 32.73 -2.91
N GLY H 360 -53.82 32.25 -1.81
CA GLY H 360 -55.19 31.78 -1.85
C GLY H 360 -56.17 32.87 -2.19
N GLY H 361 -56.03 34.04 -1.56
CA GLY H 361 -56.86 35.16 -1.92
C GLY H 361 -56.48 35.77 -3.26
N LEU H 362 -55.18 35.78 -3.58
CA LEU H 362 -54.70 36.35 -4.83
C LEU H 362 -55.18 35.55 -6.03
N VAL H 363 -54.99 34.23 -6.01
CA VAL H 363 -55.39 33.40 -7.14
C VAL H 363 -56.92 33.37 -7.26
N ALA H 364 -57.62 33.38 -6.13
CA ALA H 364 -59.08 33.36 -6.17
C ALA H 364 -59.62 34.59 -6.88
N GLN H 365 -59.05 35.76 -6.58
CA GLN H 365 -59.46 36.97 -7.28
C GLN H 365 -59.18 36.86 -8.77
N GLU H 366 -58.08 36.21 -9.15
CA GLU H 366 -57.80 35.99 -10.56
C GLU H 366 -58.79 35.02 -11.18
N VAL H 367 -59.31 34.08 -10.39
CA VAL H 367 -60.38 33.21 -10.89
C VAL H 367 -61.65 34.02 -11.10
N LEU H 368 -61.93 34.98 -10.22
CA LEU H 368 -63.13 35.80 -10.37
C LEU H 368 -63.04 36.71 -11.59
N LYS H 369 -61.86 37.28 -11.85
CA LYS H 369 -61.68 38.08 -13.06
C LYS H 369 -61.85 37.22 -14.31
N ALA H 370 -61.53 35.94 -14.22
CA ALA H 370 -61.71 35.05 -15.36
C ALA H 370 -63.18 34.79 -15.64
N CYS H 371 -64.01 34.73 -14.60
CA CYS H 371 -65.43 34.44 -14.78
C CYS H 371 -66.22 35.71 -15.08
N SER H 372 -65.87 36.83 -14.46
CA SER H 372 -66.65 38.06 -14.61
C SER H 372 -66.00 39.08 -15.53
N GLY H 373 -64.67 39.12 -15.59
CA GLY H 373 -63.99 40.15 -16.35
C GLY H 373 -64.10 41.53 -15.72
N LYS H 374 -64.29 41.60 -14.41
CA LYS H 374 -64.58 42.88 -13.75
C LYS H 374 -63.32 43.73 -13.57
N PHE H 375 -62.20 43.12 -13.26
CA PHE H 375 -60.98 43.87 -12.98
C PHE H 375 -59.91 43.54 -14.02
N THR H 376 -58.79 44.25 -13.92
CA THR H 376 -57.66 43.99 -14.79
C THR H 376 -56.91 42.75 -14.32
N PRO H 377 -56.76 41.73 -15.17
CA PRO H 377 -56.14 40.48 -14.71
C PRO H 377 -54.63 40.63 -14.56
N LEU H 378 -54.04 39.63 -13.90
CA LEU H 378 -52.60 39.55 -13.76
C LEU H 378 -51.96 39.25 -15.10
N LYS H 379 -50.87 39.96 -15.42
CA LYS H 379 -50.25 39.84 -16.73
C LYS H 379 -49.18 38.74 -16.73
N GLN H 380 -49.67 37.51 -16.72
CA GLN H 380 -49.01 36.26 -17.07
C GLN H 380 -48.05 35.70 -16.02
N PHE H 381 -47.67 36.43 -14.96
CA PHE H 381 -46.74 35.88 -13.99
C PHE H 381 -46.58 36.84 -12.81
N MET H 382 -46.31 36.27 -11.65
CA MET H 382 -45.86 37.07 -10.52
C MET H 382 -45.21 36.12 -9.53
N TYR H 383 -44.08 36.54 -8.96
CA TYR H 383 -43.37 35.74 -7.97
C TYR H 383 -43.28 36.53 -6.66
N PHE H 384 -43.23 35.80 -5.56
CA PHE H 384 -43.28 36.43 -4.24
C PHE H 384 -42.50 35.60 -3.24
N ASP H 385 -41.79 36.28 -2.34
CA ASP H 385 -41.10 35.62 -1.24
C ASP H 385 -41.13 36.52 -0.01
N SER H 386 -41.09 35.91 1.16
CA SER H 386 -41.11 36.62 2.43
C SER H 386 -39.96 36.14 3.30
N LEU H 387 -38.76 36.13 2.73
CA LEU H 387 -37.60 35.61 3.44
C LEU H 387 -37.30 36.39 4.71
N GLU H 388 -37.79 37.62 4.82
CA GLU H 388 -37.58 38.39 6.06
C GLU H 388 -38.29 37.77 7.25
N SER H 389 -39.18 36.80 7.06
CA SER H 389 -39.83 36.14 8.17
C SER H 389 -38.95 35.10 8.85
N LEU H 390 -37.86 34.69 8.22
CA LEU H 390 -36.95 33.73 8.82
C LEU H 390 -36.29 34.36 10.05
N PRO H 391 -36.27 33.66 11.18
CA PRO H 391 -35.65 34.22 12.38
C PRO H 391 -34.13 34.30 12.26
N ASP H 392 -33.52 35.02 13.19
CA ASP H 392 -32.06 35.16 13.23
C ASP H 392 -31.43 33.81 13.55
N PRO H 393 -30.50 33.31 12.73
CA PRO H 393 -29.89 32.00 13.00
C PRO H 393 -29.16 31.92 14.33
N LYS H 394 -28.90 33.05 14.99
CA LYS H 394 -28.27 33.01 16.31
C LYS H 394 -29.24 32.54 17.39
N ASN H 395 -30.53 32.76 17.19
CA ASN H 395 -31.53 32.31 18.15
C ASN H 395 -32.16 30.97 17.77
N PHE H 396 -32.52 30.79 16.50
CA PHE H 396 -33.17 29.57 16.02
C PHE H 396 -32.50 29.09 14.74
N PRO H 397 -31.40 28.36 14.87
CA PRO H 397 -30.69 27.90 13.67
C PRO H 397 -31.47 26.83 12.93
N ARG H 398 -31.31 26.82 11.62
CA ARG H 398 -31.96 25.88 10.71
C ARG H 398 -30.91 24.95 10.14
N ASN H 399 -31.10 23.65 10.34
CA ASN H 399 -30.24 22.62 9.77
C ASN H 399 -31.06 21.35 9.59
N GLU H 400 -30.38 20.25 9.26
CA GLU H 400 -31.11 19.01 9.01
C GLU H 400 -31.62 18.38 10.30
N LYS H 401 -31.21 18.86 11.46
CA LYS H 401 -31.68 18.34 12.74
C LYS H 401 -32.79 19.18 13.34
N THR H 402 -32.73 20.50 13.20
CA THR H 402 -33.77 21.35 13.75
C THR H 402 -35.03 21.35 12.90
N THR H 403 -34.90 21.19 11.58
CA THR H 403 -36.03 21.23 10.67
C THR H 403 -36.54 19.85 10.28
N GLN H 404 -36.07 18.79 10.94
CA GLN H 404 -36.54 17.47 10.60
C GLN H 404 -37.96 17.26 11.14
N PRO H 405 -38.77 16.44 10.48
CA PRO H 405 -40.14 16.20 10.94
C PRO H 405 -40.18 15.47 12.27
N VAL H 406 -41.28 15.68 12.99
CA VAL H 406 -41.50 15.08 14.30
C VAL H 406 -42.79 14.26 14.33
N ASN H 407 -43.27 13.83 13.16
CA ASN H 407 -44.51 13.05 13.06
C ASN H 407 -45.69 13.81 13.64
N SER H 408 -45.87 15.04 13.18
CA SER H 408 -46.98 15.88 13.63
C SER H 408 -47.55 16.62 12.43
N ARG H 409 -48.66 17.31 12.66
CA ARG H 409 -49.29 18.09 11.59
C ARG H 409 -48.44 19.29 11.17
N TYR H 410 -47.50 19.72 12.02
CA TYR H 410 -46.69 20.89 11.74
C TYR H 410 -45.38 20.59 11.04
N ASP H 411 -45.22 19.38 10.50
CA ASP H 411 -43.95 18.99 9.91
C ASP H 411 -43.54 19.93 8.78
N ASN H 412 -44.49 20.36 7.95
CA ASN H 412 -44.17 21.25 6.85
C ASN H 412 -43.91 22.68 7.29
N GLN H 413 -44.27 23.04 8.52
CA GLN H 413 -43.88 24.34 9.06
C GLN H 413 -42.53 24.28 9.77
N ILE H 414 -42.27 23.17 10.46
CA ILE H 414 -40.97 22.97 11.11
C ILE H 414 -39.86 22.88 10.07
N ALA H 415 -40.17 22.37 8.88
CA ALA H 415 -39.15 22.25 7.83
C ALA H 415 -38.59 23.60 7.42
N VAL H 416 -39.25 24.70 7.77
CA VAL H 416 -38.79 26.03 7.43
C VAL H 416 -38.21 26.74 8.65
N PHE H 417 -38.86 26.65 9.80
CA PHE H 417 -38.46 27.43 10.96
C PHE H 417 -37.71 26.64 12.02
N GLY H 418 -37.87 25.32 12.06
CA GLY H 418 -37.22 24.51 13.07
C GLY H 418 -38.16 24.21 14.23
N LEU H 419 -37.83 23.14 14.96
CA LEU H 419 -38.73 22.67 16.02
C LEU H 419 -38.84 23.67 17.16
N ASP H 420 -37.71 24.30 17.52
CA ASP H 420 -37.71 25.23 18.65
C ASP H 420 -38.51 26.50 18.36
N PHE H 421 -38.53 26.94 17.10
CA PHE H 421 -39.28 28.15 16.77
C PHE H 421 -40.79 27.89 16.75
N GLN H 422 -41.21 26.73 16.24
CA GLN H 422 -42.62 26.40 16.29
C GLN H 422 -43.11 26.21 17.71
N LYS H 423 -42.22 25.76 18.60
CA LYS H 423 -42.57 25.64 20.01
C LYS H 423 -42.84 27.01 20.62
N LYS H 424 -42.07 28.03 20.22
CA LYS H 424 -42.27 29.38 20.73
C LYS H 424 -43.55 30.00 20.21
N ILE H 425 -43.93 29.70 18.97
CA ILE H 425 -45.18 30.19 18.43
C ILE H 425 -46.34 29.64 19.27
N ALA H 426 -46.27 28.35 19.61
CA ALA H 426 -47.33 27.73 20.41
C ALA H 426 -47.39 28.30 21.82
N ASN H 427 -46.32 28.92 22.29
CA ASN H 427 -46.26 29.47 23.63
C ASN H 427 -46.54 30.97 23.66
N SER H 428 -47.02 31.53 22.55
CA SER H 428 -47.26 32.97 22.50
C SER H 428 -48.60 33.31 23.13
N LYS H 429 -48.66 34.45 23.82
CA LYS H 429 -49.87 34.94 24.46
C LYS H 429 -50.33 36.19 23.70
N VAL H 430 -51.38 36.03 22.90
CA VAL H 430 -51.82 37.09 21.99
C VAL H 430 -53.25 37.52 22.34
N PHE H 431 -53.61 38.67 21.78
CA PHE H 431 -54.92 39.30 22.00
C PHE H 431 -55.46 39.72 20.65
N LEU H 432 -56.56 39.11 20.23
CA LEU H 432 -57.23 39.46 18.97
C LEU H 432 -58.44 40.31 19.27
N VAL H 433 -58.42 41.56 18.84
CA VAL H 433 -59.50 42.51 19.08
C VAL H 433 -60.40 42.50 17.86
N GLY H 434 -61.57 41.88 17.99
CA GLY H 434 -62.49 41.76 16.89
C GLY H 434 -62.50 40.37 16.30
N SER H 435 -63.67 39.86 15.94
CA SER H 435 -63.81 38.53 15.37
C SER H 435 -64.60 38.58 14.07
N GLY H 436 -64.40 39.65 13.29
CA GLY H 436 -65.12 39.82 12.05
C GLY H 436 -64.53 39.03 10.90
N ALA H 437 -64.47 39.66 9.72
CA ALA H 437 -63.91 38.99 8.54
C ALA H 437 -62.42 38.73 8.74
N ILE H 438 -61.69 39.74 9.18
CA ILE H 438 -60.26 39.56 9.41
C ILE H 438 -60.02 38.67 10.62
N GLY H 439 -60.82 38.86 11.68
CA GLY H 439 -60.67 38.03 12.86
C GLY H 439 -60.93 36.56 12.60
N CYS H 440 -61.88 36.27 11.72
CA CYS H 440 -62.16 34.88 11.37
C CYS H 440 -61.01 34.27 10.58
N GLU H 441 -60.43 35.03 9.65
CA GLU H 441 -59.27 34.55 8.92
C GLU H 441 -58.04 34.48 9.82
N MET H 442 -57.96 35.36 10.81
CA MET H 442 -56.80 35.36 11.71
C MET H 442 -56.78 34.12 12.60
N LEU H 443 -57.93 33.80 13.21
CA LEU H 443 -58.00 32.61 14.05
C LEU H 443 -57.74 31.34 13.24
N LYS H 444 -58.11 31.35 11.95
CA LYS H 444 -57.86 30.19 11.11
C LYS H 444 -56.37 29.98 10.92
N ASN H 445 -55.64 31.07 10.64
CA ASN H 445 -54.20 30.94 10.48
C ASN H 445 -53.53 30.60 11.81
N TRP H 446 -54.00 31.19 12.91
CA TRP H 446 -53.44 30.86 14.21
C TRP H 446 -53.70 29.40 14.59
N ALA H 447 -54.80 28.83 14.10
CA ALA H 447 -55.06 27.41 14.36
C ALA H 447 -54.09 26.54 13.58
N LEU H 448 -53.77 26.94 12.34
CA LEU H 448 -52.81 26.20 11.54
C LEU H 448 -51.39 26.31 12.11
N LEU H 449 -51.05 27.47 12.67
CA LEU H 449 -49.73 27.64 13.29
C LEU H 449 -49.60 26.92 14.61
N GLY H 450 -50.70 26.48 15.20
CA GLY H 450 -50.66 26.00 16.57
C GLY H 450 -50.38 27.08 17.57
N LEU H 451 -50.56 28.35 17.19
CA LEU H 451 -50.27 29.49 18.06
C LEU H 451 -51.16 29.44 19.29
N GLY H 452 -50.55 29.56 20.46
CA GLY H 452 -51.27 29.49 21.71
C GLY H 452 -51.58 28.10 22.19
N SER H 453 -51.20 27.07 21.43
CA SER H 453 -51.48 25.70 21.83
C SER H 453 -50.51 25.16 22.86
N GLY H 454 -49.39 25.85 23.09
CA GLY H 454 -48.42 25.41 24.07
C GLY H 454 -48.91 25.61 25.49
N SER H 455 -48.22 24.96 26.42
CA SER H 455 -48.63 25.03 27.81
C SER H 455 -48.44 26.43 28.40
N ASP H 456 -47.74 27.33 27.72
CA ASP H 456 -47.49 28.67 28.23
C ASP H 456 -48.19 29.76 27.44
N GLY H 457 -48.80 29.44 26.30
CA GLY H 457 -49.47 30.42 25.48
C GLY H 457 -50.98 30.27 25.50
N TYR H 458 -51.64 31.28 24.92
CA TYR H 458 -53.09 31.29 24.84
C TYR H 458 -53.50 32.35 23.82
N ILE H 459 -54.79 32.36 23.51
CA ILE H 459 -55.37 33.33 22.58
C ILE H 459 -56.59 33.94 23.26
N VAL H 460 -56.65 35.27 23.29
CA VAL H 460 -57.80 35.99 23.83
C VAL H 460 -58.42 36.76 22.68
N VAL H 461 -59.68 36.47 22.37
CA VAL H 461 -60.41 37.14 21.30
C VAL H 461 -61.72 37.67 21.87
N THR H 462 -62.06 38.90 21.50
CA THR H 462 -63.27 39.53 22.01
C THR H 462 -63.98 40.27 20.88
N ASP H 463 -65.31 40.20 20.91
CA ASP H 463 -66.14 40.89 19.93
C ASP H 463 -67.56 40.96 20.50
N ASN H 464 -68.09 42.18 20.63
CA ASN H 464 -69.38 42.39 21.26
C ASN H 464 -70.55 42.27 20.30
N ASP H 465 -70.32 41.82 19.07
CA ASP H 465 -71.36 41.73 18.07
C ASP H 465 -71.86 40.30 17.92
N SER H 466 -73.04 40.18 17.33
CA SER H 466 -73.66 38.89 17.01
C SER H 466 -73.56 38.65 15.51
N ILE H 467 -73.88 37.43 15.11
CA ILE H 467 -73.78 37.04 13.71
C ILE H 467 -75.04 37.50 12.97
N GLU H 468 -74.85 37.99 11.76
CA GLU H 468 -75.94 38.46 10.91
C GLU H 468 -75.94 37.69 9.60
N LYS H 469 -77.06 37.75 8.90
CA LYS H 469 -77.24 36.96 7.68
C LYS H 469 -76.31 37.43 6.57
N SER H 470 -75.95 38.72 6.54
CA SER H 470 -75.07 39.26 5.51
C SER H 470 -73.60 38.91 5.74
N ASN H 471 -73.20 38.61 6.97
CA ASN H 471 -71.80 38.33 7.27
C ASN H 471 -71.34 36.94 6.83
N LEU H 472 -72.26 36.08 6.39
CA LEU H 472 -71.87 34.73 5.99
C LEU H 472 -71.02 34.72 4.73
N ASN H 473 -71.00 35.81 3.97
CA ASN H 473 -70.27 35.83 2.72
C ASN H 473 -68.77 36.00 2.93
N ARG H 474 -68.37 36.94 3.80
CA ARG H 474 -66.96 37.25 4.02
C ARG H 474 -66.39 36.60 5.27
N GLN H 475 -67.22 36.02 6.12
CA GLN H 475 -66.80 35.36 7.35
C GLN H 475 -67.14 33.89 7.24
N PHE H 476 -66.12 33.06 7.00
CA PHE H 476 -66.35 31.67 6.67
C PHE H 476 -66.44 30.76 7.89
N LEU H 477 -66.10 31.24 9.08
CA LEU H 477 -66.25 30.42 10.27
C LEU H 477 -67.69 30.31 10.72
N PHE H 478 -68.57 31.17 10.22
CA PHE H 478 -69.97 31.17 10.63
C PHE H 478 -70.83 30.52 9.55
N ARG H 479 -71.88 29.84 10.01
CA ARG H 479 -72.85 29.15 9.17
C ARG H 479 -74.24 29.73 9.44
N PRO H 480 -75.21 29.45 8.56
CA PRO H 480 -76.58 29.90 8.85
C PRO H 480 -77.11 29.38 10.17
N LYS H 481 -76.63 28.21 10.62
CA LYS H 481 -77.07 27.67 11.90
C LYS H 481 -76.60 28.50 13.09
N ASP H 482 -75.61 29.37 12.88
CA ASP H 482 -75.03 30.15 13.97
C ASP H 482 -75.55 31.58 14.01
N VAL H 483 -76.48 31.94 13.11
CA VAL H 483 -77.00 33.30 13.10
C VAL H 483 -77.73 33.58 14.40
N GLY H 484 -77.36 34.68 15.06
CA GLY H 484 -77.90 35.02 16.36
C GLY H 484 -76.94 34.80 17.51
N LYS H 485 -75.95 33.94 17.34
CA LYS H 485 -74.96 33.67 18.37
C LYS H 485 -73.88 34.75 18.37
N ASN H 486 -72.99 34.68 19.35
CA ASN H 486 -71.91 35.65 19.45
C ASN H 486 -70.80 35.31 18.46
N LYS H 487 -70.14 36.35 17.95
CA LYS H 487 -69.13 36.13 16.92
C LYS H 487 -67.89 35.45 17.50
N SER H 488 -67.36 35.99 18.60
CA SER H 488 -66.11 35.46 19.15
C SER H 488 -66.26 34.06 19.71
N GLU H 489 -67.42 33.75 20.30
CA GLU H 489 -67.60 32.43 20.89
C GLU H 489 -67.71 31.35 19.82
N VAL H 490 -68.42 31.63 18.74
CA VAL H 490 -68.57 30.64 17.67
C VAL H 490 -67.26 30.47 16.91
N ALA H 491 -66.58 31.59 16.64
CA ALA H 491 -65.30 31.50 15.94
C ALA H 491 -64.26 30.77 16.76
N ALA H 492 -64.36 30.82 18.09
CA ALA H 492 -63.42 30.10 18.93
C ALA H 492 -63.60 28.59 18.77
N GLU H 493 -64.84 28.12 18.93
CA GLU H 493 -65.10 26.69 18.75
C GLU H 493 -64.95 26.24 17.31
N ALA H 494 -65.04 27.18 16.36
CA ALA H 494 -64.91 26.80 14.95
C ALA H 494 -63.50 26.37 14.63
N VAL H 495 -62.50 27.11 15.11
CA VAL H 495 -61.11 26.79 14.82
C VAL H 495 -60.59 25.66 15.72
N CYS H 496 -61.19 25.47 16.89
CA CYS H 496 -60.79 24.34 17.73
C CYS H 496 -61.12 23.02 17.06
N ALA H 497 -62.13 23.00 16.19
CA ALA H 497 -62.42 21.78 15.43
C ALA H 497 -61.39 21.54 14.35
N MET H 498 -60.83 22.61 13.79
CA MET H 498 -59.79 22.46 12.77
C MET H 498 -58.49 21.95 13.37
N ASN H 499 -58.10 22.49 14.52
CA ASN H 499 -56.91 22.06 15.24
C ASN H 499 -57.30 21.85 16.70
N PRO H 500 -57.51 20.61 17.13
CA PRO H 500 -57.90 20.37 18.53
C PRO H 500 -56.85 20.80 19.53
N ASP H 501 -55.65 21.17 19.09
CA ASP H 501 -54.63 21.63 20.03
C ASP H 501 -55.05 22.93 20.72
N LEU H 502 -55.92 23.72 20.07
CA LEU H 502 -56.39 24.97 20.64
C LEU H 502 -57.57 24.79 21.58
N LYS H 503 -58.05 23.56 21.76
CA LYS H 503 -59.16 23.31 22.66
C LYS H 503 -58.73 23.62 24.08
N GLY H 504 -59.46 24.52 24.74
CA GLY H 504 -59.10 24.93 26.08
C GLY H 504 -58.02 25.98 26.15
N LYS H 505 -57.58 26.52 25.01
CA LYS H 505 -56.55 27.54 24.96
C LYS H 505 -57.04 28.87 24.41
N ILE H 506 -58.30 28.97 24.00
CA ILE H 506 -58.86 30.20 23.42
C ILE H 506 -59.89 30.75 24.40
N ASN H 507 -59.67 31.99 24.84
CA ASN H 507 -60.59 32.69 25.73
C ASN H 507 -61.43 33.63 24.88
N ALA H 508 -62.66 33.20 24.58
CA ALA H 508 -63.58 34.00 23.78
C ALA H 508 -64.41 34.88 24.71
N LYS H 509 -64.29 36.20 24.53
CA LYS H 509 -65.04 37.17 25.32
C LYS H 509 -65.99 37.94 24.42
N ILE H 510 -67.03 38.51 25.02
CA ILE H 510 -68.05 39.24 24.27
C ILE H 510 -68.08 40.69 24.75
N ASP H 511 -66.94 41.17 25.23
CA ASP H 511 -66.84 42.51 25.80
C ASP H 511 -66.23 43.48 24.80
N LYS H 512 -66.80 44.67 24.73
CA LYS H 512 -66.29 45.69 23.82
C LYS H 512 -65.03 46.32 24.38
N VAL H 513 -64.00 46.44 23.55
CA VAL H 513 -62.75 47.06 23.96
C VAL H 513 -62.93 48.57 23.92
N GLY H 514 -62.66 49.23 25.04
CA GLY H 514 -62.81 50.66 25.14
C GLY H 514 -62.66 51.14 26.57
N PRO H 515 -62.84 52.45 26.77
CA PRO H 515 -62.75 52.99 28.14
C PRO H 515 -63.84 52.45 29.07
N GLU H 516 -64.91 51.88 28.52
CA GLU H 516 -65.98 51.36 29.37
C GLU H 516 -65.57 50.07 30.07
N THR H 517 -64.69 49.29 29.46
CA THR H 517 -64.29 47.97 29.96
C THR H 517 -62.83 47.93 30.37
N GLU H 518 -62.34 49.01 31.00
CA GLU H 518 -60.96 49.00 31.48
C GLU H 518 -60.80 48.18 32.76
N GLU H 519 -61.90 47.76 33.38
CA GLU H 519 -61.81 46.90 34.55
C GLU H 519 -61.57 45.46 34.14
N ILE H 520 -62.15 45.04 33.02
CA ILE H 520 -61.92 43.68 32.51
C ILE H 520 -60.54 43.57 31.88
N PHE H 521 -60.20 44.52 31.00
CA PHE H 521 -58.86 44.58 30.42
C PHE H 521 -58.01 45.55 31.24
N ASN H 522 -57.69 45.12 32.46
CA ASN H 522 -56.95 45.96 33.40
C ASN H 522 -55.45 45.88 33.11
N ASP H 523 -54.64 46.43 34.03
CA ASP H 523 -53.20 46.44 33.84
C ASP H 523 -52.62 45.03 33.82
N SER H 524 -53.16 44.14 34.65
CA SER H 524 -52.66 42.77 34.70
C SER H 524 -52.88 42.03 33.40
N PHE H 525 -53.96 42.33 32.70
CA PHE H 525 -54.27 41.63 31.45
C PHE H 525 -53.31 42.02 30.33
N TRP H 526 -53.07 43.32 30.15
CA TRP H 526 -52.28 43.78 29.02
C TRP H 526 -50.82 43.40 29.18
N GLU H 527 -50.27 43.51 30.39
CA GLU H 527 -48.84 43.27 30.59
C GLU H 527 -48.44 41.82 30.36
N SER H 528 -49.37 40.88 30.51
CA SER H 528 -49.06 39.47 30.29
C SER H 528 -49.03 39.08 28.82
N LEU H 529 -49.51 39.93 27.92
CA LEU H 529 -49.59 39.57 26.52
C LEU H 529 -48.24 39.74 25.83
N ASP H 530 -48.06 39.00 24.75
CA ASP H 530 -46.87 39.11 23.90
C ASP H 530 -47.07 40.16 22.82
N PHE H 531 -48.18 40.10 22.10
CA PHE H 531 -48.54 41.15 21.14
C PHE H 531 -50.05 41.11 20.91
N VAL H 532 -50.55 42.16 20.27
CA VAL H 532 -51.97 42.36 20.03
C VAL H 532 -52.21 42.48 18.53
N THR H 533 -53.31 41.88 18.07
CA THR H 533 -53.70 41.93 16.66
C THR H 533 -55.07 42.56 16.53
N ASN H 534 -55.17 43.58 15.68
CA ASN H 534 -56.43 44.28 15.49
C ASN H 534 -57.21 43.66 14.35
N ALA H 535 -58.50 43.43 14.58
CA ALA H 535 -59.44 42.95 13.58
C ALA H 535 -60.70 43.80 13.59
N LEU H 536 -60.52 45.11 13.67
CA LEU H 536 -61.62 46.04 13.81
C LEU H 536 -61.98 46.67 12.46
N ASP H 537 -63.09 47.41 12.45
CA ASP H 537 -63.58 48.04 11.24
C ASP H 537 -63.67 49.56 11.31
N ASN H 538 -63.72 50.15 12.51
CA ASN H 538 -63.81 51.59 12.67
C ASN H 538 -62.52 52.14 13.25
N VAL H 539 -62.25 53.42 12.96
CA VAL H 539 -60.99 54.02 13.37
C VAL H 539 -61.01 54.41 14.85
N ASP H 540 -62.19 54.70 15.40
CA ASP H 540 -62.27 55.09 16.80
C ASP H 540 -61.85 53.95 17.72
N ALA H 541 -62.16 52.71 17.36
CA ALA H 541 -61.76 51.57 18.16
C ALA H 541 -60.30 51.18 17.93
N ARG H 542 -59.81 51.35 16.70
CA ARG H 542 -58.41 51.07 16.43
C ARG H 542 -57.51 51.97 17.26
N THR H 543 -57.87 53.26 17.37
CA THR H 543 -57.02 54.21 18.08
C THR H 543 -56.91 53.87 19.56
N TYR H 544 -58.00 53.39 20.17
CA TYR H 544 -57.93 53.04 21.58
C TYR H 544 -56.99 51.86 21.81
N VAL H 545 -57.10 50.83 20.98
CA VAL H 545 -56.19 49.68 21.12
C VAL H 545 -54.76 50.10 20.86
N ASP H 546 -54.57 51.01 19.91
CA ASP H 546 -53.22 51.51 19.62
C ASP H 546 -52.66 52.31 20.80
N ARG H 547 -53.47 53.19 21.39
CA ARG H 547 -53.00 53.97 22.52
C ARG H 547 -52.74 53.10 23.74
N ARG H 548 -53.48 51.99 23.87
CA ARG H 548 -53.18 51.05 24.95
C ARG H 548 -51.86 50.34 24.69
N CYS H 549 -51.60 49.94 23.44
CA CYS H 549 -50.34 49.27 23.12
C CYS H 549 -49.15 50.19 23.33
N VAL H 550 -49.33 51.49 23.07
CA VAL H 550 -48.25 52.44 23.33
C VAL H 550 -48.00 52.54 24.83
N PHE H 551 -49.06 52.51 25.63
CA PHE H 551 -48.91 52.62 27.08
C PHE H 551 -48.19 51.39 27.64
N TYR H 552 -48.63 50.20 27.25
CA TYR H 552 -48.08 48.96 27.78
C TYR H 552 -46.87 48.46 26.99
N ARG H 553 -46.45 49.18 25.94
CA ARG H 553 -45.27 48.80 25.15
C ARG H 553 -45.39 47.38 24.60
N LYS H 554 -46.50 47.13 23.91
CA LYS H 554 -46.74 45.85 23.28
C LYS H 554 -46.82 46.02 21.76
N PRO H 555 -46.33 45.06 20.99
CA PRO H 555 -46.45 45.17 19.54
C PRO H 555 -47.89 45.07 19.07
N LEU H 556 -48.18 45.74 17.96
CA LEU H 556 -49.53 45.76 17.40
C LEU H 556 -49.46 45.46 15.90
N LEU H 557 -50.25 44.48 15.46
CA LEU H 557 -50.36 44.13 14.05
C LEU H 557 -51.69 44.66 13.55
N GLU H 558 -51.66 45.74 12.78
CA GLU H 558 -52.86 46.40 12.29
C GLU H 558 -53.10 46.01 10.83
N SER H 559 -54.37 45.86 10.48
CA SER H 559 -54.74 45.50 9.12
C SER H 559 -56.15 46.01 8.85
N GLY H 560 -56.53 45.97 7.58
CA GLY H 560 -57.85 46.41 7.16
C GLY H 560 -58.05 46.35 5.66
N THR H 561 -59.27 46.07 5.23
CA THR H 561 -59.59 45.95 3.82
C THR H 561 -60.74 46.89 3.46
N LEU H 562 -60.75 47.30 2.19
CA LEU H 562 -61.82 48.14 1.67
C LEU H 562 -62.00 47.77 0.20
N GLY H 563 -62.94 46.87 -0.07
CA GLY H 563 -63.14 46.39 -1.43
C GLY H 563 -61.98 45.52 -1.86
N THR H 564 -61.42 45.83 -3.03
CA THR H 564 -60.26 45.12 -3.54
C THR H 564 -58.95 45.66 -2.99
N LYS H 565 -59.01 46.66 -2.12
CA LYS H 565 -57.82 47.25 -1.52
C LYS H 565 -57.63 46.73 -0.10
N GLY H 566 -56.39 46.76 0.36
CA GLY H 566 -56.06 46.31 1.69
C GLY H 566 -54.68 46.78 2.08
N ASN H 567 -54.44 46.82 3.39
CA ASN H 567 -53.19 47.33 3.92
C ASN H 567 -52.85 46.63 5.23
N THR H 568 -51.55 46.59 5.52
CA THR H 568 -51.02 46.05 6.76
C THR H 568 -50.08 47.06 7.40
N GLN H 569 -50.03 47.06 8.73
CA GLN H 569 -49.18 47.99 9.48
C GLN H 569 -48.61 47.26 10.69
N VAL H 570 -47.30 47.41 10.89
CA VAL H 570 -46.62 46.80 12.02
C VAL H 570 -46.19 47.92 12.97
N ILE H 571 -46.48 47.75 14.26
CA ILE H 571 -46.14 48.72 15.29
C ILE H 571 -45.24 48.01 16.30
N ILE H 572 -43.99 48.43 16.35
CA ILE H 572 -42.97 47.82 17.22
C ILE H 572 -42.65 48.81 18.33
N PRO H 573 -42.66 48.39 19.60
CA PRO H 573 -42.34 49.32 20.69
C PRO H 573 -40.92 49.84 20.57
N ARG H 574 -40.76 51.14 20.83
CA ARG H 574 -39.49 51.85 20.84
C ARG H 574 -38.83 51.91 19.47
N LEU H 575 -39.44 51.35 18.42
CA LEU H 575 -38.80 51.32 17.11
C LEU H 575 -39.58 52.15 16.10
N THR H 576 -40.87 51.87 15.88
CA THR H 576 -41.64 52.52 14.85
C THR H 576 -42.77 53.35 15.48
N GLU H 577 -43.41 54.15 14.63
CA GLU H 577 -44.55 54.93 15.09
C GLU H 577 -45.80 54.06 15.16
N SER H 578 -46.80 54.57 15.87
CA SER H 578 -48.02 53.84 16.11
C SER H 578 -49.04 54.09 14.99
N TYR H 579 -50.21 53.46 15.11
CA TYR H 579 -51.28 53.69 14.16
C TYR H 579 -51.97 55.04 14.36
N SER H 580 -51.69 55.71 15.47
CA SER H 580 -52.25 57.03 15.75
C SER H 580 -51.46 58.15 15.09
N SER H 581 -50.19 57.91 14.74
CA SER H 581 -49.36 58.94 14.12
C SER H 581 -49.59 59.04 12.62
N SER H 582 -50.36 58.13 12.03
CA SER H 582 -50.72 58.17 10.62
C SER H 582 -52.23 58.18 10.41
N ARG H 583 -52.92 57.19 10.99
CA ARG H 583 -54.38 57.14 11.06
C ARG H 583 -55.02 57.33 9.68
N ASP H 584 -54.71 56.39 8.79
CA ASP H 584 -55.26 56.42 7.44
C ASP H 584 -55.31 55.02 6.86
N CYS H 593 -73.35 70.73 4.97
CA CYS H 593 -73.35 72.15 5.31
C CYS H 593 -73.98 72.97 4.20
N THR H 594 -73.15 73.76 3.50
CA THR H 594 -73.66 74.53 2.36
C THR H 594 -74.22 73.63 1.28
N LEU H 595 -73.55 72.49 1.02
CA LEU H 595 -74.00 71.58 -0.03
C LEU H 595 -75.32 70.90 0.27
N ARG H 596 -75.71 70.79 1.55
CA ARG H 596 -76.99 70.16 1.88
C ARG H 596 -78.18 71.05 1.52
N SER H 597 -78.01 72.38 1.55
CA SER H 597 -79.14 73.26 1.29
C SER H 597 -79.50 73.30 -0.19
N PHE H 598 -78.50 73.39 -1.08
CA PHE H 598 -78.69 73.38 -2.53
C PHE H 598 -77.92 72.20 -3.10
N PRO H 599 -78.56 71.06 -3.28
CA PRO H 599 -77.83 69.85 -3.69
C PRO H 599 -77.51 69.84 -5.17
N ASN H 600 -76.43 69.13 -5.49
CA ASN H 600 -76.03 68.89 -6.87
C ASN H 600 -75.65 67.45 -7.16
N LYS H 601 -75.53 66.60 -6.14
CA LYS H 601 -75.26 65.19 -6.33
C LYS H 601 -76.26 64.38 -5.51
N ILE H 602 -76.37 63.08 -5.84
CA ILE H 602 -77.31 62.22 -5.15
C ILE H 602 -76.93 62.03 -3.69
N ASP H 603 -75.66 62.24 -3.34
CA ASP H 603 -75.24 62.09 -1.94
C ASP H 603 -75.91 63.13 -1.05
N HIS H 604 -76.15 64.34 -1.57
CA HIS H 604 -76.75 65.39 -0.75
C HIS H 604 -78.25 65.17 -0.54
N THR H 605 -78.94 64.59 -1.52
CA THR H 605 -80.36 64.31 -1.35
C THR H 605 -80.61 63.13 -0.43
N ILE H 606 -79.72 62.14 -0.44
CA ILE H 606 -79.87 61.00 0.46
C ILE H 606 -79.62 61.43 1.90
N ALA H 607 -78.58 62.24 2.13
CA ALA H 607 -78.33 62.77 3.47
C ALA H 607 -79.46 63.69 3.92
N TRP H 608 -80.08 64.40 2.98
CA TRP H 608 -81.24 65.23 3.33
C TRP H 608 -82.43 64.37 3.69
N ALA H 609 -82.67 63.30 2.92
CA ALA H 609 -83.80 62.41 3.22
C ALA H 609 -83.53 61.62 4.50
N LYS H 610 -82.28 61.22 4.72
CA LYS H 610 -81.94 60.49 5.94
C LYS H 610 -82.14 61.37 7.18
N SER H 611 -81.89 62.67 7.07
CA SER H 611 -82.12 63.56 8.19
C SER H 611 -83.61 63.80 8.39
N LEU H 612 -84.37 63.88 7.29
CA LEU H 612 -85.81 64.01 7.40
C LEU H 612 -86.44 62.74 7.97
N PHE H 613 -85.88 61.57 7.66
CA PHE H 613 -86.39 60.33 8.23
C PHE H 613 -86.20 60.31 9.75
N GLN H 614 -85.15 60.98 10.24
CA GLN H 614 -84.93 61.04 11.69
C GLN H 614 -85.88 62.02 12.36
N GLY H 615 -86.03 63.21 11.79
CA GLY H 615 -86.92 64.19 12.37
C GLY H 615 -88.39 63.84 12.27
N TYR H 616 -88.76 62.98 11.31
CA TYR H 616 -90.16 62.62 11.14
C TYR H 616 -90.59 61.55 12.14
N PHE H 617 -89.84 60.45 12.22
CA PHE H 617 -90.29 59.28 12.97
C PHE H 617 -89.40 58.91 14.14
N THR H 618 -88.30 59.65 14.38
CA THR H 618 -87.42 59.37 15.50
C THR H 618 -87.32 60.54 16.47
N ASP H 619 -87.07 61.76 15.97
CA ASP H 619 -86.94 62.90 16.85
C ASP H 619 -88.30 63.43 17.28
N SER H 620 -89.29 63.40 16.38
CA SER H 620 -90.62 63.89 16.72
C SER H 620 -91.30 63.01 17.76
N ALA H 621 -91.06 61.69 17.69
CA ALA H 621 -91.69 60.78 18.63
C ALA H 621 -91.04 60.85 20.01
N GLU H 622 -89.71 60.96 20.05
CA GLU H 622 -89.02 61.03 21.33
C GLU H 622 -89.28 62.35 22.04
N ASN H 623 -89.59 63.41 21.29
CA ASN H 623 -89.92 64.69 21.92
C ASN H 623 -91.31 64.65 22.56
N VAL H 624 -92.26 63.96 21.91
CA VAL H 624 -93.59 63.83 22.49
C VAL H 624 -93.56 62.90 23.70
N ASN H 625 -92.78 61.83 23.63
CA ASN H 625 -92.66 60.90 24.75
C ASN H 625 -92.02 61.57 25.96
N MET H 626 -91.16 62.57 25.74
CA MET H 626 -90.51 63.27 26.85
C MET H 626 -91.34 64.42 27.38
N TYR H 627 -92.10 65.10 26.52
CA TYR H 627 -92.98 66.17 27.00
C TYR H 627 -94.09 65.61 27.89
N LEU H 628 -94.48 64.35 27.67
CA LEU H 628 -95.54 63.73 28.45
C LEU H 628 -95.02 63.08 29.73
N THR H 629 -93.76 62.66 29.75
CA THR H 629 -93.18 61.98 30.91
C THR H 629 -92.36 62.89 31.80
N GLN H 630 -91.93 64.05 31.32
CA GLN H 630 -91.16 65.00 32.12
C GLN H 630 -91.99 66.26 32.33
N PRO H 631 -92.37 66.59 33.58
CA PRO H 631 -93.22 67.78 33.77
C PRO H 631 -92.50 69.09 33.49
N ASN H 632 -91.24 69.21 33.91
CA ASN H 632 -90.48 70.43 33.68
C ASN H 632 -89.82 70.49 32.30
N PHE H 633 -90.23 69.61 31.37
CA PHE H 633 -89.60 69.56 30.06
C PHE H 633 -89.77 70.86 29.29
N VAL H 634 -90.90 71.55 29.48
CA VAL H 634 -91.12 72.82 28.80
C VAL H 634 -90.08 73.85 29.25
N GLU H 635 -89.86 73.95 30.57
CA GLU H 635 -88.86 74.89 31.07
C GLU H 635 -87.44 74.44 30.75
N GLN H 636 -87.21 73.12 30.69
CA GLN H 636 -85.87 72.63 30.42
C GLN H 636 -85.49 72.85 28.95
N THR H 637 -86.46 72.70 28.04
CA THR H 637 -86.15 72.89 26.62
C THR H 637 -85.80 74.33 26.31
N LEU H 638 -86.37 75.28 27.06
CA LEU H 638 -86.06 76.69 26.88
C LEU H 638 -84.64 77.03 27.30
N LYS H 639 -83.96 76.12 28.00
CA LYS H 639 -82.59 76.33 28.43
C LYS H 639 -81.60 75.99 27.31
N ASP H 643 -81.90 74.78 19.77
CA ASP H 643 -83.16 75.12 19.11
C ASP H 643 -84.33 74.90 20.06
N VAL H 644 -85.27 75.85 20.08
CA VAL H 644 -86.46 75.77 20.91
C VAL H 644 -87.73 75.88 20.06
N LYS H 645 -87.76 76.83 19.12
CA LYS H 645 -88.94 76.99 18.28
C LYS H 645 -89.20 75.77 17.41
N GLY H 646 -88.14 75.09 16.97
CA GLY H 646 -88.32 73.87 16.21
C GLY H 646 -88.76 72.69 17.06
N VAL H 647 -88.32 72.64 18.32
CA VAL H 647 -88.71 71.55 19.20
C VAL H 647 -90.16 71.72 19.67
N LEU H 648 -90.55 72.95 20.01
CA LEU H 648 -91.93 73.19 20.42
C LEU H 648 -92.90 72.98 19.26
N GLU H 649 -92.49 73.35 18.05
CA GLU H 649 -93.34 73.14 16.88
C GLU H 649 -93.52 71.66 16.59
N SER H 650 -92.47 70.86 16.82
CA SER H 650 -92.55 69.43 16.53
C SER H 650 -93.53 68.72 17.45
N ILE H 651 -93.57 69.11 18.73
CA ILE H 651 -94.49 68.47 19.66
C ILE H 651 -95.92 68.94 19.41
N SER H 652 -96.09 70.18 18.93
CA SER H 652 -97.43 70.70 18.66
C SER H 652 -98.04 70.02 17.44
N ASP H 653 -97.25 69.83 16.38
CA ASP H 653 -97.78 69.23 15.16
C ASP H 653 -98.03 67.74 15.32
N SER H 654 -97.29 67.07 16.21
CA SER H 654 -97.48 65.63 16.38
C SER H 654 -98.75 65.29 17.14
N LEU H 655 -99.36 66.26 17.83
CA LEU H 655 -100.58 66.03 18.57
C LEU H 655 -101.77 66.82 18.02
N SER H 656 -101.58 67.59 16.95
CA SER H 656 -102.68 68.34 16.35
C SER H 656 -103.35 67.54 15.23
N SER H 657 -102.57 67.12 14.24
CA SER H 657 -103.07 66.31 13.13
C SER H 657 -102.90 64.82 13.46
N LYS H 658 -103.50 64.43 14.57
CA LYS H 658 -103.40 63.04 15.03
C LYS H 658 -104.21 62.13 14.12
N PRO H 659 -103.58 61.16 13.45
CA PRO H 659 -104.33 60.26 12.58
C PRO H 659 -105.12 59.23 13.38
N HIS H 660 -106.23 58.78 12.79
CA HIS H 660 -107.11 57.80 13.42
C HIS H 660 -106.99 56.41 12.79
N ASN H 661 -107.00 56.33 11.46
CA ASN H 661 -106.86 55.07 10.75
C ASN H 661 -105.71 55.19 9.76
N PHE H 662 -105.48 54.11 9.01
CA PHE H 662 -104.41 54.11 8.01
C PHE H 662 -104.71 55.06 6.85
N GLU H 663 -105.99 55.38 6.63
CA GLU H 663 -106.33 56.32 5.56
C GLU H 663 -105.90 57.74 5.90
N ASP H 664 -105.87 58.10 7.19
CA ASP H 664 -105.42 59.42 7.57
C ASP H 664 -103.92 59.57 7.39
N CYS H 665 -103.17 58.47 7.51
CA CYS H 665 -101.73 58.53 7.28
C CYS H 665 -101.41 58.77 5.81
N ILE H 666 -102.22 58.19 4.91
CA ILE H 666 -102.03 58.44 3.49
C ILE H 666 -102.28 59.89 3.15
N LYS H 667 -103.29 60.49 3.77
CA LYS H 667 -103.57 61.91 3.55
C LYS H 667 -102.45 62.80 4.09
N TRP H 668 -101.89 62.42 5.24
CA TRP H 668 -100.82 63.22 5.84
C TRP H 668 -99.55 63.15 4.99
N ALA H 669 -99.24 61.98 4.43
CA ALA H 669 -98.05 61.85 3.60
C ALA H 669 -98.20 62.63 2.30
N ARG H 670 -99.41 62.65 1.74
CA ARG H 670 -99.65 63.42 0.52
C ARG H 670 -99.49 64.91 0.77
N LEU H 671 -99.90 65.39 1.93
CA LEU H 671 -99.75 66.81 2.25
C LEU H 671 -98.28 67.17 2.45
N GLU H 672 -97.51 66.27 3.06
CA GLU H 672 -96.07 66.52 3.23
C GLU H 672 -95.35 66.52 1.90
N PHE H 673 -95.83 65.74 0.92
CA PHE H 673 -95.24 65.77 -0.41
C PHE H 673 -95.39 67.15 -1.04
N GLU H 674 -96.59 67.73 -0.95
CA GLU H 674 -96.81 69.05 -1.53
C GLU H 674 -96.07 70.14 -0.77
N LYS H 675 -95.84 69.95 0.53
CA LYS H 675 -95.13 70.97 1.31
C LYS H 675 -93.64 70.94 1.02
N LYS H 676 -93.02 69.76 1.07
CA LYS H 676 -91.57 69.66 0.98
C LYS H 676 -91.06 69.79 -0.45
N PHE H 677 -91.85 69.40 -1.44
CA PHE H 677 -91.38 69.35 -2.82
C PHE H 677 -92.12 70.29 -3.77
N ASN H 678 -93.24 70.89 -3.36
CA ASN H 678 -93.96 71.83 -4.20
C ASN H 678 -94.03 73.22 -3.57
N HIS H 679 -94.45 73.32 -2.30
CA HIS H 679 -94.60 74.62 -1.65
C HIS H 679 -93.26 75.23 -1.28
N ASP H 680 -92.40 74.47 -0.59
CA ASP H 680 -91.09 74.99 -0.20
C ASP H 680 -90.21 75.28 -1.41
N ILE H 681 -90.41 74.55 -2.52
CA ILE H 681 -89.67 74.82 -3.74
C ILE H 681 -90.14 76.13 -4.37
N LYS H 682 -91.46 76.35 -4.38
CA LYS H 682 -91.98 77.61 -4.90
C LYS H 682 -91.60 78.79 -4.00
N GLN H 683 -91.57 78.58 -2.69
CA GLN H 683 -91.16 79.64 -1.77
C GLN H 683 -89.70 80.02 -1.98
N LEU H 684 -88.85 79.04 -2.25
CA LEU H 684 -87.45 79.34 -2.54
C LEU H 684 -87.32 80.10 -3.86
N LEU H 685 -88.06 79.66 -4.89
CA LEU H 685 -88.04 80.36 -6.17
C LEU H 685 -88.69 81.73 -6.09
N PHE H 686 -89.52 81.97 -5.06
CA PHE H 686 -90.11 83.29 -4.89
C PHE H 686 -89.08 84.29 -4.37
N ASN H 687 -88.27 83.89 -3.39
CA ASN H 687 -87.24 84.79 -2.87
C ASN H 687 -86.09 84.93 -3.84
N PHE H 688 -85.67 83.83 -4.48
CA PHE H 688 -84.59 83.82 -5.46
C PHE H 688 -85.13 83.23 -6.76
N PRO H 689 -85.63 84.06 -7.67
CA PRO H 689 -86.15 83.53 -8.94
C PRO H 689 -85.04 82.92 -9.78
N LYS H 690 -85.47 82.27 -10.87
CA LYS H 690 -84.52 81.66 -11.79
C LYS H 690 -83.63 82.70 -12.46
N ASP H 691 -84.08 83.96 -12.52
CA ASP H 691 -83.31 85.04 -13.12
C ASP H 691 -82.67 85.95 -12.06
N ALA H 692 -82.64 85.51 -10.80
CA ALA H 692 -82.05 86.33 -9.75
C ALA H 692 -80.57 86.54 -10.03
N LYS H 693 -80.05 87.68 -9.57
CA LYS H 693 -78.67 88.05 -9.85
C LYS H 693 -77.95 88.46 -8.58
N THR H 694 -76.63 88.25 -8.58
CA THR H 694 -75.76 88.56 -7.47
C THR H 694 -75.29 90.01 -7.60
N SER H 695 -74.25 90.37 -6.82
CA SER H 695 -73.74 91.74 -6.87
C SER H 695 -73.19 92.06 -8.25
N ASN H 696 -72.40 91.14 -8.82
CA ASN H 696 -71.79 91.35 -10.13
C ASN H 696 -72.76 91.20 -11.28
N GLY H 697 -74.03 90.90 -11.01
CA GLY H 697 -74.99 90.67 -12.07
C GLY H 697 -75.07 89.25 -12.59
N GLU H 698 -74.36 88.31 -11.97
CA GLU H 698 -74.38 86.92 -12.42
C GLU H 698 -75.62 86.21 -11.86
N PRO H 699 -76.21 85.30 -12.62
CA PRO H 699 -77.36 84.56 -12.10
C PRO H 699 -76.98 83.75 -10.86
N PHE H 700 -77.86 83.81 -9.86
CA PHE H 700 -77.60 83.10 -8.60
C PHE H 700 -77.51 81.61 -8.83
N TRP H 701 -78.37 81.04 -9.67
CA TRP H 701 -78.39 79.61 -9.95
C TRP H 701 -77.40 79.32 -11.07
N SER H 702 -76.15 79.07 -10.69
CA SER H 702 -75.09 78.78 -11.65
C SER H 702 -74.02 77.96 -10.95
N GLY H 703 -73.33 77.13 -11.75
CA GLY H 703 -72.28 76.29 -11.21
C GLY H 703 -72.82 75.17 -10.35
N ALA H 704 -72.40 75.13 -9.08
CA ALA H 704 -72.87 74.10 -8.17
C ALA H 704 -74.34 74.27 -7.79
N LYS H 705 -74.94 75.42 -8.10
CA LYS H 705 -76.33 75.69 -7.78
C LYS H 705 -77.19 75.36 -8.98
N ARG H 706 -78.27 74.60 -8.74
CA ARG H 706 -79.19 74.19 -9.79
C ARG H 706 -80.59 74.72 -9.46
N ALA H 707 -81.17 75.45 -10.41
CA ALA H 707 -82.50 76.02 -10.20
C ALA H 707 -83.54 74.93 -10.06
N PRO H 708 -84.21 74.81 -8.92
CA PRO H 708 -85.20 73.74 -8.75
C PRO H 708 -86.48 74.04 -9.50
N THR H 709 -87.37 73.03 -9.54
CA THR H 709 -88.67 73.14 -10.16
C THR H 709 -89.71 72.46 -9.30
N PRO H 710 -90.89 73.05 -9.15
CA PRO H 710 -91.93 72.42 -8.32
C PRO H 710 -92.43 71.14 -8.95
N LEU H 711 -92.73 70.16 -8.10
CA LEU H 711 -93.20 68.86 -8.57
C LEU H 711 -94.72 68.84 -8.65
N GLU H 712 -95.24 68.31 -9.76
CA GLU H 712 -96.66 68.03 -9.90
C GLU H 712 -96.87 66.58 -9.51
N PHE H 713 -97.65 66.36 -8.44
CA PHE H 713 -97.79 65.03 -7.88
C PHE H 713 -98.34 64.05 -8.91
N ASP H 714 -97.65 62.91 -9.06
CA ASP H 714 -98.05 61.84 -9.96
C ASP H 714 -97.97 60.54 -9.18
N ILE H 715 -99.13 59.95 -8.87
CA ILE H 715 -99.13 58.71 -8.10
C ILE H 715 -98.54 57.57 -8.91
N TYR H 716 -98.50 57.68 -10.23
CA TYR H 716 -97.88 56.66 -11.07
C TYR H 716 -96.37 56.76 -11.13
N ASN H 717 -95.80 57.89 -10.69
CA ASN H 717 -94.36 57.99 -10.52
C ASN H 717 -93.93 57.12 -9.34
N ASN H 718 -92.94 56.26 -9.58
CA ASN H 718 -92.56 55.27 -8.57
C ASN H 718 -92.00 55.94 -7.33
N ASP H 719 -91.37 57.11 -7.47
CA ASP H 719 -90.79 57.79 -6.31
C ASP H 719 -91.84 58.54 -5.52
N HIS H 720 -92.83 59.13 -6.21
CA HIS H 720 -93.91 59.82 -5.51
C HIS H 720 -94.83 58.81 -4.81
N PHE H 721 -95.06 57.66 -5.44
CA PHE H 721 -95.96 56.66 -4.86
C PHE H 721 -95.38 56.06 -3.58
N HIS H 722 -94.10 55.67 -3.63
CA HIS H 722 -93.49 55.03 -2.47
C HIS H 722 -93.20 56.02 -1.35
N PHE H 723 -93.12 57.32 -1.67
CA PHE H 723 -92.98 58.32 -0.61
C PHE H 723 -94.24 58.38 0.25
N VAL H 724 -95.42 58.17 -0.34
CA VAL H 724 -96.65 58.18 0.42
C VAL H 724 -96.85 56.85 1.13
N VAL H 725 -96.55 55.74 0.45
CA VAL H 725 -96.74 54.42 1.05
C VAL H 725 -95.83 54.25 2.27
N ALA H 726 -94.54 54.56 2.10
CA ALA H 726 -93.61 54.42 3.21
C ALA H 726 -93.87 55.48 4.28
N GLY H 727 -94.24 56.69 3.86
CA GLY H 727 -94.55 57.73 4.84
C GLY H 727 -95.76 57.38 5.68
N ALA H 728 -96.80 56.84 5.06
CA ALA H 728 -97.99 56.45 5.82
C ALA H 728 -97.71 55.24 6.70
N SER H 729 -97.00 54.24 6.17
CA SER H 729 -96.72 53.04 6.95
C SER H 729 -95.82 53.33 8.13
N LEU H 730 -94.91 54.30 8.00
CA LEU H 730 -94.02 54.64 9.11
C LEU H 730 -94.73 55.51 10.14
N ARG H 731 -95.59 56.43 9.69
CA ARG H 731 -96.39 57.20 10.63
C ARG H 731 -97.36 56.31 11.39
N ALA H 732 -97.93 55.31 10.70
CA ALA H 732 -98.80 54.36 11.38
C ALA H 732 -98.04 53.56 12.43
N TYR H 733 -96.74 53.37 12.25
CA TYR H 733 -95.92 52.71 13.26
C TYR H 733 -95.73 53.60 14.48
N ASN H 734 -95.70 54.92 14.29
CA ASN H 734 -95.57 55.85 15.41
C ASN H 734 -96.80 55.80 16.31
N TYR H 735 -97.99 55.83 15.71
CA TYR H 735 -99.24 55.86 16.47
C TYR H 735 -99.81 54.47 16.71
N GLY H 736 -99.10 53.41 16.33
CA GLY H 736 -99.54 52.05 16.62
C GLY H 736 -100.75 51.59 15.84
N ILE H 737 -100.96 52.10 14.63
CA ILE H 737 -102.08 51.71 13.80
C ILE H 737 -101.60 50.71 12.77
N LYS H 738 -102.37 49.64 12.59
CA LYS H 738 -102.03 48.63 11.59
C LYS H 738 -103.12 48.56 10.51
N LYS H 745 -98.62 44.43 0.50
CA LYS H 745 -98.60 44.87 -0.89
C LYS H 745 -99.62 45.99 -1.11
N PRO H 746 -99.12 47.22 -1.23
CA PRO H 746 -100.03 48.35 -1.45
C PRO H 746 -100.53 48.42 -2.88
N ASN H 747 -101.78 48.86 -3.02
CA ASN H 747 -102.44 48.98 -4.31
C ASN H 747 -102.46 50.44 -4.74
N VAL H 748 -102.14 50.69 -6.01
CA VAL H 748 -102.05 52.05 -6.51
C VAL H 748 -103.43 52.69 -6.59
N ASP H 749 -104.43 51.94 -7.05
CA ASP H 749 -105.78 52.49 -7.18
C ASP H 749 -106.38 52.85 -5.82
N GLU H 750 -106.05 52.08 -4.78
CA GLU H 750 -106.54 52.41 -3.44
C GLU H 750 -105.94 53.72 -2.94
N TYR H 751 -104.63 53.89 -3.12
CA TYR H 751 -103.99 55.16 -2.77
C TYR H 751 -104.46 56.29 -3.69
N LYS H 752 -104.90 55.95 -4.90
CA LYS H 752 -105.33 56.97 -5.85
C LYS H 752 -106.69 57.54 -5.46
N SER H 753 -107.62 56.68 -5.03
CA SER H 753 -108.93 57.16 -4.62
C SER H 753 -108.85 58.01 -3.35
N VAL H 754 -107.85 57.75 -2.50
CA VAL H 754 -107.70 58.53 -1.28
C VAL H 754 -107.14 59.92 -1.59
N ILE H 755 -106.22 60.01 -2.55
CA ILE H 755 -105.59 61.29 -2.85
C ILE H 755 -106.44 62.12 -3.80
N ASP H 756 -107.08 61.47 -4.78
CA ASP H 756 -107.91 62.20 -5.73
C ASP H 756 -109.15 62.81 -5.10
N HIS H 757 -109.55 62.34 -3.92
CA HIS H 757 -110.67 62.91 -3.20
C HIS H 757 -110.24 63.94 -2.17
N MET H 758 -108.96 64.26 -2.14
CA MET H 758 -108.42 65.25 -1.21
C MET H 758 -108.44 66.64 -1.84
N ILE H 759 -108.43 67.65 -0.99
CA ILE H 759 -108.29 69.04 -1.41
C ILE H 759 -106.89 69.47 -0.96
N ILE H 760 -106.03 69.74 -1.94
CA ILE H 760 -104.64 70.10 -1.68
C ILE H 760 -104.55 71.62 -1.61
N PRO H 761 -104.12 72.20 -0.49
CA PRO H 761 -104.02 73.67 -0.41
C PRO H 761 -103.03 74.22 -1.42
N GLU H 762 -103.36 75.39 -1.97
CA GLU H 762 -102.49 76.04 -2.94
C GLU H 762 -101.30 76.70 -2.24
N PHE H 763 -100.38 77.21 -3.05
CA PHE H 763 -99.18 77.85 -2.54
C PHE H 763 -99.41 79.35 -2.45
N THR H 764 -99.05 79.93 -1.31
CA THR H 764 -99.10 81.38 -1.11
C THR H 764 -97.79 81.83 -0.48
N PRO H 765 -97.15 82.87 -1.01
CA PRO H 765 -95.87 83.32 -0.44
C PRO H 765 -96.04 83.81 0.99
N ASN H 766 -95.02 83.55 1.80
CA ASN H 766 -95.06 83.92 3.21
C ASN H 766 -94.16 85.12 3.48
N GLU H 790 -95.23 86.20 20.71
CA GLU H 790 -93.87 85.72 20.93
C GLU H 790 -93.83 84.19 20.98
N ILE H 791 -92.76 83.65 21.55
CA ILE H 791 -92.64 82.20 21.70
C ILE H 791 -93.59 81.67 22.75
N ASP H 792 -94.14 82.56 23.60
CA ASP H 792 -95.11 82.15 24.61
C ASP H 792 -96.42 81.67 23.98
N GLN H 793 -96.66 82.00 22.71
CA GLN H 793 -97.85 81.49 22.03
C GLN H 793 -97.74 79.99 21.77
N LEU H 794 -96.53 79.50 21.49
CA LEU H 794 -96.37 78.07 21.22
C LEU H 794 -96.55 77.25 22.48
N VAL H 795 -96.03 77.73 23.62
CA VAL H 795 -96.14 76.98 24.87
C VAL H 795 -97.56 76.99 25.39
N SER H 796 -98.41 77.91 24.90
CA SER H 796 -99.80 77.96 25.32
C SER H 796 -100.71 77.15 24.42
N SER H 797 -100.29 76.84 23.20
CA SER H 797 -101.07 76.02 22.29
C SER H 797 -100.89 74.53 22.55
N LEU H 798 -99.88 74.15 23.32
CA LEU H 798 -99.65 72.74 23.61
C LEU H 798 -100.73 72.21 24.55
N PRO H 799 -101.32 71.06 24.28
CA PRO H 799 -102.29 70.49 25.22
C PRO H 799 -101.60 69.99 26.48
N ASP H 800 -102.40 69.80 27.52
CA ASP H 800 -101.84 69.36 28.79
C ASP H 800 -101.54 67.87 28.75
N PRO H 801 -100.49 67.42 29.43
CA PRO H 801 -100.20 65.98 29.49
C PRO H 801 -101.31 65.16 30.13
N SER H 802 -102.14 65.77 30.99
CA SER H 802 -103.24 65.04 31.61
C SER H 802 -104.35 64.73 30.61
N THR H 803 -104.46 65.51 29.53
CA THR H 803 -105.47 65.23 28.52
C THR H 803 -105.20 63.91 27.80
N LEU H 804 -103.94 63.69 27.40
CA LEU H 804 -103.53 62.46 26.72
C LEU H 804 -102.87 61.55 27.74
N ALA H 805 -103.71 60.84 28.50
CA ALA H 805 -103.24 59.95 29.55
C ALA H 805 -102.83 58.62 28.94
N GLY H 806 -101.55 58.26 29.10
CA GLY H 806 -101.02 57.02 28.59
C GLY H 806 -100.74 57.00 27.10
N PHE H 807 -100.96 58.10 26.39
CA PHE H 807 -100.67 58.12 24.96
C PHE H 807 -99.16 58.06 24.74
N LYS H 808 -98.72 57.06 23.97
CA LYS H 808 -97.30 56.83 23.72
C LYS H 808 -97.07 56.73 22.22
N LEU H 809 -96.07 57.47 21.72
CA LEU H 809 -95.62 57.35 20.35
C LEU H 809 -94.40 56.43 20.30
N GLU H 810 -94.34 55.59 19.27
CA GLU H 810 -93.25 54.64 19.13
C GLU H 810 -92.19 55.19 18.20
N PRO H 811 -91.02 55.59 18.69
CA PRO H 811 -89.98 56.11 17.80
C PRO H 811 -89.42 55.00 16.91
N VAL H 812 -89.07 55.37 15.69
CA VAL H 812 -88.55 54.44 14.69
C VAL H 812 -87.04 54.35 14.83
N ASP H 813 -86.54 53.14 15.04
CA ASP H 813 -85.10 52.89 15.08
C ASP H 813 -84.64 52.46 13.69
N PHE H 814 -83.79 53.28 13.08
CA PHE H 814 -83.38 53.05 11.70
C PHE H 814 -82.63 51.72 11.57
N GLU H 815 -83.12 50.86 10.69
CA GLU H 815 -82.49 49.58 10.40
C GLU H 815 -82.32 49.45 8.90
N LYS H 816 -81.06 49.37 8.44
CA LYS H 816 -80.80 49.36 7.01
C LYS H 816 -80.94 47.98 6.39
N ASP H 817 -80.82 46.91 7.18
CA ASP H 817 -80.81 45.56 6.63
C ASP H 817 -82.20 44.94 6.55
N ASP H 818 -83.21 45.57 7.14
CA ASP H 818 -84.58 45.08 7.07
C ASP H 818 -85.28 45.71 5.88
N ASP H 819 -85.81 44.87 4.99
CA ASP H 819 -86.43 45.34 3.75
C ASP H 819 -87.95 45.38 3.85
N THR H 820 -88.53 45.13 5.02
CA THR H 820 -89.97 45.14 5.18
C THR H 820 -90.48 46.21 6.14
N ASN H 821 -89.59 46.94 6.81
CA ASN H 821 -89.99 47.97 7.75
C ASN H 821 -90.19 49.33 7.08
N HIS H 822 -90.08 49.40 5.75
CA HIS H 822 -90.24 50.62 4.97
C HIS H 822 -89.23 51.70 5.35
N HIS H 823 -88.12 51.32 5.99
CA HIS H 823 -87.10 52.30 6.34
C HIS H 823 -86.31 52.73 5.10
N ILE H 824 -85.74 51.74 4.39
CA ILE H 824 -85.02 52.05 3.16
C ILE H 824 -85.99 52.51 2.08
N GLU H 825 -87.23 52.02 2.11
CA GLU H 825 -88.23 52.42 1.13
C GLU H 825 -88.48 53.92 1.17
N PHE H 826 -88.51 54.49 2.38
CA PHE H 826 -88.78 55.93 2.51
C PHE H 826 -87.60 56.76 2.03
N ILE H 827 -86.38 56.45 2.50
CA ILE H 827 -85.22 57.25 2.18
C ILE H 827 -84.95 57.25 0.68
N THR H 828 -85.16 56.12 0.02
CA THR H 828 -84.97 56.06 -1.43
C THR H 828 -85.96 56.97 -2.15
N ALA H 829 -87.25 56.85 -1.81
CA ALA H 829 -88.27 57.68 -2.47
C ALA H 829 -88.12 59.15 -2.10
N CYS H 830 -87.84 59.44 -0.83
CA CYS H 830 -87.74 60.83 -0.38
C CYS H 830 -86.53 61.53 -1.00
N SER H 831 -85.41 60.83 -1.12
CA SER H 831 -84.23 61.44 -1.72
C SER H 831 -84.42 61.69 -3.19
N ASN H 832 -85.03 60.75 -3.92
CA ASN H 832 -85.22 60.92 -5.34
C ASN H 832 -86.22 62.03 -5.65
N CYS H 833 -87.18 62.27 -4.75
CA CYS H 833 -88.13 63.37 -4.98
C CYS H 833 -87.42 64.72 -4.96
N ARG H 834 -86.53 64.93 -3.99
CA ARG H 834 -85.72 66.15 -3.99
C ARG H 834 -84.74 66.18 -5.17
N ALA H 835 -84.30 65.00 -5.63
CA ALA H 835 -83.45 64.95 -6.81
C ALA H 835 -84.20 65.42 -8.05
N GLN H 836 -85.48 65.07 -8.15
CA GLN H 836 -86.28 65.54 -9.28
C GLN H 836 -86.49 67.05 -9.21
N ASN H 837 -86.44 67.62 -8.01
CA ASN H 837 -86.55 69.07 -7.88
C ASN H 837 -85.35 69.76 -8.52
N TYR H 838 -84.14 69.37 -8.13
CA TYR H 838 -82.92 70.03 -8.57
C TYR H 838 -82.28 69.34 -9.78
N PHE H 839 -83.05 68.56 -10.54
CA PHE H 839 -82.59 67.92 -11.77
C PHE H 839 -81.36 67.05 -11.52
N ILE H 840 -81.39 66.29 -10.43
CA ILE H 840 -80.32 65.37 -10.08
C ILE H 840 -80.76 63.96 -10.46
N GLU H 841 -79.83 63.19 -11.04
CA GLU H 841 -80.16 61.84 -11.47
C GLU H 841 -80.51 60.97 -10.27
N THR H 842 -81.61 60.24 -10.38
CA THR H 842 -82.10 59.43 -9.27
C THR H 842 -81.21 58.21 -9.05
N ALA H 843 -81.40 57.57 -7.90
CA ALA H 843 -80.65 56.37 -7.53
C ALA H 843 -81.62 55.30 -7.06
N ASP H 844 -81.19 54.04 -7.20
CA ASP H 844 -82.00 52.89 -6.83
C ASP H 844 -81.91 52.63 -5.34
N ARG H 845 -82.53 51.53 -4.88
CA ARG H 845 -82.54 51.21 -3.46
C ARG H 845 -81.16 50.79 -2.97
N GLN H 846 -80.44 50.00 -3.77
CA GLN H 846 -79.15 49.48 -3.33
C GLN H 846 -78.11 50.58 -3.20
N LYS H 847 -78.14 51.56 -4.10
CA LYS H 847 -77.22 52.69 -4.01
C LYS H 847 -77.56 53.60 -2.84
N THR H 848 -78.85 53.75 -2.52
CA THR H 848 -79.24 54.56 -1.38
C THR H 848 -78.87 53.87 -0.07
N LYS H 849 -79.09 52.55 0.01
CA LYS H 849 -78.67 51.80 1.18
C LYS H 849 -77.17 51.88 1.39
N PHE H 850 -76.40 51.95 0.31
CA PHE H 850 -74.94 52.05 0.42
C PHE H 850 -74.51 53.37 1.03
N ILE H 851 -75.09 54.48 0.55
CA ILE H 851 -74.66 55.80 1.01
C ILE H 851 -75.23 56.12 2.39
N ALA H 852 -76.49 55.75 2.63
CA ALA H 852 -77.12 56.07 3.92
C ALA H 852 -76.52 55.22 5.04
N GLY H 853 -76.35 53.91 4.80
CA GLY H 853 -75.81 53.01 5.80
C GLY H 853 -74.31 53.08 5.96
N ARG H 854 -73.61 53.80 5.10
CA ARG H 854 -72.14 53.90 5.13
C ARG H 854 -71.51 52.51 5.09
N ILE H 855 -72.05 51.66 4.21
CA ILE H 855 -71.58 50.28 4.11
C ILE H 855 -70.19 50.25 3.49
N ILE H 856 -69.32 49.42 4.07
CA ILE H 856 -67.96 49.24 3.55
C ILE H 856 -67.96 48.01 2.64
N PRO H 857 -67.60 48.16 1.37
CA PRO H 857 -67.54 46.99 0.47
C PRO H 857 -66.42 46.06 0.89
N ALA H 858 -66.73 44.77 1.05
CA ALA H 858 -65.75 43.82 1.55
C ALA H 858 -65.94 42.47 0.86
N ILE H 859 -64.88 42.00 0.22
CA ILE H 859 -64.87 40.69 -0.42
C ILE H 859 -63.91 39.79 0.37
N ALA H 860 -64.18 38.48 0.34
CA ALA H 860 -63.42 37.53 1.14
C ALA H 860 -62.01 37.28 0.60
N THR H 861 -61.74 37.64 -0.67
CA THR H 861 -60.42 37.38 -1.23
C THR H 861 -59.39 38.33 -0.64
N THR H 862 -59.70 39.63 -0.64
CA THR H 862 -58.76 40.59 -0.08
C THR H 862 -58.57 40.37 1.42
N THR H 863 -59.61 39.92 2.11
CA THR H 863 -59.49 39.66 3.54
C THR H 863 -58.50 38.53 3.81
N SER H 864 -58.57 37.45 3.03
CA SER H 864 -57.66 36.33 3.22
C SER H 864 -56.22 36.72 2.90
N LEU H 865 -56.03 37.51 1.83
CA LEU H 865 -54.69 37.93 1.45
C LEU H 865 -54.07 38.82 2.52
N VAL H 866 -54.81 39.81 2.99
CA VAL H 866 -54.28 40.74 3.99
C VAL H 866 -53.96 39.99 5.28
N THR H 867 -54.81 39.04 5.66
CA THR H 867 -54.56 38.26 6.86
C THR H 867 -53.29 37.42 6.72
N GLY H 868 -53.02 36.93 5.51
CA GLY H 868 -51.79 36.16 5.29
C GLY H 868 -50.54 37.01 5.52
N LEU H 869 -50.55 38.25 5.01
CA LEU H 869 -49.41 39.14 5.18
C LEU H 869 -49.18 39.51 6.64
N VAL H 870 -50.25 39.63 7.43
CA VAL H 870 -50.09 39.95 8.85
C VAL H 870 -49.38 38.81 9.57
N ASN H 871 -49.76 37.57 9.26
CA ASN H 871 -49.12 36.44 9.91
C ASN H 871 -47.67 36.27 9.46
N LEU H 872 -47.31 36.81 8.29
CA LEU H 872 -45.90 36.77 7.89
C LEU H 872 -45.07 37.77 8.69
N GLU H 873 -45.67 38.88 9.12
CA GLU H 873 -45.00 39.80 10.04
C GLU H 873 -45.01 39.25 11.47
N LEU H 874 -46.00 38.43 11.80
CA LEU H 874 -46.05 37.80 13.11
C LEU H 874 -44.85 36.90 13.34
N TYR H 875 -44.34 36.26 12.28
CA TYR H 875 -43.14 35.46 12.39
C TYR H 875 -41.96 36.29 12.87
N LYS H 876 -41.91 37.56 12.46
CA LYS H 876 -40.84 38.45 12.88
C LYS H 876 -41.01 38.95 14.30
N LEU H 877 -42.23 38.98 14.82
CA LEU H 877 -42.45 39.34 16.21
C LEU H 877 -42.01 38.24 17.16
N ILE H 878 -42.10 36.97 16.73
CA ILE H 878 -41.71 35.86 17.59
C ILE H 878 -40.21 35.85 17.80
N ASP H 879 -39.44 36.15 16.74
CA ASP H 879 -37.99 36.26 16.88
C ASP H 879 -37.59 37.53 17.61
N ASN H 880 -38.53 38.44 17.85
CA ASN H 880 -38.28 39.72 18.52
C ASN H 880 -37.28 40.55 17.71
N LYS H 881 -37.53 40.64 16.41
CA LYS H 881 -36.67 41.41 15.53
C LYS H 881 -36.78 42.89 15.85
N THR H 882 -35.62 43.55 15.89
CA THR H 882 -35.54 44.98 16.12
C THR H 882 -35.00 45.74 14.91
N ASP H 883 -34.46 45.05 13.91
CA ASP H 883 -34.02 45.69 12.68
C ASP H 883 -35.24 46.14 11.88
N ILE H 884 -35.42 47.45 11.74
CA ILE H 884 -36.61 47.99 11.10
C ILE H 884 -36.67 47.62 9.62
N GLU H 885 -35.55 47.26 8.99
CA GLU H 885 -35.55 46.92 7.58
C GLU H 885 -36.15 45.54 7.33
N GLN H 886 -36.26 44.71 8.36
CA GLN H 886 -36.87 43.40 8.21
C GLN H 886 -38.39 43.48 8.12
N TYR H 887 -38.99 44.45 8.81
CA TYR H 887 -40.43 44.64 8.75
C TYR H 887 -40.85 45.31 7.46
N LYS H 888 -42.09 45.06 7.04
CA LYS H 888 -42.61 45.60 5.78
C LYS H 888 -44.10 45.88 5.93
N ASN H 889 -44.50 47.12 5.67
CA ASN H 889 -45.91 47.48 5.63
C ASN H 889 -46.43 47.29 4.21
N GLY H 890 -47.49 46.50 4.08
CA GLY H 890 -48.02 46.13 2.78
C GLY H 890 -49.25 46.92 2.38
N PHE H 891 -49.39 47.11 1.06
CA PHE H 891 -50.57 47.73 0.45
C PHE H 891 -50.91 46.95 -0.81
N VAL H 892 -52.15 46.46 -0.88
CA VAL H 892 -52.58 45.65 -2.02
C VAL H 892 -53.84 46.25 -2.62
N ASN H 893 -53.94 46.13 -3.94
CA ASN H 893 -55.12 46.51 -4.70
C ASN H 893 -55.28 45.44 -5.79
N LEU H 894 -56.08 44.41 -5.48
CA LEU H 894 -56.21 43.27 -6.37
C LEU H 894 -56.85 43.62 -7.71
N ALA H 895 -57.39 44.83 -7.85
CA ALA H 895 -58.05 45.20 -9.10
C ALA H 895 -57.05 45.46 -10.21
N LEU H 896 -55.84 45.92 -9.87
CA LEU H 896 -54.87 46.33 -10.89
C LEU H 896 -54.20 45.12 -11.54
N PRO H 897 -53.64 44.16 -10.78
CA PRO H 897 -53.41 44.04 -9.34
C PRO H 897 -52.07 44.66 -8.97
N PHE H 898 -51.98 45.24 -7.78
CA PHE H 898 -50.76 45.89 -7.32
C PHE H 898 -50.37 45.36 -5.95
N PHE H 899 -49.09 45.07 -5.78
CA PHE H 899 -48.55 44.62 -4.50
C PHE H 899 -47.32 45.47 -4.18
N GLY H 900 -47.38 46.19 -3.07
CA GLY H 900 -46.28 47.02 -2.66
C GLY H 900 -46.03 46.89 -1.17
N PHE H 901 -44.76 46.95 -0.80
CA PHE H 901 -44.34 46.84 0.59
C PHE H 901 -43.34 47.94 0.90
N SER H 902 -43.55 48.61 2.03
CA SER H 902 -42.70 49.72 2.44
C SER H 902 -42.21 49.49 3.87
N GLU H 903 -41.03 50.00 4.15
CA GLU H 903 -40.47 49.90 5.49
C GLU H 903 -41.28 50.77 6.44
N PRO H 904 -41.57 50.29 7.65
CA PRO H 904 -42.33 51.12 8.60
C PRO H 904 -41.59 52.40 8.94
N ILE H 905 -42.35 53.44 9.29
CA ILE H 905 -41.79 54.74 9.62
C ILE H 905 -41.18 54.70 11.01
N ALA H 906 -39.94 55.18 11.14
CA ALA H 906 -39.30 55.24 12.44
C ALA H 906 -40.00 56.23 13.34
N SER H 907 -40.06 55.90 14.63
CA SER H 907 -40.71 56.79 15.58
C SER H 907 -39.98 58.12 15.65
N PRO H 908 -40.68 59.25 15.60
CA PRO H 908 -39.99 60.54 15.64
C PRO H 908 -39.32 60.78 16.99
N LYS H 909 -38.12 61.34 16.94
CA LYS H 909 -37.35 61.64 18.14
C LYS H 909 -37.38 63.13 18.44
N GLY H 910 -37.30 63.46 19.72
CA GLY H 910 -37.24 64.84 20.16
C GLY H 910 -36.10 65.08 21.13
N GLU H 911 -36.05 66.26 21.74
CA GLU H 911 -35.00 66.55 22.71
C GLU H 911 -35.45 67.70 23.60
N TYR H 912 -35.00 67.65 24.86
CA TYR H 912 -35.21 68.72 25.81
C TYR H 912 -34.00 68.76 26.73
N ASN H 913 -33.40 69.94 26.87
CA ASN H 913 -32.16 70.12 27.62
C ASN H 913 -31.07 69.18 27.10
N ASN H 914 -31.01 69.01 25.79
CA ASN H 914 -30.04 68.15 25.10
C ASN H 914 -30.14 66.69 25.52
N LYS H 915 -31.30 66.28 26.05
CA LYS H 915 -31.54 64.90 26.46
C LYS H 915 -32.53 64.31 25.46
N LYS H 916 -32.05 63.39 24.62
CA LYS H 916 -32.88 62.81 23.58
C LYS H 916 -33.91 61.83 24.16
N TYR H 917 -35.07 61.76 23.50
CA TYR H 917 -36.15 60.89 23.93
C TYR H 917 -36.95 60.46 22.71
N ASP H 918 -37.85 59.49 22.93
CA ASP H 918 -38.76 59.00 21.90
C ASP H 918 -40.12 59.65 22.10
N LYS H 919 -40.59 60.37 21.08
CA LYS H 919 -41.83 61.13 21.20
C LYS H 919 -43.07 60.25 21.31
N ILE H 920 -42.98 58.99 20.90
CA ILE H 920 -44.13 58.10 20.89
C ILE H 920 -44.15 57.16 22.09
N TRP H 921 -43.01 56.57 22.45
CA TRP H 921 -42.97 55.48 23.42
C TRP H 921 -42.40 55.84 24.78
N ASP H 922 -41.48 56.81 24.85
CA ASP H 922 -40.85 57.14 26.12
C ASP H 922 -41.79 57.94 27.01
N ARG H 923 -41.63 57.76 28.33
CA ARG H 923 -42.46 58.44 29.31
C ARG H 923 -41.73 58.48 30.64
N PHE H 924 -42.20 59.36 31.52
CA PHE H 924 -41.67 59.47 32.87
C PHE H 924 -42.47 58.57 33.82
N ASP H 925 -41.76 57.77 34.61
CA ASP H 925 -42.38 56.87 35.57
C ASP H 925 -42.17 57.43 36.97
N ILE H 926 -43.25 57.85 37.62
CA ILE H 926 -43.23 58.37 38.98
C ILE H 926 -43.91 57.35 39.88
N LYS H 927 -43.24 56.97 40.97
CA LYS H 927 -43.73 55.95 41.87
C LYS H 927 -44.54 56.58 43.01
N GLY H 928 -45.69 55.99 43.30
CA GLY H 928 -46.54 56.44 44.38
C GLY H 928 -47.44 57.60 43.98
N ASP H 929 -48.51 57.79 44.76
CA ASP H 929 -49.45 58.89 44.54
C ASP H 929 -48.80 60.17 45.04
N ILE H 930 -47.90 60.72 44.22
CA ILE H 930 -47.15 61.90 44.61
C ILE H 930 -48.06 63.12 44.66
N LYS H 931 -47.67 64.11 45.46
CA LYS H 931 -48.39 65.37 45.51
C LYS H 931 -47.95 66.27 44.35
N LEU H 932 -48.82 67.22 44.02
CA LEU H 932 -48.54 68.12 42.90
C LEU H 932 -47.31 68.98 43.16
N SER H 933 -47.08 69.37 44.42
CA SER H 933 -45.90 70.17 44.74
C SER H 933 -44.62 69.37 44.54
N ASP H 934 -44.60 68.13 45.03
CA ASP H 934 -43.42 67.30 44.87
C ASP H 934 -43.19 66.91 43.41
N LEU H 935 -44.26 66.88 42.60
CA LEU H 935 -44.10 66.54 41.19
C LEU H 935 -43.40 67.65 40.43
N ILE H 936 -43.81 68.91 40.67
CA ILE H 936 -43.13 70.03 40.03
C ILE H 936 -41.70 70.18 40.56
N GLU H 937 -41.51 69.88 41.85
CA GLU H 937 -40.17 69.95 42.42
C GLU H 937 -39.27 68.85 41.86
N HIS H 938 -39.82 67.66 41.67
CA HIS H 938 -39.03 66.55 41.12
C HIS H 938 -38.67 66.80 39.66
N PHE H 939 -39.49 67.56 38.94
CA PHE H 939 -39.22 67.82 37.53
C PHE H 939 -38.27 68.99 37.32
N GLU H 940 -38.16 69.89 38.30
CA GLU H 940 -37.18 70.97 38.20
C GLU H 940 -35.80 70.51 38.66
N LYS H 941 -35.74 69.49 39.52
CA LYS H 941 -34.48 68.98 40.04
C LYS H 941 -33.91 67.88 39.14
N ASP H 942 -34.70 66.83 38.89
CA ASP H 942 -34.20 65.66 38.16
C ASP H 942 -34.21 65.87 36.65
N GLU H 943 -35.18 66.60 36.12
CA GLU H 943 -35.33 66.77 34.68
C GLU H 943 -35.07 68.18 34.20
N GLY H 944 -35.05 69.17 35.11
CA GLY H 944 -34.88 70.55 34.70
C GLY H 944 -36.05 71.07 33.89
N LEU H 945 -37.27 70.64 34.20
CA LEU H 945 -38.47 71.06 33.49
C LEU H 945 -39.42 71.73 34.46
N GLU H 946 -39.83 72.95 34.13
CA GLU H 946 -40.82 73.68 34.92
C GLU H 946 -42.19 73.32 34.37
N ILE H 947 -42.91 72.45 35.09
CA ILE H 947 -44.23 72.01 34.64
C ILE H 947 -45.16 73.22 34.66
N THR H 948 -45.60 73.65 33.47
CA THR H 948 -46.50 74.79 33.35
C THR H 948 -47.96 74.36 33.28
N MET H 949 -48.24 73.18 32.73
CA MET H 949 -49.60 72.67 32.64
C MET H 949 -49.59 71.16 32.82
N LEU H 950 -50.72 70.63 33.26
CA LEU H 950 -50.86 69.20 33.53
C LEU H 950 -52.31 68.81 33.35
N SER H 951 -52.54 67.71 32.62
CA SER H 951 -53.89 67.24 32.35
C SER H 951 -53.97 65.74 32.58
N TYR H 952 -55.19 65.25 32.74
CA TYR H 952 -55.49 63.82 32.91
C TYR H 952 -56.66 63.50 32.00
N GLY H 953 -56.37 62.96 30.83
CA GLY H 953 -57.41 62.71 29.84
C GLY H 953 -57.93 64.00 29.25
N VAL H 954 -59.18 64.33 29.55
CA VAL H 954 -59.81 65.55 29.08
C VAL H 954 -59.98 66.55 30.22
N SER H 955 -59.22 66.41 31.30
CA SER H 955 -59.38 67.24 32.49
C SER H 955 -58.09 68.01 32.76
N LEU H 956 -58.18 69.33 32.76
CA LEU H 956 -57.05 70.18 33.11
C LEU H 956 -56.97 70.32 34.63
N LEU H 957 -55.84 69.91 35.20
CA LEU H 957 -55.67 69.90 36.65
C LEU H 957 -54.88 71.10 37.17
N TYR H 958 -53.70 71.36 36.60
CA TYR H 958 -52.80 72.38 37.11
C TYR H 958 -52.37 73.33 36.00
N ALA H 959 -52.16 74.58 36.38
CA ALA H 959 -51.66 75.62 35.47
C ALA H 959 -50.84 76.60 36.28
N SER H 960 -49.63 76.93 35.81
CA SER H 960 -48.75 77.83 36.55
C SER H 960 -49.25 79.26 36.57
N PHE H 961 -50.13 79.64 35.64
CA PHE H 961 -50.68 80.99 35.59
C PHE H 961 -52.00 81.11 36.36
N PHE H 962 -52.39 80.08 37.10
CA PHE H 962 -53.60 80.14 37.91
C PHE H 962 -53.42 81.15 39.04
N PRO H 963 -54.51 81.73 39.54
CA PRO H 963 -54.41 82.65 40.67
C PRO H 963 -53.88 81.93 41.90
N PRO H 964 -53.31 82.65 42.87
CA PRO H 964 -52.75 81.98 44.05
C PRO H 964 -53.75 81.18 44.86
N LYS H 965 -55.05 81.41 44.66
CA LYS H 965 -56.04 80.61 45.39
C LYS H 965 -56.16 79.20 44.80
N LYS H 966 -56.16 79.09 43.47
CA LYS H 966 -56.23 77.76 42.85
C LYS H 966 -54.90 77.03 43.00
N LEU H 967 -53.79 77.77 43.08
CA LEU H 967 -52.49 77.14 43.23
C LEU H 967 -52.33 76.52 44.61
N LYS H 968 -52.50 77.34 45.66
CA LYS H 968 -52.33 76.84 47.03
C LYS H 968 -53.35 75.78 47.38
N GLU H 969 -54.50 75.78 46.71
CA GLU H 969 -55.53 74.78 46.99
C GLU H 969 -55.11 73.41 46.48
N ARG H 970 -54.48 73.36 45.30
CA ARG H 970 -54.15 72.10 44.65
C ARG H 970 -52.70 71.69 44.82
N LEU H 971 -51.81 72.61 45.19
CA LEU H 971 -50.40 72.28 45.35
C LEU H 971 -50.16 71.29 46.49
N ASN H 972 -51.06 71.25 47.47
CA ASN H 972 -50.92 70.37 48.62
C ASN H 972 -51.69 69.07 48.49
N LEU H 973 -52.37 68.86 47.36
CA LEU H 973 -53.14 67.63 47.22
C LEU H 973 -52.38 66.62 46.38
N PRO H 974 -52.53 65.32 46.68
CA PRO H 974 -51.95 64.31 45.80
C PRO H 974 -52.67 64.23 44.47
N ILE H 975 -52.19 63.38 43.56
CA ILE H 975 -52.78 63.31 42.23
C ILE H 975 -54.21 62.78 42.29
N THR H 976 -54.46 61.80 43.15
CA THR H 976 -55.80 61.22 43.24
C THR H 976 -56.80 62.23 43.78
N GLN H 977 -56.43 62.94 44.86
CA GLN H 977 -57.31 63.96 45.40
C GLN H 977 -57.40 65.18 44.50
N LEU H 978 -56.40 65.41 43.65
CA LEU H 978 -56.49 66.50 42.69
C LEU H 978 -57.53 66.21 41.63
N VAL H 979 -57.64 64.96 41.19
CA VAL H 979 -58.66 64.58 40.22
C VAL H 979 -60.04 64.65 40.85
N LYS H 980 -60.14 64.24 42.12
CA LYS H 980 -61.41 64.32 42.83
C LYS H 980 -61.88 65.76 42.96
N LEU H 981 -60.97 66.68 43.24
CA LEU H 981 -61.35 68.09 43.38
C LEU H 981 -61.78 68.68 42.06
N VAL H 982 -61.10 68.33 40.96
CA VAL H 982 -61.37 68.97 39.68
C VAL H 982 -62.56 68.34 38.97
N THR H 983 -62.61 67.01 38.94
CA THR H 983 -63.64 66.29 38.19
C THR H 983 -64.85 65.90 39.02
N LYS H 984 -64.81 66.14 40.33
CA LYS H 984 -65.88 65.76 41.26
C LYS H 984 -66.18 64.27 41.23
N LYS H 985 -65.23 63.46 40.75
CA LYS H 985 -65.38 62.01 40.67
C LYS H 985 -64.14 61.34 41.22
N ASP H 986 -64.33 60.17 41.83
CA ASP H 986 -63.24 59.42 42.42
C ASP H 986 -62.64 58.45 41.41
N ILE H 987 -61.31 58.29 41.48
CA ILE H 987 -60.60 57.29 40.70
C ILE H 987 -60.87 55.92 41.30
N PRO H 988 -61.43 54.97 40.56
CA PRO H 988 -61.74 53.66 41.13
C PRO H 988 -60.47 52.93 41.58
N ALA H 989 -60.66 52.01 42.55
CA ALA H 989 -59.53 51.31 43.15
C ALA H 989 -58.85 50.35 42.19
N HIS H 990 -59.54 49.89 41.14
CA HIS H 990 -58.91 48.95 40.20
C HIS H 990 -57.90 49.64 39.29
N VAL H 991 -57.84 50.96 39.30
CA VAL H 991 -56.88 51.70 38.48
C VAL H 991 -55.52 51.65 39.16
N SER H 992 -54.51 51.15 38.45
CA SER H 992 -53.17 51.05 38.99
C SER H 992 -52.19 52.06 38.41
N THR H 993 -52.51 52.66 37.25
CA THR H 993 -51.63 53.62 36.62
C THR H 993 -52.45 54.80 36.12
N MET H 994 -51.79 55.95 35.99
CA MET H 994 -52.44 57.16 35.51
C MET H 994 -51.54 57.86 34.50
N ILE H 995 -52.15 58.29 33.39
CA ILE H 995 -51.43 58.94 32.31
C ILE H 995 -51.68 60.44 32.39
N LEU H 996 -50.60 61.23 32.43
CA LEU H 996 -50.67 62.68 32.57
C LEU H 996 -49.97 63.34 31.39
N GLU H 997 -50.68 64.23 30.71
CA GLU H 997 -50.10 65.06 29.68
C GLU H 997 -49.64 66.38 30.29
N ILE H 998 -48.43 66.81 29.93
CA ILE H 998 -47.84 68.00 30.53
C ILE H 998 -47.20 68.84 29.45
N CYS H 999 -47.28 70.17 29.61
CA CYS H 999 -46.49 71.12 28.86
C CYS H 999 -45.54 71.81 29.84
N ALA H 1000 -44.29 71.96 29.45
CA ALA H 1000 -43.28 72.46 30.37
C ALA H 1000 -42.26 73.29 29.62
N ASP H 1001 -41.50 74.07 30.38
CA ASP H 1001 -40.41 74.88 29.86
C ASP H 1001 -39.07 74.24 30.21
N ASP H 1002 -38.10 74.43 29.33
CA ASP H 1002 -36.77 73.88 29.54
C ASP H 1002 -36.00 74.78 30.50
N LYS H 1003 -34.68 74.56 30.62
CA LYS H 1003 -33.86 75.37 31.51
C LYS H 1003 -33.75 76.81 31.06
N GLU H 1004 -34.22 77.14 29.85
CA GLU H 1004 -34.19 78.51 29.35
C GLU H 1004 -35.56 79.19 29.44
N GLY H 1005 -36.59 78.51 29.89
CA GLY H 1005 -37.88 79.14 30.04
C GLY H 1005 -38.72 79.21 28.78
N GLU H 1006 -38.58 78.24 27.89
CA GLU H 1006 -39.33 78.20 26.64
C GLU H 1006 -40.08 76.88 26.53
N ASP H 1007 -41.28 76.94 25.97
CA ASP H 1007 -42.11 75.75 25.85
C ASP H 1007 -41.44 74.73 24.93
N VAL H 1008 -41.47 73.47 25.34
CA VAL H 1008 -40.82 72.40 24.59
C VAL H 1008 -41.69 71.14 24.70
N GLU H 1009 -41.73 70.37 23.61
CA GLU H 1009 -42.50 69.13 23.61
C GLU H 1009 -41.82 68.13 24.55
N VAL H 1010 -42.61 67.55 25.44
CA VAL H 1010 -42.10 66.62 26.45
C VAL H 1010 -42.95 65.36 26.46
N PRO H 1011 -42.38 64.24 26.94
CA PRO H 1011 -43.17 63.00 27.04
C PRO H 1011 -44.31 63.09 28.04
N PHE H 1012 -45.10 62.04 28.14
CA PHE H 1012 -46.17 61.98 29.12
C PHE H 1012 -45.66 61.34 30.41
N ILE H 1013 -46.54 61.27 31.41
CA ILE H 1013 -46.18 60.79 32.74
C ILE H 1013 -47.03 59.58 33.09
N THR H 1014 -46.41 58.58 33.71
CA THR H 1014 -47.10 57.41 34.23
C THR H 1014 -46.99 57.44 35.74
N ILE H 1015 -48.12 57.63 36.42
CA ILE H 1015 -48.17 57.69 37.88
C ILE H 1015 -48.54 56.29 38.37
N HIS H 1016 -47.56 55.56 38.86
CA HIS H 1016 -47.78 54.21 39.38
C HIS H 1016 -48.35 54.32 40.78
N LEU H 1017 -49.66 54.13 40.91
CA LEU H 1017 -50.33 54.20 42.20
C LEU H 1017 -50.01 52.98 43.07
N THR I 9 -50.87 64.17 22.63
CA THR I 9 -50.33 65.23 21.80
C THR I 9 -51.46 66.11 21.25
N ALA I 10 -52.70 65.68 21.47
CA ALA I 10 -53.86 66.46 21.06
C ALA I 10 -54.32 67.41 22.16
N SER I 11 -54.43 66.91 23.40
CA SER I 11 -54.80 67.78 24.51
C SER I 11 -53.72 68.81 24.80
N SER I 12 -52.45 68.45 24.57
CA SER I 12 -51.36 69.39 24.80
C SER I 12 -51.41 70.55 23.81
N LEU I 13 -51.81 70.28 22.56
CA LEU I 13 -51.88 71.33 21.56
C LEU I 13 -53.02 72.30 21.86
N LEU I 14 -54.16 71.79 22.34
CA LEU I 14 -55.25 72.68 22.72
C LEU I 14 -54.87 73.54 23.91
N LEU I 15 -54.07 73.00 24.82
CA LEU I 15 -53.63 73.77 25.98
C LEU I 15 -52.72 74.92 25.57
N ARG I 16 -51.76 74.65 24.66
CA ARG I 16 -50.83 75.70 24.24
C ARG I 16 -51.57 76.82 23.51
N GLN I 17 -52.65 76.51 22.80
CA GLN I 17 -53.43 77.55 22.16
C GLN I 17 -54.44 78.18 23.12
N TYR I 18 -54.90 77.42 24.11
CA TYR I 18 -55.75 78.00 25.15
C TYR I 18 -54.96 78.96 26.03
N ARG I 19 -53.67 78.67 26.26
CA ARG I 19 -52.84 79.55 27.05
C ARG I 19 -52.53 80.85 26.31
N GLU I 20 -52.41 80.78 24.98
CA GLU I 20 -52.13 81.98 24.20
C GLU I 20 -53.36 82.87 24.07
N LEU I 21 -54.56 82.31 24.19
CA LEU I 21 -55.80 83.07 24.08
C LEU I 21 -56.35 83.49 25.44
N THR I 22 -55.72 83.06 26.54
CA THR I 22 -56.14 83.46 27.87
C THR I 22 -55.07 84.23 28.63
N ASP I 23 -53.84 84.30 28.13
CA ASP I 23 -52.81 85.13 28.75
C ASP I 23 -53.21 86.59 28.60
N PRO I 24 -53.30 87.36 29.68
CA PRO I 24 -53.81 88.73 29.57
C PRO I 24 -52.82 89.70 28.91
N LYS I 25 -51.77 89.17 28.29
CA LYS I 25 -50.86 89.97 27.49
C LYS I 25 -51.00 89.73 26.00
N LYS I 26 -51.24 88.49 25.58
CA LYS I 26 -51.35 88.14 24.17
C LYS I 26 -52.76 87.73 23.75
N ALA I 27 -53.73 87.77 24.66
CA ALA I 27 -55.09 87.35 24.34
C ALA I 27 -55.73 88.35 23.39
N ILE I 28 -56.37 87.85 22.33
CA ILE I 28 -57.09 88.71 21.39
C ILE I 28 -58.33 89.25 22.10
N PRO I 29 -58.50 90.57 22.17
CA PRO I 29 -59.63 91.14 22.91
C PRO I 29 -60.98 90.93 22.26
N SER I 30 -61.05 90.27 21.11
CA SER I 30 -62.33 90.05 20.44
C SER I 30 -63.04 88.80 20.93
N PHE I 31 -62.39 87.97 21.75
CA PHE I 31 -62.97 86.71 22.20
C PHE I 31 -62.67 86.50 23.67
N HIS I 32 -63.68 86.06 24.41
CA HIS I 32 -63.55 85.71 25.83
C HIS I 32 -63.64 84.19 25.93
N ILE I 33 -62.51 83.54 26.17
CA ILE I 33 -62.42 82.09 26.14
C ILE I 33 -62.35 81.56 27.57
N GLU I 34 -63.17 80.56 27.86
CA GLU I 34 -63.14 79.87 29.14
C GLU I 34 -63.48 78.41 28.91
N LEU I 35 -62.84 77.53 29.68
CA LEU I 35 -63.12 76.10 29.55
C LEU I 35 -64.44 75.76 30.23
N GLU I 36 -65.09 74.71 29.74
CA GLU I 36 -66.29 74.22 30.37
C GLU I 36 -65.93 73.59 31.71
N ASP I 37 -66.52 74.11 32.80
CA ASP I 37 -66.19 73.71 34.16
C ASP I 37 -64.73 73.97 34.51
N ASP I 38 -64.05 74.80 33.72
CA ASP I 38 -62.64 75.14 33.90
C ASP I 38 -61.73 73.90 33.89
N SER I 39 -62.23 72.78 33.38
CA SER I 39 -61.47 71.53 33.37
C SER I 39 -61.48 70.79 32.04
N ASN I 40 -62.47 71.01 31.18
CA ASN I 40 -62.58 70.25 29.93
C ASN I 40 -61.83 71.00 28.84
N ILE I 41 -60.75 70.38 28.34
CA ILE I 41 -59.97 71.02 27.28
C ILE I 41 -60.63 70.88 25.92
N PHE I 42 -61.51 69.89 25.74
CA PHE I 42 -62.14 69.64 24.45
C PHE I 42 -63.54 70.24 24.35
N THR I 43 -63.88 71.16 25.26
CA THR I 43 -65.18 71.84 25.20
C THR I 43 -64.97 73.27 25.69
N TRP I 44 -65.01 74.23 24.77
CA TRP I 44 -64.74 75.62 25.08
C TRP I 44 -66.02 76.43 24.99
N ASN I 45 -66.24 77.30 25.97
CA ASN I 45 -67.33 78.27 25.96
C ASN I 45 -66.73 79.63 25.64
N ILE I 46 -66.96 80.11 24.42
CA ILE I 46 -66.32 81.32 23.91
C ILE I 46 -67.37 82.40 23.72
N GLY I 47 -67.05 83.61 24.17
CA GLY I 47 -67.90 84.77 23.92
C GLY I 47 -67.38 85.62 22.79
N VAL I 48 -68.13 85.67 21.69
CA VAL I 48 -67.69 86.36 20.48
C VAL I 48 -68.04 87.84 20.59
N MET I 49 -67.05 88.70 20.36
CA MET I 49 -67.24 90.14 20.41
C MET I 49 -66.70 90.77 19.13
N VAL I 50 -67.40 91.78 18.63
CA VAL I 50 -67.01 92.52 17.44
C VAL I 50 -66.52 93.89 17.91
N LEU I 51 -65.20 94.09 17.88
CA LEU I 51 -64.63 95.34 18.37
C LEU I 51 -64.76 96.48 17.38
N ASN I 52 -65.10 96.21 16.12
CA ASN I 52 -65.28 97.26 15.13
C ASN I 52 -66.51 98.08 15.49
N GLU I 53 -66.32 99.40 15.65
CA GLU I 53 -67.45 100.25 16.02
C GLU I 53 -68.41 100.46 14.86
N ASP I 54 -67.90 100.46 13.63
CA ASP I 54 -68.73 100.64 12.46
C ASP I 54 -69.57 99.42 12.11
N SER I 55 -69.29 98.26 12.72
CA SER I 55 -70.04 97.06 12.42
C SER I 55 -71.44 97.15 13.04
N ILE I 56 -72.39 96.46 12.40
CA ILE I 56 -73.77 96.45 12.90
C ILE I 56 -73.86 95.65 14.19
N TYR I 57 -73.02 94.63 14.35
CA TYR I 57 -73.01 93.78 15.53
C TYR I 57 -72.13 94.33 16.66
N HIS I 58 -71.82 95.63 16.63
CA HIS I 58 -70.95 96.21 17.63
C HIS I 58 -71.62 96.21 19.01
N GLY I 59 -70.82 95.99 20.04
CA GLY I 59 -71.31 95.96 21.41
C GLY I 59 -71.95 94.67 21.84
N GLY I 60 -71.98 93.65 20.98
CA GLY I 60 -72.63 92.40 21.33
C GLY I 60 -71.70 91.39 21.99
N PHE I 61 -72.32 90.44 22.70
CA PHE I 61 -71.60 89.35 23.37
C PHE I 61 -72.40 88.06 23.10
N PHE I 62 -72.02 87.36 22.04
CA PHE I 62 -72.74 86.16 21.60
C PHE I 62 -72.04 84.93 22.17
N LYS I 63 -72.70 84.25 23.09
CA LYS I 63 -72.14 83.04 23.68
C LYS I 63 -72.19 81.89 22.70
N ALA I 64 -71.16 81.04 22.73
CA ALA I 64 -71.07 79.91 21.83
C ALA I 64 -70.36 78.75 22.52
N GLN I 65 -70.30 77.62 21.83
CA GLN I 65 -69.69 76.41 22.35
C GLN I 65 -68.90 75.73 21.24
N MET I 66 -67.65 75.36 21.54
CA MET I 66 -66.78 74.66 20.62
C MET I 66 -66.51 73.25 21.13
N ARG I 67 -66.65 72.25 20.25
CA ARG I 67 -66.38 70.86 20.58
C ARG I 67 -65.19 70.40 19.73
N PHE I 68 -64.08 70.09 20.39
CA PHE I 68 -62.89 69.64 19.68
C PHE I 68 -62.87 68.11 19.60
N PRO I 69 -62.59 67.54 18.43
CA PRO I 69 -62.50 66.07 18.34
C PRO I 69 -61.23 65.56 18.98
N GLU I 70 -61.15 64.23 19.10
CA GLU I 70 -59.98 63.61 19.71
C GLU I 70 -58.75 63.71 18.80
N ASP I 71 -58.95 63.79 17.49
CA ASP I 71 -57.87 63.82 16.52
C ASP I 71 -57.50 65.23 16.07
N PHE I 72 -57.61 66.21 16.96
CA PHE I 72 -57.19 67.56 16.62
C PHE I 72 -55.67 67.59 16.35
N PRO I 73 -55.20 68.39 15.38
CA PRO I 73 -55.98 69.27 14.50
C PRO I 73 -56.31 68.67 13.14
N PHE I 74 -56.29 67.35 13.04
CA PHE I 74 -56.58 66.69 11.77
C PHE I 74 -58.07 66.63 11.44
N SER I 75 -58.94 66.98 12.40
CA SER I 75 -60.37 67.03 12.15
C SER I 75 -60.92 68.39 12.56
N PRO I 76 -61.83 68.97 11.78
CA PRO I 76 -62.37 70.29 12.11
C PRO I 76 -63.31 70.22 13.30
N PRO I 77 -63.27 71.21 14.18
CA PRO I 77 -64.15 71.20 15.36
C PRO I 77 -65.54 71.72 15.06
N GLN I 78 -66.46 71.43 15.98
CA GLN I 78 -67.84 71.87 15.86
C GLN I 78 -68.04 73.19 16.60
N PHE I 79 -68.90 74.04 16.03
CA PHE I 79 -69.20 75.35 16.59
C PHE I 79 -70.70 75.54 16.65
N ARG I 80 -71.22 75.93 17.82
CA ARG I 80 -72.65 76.11 18.02
C ARG I 80 -72.90 77.37 18.85
N PHE I 81 -73.83 78.20 18.39
CA PHE I 81 -74.22 79.39 19.13
C PHE I 81 -75.23 79.02 20.21
N THR I 82 -74.98 79.46 21.43
CA THR I 82 -75.86 79.19 22.57
C THR I 82 -76.25 80.51 23.24
N PRO I 83 -77.46 81.02 22.97
CA PRO I 83 -78.46 80.43 22.07
C PRO I 83 -78.22 80.80 20.61
N ALA I 84 -79.03 80.26 19.72
CA ALA I 84 -78.90 80.57 18.30
C ALA I 84 -79.18 82.05 18.07
N ILE I 85 -78.52 82.62 17.06
CA ILE I 85 -78.65 84.02 16.73
C ILE I 85 -79.25 84.16 15.33
N TYR I 86 -79.70 85.37 15.03
CA TYR I 86 -80.32 85.68 13.74
C TYR I 86 -79.21 86.07 12.77
N HIS I 87 -78.92 85.20 11.80
CA HIS I 87 -77.86 85.44 10.83
C HIS I 87 -78.11 84.59 9.61
N PRO I 88 -77.82 85.08 8.40
CA PRO I 88 -78.07 84.28 7.19
C PRO I 88 -77.27 82.99 7.11
N ASN I 89 -76.22 82.84 7.92
CA ASN I 89 -75.35 81.68 7.88
C ASN I 89 -75.46 80.83 9.14
N VAL I 90 -76.61 80.90 9.82
CA VAL I 90 -76.85 80.15 11.04
C VAL I 90 -78.27 79.60 10.99
N TYR I 91 -78.42 78.31 11.27
CA TYR I 91 -79.74 77.69 11.33
C TYR I 91 -80.40 78.04 12.67
N ARG I 92 -81.55 77.41 12.95
CA ARG I 92 -82.20 77.60 14.24
C ARG I 92 -81.50 76.85 15.37
N ASP I 93 -80.68 75.85 15.04
CA ASP I 93 -79.92 75.15 16.07
C ASP I 93 -78.68 75.94 16.49
N GLY I 94 -78.05 76.65 15.55
CA GLY I 94 -76.94 77.51 15.85
C GLY I 94 -75.57 76.99 15.48
N ARG I 95 -75.48 75.93 14.69
CA ARG I 95 -74.20 75.31 14.38
C ARG I 95 -73.70 75.76 13.01
N LEU I 96 -72.38 75.78 12.86
CA LEU I 96 -71.70 76.23 11.65
C LEU I 96 -70.76 75.13 11.14
N CYS I 97 -70.16 75.39 9.98
CA CYS I 97 -69.25 74.46 9.33
C CYS I 97 -67.80 74.89 9.55
N ILE I 98 -66.87 74.21 8.88
CA ILE I 98 -65.45 74.54 8.96
C ILE I 98 -65.15 75.83 8.19
N VAL I 120 -52.82 72.65 9.98
CA VAL I 120 -52.37 74.02 9.73
C VAL I 120 -53.33 75.01 10.36
N GLN I 121 -54.50 74.52 10.79
CA GLN I 121 -55.53 75.40 11.33
C GLN I 121 -55.38 75.52 12.84
N THR I 122 -55.59 76.72 13.34
CA THR I 122 -55.51 77.02 14.77
C THR I 122 -56.88 77.47 15.27
N VAL I 123 -57.04 77.48 16.59
CA VAL I 123 -58.28 77.97 17.17
C VAL I 123 -58.44 79.46 16.87
N GLU I 124 -57.33 80.20 16.84
CA GLU I 124 -57.36 81.61 16.51
C GLU I 124 -57.84 81.83 15.08
N SER I 125 -57.39 80.99 14.15
CA SER I 125 -57.81 81.15 12.75
C SER I 125 -59.30 80.88 12.58
N VAL I 126 -59.86 79.95 13.35
CA VAL I 126 -61.29 79.64 13.24
C VAL I 126 -62.12 80.81 13.75
N LEU I 127 -61.74 81.36 14.91
CA LEU I 127 -62.50 82.46 15.50
C LEU I 127 -62.49 83.70 14.61
N ILE I 128 -61.35 83.99 13.97
CA ILE I 128 -61.28 85.14 13.08
C ILE I 128 -62.21 84.97 11.88
N SER I 129 -62.37 83.72 11.41
CA SER I 129 -63.32 83.44 10.34
C SER I 129 -64.77 83.66 10.77
N ILE I 130 -65.03 83.59 12.08
CA ILE I 130 -66.40 83.74 12.57
C ILE I 130 -66.83 85.20 12.56
N VAL I 131 -65.95 86.10 13.01
CA VAL I 131 -66.29 87.52 13.03
C VAL I 131 -66.47 88.05 11.61
N SER I 132 -65.81 87.42 10.63
CA SER I 132 -65.98 87.84 9.25
C SER I 132 -67.39 87.56 8.74
N LEU I 133 -68.03 86.47 9.20
CA LEU I 133 -69.40 86.21 8.78
C LEU I 133 -70.38 87.19 9.42
N LEU I 134 -70.09 87.68 10.62
CA LEU I 134 -70.99 88.62 11.29
C LEU I 134 -71.05 89.95 10.54
N GLU I 135 -69.91 90.40 10.02
CA GLU I 135 -69.86 91.67 9.29
C GLU I 135 -70.09 91.50 7.81
N ASP I 136 -69.71 90.36 7.24
CA ASP I 136 -69.85 90.08 5.81
C ASP I 136 -70.55 88.73 5.62
N PRO I 137 -71.88 88.74 5.52
CA PRO I 137 -72.60 87.47 5.36
C PRO I 137 -72.32 86.85 4.00
N ASN I 138 -72.25 85.52 3.98
CA ASN I 138 -71.95 84.77 2.76
C ASN I 138 -73.25 84.63 1.98
N ILE I 139 -73.51 85.60 1.11
CA ILE I 139 -74.81 85.68 0.43
C ILE I 139 -75.02 84.55 -0.55
N ASN I 140 -73.94 83.95 -1.07
CA ASN I 140 -74.13 82.87 -2.04
C ASN I 140 -74.54 81.56 -1.38
N SER I 141 -74.08 81.31 -0.15
CA SER I 141 -74.37 80.09 0.59
C SER I 141 -75.12 80.42 1.87
N PRO I 142 -76.42 80.70 1.79
CA PRO I 142 -77.17 81.06 2.99
C PRO I 142 -77.76 79.85 3.70
N LYS I 143 -77.95 80.01 5.01
CA LYS I 143 -78.51 78.96 5.85
C LYS I 143 -79.92 79.29 6.32
N ASN I 144 -80.12 80.47 6.89
CA ASN I 144 -81.44 80.93 7.32
C ASN I 144 -82.05 81.70 6.16
N VAL I 145 -82.96 81.04 5.42
CA VAL I 145 -83.59 81.67 4.27
C VAL I 145 -84.36 82.92 4.66
N ASP I 146 -84.85 82.97 5.90
CA ASP I 146 -85.52 84.18 6.37
C ASP I 146 -84.54 85.34 6.48
N ALA I 147 -83.40 85.11 7.12
CA ALA I 147 -82.39 86.16 7.26
C ALA I 147 -81.70 86.47 5.94
N ALA I 148 -81.64 85.51 5.02
CA ALA I 148 -80.96 85.72 3.75
C ALA I 148 -81.72 86.69 2.86
N VAL I 149 -83.04 86.52 2.74
CA VAL I 149 -83.81 87.41 1.89
C VAL I 149 -83.91 88.81 2.48
N ASP I 150 -83.79 88.92 3.82
CA ASP I 150 -83.86 90.23 4.45
C ASP I 150 -82.58 91.04 4.31
N TYR I 151 -81.42 90.38 4.19
CA TYR I 151 -80.18 91.12 4.08
C TYR I 151 -80.06 91.88 2.76
N ARG I 152 -80.60 91.31 1.68
CA ARG I 152 -80.43 91.87 0.34
C ARG I 152 -81.64 92.63 -0.16
N LYS I 153 -82.86 92.15 0.12
CA LYS I 153 -84.07 92.74 -0.42
C LYS I 153 -84.73 93.75 0.50
N ASN I 154 -84.73 93.50 1.81
CA ASN I 154 -85.36 94.38 2.80
C ASN I 154 -84.33 94.81 3.83
N PRO I 155 -83.41 95.71 3.47
CA PRO I 155 -82.32 96.07 4.38
C PRO I 155 -82.77 96.70 5.69
N GLU I 156 -83.79 97.56 5.66
CA GLU I 156 -84.23 98.23 6.89
C GLU I 156 -84.77 97.23 7.91
N GLN I 157 -85.43 96.18 7.44
CA GLN I 157 -85.96 95.18 8.35
C GLN I 157 -84.86 94.31 8.93
N TYR I 158 -83.84 93.98 8.11
CA TYR I 158 -82.76 93.11 8.58
C TYR I 158 -81.98 93.76 9.71
N LYS I 159 -81.70 95.06 9.60
CA LYS I 159 -80.97 95.75 10.67
C LYS I 159 -81.76 95.78 11.97
N GLN I 160 -83.09 95.82 11.89
CA GLN I 160 -83.90 95.86 13.10
C GLN I 160 -83.88 94.52 13.83
N ARG I 161 -83.88 93.42 13.08
CA ARG I 161 -83.80 92.10 13.71
C ARG I 161 -82.44 91.86 14.35
N VAL I 162 -81.38 92.46 13.79
CA VAL I 162 -80.06 92.31 14.38
C VAL I 162 -79.95 93.08 15.68
N LYS I 163 -80.52 94.30 15.70
CA LYS I 163 -80.49 95.11 16.92
C LYS I 163 -81.18 94.41 18.08
N MET I 164 -82.29 93.71 17.80
CA MET I 164 -82.96 92.95 18.85
C MET I 164 -82.12 91.76 19.31
N GLU I 165 -81.36 91.15 18.40
CA GLU I 165 -80.49 90.05 18.79
C GLU I 165 -79.30 90.53 19.61
N VAL I 166 -78.82 91.74 19.35
CA VAL I 166 -77.70 92.28 20.11
C VAL I 166 -78.13 92.62 21.54
N GLU I 167 -79.35 93.12 21.70
CA GLU I 167 -79.82 93.50 23.03
C GLU I 167 -80.08 92.26 23.89
N ARG I 168 -80.70 91.22 23.31
CA ARG I 168 -80.85 89.98 24.06
C ARG I 168 -79.52 89.28 24.27
N SER I 169 -78.50 89.63 23.48
CA SER I 169 -77.16 89.10 23.70
C SER I 169 -76.47 89.81 24.84
N LYS I 170 -76.85 91.06 25.11
CA LYS I 170 -76.26 91.81 26.22
C LYS I 170 -76.71 91.26 27.57
N GLN I 171 -77.75 90.43 27.59
CA GLN I 171 -78.18 89.78 28.82
C GLN I 171 -77.23 88.65 29.21
N ASP I 172 -76.49 88.09 28.26
CA ASP I 172 -75.56 87.00 28.51
C ASP I 172 -74.18 87.60 28.69
N ILE I 173 -73.94 88.12 29.90
CA ILE I 173 -72.64 88.71 30.24
C ILE I 173 -72.23 88.25 31.63
N PRO I 174 -70.92 88.06 31.82
CA PRO I 174 -70.43 87.73 33.18
C PRO I 174 -70.50 88.95 34.09
N LYS I 175 -69.86 88.88 35.24
CA LYS I 175 -69.92 89.96 36.22
C LYS I 175 -68.62 90.73 36.32
N GLY I 176 -67.49 90.04 36.28
CA GLY I 176 -66.17 90.64 36.31
C GLY I 176 -65.67 91.15 34.97
N PHE I 177 -66.38 90.84 33.90
CA PHE I 177 -65.92 91.16 32.56
C PHE I 177 -65.97 92.65 32.27
N ILE I 178 -64.95 93.12 31.55
CA ILE I 178 -64.84 94.49 31.07
C ILE I 178 -64.94 94.45 29.55
N MET I 179 -65.59 95.45 28.97
CA MET I 179 -65.80 95.50 27.52
C MET I 179 -64.72 96.32 26.87
N PRO I 180 -63.92 95.74 25.97
CA PRO I 180 -62.82 96.50 25.34
C PRO I 180 -63.29 97.36 24.18
N THR I 181 -62.63 98.51 24.04
CA THR I 181 -62.90 99.48 22.98
C THR I 181 -64.37 99.90 22.94
N GLY J 5 44.10 -27.30 -39.88
CA GLY J 5 44.81 -28.44 -39.31
C GLY J 5 44.79 -29.66 -40.19
N GLU J 6 45.35 -29.54 -41.40
CA GLU J 6 45.40 -30.62 -42.36
C GLU J 6 46.83 -31.01 -42.65
N ILE J 7 47.04 -32.30 -42.90
CA ILE J 7 48.36 -32.85 -43.21
C ILE J 7 48.28 -33.56 -44.56
N ASP J 8 49.20 -33.21 -45.46
CA ASP J 8 49.26 -33.84 -46.78
C ASP J 8 49.79 -35.25 -46.62
N GLU J 9 48.88 -36.22 -46.54
CA GLU J 9 49.28 -37.61 -46.36
C GLU J 9 49.79 -38.25 -47.65
N SER J 10 49.71 -37.55 -48.78
CA SER J 10 50.31 -38.05 -50.01
C SER J 10 51.79 -37.71 -50.12
N LEU J 11 52.19 -36.58 -49.55
CA LEU J 11 53.58 -36.16 -49.56
C LEU J 11 54.35 -36.65 -48.34
N TYR J 12 53.73 -36.58 -47.16
CA TYR J 12 54.33 -37.01 -45.91
C TYR J 12 53.91 -38.42 -45.53
N SER J 13 53.69 -39.30 -46.50
CA SER J 13 53.21 -40.65 -46.21
C SER J 13 54.20 -41.41 -45.33
N ARG J 14 55.43 -41.58 -45.81
CA ARG J 14 56.42 -42.34 -45.05
C ARG J 14 56.83 -41.63 -43.77
N GLN J 15 56.70 -40.30 -43.74
CA GLN J 15 57.08 -39.52 -42.56
C GLN J 15 55.99 -39.54 -41.49
N LEU J 16 54.72 -39.58 -41.90
CA LEU J 16 53.63 -39.59 -40.93
C LEU J 16 53.68 -40.81 -40.01
N TYR J 17 54.15 -41.95 -40.55
CA TYR J 17 54.23 -43.17 -39.74
C TYR J 17 55.31 -43.09 -38.67
N VAL J 18 56.16 -42.07 -38.70
CA VAL J 18 57.19 -41.86 -37.68
C VAL J 18 56.73 -40.85 -36.64
N LEU J 19 56.23 -39.71 -37.09
CA LEU J 19 55.91 -38.59 -36.20
C LEU J 19 54.47 -38.60 -35.71
N GLY J 20 53.55 -39.19 -36.47
CA GLY J 20 52.15 -39.18 -36.10
C GLY J 20 51.47 -37.89 -36.54
N LYS J 21 50.13 -37.93 -36.51
CA LYS J 21 49.37 -36.80 -37.01
C LYS J 21 49.43 -35.61 -36.06
N GLU J 22 49.31 -35.87 -34.75
CA GLU J 22 49.27 -34.76 -33.80
C GLU J 22 50.59 -34.01 -33.78
N ALA J 23 51.71 -34.73 -33.78
CA ALA J 23 53.03 -34.10 -33.70
C ALA J 23 53.34 -33.30 -34.96
N MET J 24 52.92 -33.81 -36.12
CA MET J 24 53.15 -33.08 -37.36
C MET J 24 52.31 -31.81 -37.44
N LEU J 25 51.19 -31.75 -36.72
CA LEU J 25 50.39 -30.53 -36.70
C LEU J 25 51.03 -29.44 -35.85
N LYS J 26 51.74 -29.82 -34.79
CA LYS J 26 52.50 -28.83 -34.02
C LYS J 26 53.71 -28.34 -34.81
N MET J 27 54.32 -29.23 -35.60
CA MET J 27 55.48 -28.82 -36.39
C MET J 27 55.11 -27.77 -37.42
N GLN J 28 53.91 -27.88 -37.99
CA GLN J 28 53.44 -26.92 -38.98
C GLN J 28 53.05 -25.58 -38.36
N THR J 29 53.28 -25.38 -37.06
CA THR J 29 53.00 -24.11 -36.41
C THR J 29 54.23 -23.55 -35.69
N SER J 30 55.41 -24.03 -36.05
CA SER J 30 56.65 -23.64 -35.38
C SER J 30 57.59 -23.01 -36.39
N ASN J 31 58.12 -21.83 -36.04
CA ASN J 31 59.09 -21.12 -36.85
C ASN J 31 60.49 -21.41 -36.33
N VAL J 32 61.37 -21.85 -37.22
CA VAL J 32 62.73 -22.28 -36.88
C VAL J 32 63.71 -21.24 -37.41
N LEU J 33 64.66 -20.84 -36.56
CA LEU J 33 65.75 -19.96 -36.95
C LEU J 33 67.07 -20.69 -36.82
N ILE J 34 67.86 -20.68 -37.89
CA ILE J 34 69.14 -21.35 -37.93
C ILE J 34 70.21 -20.28 -38.15
N LEU J 35 71.18 -20.24 -37.24
CA LEU J 35 72.26 -19.26 -37.29
C LEU J 35 73.49 -19.92 -37.90
N GLY J 36 73.98 -19.34 -38.98
CA GLY J 36 75.14 -19.90 -39.64
C GLY J 36 74.79 -20.95 -40.68
N LEU J 37 75.26 -20.74 -41.90
CA LEU J 37 74.91 -21.64 -43.00
C LEU J 37 76.15 -22.29 -43.61
N LYS J 38 77.03 -22.83 -42.78
CA LYS J 38 78.12 -23.65 -43.28
C LYS J 38 77.57 -25.04 -43.58
N GLY J 39 78.47 -26.01 -43.80
CA GLY J 39 78.02 -27.36 -44.09
C GLY J 39 77.06 -27.91 -43.03
N LEU J 40 77.37 -27.68 -41.76
CA LEU J 40 76.49 -28.14 -40.69
C LEU J 40 75.17 -27.40 -40.70
N GLY J 41 75.18 -26.12 -41.07
CA GLY J 41 73.95 -25.35 -41.07
C GLY J 41 73.00 -25.76 -42.18
N VAL J 42 73.54 -25.95 -43.39
CA VAL J 42 72.68 -26.32 -44.52
C VAL J 42 72.20 -27.76 -44.38
N GLU J 43 72.94 -28.61 -43.67
CA GLU J 43 72.48 -29.97 -43.48
C GLU J 43 71.31 -30.00 -42.51
N ILE J 44 71.36 -29.18 -41.47
CA ILE J 44 70.23 -29.11 -40.55
C ILE J 44 69.03 -28.46 -41.23
N ALA J 45 69.27 -27.40 -42.02
CA ALA J 45 68.17 -26.71 -42.67
C ALA J 45 67.48 -27.60 -43.70
N LYS J 46 68.25 -28.43 -44.42
CA LYS J 46 67.65 -29.31 -45.41
C LYS J 46 66.68 -30.29 -44.76
N ASN J 47 67.12 -30.96 -43.69
CA ASN J 47 66.27 -31.95 -43.07
C ASN J 47 65.08 -31.33 -42.37
N VAL J 48 65.23 -30.12 -41.84
CA VAL J 48 64.12 -29.47 -41.16
C VAL J 48 63.10 -28.96 -42.16
N VAL J 49 63.57 -28.42 -43.29
CA VAL J 49 62.65 -27.98 -44.34
C VAL J 49 61.91 -29.17 -44.94
N LEU J 50 62.62 -30.29 -45.16
CA LEU J 50 61.97 -31.49 -45.68
C LEU J 50 60.96 -32.04 -44.68
N ALA J 51 61.21 -31.86 -43.39
CA ALA J 51 60.29 -32.36 -42.36
C ALA J 51 59.00 -31.55 -42.30
N GLY J 52 58.98 -30.35 -42.90
CA GLY J 52 57.77 -29.57 -42.92
C GLY J 52 57.49 -28.74 -41.69
N VAL J 53 58.35 -27.78 -41.38
CA VAL J 53 58.07 -26.81 -40.33
C VAL J 53 57.26 -25.67 -40.92
N LYS J 54 56.68 -24.83 -40.05
CA LYS J 54 55.86 -23.71 -40.51
C LYS J 54 56.67 -22.75 -41.37
N SER J 55 57.82 -22.30 -40.87
CA SER J 55 58.66 -21.38 -41.61
C SER J 55 60.11 -21.63 -41.24
N MET J 56 61.00 -21.35 -42.18
CA MET J 56 62.44 -21.50 -42.00
C MET J 56 63.11 -20.16 -42.25
N THR J 57 63.93 -19.71 -41.31
CA THR J 57 64.68 -18.47 -41.43
C THR J 57 66.16 -18.75 -41.18
N VAL J 58 67.02 -18.27 -42.08
CA VAL J 58 68.46 -18.45 -41.96
C VAL J 58 69.10 -17.08 -41.84
N PHE J 59 70.27 -17.06 -41.21
CA PHE J 59 71.03 -15.83 -40.99
C PHE J 59 72.51 -16.17 -41.12
N ASP J 60 73.15 -15.70 -42.19
CA ASP J 60 74.59 -15.84 -42.34
C ASP J 60 75.11 -14.80 -43.32
N PRO J 61 75.48 -13.62 -42.84
CA PRO J 61 75.98 -12.56 -43.74
C PRO J 61 77.44 -12.71 -44.14
N GLU J 62 78.08 -13.84 -43.85
CA GLU J 62 79.47 -14.01 -44.21
C GLU J 62 79.61 -14.31 -45.69
N PRO J 63 80.68 -13.82 -46.33
CA PRO J 63 80.86 -14.08 -47.76
C PRO J 63 81.27 -15.52 -48.01
N VAL J 64 80.83 -16.05 -49.16
CA VAL J 64 81.12 -17.41 -49.54
C VAL J 64 82.57 -17.51 -49.97
N GLN J 65 83.32 -18.41 -49.33
CA GLN J 65 84.69 -18.71 -49.70
C GLN J 65 84.76 -20.10 -50.31
N LEU J 66 85.82 -20.33 -51.10
CA LEU J 66 85.98 -21.62 -51.76
C LEU J 66 86.10 -22.76 -50.75
N ALA J 67 86.70 -22.49 -49.59
CA ALA J 67 86.83 -23.52 -48.56
C ALA J 67 85.49 -23.91 -47.96
N ASP J 68 84.47 -23.04 -48.06
CA ASP J 68 83.16 -23.39 -47.51
C ASP J 68 82.49 -24.49 -48.31
N LEU J 69 82.89 -24.70 -49.56
CA LEU J 69 82.35 -25.71 -50.47
C LEU J 69 82.77 -27.14 -50.08
N SER J 70 83.46 -27.30 -48.96
CA SER J 70 83.87 -28.64 -48.53
C SER J 70 82.66 -29.48 -48.12
N THR J 71 81.71 -28.87 -47.41
CA THR J 71 80.54 -29.61 -46.92
C THR J 71 79.22 -29.04 -47.39
N GLN J 72 79.16 -27.79 -47.81
CA GLN J 72 77.92 -27.20 -48.29
C GLN J 72 77.69 -27.57 -49.75
N PHE J 73 76.59 -28.28 -50.01
CA PHE J 73 76.27 -28.76 -51.34
C PHE J 73 75.48 -27.75 -52.16
N PHE J 74 74.97 -26.68 -51.53
CA PHE J 74 74.20 -25.66 -52.24
C PHE J 74 75.06 -24.49 -52.70
N LEU J 75 76.38 -24.58 -52.58
CA LEU J 75 77.29 -23.53 -53.00
C LEU J 75 78.06 -23.98 -54.23
N THR J 76 78.26 -23.04 -55.17
CA THR J 76 79.08 -23.26 -56.35
C THR J 76 80.17 -22.20 -56.42
N GLU J 77 81.12 -22.40 -57.33
CA GLU J 77 82.20 -21.45 -57.46
C GLU J 77 81.70 -20.07 -57.89
N LYS J 78 80.54 -20.02 -58.54
CA LYS J 78 79.96 -18.74 -58.95
C LYS J 78 79.43 -17.94 -57.77
N ASP J 79 79.15 -18.60 -56.64
CA ASP J 79 78.61 -17.93 -55.46
C ASP J 79 79.70 -17.34 -54.57
N ILE J 80 80.97 -17.45 -54.95
CA ILE J 80 82.06 -16.95 -54.12
C ILE J 80 82.01 -15.43 -54.06
N GLY J 81 82.00 -14.89 -52.84
CA GLY J 81 81.95 -13.46 -52.65
C GLY J 81 80.65 -13.00 -52.02
N GLN J 82 79.55 -13.62 -52.42
CA GLN J 82 78.24 -13.25 -51.92
C GLN J 82 77.99 -13.91 -50.57
N LYS J 83 76.93 -13.45 -49.90
CA LYS J 83 76.62 -13.94 -48.56
C LYS J 83 76.17 -15.40 -48.60
N ARG J 84 76.58 -16.16 -47.59
CA ARG J 84 76.20 -17.57 -47.54
C ARG J 84 74.70 -17.74 -47.41
N GLY J 85 74.06 -16.90 -46.59
CA GLY J 85 72.64 -17.05 -46.35
C GLY J 85 71.80 -16.73 -47.57
N ASP J 86 72.17 -15.71 -48.33
CA ASP J 86 71.35 -15.28 -49.45
C ASP J 86 71.38 -16.29 -50.60
N VAL J 87 72.57 -16.83 -50.92
CA VAL J 87 72.68 -17.77 -52.02
C VAL J 87 72.12 -19.14 -51.65
N THR J 88 71.92 -19.42 -50.38
CA THR J 88 71.40 -20.70 -49.94
C THR J 88 69.88 -20.69 -49.80
N ARG J 89 69.30 -19.54 -49.44
CA ARG J 89 67.85 -19.47 -49.26
C ARG J 89 67.11 -19.86 -50.53
N ALA J 90 67.63 -19.49 -51.69
CA ALA J 90 66.98 -19.83 -52.95
C ALA J 90 66.90 -21.34 -53.13
N LYS J 91 68.02 -22.03 -52.91
CA LYS J 91 68.03 -23.48 -53.10
C LYS J 91 67.36 -24.23 -51.95
N LEU J 92 67.22 -23.60 -50.79
CA LEU J 92 66.53 -24.27 -49.68
C LEU J 92 65.02 -24.29 -49.88
N ALA J 93 64.45 -23.21 -50.44
CA ALA J 93 63.00 -23.16 -50.65
C ALA J 93 62.52 -24.17 -51.68
N GLU J 94 63.41 -24.65 -52.55
CA GLU J 94 63.02 -25.64 -53.55
C GLU J 94 62.75 -27.02 -52.96
N LEU J 95 63.22 -27.28 -51.75
CA LEU J 95 63.08 -28.62 -51.18
C LEU J 95 61.65 -28.92 -50.76
N ASN J 96 60.90 -27.88 -50.36
CA ASN J 96 59.54 -28.06 -49.88
C ASN J 96 58.75 -26.81 -50.18
N ALA J 97 57.77 -26.91 -51.07
CA ALA J 97 56.94 -25.76 -51.41
C ALA J 97 56.05 -25.32 -50.26
N TYR J 98 55.77 -26.20 -49.31
CA TYR J 98 54.94 -25.86 -48.16
C TYR J 98 55.69 -25.07 -47.08
N VAL J 99 57.02 -25.05 -47.13
CA VAL J 99 57.84 -24.39 -46.13
C VAL J 99 58.51 -23.18 -46.77
N PRO J 100 58.15 -21.96 -46.40
CA PRO J 100 58.86 -20.78 -46.91
C PRO J 100 60.17 -20.57 -46.17
N VAL J 101 61.22 -20.24 -46.92
CA VAL J 101 62.56 -20.02 -46.39
C VAL J 101 62.90 -18.54 -46.56
N ASN J 102 63.13 -17.85 -45.45
CA ASN J 102 63.51 -16.44 -45.45
C ASN J 102 64.92 -16.27 -44.90
N VAL J 103 65.44 -15.06 -45.07
CA VAL J 103 66.79 -14.70 -44.62
C VAL J 103 66.69 -13.55 -43.64
N LEU J 104 67.24 -13.74 -42.44
CA LEU J 104 67.39 -12.66 -41.48
C LEU J 104 68.65 -11.86 -41.83
N ASP J 105 68.50 -10.55 -42.02
CA ASP J 105 69.61 -9.76 -42.55
C ASP J 105 70.65 -9.44 -41.47
N SER J 106 70.21 -8.92 -40.32
CA SER J 106 71.15 -8.54 -39.26
C SER J 106 70.57 -8.92 -37.91
N LEU J 107 71.35 -9.62 -37.11
CA LEU J 107 70.98 -10.01 -35.74
C LEU J 107 71.59 -9.06 -34.72
N ASP J 108 71.44 -7.74 -34.91
CA ASP J 108 72.01 -6.80 -33.95
C ASP J 108 71.16 -6.66 -32.69
N ASP J 109 69.84 -6.77 -32.81
CA ASP J 109 68.92 -6.71 -31.68
C ASP J 109 68.39 -8.11 -31.40
N VAL J 110 68.64 -8.62 -30.20
CA VAL J 110 68.25 -9.98 -29.86
C VAL J 110 66.75 -10.12 -29.73
N THR J 111 66.01 -9.01 -29.63
CA THR J 111 64.56 -9.09 -29.52
C THR J 111 63.92 -9.70 -30.77
N GLN J 112 64.65 -9.82 -31.88
CA GLN J 112 64.12 -10.48 -33.07
C GLN J 112 63.95 -11.97 -32.87
N LEU J 113 64.59 -12.55 -31.86
CA LEU J 113 64.43 -13.98 -31.57
C LEU J 113 63.05 -14.30 -31.03
N SER J 114 62.29 -13.29 -30.59
CA SER J 114 60.99 -13.54 -29.97
C SER J 114 59.98 -14.10 -30.95
N GLN J 115 60.16 -13.86 -32.25
CA GLN J 115 59.23 -14.35 -33.25
C GLN J 115 59.55 -15.78 -33.71
N PHE J 116 60.48 -16.46 -33.04
CA PHE J 116 60.83 -17.84 -33.37
C PHE J 116 60.55 -18.74 -32.18
N GLN J 117 60.42 -20.04 -32.46
CA GLN J 117 60.21 -21.05 -31.45
C GLN J 117 61.43 -21.92 -31.20
N VAL J 118 62.24 -22.17 -32.23
CA VAL J 118 63.47 -22.95 -32.10
C VAL J 118 64.59 -22.15 -32.75
N VAL J 119 65.66 -21.93 -31.99
CA VAL J 119 66.84 -21.23 -32.48
C VAL J 119 67.99 -22.21 -32.55
N VAL J 120 68.61 -22.31 -33.72
CA VAL J 120 69.71 -23.23 -33.96
C VAL J 120 70.95 -22.40 -34.27
N ALA J 121 72.00 -22.59 -33.46
CA ALA J 121 73.28 -21.91 -33.62
C ALA J 121 74.34 -22.92 -34.03
N THR J 122 74.90 -22.74 -35.22
CA THR J 122 75.90 -23.66 -35.75
C THR J 122 77.30 -23.20 -35.35
N ASP J 123 78.33 -23.78 -35.97
CA ASP J 123 79.71 -23.51 -35.58
C ASP J 123 80.14 -22.08 -35.87
N THR J 124 79.40 -21.35 -36.71
CA THR J 124 79.77 -19.98 -37.05
C THR J 124 79.43 -18.98 -35.95
N VAL J 125 78.85 -19.41 -34.84
CA VAL J 125 78.50 -18.54 -33.72
C VAL J 125 79.51 -18.79 -32.61
N SER J 126 80.09 -17.71 -32.09
CA SER J 126 81.07 -17.82 -31.02
C SER J 126 80.39 -18.29 -29.74
N LEU J 127 81.19 -18.91 -28.86
CA LEU J 127 80.67 -19.41 -27.60
C LEU J 127 80.13 -18.29 -26.73
N GLU J 128 80.76 -17.11 -26.79
CA GLU J 128 80.24 -15.96 -26.06
C GLU J 128 78.87 -15.54 -26.58
N ASP J 129 78.67 -15.59 -27.90
CA ASP J 129 77.38 -15.26 -28.48
C ASP J 129 76.36 -16.38 -28.27
N LYS J 130 76.82 -17.62 -28.19
CA LYS J 130 75.90 -18.74 -27.93
C LYS J 130 75.30 -18.62 -26.53
N VAL J 131 76.08 -18.14 -25.56
CA VAL J 131 75.58 -17.97 -24.20
C VAL J 131 74.66 -16.75 -24.12
N LYS J 132 75.01 -15.68 -24.82
CA LYS J 132 74.15 -14.49 -24.84
C LYS J 132 72.80 -14.82 -25.45
N ILE J 133 72.78 -15.61 -26.52
CA ILE J 133 71.53 -15.96 -27.18
C ILE J 133 70.74 -16.95 -26.34
N ASN J 134 71.42 -17.96 -25.79
CA ASN J 134 70.74 -18.97 -24.98
C ASN J 134 70.12 -18.34 -23.73
N GLU J 135 70.79 -17.35 -23.15
CA GLU J 135 70.23 -16.68 -21.98
C GLU J 135 68.94 -15.95 -22.34
N PHE J 136 68.85 -15.41 -23.56
CA PHE J 136 67.62 -14.78 -24.00
C PHE J 136 66.55 -15.82 -24.35
N CYS J 137 66.96 -16.98 -24.86
CA CYS J 137 66.00 -18.03 -25.18
C CYS J 137 65.48 -18.73 -23.94
N HIS J 138 66.39 -19.07 -23.01
CA HIS J 138 65.95 -19.78 -21.82
C HIS J 138 65.04 -18.91 -20.96
N SER J 139 65.33 -17.61 -20.89
CA SER J 139 64.52 -16.69 -20.10
C SER J 139 63.26 -16.24 -20.80
N SER J 140 63.05 -16.63 -22.07
CA SER J 140 61.85 -16.29 -22.82
C SER J 140 61.07 -17.52 -23.27
N GLY J 141 61.45 -18.70 -22.80
CA GLY J 141 60.77 -19.92 -23.21
C GLY J 141 61.07 -20.39 -24.62
N ILE J 142 62.09 -19.85 -25.26
CA ILE J 142 62.47 -20.26 -26.60
C ILE J 142 63.40 -21.45 -26.52
N ARG J 143 63.21 -22.40 -27.43
CA ARG J 143 64.07 -23.58 -27.47
C ARG J 143 65.39 -23.25 -28.15
N PHE J 144 66.49 -23.57 -27.49
CA PHE J 144 67.82 -23.29 -28.01
C PHE J 144 68.52 -24.61 -28.30
N ILE J 145 69.10 -24.72 -29.49
CA ILE J 145 69.88 -25.90 -29.88
C ILE J 145 71.14 -25.40 -30.57
N SER J 146 72.28 -25.91 -30.14
CA SER J 146 73.58 -25.54 -30.68
C SER J 146 74.30 -26.78 -31.17
N SER J 147 75.25 -26.57 -32.09
CA SER J 147 76.03 -27.67 -32.63
C SER J 147 77.24 -27.09 -33.35
N GLU J 148 78.35 -27.83 -33.31
CA GLU J 148 79.54 -27.44 -34.03
C GLU J 148 80.34 -28.69 -34.35
N THR J 149 81.05 -28.66 -35.48
CA THR J 149 81.86 -29.78 -35.94
C THR J 149 83.29 -29.30 -36.16
N ARG J 150 84.25 -29.99 -35.56
CA ARG J 150 85.67 -29.69 -35.73
C ARG J 150 86.35 -30.93 -36.30
N GLY J 151 86.51 -30.97 -37.62
CA GLY J 151 87.18 -32.10 -38.25
C GLY J 151 86.40 -33.38 -38.03
N LEU J 152 87.08 -34.39 -37.49
CA LEU J 152 86.45 -35.66 -37.16
C LEU J 152 85.77 -35.65 -35.79
N PHE J 153 85.65 -34.48 -35.18
CA PHE J 153 84.98 -34.32 -33.89
C PHE J 153 83.68 -33.55 -34.07
N GLY J 154 82.93 -33.44 -32.98
CA GLY J 154 81.67 -32.71 -33.01
C GLY J 154 80.85 -32.88 -31.76
N ASN J 155 79.93 -31.95 -31.51
CA ASN J 155 79.07 -32.03 -30.33
C ASN J 155 77.76 -31.33 -30.64
N THR J 156 76.83 -31.41 -29.70
CA THR J 156 75.55 -30.73 -29.84
C THR J 156 74.95 -30.47 -28.47
N PHE J 157 74.24 -29.34 -28.36
CA PHE J 157 73.66 -28.88 -27.12
C PHE J 157 72.17 -28.65 -27.30
N VAL J 158 71.38 -29.05 -26.31
CA VAL J 158 69.93 -28.96 -26.35
C VAL J 158 69.44 -28.28 -25.07
N ASP J 159 68.74 -27.15 -25.23
CA ASP J 159 68.10 -26.45 -24.11
C ASP J 159 66.69 -26.07 -24.53
N LEU J 160 65.70 -26.84 -24.06
CA LEU J 160 64.31 -26.68 -24.46
C LEU J 160 63.48 -25.92 -23.43
N GLY J 161 64.11 -25.04 -22.66
CA GLY J 161 63.40 -24.25 -21.68
C GLY J 161 63.25 -24.96 -20.35
N ASP J 162 62.76 -24.20 -19.37
CA ASP J 162 62.64 -24.70 -18.01
C ASP J 162 61.44 -25.61 -17.81
N GLU J 163 60.50 -25.66 -18.76
CA GLU J 163 59.31 -26.47 -18.65
C GLU J 163 59.08 -27.20 -19.97
N PHE J 164 59.37 -28.50 -19.97
CA PHE J 164 59.14 -29.35 -21.13
C PHE J 164 58.64 -30.70 -20.64
N THR J 165 57.51 -31.16 -21.18
CA THR J 165 56.91 -32.42 -20.79
C THR J 165 56.99 -33.39 -21.95
N VAL J 166 57.51 -34.58 -21.69
CA VAL J 166 57.65 -35.61 -22.71
C VAL J 166 56.41 -36.51 -22.61
N LEU J 167 55.45 -36.27 -23.49
CA LEU J 167 54.21 -37.05 -23.49
C LEU J 167 54.45 -38.43 -24.06
N ASP J 168 55.18 -38.52 -25.18
CA ASP J 168 55.53 -39.79 -25.80
C ASP J 168 57.04 -39.96 -25.75
N PRO J 169 57.56 -40.98 -25.07
CA PRO J 169 59.02 -41.10 -24.95
C PRO J 169 59.68 -41.80 -26.13
N THR J 170 58.99 -42.75 -26.77
CA THR J 170 59.62 -43.58 -27.80
C THR J 170 58.92 -43.56 -29.15
N GLY J 171 57.62 -43.30 -29.19
CA GLY J 171 56.87 -43.38 -30.42
C GLY J 171 56.59 -44.79 -30.92
N GLU J 172 57.01 -45.81 -30.18
CA GLU J 172 56.76 -47.20 -30.54
C GLU J 172 55.32 -47.59 -30.22
N GLU J 173 54.95 -48.78 -30.68
CA GLU J 173 53.65 -49.30 -30.32
C GLU J 173 53.69 -49.84 -28.89
N PRO J 174 52.68 -49.53 -28.08
CA PRO J 174 52.65 -50.03 -26.70
C PRO J 174 52.65 -51.55 -26.66
N ARG J 175 53.61 -52.11 -25.94
CA ARG J 175 53.72 -53.56 -25.84
C ARG J 175 52.54 -54.14 -25.07
N THR J 176 52.00 -55.24 -25.58
CA THR J 176 50.84 -55.88 -24.99
C THR J 176 51.03 -57.39 -25.02
N GLY J 177 50.27 -58.07 -24.18
CA GLY J 177 50.34 -59.51 -24.11
C GLY J 177 49.28 -60.05 -23.18
N MET J 178 49.16 -61.38 -23.18
CA MET J 178 48.14 -62.07 -22.41
C MET J 178 48.72 -62.60 -21.10
N VAL J 179 47.87 -62.65 -20.08
CA VAL J 179 48.25 -63.05 -18.74
C VAL J 179 47.71 -64.45 -18.47
N SER J 180 48.50 -65.26 -17.78
CA SER J 180 48.08 -66.60 -17.39
C SER J 180 47.86 -66.76 -15.89
N ASP J 181 48.52 -65.96 -15.06
CA ASP J 181 48.38 -66.07 -13.62
C ASP J 181 48.83 -64.77 -12.96
N ILE J 182 48.07 -64.32 -11.97
CA ILE J 182 48.43 -63.17 -11.15
C ILE J 182 48.40 -63.63 -9.70
N GLU J 183 49.58 -63.80 -9.11
CA GLU J 183 49.67 -64.25 -7.74
C GLU J 183 49.28 -63.12 -6.79
N PRO J 184 48.84 -63.45 -5.57
CA PRO J 184 48.43 -62.39 -4.63
C PRO J 184 49.53 -61.41 -4.29
N ASP J 185 50.80 -61.81 -4.40
CA ASP J 185 51.91 -60.90 -4.14
C ASP J 185 52.19 -59.95 -5.28
N GLY J 186 51.58 -60.17 -6.45
CA GLY J 186 51.75 -59.30 -7.60
C GLY J 186 52.56 -59.88 -8.73
N THR J 187 53.02 -61.11 -8.61
CA THR J 187 53.82 -61.75 -9.66
C THR J 187 52.91 -62.05 -10.84
N VAL J 188 52.96 -61.20 -11.86
CA VAL J 188 52.14 -61.38 -13.06
C VAL J 188 52.85 -62.37 -13.97
N THR J 189 52.31 -63.57 -14.08
CA THR J 189 52.90 -64.62 -14.90
C THR J 189 52.25 -64.61 -16.27
N MET J 190 53.07 -64.62 -17.31
CA MET J 190 52.55 -64.53 -18.67
C MET J 190 52.09 -65.88 -19.17
N LEU J 191 51.59 -65.92 -20.41
CA LEU J 191 51.16 -67.17 -21.00
C LEU J 191 52.39 -67.97 -21.42
N ASP J 192 52.17 -69.15 -21.97
CA ASP J 192 53.27 -70.08 -22.19
C ASP J 192 54.16 -69.60 -23.34
N ASP J 193 55.46 -69.47 -23.05
CA ASP J 193 56.46 -69.12 -24.05
C ASP J 193 56.21 -67.74 -24.67
N ASN J 194 55.81 -66.77 -23.83
CA ASN J 194 55.64 -65.40 -24.31
C ASN J 194 56.44 -64.47 -23.41
N ARG J 195 57.22 -63.57 -24.02
CA ARG J 195 57.97 -62.56 -23.30
C ARG J 195 57.17 -61.27 -23.19
N HIS J 196 57.13 -60.70 -21.99
CA HIS J 196 56.37 -59.46 -21.79
C HIS J 196 57.02 -58.29 -22.53
N GLY J 197 58.34 -58.29 -22.63
CA GLY J 197 59.04 -57.20 -23.28
C GLY J 197 59.16 -55.93 -22.46
N LEU J 198 58.57 -55.89 -21.28
CA LEU J 198 58.65 -54.73 -20.42
C LEU J 198 60.00 -54.63 -19.74
N GLU J 199 60.35 -53.41 -19.32
CA GLU J 199 61.54 -53.15 -18.54
C GLU J 199 61.13 -52.42 -17.27
N ASP J 200 62.05 -52.37 -16.31
CA ASP J 200 61.77 -51.73 -15.04
C ASP J 200 61.43 -50.26 -15.24
N GLY J 201 60.45 -49.77 -14.48
CA GLY J 201 59.99 -48.41 -14.58
C GLY J 201 58.82 -48.20 -15.52
N ASN J 202 58.39 -49.23 -16.23
CA ASN J 202 57.25 -49.12 -17.13
C ASN J 202 55.96 -49.04 -16.33
N PHE J 203 54.88 -48.73 -17.05
CA PHE J 203 53.54 -48.66 -16.49
C PHE J 203 52.59 -49.42 -17.39
N VAL J 204 51.65 -50.15 -16.80
CA VAL J 204 50.75 -51.00 -17.57
C VAL J 204 49.33 -50.86 -17.00
N ARG J 205 48.35 -50.87 -17.89
CA ARG J 205 46.95 -51.03 -17.54
C ARG J 205 46.52 -52.46 -17.85
N PHE J 206 45.34 -52.83 -17.36
CA PHE J 206 44.88 -54.20 -17.46
C PHE J 206 43.49 -54.25 -18.07
N SER J 207 43.18 -55.39 -18.68
CA SER J 207 41.89 -55.64 -19.29
C SER J 207 41.61 -57.13 -19.28
N GLU J 208 40.33 -57.48 -19.12
CA GLU J 208 39.86 -58.86 -19.19
C GLU J 208 40.45 -59.73 -18.09
N VAL J 209 40.62 -59.17 -16.90
CA VAL J 209 41.08 -59.92 -15.74
C VAL J 209 39.86 -60.28 -14.91
N GLU J 210 39.54 -61.58 -14.88
CA GLU J 210 38.33 -62.08 -14.24
C GLU J 210 38.59 -62.36 -12.76
N GLY J 211 38.32 -61.36 -11.92
CA GLY J 211 38.38 -61.52 -10.48
C GLY J 211 38.97 -60.32 -9.79
N LEU J 212 40.12 -59.84 -10.26
CA LEU J 212 40.65 -58.53 -9.88
C LEU J 212 39.80 -57.49 -10.61
N ASP J 213 38.59 -57.27 -10.09
CA ASP J 213 37.63 -56.44 -10.83
C ASP J 213 38.08 -54.99 -10.94
N LYS J 214 38.67 -54.45 -9.87
CA LYS J 214 39.16 -53.08 -9.88
C LYS J 214 40.49 -52.92 -10.63
N LEU J 215 41.07 -54.02 -11.12
CA LEU J 215 42.30 -53.97 -11.90
C LEU J 215 42.07 -53.57 -13.34
N ASN J 216 40.83 -53.66 -13.83
CA ASN J 216 40.51 -53.40 -15.23
C ASN J 216 40.02 -51.98 -15.48
N ASP J 217 39.86 -51.17 -14.43
CA ASP J 217 39.27 -49.84 -14.59
C ASP J 217 40.20 -48.86 -15.30
N GLY J 218 41.46 -49.21 -15.51
CA GLY J 218 42.40 -48.33 -16.18
C GLY J 218 43.48 -47.77 -15.29
N THR J 219 43.49 -48.12 -14.02
CA THR J 219 44.55 -47.65 -13.13
C THR J 219 45.88 -48.23 -13.58
N LEU J 220 46.93 -47.41 -13.52
CA LEU J 220 48.24 -47.83 -13.95
C LEU J 220 49.03 -48.42 -12.80
N PHE J 221 49.92 -49.35 -13.13
CA PHE J 221 50.74 -50.05 -12.14
C PHE J 221 52.19 -50.07 -12.60
N LYS J 222 53.11 -49.86 -11.66
CA LYS J 222 54.53 -49.84 -11.97
C LYS J 222 55.07 -51.25 -12.16
N VAL J 223 55.88 -51.42 -13.19
CA VAL J 223 56.37 -52.74 -13.58
C VAL J 223 57.73 -52.98 -12.92
N GLU J 224 57.83 -54.08 -12.18
CA GLU J 224 59.08 -54.54 -11.59
C GLU J 224 59.42 -55.87 -12.26
N VAL J 225 60.36 -55.83 -13.20
CA VAL J 225 60.67 -57.00 -14.01
C VAL J 225 61.38 -58.05 -13.16
N LEU J 226 60.79 -59.24 -13.08
CA LEU J 226 61.42 -60.37 -12.41
C LEU J 226 62.22 -61.23 -13.39
N GLY J 227 61.69 -61.46 -14.58
CA GLY J 227 62.38 -62.20 -15.60
C GLY J 227 61.81 -61.90 -16.97
N PRO J 228 62.32 -62.59 -18.01
CA PRO J 228 61.80 -62.36 -19.36
C PRO J 228 60.38 -62.85 -19.55
N PHE J 229 59.80 -63.56 -18.56
CA PHE J 229 58.47 -64.11 -18.69
C PHE J 229 57.55 -63.72 -17.53
N ALA J 230 57.95 -62.76 -16.68
CA ALA J 230 57.12 -62.36 -15.57
C ALA J 230 57.58 -60.99 -15.06
N PHE J 231 56.63 -60.25 -14.50
CA PHE J 231 56.91 -58.98 -13.83
C PHE J 231 56.00 -58.87 -12.61
N ARG J 232 56.29 -57.90 -11.75
CA ARG J 232 55.58 -57.72 -10.49
C ARG J 232 55.01 -56.32 -10.40
N ILE J 233 53.80 -56.21 -9.85
CA ILE J 233 53.11 -54.93 -9.75
C ILE J 233 52.68 -54.61 -8.33
N GLY J 234 53.03 -55.42 -7.34
CA GLY J 234 52.62 -55.20 -5.97
C GLY J 234 51.41 -56.02 -5.58
N SER J 235 51.15 -56.04 -4.28
CA SER J 235 50.06 -56.87 -3.73
C SER J 235 48.72 -56.47 -4.33
N VAL J 236 48.01 -57.46 -4.85
CA VAL J 236 46.70 -57.25 -5.46
C VAL J 236 45.62 -57.92 -4.62
N LYS J 237 45.89 -58.07 -3.32
CA LYS J 237 44.93 -58.70 -2.42
C LYS J 237 43.66 -57.85 -2.30
N GLU J 238 43.78 -56.52 -2.46
CA GLU J 238 42.62 -55.66 -2.33
C GLU J 238 41.59 -55.90 -3.43
N TYR J 239 42.03 -56.34 -4.60
CA TYR J 239 41.15 -56.45 -5.76
C TYR J 239 40.43 -57.80 -5.84
N GLY J 240 40.90 -58.81 -5.12
CA GLY J 240 40.24 -60.10 -5.15
C GLY J 240 41.17 -61.28 -5.36
N GLU J 241 40.76 -62.21 -6.20
CA GLU J 241 41.56 -63.39 -6.51
C GLU J 241 41.48 -63.67 -8.00
N TYR J 242 42.59 -64.09 -8.58
CA TYR J 242 42.65 -64.32 -10.01
C TYR J 242 41.97 -65.63 -10.37
N LYS J 243 41.20 -65.61 -11.47
CA LYS J 243 40.57 -66.81 -11.98
C LYS J 243 41.09 -67.20 -13.36
N LYS J 244 40.98 -66.30 -14.34
CA LYS J 244 41.45 -66.57 -15.69
C LYS J 244 41.39 -65.27 -16.49
N GLY J 245 41.98 -65.30 -17.68
CA GLY J 245 41.97 -64.15 -18.56
C GLY J 245 43.03 -63.12 -18.18
N GLY J 246 43.06 -62.05 -18.96
CA GLY J 246 43.95 -60.94 -18.68
C GLY J 246 44.74 -60.46 -19.88
N ILE J 247 44.73 -59.15 -20.13
CA ILE J 247 45.51 -58.54 -21.19
C ILE J 247 46.08 -57.23 -20.65
N PHE J 248 47.41 -57.12 -20.62
CA PHE J 248 48.08 -55.91 -20.15
C PHE J 248 48.54 -55.09 -21.34
N THR J 249 48.42 -53.77 -21.21
CA THR J 249 48.86 -52.83 -22.24
C THR J 249 49.74 -51.79 -21.59
N GLU J 250 50.94 -51.60 -22.13
CA GLU J 250 51.85 -50.62 -21.58
C GLU J 250 51.35 -49.21 -21.86
N VAL J 251 51.39 -48.35 -20.86
CA VAL J 251 51.00 -46.95 -20.98
C VAL J 251 52.21 -46.08 -20.68
N LYS J 252 52.46 -45.09 -21.54
CA LYS J 252 53.57 -44.17 -21.36
C LYS J 252 53.09 -42.97 -20.58
N VAL J 253 53.59 -42.81 -19.36
CA VAL J 253 53.21 -41.71 -18.48
C VAL J 253 54.04 -40.48 -18.85
N PRO J 254 53.56 -39.27 -18.62
CA PRO J 254 54.36 -38.09 -18.95
C PRO J 254 55.50 -37.91 -17.96
N ARG J 255 56.59 -37.34 -18.45
CA ARG J 255 57.78 -37.07 -17.63
C ARG J 255 58.18 -35.62 -17.88
N LYS J 256 57.92 -34.76 -16.90
CA LYS J 256 58.33 -33.36 -16.98
C LYS J 256 59.81 -33.26 -16.65
N ILE J 257 60.63 -32.96 -17.65
CA ILE J 257 62.07 -32.84 -17.47
C ILE J 257 62.45 -31.37 -17.46
N SER J 258 63.42 -31.03 -16.62
CA SER J 258 63.88 -29.65 -16.46
C SER J 258 65.25 -29.49 -17.09
N PHE J 259 65.45 -28.36 -17.76
CA PHE J 259 66.70 -28.07 -18.44
C PHE J 259 67.44 -26.92 -17.74
N LYS J 260 68.75 -26.98 -17.82
CA LYS J 260 69.62 -25.91 -17.33
C LYS J 260 70.14 -25.08 -18.51
N SER J 261 70.54 -23.85 -18.21
CA SER J 261 71.04 -22.95 -19.23
C SER J 261 72.39 -23.44 -19.76
N LEU J 262 72.82 -22.82 -20.87
CA LEU J 262 74.12 -23.17 -21.44
C LEU J 262 75.26 -22.80 -20.49
N LYS J 263 75.13 -21.66 -19.82
CA LYS J 263 76.15 -21.27 -18.85
C LYS J 263 76.26 -22.29 -17.73
N GLN J 264 75.12 -22.81 -17.25
CA GLN J 264 75.15 -23.81 -16.18
C GLN J 264 75.73 -25.13 -16.67
N GLN J 265 75.56 -25.47 -17.94
CA GLN J 265 76.03 -26.76 -18.44
C GLN J 265 77.53 -26.76 -18.74
N LEU J 266 78.13 -25.61 -19.01
CA LEU J 266 79.56 -25.57 -19.27
C LEU J 266 80.36 -25.90 -18.00
N SER J 267 79.77 -25.64 -16.83
CA SER J 267 80.43 -25.92 -15.56
C SER J 267 80.06 -27.30 -15.01
N ASN J 268 78.80 -27.70 -15.15
CA ASN J 268 78.31 -29.00 -14.70
C ASN J 268 77.53 -29.63 -15.85
N PRO J 269 78.22 -30.24 -16.80
CA PRO J 269 77.52 -30.82 -17.95
C PRO J 269 76.90 -32.18 -17.65
N GLU J 270 75.84 -32.49 -18.38
CA GLU J 270 75.17 -33.78 -18.34
C GLU J 270 75.38 -34.46 -19.69
N PHE J 271 76.16 -35.53 -19.72
CA PHE J 271 76.59 -36.12 -20.98
C PHE J 271 75.65 -37.23 -21.44
N VAL J 272 75.52 -37.35 -22.75
CA VAL J 272 74.90 -38.50 -23.39
C VAL J 272 75.94 -39.08 -24.34
N PHE J 273 76.33 -40.32 -24.10
CA PHE J 273 77.48 -40.89 -24.78
C PHE J 273 77.11 -41.45 -26.14
N SER J 274 77.90 -41.13 -27.15
CA SER J 274 77.70 -41.66 -28.48
C SER J 274 78.41 -43.00 -28.70
N ASP J 275 79.33 -43.36 -27.82
CA ASP J 275 80.05 -44.62 -27.95
C ASP J 275 80.58 -44.97 -26.56
N PHE J 276 80.04 -46.06 -25.97
CA PHE J 276 80.45 -46.41 -24.62
C PHE J 276 81.89 -46.91 -24.56
N ALA J 277 82.49 -47.26 -25.69
CA ALA J 277 83.92 -47.51 -25.70
C ALA J 277 84.72 -46.24 -25.52
N LYS J 278 84.13 -45.09 -25.85
CA LYS J 278 84.77 -43.80 -25.66
C LYS J 278 83.99 -42.91 -24.69
N PHE J 279 83.33 -43.52 -23.70
CA PHE J 279 82.57 -42.71 -22.75
C PHE J 279 83.45 -41.87 -21.84
N ASP J 280 84.76 -42.14 -21.80
CA ASP J 280 85.66 -41.28 -21.04
C ASP J 280 86.03 -40.02 -21.80
N ARG J 281 86.00 -40.07 -23.14
CA ARG J 281 86.39 -38.93 -23.94
C ARG J 281 85.36 -37.81 -23.94
N ALA J 282 84.18 -38.04 -23.34
CA ALA J 282 83.14 -37.02 -23.32
C ALA J 282 83.59 -35.79 -22.56
N ALA J 283 84.00 -35.98 -21.30
CA ALA J 283 84.45 -34.83 -20.51
C ALA J 283 85.73 -34.22 -21.06
N GLN J 284 86.54 -35.03 -21.78
CA GLN J 284 87.77 -34.50 -22.37
C GLN J 284 87.46 -33.51 -23.49
N LEU J 285 86.55 -33.89 -24.39
CA LEU J 285 86.18 -32.99 -25.48
C LEU J 285 85.32 -31.83 -25.01
N HIS J 286 84.70 -31.94 -23.83
CA HIS J 286 83.94 -30.81 -23.31
C HIS J 286 84.85 -29.61 -23.05
N LEU J 287 86.01 -29.86 -22.43
CA LEU J 287 86.98 -28.78 -22.22
C LEU J 287 87.71 -28.43 -23.50
N GLY J 288 87.90 -29.39 -24.40
CA GLY J 288 88.59 -29.11 -25.64
C GLY J 288 87.82 -28.15 -26.53
N PHE J 289 86.50 -28.33 -26.62
CA PHE J 289 85.68 -27.43 -27.42
C PHE J 289 85.57 -26.06 -26.79
N GLN J 290 85.58 -25.98 -25.46
CA GLN J 290 85.62 -24.69 -24.79
C GLN J 290 86.96 -24.01 -25.02
N ALA J 291 88.06 -24.76 -24.98
CA ALA J 291 89.38 -24.19 -25.20
C ALA J 291 89.56 -23.73 -26.64
N LEU J 292 88.86 -24.36 -27.59
CA LEU J 292 88.92 -23.91 -28.96
C LEU J 292 88.32 -22.51 -29.12
N HIS J 293 87.37 -22.14 -28.26
CA HIS J 293 86.82 -20.80 -28.31
C HIS J 293 87.70 -19.81 -27.56
N GLN J 294 88.27 -20.21 -26.43
CA GLN J 294 89.25 -19.35 -25.76
C GLN J 294 90.45 -19.09 -26.67
N PHE J 295 90.89 -20.11 -27.41
CA PHE J 295 91.97 -19.92 -28.36
C PHE J 295 91.58 -18.93 -29.45
N ALA J 296 90.31 -18.99 -29.89
CA ALA J 296 89.86 -18.06 -30.93
C ALA J 296 89.80 -16.64 -30.41
N VAL J 297 89.43 -16.46 -29.14
CA VAL J 297 89.41 -15.11 -28.56
C VAL J 297 90.82 -14.55 -28.46
N ARG J 298 91.75 -15.37 -27.97
CA ARG J 298 93.13 -14.95 -27.79
C ARG J 298 93.90 -14.83 -29.10
N HIS J 299 93.32 -15.25 -30.22
CA HIS J 299 94.02 -15.25 -31.50
C HIS J 299 93.22 -14.55 -32.59
N ASN J 300 92.33 -13.63 -32.21
CA ASN J 300 91.56 -12.82 -33.15
C ASN J 300 90.75 -13.70 -34.09
N GLY J 301 89.92 -14.56 -33.49
CA GLY J 301 89.06 -15.42 -34.26
C GLY J 301 89.76 -16.49 -35.07
N GLU J 302 91.02 -16.78 -34.77
CA GLU J 302 91.78 -17.80 -35.49
C GLU J 302 91.63 -19.15 -34.80
N LEU J 303 91.55 -20.18 -35.60
CA LEU J 303 91.55 -21.55 -35.08
C LEU J 303 92.97 -22.10 -35.06
N PRO J 304 93.25 -23.08 -34.21
CA PRO J 304 94.58 -23.69 -34.20
C PRO J 304 94.99 -24.15 -35.59
N ARG J 305 96.21 -23.80 -35.98
CA ARG J 305 96.68 -24.10 -37.32
C ARG J 305 96.75 -25.60 -37.55
N THR J 306 96.57 -26.00 -38.81
CA THR J 306 96.49 -27.41 -39.16
C THR J 306 97.82 -28.10 -38.90
N MET J 307 97.77 -29.18 -38.11
CA MET J 307 98.94 -29.99 -37.78
C MET J 307 100.04 -29.19 -37.10
N ASN J 308 99.69 -28.06 -36.47
CA ASN J 308 100.67 -27.21 -35.82
C ASN J 308 100.81 -27.61 -34.36
N ASP J 309 102.05 -27.75 -33.89
CA ASP J 309 102.32 -28.18 -32.52
C ASP J 309 102.30 -27.03 -31.53
N GLU J 310 102.71 -25.83 -31.95
CA GLU J 310 102.70 -24.68 -31.04
C GLU J 310 101.28 -24.32 -30.62
N ASP J 311 100.34 -24.34 -31.56
CA ASP J 311 98.94 -24.11 -31.20
C ASP J 311 98.34 -25.30 -30.46
N ALA J 312 98.75 -26.52 -30.81
CA ALA J 312 98.24 -27.68 -30.09
C ALA J 312 98.67 -27.69 -28.63
N ASN J 313 99.89 -27.23 -28.36
CA ASN J 313 100.37 -27.15 -26.98
C ASN J 313 99.68 -26.04 -26.20
N GLU J 314 99.34 -24.94 -26.88
CA GLU J 314 98.61 -23.88 -26.20
C GLU J 314 97.21 -24.33 -25.82
N LEU J 315 96.58 -25.16 -26.68
CA LEU J 315 95.24 -25.65 -26.38
C LEU J 315 95.25 -26.57 -25.17
N ILE J 316 96.31 -27.38 -25.02
CA ILE J 316 96.39 -28.27 -23.85
C ILE J 316 96.47 -27.44 -22.57
N LYS J 317 97.14 -26.29 -22.63
CA LYS J 317 97.19 -25.42 -21.45
C LYS J 317 95.81 -24.83 -21.16
N LEU J 318 95.09 -24.39 -22.19
CA LEU J 318 93.75 -23.83 -21.98
C LEU J 318 92.80 -24.88 -21.42
N VAL J 319 92.94 -26.12 -21.87
CA VAL J 319 92.14 -27.21 -21.32
C VAL J 319 92.52 -27.44 -19.85
N THR J 320 93.81 -27.39 -19.54
CA THR J 320 94.23 -27.56 -18.16
C THR J 320 93.78 -26.39 -17.30
N ASP J 321 93.83 -25.17 -17.85
CA ASP J 321 93.35 -24.00 -17.11
C ASP J 321 91.85 -24.09 -16.88
N LEU J 322 91.10 -24.66 -17.84
CA LEU J 322 89.66 -24.82 -17.66
C LEU J 322 89.33 -25.91 -16.66
N SER J 323 90.17 -26.95 -16.56
CA SER J 323 89.93 -28.02 -15.61
C SER J 323 89.97 -27.50 -14.17
N VAL J 324 90.80 -26.49 -13.91
CA VAL J 324 90.83 -25.87 -12.60
C VAL J 324 89.60 -24.99 -12.38
N GLN J 325 89.10 -24.36 -13.45
CA GLN J 325 87.90 -23.55 -13.34
C GLN J 325 86.67 -24.41 -13.16
N GLN J 326 86.58 -25.52 -13.91
CA GLN J 326 85.43 -26.43 -13.88
C GLN J 326 85.94 -27.80 -13.44
N PRO J 327 86.11 -28.02 -12.14
CA PRO J 327 86.62 -29.33 -11.67
C PRO J 327 85.59 -30.44 -11.75
N GLU J 328 84.33 -30.12 -12.02
CA GLU J 328 83.30 -31.14 -12.10
C GLU J 328 83.29 -31.85 -13.44
N VAL J 329 83.84 -31.24 -14.48
CA VAL J 329 83.80 -31.82 -15.81
C VAL J 329 84.59 -33.13 -15.85
N LEU J 330 85.89 -33.05 -15.57
CA LEU J 330 86.72 -34.24 -15.62
C LEU J 330 86.59 -35.08 -14.35
N GLY J 331 86.51 -34.43 -13.19
CA GLY J 331 86.54 -35.12 -11.92
C GLY J 331 87.94 -35.19 -11.35
N GLU J 332 88.01 -35.58 -10.08
CA GLU J 332 89.27 -35.65 -9.38
C GLU J 332 90.09 -36.88 -9.79
N GLY J 333 91.38 -36.67 -10.02
CA GLY J 333 92.32 -37.74 -10.29
C GLY J 333 92.43 -38.20 -11.73
N VAL J 334 91.83 -37.50 -12.68
CA VAL J 334 91.91 -37.85 -14.09
C VAL J 334 92.74 -36.80 -14.80
N ASP J 335 93.73 -37.24 -15.56
CA ASP J 335 94.62 -36.32 -16.24
C ASP J 335 93.92 -35.73 -17.46
N VAL J 336 94.64 -34.88 -18.19
CA VAL J 336 94.04 -34.11 -19.28
C VAL J 336 93.94 -34.91 -20.57
N ASN J 337 94.71 -35.99 -20.72
CA ASN J 337 94.78 -36.75 -21.97
C ASN J 337 95.25 -35.85 -23.12
N GLU J 338 96.50 -35.40 -22.97
CA GLU J 338 97.08 -34.45 -23.91
C GLU J 338 97.08 -34.97 -25.33
N ASP J 339 97.15 -36.29 -25.53
CA ASP J 339 97.15 -36.84 -26.87
C ASP J 339 95.83 -36.59 -27.58
N LEU J 340 94.72 -36.65 -26.85
CA LEU J 340 93.41 -36.40 -27.46
C LEU J 340 93.27 -34.93 -27.85
N ILE J 341 93.62 -34.01 -26.95
CA ILE J 341 93.48 -32.59 -27.26
C ILE J 341 94.38 -32.22 -28.41
N LYS J 342 95.54 -32.89 -28.54
CA LYS J 342 96.44 -32.60 -29.65
C LYS J 342 95.78 -32.96 -30.98
N GLU J 343 95.04 -34.07 -31.02
CA GLU J 343 94.35 -34.43 -32.25
C GLU J 343 93.22 -33.46 -32.54
N LEU J 344 92.54 -32.97 -31.50
CA LEU J 344 91.47 -31.99 -31.70
C LEU J 344 92.01 -30.70 -32.31
N SER J 345 93.17 -30.26 -31.83
CA SER J 345 93.78 -29.05 -32.40
C SER J 345 94.26 -29.28 -33.83
N TYR J 346 94.70 -30.49 -34.15
CA TYR J 346 95.18 -30.75 -35.51
C TYR J 346 94.05 -30.66 -36.52
N GLN J 347 92.82 -31.00 -36.13
CA GLN J 347 91.69 -31.00 -37.05
C GLN J 347 90.67 -29.91 -36.73
N ALA J 348 91.10 -28.84 -36.05
CA ALA J 348 90.16 -27.80 -35.66
C ALA J 348 89.57 -27.08 -36.87
N ARG J 349 90.29 -27.07 -37.99
CA ARG J 349 89.81 -26.40 -39.21
C ARG J 349 89.21 -27.35 -40.22
N GLY J 350 89.05 -28.62 -39.87
CA GLY J 350 88.55 -29.59 -40.82
C GLY J 350 87.04 -29.49 -41.00
N ASP J 351 86.59 -29.85 -42.20
CA ASP J 351 85.17 -29.87 -42.55
C ASP J 351 84.91 -31.20 -43.24
N ILE J 352 84.55 -32.21 -42.46
CA ILE J 352 84.38 -33.57 -42.97
C ILE J 352 82.91 -33.81 -43.32
N PRO J 353 82.59 -34.22 -44.55
CA PRO J 353 81.18 -34.47 -44.89
C PRO J 353 80.54 -35.57 -44.06
N GLY J 354 81.31 -36.61 -43.73
CA GLY J 354 80.74 -37.69 -42.93
C GLY J 354 80.30 -37.24 -41.54
N VAL J 355 81.06 -36.34 -40.94
CA VAL J 355 80.71 -35.84 -39.62
C VAL J 355 79.59 -34.80 -39.71
N VAL J 356 79.63 -33.98 -40.76
CA VAL J 356 78.58 -32.98 -40.94
C VAL J 356 77.23 -33.65 -41.20
N ALA J 357 77.22 -34.64 -42.08
CA ALA J 357 75.98 -35.36 -42.35
C ALA J 357 75.46 -36.08 -41.11
N PHE J 358 76.37 -36.54 -40.25
CA PHE J 358 75.97 -37.18 -39.00
C PHE J 358 75.24 -36.20 -38.09
N PHE J 359 75.90 -35.09 -37.75
CA PHE J 359 75.30 -34.11 -36.86
C PHE J 359 74.18 -33.33 -37.53
N GLY J 360 74.16 -33.26 -38.85
CA GLY J 360 73.08 -32.59 -39.54
C GLY J 360 71.74 -33.28 -39.32
N GLY J 361 71.72 -34.61 -39.44
CA GLY J 361 70.50 -35.34 -39.16
C GLY J 361 70.19 -35.43 -37.67
N LEU J 362 71.22 -35.52 -36.84
CA LEU J 362 71.02 -35.63 -35.40
C LEU J 362 70.41 -34.35 -34.83
N VAL J 363 70.97 -33.19 -35.19
CA VAL J 363 70.45 -31.94 -34.66
C VAL J 363 69.06 -31.66 -35.24
N ALA J 364 68.83 -32.04 -36.49
CA ALA J 364 67.52 -31.80 -37.11
C ALA J 364 66.43 -32.55 -36.35
N GLN J 365 66.70 -33.80 -35.97
CA GLN J 365 65.74 -34.54 -35.15
C GLN J 365 65.51 -33.85 -33.82
N GLU J 366 66.55 -33.23 -33.27
CA GLU J 366 66.37 -32.46 -32.04
C GLU J 366 65.52 -31.22 -32.28
N VAL J 367 65.59 -30.65 -33.48
CA VAL J 367 64.71 -29.53 -33.81
C VAL J 367 63.27 -30.01 -33.91
N LEU J 368 63.06 -31.22 -34.45
CA LEU J 368 61.72 -31.75 -34.59
C LEU J 368 61.10 -32.06 -33.22
N LYS J 369 61.89 -32.63 -32.30
CA LYS J 369 61.39 -32.83 -30.94
C LYS J 369 61.11 -31.50 -30.25
N ALA J 370 61.83 -30.44 -30.64
CA ALA J 370 61.61 -29.13 -30.04
C ALA J 370 60.28 -28.54 -30.50
N CYS J 371 59.88 -28.79 -31.74
CA CYS J 371 58.62 -28.27 -32.27
C CYS J 371 57.44 -29.16 -31.93
N SER J 372 57.64 -30.47 -31.94
CA SER J 372 56.53 -31.41 -31.72
C SER J 372 56.51 -32.01 -30.32
N GLY J 373 57.67 -32.23 -29.71
CA GLY J 373 57.70 -32.92 -28.43
C GLY J 373 57.34 -34.38 -28.53
N LYS J 374 57.53 -34.99 -29.70
CA LYS J 374 57.05 -36.34 -29.93
C LYS J 374 57.95 -37.39 -29.30
N PHE J 375 59.26 -37.16 -29.29
CA PHE J 375 60.22 -38.12 -28.77
C PHE J 375 60.89 -37.55 -27.52
N THR J 376 61.74 -38.36 -26.91
CA THR J 376 62.53 -37.92 -25.76
C THR J 376 63.72 -37.09 -26.24
N PRO J 377 63.85 -35.84 -25.81
CA PRO J 377 64.93 -34.98 -26.33
C PRO J 377 66.28 -35.34 -25.73
N LEU J 378 67.33 -34.80 -26.35
CA LEU J 378 68.68 -34.99 -25.84
C LEU J 378 68.89 -34.27 -24.52
N LYS J 379 69.52 -34.96 -23.56
CA LYS J 379 69.67 -34.42 -22.21
C LYS J 379 70.97 -33.62 -22.10
N GLN J 380 70.94 -32.43 -22.70
CA GLN J 380 71.80 -31.28 -22.51
C GLN J 380 73.18 -31.37 -23.18
N PHE J 381 73.64 -32.52 -23.67
CA PHE J 381 74.98 -32.59 -24.25
C PHE J 381 75.23 -33.96 -24.87
N MET J 382 76.06 -33.97 -25.91
CA MET J 382 76.61 -35.20 -26.46
C MET J 382 77.81 -34.86 -27.32
N TYR J 383 78.88 -35.63 -27.15
CA TYR J 383 80.11 -35.46 -27.92
C TYR J 383 80.41 -36.73 -28.69
N PHE J 384 81.05 -36.58 -29.85
CA PHE J 384 81.30 -37.69 -30.76
C PHE J 384 82.58 -37.43 -31.55
N ASP J 385 83.34 -38.51 -31.76
CA ASP J 385 84.56 -38.47 -32.54
C ASP J 385 84.70 -39.76 -33.34
N SER J 386 85.38 -39.66 -34.48
CA SER J 386 85.62 -40.81 -35.35
C SER J 386 87.09 -40.92 -35.71
N LEU J 387 87.95 -40.85 -34.68
CA LEU J 387 89.39 -40.85 -34.90
C LEU J 387 89.89 -42.12 -35.56
N GLU J 388 89.12 -43.21 -35.52
CA GLU J 388 89.53 -44.44 -36.19
C GLU J 388 89.53 -44.30 -37.71
N SER J 389 88.93 -43.25 -38.26
CA SER J 389 88.93 -43.03 -39.70
C SER J 389 90.25 -42.48 -40.23
N LEU J 390 91.14 -42.04 -39.36
CA LEU J 390 92.43 -41.53 -39.80
C LEU J 390 93.24 -42.65 -40.41
N PRO J 391 93.82 -42.45 -41.60
CA PRO J 391 94.62 -43.52 -42.21
C PRO J 391 95.93 -43.76 -41.46
N ASP J 392 96.56 -44.87 -41.80
CA ASP J 392 97.85 -45.22 -41.20
C ASP J 392 98.90 -44.21 -41.61
N PRO J 393 99.58 -43.55 -40.67
CA PRO J 393 100.63 -42.60 -41.05
C PRO J 393 101.79 -43.23 -41.81
N LYS J 394 101.90 -44.56 -41.82
CA LYS J 394 102.97 -45.20 -42.58
C LYS J 394 102.73 -45.12 -44.07
N ASN J 395 101.47 -45.11 -44.50
CA ASN J 395 101.09 -45.01 -45.90
C ASN J 395 100.74 -43.59 -46.31
N PHE J 396 99.99 -42.87 -45.47
CA PHE J 396 99.55 -41.50 -45.74
C PHE J 396 99.91 -40.65 -44.54
N PRO J 397 101.14 -40.16 -44.49
CA PRO J 397 101.58 -39.39 -43.31
C PRO J 397 100.91 -38.04 -43.23
N ARG J 398 100.65 -37.61 -42.00
CA ARG J 398 100.00 -36.34 -41.72
C ARG J 398 101.01 -35.41 -41.06
N ASN J 399 101.23 -34.25 -41.68
CA ASN J 399 102.12 -33.23 -41.13
C ASN J 399 101.66 -31.87 -41.65
N GLU J 400 102.49 -30.85 -41.41
CA GLU J 400 102.13 -29.50 -41.83
C GLU J 400 102.28 -29.29 -43.34
N LYS J 401 102.90 -30.22 -44.05
CA LYS J 401 103.09 -30.09 -45.49
C LYS J 401 102.05 -30.84 -46.31
N THR J 402 101.63 -32.03 -45.87
CA THR J 402 100.63 -32.78 -46.62
C THR J 402 99.24 -32.21 -46.44
N THR J 403 98.96 -31.63 -45.28
CA THR J 403 97.62 -31.14 -44.96
C THR J 403 97.45 -29.66 -45.24
N GLN J 404 98.40 -29.03 -45.90
CA GLN J 404 98.23 -27.62 -46.21
C GLN J 404 97.24 -27.44 -47.37
N PRO J 405 96.53 -26.31 -47.42
CA PRO J 405 95.55 -26.11 -48.50
C PRO J 405 96.21 -25.97 -49.86
N VAL J 406 95.44 -26.31 -50.89
CA VAL J 406 95.90 -26.25 -52.27
C VAL J 406 94.97 -25.35 -53.11
N ASN J 407 94.23 -24.46 -52.46
CA ASN J 407 93.29 -23.56 -53.13
C ASN J 407 92.24 -24.34 -53.93
N SER J 408 91.58 -25.28 -53.24
CA SER J 408 90.52 -26.07 -53.84
C SER J 408 89.39 -26.18 -52.83
N ARG J 409 88.26 -26.74 -53.29
CA ARG J 409 87.12 -26.91 -52.39
C ARG J 409 87.39 -27.95 -51.31
N TYR J 410 88.38 -28.82 -51.51
CA TYR J 410 88.69 -29.88 -50.57
C TYR J 410 89.76 -29.47 -49.56
N ASP J 411 90.06 -28.18 -49.44
CA ASP J 411 91.13 -27.75 -48.56
C ASP J 411 90.84 -28.16 -47.11
N ASN J 412 89.60 -28.03 -46.67
CA ASN J 412 89.28 -28.40 -45.30
C ASN J 412 89.22 -29.89 -45.08
N GLN J 413 89.16 -30.68 -46.15
CA GLN J 413 89.28 -32.14 -46.04
C GLN J 413 90.72 -32.60 -46.10
N ILE J 414 91.53 -31.95 -46.92
CA ILE J 414 92.95 -32.28 -46.97
C ILE J 414 93.60 -31.97 -45.63
N ALA J 415 93.08 -30.98 -44.91
CA ALA J 415 93.62 -30.59 -43.62
C ALA J 415 93.55 -31.71 -42.59
N VAL J 416 92.77 -32.75 -42.85
CA VAL J 416 92.65 -33.86 -41.93
C VAL J 416 93.39 -35.10 -42.42
N PHE J 417 93.25 -35.42 -43.71
CA PHE J 417 93.79 -36.66 -44.24
C PHE J 417 95.06 -36.48 -45.06
N GLY J 418 95.31 -35.30 -45.58
CA GLY J 418 96.47 -35.07 -46.40
C GLY J 418 96.15 -35.14 -47.89
N LEU J 419 97.03 -34.53 -48.68
CA LEU J 419 96.79 -34.44 -50.11
C LEU J 419 96.87 -35.80 -50.78
N ASP J 420 97.77 -36.67 -50.30
CA ASP J 420 97.94 -37.97 -50.94
C ASP J 420 96.73 -38.87 -50.71
N PHE J 421 96.06 -38.73 -49.57
CA PHE J 421 94.89 -39.57 -49.29
C PHE J 421 93.66 -39.12 -50.08
N GLN J 422 93.46 -37.80 -50.22
CA GLN J 422 92.34 -37.30 -51.01
C GLN J 422 92.47 -37.68 -52.48
N LYS J 423 93.71 -37.81 -52.98
CA LYS J 423 93.90 -38.26 -54.35
C LYS J 423 93.41 -39.70 -54.53
N LYS J 424 93.62 -40.54 -53.51
CA LYS J 424 93.16 -41.93 -53.61
C LYS J 424 91.65 -42.02 -53.55
N ILE J 425 91.01 -41.15 -52.76
CA ILE J 425 89.55 -41.13 -52.73
C ILE J 425 89.01 -40.77 -54.11
N ALA J 426 89.63 -39.78 -54.77
CA ALA J 426 89.21 -39.39 -56.11
C ALA J 426 89.51 -40.46 -57.15
N ASN J 427 90.43 -41.37 -56.85
CA ASN J 427 90.82 -42.43 -57.78
C ASN J 427 90.11 -43.75 -57.49
N SER J 428 89.12 -43.75 -56.61
CA SER J 428 88.42 -44.96 -56.25
C SER J 428 87.31 -45.24 -57.27
N LYS J 429 87.08 -46.52 -57.55
CA LYS J 429 86.05 -46.99 -58.47
C LYS J 429 84.97 -47.69 -57.64
N VAL J 430 83.83 -47.05 -57.50
CA VAL J 430 82.78 -47.49 -56.58
C VAL J 430 81.52 -47.85 -57.37
N PHE J 431 80.63 -48.59 -56.72
CA PHE J 431 79.37 -49.05 -57.29
C PHE J 431 78.25 -48.79 -56.29
N LEU J 432 77.33 -47.90 -56.63
CA LEU J 432 76.18 -47.58 -55.78
C LEU J 432 74.93 -48.24 -56.35
N VAL J 433 74.37 -49.19 -55.61
CA VAL J 433 73.17 -49.92 -56.04
C VAL J 433 71.95 -49.26 -55.41
N GLY J 434 71.18 -48.57 -56.22
CA GLY J 434 69.98 -47.87 -55.75
C GLY J 434 70.23 -46.37 -55.69
N SER J 435 69.23 -45.59 -56.07
CA SER J 435 69.30 -44.14 -56.07
C SER J 435 68.12 -43.54 -55.31
N GLY J 436 67.69 -44.21 -54.25
CA GLY J 436 66.56 -43.75 -53.48
C GLY J 436 66.91 -42.69 -52.47
N ALA J 437 66.31 -42.78 -51.28
CA ALA J 437 66.60 -41.80 -50.24
C ALA J 437 68.03 -41.91 -49.78
N ILE J 438 68.50 -43.13 -49.53
CA ILE J 438 69.89 -43.33 -49.12
C ILE J 438 70.83 -43.05 -50.29
N GLY J 439 70.45 -43.48 -51.49
CA GLY J 439 71.28 -43.25 -52.65
C GLY J 439 71.48 -41.78 -52.97
N CYS J 440 70.45 -40.97 -52.75
CA CYS J 440 70.57 -39.53 -52.98
C CYS J 440 71.52 -38.88 -51.97
N GLU J 441 71.44 -39.29 -50.70
CA GLU J 441 72.38 -38.81 -49.71
C GLU J 441 73.78 -39.36 -49.95
N MET J 442 73.87 -40.57 -50.51
CA MET J 442 75.16 -41.17 -50.78
C MET J 442 75.90 -40.41 -51.87
N LEU J 443 75.23 -40.11 -52.97
CA LEU J 443 75.86 -39.37 -54.05
C LEU J 443 76.24 -37.96 -53.62
N LYS J 444 75.48 -37.36 -52.70
CA LYS J 444 75.82 -36.04 -52.21
C LYS J 444 77.13 -36.06 -51.44
N ASN J 445 77.30 -37.05 -50.55
CA ASN J 445 78.54 -37.15 -49.79
C ASN J 445 79.72 -37.49 -50.69
N TRP J 446 79.51 -38.40 -51.64
CA TRP J 446 80.59 -38.74 -52.58
C TRP J 446 80.96 -37.54 -53.44
N ALA J 447 80.01 -36.65 -53.71
CA ALA J 447 80.31 -35.44 -54.46
C ALA J 447 81.15 -34.47 -53.65
N LEU J 448 80.87 -34.37 -52.35
CA LEU J 448 81.66 -33.49 -51.49
C LEU J 448 83.07 -34.04 -51.30
N LEU J 449 83.20 -35.37 -51.22
CA LEU J 449 84.50 -36.01 -51.09
C LEU J 449 85.29 -35.99 -52.39
N GLY J 450 84.65 -35.68 -53.51
CA GLY J 450 85.32 -35.80 -54.79
C GLY J 450 85.59 -37.23 -55.20
N LEU J 451 84.88 -38.19 -54.61
CA LEU J 451 85.12 -39.60 -54.89
C LEU J 451 84.84 -39.91 -56.35
N GLY J 452 85.78 -40.57 -57.00
CA GLY J 452 85.64 -40.91 -58.39
C GLY J 452 85.98 -39.80 -59.37
N SER J 453 86.36 -38.62 -58.86
CA SER J 453 86.68 -37.51 -59.75
C SER J 453 88.08 -37.60 -60.33
N GLY J 454 88.94 -38.47 -59.81
CA GLY J 454 90.27 -38.61 -60.35
C GLY J 454 90.29 -39.30 -61.70
N SER J 455 91.43 -39.19 -62.37
CA SER J 455 91.58 -39.76 -63.70
C SER J 455 91.54 -41.28 -63.71
N ASP J 456 91.60 -41.93 -62.55
CA ASP J 456 91.59 -43.38 -62.47
C ASP J 456 90.34 -43.95 -61.81
N GLY J 457 89.51 -43.10 -61.21
CA GLY J 457 88.30 -43.53 -60.53
C GLY J 457 87.05 -43.13 -61.29
N TYR J 458 85.93 -43.65 -60.80
CA TYR J 458 84.62 -43.36 -61.38
C TYR J 458 83.55 -43.79 -60.39
N ILE J 459 82.31 -43.44 -60.70
CA ILE J 459 81.16 -43.84 -59.89
C ILE J 459 80.14 -44.47 -60.83
N VAL J 460 79.66 -45.66 -60.47
CA VAL J 460 78.61 -46.35 -61.21
C VAL J 460 77.41 -46.45 -60.28
N VAL J 461 76.30 -45.86 -60.69
CA VAL J 461 75.04 -45.90 -59.93
C VAL J 461 73.95 -46.38 -60.87
N THR J 462 73.10 -47.28 -60.37
CA THR J 462 72.04 -47.86 -61.19
C THR J 462 70.74 -47.95 -60.40
N ASP J 463 69.63 -47.66 -61.08
CA ASP J 463 68.30 -47.76 -60.48
C ASP J 463 67.29 -47.82 -61.62
N ASN J 464 66.47 -48.87 -61.63
CA ASN J 464 65.52 -49.09 -62.71
C ASN J 464 64.19 -48.39 -62.50
N ASP J 465 64.07 -47.54 -61.48
CA ASP J 465 62.83 -46.86 -61.17
C ASP J 465 62.84 -45.43 -61.69
N SER J 466 61.65 -44.86 -61.82
CA SER J 466 61.48 -43.48 -62.25
C SER J 466 61.06 -42.61 -61.06
N ILE J 467 61.15 -41.31 -61.26
CA ILE J 467 60.86 -40.33 -60.22
C ILE J 467 59.36 -40.05 -60.21
N GLU J 468 58.79 -39.96 -59.01
CA GLU J 468 57.39 -39.63 -58.85
C GLU J 468 57.27 -38.39 -57.97
N LYS J 469 56.13 -37.70 -58.08
CA LYS J 469 55.98 -36.45 -57.35
C LYS J 469 55.87 -36.69 -55.85
N SER J 470 55.38 -37.86 -55.44
CA SER J 470 55.27 -38.13 -54.01
C SER J 470 56.62 -38.42 -53.37
N ASN J 471 57.59 -38.89 -54.16
CA ASN J 471 58.92 -39.19 -53.63
C ASN J 471 59.79 -37.96 -53.44
N LEU J 472 59.32 -36.78 -53.83
CA LEU J 472 60.15 -35.58 -53.70
C LEU J 472 60.43 -35.21 -52.25
N ASN J 473 59.66 -35.76 -51.31
CA ASN J 473 59.87 -35.45 -49.90
C ASN J 473 61.05 -36.24 -49.35
N ARG J 474 61.18 -37.50 -49.75
CA ARG J 474 62.22 -38.39 -49.23
C ARG J 474 63.48 -38.40 -50.10
N GLN J 475 63.41 -37.87 -51.31
CA GLN J 475 64.55 -37.80 -52.21
C GLN J 475 64.80 -36.33 -52.52
N PHE J 476 65.84 -35.75 -51.93
CA PHE J 476 66.05 -34.31 -52.01
C PHE J 476 66.83 -33.89 -53.25
N LEU J 477 67.43 -34.82 -53.99
CA LEU J 477 68.13 -34.46 -55.22
C LEU J 477 67.17 -34.19 -56.38
N PHE J 478 65.91 -34.60 -56.25
CA PHE J 478 64.94 -34.46 -57.34
C PHE J 478 64.01 -33.30 -57.07
N ARG J 479 63.62 -32.63 -58.16
CA ARG J 479 62.75 -31.47 -58.13
C ARG J 479 61.48 -31.78 -58.91
N PRO J 480 60.42 -30.98 -58.77
CA PRO J 480 59.22 -31.23 -59.57
C PRO J 480 59.48 -31.27 -61.07
N LYS J 481 60.51 -30.58 -61.55
CA LYS J 481 60.81 -30.60 -62.98
C LYS J 481 61.30 -31.95 -63.46
N ASP J 482 61.74 -32.84 -62.55
CA ASP J 482 62.33 -34.10 -62.93
C ASP J 482 61.40 -35.29 -62.80
N VAL J 483 60.16 -35.09 -62.36
CA VAL J 483 59.24 -36.23 -62.21
C VAL J 483 58.97 -36.84 -63.58
N GLY J 484 59.12 -38.16 -63.66
CA GLY J 484 58.99 -38.88 -64.91
C GLY J 484 60.31 -39.38 -65.48
N LYS J 485 61.42 -38.74 -65.13
CA LYS J 485 62.73 -39.18 -65.55
C LYS J 485 63.26 -40.28 -64.63
N ASN J 486 64.41 -40.84 -64.99
CA ASN J 486 65.00 -41.92 -64.20
C ASN J 486 65.68 -41.37 -62.96
N LYS J 487 65.67 -42.17 -61.89
CA LYS J 487 66.22 -41.72 -60.63
C LYS J 487 67.73 -41.55 -60.71
N SER J 488 68.43 -42.57 -61.20
CA SER J 488 69.89 -42.51 -61.24
C SER J 488 70.41 -41.46 -62.21
N GLU J 489 69.70 -41.26 -63.33
CA GLU J 489 70.17 -40.27 -64.31
C GLU J 489 70.03 -38.85 -63.78
N VAL J 490 68.92 -38.55 -63.10
CA VAL J 490 68.71 -37.21 -62.57
C VAL J 490 69.64 -36.96 -61.39
N ALA J 491 69.82 -37.95 -60.51
CA ALA J 491 70.72 -37.80 -59.38
C ALA J 491 72.16 -37.64 -59.85
N ALA J 492 72.50 -38.18 -61.02
CA ALA J 492 73.84 -38.00 -61.56
C ALA J 492 74.07 -36.53 -61.92
N GLU J 493 73.15 -35.94 -62.68
CA GLU J 493 73.26 -34.52 -63.03
C GLU J 493 73.05 -33.61 -61.83
N ALA J 494 72.40 -34.11 -60.78
CA ALA J 494 72.19 -33.28 -59.59
C ALA J 494 73.50 -33.03 -58.86
N VAL J 495 74.32 -34.06 -58.70
CA VAL J 495 75.58 -33.89 -57.97
C VAL J 495 76.65 -33.25 -58.85
N CYS J 496 76.55 -33.37 -60.17
CA CYS J 496 77.50 -32.69 -61.04
C CYS J 496 77.34 -31.17 -60.95
N ALA J 497 76.14 -30.70 -60.62
CA ALA J 497 75.96 -29.27 -60.40
C ALA J 497 76.56 -28.83 -59.07
N MET J 498 76.56 -29.71 -58.07
CA MET J 498 77.17 -29.37 -56.79
C MET J 498 78.68 -29.34 -56.90
N ASN J 499 79.25 -30.37 -57.53
CA ASN J 499 80.69 -30.45 -57.74
C ASN J 499 80.94 -30.80 -59.20
N PRO J 500 81.27 -29.82 -60.04
CA PRO J 500 81.52 -30.12 -61.46
C PRO J 500 82.70 -31.05 -61.69
N ASP J 501 83.50 -31.37 -60.67
CA ASP J 501 84.62 -32.27 -60.84
C ASP J 501 84.18 -33.67 -61.23
N LEU J 502 82.94 -34.05 -60.90
CA LEU J 502 82.41 -35.36 -61.20
C LEU J 502 81.81 -35.46 -62.59
N LYS J 503 81.81 -34.38 -63.37
CA LYS J 503 81.26 -34.39 -64.71
C LYS J 503 82.06 -35.34 -65.59
N GLY J 504 81.37 -36.31 -66.19
CA GLY J 504 82.03 -37.31 -67.00
C GLY J 504 82.62 -38.47 -66.22
N LYS J 505 82.42 -38.54 -64.91
CA LYS J 505 82.94 -39.60 -64.07
C LYS J 505 81.85 -40.46 -63.44
N ILE J 506 80.58 -40.16 -63.70
CA ILE J 506 79.47 -40.92 -63.12
C ILE J 506 78.76 -41.66 -64.25
N ASN J 507 78.70 -42.98 -64.14
CA ASN J 507 78.00 -43.82 -65.11
C ASN J 507 76.64 -44.16 -64.50
N ALA J 508 75.61 -43.46 -64.94
CA ALA J 508 74.26 -43.67 -64.45
C ALA J 508 73.56 -44.71 -65.33
N LYS J 509 73.16 -45.81 -64.72
CA LYS J 509 72.46 -46.88 -65.42
C LYS J 509 71.04 -47.01 -64.88
N ILE J 510 70.17 -47.59 -65.69
CA ILE J 510 68.76 -47.74 -65.34
C ILE J 510 68.39 -49.21 -65.30
N ASP J 511 69.37 -50.06 -65.04
CA ASP J 511 69.20 -51.50 -65.08
C ASP J 511 69.02 -52.06 -63.67
N LYS J 512 68.12 -53.03 -63.54
CA LYS J 512 67.85 -53.66 -62.26
C LYS J 512 68.97 -54.63 -61.92
N VAL J 513 69.46 -54.56 -60.68
CA VAL J 513 70.49 -55.48 -60.23
C VAL J 513 69.84 -56.80 -59.85
N GLY J 514 70.32 -57.88 -60.45
CA GLY J 514 69.77 -59.19 -60.19
C GLY J 514 70.29 -60.22 -61.17
N PRO J 515 69.80 -61.47 -61.04
CA PRO J 515 70.21 -62.51 -61.99
C PRO J 515 69.78 -62.22 -63.41
N GLU J 516 68.83 -61.30 -63.61
CA GLU J 516 68.36 -60.99 -64.96
C GLU J 516 69.41 -60.21 -65.75
N THR J 517 70.22 -59.42 -65.07
CA THR J 517 71.19 -58.53 -65.71
C THR J 517 72.63 -58.93 -65.39
N GLU J 518 72.91 -60.23 -65.36
CA GLU J 518 74.28 -60.67 -65.15
C GLU J 518 75.13 -60.52 -66.39
N GLU J 519 74.54 -60.22 -67.55
CA GLU J 519 75.30 -59.95 -68.75
C GLU J 519 75.85 -58.52 -68.75
N ILE J 520 75.05 -57.58 -68.23
CA ILE J 520 75.49 -56.20 -68.13
C ILE J 520 76.51 -56.04 -67.02
N PHE J 521 76.19 -56.56 -65.83
CA PHE J 521 77.13 -56.58 -64.71
C PHE J 521 77.92 -57.89 -64.72
N ASN J 522 78.81 -57.99 -65.71
CA ASN J 522 79.57 -59.21 -65.95
C ASN J 522 80.78 -59.26 -65.02
N ASP J 523 81.68 -60.20 -65.28
CA ASP J 523 82.87 -60.35 -64.43
C ASP J 523 83.80 -59.15 -64.56
N SER J 524 83.91 -58.60 -65.78
CA SER J 524 84.77 -57.44 -65.98
C SER J 524 84.26 -56.22 -65.21
N PHE J 525 82.95 -56.08 -65.06
CA PHE J 525 82.40 -54.94 -64.33
C PHE J 525 82.71 -55.03 -62.84
N TRP J 526 82.45 -56.19 -62.24
CA TRP J 526 82.61 -56.34 -60.80
C TRP J 526 84.08 -56.31 -60.39
N GLU J 527 84.94 -56.98 -61.16
CA GLU J 527 86.34 -57.09 -60.79
C GLU J 527 87.07 -55.76 -60.88
N SER J 528 86.60 -54.83 -61.71
CA SER J 528 87.25 -53.53 -61.83
C SER J 528 86.89 -52.58 -60.70
N LEU J 529 85.87 -52.90 -59.90
CA LEU J 529 85.44 -52.01 -58.84
C LEU J 529 86.32 -52.18 -57.60
N ASP J 530 86.37 -51.12 -56.80
CA ASP J 530 87.08 -51.16 -55.52
C ASP J 530 86.19 -51.64 -54.40
N PHE J 531 84.98 -51.08 -54.28
CA PHE J 531 84.01 -51.57 -53.32
C PHE J 531 82.62 -51.16 -53.78
N VAL J 532 81.61 -51.76 -53.16
CA VAL J 532 80.21 -51.56 -53.53
C VAL J 532 79.46 -51.03 -52.32
N THR J 533 78.54 -50.10 -52.56
CA THR J 533 77.71 -49.51 -51.52
C THR J 533 76.25 -49.77 -51.83
N ASN J 534 75.52 -50.33 -50.87
CA ASN J 534 74.11 -50.67 -51.06
C ASN J 534 73.21 -49.52 -50.66
N ALA J 535 72.25 -49.20 -51.53
CA ALA J 535 71.25 -48.18 -51.26
C ALA J 535 69.86 -48.70 -51.61
N LEU J 536 69.58 -49.94 -51.24
CA LEU J 536 68.34 -50.63 -51.59
C LEU J 536 67.35 -50.58 -50.44
N ASP J 537 66.12 -51.03 -50.73
CA ASP J 537 65.04 -51.03 -49.76
C ASP J 537 64.48 -52.41 -49.46
N ASN J 538 64.69 -53.40 -50.33
CA ASN J 538 64.16 -54.74 -50.13
C ASN J 538 65.28 -55.73 -49.83
N VAL J 539 64.93 -56.80 -49.12
CA VAL J 539 65.93 -57.79 -48.71
C VAL J 539 66.29 -58.71 -49.87
N ASP J 540 65.40 -58.90 -50.83
CA ASP J 540 65.70 -59.77 -51.96
C ASP J 540 66.86 -59.23 -52.78
N ALA J 541 66.94 -57.91 -52.94
CA ALA J 541 68.03 -57.32 -53.70
C ALA J 541 69.29 -57.18 -52.87
N ARG J 542 69.14 -56.89 -51.57
CA ARG J 542 70.31 -56.78 -50.70
C ARG J 542 71.10 -58.08 -50.66
N THR J 543 70.40 -59.21 -50.53
CA THR J 543 71.09 -60.50 -50.45
C THR J 543 71.80 -60.81 -51.76
N TYR J 544 71.23 -60.41 -52.89
CA TYR J 544 71.89 -60.68 -54.16
C TYR J 544 73.20 -59.90 -54.26
N VAL J 545 73.17 -58.62 -53.90
CA VAL J 545 74.39 -57.80 -53.95
C VAL J 545 75.42 -58.33 -52.96
N ASP J 546 74.96 -58.78 -51.80
CA ASP J 546 75.86 -59.35 -50.81
C ASP J 546 76.50 -60.63 -51.33
N ARG J 547 75.71 -61.53 -51.93
CA ARG J 547 76.26 -62.76 -52.48
C ARG J 547 77.16 -62.49 -53.67
N ARG J 548 76.90 -61.41 -54.42
CA ARG J 548 77.82 -61.02 -55.49
C ARG J 548 79.14 -60.50 -54.93
N CYS J 549 79.07 -59.68 -53.87
CA CYS J 549 80.29 -59.15 -53.28
C CYS J 549 81.15 -60.25 -52.67
N VAL J 550 80.51 -61.27 -52.09
CA VAL J 550 81.27 -62.40 -51.54
C VAL J 550 81.95 -63.18 -52.66
N PHE J 551 81.29 -63.30 -53.81
CA PHE J 551 81.85 -64.06 -54.92
C PHE J 551 83.10 -63.37 -55.45
N TYR J 552 83.02 -62.06 -55.68
CA TYR J 552 84.13 -61.31 -56.26
C TYR J 552 85.11 -60.77 -55.21
N ARG J 553 84.86 -61.04 -53.92
CA ARG J 553 85.75 -60.60 -52.84
C ARG J 553 85.95 -59.09 -52.84
N LYS J 554 84.84 -58.36 -52.82
CA LYS J 554 84.86 -56.92 -52.75
C LYS J 554 84.18 -56.44 -51.47
N PRO J 555 84.64 -55.34 -50.88
CA PRO J 555 83.98 -54.81 -49.68
C PRO J 555 82.60 -54.29 -49.99
N LEU J 556 81.72 -54.37 -49.00
CA LEU J 556 80.33 -53.95 -49.13
C LEU J 556 79.96 -53.06 -47.94
N LEU J 557 79.40 -51.89 -48.23
CA LEU J 557 78.92 -50.96 -47.20
C LEU J 557 77.39 -51.02 -47.18
N GLU J 558 76.85 -51.69 -46.16
CA GLU J 558 75.42 -51.90 -46.02
C GLU J 558 74.85 -50.92 -45.00
N SER J 559 73.63 -50.46 -45.23
CA SER J 559 72.94 -49.53 -44.35
C SER J 559 71.45 -49.72 -44.50
N GLY J 560 70.70 -49.10 -43.57
CA GLY J 560 69.26 -49.18 -43.58
C GLY J 560 68.61 -48.47 -42.41
N THR J 561 67.44 -47.87 -42.64
CA THR J 561 66.73 -47.11 -41.63
C THR J 561 65.31 -47.64 -41.48
N LEU J 562 64.74 -47.43 -40.30
CA LEU J 562 63.34 -47.78 -40.01
C LEU J 562 62.83 -46.76 -39.00
N GLY J 563 62.19 -45.71 -39.52
CA GLY J 563 61.73 -44.64 -38.65
C GLY J 563 62.92 -43.86 -38.10
N THR J 564 62.95 -43.69 -36.78
CA THR J 564 64.08 -43.05 -36.13
C THR J 564 65.21 -44.02 -35.82
N LYS J 565 65.09 -45.27 -36.23
CA LYS J 565 66.15 -46.26 -36.03
C LYS J 565 66.94 -46.43 -37.32
N GLY J 566 68.20 -46.83 -37.17
CA GLY J 566 69.07 -47.02 -38.31
C GLY J 566 70.30 -47.80 -37.92
N ASN J 567 70.93 -48.41 -38.93
CA ASN J 567 72.09 -49.25 -38.69
C ASN J 567 73.01 -49.22 -39.90
N THR J 568 74.29 -49.52 -39.65
CA THR J 568 75.30 -49.64 -40.68
C THR J 568 76.04 -50.96 -40.49
N GLN J 569 76.53 -51.51 -41.60
CA GLN J 569 77.27 -52.77 -41.56
C GLN J 569 78.40 -52.70 -42.58
N VAL J 570 79.59 -53.10 -42.14
CA VAL J 570 80.78 -53.13 -42.97
C VAL J 570 81.13 -54.59 -43.24
N ILE J 571 81.36 -54.92 -44.50
CA ILE J 571 81.70 -56.29 -44.90
C ILE J 571 83.06 -56.25 -45.59
N ILE J 572 84.06 -56.85 -44.97
CA ILE J 572 85.43 -56.87 -45.46
C ILE J 572 85.75 -58.29 -45.92
N PRO J 573 86.27 -58.48 -47.12
CA PRO J 573 86.60 -59.84 -47.59
C PRO J 573 87.67 -60.50 -46.72
N ARG J 574 87.46 -61.79 -46.45
CA ARG J 574 88.34 -62.67 -45.68
C ARG J 574 88.46 -62.28 -44.22
N LEU J 575 87.77 -61.23 -43.76
CA LEU J 575 87.88 -60.77 -42.38
C LEU J 575 86.58 -60.93 -41.62
N THR J 576 85.48 -60.37 -42.11
CA THR J 576 84.20 -60.37 -41.41
C THR J 576 83.17 -61.18 -42.19
N GLU J 577 82.04 -61.42 -41.54
CA GLU J 577 80.94 -62.10 -42.19
C GLU J 577 80.19 -61.12 -43.09
N SER J 578 79.40 -61.68 -43.99
CA SER J 578 78.65 -60.90 -44.96
C SER J 578 77.31 -60.47 -44.40
N TYR J 579 76.52 -59.76 -45.20
CA TYR J 579 75.19 -59.37 -44.77
C TYR J 579 74.20 -60.53 -44.82
N SER J 580 74.57 -61.63 -45.48
CA SER J 580 73.73 -62.82 -45.51
C SER J 580 73.92 -63.69 -44.28
N SER J 581 75.08 -63.60 -43.63
CA SER J 581 75.38 -64.36 -42.44
C SER J 581 74.88 -63.69 -41.17
N SER J 582 73.88 -62.82 -41.29
CA SER J 582 73.28 -62.15 -40.15
C SER J 582 71.77 -62.28 -40.24
N ARG J 583 71.12 -62.11 -39.10
CA ARG J 583 69.67 -62.25 -38.99
C ARG J 583 69.19 -63.61 -39.50
N LEU J 592 50.63 -65.35 -38.66
CA LEU J 592 51.33 -66.60 -39.01
C LEU J 592 50.43 -67.49 -39.86
N CYS J 593 50.25 -68.74 -39.40
CA CYS J 593 49.33 -69.68 -40.00
C CYS J 593 48.15 -69.94 -39.07
N THR J 594 48.42 -70.47 -37.87
CA THR J 594 47.38 -70.66 -36.87
C THR J 594 46.72 -69.35 -36.49
N LEU J 595 47.50 -68.27 -36.45
CA LEU J 595 46.97 -66.96 -36.04
C LEU J 595 45.89 -66.45 -36.98
N ARG J 596 45.84 -66.92 -38.22
CA ARG J 596 44.76 -66.50 -39.11
C ARG J 596 43.43 -67.11 -38.68
N SER J 597 43.46 -68.32 -38.12
CA SER J 597 42.24 -69.02 -37.72
C SER J 597 41.70 -68.48 -36.40
N PHE J 598 42.56 -68.24 -35.42
CA PHE J 598 42.16 -67.69 -34.12
C PHE J 598 42.88 -66.38 -33.90
N PRO J 599 42.30 -65.26 -34.30
CA PRO J 599 43.00 -63.98 -34.18
C PRO J 599 42.85 -63.38 -32.78
N ASN J 600 43.87 -62.62 -32.37
CA ASN J 600 43.79 -61.82 -31.16
C ASN J 600 44.32 -60.41 -31.36
N LYS J 601 44.95 -60.10 -32.49
CA LYS J 601 45.40 -58.75 -32.80
C LYS J 601 44.90 -58.38 -34.19
N ILE J 602 44.90 -57.08 -34.48
CA ILE J 602 44.41 -56.60 -35.77
C ILE J 602 45.31 -57.08 -36.90
N ASP J 603 46.55 -57.45 -36.61
CA ASP J 603 47.43 -57.96 -37.65
C ASP J 603 46.94 -59.29 -38.20
N HIS J 604 46.32 -60.11 -37.36
CA HIS J 604 45.86 -61.42 -37.80
C HIS J 604 44.60 -61.35 -38.66
N THR J 605 43.72 -60.39 -38.39
CA THR J 605 42.54 -60.24 -39.23
C THR J 605 42.89 -59.63 -40.57
N ILE J 606 43.91 -58.78 -40.62
CA ILE J 606 44.35 -58.21 -41.89
C ILE J 606 44.97 -59.30 -42.75
N ALA J 607 45.80 -60.16 -42.16
CA ALA J 607 46.36 -61.27 -42.92
C ALA J 607 45.27 -62.21 -43.41
N TRP J 608 44.21 -62.37 -42.62
CA TRP J 608 43.08 -63.18 -43.07
C TRP J 608 42.32 -62.48 -44.20
N ALA J 609 42.09 -61.18 -44.05
CA ALA J 609 41.37 -60.44 -45.08
C ALA J 609 42.20 -60.28 -46.34
N LYS J 610 43.51 -60.10 -46.19
CA LYS J 610 44.38 -59.96 -47.35
C LYS J 610 44.41 -61.24 -48.17
N SER J 611 44.36 -62.39 -47.51
CA SER J 611 44.33 -63.66 -48.23
C SER J 611 42.96 -63.88 -48.87
N LEU J 612 41.90 -63.44 -48.20
CA LEU J 612 40.57 -63.52 -48.79
C LEU J 612 40.44 -62.62 -50.01
N PHE J 613 41.10 -61.45 -49.97
CA PHE J 613 41.11 -60.56 -51.12
C PHE J 613 41.80 -61.20 -52.31
N GLN J 614 42.75 -62.10 -52.07
CA GLN J 614 43.44 -62.76 -53.18
C GLN J 614 42.55 -63.83 -53.81
N GLY J 615 41.92 -64.67 -52.99
CA GLY J 615 41.07 -65.71 -53.54
C GLY J 615 39.80 -65.19 -54.19
N TYR J 616 39.36 -63.99 -53.82
CA TYR J 616 38.14 -63.45 -54.39
C TYR J 616 38.39 -62.85 -55.76
N PHE J 617 39.37 -61.97 -55.88
CA PHE J 617 39.54 -61.15 -57.07
C PHE J 617 40.85 -61.38 -57.82
N THR J 618 41.72 -62.26 -57.34
CA THR J 618 42.97 -62.53 -58.04
C THR J 618 43.10 -63.99 -58.46
N ASP J 619 42.85 -64.93 -57.56
CA ASP J 619 43.02 -66.34 -57.89
C ASP J 619 41.83 -66.89 -58.66
N SER J 620 40.61 -66.41 -58.37
CA SER J 620 39.44 -66.90 -59.09
C SER J 620 39.49 -66.51 -60.56
N ALA J 621 40.00 -65.32 -60.86
CA ALA J 621 40.08 -64.89 -62.25
C ALA J 621 41.15 -65.64 -63.02
N GLU J 622 42.29 -65.90 -62.38
CA GLU J 622 43.36 -66.62 -63.06
C GLU J 622 43.00 -68.08 -63.32
N ASN J 623 42.12 -68.65 -62.49
CA ASN J 623 41.68 -70.02 -62.73
C ASN J 623 40.69 -70.07 -63.89
N VAL J 624 39.81 -69.08 -63.99
CA VAL J 624 38.86 -69.04 -65.09
C VAL J 624 39.57 -68.71 -66.39
N ASN J 625 40.54 -67.79 -66.35
CA ASN J 625 41.27 -67.44 -67.55
C ASN J 625 42.09 -68.61 -68.07
N MET J 626 42.52 -69.50 -67.19
CA MET J 626 43.27 -70.68 -67.61
C MET J 626 42.36 -71.84 -67.98
N TYR J 627 41.22 -71.98 -67.31
CA TYR J 627 40.27 -73.03 -67.67
C TYR J 627 39.70 -72.79 -69.06
N LEU J 628 39.63 -71.54 -69.49
CA LEU J 628 39.08 -71.19 -70.78
C LEU J 628 40.12 -71.24 -71.89
N THR J 629 41.38 -71.02 -71.57
CA THR J 629 42.46 -70.98 -72.56
C THR J 629 43.26 -72.28 -72.66
N GLN J 630 43.19 -73.15 -71.67
CA GLN J 630 43.92 -74.42 -71.71
C GLN J 630 42.94 -75.58 -71.79
N PRO J 631 42.95 -76.36 -72.88
CA PRO J 631 41.99 -77.47 -72.99
C PRO J 631 42.26 -78.59 -71.99
N ASN J 632 43.52 -78.91 -71.74
CA ASN J 632 43.91 -79.98 -70.82
C ASN J 632 43.92 -79.54 -69.35
N PHE J 633 43.33 -78.40 -69.03
CA PHE J 633 43.40 -77.90 -67.66
C PHE J 633 42.73 -78.86 -66.68
N VAL J 634 41.66 -79.54 -67.10
CA VAL J 634 40.98 -80.48 -66.21
C VAL J 634 41.91 -81.64 -65.85
N GLU J 635 42.56 -82.21 -66.86
CA GLU J 635 43.48 -83.31 -66.59
C GLU J 635 44.77 -82.82 -65.94
N GLN J 636 45.19 -81.59 -66.22
CA GLN J 636 46.42 -81.07 -65.65
C GLN J 636 46.26 -80.75 -64.17
N THR J 637 45.08 -80.28 -63.76
CA THR J 637 44.85 -79.91 -62.37
C THR J 637 44.93 -81.11 -61.43
N LEU J 638 44.67 -82.31 -61.96
CA LEU J 638 44.70 -83.52 -61.14
C LEU J 638 46.07 -83.84 -60.57
N LYS J 639 47.13 -83.15 -60.99
CA LYS J 639 48.46 -83.37 -60.45
C LYS J 639 48.63 -82.64 -59.11
N ASP J 643 45.70 -78.94 -54.53
CA ASP J 643 44.29 -78.66 -54.31
C ASP J 643 43.51 -78.79 -55.62
N VAL J 644 42.44 -79.60 -55.59
CA VAL J 644 41.59 -79.85 -56.73
C VAL J 644 40.15 -79.43 -56.47
N LYS J 645 39.60 -79.83 -55.32
CA LYS J 645 38.23 -79.44 -54.98
C LYS J 645 38.11 -77.93 -54.86
N GLY J 646 39.09 -77.28 -54.24
CA GLY J 646 39.04 -75.84 -54.10
C GLY J 646 39.20 -75.11 -55.42
N VAL J 647 39.98 -75.67 -56.35
CA VAL J 647 40.15 -75.05 -57.65
C VAL J 647 38.92 -75.24 -58.52
N LEU J 648 38.34 -76.45 -58.50
CA LEU J 648 37.13 -76.70 -59.26
C LEU J 648 35.94 -75.91 -58.71
N GLU J 649 35.88 -75.76 -57.38
CA GLU J 649 34.83 -74.95 -56.79
C GLU J 649 34.98 -73.48 -57.17
N SER J 650 36.21 -73.00 -57.30
CA SER J 650 36.43 -71.60 -57.64
C SER J 650 35.97 -71.29 -59.05
N ILE J 651 36.19 -72.23 -59.99
CA ILE J 651 35.74 -72.00 -61.36
C ILE J 651 34.24 -72.18 -61.45
N SER J 652 33.66 -73.05 -60.61
CA SER J 652 32.23 -73.26 -60.63
C SER J 652 31.48 -72.05 -60.07
N ASP J 653 31.99 -71.48 -58.97
CA ASP J 653 31.31 -70.32 -58.39
C ASP J 653 31.53 -69.08 -59.23
N SER J 654 32.64 -69.00 -59.97
CA SER J 654 32.91 -67.84 -60.81
C SER J 654 32.09 -67.85 -62.09
N LEU J 655 31.50 -68.99 -62.47
CA LEU J 655 30.68 -69.07 -63.67
C LEU J 655 29.23 -69.40 -63.37
N SER J 656 28.85 -69.57 -62.10
CA SER J 656 27.45 -69.82 -61.72
C SER J 656 26.74 -68.53 -61.38
N SER J 657 27.26 -67.78 -60.41
CA SER J 657 26.68 -66.50 -60.02
C SER J 657 27.34 -65.36 -60.80
N LYS J 658 27.26 -65.48 -62.11
CA LYS J 658 27.83 -64.47 -63.00
C LYS J 658 27.01 -63.19 -62.93
N PRO J 659 27.57 -62.07 -62.49
CA PRO J 659 26.78 -60.84 -62.40
C PRO J 659 26.58 -60.20 -63.76
N HIS J 660 25.44 -59.51 -63.89
CA HIS J 660 25.06 -58.83 -65.13
C HIS J 660 25.21 -57.31 -65.04
N ASN J 661 24.73 -56.72 -63.94
CA ASN J 661 24.87 -55.28 -63.71
C ASN J 661 25.55 -55.08 -62.35
N PHE J 662 25.75 -53.81 -61.98
CA PHE J 662 26.35 -53.52 -60.69
C PHE J 662 25.43 -53.86 -59.53
N GLU J 663 24.12 -53.95 -59.76
CA GLU J 663 23.22 -54.32 -58.67
C GLU J 663 23.42 -55.77 -58.27
N ASP J 664 23.83 -56.62 -59.20
CA ASP J 664 24.12 -58.02 -58.86
C ASP J 664 25.42 -58.15 -58.06
N CYS J 665 26.37 -57.23 -58.25
CA CYS J 665 27.60 -57.27 -57.46
C CYS J 665 27.34 -56.91 -56.01
N ILE J 666 26.42 -55.99 -55.76
CA ILE J 666 26.09 -55.64 -54.37
C ILE J 666 25.48 -56.84 -53.66
N LYS J 667 24.67 -57.62 -54.37
CA LYS J 667 24.08 -58.81 -53.77
C LYS J 667 25.15 -59.84 -53.43
N TRP J 668 26.17 -59.98 -54.26
CA TRP J 668 27.20 -60.98 -54.00
C TRP J 668 28.01 -60.60 -52.76
N ALA J 669 28.33 -59.31 -52.61
CA ALA J 669 29.11 -58.88 -51.46
C ALA J 669 28.33 -59.01 -50.17
N ARG J 670 27.02 -58.70 -50.21
CA ARG J 670 26.20 -58.84 -49.01
C ARG J 670 26.06 -60.29 -48.61
N LEU J 671 25.99 -61.20 -49.59
CA LEU J 671 25.90 -62.63 -49.28
C LEU J 671 27.21 -63.15 -48.71
N GLU J 672 28.35 -62.68 -49.22
CA GLU J 672 29.63 -63.09 -48.66
C GLU J 672 29.81 -62.55 -47.24
N PHE J 673 29.25 -61.38 -46.95
CA PHE J 673 29.28 -60.86 -45.59
C PHE J 673 28.57 -61.81 -44.65
N GLU J 674 27.37 -62.27 -45.03
CA GLU J 674 26.63 -63.19 -44.19
C GLU J 674 27.33 -64.53 -44.08
N LYS J 675 28.05 -64.94 -45.12
CA LYS J 675 28.75 -66.22 -45.09
C LYS J 675 29.99 -66.16 -44.22
N LYS J 676 30.83 -65.14 -44.42
CA LYS J 676 32.12 -65.10 -43.74
C LYS J 676 32.01 -64.66 -42.28
N PHE J 677 31.01 -63.83 -41.96
CA PHE J 677 30.92 -63.23 -40.62
C PHE J 677 29.69 -63.63 -39.83
N ASN J 678 28.69 -64.27 -40.44
CA ASN J 678 27.51 -64.71 -39.72
C ASN J 678 27.31 -66.22 -39.73
N HIS J 679 27.37 -66.85 -40.90
CA HIS J 679 27.11 -68.30 -40.99
C HIS J 679 28.31 -69.10 -40.49
N ASP J 680 29.51 -68.80 -41.00
CA ASP J 680 30.69 -69.55 -40.59
C ASP J 680 30.97 -69.39 -39.11
N ILE J 681 30.58 -68.25 -38.53
CA ILE J 681 30.74 -68.07 -37.09
C ILE J 681 29.72 -68.91 -36.33
N LYS J 682 28.48 -68.97 -36.82
CA LYS J 682 27.48 -69.81 -36.18
C LYS J 682 27.83 -71.28 -36.35
N GLN J 683 28.36 -71.67 -37.50
CA GLN J 683 28.77 -73.05 -37.70
C GLN J 683 29.94 -73.41 -36.79
N LEU J 684 30.89 -72.50 -36.60
CA LEU J 684 31.99 -72.74 -35.67
C LEU J 684 31.48 -72.77 -34.24
N LEU J 685 30.60 -71.84 -33.86
CA LEU J 685 30.04 -71.84 -32.52
C LEU J 685 29.12 -73.02 -32.29
N PHE J 686 28.64 -73.66 -33.36
CA PHE J 686 27.82 -74.86 -33.20
C PHE J 686 28.68 -76.04 -32.78
N ASN J 687 29.85 -76.19 -33.39
CA ASN J 687 30.74 -77.29 -33.03
C ASN J 687 31.42 -77.02 -31.68
N PHE J 688 31.85 -75.78 -31.45
CA PHE J 688 32.51 -75.38 -30.20
C PHE J 688 31.77 -74.20 -29.60
N PRO J 689 30.79 -74.44 -28.73
CA PRO J 689 30.05 -73.34 -28.11
C PRO J 689 30.95 -72.49 -27.22
N LYS J 690 30.38 -71.38 -26.76
CA LYS J 690 31.12 -70.49 -25.87
C LYS J 690 31.50 -71.17 -24.56
N ASP J 691 30.77 -72.22 -24.17
CA ASP J 691 31.04 -72.95 -22.94
C ASP J 691 31.73 -74.28 -23.20
N ALA J 692 32.26 -74.49 -24.42
CA ALA J 692 32.89 -75.77 -24.74
C ALA J 692 34.14 -75.98 -23.89
N LYS J 693 34.45 -77.26 -23.65
CA LYS J 693 35.57 -77.66 -22.83
C LYS J 693 36.39 -78.71 -23.58
N THR J 694 37.69 -78.74 -23.30
CA THR J 694 38.59 -79.65 -24.01
C THR J 694 38.65 -81.01 -23.31
N SER J 695 39.62 -81.83 -23.71
CA SER J 695 39.76 -83.17 -23.15
C SER J 695 40.11 -83.11 -21.66
N ASN J 696 41.08 -82.26 -21.30
CA ASN J 696 41.55 -82.15 -19.93
C ASN J 696 40.58 -81.42 -19.00
N GLY J 697 39.43 -80.98 -19.51
CA GLY J 697 38.49 -80.21 -18.73
C GLY J 697 38.75 -78.71 -18.75
N GLU J 698 39.71 -78.26 -19.55
CA GLU J 698 40.02 -76.84 -19.65
C GLU J 698 39.07 -76.15 -20.62
N PRO J 699 38.73 -74.90 -20.35
CA PRO J 699 37.83 -74.17 -21.27
C PRO J 699 38.45 -74.03 -22.65
N PHE J 700 37.65 -74.31 -23.68
CA PHE J 700 38.15 -74.23 -25.04
C PHE J 700 38.54 -72.81 -25.41
N TRP J 701 37.66 -71.85 -25.11
CA TRP J 701 37.91 -70.44 -25.43
C TRP J 701 38.62 -69.78 -24.26
N SER J 702 39.95 -69.85 -24.27
CA SER J 702 40.77 -69.26 -23.23
C SER J 702 42.14 -68.95 -23.79
N GLY J 703 42.78 -67.93 -23.22
CA GLY J 703 44.11 -67.54 -23.65
C GLY J 703 44.14 -66.90 -25.02
N ALA J 704 44.90 -67.48 -25.94
CA ALA J 704 45.00 -66.92 -27.28
C ALA J 704 43.74 -67.09 -28.09
N LYS J 705 42.80 -67.92 -27.65
CA LYS J 705 41.56 -68.16 -28.37
C LYS J 705 40.46 -67.28 -27.79
N ARG J 706 39.73 -66.59 -28.67
CA ARG J 706 38.63 -65.72 -28.29
C ARG J 706 37.35 -66.22 -28.94
N ALA J 707 36.33 -66.45 -28.11
CA ALA J 707 35.05 -66.95 -28.61
C ALA J 707 34.40 -65.92 -29.52
N PRO J 708 34.21 -66.21 -30.80
CA PRO J 708 33.63 -65.22 -31.71
C PRO J 708 32.13 -65.07 -31.50
N THR J 709 31.57 -64.08 -32.20
CA THR J 709 30.14 -63.81 -32.18
C THR J 709 29.68 -63.46 -33.59
N PRO J 710 28.53 -63.97 -34.01
CA PRO J 710 28.06 -63.68 -35.37
C PRO J 710 27.67 -62.23 -35.55
N LEU J 711 27.97 -61.71 -36.74
CA LEU J 711 27.67 -60.31 -37.07
C LEU J 711 26.29 -60.20 -37.70
N GLU J 712 25.50 -59.24 -37.24
CA GLU J 712 24.26 -58.86 -37.89
C GLU J 712 24.53 -57.63 -38.76
N PHE J 713 24.35 -57.77 -40.06
CA PHE J 713 24.72 -56.71 -40.99
C PHE J 713 23.96 -55.43 -40.69
N ASP J 714 24.70 -54.33 -40.62
CA ASP J 714 24.16 -52.99 -40.41
C ASP J 714 24.79 -52.08 -41.45
N ILE J 715 23.99 -51.61 -42.41
CA ILE J 715 24.49 -50.76 -43.48
C ILE J 715 25.00 -49.44 -42.92
N TYR J 716 24.53 -49.04 -41.74
CA TYR J 716 25.03 -47.81 -41.12
C TYR J 716 26.34 -48.02 -40.39
N ASN J 717 26.71 -49.25 -40.09
CA ASN J 717 28.06 -49.53 -39.61
C ASN J 717 29.06 -49.29 -40.73
N ASN J 718 30.09 -48.48 -40.46
CA ASN J 718 31.00 -48.07 -41.51
C ASN J 718 31.79 -49.25 -42.08
N ASP J 719 32.05 -50.26 -41.27
CA ASP J 719 32.83 -51.40 -41.75
C ASP J 719 31.98 -52.37 -42.56
N HIS J 720 30.72 -52.56 -42.16
CA HIS J 720 29.83 -53.42 -42.93
C HIS J 720 29.50 -52.78 -44.28
N PHE J 721 29.31 -51.46 -44.29
CA PHE J 721 28.95 -50.77 -45.53
C PHE J 721 30.08 -50.83 -46.55
N HIS J 722 31.31 -50.55 -46.11
CA HIS J 722 32.43 -50.51 -47.03
C HIS J 722 32.87 -51.90 -47.46
N PHE J 723 32.55 -52.94 -46.69
CA PHE J 723 32.83 -54.29 -47.17
C PHE J 723 31.99 -54.61 -48.40
N VAL J 724 30.77 -54.09 -48.47
CA VAL J 724 29.93 -54.32 -49.63
C VAL J 724 30.34 -53.44 -50.80
N VAL J 725 30.65 -52.17 -50.53
CA VAL J 725 31.03 -51.26 -51.59
C VAL J 725 32.32 -51.74 -52.25
N ALA J 726 33.32 -52.06 -51.44
CA ALA J 726 34.60 -52.51 -51.98
C ALA J 726 34.48 -53.91 -52.57
N GLY J 727 33.68 -54.77 -51.93
CA GLY J 727 33.49 -56.11 -52.48
C GLY J 727 32.79 -56.08 -53.82
N ALA J 728 31.77 -55.24 -53.96
CA ALA J 728 31.06 -55.14 -55.23
C ALA J 728 31.94 -54.48 -56.29
N SER J 729 32.64 -53.41 -55.94
CA SER J 729 33.46 -52.71 -56.93
C SER J 729 34.58 -53.60 -57.44
N LEU J 730 35.11 -54.49 -56.60
CA LEU J 730 36.19 -55.36 -57.03
C LEU J 730 35.69 -56.54 -57.86
N ARG J 731 34.54 -57.11 -57.49
CA ARG J 731 33.96 -58.16 -58.32
C ARG J 731 33.53 -57.61 -59.68
N ALA J 732 32.99 -56.39 -59.69
CA ALA J 732 32.61 -55.76 -60.95
C ALA J 732 33.83 -55.53 -61.84
N TYR J 733 35.00 -55.33 -61.23
CA TYR J 733 36.22 -55.19 -62.01
C TYR J 733 36.63 -56.51 -62.64
N ASN J 734 36.34 -57.63 -61.96
CA ASN J 734 36.66 -58.94 -62.50
C ASN J 734 35.82 -59.25 -63.73
N TYR J 735 34.52 -58.96 -63.65
CA TYR J 735 33.57 -59.29 -64.72
C TYR J 735 33.37 -58.14 -65.70
N GLY J 736 34.12 -57.05 -65.58
CA GLY J 736 34.03 -55.98 -66.54
C GLY J 736 32.75 -55.19 -66.46
N ILE J 737 32.17 -55.05 -65.27
CA ILE J 737 30.93 -54.31 -65.06
C ILE J 737 31.24 -52.91 -64.61
N LYS J 738 30.54 -51.95 -65.19
CA LYS J 738 30.68 -50.55 -64.85
C LYS J 738 29.37 -50.05 -64.24
N SER J 739 29.46 -48.92 -63.54
CA SER J 739 28.33 -48.43 -62.76
C SER J 739 28.26 -46.92 -62.88
N ASP J 740 27.08 -46.39 -62.56
CA ASP J 740 26.87 -44.96 -62.46
C ASP J 740 27.25 -44.41 -61.09
N ASP J 741 27.63 -45.27 -60.15
CA ASP J 741 28.08 -44.82 -58.85
C ASP J 741 29.43 -44.14 -58.97
N SER J 742 29.67 -43.15 -58.10
CA SER J 742 30.94 -42.45 -58.06
C SER J 742 31.99 -43.30 -57.35
N ASN J 743 33.12 -43.53 -58.02
CA ASN J 743 34.20 -44.31 -57.43
C ASN J 743 34.86 -43.61 -56.25
N SER J 744 34.49 -42.36 -55.97
CA SER J 744 35.07 -41.61 -54.86
C SER J 744 34.14 -41.51 -53.65
N LYS J 745 32.82 -41.65 -53.85
CA LYS J 745 31.86 -41.48 -52.75
C LYS J 745 30.64 -42.35 -52.97
N PRO J 746 30.53 -43.48 -52.27
CA PRO J 746 29.35 -44.34 -52.41
C PRO J 746 28.19 -43.77 -51.61
N ASN J 747 26.98 -44.00 -52.12
CA ASN J 747 25.77 -43.52 -51.46
C ASN J 747 25.11 -44.64 -50.68
N VAL J 748 24.78 -44.37 -49.42
CA VAL J 748 24.26 -45.40 -48.53
C VAL J 748 22.85 -45.81 -48.90
N ASP J 749 22.01 -44.83 -49.26
CA ASP J 749 20.60 -45.14 -49.54
C ASP J 749 20.45 -46.04 -50.76
N GLU J 750 21.31 -45.87 -51.77
CA GLU J 750 21.25 -46.74 -52.93
C GLU J 750 21.65 -48.17 -52.57
N TYR J 751 22.73 -48.33 -51.80
CA TYR J 751 23.11 -49.67 -51.36
C TYR J 751 22.09 -50.26 -50.40
N LYS J 752 21.35 -49.41 -49.68
CA LYS J 752 20.38 -49.90 -48.70
C LYS J 752 19.12 -50.44 -49.39
N SER J 753 18.64 -49.75 -50.42
CA SER J 753 17.47 -50.24 -51.14
C SER J 753 17.76 -51.53 -51.87
N VAL J 754 19.02 -51.78 -52.23
CA VAL J 754 19.39 -53.03 -52.88
C VAL J 754 19.43 -54.18 -51.87
N ILE J 755 19.87 -53.90 -50.65
CA ILE J 755 19.99 -54.95 -49.66
C ILE J 755 18.66 -55.21 -48.96
N ASP J 756 17.87 -54.16 -48.74
CA ASP J 756 16.58 -54.34 -48.06
C ASP J 756 15.59 -55.14 -48.90
N HIS J 757 15.80 -55.26 -50.20
CA HIS J 757 14.96 -56.07 -51.06
C HIS J 757 15.52 -57.47 -51.30
N MET J 758 16.59 -57.84 -50.61
CA MET J 758 17.18 -59.16 -50.77
C MET J 758 16.57 -60.15 -49.78
N ILE J 759 16.66 -61.43 -50.13
CA ILE J 759 16.28 -62.52 -49.24
C ILE J 759 17.57 -63.22 -48.83
N ILE J 760 17.90 -63.12 -47.55
CA ILE J 760 19.14 -63.69 -47.01
C ILE J 760 18.83 -65.08 -46.47
N PRO J 761 19.48 -66.13 -46.98
CA PRO J 761 19.21 -67.47 -46.46
C PRO J 761 19.58 -67.57 -44.99
N GLU J 762 18.78 -68.33 -44.25
CA GLU J 762 19.05 -68.54 -42.84
C GLU J 762 20.16 -69.55 -42.65
N PHE J 763 20.60 -69.70 -41.41
CA PHE J 763 21.69 -70.61 -41.07
C PHE J 763 21.13 -71.94 -40.58
N THR J 764 21.67 -73.03 -41.13
CA THR J 764 21.36 -74.37 -40.67
C THR J 764 22.68 -75.13 -40.50
N PRO J 765 22.91 -75.77 -39.36
CA PRO J 765 24.19 -76.46 -39.15
C PRO J 765 24.36 -77.61 -40.13
N ASN J 766 25.61 -77.84 -40.53
CA ASN J 766 25.93 -78.90 -41.48
C ASN J 766 26.61 -80.07 -40.79
N GLU J 790 31.66 -88.05 -55.60
CA GLU J 790 32.98 -87.62 -55.17
C GLU J 790 33.35 -86.29 -55.82
N ILE J 791 34.52 -86.26 -56.48
CA ILE J 791 34.96 -85.07 -57.20
C ILE J 791 34.65 -85.16 -58.69
N ASP J 792 34.35 -86.36 -59.21
CA ASP J 792 33.99 -86.48 -60.61
C ASP J 792 32.65 -85.83 -60.92
N GLN J 793 31.83 -85.59 -59.89
CA GLN J 793 30.59 -84.84 -60.08
C GLN J 793 30.88 -83.36 -60.33
N LEU J 794 31.92 -82.82 -59.69
CA LEU J 794 32.27 -81.42 -59.86
C LEU J 794 32.85 -81.15 -61.24
N VAL J 795 33.68 -82.07 -61.76
CA VAL J 795 34.31 -81.86 -63.05
C VAL J 795 33.31 -81.90 -64.19
N SER J 796 32.12 -82.45 -63.95
CA SER J 796 31.09 -82.51 -64.97
C SER J 796 30.12 -81.32 -64.92
N SER J 797 30.09 -80.60 -63.81
CA SER J 797 29.21 -79.44 -63.68
C SER J 797 29.79 -78.18 -64.31
N LEU J 798 31.08 -78.17 -64.62
CA LEU J 798 31.68 -77.00 -65.24
C LEU J 798 31.23 -76.89 -66.69
N PRO J 799 30.80 -75.72 -67.15
CA PRO J 799 30.46 -75.56 -68.56
C PRO J 799 31.70 -75.62 -69.43
N ASP J 800 31.48 -75.86 -70.72
CA ASP J 800 32.63 -75.95 -71.61
C ASP J 800 33.18 -74.57 -71.95
N PRO J 801 34.50 -74.47 -72.17
CA PRO J 801 35.08 -73.18 -72.57
C PRO J 801 34.52 -72.67 -73.88
N SER J 802 33.99 -73.55 -74.74
CA SER J 802 33.39 -73.11 -75.98
C SER J 802 32.07 -72.37 -75.75
N THR J 803 31.42 -72.62 -74.61
CA THR J 803 30.19 -71.90 -74.28
C THR J 803 30.49 -70.41 -74.06
N LEU J 804 31.55 -70.13 -73.31
CA LEU J 804 31.97 -68.76 -73.02
C LEU J 804 33.12 -68.42 -73.97
N ALA J 805 32.77 -68.07 -75.20
CA ALA J 805 33.75 -67.75 -76.23
C ALA J 805 34.24 -66.32 -76.04
N GLY J 806 35.54 -66.16 -75.81
CA GLY J 806 36.13 -64.86 -75.62
C GLY J 806 35.88 -64.25 -74.26
N PHE J 807 35.21 -64.96 -73.35
CA PHE J 807 34.96 -64.46 -72.01
C PHE J 807 36.27 -64.38 -71.24
N LYS J 808 36.61 -63.20 -70.76
CA LYS J 808 37.86 -62.97 -70.04
C LYS J 808 37.56 -62.26 -68.73
N LEU J 809 38.09 -62.79 -67.63
CA LEU J 809 38.04 -62.12 -66.33
C LEU J 809 39.33 -61.35 -66.11
N GLU J 810 39.21 -60.16 -65.54
CA GLU J 810 40.36 -59.31 -65.31
C GLU J 810 40.85 -59.52 -63.89
N PRO J 811 41.98 -60.18 -63.68
CA PRO J 811 42.47 -60.37 -62.31
C PRO J 811 42.94 -59.05 -61.72
N VAL J 812 42.74 -58.93 -60.41
CA VAL J 812 43.06 -57.71 -59.68
C VAL J 812 44.52 -57.78 -59.22
N ASP J 813 45.31 -56.79 -59.63
CA ASP J 813 46.70 -56.69 -59.21
C ASP J 813 46.77 -55.78 -57.99
N PHE J 814 47.17 -56.34 -56.85
CA PHE J 814 47.14 -55.61 -55.58
C PHE J 814 48.07 -54.41 -55.62
N GLU J 815 47.52 -53.23 -55.37
CA GLU J 815 48.29 -51.99 -55.33
C GLU J 815 47.94 -51.24 -54.04
N LYS J 816 48.94 -51.07 -53.17
CA LYS J 816 48.70 -50.47 -51.87
C LYS J 816 48.68 -48.94 -51.91
N ASP J 817 49.35 -48.33 -52.89
CA ASP J 817 49.53 -46.88 -52.93
C ASP J 817 48.43 -46.14 -53.67
N ASP J 818 47.53 -46.85 -54.34
CA ASP J 818 46.42 -46.21 -55.02
C ASP J 818 45.23 -46.18 -54.07
N ASP J 819 44.68 -44.98 -53.86
CA ASP J 819 43.59 -44.80 -52.92
C ASP J 819 42.23 -44.77 -53.58
N THR J 820 42.16 -45.07 -54.88
CA THR J 820 40.89 -45.09 -55.60
C THR J 820 40.52 -46.45 -56.15
N ASN J 821 41.37 -47.47 -56.02
CA ASN J 821 41.09 -48.79 -56.56
C ASN J 821 40.31 -49.68 -55.60
N HIS J 822 39.88 -49.16 -54.45
CA HIS J 822 39.11 -49.90 -53.45
C HIS J 822 39.88 -51.09 -52.88
N HIS J 823 41.21 -51.12 -53.03
CA HIS J 823 42.01 -52.22 -52.50
C HIS J 823 42.15 -52.12 -50.99
N ILE J 824 42.63 -50.97 -50.50
CA ILE J 824 42.73 -50.78 -49.05
C ILE J 824 41.35 -50.67 -48.42
N GLU J 825 40.36 -50.15 -49.17
CA GLU J 825 39.01 -50.07 -48.64
C GLU J 825 38.46 -51.46 -48.31
N PHE J 826 38.76 -52.46 -49.14
CA PHE J 826 38.27 -53.81 -48.88
C PHE J 826 38.99 -54.43 -47.70
N ILE J 827 40.32 -54.42 -47.71
CA ILE J 827 41.08 -55.08 -46.65
C ILE J 827 40.80 -54.45 -45.30
N THR J 828 40.65 -53.13 -45.26
CA THR J 828 40.32 -52.46 -44.00
C THR J 828 38.96 -52.89 -43.49
N ALA J 829 37.94 -52.84 -44.36
CA ALA J 829 36.59 -53.21 -43.94
C ALA J 829 36.48 -54.69 -43.61
N CYS J 830 37.09 -55.55 -44.44
CA CYS J 830 37.00 -56.99 -44.20
C CYS J 830 37.74 -57.38 -42.92
N SER J 831 38.88 -56.75 -42.64
CA SER J 831 39.62 -57.07 -41.44
C SER J 831 38.87 -56.62 -40.18
N ASN J 832 38.26 -55.43 -40.22
CA ASN J 832 37.55 -54.94 -39.05
C ASN J 832 36.30 -55.76 -38.77
N CYS J 833 35.67 -56.31 -39.82
CA CYS J 833 34.51 -57.15 -39.60
C CYS J 833 34.89 -58.44 -38.86
N ARG J 834 35.98 -59.07 -39.28
CA ARG J 834 36.46 -60.22 -38.52
C ARG J 834 36.94 -59.81 -37.14
N ALA J 835 37.42 -58.58 -37.00
CA ALA J 835 37.78 -58.07 -35.67
C ALA J 835 36.54 -57.95 -34.79
N GLN J 836 35.42 -57.53 -35.38
CA GLN J 836 34.18 -57.47 -34.61
C GLN J 836 33.72 -58.86 -34.20
N ASN J 837 34.06 -59.89 -34.98
CA ASN J 837 33.72 -61.25 -34.59
C ASN J 837 34.45 -61.66 -33.32
N TYR J 838 35.79 -61.51 -33.32
CA TYR J 838 36.62 -61.97 -32.22
C TYR J 838 36.96 -60.87 -31.22
N PHE J 839 36.14 -59.80 -31.19
CA PHE J 839 36.27 -58.72 -30.20
C PHE J 839 37.65 -58.07 -30.24
N ILE J 840 38.15 -57.81 -31.43
CA ILE J 840 39.42 -57.12 -31.65
C ILE J 840 39.11 -55.68 -32.06
N GLU J 841 39.89 -54.74 -31.52
CA GLU J 841 39.68 -53.32 -31.83
C GLU J 841 39.97 -53.05 -33.30
N THR J 842 39.07 -52.32 -33.96
CA THR J 842 39.18 -52.06 -35.38
C THR J 842 40.32 -51.07 -35.65
N ALA J 843 40.70 -50.98 -36.94
CA ALA J 843 41.77 -50.09 -37.38
C ALA J 843 41.32 -49.28 -38.58
N ASP J 844 41.91 -48.10 -38.75
CA ASP J 844 41.55 -47.24 -39.85
C ASP J 844 42.28 -47.65 -41.12
N ARG J 845 42.11 -46.87 -42.19
CA ARG J 845 42.72 -47.21 -43.47
C ARG J 845 44.23 -47.05 -43.39
N GLN J 846 44.70 -45.97 -42.74
CA GLN J 846 46.13 -45.70 -42.71
C GLN J 846 46.88 -46.76 -41.90
N LYS J 847 46.29 -47.24 -40.80
CA LYS J 847 46.92 -48.30 -40.03
C LYS J 847 46.87 -49.63 -40.74
N THR J 848 45.78 -49.89 -41.47
CA THR J 848 45.68 -51.13 -42.23
C THR J 848 46.60 -51.12 -43.44
N LYS J 849 46.68 -49.98 -44.14
CA LYS J 849 47.61 -49.87 -45.26
C LYS J 849 49.04 -50.12 -44.82
N PHE J 850 49.39 -49.71 -43.60
CA PHE J 850 50.75 -49.91 -43.08
C PHE J 850 51.04 -51.39 -42.86
N ILE J 851 50.09 -52.11 -42.25
CA ILE J 851 50.33 -53.51 -41.94
C ILE J 851 50.21 -54.37 -43.18
N ALA J 852 49.24 -54.07 -44.04
CA ALA J 852 49.04 -54.88 -45.23
C ALA J 852 50.15 -54.64 -46.25
N GLY J 853 50.48 -53.38 -46.50
CA GLY J 853 51.52 -53.07 -47.47
C GLY J 853 52.94 -53.25 -46.98
N ARG J 854 53.15 -53.48 -45.69
CA ARG J 854 54.49 -53.65 -45.11
C ARG J 854 55.36 -52.44 -45.43
N ILE J 855 54.79 -51.24 -45.30
CA ILE J 855 55.51 -50.02 -45.62
C ILE J 855 56.61 -49.79 -44.59
N ILE J 856 57.79 -49.41 -45.07
CA ILE J 856 58.92 -49.09 -44.20
C ILE J 856 58.91 -47.58 -43.97
N PRO J 857 58.79 -47.12 -42.72
CA PRO J 857 58.84 -45.67 -42.47
C PRO J 857 60.23 -45.13 -42.72
N ALA J 858 60.28 -43.91 -43.26
CA ALA J 858 61.55 -43.26 -43.57
C ALA J 858 61.43 -41.78 -43.24
N ILE J 859 62.31 -41.31 -42.38
CA ILE J 859 62.40 -39.90 -42.04
C ILE J 859 63.72 -39.36 -42.59
N ALA J 860 63.73 -38.07 -42.92
CA ALA J 860 64.90 -37.49 -43.56
C ALA J 860 66.07 -37.32 -42.61
N THR J 861 65.84 -37.33 -41.30
CA THR J 861 66.92 -37.13 -40.33
C THR J 861 67.79 -38.37 -40.19
N THR J 862 67.16 -39.53 -39.97
CA THR J 862 67.90 -40.77 -39.83
C THR J 862 68.57 -41.18 -41.14
N THR J 863 67.97 -40.84 -42.28
CA THR J 863 68.59 -41.18 -43.55
C THR J 863 69.91 -40.45 -43.74
N SER J 864 69.95 -39.16 -43.40
CA SER J 864 71.19 -38.38 -43.53
C SER J 864 72.24 -38.84 -42.52
N LEU J 865 71.81 -39.13 -41.29
CA LEU J 865 72.75 -39.55 -40.26
C LEU J 865 73.40 -40.87 -40.61
N VAL J 866 72.59 -41.85 -41.03
CA VAL J 866 73.11 -43.17 -41.38
C VAL J 866 74.06 -43.07 -42.58
N THR J 867 73.73 -42.21 -43.54
CA THR J 867 74.60 -42.04 -44.70
C THR J 867 75.95 -41.46 -44.29
N GLY J 868 75.96 -40.58 -43.29
CA GLY J 868 77.22 -40.05 -42.81
C GLY J 868 78.12 -41.11 -42.22
N LEU J 869 77.53 -42.00 -41.41
CA LEU J 869 78.31 -43.07 -40.79
C LEU J 869 78.89 -44.01 -41.84
N VAL J 870 78.19 -44.21 -42.94
CA VAL J 870 78.70 -45.06 -44.01
C VAL J 870 79.95 -44.45 -44.62
N ASN J 871 79.94 -43.12 -44.82
CA ASN J 871 81.11 -42.45 -45.40
C ASN J 871 82.29 -42.40 -44.43
N LEU J 872 82.04 -42.47 -43.12
CA LEU J 872 83.14 -42.53 -42.16
C LEU J 872 83.82 -43.90 -42.18
N GLU J 873 83.05 -44.96 -42.47
CA GLU J 873 83.66 -46.26 -42.70
C GLU J 873 84.31 -46.34 -44.07
N LEU J 874 83.84 -45.52 -45.01
CA LEU J 874 84.45 -45.48 -46.33
C LEU J 874 85.90 -45.01 -46.25
N TYR J 875 86.21 -44.11 -45.31
CA TYR J 875 87.58 -43.67 -45.10
C TYR J 875 88.48 -44.85 -44.72
N LYS J 876 87.94 -45.81 -43.97
CA LYS J 876 88.71 -46.98 -43.57
C LYS J 876 88.87 -47.99 -44.71
N LEU J 877 87.95 -47.97 -45.69
CA LEU J 877 88.11 -48.84 -46.85
C LEU J 877 89.21 -48.35 -47.77
N ILE J 878 89.42 -47.03 -47.83
CA ILE J 878 90.45 -46.48 -48.70
C ILE J 878 91.84 -46.83 -48.19
N ASP J 879 92.05 -46.80 -46.87
CA ASP J 879 93.33 -47.19 -46.31
C ASP J 879 93.57 -48.69 -46.37
N ASN J 880 92.56 -49.47 -46.74
CA ASN J 880 92.66 -50.94 -46.81
C ASN J 880 93.01 -51.53 -45.46
N LYS J 881 92.30 -51.05 -44.43
CA LYS J 881 92.52 -51.54 -43.08
C LYS J 881 92.10 -53.00 -42.96
N THR J 882 92.92 -53.79 -42.28
CA THR J 882 92.62 -55.19 -42.02
C THR J 882 92.41 -55.49 -40.54
N ASP J 883 92.74 -54.56 -39.66
CA ASP J 883 92.46 -54.72 -38.23
C ASP J 883 90.96 -54.61 -38.01
N ILE J 884 90.35 -55.71 -37.56
CA ILE J 884 88.89 -55.75 -37.45
C ILE J 884 88.38 -54.79 -36.37
N GLU J 885 89.22 -54.41 -35.41
CA GLU J 885 88.76 -53.49 -34.36
C GLU J 885 88.67 -52.05 -34.82
N GLN J 886 89.28 -51.70 -35.95
CA GLN J 886 89.17 -50.34 -36.46
C GLN J 886 87.82 -50.07 -37.08
N TYR J 887 87.20 -51.10 -37.67
CA TYR J 887 85.88 -50.97 -38.25
C TYR J 887 84.82 -50.93 -37.16
N LYS J 888 83.67 -50.35 -37.48
CA LYS J 888 82.61 -50.20 -36.49
C LYS J 888 81.24 -50.33 -37.16
N ASN J 889 80.44 -51.28 -36.67
CA ASN J 889 79.05 -51.41 -37.08
C ASN J 889 78.19 -50.54 -36.17
N GLY J 890 77.45 -49.62 -36.76
CA GLY J 890 76.68 -48.65 -36.01
C GLY J 890 75.22 -49.03 -35.90
N PHE J 891 74.60 -48.63 -34.78
CA PHE J 891 73.16 -48.78 -34.57
C PHE J 891 72.68 -47.51 -33.90
N VAL J 892 71.72 -46.83 -34.52
CA VAL J 892 71.23 -45.55 -34.02
C VAL J 892 69.73 -45.63 -33.79
N ASN J 893 69.28 -44.92 -32.77
CA ASN J 893 67.84 -44.77 -32.48
C ASN J 893 67.64 -43.33 -31.99
N LEU J 894 67.36 -42.43 -32.93
CA LEU J 894 67.25 -41.00 -32.61
C LEU J 894 66.10 -40.68 -31.68
N ALA J 895 65.23 -41.65 -31.38
CA ALA J 895 64.09 -41.34 -30.53
C ALA J 895 64.48 -41.21 -29.07
N LEU J 896 65.52 -41.93 -28.64
CA LEU J 896 65.86 -41.94 -27.22
C LEU J 896 66.57 -40.66 -26.78
N PRO J 897 67.66 -40.22 -27.45
CA PRO J 897 68.46 -40.78 -28.54
C PRO J 897 69.58 -41.71 -28.06
N PHE J 898 69.85 -42.76 -28.82
CA PHE J 898 70.88 -43.72 -28.47
C PHE J 898 71.81 -43.92 -29.66
N PHE J 899 73.12 -43.94 -29.37
CA PHE J 899 74.14 -44.18 -30.39
C PHE J 899 75.07 -45.26 -29.86
N GLY J 900 75.16 -46.37 -30.58
CA GLY J 900 76.03 -47.47 -30.17
C GLY J 900 76.80 -47.98 -31.36
N PHE J 901 78.02 -48.44 -31.09
CA PHE J 901 78.89 -48.98 -32.11
C PHE J 901 79.48 -50.30 -31.63
N SER J 902 79.48 -51.29 -32.51
CA SER J 902 80.00 -52.62 -32.18
C SER J 902 81.03 -53.03 -33.22
N GLU J 903 82.01 -53.81 -32.77
CA GLU J 903 83.03 -54.33 -33.68
C GLU J 903 82.40 -55.35 -34.62
N PRO J 904 82.73 -55.32 -35.91
CA PRO J 904 82.19 -56.31 -36.84
C PRO J 904 82.55 -57.72 -36.42
N ILE J 905 81.64 -58.64 -36.71
CA ILE J 905 81.84 -60.04 -36.35
C ILE J 905 82.73 -60.71 -37.39
N ALA J 906 83.77 -61.39 -36.92
CA ALA J 906 84.67 -62.10 -37.82
C ALA J 906 83.95 -63.26 -38.49
N SER J 907 84.32 -63.50 -39.75
CA SER J 907 83.70 -64.58 -40.51
C SER J 907 83.99 -65.91 -39.83
N PRO J 908 82.99 -66.77 -39.67
CA PRO J 908 83.22 -68.05 -38.99
C PRO J 908 84.15 -68.95 -39.80
N LYS J 909 85.04 -69.64 -39.09
CA LYS J 909 86.00 -70.54 -39.71
C LYS J 909 85.56 -71.98 -39.52
N GLY J 910 85.92 -72.83 -40.48
CA GLY J 910 85.63 -74.24 -40.40
C GLY J 910 86.87 -75.07 -40.65
N GLU J 911 86.71 -76.39 -40.76
CA GLU J 911 87.87 -77.24 -41.03
C GLU J 911 87.39 -78.56 -41.64
N TYR J 912 88.24 -79.11 -42.50
CA TYR J 912 88.03 -80.42 -43.09
C TYR J 912 89.39 -81.06 -43.32
N ASN J 913 89.57 -82.27 -42.79
CA ASN J 913 90.86 -82.96 -42.84
C ASN J 913 91.97 -82.10 -42.24
N ASN J 914 91.64 -81.41 -41.15
CA ASN J 914 92.55 -80.53 -40.41
C ASN J 914 93.05 -79.36 -41.28
N LYS J 915 92.30 -79.01 -42.32
CA LYS J 915 92.63 -77.89 -43.19
C LYS J 915 91.63 -76.77 -42.92
N LYS J 916 92.09 -75.71 -42.26
CA LYS J 916 91.20 -74.62 -41.90
C LYS J 916 90.85 -73.79 -43.14
N TYR J 917 89.63 -73.26 -43.15
CA TYR J 917 89.16 -72.45 -44.27
C TYR J 917 88.15 -71.44 -43.75
N ASP J 918 87.79 -70.50 -44.63
CA ASP J 918 86.78 -69.50 -44.33
C ASP J 918 85.45 -69.95 -44.92
N LYS J 919 84.45 -70.10 -44.06
CA LYS J 919 83.14 -70.62 -44.48
C LYS J 919 82.40 -69.65 -45.38
N ILE J 920 82.77 -68.37 -45.36
CA ILE J 920 82.08 -67.33 -46.11
C ILE J 920 82.79 -67.00 -47.40
N TRP J 921 84.12 -66.86 -47.36
CA TRP J 921 84.88 -66.30 -48.47
C TRP J 921 85.68 -67.32 -49.25
N ASP J 922 86.11 -68.41 -48.63
CA ASP J 922 86.95 -69.38 -49.34
C ASP J 922 86.13 -70.20 -50.33
N ARG J 923 86.78 -70.60 -51.41
CA ARG J 923 86.13 -71.39 -52.45
C ARG J 923 87.18 -72.15 -53.25
N PHE J 924 86.73 -73.15 -53.98
CA PHE J 924 87.58 -73.94 -54.86
C PHE J 924 87.53 -73.36 -56.27
N ASP J 925 88.71 -73.15 -56.86
CA ASP J 925 88.84 -72.61 -58.21
C ASP J 925 89.27 -73.73 -59.15
N ILE J 926 88.38 -74.12 -60.06
CA ILE J 926 88.65 -75.16 -61.05
C ILE J 926 88.75 -74.50 -62.41
N LYS J 927 89.83 -74.81 -63.14
CA LYS J 927 90.10 -74.22 -64.44
C LYS J 927 89.52 -75.10 -65.54
N GLY J 928 88.82 -74.49 -66.49
CA GLY J 928 88.28 -75.20 -67.63
C GLY J 928 86.96 -75.88 -67.30
N ASP J 929 86.22 -76.21 -68.37
CA ASP J 929 84.96 -76.93 -68.25
C ASP J 929 85.26 -78.41 -67.99
N ILE J 930 85.56 -78.71 -66.73
CA ILE J 930 85.96 -80.05 -66.34
C ILE J 930 84.76 -81.01 -66.42
N LYS J 931 85.06 -82.29 -66.61
CA LYS J 931 84.04 -83.32 -66.61
C LYS J 931 83.70 -83.72 -65.18
N LEU J 932 82.50 -84.29 -65.01
CA LEU J 932 82.03 -84.65 -63.68
C LEU J 932 82.91 -85.75 -63.06
N SER J 933 83.38 -86.69 -63.88
CA SER J 933 84.22 -87.75 -63.35
C SER J 933 85.56 -87.20 -62.86
N ASP J 934 86.20 -86.35 -63.67
CA ASP J 934 87.48 -85.77 -63.27
C ASP J 934 87.35 -84.80 -62.11
N LEU J 935 86.16 -84.20 -61.93
CA LEU J 935 85.98 -83.28 -60.81
C LEU J 935 85.98 -84.02 -59.48
N ILE J 936 85.31 -85.18 -59.42
CA ILE J 936 85.36 -85.99 -58.20
C ILE J 936 86.76 -86.53 -57.97
N GLU J 937 87.49 -86.84 -59.06
CA GLU J 937 88.86 -87.32 -58.92
C GLU J 937 89.78 -86.24 -58.37
N HIS J 938 89.56 -84.98 -58.79
CA HIS J 938 90.39 -83.90 -58.30
C HIS J 938 90.16 -83.64 -56.81
N PHE J 939 88.97 -83.96 -56.31
CA PHE J 939 88.65 -83.72 -54.91
C PHE J 939 89.07 -84.86 -54.00
N GLU J 940 89.20 -86.08 -54.53
CA GLU J 940 89.68 -87.17 -53.69
C GLU J 940 91.20 -87.22 -53.63
N LYS J 941 91.89 -86.69 -54.65
CA LYS J 941 93.34 -86.67 -54.67
C LYS J 941 93.91 -85.41 -54.02
N ASP J 942 93.47 -84.24 -54.47
CA ASP J 942 94.04 -82.99 -53.97
C ASP J 942 93.44 -82.59 -52.62
N GLU J 943 92.16 -82.89 -52.40
CA GLU J 943 91.47 -82.49 -51.18
C GLU J 943 91.08 -83.66 -50.29
N GLY J 944 91.09 -84.88 -50.80
CA GLY J 944 90.66 -86.02 -50.01
C GLY J 944 89.19 -85.98 -49.66
N LEU J 945 88.36 -85.47 -50.56
CA LEU J 945 86.93 -85.33 -50.34
C LEU J 945 86.17 -86.13 -51.39
N GLU J 946 85.29 -87.01 -50.94
CA GLU J 946 84.44 -87.79 -51.83
C GLU J 946 83.16 -86.98 -52.06
N ILE J 947 83.06 -86.36 -53.23
CA ILE J 947 81.90 -85.54 -53.58
C ILE J 947 80.66 -86.42 -53.65
N THR J 948 79.73 -86.22 -52.71
CA THR J 948 78.51 -87.01 -52.68
C THR J 948 77.36 -86.36 -53.44
N MET J 949 77.32 -85.03 -53.49
CA MET J 949 76.29 -84.34 -54.26
C MET J 949 76.89 -83.07 -54.85
N LEU J 950 76.25 -82.58 -55.92
CA LEU J 950 76.71 -81.39 -56.61
C LEU J 950 75.48 -80.71 -57.22
N SER J 951 75.39 -79.39 -57.03
CA SER J 951 74.27 -78.61 -57.53
C SER J 951 74.77 -77.34 -58.20
N TYR J 952 73.90 -76.73 -59.00
CA TYR J 952 74.19 -75.48 -59.69
C TYR J 952 73.02 -74.53 -59.47
N GLY J 953 73.16 -73.63 -58.51
CA GLY J 953 72.06 -72.73 -58.17
C GLY J 953 70.95 -73.47 -57.45
N VAL J 954 69.80 -73.60 -58.11
CA VAL J 954 68.66 -74.31 -57.54
C VAL J 954 68.45 -75.66 -58.21
N SER J 955 69.49 -76.18 -58.88
CA SER J 955 69.39 -77.41 -59.67
C SER J 955 70.36 -78.43 -59.13
N LEU J 956 69.85 -79.60 -58.73
CA LEU J 956 70.69 -80.70 -58.29
C LEU J 956 71.19 -81.47 -59.51
N LEU J 957 72.52 -81.56 -59.67
CA LEU J 957 73.13 -82.17 -60.83
C LEU J 957 73.60 -83.60 -60.59
N TYR J 958 74.37 -83.83 -59.53
CA TYR J 958 74.98 -85.13 -59.27
C TYR J 958 74.65 -85.59 -57.85
N ALA J 959 74.55 -86.91 -57.69
CA ALA J 959 74.33 -87.52 -56.40
C ALA J 959 74.98 -88.89 -56.38
N SER J 960 75.75 -89.18 -55.33
CA SER J 960 76.47 -90.45 -55.24
C SER J 960 75.51 -91.62 -55.04
N PHE J 961 74.30 -91.38 -54.57
CA PHE J 961 73.33 -92.44 -54.36
C PHE J 961 72.41 -92.64 -55.56
N PHE J 962 72.74 -92.03 -56.70
CA PHE J 962 71.95 -92.22 -57.89
C PHE J 962 72.08 -93.67 -58.39
N PRO J 963 71.05 -94.17 -59.08
CA PRO J 963 71.15 -95.53 -59.65
C PRO J 963 72.24 -95.58 -60.71
N PRO J 964 72.76 -96.77 -61.02
CA PRO J 964 73.83 -96.86 -62.03
C PRO J 964 73.43 -96.33 -63.39
N LYS J 965 72.13 -96.18 -63.66
CA LYS J 965 71.70 -95.60 -64.92
C LYS J 965 71.92 -94.09 -64.95
N LYS J 966 71.60 -93.41 -63.85
CA LYS J 966 71.82 -91.97 -63.77
C LYS J 966 73.30 -91.62 -63.60
N LEU J 967 74.08 -92.51 -62.98
CA LEU J 967 75.49 -92.21 -62.74
C LEU J 967 76.29 -92.21 -64.04
N LYS J 968 76.27 -93.34 -64.77
CA LYS J 968 77.05 -93.43 -66.00
C LYS J 968 76.59 -92.42 -67.05
N GLU J 969 75.34 -91.97 -66.98
CA GLU J 969 74.86 -91.00 -67.95
C GLU J 969 75.49 -89.64 -67.72
N ARG J 970 75.66 -89.25 -66.44
CA ARG J 970 76.14 -87.91 -66.11
C ARG J 970 77.62 -87.87 -65.74
N LEU J 971 78.23 -89.01 -65.41
CA LEU J 971 79.64 -89.03 -65.02
C LEU J 971 80.56 -88.66 -66.17
N ASN J 972 80.14 -88.84 -67.42
CA ASN J 972 80.97 -88.56 -68.58
C ASN J 972 80.72 -87.18 -69.17
N LEU J 973 79.82 -86.39 -68.58
CA LEU J 973 79.51 -85.10 -69.16
C LEU J 973 80.28 -83.99 -68.47
N PRO J 974 80.67 -82.94 -69.20
CA PRO J 974 81.26 -81.77 -68.55
C PRO J 974 80.23 -80.98 -67.75
N ILE J 975 80.67 -79.94 -67.05
CA ILE J 975 79.77 -79.20 -66.18
C ILE J 975 78.71 -78.45 -67.00
N THR J 976 79.10 -77.89 -68.14
CA THR J 976 78.13 -77.15 -68.95
C THR J 976 77.07 -78.07 -69.53
N GLN J 977 77.48 -79.21 -70.08
CA GLN J 977 76.53 -80.17 -70.63
C GLN J 977 75.72 -80.86 -69.55
N LEU J 978 76.23 -80.92 -68.32
CA LEU J 978 75.47 -81.49 -67.21
C LEU J 978 74.28 -80.60 -66.85
N VAL J 979 74.47 -79.28 -66.89
CA VAL J 979 73.38 -78.36 -66.59
C VAL J 979 72.33 -78.39 -67.71
N LYS J 980 72.78 -78.52 -68.96
CA LYS J 980 71.83 -78.61 -70.08
C LYS J 980 70.95 -79.84 -69.96
N LEU J 981 71.52 -80.97 -69.53
CA LEU J 981 70.74 -82.18 -69.39
C LEU J 981 69.70 -82.06 -68.28
N VAL J 982 70.06 -81.42 -67.17
CA VAL J 982 69.18 -81.39 -66.01
C VAL J 982 68.13 -80.29 -66.16
N THR J 983 68.54 -79.09 -66.58
CA THR J 983 67.65 -77.95 -66.62
C THR J 983 66.99 -77.75 -67.98
N LYS J 984 67.36 -78.55 -68.99
CA LYS J 984 66.87 -78.42 -70.36
C LYS J 984 67.13 -77.04 -70.95
N LYS J 985 68.10 -76.31 -70.39
CA LYS J 985 68.45 -74.98 -70.87
C LYS J 985 69.96 -74.87 -71.00
N ASP J 986 70.39 -74.08 -71.97
CA ASP J 986 71.81 -73.89 -72.25
C ASP J 986 72.37 -72.74 -71.43
N ILE J 987 73.62 -72.88 -71.01
CA ILE J 987 74.33 -71.80 -70.34
C ILE J 987 74.69 -70.76 -71.39
N PRO J 988 74.24 -69.51 -71.23
CA PRO J 988 74.52 -68.50 -72.26
C PRO J 988 76.01 -68.21 -72.41
N ALA J 989 76.38 -67.71 -73.58
CA ALA J 989 77.78 -67.47 -73.88
C ALA J 989 78.39 -66.36 -73.03
N HIS J 990 77.57 -65.44 -72.52
CA HIS J 990 78.10 -64.36 -71.69
C HIS J 990 78.48 -64.83 -70.29
N VAL J 991 78.12 -66.05 -69.91
CA VAL J 991 78.46 -66.58 -68.59
C VAL J 991 79.90 -67.11 -68.64
N SER J 992 80.76 -66.59 -67.77
CA SER J 992 82.15 -67.01 -67.71
C SER J 992 82.48 -67.86 -66.49
N THR J 993 81.66 -67.84 -65.44
CA THR J 993 81.92 -68.60 -64.23
C THR J 993 80.64 -69.27 -63.78
N MET J 994 80.79 -70.35 -63.01
CA MET J 994 79.67 -71.11 -62.49
C MET J 994 79.93 -71.47 -61.04
N ILE J 995 78.91 -71.28 -60.20
CA ILE J 995 79.01 -71.54 -58.77
C ILE J 995 78.33 -72.87 -58.47
N LEU J 996 79.06 -73.79 -57.84
CA LEU J 996 78.57 -75.13 -57.55
C LEU J 996 78.62 -75.39 -56.05
N GLU J 997 77.49 -75.82 -55.50
CA GLU J 997 77.42 -76.27 -54.10
C GLU J 997 77.67 -77.78 -54.06
N ILE J 998 78.48 -78.21 -53.10
CA ILE J 998 78.87 -79.62 -53.02
C ILE J 998 78.77 -80.08 -51.57
N CYS J 999 78.37 -81.34 -51.39
CA CYS J 999 78.47 -82.04 -50.13
C CYS J 999 79.44 -83.20 -50.29
N ALA J 1000 80.31 -83.39 -49.29
CA ALA J 1000 81.34 -84.39 -49.42
C ALA J 1000 81.67 -84.98 -48.05
N ASP J 1001 82.31 -86.14 -48.07
CA ASP J 1001 82.77 -86.82 -46.86
C ASP J 1001 84.28 -86.70 -46.74
N ASP J 1002 84.75 -86.67 -45.49
CA ASP J 1002 86.18 -86.55 -45.22
C ASP J 1002 86.86 -87.91 -45.38
N LYS J 1003 88.11 -88.01 -44.93
CA LYS J 1003 88.85 -89.26 -45.03
C LYS J 1003 88.31 -90.36 -44.11
N GLU J 1004 87.39 -90.03 -43.20
CA GLU J 1004 86.80 -91.02 -42.31
C GLU J 1004 85.39 -91.43 -42.74
N GLY J 1005 84.87 -90.87 -43.83
CA GLY J 1005 83.56 -91.24 -44.32
C GLY J 1005 82.41 -90.55 -43.62
N GLU J 1006 82.62 -89.32 -43.15
CA GLU J 1006 81.59 -88.54 -42.47
C GLU J 1006 81.43 -87.20 -43.16
N ASP J 1007 80.19 -86.70 -43.21
CA ASP J 1007 79.93 -85.44 -43.88
C ASP J 1007 80.63 -84.30 -43.17
N VAL J 1008 81.20 -83.39 -43.96
CA VAL J 1008 81.94 -82.24 -43.43
C VAL J 1008 81.63 -81.04 -44.30
N GLU J 1009 81.51 -79.87 -43.66
CA GLU J 1009 81.22 -78.64 -44.37
C GLU J 1009 82.42 -78.23 -45.23
N VAL J 1010 82.15 -77.93 -46.49
CA VAL J 1010 83.21 -77.57 -47.44
C VAL J 1010 82.79 -76.29 -48.16
N PRO J 1011 83.76 -75.53 -48.67
CA PRO J 1011 83.43 -74.33 -49.44
C PRO J 1011 82.74 -74.66 -50.75
N PHE J 1012 82.34 -73.64 -51.50
CA PHE J 1012 81.70 -73.84 -52.79
C PHE J 1012 82.75 -73.88 -53.90
N ILE J 1013 82.29 -74.10 -55.13
CA ILE J 1013 83.15 -74.28 -56.29
C ILE J 1013 82.88 -73.19 -57.30
N THR J 1014 83.93 -72.65 -57.89
CA THR J 1014 83.84 -71.70 -58.99
C THR J 1014 84.44 -72.36 -60.23
N ILE J 1015 83.61 -72.62 -61.23
CA ILE J 1015 84.05 -73.26 -62.46
C ILE J 1015 84.37 -72.14 -63.45
N HIS J 1016 85.66 -71.87 -63.65
CA HIS J 1016 86.11 -70.84 -64.57
C HIS J 1016 86.07 -71.39 -65.99
N LEU J 1017 85.05 -71.00 -66.76
CA LEU J 1017 84.91 -71.45 -68.13
C LEU J 1017 85.93 -70.75 -69.03
N SER K 8 73.83 -70.41 -52.53
CA SER K 8 73.20 -69.71 -51.41
C SER K 8 73.16 -70.59 -50.16
N THR K 9 73.06 -69.96 -48.99
CA THR K 9 72.97 -70.69 -47.74
C THR K 9 71.66 -71.45 -47.59
N ALA K 10 70.70 -71.24 -48.50
CA ALA K 10 69.45 -71.97 -48.50
C ALA K 10 69.53 -73.23 -49.35
N SER K 11 70.08 -73.11 -50.57
CA SER K 11 70.27 -74.30 -51.40
C SER K 11 71.32 -75.23 -50.81
N SER K 12 72.34 -74.67 -50.16
CA SER K 12 73.36 -75.50 -49.52
C SER K 12 72.79 -76.24 -48.31
N LEU K 13 71.91 -75.59 -47.56
CA LEU K 13 71.30 -76.24 -46.41
C LEU K 13 70.31 -77.32 -46.84
N LEU K 14 69.56 -77.05 -47.90
CA LEU K 14 68.60 -78.03 -48.41
C LEU K 14 69.30 -79.27 -48.97
N LEU K 15 70.48 -79.10 -49.55
CA LEU K 15 71.20 -80.25 -50.09
C LEU K 15 71.63 -81.20 -48.98
N ARG K 16 72.23 -80.65 -47.92
CA ARG K 16 72.72 -81.51 -46.84
C ARG K 16 71.59 -82.25 -46.14
N GLN K 17 70.39 -81.66 -46.12
CA GLN K 17 69.26 -82.35 -45.52
C GLN K 17 68.59 -83.30 -46.50
N TYR K 18 68.66 -83.02 -47.80
CA TYR K 18 68.12 -83.95 -48.79
C TYR K 18 68.97 -85.21 -48.90
N ARG K 19 70.29 -85.08 -48.77
CA ARG K 19 71.14 -86.26 -48.83
C ARG K 19 71.04 -87.11 -47.57
N GLU K 20 70.82 -86.47 -46.42
CA GLU K 20 70.72 -87.22 -45.17
C GLU K 20 69.41 -87.99 -45.08
N LEU K 21 68.37 -87.55 -45.79
CA LEU K 21 67.08 -88.21 -45.79
C LEU K 21 66.88 -89.15 -46.99
N THR K 22 67.81 -89.17 -47.95
CA THR K 22 67.70 -90.06 -49.10
C THR K 22 68.86 -91.04 -49.25
N ASP K 23 69.95 -90.89 -48.50
CA ASP K 23 71.02 -91.88 -48.52
C ASP K 23 70.54 -93.19 -47.90
N PRO K 24 70.68 -94.32 -48.59
CA PRO K 24 70.09 -95.58 -48.09
C PRO K 24 70.85 -96.15 -46.89
N LYS K 25 71.70 -95.32 -46.28
CA LYS K 25 72.36 -95.63 -45.02
C LYS K 25 71.77 -94.86 -43.86
N LYS K 26 71.38 -93.61 -44.10
CA LYS K 26 70.81 -92.74 -43.09
C LYS K 26 69.34 -92.43 -43.34
N ALA K 27 68.74 -93.01 -44.39
CA ALA K 27 67.36 -92.70 -44.73
C ALA K 27 66.39 -93.27 -43.71
N ILE K 28 65.45 -92.45 -43.28
CA ILE K 28 64.36 -92.85 -42.40
C ILE K 28 63.36 -93.66 -43.21
N PRO K 29 63.03 -94.90 -42.81
CA PRO K 29 62.11 -95.72 -43.61
C PRO K 29 60.66 -95.25 -43.57
N SER K 30 60.35 -94.20 -42.83
CA SER K 30 58.98 -93.70 -42.73
C SER K 30 58.62 -92.70 -43.81
N PHE K 31 59.58 -92.22 -44.60
CA PHE K 31 59.34 -91.20 -45.62
C PHE K 31 60.09 -91.54 -46.89
N HIS K 32 59.41 -91.42 -48.02
CA HIS K 32 60.01 -91.60 -49.34
C HIS K 32 60.07 -90.23 -49.99
N ILE K 33 61.28 -89.65 -50.05
CA ILE K 33 61.49 -88.28 -50.51
C ILE K 33 62.11 -88.31 -51.90
N GLU K 34 61.53 -87.53 -52.82
CA GLU K 34 62.08 -87.35 -54.16
C GLU K 34 61.78 -85.93 -54.61
N LEU K 35 62.71 -85.36 -55.38
CA LEU K 35 62.56 -83.99 -55.86
C LEU K 35 61.56 -83.93 -57.01
N GLU K 36 60.87 -82.79 -57.11
CA GLU K 36 59.98 -82.54 -58.24
C GLU K 36 60.80 -82.30 -59.49
N ASP K 37 60.56 -83.11 -60.53
CA ASP K 37 61.30 -83.09 -61.80
C ASP K 37 62.78 -83.38 -61.62
N ASP K 38 63.20 -83.89 -60.45
CA ASP K 38 64.58 -84.24 -60.14
C ASP K 38 65.55 -83.07 -60.30
N SER K 39 65.06 -81.84 -60.35
CA SER K 39 65.93 -80.68 -60.55
C SER K 39 65.66 -79.53 -59.60
N ASN K 40 64.46 -79.41 -59.04
CA ASN K 40 64.13 -78.31 -58.15
C ASN K 40 64.40 -78.71 -56.72
N ILE K 41 65.38 -78.05 -56.09
CA ILE K 41 65.71 -78.37 -54.70
C ILE K 41 64.68 -77.80 -53.74
N PHE K 42 63.92 -76.79 -54.16
CA PHE K 42 62.96 -76.11 -53.31
C PHE K 42 61.54 -76.66 -53.46
N THR K 43 61.39 -77.85 -54.04
CA THR K 43 60.07 -78.48 -54.17
C THR K 43 60.26 -79.99 -54.01
N TRP K 44 59.79 -80.53 -52.88
CA TRP K 44 59.96 -81.92 -52.54
C TRP K 44 58.63 -82.66 -52.63
N ASN K 45 58.65 -83.84 -53.24
CA ASN K 45 57.49 -84.73 -53.25
C ASN K 45 57.78 -85.85 -52.24
N ILE K 46 57.08 -85.81 -51.10
CA ILE K 46 57.35 -86.70 -49.98
C ILE K 46 56.18 -87.64 -49.79
N GLY K 47 56.47 -88.92 -49.62
CA GLY K 47 55.45 -89.91 -49.31
C GLY K 47 55.44 -90.27 -47.84
N VAL K 48 54.37 -89.90 -47.14
CA VAL K 48 54.26 -90.11 -45.70
C VAL K 48 53.67 -91.48 -45.44
N MET K 49 54.36 -92.28 -44.61
CA MET K 49 53.91 -93.62 -44.25
C MET K 49 53.90 -93.76 -42.74
N VAL K 50 52.88 -94.44 -42.23
CA VAL K 50 52.75 -94.70 -40.80
C VAL K 50 53.05 -96.18 -40.59
N LEU K 51 54.24 -96.48 -40.07
CA LEU K 51 54.67 -97.84 -39.84
C LEU K 51 54.13 -98.45 -38.55
N ASN K 52 53.52 -97.63 -37.69
CA ASN K 52 52.96 -98.14 -36.43
C ASN K 52 51.81 -99.08 -36.73
N GLU K 53 51.88 -100.30 -36.17
CA GLU K 53 50.89 -101.32 -36.46
C GLU K 53 49.54 -101.03 -35.78
N ASP K 54 49.57 -100.45 -34.58
CA ASP K 54 48.34 -100.15 -33.85
C ASP K 54 47.62 -98.90 -34.35
N SER K 55 48.27 -98.09 -35.18
CA SER K 55 47.65 -96.86 -35.67
C SER K 55 46.57 -97.17 -36.70
N ILE K 56 45.57 -96.28 -36.76
CA ILE K 56 44.50 -96.42 -37.75
C ILE K 56 45.03 -96.15 -39.14
N TYR K 57 46.06 -95.32 -39.26
CA TYR K 57 46.67 -94.96 -40.54
C TYR K 57 47.71 -95.98 -41.00
N HIS K 58 47.70 -97.18 -40.44
CA HIS K 58 48.70 -98.18 -40.78
C HIS K 58 48.51 -98.66 -42.21
N GLY K 59 49.63 -98.90 -42.90
CA GLY K 59 49.58 -99.37 -44.26
C GLY K 59 49.32 -98.30 -45.30
N GLY K 60 49.18 -97.04 -44.89
CA GLY K 60 48.88 -95.99 -45.83
C GLY K 60 50.12 -95.35 -46.42
N PHE K 61 49.92 -94.71 -47.58
CA PHE K 61 50.97 -93.97 -48.28
C PHE K 61 50.33 -92.66 -48.75
N PHE K 62 50.46 -91.62 -47.94
CA PHE K 62 49.82 -90.34 -48.20
C PHE K 62 50.82 -89.46 -48.92
N LYS K 63 50.55 -89.18 -50.19
CA LYS K 63 51.43 -88.32 -50.98
C LYS K 63 51.25 -86.86 -50.56
N ALA K 64 52.37 -86.14 -50.54
CA ALA K 64 52.35 -84.73 -50.15
C ALA K 64 53.45 -84.00 -50.91
N GLN K 65 53.48 -82.68 -50.75
CA GLN K 65 54.43 -81.84 -51.45
C GLN K 65 54.93 -80.74 -50.52
N MET K 66 56.24 -80.57 -50.45
CA MET K 66 56.86 -79.51 -49.68
C MET K 66 57.52 -78.52 -50.63
N ARG K 67 57.22 -77.25 -50.45
CA ARG K 67 57.82 -76.17 -51.23
C ARG K 67 58.60 -75.27 -50.30
N PHE K 68 59.91 -75.21 -50.50
CA PHE K 68 60.70 -74.36 -49.63
C PHE K 68 60.83 -72.98 -50.26
N PRO K 69 60.61 -71.91 -49.49
CA PRO K 69 60.74 -70.56 -50.07
C PRO K 69 62.19 -70.18 -50.30
N GLU K 70 62.36 -69.04 -50.96
CA GLU K 70 63.70 -68.54 -51.24
C GLU K 70 64.40 -68.09 -49.97
N ASP K 71 63.65 -67.69 -48.94
CA ASP K 71 64.21 -67.17 -47.70
C ASP K 71 64.34 -68.25 -46.64
N PHE K 72 64.57 -69.49 -47.05
CA PHE K 72 64.82 -70.56 -46.09
C PHE K 72 66.16 -70.31 -45.39
N PRO K 73 66.25 -70.56 -44.06
CA PRO K 73 65.17 -71.02 -43.18
C PRO K 73 64.49 -69.89 -42.43
N PHE K 74 64.57 -68.67 -42.95
CA PHE K 74 63.94 -67.52 -42.29
C PHE K 74 62.44 -67.49 -42.49
N SER K 75 61.90 -68.30 -43.40
CA SER K 75 60.47 -68.44 -43.60
C SER K 75 60.10 -69.91 -43.51
N PRO K 76 59.00 -70.24 -42.86
CA PRO K 76 58.61 -71.66 -42.72
C PRO K 76 58.12 -72.19 -44.05
N PRO K 77 58.44 -73.44 -44.38
CA PRO K 77 58.00 -73.99 -45.66
C PRO K 77 56.55 -74.48 -45.58
N GLN K 78 55.95 -74.64 -46.76
CA GLN K 78 54.58 -75.11 -46.84
C GLN K 78 54.54 -76.62 -47.02
N PHE K 79 53.54 -77.25 -46.40
CA PHE K 79 53.32 -78.68 -46.49
C PHE K 79 51.87 -78.90 -46.83
N ARG K 80 51.61 -79.67 -47.88
CA ARG K 80 50.24 -79.89 -48.35
C ARG K 80 50.07 -81.34 -48.76
N PHE K 81 48.99 -81.96 -48.30
CA PHE K 81 48.68 -83.33 -48.67
C PHE K 81 47.99 -83.34 -50.03
N THR K 82 48.49 -84.19 -50.93
CA THR K 82 47.92 -84.34 -52.27
C THR K 82 47.56 -85.81 -52.50
N PRO K 83 46.27 -86.18 -52.38
CA PRO K 83 45.17 -85.27 -52.07
C PRO K 83 45.01 -85.01 -50.58
N ALA K 84 44.08 -84.12 -50.22
CA ALA K 84 43.83 -83.80 -48.83
C ALA K 84 43.33 -85.02 -48.07
N ILE K 85 43.67 -85.09 -46.79
CA ILE K 85 43.27 -86.21 -45.94
C ILE K 85 42.36 -85.70 -44.84
N TYR K 86 41.68 -86.63 -44.20
CA TYR K 86 40.76 -86.32 -43.12
C TYR K 86 41.54 -86.29 -41.80
N HIS K 87 41.72 -85.10 -41.25
CA HIS K 87 42.48 -84.95 -40.02
C HIS K 87 42.09 -83.64 -39.37
N PRO K 88 42.00 -83.57 -38.04
CA PRO K 88 41.57 -82.32 -37.39
C PRO K 88 42.54 -81.17 -37.59
N ASN K 89 43.77 -81.43 -38.00
CA ASN K 89 44.79 -80.39 -38.12
C ASN K 89 45.21 -80.16 -39.57
N VAL K 90 44.42 -80.62 -40.53
CA VAL K 90 44.70 -80.43 -41.94
C VAL K 90 43.57 -79.64 -42.56
N TYR K 91 43.91 -78.54 -43.23
CA TYR K 91 42.91 -77.73 -43.91
C TYR K 91 42.24 -78.54 -45.02
N ARG K 92 41.11 -78.01 -45.51
CA ARG K 92 40.48 -78.61 -46.68
C ARG K 92 41.35 -78.48 -47.93
N ASP K 93 42.28 -77.52 -47.95
CA ASP K 93 43.24 -77.40 -49.04
C ASP K 93 44.31 -78.47 -49.00
N GLY K 94 44.34 -79.30 -47.96
CA GLY K 94 45.36 -80.30 -47.77
C GLY K 94 46.60 -79.83 -47.06
N ARG K 95 46.70 -78.54 -46.75
CA ARG K 95 47.91 -77.97 -46.16
C ARG K 95 47.87 -78.08 -44.64
N LEU K 96 49.07 -78.01 -44.04
CA LEU K 96 49.25 -78.12 -42.60
C LEU K 96 50.24 -77.05 -42.17
N CYS K 97 49.93 -76.35 -41.07
CA CYS K 97 50.77 -75.26 -40.61
C CYS K 97 52.09 -75.77 -40.07
N ILE K 98 53.19 -75.18 -40.54
CA ILE K 98 54.53 -75.51 -40.07
C ILE K 98 55.04 -74.35 -39.25
N SER K 99 55.47 -74.65 -38.02
CA SER K 99 55.94 -73.64 -37.07
C SER K 99 57.46 -73.49 -37.15
N ILE K 100 57.96 -72.46 -36.48
CA ILE K 100 59.38 -72.15 -36.47
C ILE K 100 60.03 -72.68 -35.18
N VAL K 120 66.18 -72.61 -37.74
CA VAL K 120 66.73 -73.46 -36.69
C VAL K 120 66.08 -74.85 -36.78
N GLN K 121 65.00 -74.95 -37.54
CA GLN K 121 64.25 -76.19 -37.67
C GLN K 121 64.75 -76.98 -38.88
N THR K 122 64.72 -78.30 -38.77
CA THR K 122 65.17 -79.16 -39.85
C THR K 122 63.99 -79.91 -40.45
N VAL K 123 64.21 -80.42 -41.66
CA VAL K 123 63.17 -81.19 -42.34
C VAL K 123 62.86 -82.47 -41.59
N GLU K 124 63.88 -83.09 -40.99
CA GLU K 124 63.65 -84.31 -40.23
C GLU K 124 62.74 -84.04 -39.03
N SER K 125 62.94 -82.92 -38.35
CA SER K 125 62.08 -82.59 -37.22
C SER K 125 60.66 -82.25 -37.67
N VAL K 126 60.52 -81.62 -38.83
CA VAL K 126 59.19 -81.26 -39.32
C VAL K 126 58.41 -82.50 -39.74
N LEU K 127 59.04 -83.39 -40.52
CA LEU K 127 58.32 -84.57 -40.99
C LEU K 127 57.94 -85.48 -39.83
N ILE K 128 58.85 -85.67 -38.87
CA ILE K 128 58.52 -86.46 -37.69
C ILE K 128 57.42 -85.79 -36.88
N SER K 129 57.39 -84.45 -36.88
CA SER K 129 56.31 -83.75 -36.21
C SER K 129 54.97 -84.00 -36.90
N ILE K 130 55.00 -84.31 -38.19
CA ILE K 130 53.76 -84.51 -38.94
C ILE K 130 53.16 -85.88 -38.66
N VAL K 131 53.99 -86.94 -38.71
CA VAL K 131 53.47 -88.28 -38.44
C VAL K 131 53.01 -88.39 -36.99
N SER K 132 53.61 -87.62 -36.09
CA SER K 132 53.16 -87.63 -34.70
C SER K 132 51.78 -87.01 -34.56
N LEU K 133 51.47 -85.99 -35.36
CA LEU K 133 50.15 -85.38 -35.35
C LEU K 133 49.11 -86.32 -35.95
N LEU K 134 49.52 -87.19 -36.87
CA LEU K 134 48.57 -88.07 -37.52
C LEU K 134 47.90 -89.00 -36.53
N GLU K 135 48.65 -89.48 -35.54
CA GLU K 135 48.10 -90.38 -34.53
C GLU K 135 47.54 -89.63 -33.33
N ASP K 136 48.10 -88.46 -33.00
CA ASP K 136 47.65 -87.65 -31.87
C ASP K 136 47.34 -86.26 -32.41
N PRO K 137 46.12 -86.04 -32.90
CA PRO K 137 45.76 -84.72 -33.43
C PRO K 137 45.59 -83.69 -32.32
N ASN K 138 45.98 -82.46 -32.61
CA ASN K 138 45.84 -81.37 -31.64
C ASN K 138 44.42 -80.84 -31.79
N ILE K 139 43.49 -81.50 -31.09
CA ILE K 139 42.08 -81.15 -31.21
C ILE K 139 41.76 -79.79 -30.61
N ASN K 140 42.65 -79.26 -29.75
CA ASN K 140 42.38 -77.98 -29.13
C ASN K 140 42.52 -76.83 -30.11
N SER K 141 43.39 -76.98 -31.11
CA SER K 141 43.60 -75.96 -32.15
C SER K 141 43.24 -76.61 -33.48
N PRO K 142 41.96 -76.72 -33.79
CA PRO K 142 41.53 -77.42 -35.01
C PRO K 142 41.44 -76.52 -36.23
N LYS K 143 41.71 -77.14 -37.39
CA LYS K 143 41.52 -76.50 -38.69
C LYS K 143 40.33 -77.08 -39.45
N ASN K 144 40.21 -78.40 -39.49
CA ASN K 144 39.02 -79.05 -40.02
C ASN K 144 38.08 -79.31 -38.84
N VAL K 145 37.12 -78.40 -38.64
CA VAL K 145 36.17 -78.54 -37.53
C VAL K 145 35.34 -79.81 -37.68
N ASP K 146 35.10 -80.26 -38.92
CA ASP K 146 34.38 -81.50 -39.13
C ASP K 146 35.17 -82.69 -38.61
N ALA K 147 36.45 -82.77 -38.96
CA ALA K 147 37.28 -83.88 -38.49
C ALA K 147 37.54 -83.79 -37.00
N ALA K 148 37.57 -82.57 -36.44
CA ALA K 148 37.81 -82.41 -35.01
C ALA K 148 36.62 -82.90 -34.20
N VAL K 149 35.41 -82.54 -34.62
CA VAL K 149 34.21 -82.98 -33.89
C VAL K 149 34.00 -84.47 -34.10
N ASP K 150 34.47 -85.01 -35.22
CA ASP K 150 34.35 -86.45 -35.47
C ASP K 150 35.36 -87.25 -34.68
N TYR K 151 36.51 -86.64 -34.34
CA TYR K 151 37.53 -87.37 -33.60
C TYR K 151 37.07 -87.68 -32.17
N ARG K 152 36.33 -86.76 -31.55
CA ARG K 152 35.95 -86.92 -30.15
C ARG K 152 34.49 -87.32 -29.97
N LYS K 153 33.58 -86.80 -30.80
CA LYS K 153 32.15 -87.05 -30.58
C LYS K 153 31.65 -88.28 -31.34
N ASN K 154 32.15 -88.49 -32.56
CA ASN K 154 31.74 -89.62 -33.39
C ASN K 154 32.99 -90.44 -33.75
N PRO K 155 33.56 -91.16 -32.77
CA PRO K 155 34.82 -91.87 -33.05
C PRO K 155 34.68 -92.95 -34.10
N GLU K 156 33.57 -93.69 -34.11
CA GLU K 156 33.40 -94.76 -35.07
C GLU K 156 33.35 -94.24 -36.49
N GLN K 157 32.77 -93.04 -36.70
CA GLN K 157 32.74 -92.46 -38.03
C GLN K 157 34.13 -91.95 -38.44
N TYR K 158 34.87 -91.38 -37.49
CA TYR K 158 36.21 -90.89 -37.81
C TYR K 158 37.13 -92.03 -38.23
N LYS K 159 37.05 -93.16 -37.53
CA LYS K 159 37.83 -94.33 -37.90
C LYS K 159 37.45 -94.84 -39.28
N GLN K 160 36.16 -94.74 -39.63
CA GLN K 160 35.71 -95.20 -40.94
C GLN K 160 36.21 -94.28 -42.05
N ARG K 161 36.25 -92.98 -41.80
CA ARG K 161 36.77 -92.05 -42.79
C ARG K 161 38.27 -92.21 -42.97
N VAL K 162 38.99 -92.57 -41.90
CA VAL K 162 40.43 -92.76 -42.02
C VAL K 162 40.74 -94.08 -42.72
N LYS K 163 40.05 -95.16 -42.36
CA LYS K 163 40.29 -96.45 -43.00
C LYS K 163 39.98 -96.38 -44.49
N MET K 164 38.92 -95.66 -44.87
CA MET K 164 38.62 -95.45 -46.28
C MET K 164 39.67 -94.56 -46.93
N GLU K 165 40.23 -93.62 -46.16
CA GLU K 165 41.28 -92.75 -46.68
C GLU K 165 42.59 -93.51 -46.87
N VAL K 166 42.86 -94.51 -46.02
CA VAL K 166 44.10 -95.27 -46.14
C VAL K 166 44.06 -96.19 -47.35
N GLU K 167 42.90 -96.79 -47.64
CA GLU K 167 42.82 -97.72 -48.76
C GLU K 167 42.91 -97.00 -50.10
N ARG K 168 42.28 -95.83 -50.23
CA ARG K 168 42.40 -95.04 -51.44
C ARG K 168 43.81 -94.50 -51.66
N SER K 169 44.66 -94.54 -50.64
CA SER K 169 46.04 -94.09 -50.78
C SER K 169 46.92 -95.09 -51.52
N LYS K 170 46.53 -96.37 -51.58
CA LYS K 170 47.36 -97.38 -52.23
C LYS K 170 47.50 -97.18 -53.73
N GLN K 171 46.68 -96.31 -54.35
CA GLN K 171 46.90 -96.04 -55.77
C GLN K 171 48.14 -95.18 -55.99
N ASP K 172 48.60 -94.48 -54.96
CA ASP K 172 49.77 -93.59 -55.09
C ASP K 172 51.05 -94.29 -54.68
N ILE K 173 51.18 -95.57 -55.01
CA ILE K 173 52.41 -96.32 -54.79
C ILE K 173 53.14 -96.45 -56.12
N PRO K 174 54.46 -96.31 -56.18
CA PRO K 174 55.16 -96.60 -57.44
C PRO K 174 55.21 -98.11 -57.68
N LYS K 175 56.00 -98.55 -58.65
CA LYS K 175 56.07 -99.98 -58.97
C LYS K 175 57.43 -100.49 -58.54
N GLY K 176 57.44 -101.52 -57.69
CA GLY K 176 58.64 -102.10 -57.19
C GLY K 176 58.96 -101.73 -55.76
N PHE K 177 58.26 -100.75 -55.19
CA PHE K 177 58.56 -100.30 -53.84
C PHE K 177 58.10 -101.33 -52.81
N ILE K 178 58.97 -101.65 -51.87
CA ILE K 178 58.67 -102.51 -50.73
C ILE K 178 58.88 -101.70 -49.46
N MET K 179 58.01 -101.86 -48.48
CA MET K 179 58.13 -101.13 -47.22
C MET K 179 58.04 -102.07 -46.03
N PRO K 180 59.11 -102.23 -45.24
CA PRO K 180 59.06 -103.11 -44.07
C PRO K 180 58.51 -102.41 -42.85
N THR K 181 58.54 -103.09 -41.70
CA THR K 181 58.26 -102.44 -40.42
C THR K 181 59.54 -101.96 -39.75
N SER K 182 60.57 -102.80 -39.74
CA SER K 182 61.87 -102.46 -39.16
C SER K 182 61.76 -102.01 -37.71
N GLY L 5 -43.70 32.48 41.01
CA GLY L 5 -42.94 31.37 41.55
C GLY L 5 -42.93 30.15 40.66
N GLU L 6 -42.41 30.31 39.44
CA GLU L 6 -42.35 29.23 38.46
C GLU L 6 -40.89 28.89 38.15
N ILE L 7 -40.64 27.60 37.90
CA ILE L 7 -39.32 27.09 37.57
C ILE L 7 -39.39 26.38 36.22
N ASP L 8 -38.49 26.75 35.32
CA ASP L 8 -38.40 26.14 33.99
C ASP L 8 -37.83 24.74 34.13
N GLU L 9 -38.70 23.73 34.18
CA GLU L 9 -38.26 22.35 34.31
C GLU L 9 -37.73 21.78 33.01
N SER L 10 -37.80 22.52 31.90
CA SER L 10 -37.19 22.08 30.66
C SER L 10 -35.72 22.45 30.59
N LEU L 11 -35.34 23.57 31.21
CA LEU L 11 -33.94 24.00 31.23
C LEU L 11 -33.19 23.47 32.44
N TYR L 12 -33.83 23.52 33.61
CA TYR L 12 -33.24 23.05 34.86
C TYR L 12 -33.67 21.64 35.22
N SER L 13 -33.88 20.78 34.21
CA SER L 13 -34.39 19.44 34.45
C SER L 13 -33.44 18.64 35.34
N ARG L 14 -32.19 18.44 34.88
CA ARG L 14 -31.25 17.64 35.65
C ARG L 14 -30.82 18.32 36.94
N GLN L 15 -30.90 19.65 37.01
CA GLN L 15 -30.51 20.37 38.22
C GLN L 15 -31.62 20.37 39.26
N LEU L 16 -32.88 20.38 38.84
CA LEU L 16 -33.98 20.37 39.80
C LEU L 16 -33.98 19.11 40.64
N TYR L 17 -33.54 17.98 40.08
CA TYR L 17 -33.48 16.73 40.83
C TYR L 17 -32.43 16.74 41.92
N VAL L 18 -31.55 17.74 41.94
CA VAL L 18 -30.54 17.88 42.99
C VAL L 18 -31.00 18.86 44.07
N LEU L 19 -31.46 20.03 43.65
CA LEU L 19 -31.76 21.10 44.59
C LEU L 19 -33.22 21.11 45.05
N GLY L 20 -34.14 20.61 44.23
CA GLY L 20 -35.53 20.66 44.59
C GLY L 20 -36.17 21.98 44.24
N LYS L 21 -37.50 22.00 44.29
CA LYS L 21 -38.23 23.19 43.88
C LYS L 21 -38.06 24.33 44.89
N GLU L 22 -38.11 24.01 46.18
CA GLU L 22 -38.02 25.06 47.20
C GLU L 22 -36.68 25.77 47.15
N ALA L 23 -35.58 25.02 47.03
CA ALA L 23 -34.26 25.63 47.04
C ALA L 23 -34.03 26.45 45.77
N MET L 24 -34.51 25.97 44.63
CA MET L 24 -34.33 26.72 43.39
C MET L 24 -35.18 27.99 43.37
N LEU L 25 -36.27 28.03 44.15
CA LEU L 25 -37.08 29.23 44.23
C LEU L 25 -36.41 30.29 45.09
N LYS L 26 -35.66 29.88 46.12
CA LYS L 26 -34.88 30.85 46.87
C LYS L 26 -33.69 31.35 46.07
N MET L 27 -33.10 30.49 45.23
CA MET L 27 -31.96 30.90 44.42
C MET L 27 -32.36 31.97 43.41
N GLN L 28 -33.57 31.87 42.85
CA GLN L 28 -34.04 32.84 41.88
C GLN L 28 -34.42 34.18 42.50
N THR L 29 -34.19 34.38 43.80
CA THR L 29 -34.46 35.65 44.48
C THR L 29 -33.23 36.17 45.20
N SER L 30 -32.03 35.70 44.82
CA SER L 30 -30.79 36.05 45.49
C SER L 30 -29.86 36.72 44.50
N ASN L 31 -29.33 37.89 44.87
CA ASN L 31 -28.36 38.61 44.05
C ASN L 31 -26.96 38.32 44.56
N VAL L 32 -26.09 37.91 43.64
CA VAL L 32 -24.73 37.48 43.96
C VAL L 32 -23.76 38.54 43.44
N LEU L 33 -22.78 38.90 44.28
CA LEU L 33 -21.70 39.80 43.89
C LEU L 33 -20.37 39.06 44.00
N ILE L 34 -19.58 39.11 42.93
CA ILE L 34 -18.28 38.46 42.89
C ILE L 34 -17.22 39.53 42.68
N LEU L 35 -16.24 39.57 43.58
CA LEU L 35 -15.17 40.57 43.54
C LEU L 35 -13.92 39.94 42.93
N GLY L 36 -13.45 40.50 41.83
CA GLY L 36 -12.29 39.97 41.16
C GLY L 36 -12.66 38.91 40.13
N LEU L 37 -12.20 39.11 38.90
CA LEU L 37 -12.58 38.22 37.81
C LEU L 37 -11.37 37.55 37.17
N LYS L 38 -10.48 37.02 38.00
CA LYS L 38 -9.40 36.19 37.48
C LYS L 38 -9.95 34.79 37.18
N GLY L 39 -9.07 33.82 36.97
CA GLY L 39 -9.52 32.47 36.68
C GLY L 39 -10.47 31.92 37.72
N LEU L 40 -10.16 32.15 39.00
CA LEU L 40 -11.03 31.68 40.08
C LEU L 40 -12.35 32.41 40.10
N GLY L 41 -12.36 33.70 39.74
CA GLY L 41 -13.59 34.46 39.75
C GLY L 41 -14.54 34.07 38.63
N VAL L 42 -14.00 33.90 37.42
CA VAL L 42 -14.86 33.55 36.28
C VAL L 42 -15.35 32.12 36.39
N GLU L 43 -14.62 31.25 37.10
CA GLU L 43 -15.09 29.88 37.28
C GLU L 43 -16.26 29.84 38.25
N ILE L 44 -16.21 30.64 39.31
CA ILE L 44 -17.33 30.70 40.25
C ILE L 44 -18.52 31.37 39.58
N ALA L 45 -18.28 32.43 38.81
CA ALA L 45 -19.39 33.15 38.19
C ALA L 45 -20.10 32.30 37.14
N LYS L 46 -19.34 31.50 36.37
CA LYS L 46 -19.96 30.65 35.37
C LYS L 46 -20.91 29.64 36.01
N ASN L 47 -20.45 28.96 37.06
CA ASN L 47 -21.27 27.94 37.69
C ASN L 47 -22.46 28.54 38.41
N VAL L 48 -22.32 29.74 38.96
CA VAL L 48 -23.42 30.37 39.66
C VAL L 48 -24.45 30.91 38.66
N VAL L 49 -23.99 31.46 37.55
CA VAL L 49 -24.91 31.90 36.51
C VAL L 49 -25.63 30.72 35.89
N LEU L 50 -24.92 29.62 35.65
CA LEU L 50 -25.57 28.43 35.12
C LEU L 50 -26.59 27.86 36.11
N ALA L 51 -26.36 28.03 37.40
CA ALA L 51 -27.28 27.50 38.41
C ALA L 51 -28.57 28.32 38.48
N GLY L 52 -28.59 29.52 37.92
CA GLY L 52 -29.81 30.30 37.89
C GLY L 52 -30.10 31.10 39.15
N VAL L 53 -29.22 32.04 39.49
CA VAL L 53 -29.49 32.98 40.58
C VAL L 53 -30.28 34.16 40.02
N LYS L 54 -30.84 34.98 40.91
CA LYS L 54 -31.66 36.12 40.47
C LYS L 54 -30.84 37.08 39.62
N SER L 55 -29.68 37.51 40.11
CA SER L 55 -28.82 38.42 39.37
C SER L 55 -27.38 38.13 39.73
N MET L 56 -26.48 38.42 38.78
CA MET L 56 -25.05 38.26 38.97
C MET L 56 -24.38 39.60 38.72
N THR L 57 -23.54 40.03 39.65
CA THR L 57 -22.81 41.28 39.52
C THR L 57 -21.33 41.01 39.75
N VAL L 58 -20.49 41.52 38.85
CA VAL L 58 -19.04 41.33 38.95
C VAL L 58 -18.38 42.69 39.11
N PHE L 59 -17.20 42.69 39.74
CA PHE L 59 -16.44 43.92 39.97
C PHE L 59 -14.96 43.59 39.86
N ASP L 60 -14.32 44.08 38.80
CA ASP L 60 -12.89 43.95 38.60
C ASP L 60 -12.40 45.01 37.63
N PRO L 61 -12.03 46.20 38.12
CA PRO L 61 -11.56 47.27 37.24
C PRO L 61 -10.12 47.15 36.80
N GLU L 62 -9.46 46.01 37.06
CA GLU L 62 -8.07 45.83 36.69
C GLU L 62 -7.94 45.57 35.19
N PRO L 63 -6.89 46.08 34.55
CA PRO L 63 -6.72 45.84 33.13
C PRO L 63 -6.34 44.40 32.85
N VAL L 64 -6.80 43.91 31.70
CA VAL L 64 -6.51 42.53 31.30
C VAL L 64 -5.05 42.43 30.87
N GLN L 65 -4.32 41.54 31.51
CA GLN L 65 -2.94 41.24 31.14
C GLN L 65 -2.86 39.85 30.54
N LEU L 66 -1.80 39.62 29.75
CA LEU L 66 -1.64 38.33 29.10
C LEU L 66 -1.52 37.21 30.13
N ALA L 67 -0.92 37.50 31.29
CA ALA L 67 -0.77 36.49 32.32
C ALA L 67 -2.11 36.07 32.92
N ASP L 68 -3.15 36.90 32.79
CA ASP L 68 -4.46 36.54 33.31
C ASP L 68 -5.11 35.43 32.49
N LEU L 69 -4.66 35.23 31.26
CA LEU L 69 -5.20 34.19 30.38
C LEU L 69 -4.78 32.78 30.78
N SER L 70 -4.08 32.62 31.90
CA SER L 70 -3.68 31.27 32.32
C SER L 70 -4.90 30.44 32.73
N THR L 71 -5.83 31.04 33.46
CA THR L 71 -7.01 30.32 33.95
C THR L 71 -8.32 30.95 33.52
N GLN L 72 -8.32 32.22 33.12
CA GLN L 72 -9.54 32.90 32.69
C GLN L 72 -9.81 32.56 31.23
N PHE L 73 -10.91 31.84 30.96
CA PHE L 73 -11.22 31.37 29.63
C PHE L 73 -12.03 32.36 28.80
N PHE L 74 -12.56 33.42 29.41
CA PHE L 74 -13.34 34.42 28.68
C PHE L 74 -12.48 35.60 28.24
N LEU L 75 -11.17 35.50 28.38
CA LEU L 75 -10.24 36.56 27.98
C LEU L 75 -9.50 36.13 26.72
N THR L 76 -9.30 37.07 25.81
CA THR L 76 -8.55 36.85 24.59
C THR L 76 -7.42 37.88 24.49
N GLU L 77 -6.51 37.65 23.54
CA GLU L 77 -5.39 38.56 23.36
C GLU L 77 -5.85 39.94 22.91
N LYS L 78 -7.01 40.02 22.25
CA LYS L 78 -7.55 41.31 21.85
C LYS L 78 -8.10 42.11 23.04
N ASP L 79 -8.42 41.44 24.15
CA ASP L 79 -8.97 42.08 25.32
C ASP L 79 -7.91 42.66 26.24
N ILE L 80 -6.63 42.55 25.89
CA ILE L 80 -5.56 43.04 26.76
C ILE L 80 -5.59 44.56 26.82
N GLY L 81 -5.65 45.09 28.04
CA GLY L 81 -5.71 46.52 28.26
C GLY L 81 -7.02 46.99 28.87
N GLN L 82 -8.12 46.36 28.47
CA GLN L 82 -9.44 46.74 28.98
C GLN L 82 -9.69 46.09 30.34
N LYS L 83 -10.72 46.57 31.03
CA LYS L 83 -11.02 46.08 32.36
C LYS L 83 -11.50 44.63 32.32
N ARG L 84 -11.09 43.84 33.32
CA ARG L 84 -11.48 42.43 33.37
C ARG L 84 -12.98 42.28 33.51
N GLY L 85 -13.61 43.13 34.34
CA GLY L 85 -15.03 42.98 34.58
C GLY L 85 -15.87 43.32 33.36
N ASP L 86 -15.46 44.32 32.59
CA ASP L 86 -16.26 44.74 31.44
C ASP L 86 -16.21 43.70 30.32
N VAL L 87 -15.02 43.16 30.04
CA VAL L 87 -14.89 42.20 28.95
C VAL L 87 -15.45 40.84 29.34
N THR L 88 -15.66 40.58 30.62
CA THR L 88 -16.19 39.30 31.05
C THR L 88 -17.71 39.32 31.19
N ARG L 89 -18.30 40.46 31.53
CA ARG L 89 -19.74 40.54 31.70
C ARG L 89 -20.46 40.15 30.42
N ALA L 90 -19.92 40.55 29.26
CA ALA L 90 -20.58 40.23 28.00
C ALA L 90 -20.63 38.73 27.78
N LYS L 91 -19.50 38.04 27.97
CA LYS L 91 -19.45 36.61 27.74
C LYS L 91 -20.13 35.81 28.86
N LEU L 92 -20.29 36.39 30.05
CA LEU L 92 -20.98 35.71 31.13
C LEU L 92 -22.49 35.69 30.91
N ALA L 93 -23.06 36.77 30.37
CA ALA L 93 -24.51 36.84 30.16
C ALA L 93 -25.00 35.83 29.14
N GLU L 94 -24.11 35.33 28.28
CA GLU L 94 -24.49 34.33 27.28
C GLU L 94 -24.79 32.97 27.89
N LEU L 95 -24.35 32.71 29.13
CA LEU L 95 -24.50 31.38 29.71
C LEU L 95 -25.94 31.08 30.11
N ASN L 96 -26.69 32.11 30.51
CA ASN L 96 -28.06 31.91 30.97
C ASN L 96 -28.85 33.19 30.69
N ALA L 97 -29.83 33.10 29.79
CA ALA L 97 -30.65 34.27 29.49
C ALA L 97 -31.52 34.68 30.66
N TYR L 98 -31.79 33.76 31.60
CA TYR L 98 -32.61 34.09 32.76
C TYR L 98 -31.85 34.84 33.84
N VAL L 99 -30.52 34.86 33.79
CA VAL L 99 -29.69 35.50 34.79
C VAL L 99 -29.02 36.72 34.16
N PRO L 100 -29.38 37.93 34.56
CA PRO L 100 -28.66 39.11 34.05
C PRO L 100 -27.34 39.31 34.79
N VAL L 101 -26.31 39.66 34.03
CA VAL L 101 -24.97 39.89 34.56
C VAL L 101 -24.63 41.37 34.42
N ASN L 102 -24.37 42.03 35.54
CA ASN L 102 -24.03 43.45 35.56
C ASN L 102 -22.62 43.65 36.09
N VAL L 103 -22.11 44.87 35.92
CA VAL L 103 -20.76 45.23 36.34
C VAL L 103 -20.86 46.38 37.35
N LEU L 104 -20.30 46.15 38.54
CA LEU L 104 -20.15 47.22 39.51
C LEU L 104 -18.90 48.02 39.15
N ASP L 105 -19.07 49.33 38.95
CA ASP L 105 -17.98 50.15 38.44
C ASP L 105 -17.00 50.53 39.54
N SER L 106 -17.51 50.99 40.68
CA SER L 106 -16.64 51.47 41.76
C SER L 106 -17.19 50.99 43.10
N LEU L 107 -16.31 50.40 43.91
CA LEU L 107 -16.61 49.96 45.26
C LEU L 107 -16.05 50.93 46.30
N ASP L 108 -16.18 52.24 46.08
CA ASP L 108 -15.62 53.19 47.04
C ASP L 108 -16.47 53.32 48.29
N ASP L 109 -17.79 53.18 48.16
CA ASP L 109 -18.69 53.20 49.31
C ASP L 109 -19.14 51.77 49.56
N VAL L 110 -18.81 51.25 50.76
CA VAL L 110 -19.12 49.87 51.09
C VAL L 110 -20.62 49.65 51.26
N THR L 111 -21.39 50.72 51.41
CA THR L 111 -22.83 50.60 51.56
C THR L 111 -23.51 50.00 50.33
N GLN L 112 -22.80 49.92 49.19
CA GLN L 112 -23.38 49.27 48.02
C GLN L 112 -23.52 47.76 48.19
N LEU L 113 -22.84 47.17 49.17
CA LEU L 113 -22.97 45.74 49.44
C LEU L 113 -24.33 45.37 50.03
N SER L 114 -25.08 46.37 50.52
CA SER L 114 -26.35 46.07 51.17
C SER L 114 -27.39 45.52 50.19
N GLN L 115 -27.25 45.82 48.89
CA GLN L 115 -28.20 45.36 47.89
C GLN L 115 -27.90 43.95 47.39
N PHE L 116 -26.97 43.23 48.02
CA PHE L 116 -26.66 41.86 47.64
C PHE L 116 -26.92 40.93 48.82
N GLN L 117 -27.06 39.64 48.51
CA GLN L 117 -27.24 38.63 49.52
C GLN L 117 -26.02 37.76 49.73
N VAL L 118 -25.24 37.51 48.69
CA VAL L 118 -24.00 36.74 48.80
C VAL L 118 -22.88 37.55 48.15
N VAL L 119 -21.81 37.77 48.89
CA VAL L 119 -20.65 38.51 48.42
C VAL L 119 -19.48 37.54 48.35
N VAL L 120 -18.84 37.45 47.18
CA VAL L 120 -17.74 36.54 46.96
C VAL L 120 -16.48 37.37 46.67
N ALA L 121 -15.45 37.16 47.48
CA ALA L 121 -14.18 37.86 47.34
C ALA L 121 -13.12 36.85 46.90
N THR L 122 -12.58 37.05 45.69
CA THR L 122 -11.60 36.13 45.15
C THR L 122 -10.19 36.58 45.53
N ASP L 123 -9.17 35.99 44.88
CA ASP L 123 -7.79 36.25 45.26
C ASP L 123 -7.37 37.69 44.99
N THR L 124 -8.13 38.44 44.17
CA THR L 124 -7.76 39.82 43.86
C THR L 124 -8.11 40.80 44.97
N VAL L 125 -8.67 40.31 46.08
CA VAL L 125 -9.03 41.16 47.21
C VAL L 125 -8.01 40.93 48.31
N SER L 126 -7.47 42.03 48.83
CA SER L 126 -6.49 41.95 49.90
C SER L 126 -7.13 41.45 51.19
N LEU L 127 -6.31 40.86 52.05
CA LEU L 127 -6.83 40.35 53.32
C LEU L 127 -7.39 41.47 54.19
N GLU L 128 -6.78 42.66 54.12
CA GLU L 128 -7.30 43.81 54.85
C GLU L 128 -8.67 44.21 54.34
N ASP L 129 -8.87 44.16 53.02
CA ASP L 129 -10.19 44.47 52.46
C ASP L 129 -11.17 43.34 52.69
N LYS L 130 -10.68 42.09 52.74
CA LYS L 130 -11.57 40.96 53.02
C LYS L 130 -12.13 41.06 54.43
N VAL L 131 -11.34 41.55 55.38
CA VAL L 131 -11.84 41.73 56.73
C VAL L 131 -12.76 42.94 56.82
N LYS L 132 -12.42 44.02 56.10
CA LYS L 132 -13.28 45.20 56.10
C LYS L 132 -14.64 44.87 55.49
N ILE L 133 -14.66 44.10 54.41
CA ILE L 133 -15.92 43.78 53.75
C ILE L 133 -16.72 42.77 54.56
N ASN L 134 -16.05 41.75 55.10
CA ASN L 134 -16.75 40.75 55.88
C ASN L 134 -17.41 41.36 57.12
N GLU L 135 -16.75 42.35 57.74
CA GLU L 135 -17.34 42.99 58.91
C GLU L 135 -18.62 43.73 58.56
N PHE L 136 -18.69 44.31 57.36
CA PHE L 136 -19.93 44.95 56.93
C PHE L 136 -20.97 43.91 56.56
N CYS L 137 -20.54 42.76 56.05
CA CYS L 137 -21.49 41.71 55.71
C CYS L 137 -22.03 41.02 56.95
N HIS L 138 -21.14 40.69 57.89
CA HIS L 138 -21.56 39.97 59.09
C HIS L 138 -22.51 40.82 59.93
N SER L 139 -22.25 42.12 60.02
CA SER L 139 -23.08 43.03 60.81
C SER L 139 -24.35 43.48 60.08
N SER L 140 -24.52 43.09 58.82
CA SER L 140 -25.71 43.42 58.03
C SER L 140 -26.46 42.18 57.57
N GLY L 141 -26.10 41.00 58.05
CA GLY L 141 -26.78 39.79 57.63
C GLY L 141 -26.45 39.32 56.24
N ILE L 142 -25.42 39.86 55.63
CA ILE L 142 -25.02 39.46 54.28
C ILE L 142 -24.09 38.27 54.38
N ARG L 143 -24.27 37.30 53.50
CA ARG L 143 -23.42 36.12 53.48
C ARG L 143 -22.12 36.43 52.77
N PHE L 144 -20.99 36.13 53.41
CA PHE L 144 -19.66 36.39 52.87
C PHE L 144 -18.95 35.09 52.61
N ILE L 145 -18.36 34.97 51.42
CA ILE L 145 -17.56 33.81 51.04
C ILE L 145 -16.31 34.31 50.34
N SER L 146 -15.15 33.81 50.77
CA SER L 146 -13.86 34.20 50.22
C SER L 146 -13.12 32.96 49.73
N SER L 147 -12.19 33.18 48.81
CA SER L 147 -11.38 32.10 48.28
C SER L 147 -10.21 32.69 47.52
N GLU L 148 -9.08 31.98 47.55
CA GLU L 148 -7.91 32.39 46.80
C GLU L 148 -7.07 31.15 46.49
N THR L 149 -6.40 31.17 45.35
CA THR L 149 -5.58 30.07 44.88
C THR L 149 -4.17 30.56 44.62
N ARG L 150 -3.19 29.89 45.22
CA ARG L 150 -1.78 30.20 45.02
C ARG L 150 -1.11 28.95 44.44
N GLY L 151 -0.98 28.92 43.12
CA GLY L 151 -0.33 27.79 42.47
C GLY L 151 -1.11 26.51 42.69
N LEU L 152 -0.41 25.51 43.22
CA LEU L 152 -1.03 24.23 43.55
C LEU L 152 -1.68 24.22 44.93
N PHE L 153 -1.83 25.39 45.56
CA PHE L 153 -2.50 25.54 46.84
C PHE L 153 -3.81 26.30 46.65
N GLY L 154 -4.58 26.41 47.73
CA GLY L 154 -5.83 27.14 47.68
C GLY L 154 -6.65 26.96 48.95
N ASN L 155 -7.55 27.89 49.22
CA ASN L 155 -8.39 27.81 50.41
C ASN L 155 -9.72 28.51 50.16
N THR L 156 -10.61 28.42 51.13
CA THR L 156 -11.91 29.07 51.02
C THR L 156 -12.46 29.34 52.41
N PHE L 157 -13.18 30.45 52.53
CA PHE L 157 -13.75 30.92 53.77
C PHE L 157 -15.24 31.10 53.60
N VAL L 158 -16.01 30.71 54.60
CA VAL L 158 -17.47 30.79 54.55
C VAL L 158 -17.95 31.44 55.84
N ASP L 159 -18.67 32.55 55.70
CA ASP L 159 -19.31 33.24 56.84
C ASP L 159 -20.73 33.59 56.42
N LEU L 160 -21.71 32.81 56.89
CA LEU L 160 -23.10 32.97 56.49
C LEU L 160 -23.92 33.71 57.53
N GLY L 161 -23.30 34.54 58.35
CA GLY L 161 -24.02 35.31 59.34
C GLY L 161 -24.21 34.55 60.64
N ASP L 162 -24.72 35.28 61.63
CA ASP L 162 -24.86 34.73 62.97
C ASP L 162 -26.07 33.82 63.12
N GLU L 163 -26.98 33.79 62.15
CA GLU L 163 -28.18 32.95 62.22
C GLU L 163 -28.39 32.25 60.89
N PHE L 164 -28.06 30.96 60.85
CA PHE L 164 -28.29 30.13 59.68
C PHE L 164 -28.76 28.77 60.16
N THR L 165 -29.89 28.30 59.62
CA THR L 165 -30.47 27.03 60.02
C THR L 165 -30.39 26.06 58.85
N VAL L 166 -29.77 24.91 59.09
CA VAL L 166 -29.65 23.88 58.06
C VAL L 166 -30.91 23.01 58.15
N LEU L 167 -31.84 23.27 57.23
CA LEU L 167 -33.09 22.52 57.20
C LEU L 167 -32.87 21.11 56.68
N ASP L 168 -32.12 20.97 55.58
CA ASP L 168 -31.78 19.67 55.02
C ASP L 168 -30.27 19.49 55.07
N PRO L 169 -29.76 18.49 55.78
CA PRO L 169 -28.30 18.36 55.89
C PRO L 169 -27.64 17.65 54.72
N THR L 170 -28.34 16.72 54.08
CA THR L 170 -27.71 15.89 53.06
C THR L 170 -28.38 15.97 51.69
N GLY L 171 -29.67 16.26 51.64
CA GLY L 171 -30.40 16.23 50.39
C GLY L 171 -30.70 14.85 49.86
N GLU L 172 -30.30 13.80 50.57
CA GLU L 172 -30.57 12.43 50.18
C GLU L 172 -32.02 12.05 50.50
N GLU L 173 -32.41 10.87 50.04
CA GLU L 173 -33.72 10.38 50.40
C GLU L 173 -33.70 9.85 51.82
N PRO L 174 -34.72 10.15 52.62
CA PRO L 174 -34.77 9.66 54.01
C PRO L 174 -34.78 8.14 54.07
N ARG L 175 -33.82 7.59 54.81
CA ARG L 175 -33.70 6.15 54.96
C ARG L 175 -34.90 5.58 55.71
N THR L 176 -35.42 4.47 55.21
CA THR L 176 -36.60 3.85 55.80
C THR L 176 -36.42 2.34 55.81
N GLY L 177 -37.21 1.69 56.68
CA GLY L 177 -37.13 0.24 56.79
C GLY L 177 -38.21 -0.29 57.70
N MET L 178 -38.33 -1.61 57.73
CA MET L 178 -39.35 -2.30 58.50
C MET L 178 -38.80 -2.82 59.82
N VAL L 179 -39.67 -2.84 60.82
CA VAL L 179 -39.32 -3.24 62.18
C VAL L 179 -39.90 -4.62 62.46
N SER L 180 -39.16 -5.44 63.20
CA SER L 180 -39.62 -6.76 63.59
C SER L 180 -39.91 -6.88 65.08
N ASP L 181 -39.25 -6.09 65.92
CA ASP L 181 -39.47 -6.16 67.36
C ASP L 181 -38.97 -4.88 68.03
N ILE L 182 -39.76 -4.36 68.97
CA ILE L 182 -39.38 -3.20 69.77
C ILE L 182 -39.50 -3.62 71.24
N GLU L 183 -38.36 -3.83 71.88
CA GLU L 183 -38.34 -4.23 73.27
C GLU L 183 -38.73 -3.05 74.15
N PRO L 184 -39.22 -3.31 75.37
CA PRO L 184 -39.61 -2.20 76.25
C PRO L 184 -38.49 -1.22 76.56
N ASP L 185 -37.24 -1.65 76.51
CA ASP L 185 -36.12 -0.75 76.75
C ASP L 185 -35.77 0.10 75.55
N GLY L 186 -36.36 -0.18 74.38
CA GLY L 186 -36.15 0.62 73.19
C GLY L 186 -35.32 -0.03 72.11
N THR L 187 -34.88 -1.27 72.30
CA THR L 187 -34.07 -1.96 71.29
C THR L 187 -34.94 -2.27 70.10
N VAL L 188 -34.84 -1.45 69.05
CA VAL L 188 -35.61 -1.64 67.83
C VAL L 188 -34.84 -2.62 66.96
N THR L 189 -35.39 -3.82 66.81
CA THR L 189 -34.77 -4.88 66.02
C THR L 189 -35.37 -4.86 64.62
N MET L 190 -34.50 -4.92 63.61
CA MET L 190 -34.92 -4.84 62.21
C MET L 190 -35.42 -6.19 61.73
N LEU L 191 -35.76 -6.25 60.44
CA LEU L 191 -36.25 -7.48 59.84
C LEU L 191 -35.06 -8.26 59.28
N ASP L 192 -35.35 -9.29 58.47
CA ASP L 192 -34.32 -10.26 58.12
C ASP L 192 -33.29 -9.67 57.16
N ASP L 193 -32.02 -9.78 57.55
CA ASP L 193 -30.87 -9.39 56.73
C ASP L 193 -31.02 -8.00 56.11
N ASN L 194 -31.52 -7.03 56.89
CA ASN L 194 -31.62 -5.67 56.41
C ASN L 194 -30.91 -4.74 57.37
N ARG L 195 -30.09 -3.84 56.82
CA ARG L 195 -29.41 -2.81 57.59
C ARG L 195 -30.24 -1.54 57.64
N HIS L 196 -30.35 -0.94 58.84
CA HIS L 196 -31.15 0.27 58.98
C HIS L 196 -30.52 1.44 58.22
N GLY L 197 -29.21 1.48 58.12
CA GLY L 197 -28.51 2.57 57.46
C GLY L 197 -28.43 3.85 58.28
N LEU L 198 -29.03 3.87 59.46
CA LEU L 198 -29.00 5.02 60.34
C LEU L 198 -27.65 5.14 61.04
N GLU L 199 -27.34 6.35 61.47
CA GLU L 199 -26.16 6.63 62.28
C GLU L 199 -26.59 7.32 63.56
N ASP L 200 -25.68 7.36 64.53
CA ASP L 200 -25.97 7.95 65.82
C ASP L 200 -26.30 9.43 65.67
N GLY L 201 -27.29 9.88 66.45
CA GLY L 201 -27.73 11.26 66.40
C GLY L 201 -28.88 11.52 65.46
N ASN L 202 -29.28 10.53 64.67
CA ASN L 202 -30.39 10.71 63.75
C ASN L 202 -31.71 10.70 64.51
N PHE L 203 -32.79 11.02 63.80
CA PHE L 203 -34.13 11.04 64.34
C PHE L 203 -35.05 10.30 63.38
N VAL L 204 -35.98 9.52 63.93
CA VAL L 204 -36.85 8.70 63.11
C VAL L 204 -38.27 8.78 63.67
N ARG L 205 -39.25 8.78 62.76
CA ARG L 205 -40.65 8.59 63.10
C ARG L 205 -41.05 7.17 62.75
N PHE L 206 -42.23 6.78 63.22
CA PHE L 206 -42.67 5.39 63.10
C PHE L 206 -44.06 5.32 62.49
N SER L 207 -44.37 4.18 61.89
CA SER L 207 -45.66 3.92 61.28
C SER L 207 -45.95 2.43 61.28
N GLU L 208 -47.23 2.09 61.40
CA GLU L 208 -47.72 0.71 61.28
C GLU L 208 -47.20 -0.20 62.40
N VAL L 209 -47.12 0.31 63.61
CA VAL L 209 -46.80 -0.48 64.79
C VAL L 209 -48.10 -0.83 65.49
N GLU L 210 -48.38 -2.13 65.63
CA GLU L 210 -49.67 -2.54 66.16
C GLU L 210 -49.78 -2.21 67.65
N GLY L 211 -48.72 -2.46 68.41
CA GLY L 211 -48.66 -1.97 69.76
C GLY L 211 -48.25 -0.52 69.78
N LEU L 212 -48.38 0.11 70.95
CA LEU L 212 -47.85 1.46 71.20
C LEU L 212 -48.44 2.45 70.19
N ASP L 213 -49.73 2.72 70.37
CA ASP L 213 -50.47 3.52 69.39
C ASP L 213 -49.99 4.96 69.38
N LYS L 214 -49.63 5.51 70.54
CA LYS L 214 -49.16 6.89 70.62
C LYS L 214 -47.75 7.07 70.07
N LEU L 215 -47.09 5.98 69.67
CA LEU L 215 -45.77 6.06 69.05
C LEU L 215 -45.84 6.42 67.57
N ASN L 216 -47.00 6.29 66.95
CA ASN L 216 -47.17 6.52 65.52
C ASN L 216 -47.64 7.93 65.17
N ASP L 217 -47.91 8.78 66.17
CA ASP L 217 -48.44 10.10 65.91
C ASP L 217 -47.44 11.03 65.24
N GLY L 218 -46.19 10.62 65.12
CA GLY L 218 -45.15 11.44 64.52
C GLY L 218 -44.07 11.91 65.48
N THR L 219 -44.13 11.51 66.75
CA THR L 219 -43.11 11.90 67.70
C THR L 219 -41.76 11.33 67.27
N LEU L 220 -40.71 12.14 67.39
CA LEU L 220 -39.38 11.74 66.95
C LEU L 220 -38.60 11.10 68.09
N PHE L 221 -37.69 10.20 67.72
CA PHE L 221 -36.87 9.47 68.68
C PHE L 221 -35.42 9.53 68.24
N LYS L 222 -34.52 9.72 69.20
CA LYS L 222 -33.09 9.79 68.91
C LYS L 222 -32.55 8.39 68.72
N VAL L 223 -31.71 8.23 67.71
CA VAL L 223 -31.20 6.92 67.32
C VAL L 223 -29.90 6.64 68.05
N GLU L 224 -29.85 5.53 68.79
CA GLU L 224 -28.64 5.03 69.44
C GLU L 224 -28.30 3.71 68.77
N VAL L 225 -27.33 3.76 67.85
CA VAL L 225 -27.01 2.59 67.04
C VAL L 225 -26.33 1.55 67.90
N LEU L 226 -26.92 0.35 67.97
CA LEU L 226 -26.28 -0.77 68.65
C LEU L 226 -25.46 -1.62 67.70
N GLY L 227 -25.97 -1.86 66.49
CA GLY L 227 -25.25 -2.62 65.51
C GLY L 227 -25.79 -2.34 64.11
N PRO L 228 -25.24 -3.02 63.11
CA PRO L 228 -25.73 -2.81 61.73
C PRO L 228 -27.15 -3.30 61.51
N PHE L 229 -27.75 -4.00 62.48
CA PHE L 229 -29.09 -4.55 62.32
C PHE L 229 -30.04 -4.14 63.45
N ALA L 230 -29.65 -3.20 64.29
CA ALA L 230 -30.53 -2.78 65.39
C ALA L 230 -30.08 -1.44 65.92
N PHE L 231 -31.05 -0.68 66.44
CA PHE L 231 -30.79 0.57 67.12
C PHE L 231 -31.76 0.71 68.29
N ARG L 232 -31.49 1.67 69.17
CA ARG L 232 -32.27 1.88 70.38
C ARG L 232 -32.76 3.31 70.44
N ILE L 233 -33.99 3.50 70.94
CA ILE L 233 -34.62 4.81 70.99
C ILE L 233 -35.05 5.19 72.40
N GLY L 234 -34.71 4.39 73.40
CA GLY L 234 -35.09 4.67 74.77
C GLY L 234 -36.32 3.89 75.20
N SER L 235 -36.58 3.93 76.51
CA SER L 235 -37.68 3.14 77.08
C SER L 235 -39.01 3.55 76.47
N VAL L 236 -39.75 2.56 75.97
CA VAL L 236 -41.06 2.78 75.34
C VAL L 236 -42.16 2.15 76.19
N LYS L 237 -41.90 2.02 77.50
CA LYS L 237 -42.92 1.44 78.39
C LYS L 237 -44.15 2.32 78.47
N GLU L 238 -44.00 3.63 78.26
CA GLU L 238 -45.15 4.53 78.37
C GLU L 238 -46.19 4.27 77.29
N TYR L 239 -45.78 3.80 76.12
CA TYR L 239 -46.71 3.66 75.01
C TYR L 239 -47.39 2.29 74.96
N GLY L 240 -46.85 1.30 75.64
CA GLY L 240 -47.47 -0.03 75.65
C GLY L 240 -46.50 -1.16 75.37
N GLU L 241 -46.93 -2.13 74.56
CA GLU L 241 -46.08 -3.27 74.23
C GLU L 241 -46.25 -3.61 72.75
N TYR L 242 -45.13 -4.01 72.14
CA TYR L 242 -45.09 -4.29 70.71
C TYR L 242 -45.73 -5.63 70.39
N LYS L 243 -46.47 -5.67 69.27
CA LYS L 243 -47.07 -6.91 68.79
C LYS L 243 -46.49 -7.35 67.45
N LYS L 244 -46.58 -6.50 66.42
CA LYS L 244 -46.05 -6.82 65.09
C LYS L 244 -46.13 -5.55 64.24
N GLY L 245 -45.51 -5.62 63.06
CA GLY L 245 -45.53 -4.51 62.13
C GLY L 245 -44.54 -3.42 62.49
N GLY L 246 -44.51 -2.38 61.66
CA GLY L 246 -43.66 -1.24 61.93
C GLY L 246 -42.83 -0.78 60.74
N ILE L 247 -42.86 0.52 60.47
CA ILE L 247 -42.04 1.12 59.42
C ILE L 247 -41.49 2.44 59.96
N PHE L 248 -40.17 2.56 60.03
CA PHE L 248 -39.53 3.78 60.50
C PHE L 248 -39.03 4.59 59.32
N THR L 249 -39.15 5.90 59.42
CA THR L 249 -38.67 6.83 58.40
C THR L 249 -37.80 7.87 59.08
N GLU L 250 -36.58 8.05 58.58
CA GLU L 250 -35.68 9.04 59.16
C GLU L 250 -36.16 10.45 58.79
N VAL L 251 -36.16 11.34 59.77
CA VAL L 251 -36.56 12.73 59.58
C VAL L 251 -35.36 13.60 59.90
N LYS L 252 -35.10 14.58 59.05
CA LYS L 252 -33.98 15.50 59.24
C LYS L 252 -34.47 16.69 60.04
N VAL L 253 -33.95 16.83 61.26
CA VAL L 253 -34.31 17.93 62.15
C VAL L 253 -33.46 19.14 61.81
N PRO L 254 -33.93 20.36 62.06
CA PRO L 254 -33.10 21.53 61.76
C PRO L 254 -31.97 21.69 62.76
N ARG L 255 -30.87 22.26 62.29
CA ARG L 255 -29.68 22.50 63.11
C ARG L 255 -29.24 23.95 62.91
N LYS L 256 -29.48 24.80 63.91
CA LYS L 256 -29.07 26.19 63.86
C LYS L 256 -27.58 26.30 64.18
N ILE L 257 -26.76 26.59 63.17
CA ILE L 257 -25.32 26.70 63.32
C ILE L 257 -24.95 28.18 63.32
N SER L 258 -23.96 28.53 64.14
CA SER L 258 -23.50 29.90 64.29
C SER L 258 -22.14 30.05 63.62
N PHE L 259 -21.95 31.18 62.96
CA PHE L 259 -20.72 31.49 62.26
C PHE L 259 -19.99 32.63 62.97
N LYS L 260 -18.67 32.60 62.89
CA LYS L 260 -17.80 33.66 63.42
C LYS L 260 -17.28 34.53 62.28
N SER L 261 -16.89 35.76 62.62
CA SER L 261 -16.40 36.69 61.62
C SER L 261 -15.03 36.23 61.12
N LEU L 262 -14.57 36.87 60.03
CA LEU L 262 -13.26 36.54 59.48
C LEU L 262 -12.15 36.92 60.44
N LYS L 263 -12.29 38.06 61.11
CA LYS L 263 -11.29 38.47 62.08
C LYS L 263 -11.18 37.44 63.21
N GLN L 264 -12.32 36.93 63.68
CA GLN L 264 -12.30 35.92 64.73
C GLN L 264 -11.73 34.59 64.24
N GLN L 265 -11.91 34.29 62.94
CA GLN L 265 -11.45 33.02 62.42
C GLN L 265 -9.96 33.02 62.08
N LEU L 266 -9.37 34.18 61.82
CA LEU L 266 -7.95 34.24 61.55
C LEU L 266 -7.13 33.88 62.79
N SER L 267 -7.69 34.10 63.98
CA SER L 267 -7.01 33.79 65.22
C SER L 267 -7.35 32.40 65.73
N ASN L 268 -8.62 32.00 65.60
CA ASN L 268 -9.11 30.69 66.04
C ASN L 268 -9.90 30.07 64.89
N PRO L 269 -9.22 29.48 63.91
CA PRO L 269 -9.92 28.92 62.75
C PRO L 269 -10.52 27.56 63.06
N GLU L 270 -11.60 27.26 62.34
CA GLU L 270 -12.25 25.95 62.38
C GLU L 270 -12.05 25.29 61.02
N PHE L 271 -11.28 24.21 61.01
CA PHE L 271 -10.86 23.59 59.76
C PHE L 271 -11.80 22.47 59.32
N VAL L 272 -11.96 22.36 58.02
CA VAL L 272 -12.57 21.21 57.37
C VAL L 272 -11.55 20.66 56.39
N PHE L 273 -11.13 19.42 56.59
CA PHE L 273 -9.97 18.90 55.87
C PHE L 273 -10.34 18.39 54.49
N SER L 274 -9.53 18.75 53.49
CA SER L 274 -9.70 18.28 52.12
C SER L 274 -8.97 16.96 51.88
N ASP L 275 -8.10 16.56 52.80
CA ASP L 275 -7.39 15.29 52.67
C ASP L 275 -6.92 14.93 54.07
N PHE L 276 -7.50 13.87 54.64
CA PHE L 276 -7.18 13.50 56.01
C PHE L 276 -5.76 12.98 56.15
N ALA L 277 -5.11 12.63 55.04
CA ALA L 277 -3.68 12.31 55.08
C ALA L 277 -2.83 13.54 55.31
N LYS L 278 -3.35 14.73 55.00
CA LYS L 278 -2.64 15.99 55.20
C LYS L 278 -3.36 16.89 56.20
N PHE L 279 -3.98 16.29 57.23
CA PHE L 279 -4.69 17.10 58.21
C PHE L 279 -3.74 17.96 59.05
N ASP L 280 -2.43 17.72 58.99
CA ASP L 280 -1.48 18.59 59.66
C ASP L 280 -1.21 19.86 58.85
N ARG L 281 -1.33 19.77 57.52
CA ARG L 281 -1.02 20.90 56.66
C ARG L 281 -2.10 21.98 56.69
N ALA L 282 -3.25 21.71 57.34
CA ALA L 282 -4.32 22.69 57.36
C ALA L 282 -3.88 23.96 58.09
N ALA L 283 -3.46 23.81 59.35
CA ALA L 283 -3.00 24.97 60.12
C ALA L 283 -1.72 25.56 59.55
N GLN L 284 -0.92 24.74 58.86
CA GLN L 284 0.31 25.25 58.25
C GLN L 284 0.00 26.23 57.12
N LEU L 285 -0.90 25.86 56.23
CA LEU L 285 -1.27 26.75 55.15
C LEU L 285 -2.13 27.92 55.63
N HIS L 286 -2.76 27.80 56.81
CA HIS L 286 -3.53 28.92 57.35
C HIS L 286 -2.61 30.10 57.64
N LEU L 287 -1.46 29.84 58.26
CA LEU L 287 -0.49 30.91 58.51
C LEU L 287 0.24 31.29 57.24
N GLY L 288 0.42 30.35 56.31
CA GLY L 288 1.10 30.67 55.07
C GLY L 288 0.32 31.66 54.23
N PHE L 289 -1.00 31.47 54.14
CA PHE L 289 -1.83 32.39 53.36
C PHE L 289 -1.96 33.74 54.03
N GLN L 290 -1.96 33.79 55.36
CA GLN L 290 -1.93 35.07 56.06
C GLN L 290 -0.61 35.79 55.85
N ALA L 291 0.50 35.04 55.86
CA ALA L 291 1.81 35.64 55.65
C ALA L 291 1.98 36.15 54.22
N LEU L 292 1.31 35.50 53.26
CA LEU L 292 1.38 35.97 51.88
C LEU L 292 0.79 37.35 51.72
N HIS L 293 -0.18 37.72 52.57
CA HIS L 293 -0.74 39.06 52.50
C HIS L 293 0.11 40.08 53.24
N GLN L 294 0.68 39.70 54.39
CA GLN L 294 1.64 40.57 55.05
C GLN L 294 2.86 40.81 54.16
N PHE L 295 3.28 39.78 53.43
CA PHE L 295 4.37 39.95 52.49
C PHE L 295 3.99 40.97 51.42
N ALA L 296 2.74 40.94 50.96
CA ALA L 296 2.30 41.90 49.95
C ALA L 296 2.26 43.32 50.50
N VAL L 297 1.89 43.47 51.78
CA VAL L 297 1.88 44.79 52.38
C VAL L 297 3.30 45.32 52.51
N ARG L 298 4.22 44.47 52.97
CA ARG L 298 5.60 44.88 53.16
C ARG L 298 6.36 45.05 51.85
N HIS L 299 5.78 44.64 50.72
CA HIS L 299 6.47 44.69 49.44
C HIS L 299 5.65 45.41 48.38
N ASN L 300 4.74 46.30 48.81
CA ASN L 300 3.94 47.12 47.90
C ASN L 300 3.15 46.24 46.93
N GLY L 301 2.36 45.34 47.52
CA GLY L 301 1.51 44.46 46.72
C GLY L 301 2.23 43.44 45.88
N GLU L 302 3.49 43.16 46.14
CA GLU L 302 4.26 42.18 45.40
C GLU L 302 4.15 40.81 46.06
N LEU L 303 4.08 39.78 45.23
CA LEU L 303 4.09 38.42 45.72
C LEU L 303 5.49 37.85 45.74
N PRO L 304 5.74 36.85 46.59
CA PRO L 304 7.05 36.20 46.59
C PRO L 304 7.45 35.73 45.20
N ARG L 305 8.68 36.07 44.81
CA ARG L 305 9.16 35.75 43.48
C ARG L 305 9.22 34.24 43.28
N THR L 306 9.04 33.83 42.03
CA THR L 306 8.95 32.42 41.68
C THR L 306 10.28 31.72 41.93
N MET L 307 10.25 30.64 42.71
CA MET L 307 11.42 29.81 43.01
C MET L 307 12.54 30.59 43.68
N ASN L 308 12.20 31.71 44.33
CA ASN L 308 13.19 32.55 44.99
C ASN L 308 13.35 32.12 46.45
N ASP L 309 14.61 31.98 46.88
CA ASP L 309 14.89 31.52 48.24
C ASP L 309 14.90 32.66 49.24
N GLU L 310 15.30 33.87 48.83
CA GLU L 310 15.29 35.01 49.74
C GLU L 310 13.87 35.36 50.16
N ASP L 311 12.94 35.36 49.21
CA ASP L 311 11.54 35.63 49.56
C ASP L 311 10.91 34.45 50.29
N ALA L 312 11.30 33.22 49.94
CA ALA L 312 10.78 32.06 50.65
C ALA L 312 11.22 32.07 52.11
N ASN L 313 12.44 32.53 52.37
CA ASN L 313 12.90 32.60 53.76
C ASN L 313 12.20 33.72 54.52
N GLU L 314 11.84 34.81 53.85
CA GLU L 314 11.09 35.87 54.52
C GLU L 314 9.69 35.39 54.87
N LEU L 315 9.09 34.57 54.01
CA LEU L 315 7.75 34.06 54.28
C LEU L 315 7.75 33.16 55.52
N ILE L 316 8.80 32.34 55.68
CA ILE L 316 8.89 31.48 56.85
C ILE L 316 8.99 32.31 58.12
N LYS L 317 9.67 33.46 58.05
CA LYS L 317 9.74 34.34 59.21
C LYS L 317 8.37 34.93 59.53
N LEU L 318 7.63 35.36 58.50
CA LEU L 318 6.30 35.92 58.73
C LEU L 318 5.35 34.87 59.29
N VAL L 319 5.49 33.62 58.82
CA VAL L 319 4.68 32.54 59.38
C VAL L 319 5.04 32.32 60.84
N THR L 320 6.33 32.36 61.17
CA THR L 320 6.72 32.18 62.57
C THR L 320 6.26 33.35 63.43
N ASP L 321 6.34 34.57 62.89
CA ASP L 321 5.85 35.73 63.64
C ASP L 321 4.34 35.66 63.86
N LEU L 322 3.60 35.12 62.89
CA LEU L 322 2.16 34.98 63.07
C LEU L 322 1.81 33.86 64.03
N SER L 323 2.64 32.81 64.09
CA SER L 323 2.36 31.71 65.02
C SER L 323 2.44 32.18 66.47
N VAL L 324 3.31 33.17 66.75
CA VAL L 324 3.38 33.73 68.09
C VAL L 324 2.17 34.62 68.37
N GLN L 325 1.67 35.29 67.33
CA GLN L 325 0.48 36.13 67.50
C GLN L 325 -0.76 35.27 67.71
N GLN L 326 -0.87 34.16 66.97
CA GLN L 326 -2.03 33.28 67.01
C GLN L 326 -1.55 31.89 67.44
N PRO L 327 -1.40 31.68 68.75
CA PRO L 327 -0.91 30.38 69.23
C PRO L 327 -1.93 29.26 69.12
N GLU L 328 -3.19 29.56 68.80
CA GLU L 328 -4.20 28.51 68.70
C GLU L 328 -4.18 27.80 67.36
N VAL L 329 -3.63 28.42 66.33
CA VAL L 329 -3.67 27.82 65.00
C VAL L 329 -2.85 26.53 64.98
N LEU L 330 -1.55 26.63 65.27
CA LEU L 330 -0.70 25.46 65.25
C LEU L 330 -0.82 24.66 66.54
N GLY L 331 -0.93 25.33 67.67
CA GLY L 331 -0.91 24.67 68.96
C GLY L 331 0.49 24.61 69.52
N GLU L 332 0.56 24.27 70.81
CA GLU L 332 1.85 24.20 71.49
C GLU L 332 2.60 22.95 71.06
N GLY L 333 3.89 23.10 70.77
CA GLY L 333 4.73 21.99 70.41
C GLY L 333 4.73 21.61 68.96
N VAL L 334 4.15 22.42 68.08
CA VAL L 334 4.10 22.16 66.65
C VAL L 334 5.01 23.14 65.94
N ASP L 335 5.94 22.61 65.14
CA ASP L 335 6.91 23.45 64.46
C ASP L 335 6.27 24.10 63.23
N VAL L 336 7.07 24.89 62.51
CA VAL L 336 6.56 25.71 61.42
C VAL L 336 6.42 24.93 60.12
N ASN L 337 7.13 23.81 59.96
CA ASN L 337 7.16 23.05 58.72
C ASN L 337 7.67 23.91 57.55
N GLU L 338 8.95 24.27 57.68
CA GLU L 338 9.58 25.19 56.74
C GLU L 338 9.51 24.68 55.30
N ASP L 339 9.49 23.36 55.11
CA ASP L 339 9.46 22.81 53.77
C ASP L 339 8.14 23.13 53.05
N LEU L 340 7.03 23.14 53.79
CA LEU L 340 5.75 23.46 53.18
C LEU L 340 5.67 24.93 52.80
N ILE L 341 6.07 25.82 53.71
CA ILE L 341 6.01 27.25 53.43
C ILE L 341 6.92 27.62 52.27
N LYS L 342 8.04 26.91 52.11
CA LYS L 342 8.94 27.19 51.00
C LYS L 342 8.26 26.91 49.66
N GLU L 343 7.47 25.82 49.61
CA GLU L 343 6.76 25.49 48.38
C GLU L 343 5.63 26.47 48.11
N LEU L 344 4.96 26.97 49.15
CA LEU L 344 3.92 27.97 48.95
C LEU L 344 4.51 29.25 48.38
N SER L 345 5.68 29.66 48.89
CA SER L 345 6.31 30.86 48.35
C SER L 345 6.80 30.64 46.92
N TYR L 346 7.24 29.42 46.60
CA TYR L 346 7.72 29.14 45.25
C TYR L 346 6.59 29.24 44.22
N GLN L 347 5.37 28.91 44.63
CA GLN L 347 4.22 28.87 43.75
C GLN L 347 3.22 29.98 44.05
N ALA L 348 3.67 31.05 44.73
CA ALA L 348 2.73 32.11 45.10
C ALA L 348 2.15 32.80 43.89
N ARG L 349 2.87 32.80 42.76
CA ARG L 349 2.41 33.46 41.55
C ARG L 349 1.81 32.49 40.55
N GLY L 350 1.65 31.22 40.92
CA GLY L 350 1.12 30.24 39.99
C GLY L 350 -0.40 30.33 39.86
N ASP L 351 -0.88 30.00 38.66
CA ASP L 351 -2.32 29.98 38.35
C ASP L 351 -2.60 28.67 37.62
N ILE L 352 -2.94 27.63 38.36
CA ILE L 352 -3.13 26.30 37.79
C ILE L 352 -4.59 26.08 37.43
N PRO L 353 -4.92 25.72 36.18
CA PRO L 353 -6.32 25.51 35.83
C PRO L 353 -6.99 24.39 36.62
N GLY L 354 -6.26 23.31 36.92
CA GLY L 354 -6.87 22.23 37.66
C GLY L 354 -7.27 22.64 39.07
N VAL L 355 -6.47 23.48 39.71
CA VAL L 355 -6.79 23.92 41.05
C VAL L 355 -7.87 25.01 41.02
N VAL L 356 -7.82 25.88 40.02
CA VAL L 356 -8.83 26.93 39.90
C VAL L 356 -10.21 26.32 39.66
N ALA L 357 -10.29 25.37 38.72
CA ALA L 357 -11.55 24.70 38.45
C ALA L 357 -12.04 23.92 39.66
N PHE L 358 -11.12 23.40 40.47
CA PHE L 358 -11.50 22.72 41.70
C PHE L 358 -12.19 23.67 42.68
N PHE L 359 -11.50 24.75 43.04
CA PHE L 359 -12.10 25.72 43.96
C PHE L 359 -13.23 26.51 43.32
N GLY L 360 -13.23 26.64 42.00
CA GLY L 360 -14.31 27.34 41.33
C GLY L 360 -15.65 26.64 41.51
N GLY L 361 -15.68 25.32 41.35
CA GLY L 361 -16.92 24.59 41.57
C GLY L 361 -17.28 24.47 43.03
N LEU L 362 -16.28 24.32 43.90
CA LEU L 362 -16.54 24.19 45.32
C LEU L 362 -17.16 25.45 45.90
N VAL L 363 -16.57 26.61 45.60
CA VAL L 363 -17.09 27.87 46.13
C VAL L 363 -18.45 28.16 45.53
N ALA L 364 -18.67 27.81 44.26
CA ALA L 364 -19.97 28.05 43.65
C ALA L 364 -21.06 27.27 44.39
N GLN L 365 -20.78 26.02 44.75
CA GLN L 365 -21.74 25.25 45.54
C GLN L 365 -21.98 25.90 46.88
N GLU L 366 -20.94 26.51 47.47
CA GLU L 366 -21.13 27.22 48.73
C GLU L 366 -21.96 28.49 48.53
N VAL L 367 -21.90 29.09 47.33
CA VAL L 367 -22.76 30.23 47.04
C VAL L 367 -24.21 29.78 46.96
N LEU L 368 -24.44 28.58 46.41
CA LEU L 368 -25.81 28.09 46.29
C LEU L 368 -26.41 27.78 47.64
N LYS L 369 -25.64 27.18 48.54
CA LYS L 369 -26.12 26.96 49.90
C LYS L 369 -26.37 28.27 50.62
N ALA L 370 -25.63 29.32 50.24
CA ALA L 370 -25.85 30.62 50.86
C ALA L 370 -27.18 31.23 50.41
N CYS L 371 -27.59 30.98 49.17
CA CYS L 371 -28.83 31.49 48.60
C CYS L 371 -30.03 30.61 48.93
N SER L 372 -29.84 29.29 48.93
CA SER L 372 -30.92 28.34 49.11
C SER L 372 -30.98 27.74 50.50
N GLY L 373 -29.84 27.55 51.17
CA GLY L 373 -29.84 26.87 52.45
C GLY L 373 -30.14 25.39 52.34
N LYS L 374 -29.85 24.78 51.18
CA LYS L 374 -30.27 23.41 50.92
C LYS L 374 -29.38 22.39 51.60
N PHE L 375 -28.08 22.61 51.65
CA PHE L 375 -27.14 21.64 52.21
C PHE L 375 -26.42 22.22 53.43
N THR L 376 -25.58 21.39 54.04
CA THR L 376 -24.77 21.82 55.17
C THR L 376 -23.58 22.64 54.68
N PRO L 377 -23.42 23.90 55.10
CA PRO L 377 -22.34 24.73 54.57
C PRO L 377 -20.99 24.35 55.14
N LEU L 378 -19.95 24.89 54.52
CA LEU L 378 -18.59 24.73 55.01
C LEU L 378 -18.44 25.44 56.34
N LYS L 379 -17.81 24.76 57.31
CA LYS L 379 -17.68 25.31 58.66
C LYS L 379 -16.39 26.12 58.74
N GLN L 380 -16.44 27.30 58.12
CA GLN L 380 -15.59 28.47 58.28
C GLN L 380 -14.22 28.38 57.60
N PHE L 381 -13.75 27.22 57.12
CA PHE L 381 -12.41 27.17 56.53
C PHE L 381 -12.16 25.81 55.90
N MET L 382 -11.35 25.82 54.85
CA MET L 382 -10.81 24.61 54.25
C MET L 382 -9.60 24.98 53.39
N TYR L 383 -8.53 24.20 53.51
CA TYR L 383 -7.32 24.38 52.73
C TYR L 383 -7.05 23.11 51.93
N PHE L 384 -6.42 23.28 50.77
CA PHE L 384 -6.19 22.17 49.85
C PHE L 384 -4.91 22.41 49.07
N ASP L 385 -4.17 21.31 48.85
CA ASP L 385 -2.94 21.34 48.05
C ASP L 385 -2.83 20.06 47.24
N SER L 386 -2.15 20.15 46.10
CA SER L 386 -1.92 19.02 45.21
C SER L 386 -0.45 18.93 44.86
N LEU L 387 0.40 18.98 45.87
CA LEU L 387 1.83 19.00 45.65
C LEU L 387 2.33 17.74 44.95
N GLU L 388 1.57 16.65 45.00
CA GLU L 388 1.96 15.43 44.31
C GLU L 388 1.94 15.58 42.79
N SER L 389 1.35 16.65 42.27
CA SER L 389 1.33 16.91 40.84
C SER L 389 2.65 17.46 40.31
N LEU L 390 3.55 17.86 41.19
CA LEU L 390 4.85 18.35 40.77
C LEU L 390 5.64 17.21 40.13
N PRO L 391 6.25 17.44 38.97
CA PRO L 391 7.03 16.37 38.34
C PRO L 391 8.30 16.08 39.12
N ASP L 392 8.93 14.97 38.77
CA ASP L 392 10.18 14.58 39.41
C ASP L 392 11.27 15.59 39.05
N PRO L 393 11.93 16.22 40.03
CA PRO L 393 12.98 17.19 39.72
C PRO L 393 14.15 16.58 38.96
N LYS L 394 14.27 15.26 38.90
CA LYS L 394 15.34 14.64 38.13
C LYS L 394 15.10 14.80 36.64
N ASN L 395 13.83 14.85 36.22
CA ASN L 395 13.45 15.00 34.82
C ASN L 395 13.13 16.45 34.45
N PHE L 396 12.41 17.16 35.30
CA PHE L 396 11.98 18.54 35.04
C PHE L 396 12.35 19.39 36.25
N PRO L 397 13.58 19.88 36.29
CA PRO L 397 14.02 20.65 37.45
C PRO L 397 13.35 22.01 37.52
N ARG L 398 13.10 22.45 38.75
CA ARG L 398 12.44 23.72 39.03
C ARG L 398 13.44 24.68 39.67
N ASN L 399 13.65 25.82 39.04
CA ASN L 399 14.52 26.86 39.57
C ASN L 399 14.07 28.19 38.97
N GLU L 400 14.87 29.23 39.18
CA GLU L 400 14.50 30.55 38.69
C GLU L 400 14.67 30.68 37.18
N LYS L 401 15.31 29.71 36.52
CA LYS L 401 15.49 29.78 35.07
C LYS L 401 14.44 28.99 34.31
N THR L 402 14.05 27.83 34.81
CA THR L 402 13.03 27.05 34.12
C THR L 402 11.64 27.63 34.33
N THR L 403 11.39 28.23 35.49
CA THR L 403 10.07 28.74 35.84
C THR L 403 9.90 30.22 35.57
N GLN L 404 10.86 30.84 34.89
CA GLN L 404 10.72 32.26 34.60
C GLN L 404 9.68 32.46 33.48
N PRO L 405 8.99 33.60 33.47
CA PRO L 405 8.00 33.84 32.42
C PRO L 405 8.64 33.97 31.05
N VAL L 406 7.87 33.66 30.02
CA VAL L 406 8.31 33.72 28.65
C VAL L 406 7.41 34.63 27.81
N ASN L 407 6.68 35.53 28.46
CA ASN L 407 5.74 36.43 27.80
C ASN L 407 4.68 35.65 27.01
N SER L 408 4.04 34.71 27.70
CA SER L 408 2.99 33.90 27.10
C SER L 408 1.84 33.77 28.08
N ARG L 409 0.73 33.21 27.59
CA ARG L 409 -0.41 32.99 28.46
C ARG L 409 -0.14 31.94 29.52
N TYR L 410 0.88 31.11 29.32
CA TYR L 410 1.20 30.05 30.26
C TYR L 410 2.26 30.45 31.29
N ASP L 411 2.55 31.75 31.41
CA ASP L 411 3.62 32.16 32.33
C ASP L 411 3.33 31.72 33.76
N ASN L 412 2.08 31.84 34.21
CA ASN L 412 1.74 31.45 35.56
C ASN L 412 1.64 29.94 35.73
N GLN L 413 1.58 29.18 34.63
CA GLN L 413 1.68 27.74 34.74
C GLN L 413 3.13 27.27 34.68
N ILE L 414 3.95 27.93 33.85
CA ILE L 414 5.36 27.61 33.79
C ILE L 414 6.02 27.92 35.13
N ALA L 415 5.51 28.93 35.84
CA ALA L 415 6.08 29.32 37.12
C ALA L 415 6.03 28.20 38.16
N VAL L 416 5.24 27.16 37.92
CA VAL L 416 5.12 26.05 38.85
C VAL L 416 5.86 24.82 38.33
N PHE L 417 5.71 24.51 37.04
CA PHE L 417 6.24 23.26 36.49
C PHE L 417 7.49 23.43 35.66
N GLY L 418 7.76 24.62 35.15
CA GLY L 418 8.93 24.84 34.33
C GLY L 418 8.61 24.76 32.84
N LEU L 419 9.48 25.38 32.04
CA LEU L 419 9.22 25.47 30.61
C LEU L 419 9.27 24.10 29.95
N ASP L 420 10.19 23.24 30.40
CA ASP L 420 10.33 21.93 29.76
C ASP L 420 9.13 21.04 30.03
N PHE L 421 8.49 21.17 31.19
CA PHE L 421 7.33 20.33 31.49
C PHE L 421 6.08 20.81 30.74
N GLN L 422 5.88 22.12 30.63
CA GLN L 422 4.75 22.63 29.87
C GLN L 422 4.89 22.32 28.39
N LYS L 423 6.12 22.23 27.88
CA LYS L 423 6.33 21.81 26.50
C LYS L 423 5.86 20.38 26.30
N LYS L 424 6.08 19.52 27.30
CA LYS L 424 5.65 18.14 27.18
C LYS L 424 4.14 18.03 27.22
N ILE L 425 3.49 18.87 28.02
CA ILE L 425 2.04 18.89 28.05
C ILE L 425 1.49 19.28 26.69
N ALA L 426 2.09 20.29 26.06
CA ALA L 426 1.67 20.72 24.73
C ALA L 426 1.97 19.68 23.67
N ASN L 427 2.89 18.74 23.94
CA ASN L 427 3.25 17.71 22.98
C ASN L 427 2.54 16.39 23.23
N SER L 428 1.54 16.38 24.11
CA SER L 428 0.83 15.16 24.43
C SER L 428 -0.27 14.87 23.41
N LYS L 429 -0.48 13.59 23.13
CA LYS L 429 -1.51 13.09 22.22
C LYS L 429 -2.58 12.37 23.02
N VAL L 430 -3.74 13.00 23.18
CA VAL L 430 -4.78 12.51 24.07
C VAL L 430 -6.03 12.17 23.29
N PHE L 431 -6.91 11.41 23.94
CA PHE L 431 -8.17 10.96 23.35
C PHE L 431 -9.27 11.19 24.39
N LEU L 432 -10.20 12.10 24.07
CA LEU L 432 -11.32 12.41 24.94
C LEU L 432 -12.58 11.76 24.38
N VAL L 433 -13.13 10.80 25.12
CA VAL L 433 -14.32 10.07 24.71
C VAL L 433 -15.52 10.73 25.36
N GLY L 434 -16.31 11.44 24.56
CA GLY L 434 -17.48 12.14 25.04
C GLY L 434 -17.25 13.64 25.11
N SER L 435 -18.26 14.41 24.72
CA SER L 435 -18.19 15.87 24.71
C SER L 435 -19.37 16.46 25.47
N GLY L 436 -19.80 15.78 26.53
CA GLY L 436 -20.93 16.24 27.32
C GLY L 436 -20.58 17.31 28.32
N ALA L 437 -21.14 17.21 29.52
CA ALA L 437 -20.85 18.21 30.55
C ALA L 437 -19.39 18.11 30.99
N ILE L 438 -18.91 16.90 31.25
CA ILE L 438 -17.51 16.75 31.63
C ILE L 438 -16.60 17.00 30.43
N GLY L 439 -17.02 16.55 29.24
CA GLY L 439 -16.20 16.75 28.06
C GLY L 439 -16.01 18.22 27.72
N CYS L 440 -17.04 19.03 27.95
CA CYS L 440 -16.90 20.47 27.73
C CYS L 440 -15.96 21.09 28.75
N GLU L 441 -16.08 20.68 30.01
CA GLU L 441 -15.16 21.17 31.03
C GLU L 441 -13.74 20.63 30.82
N MET L 442 -13.62 19.43 30.28
CA MET L 442 -12.29 18.85 30.04
C MET L 442 -11.57 19.62 28.95
N LEU L 443 -12.26 19.89 27.84
CA LEU L 443 -11.63 20.64 26.76
C LEU L 443 -11.28 22.04 27.20
N LYS L 444 -12.04 22.63 28.13
CA LYS L 444 -11.72 23.96 28.63
C LYS L 444 -10.40 23.93 29.41
N ASN L 445 -10.23 22.94 30.29
CA ASN L 445 -8.99 22.85 31.04
C ASN L 445 -7.81 22.51 30.14
N TRP L 446 -8.02 21.61 29.17
CA TRP L 446 -6.95 21.28 28.23
C TRP L 446 -6.59 22.47 27.35
N ALA L 447 -7.55 23.36 27.08
CA ALA L 447 -7.24 24.56 26.33
C ALA L 447 -6.43 25.53 27.17
N LEU L 448 -6.72 25.62 28.47
CA LEU L 448 -5.94 26.49 29.33
C LEU L 448 -4.54 25.96 29.54
N LEU L 449 -4.38 24.63 29.59
CA LEU L 449 -3.06 24.02 29.71
C LEU L 449 -2.27 24.08 28.42
N GLY L 450 -2.92 24.40 27.29
CA GLY L 450 -2.24 24.30 26.02
C GLY L 450 -1.93 22.89 25.58
N LEU L 451 -2.62 21.91 26.16
CA LEU L 451 -2.36 20.51 25.86
C LEU L 451 -2.64 20.21 24.39
N GLY L 452 -1.69 19.55 23.74
CA GLY L 452 -1.83 19.22 22.34
C GLY L 452 -1.50 20.33 21.37
N SER L 453 -1.11 21.51 21.88
CA SER L 453 -0.79 22.64 21.01
C SER L 453 0.60 22.57 20.41
N GLY L 454 1.45 21.69 20.92
CA GLY L 454 2.78 21.54 20.37
C GLY L 454 2.78 20.83 19.03
N SER L 455 3.91 20.94 18.34
CA SER L 455 4.05 20.35 17.02
C SER L 455 4.00 18.83 17.05
N ASP L 456 4.07 18.21 18.22
CA ASP L 456 4.06 16.77 18.34
C ASP L 456 2.80 16.23 19.01
N GLY L 457 1.96 17.10 19.58
CA GLY L 457 0.76 16.68 20.26
C GLY L 457 -0.50 17.05 19.50
N TYR L 458 -1.62 16.51 20.00
CA TYR L 458 -2.93 16.78 19.41
C TYR L 458 -4.00 16.33 20.40
N ILE L 459 -5.25 16.66 20.08
CA ILE L 459 -6.40 16.26 20.87
C ILE L 459 -7.41 15.60 19.94
N VAL L 460 -7.86 14.41 20.31
CA VAL L 460 -8.90 13.70 19.57
C VAL L 460 -10.10 13.57 20.49
N VAL L 461 -11.23 14.14 20.07
CA VAL L 461 -12.48 14.12 20.83
C VAL L 461 -13.58 13.61 19.92
N THR L 462 -14.41 12.71 20.44
CA THR L 462 -15.49 12.12 19.64
C THR L 462 -16.77 12.04 20.44
N ASP L 463 -17.89 12.34 19.78
CA ASP L 463 -19.23 12.25 20.38
C ASP L 463 -20.24 12.23 19.25
N ASN L 464 -21.08 11.19 19.21
CA ASN L 464 -22.02 10.99 18.11
C ASN L 464 -23.35 11.70 18.32
N ASP L 465 -23.48 12.53 19.34
CA ASP L 465 -24.73 13.21 19.65
C ASP L 465 -24.72 14.64 19.15
N SER L 466 -25.92 15.21 19.04
CA SER L 466 -26.10 16.60 18.64
C SER L 466 -26.52 17.45 19.83
N ILE L 467 -26.45 18.76 19.65
CA ILE L 467 -26.78 19.72 20.69
C ILE L 467 -28.28 19.99 20.67
N GLU L 468 -28.88 20.08 21.85
CA GLU L 468 -30.29 20.41 22.00
C GLU L 468 -30.43 21.63 22.88
N LYS L 469 -31.58 22.31 22.77
CA LYS L 469 -31.76 23.56 23.51
C LYS L 469 -31.85 23.33 25.01
N SER L 470 -32.31 22.15 25.43
CA SER L 470 -32.39 21.86 26.85
C SER L 470 -31.04 21.57 27.46
N ASN L 471 -30.07 21.13 26.65
CA ASN L 471 -28.74 20.82 27.12
C ASN L 471 -27.87 22.05 27.33
N LEU L 472 -28.36 23.25 26.97
CA LEU L 472 -27.56 24.46 27.12
C LEU L 472 -27.25 24.79 28.57
N ASN L 473 -27.98 24.19 29.51
CA ASN L 473 -27.76 24.46 30.92
C ASN L 473 -26.57 23.68 31.45
N ARG L 474 -26.39 22.43 31.02
CA ARG L 474 -25.34 21.58 31.52
C ARG L 474 -24.06 21.60 30.69
N GLN L 475 -24.11 22.15 29.49
CA GLN L 475 -22.95 22.25 28.60
C GLN L 475 -22.70 23.73 28.31
N PHE L 476 -21.65 24.29 28.91
CA PHE L 476 -21.44 25.73 28.84
C PHE L 476 -20.68 26.17 27.60
N LEU L 477 -20.08 25.26 26.84
CA LEU L 477 -19.40 25.63 25.60
C LEU L 477 -20.37 25.88 24.46
N PHE L 478 -21.63 25.47 24.58
CA PHE L 478 -22.60 25.60 23.52
C PHE L 478 -23.52 26.79 23.77
N ARG L 479 -23.95 27.41 22.68
CA ARG L 479 -24.83 28.57 22.67
C ARG L 479 -26.10 28.24 21.91
N PRO L 480 -27.16 29.05 22.07
CA PRO L 480 -28.39 28.79 21.31
C PRO L 480 -28.17 28.75 19.81
N LYS L 481 -27.15 29.44 19.30
CA LYS L 481 -26.89 29.42 17.87
C LYS L 481 -26.39 28.06 17.39
N ASP L 482 -25.92 27.20 18.30
CA ASP L 482 -25.30 25.94 17.91
C ASP L 482 -26.22 24.73 18.05
N VAL L 483 -27.47 24.91 18.48
CA VAL L 483 -28.37 23.77 18.64
C VAL L 483 -28.63 23.14 17.27
N GLY L 484 -28.45 21.82 17.19
CA GLY L 484 -28.57 21.09 15.96
C GLY L 484 -27.24 20.63 15.38
N LYS L 485 -26.15 21.30 15.74
CA LYS L 485 -24.83 20.88 15.28
C LYS L 485 -24.28 19.77 16.15
N ASN L 486 -23.13 19.24 15.77
CA ASN L 486 -22.52 18.15 16.51
C ASN L 486 -21.81 18.68 17.75
N LYS L 487 -21.80 17.86 18.81
CA LYS L 487 -21.25 18.29 20.09
C LYS L 487 -19.74 18.48 20.00
N SER L 488 -19.02 17.49 19.48
CA SER L 488 -17.58 17.59 19.46
C SER L 488 -17.10 18.68 18.50
N GLU L 489 -17.81 18.90 17.40
CA GLU L 489 -17.38 19.91 16.44
C GLU L 489 -17.55 21.31 17.01
N VAL L 490 -18.67 21.57 17.71
CA VAL L 490 -18.89 22.89 18.26
C VAL L 490 -17.97 23.13 19.46
N ALA L 491 -17.78 22.11 20.30
CA ALA L 491 -16.87 22.25 21.43
C ALA L 491 -15.44 22.44 20.98
N ALA L 492 -15.09 21.91 19.80
CA ALA L 492 -13.75 22.11 19.27
C ALA L 492 -13.53 23.57 18.91
N GLU L 493 -14.47 24.16 18.16
CA GLU L 493 -14.38 25.57 17.81
C GLU L 493 -14.52 26.47 19.02
N ALA L 494 -15.13 25.98 20.11
CA ALA L 494 -15.31 26.81 21.28
C ALA L 494 -13.99 27.07 22.00
N VAL L 495 -13.16 26.04 22.15
CA VAL L 495 -11.90 26.23 22.87
C VAL L 495 -10.84 26.87 21.98
N CYS L 496 -10.94 26.70 20.65
CA CYS L 496 -10.00 27.39 19.78
C CYS L 496 -10.22 28.89 19.80
N ALA L 497 -11.44 29.34 20.09
CA ALA L 497 -11.67 30.77 20.27
C ALA L 497 -11.09 31.25 21.59
N MET L 498 -11.10 30.39 22.61
CA MET L 498 -10.49 30.74 23.88
C MET L 498 -8.98 30.78 23.79
N ASN L 499 -8.40 29.75 23.16
CA ASN L 499 -6.95 29.68 22.96
C ASN L 499 -6.68 29.36 21.50
N PRO L 500 -6.33 30.36 20.68
CA PRO L 500 -6.05 30.10 19.27
C PRO L 500 -4.85 29.18 19.03
N ASP L 501 -4.08 28.85 20.07
CA ASP L 501 -2.94 27.95 19.89
C ASP L 501 -3.39 26.55 19.48
N LEU L 502 -4.61 26.17 19.83
CA LEU L 502 -5.15 24.85 19.54
C LEU L 502 -5.78 24.73 18.16
N LYS L 503 -5.83 25.80 17.37
CA LYS L 503 -6.41 25.73 16.04
C LYS L 503 -5.60 24.76 15.17
N GLY L 504 -6.28 23.77 14.60
CA GLY L 504 -5.61 22.76 13.81
C GLY L 504 -4.99 21.62 14.60
N LYS L 505 -5.20 21.58 15.91
CA LYS L 505 -4.64 20.53 16.76
C LYS L 505 -5.72 19.67 17.40
N ILE L 506 -6.99 19.94 17.14
CA ILE L 506 -8.10 19.17 17.69
C ILE L 506 -8.79 18.43 16.56
N ASN L 507 -8.82 17.11 16.64
CA ASN L 507 -9.51 16.26 15.68
C ASN L 507 -10.87 15.91 16.28
N ALA L 508 -11.90 16.62 15.86
CA ALA L 508 -13.26 16.40 16.36
C ALA L 508 -13.96 15.37 15.48
N LYS L 509 -14.35 14.26 16.07
CA LYS L 509 -15.06 13.21 15.35
C LYS L 509 -16.47 13.06 15.91
N ILE L 510 -17.35 12.51 15.09
CA ILE L 510 -18.76 12.37 15.46
C ILE L 510 -19.13 10.89 15.48
N ASP L 511 -18.15 10.05 15.74
CA ASP L 511 -18.33 8.60 15.68
C ASP L 511 -18.49 8.03 17.09
N LYS L 512 -19.41 7.08 17.21
CA LYS L 512 -19.67 6.43 18.49
C LYS L 512 -18.58 5.42 18.79
N VAL L 513 -18.08 5.45 20.01
CA VAL L 513 -17.06 4.49 20.44
C VAL L 513 -17.73 3.18 20.81
N GLY L 514 -17.24 2.09 20.21
CA GLY L 514 -17.79 0.78 20.46
C GLY L 514 -17.23 -0.27 19.51
N PRO L 515 -17.67 -1.51 19.65
CA PRO L 515 -17.19 -2.57 18.74
C PRO L 515 -17.59 -2.35 17.29
N GLU L 516 -18.58 -1.50 17.03
CA GLU L 516 -19.00 -1.26 15.66
C GLU L 516 -18.01 -0.38 14.91
N THR L 517 -17.30 0.48 15.62
CA THR L 517 -16.40 1.44 14.99
C THR L 517 -14.94 1.16 15.31
N GLU L 518 -14.56 -0.12 15.33
CA GLU L 518 -13.17 -0.49 15.51
C GLU L 518 -12.35 -0.30 14.24
N GLU L 519 -13.01 -0.03 13.12
CA GLU L 519 -12.27 0.24 11.88
C GLU L 519 -11.71 1.66 11.88
N ILE L 520 -12.46 2.61 12.42
CA ILE L 520 -11.98 3.98 12.53
C ILE L 520 -10.95 4.09 13.64
N PHE L 521 -11.28 3.56 14.82
CA PHE L 521 -10.35 3.50 15.95
C PHE L 521 -9.61 2.18 15.93
N ASN L 522 -8.71 2.05 14.95
CA ASN L 522 -7.97 0.82 14.73
C ASN L 522 -6.77 0.75 15.68
N ASP L 523 -5.87 -0.21 15.43
CA ASP L 523 -4.71 -0.37 16.30
C ASP L 523 -3.77 0.82 16.19
N SER L 524 -3.62 1.37 14.97
CA SER L 524 -2.74 2.51 14.79
C SER L 524 -3.22 3.74 15.55
N PHE L 525 -4.54 3.90 15.70
CA PHE L 525 -5.07 5.04 16.41
C PHE L 525 -4.78 4.95 17.90
N TRP L 526 -5.06 3.78 18.50
CA TRP L 526 -4.91 3.64 19.95
C TRP L 526 -3.44 3.65 20.35
N GLU L 527 -2.57 2.98 19.58
CA GLU L 527 -1.17 2.87 19.95
C GLU L 527 -0.43 4.20 19.88
N SER L 528 -0.90 5.14 19.07
CA SER L 528 -0.27 6.45 18.98
C SER L 528 -0.67 7.38 20.12
N LEU L 529 -1.68 7.03 20.89
CA LEU L 529 -2.14 7.91 21.96
C LEU L 529 -1.27 7.79 23.21
N ASP L 530 -1.26 8.85 23.99
CA ASP L 530 -0.57 8.85 25.27
C ASP L 530 -1.47 8.35 26.40
N PHE L 531 -2.68 8.90 26.52
CA PHE L 531 -3.64 8.39 27.48
C PHE L 531 -5.04 8.80 27.03
N VAL L 532 -6.04 8.21 27.68
CA VAL L 532 -7.44 8.39 27.34
C VAL L 532 -8.18 8.95 28.54
N THR L 533 -9.11 9.87 28.27
CA THR L 533 -9.95 10.46 29.30
C THR L 533 -11.41 10.19 28.99
N ASN L 534 -12.13 9.64 29.96
CA ASN L 534 -13.53 9.28 29.77
C ASN L 534 -14.43 10.44 30.16
N ALA L 535 -15.39 10.76 29.29
CA ALA L 535 -16.42 11.75 29.57
C ALA L 535 -17.78 11.19 29.21
N LEU L 536 -18.03 9.94 29.58
CA LEU L 536 -19.24 9.22 29.23
C LEU L 536 -20.22 9.21 30.40
N ASP L 537 -21.45 8.75 30.12
CA ASP L 537 -22.52 8.71 31.10
C ASP L 537 -23.05 7.32 31.40
N ASN L 538 -22.84 6.34 30.53
CA ASN L 538 -23.35 4.98 30.72
C ASN L 538 -22.20 4.02 30.99
N VAL L 539 -22.52 2.93 31.68
CA VAL L 539 -21.49 1.97 32.08
C VAL L 539 -21.09 1.07 30.92
N ASP L 540 -22.01 0.84 29.96
CA ASP L 540 -21.68 -0.02 28.82
C ASP L 540 -20.56 0.59 27.98
N ALA L 541 -20.55 1.91 27.84
CA ALA L 541 -19.50 2.55 27.05
C ALA L 541 -18.21 2.72 27.84
N ARG L 542 -18.32 2.98 29.14
CA ARG L 542 -17.13 3.09 29.98
C ARG L 542 -16.35 1.78 29.98
N THR L 543 -17.05 0.65 30.10
CA THR L 543 -16.38 -0.64 30.16
C THR L 543 -15.66 -0.96 28.85
N TYR L 544 -16.25 -0.56 27.72
CA TYR L 544 -15.60 -0.83 26.44
C TYR L 544 -14.30 -0.04 26.33
N VAL L 545 -14.34 1.25 26.70
CA VAL L 545 -13.13 2.07 26.65
C VAL L 545 -12.11 1.57 27.66
N ASP L 546 -12.57 1.11 28.83
CA ASP L 546 -11.66 0.56 29.82
C ASP L 546 -10.98 -0.71 29.32
N ARG L 547 -11.75 -1.61 28.71
CA ARG L 547 -11.16 -2.83 28.17
C ARG L 547 -10.22 -2.53 27.01
N ARG L 548 -10.47 -1.45 26.26
CA ARG L 548 -9.54 -1.05 25.22
C ARG L 548 -8.22 -0.56 25.80
N CYS L 549 -8.29 0.24 26.87
CA CYS L 549 -7.08 0.75 27.50
C CYS L 549 -6.27 -0.38 28.12
N VAL L 550 -6.93 -1.40 28.66
CA VAL L 550 -6.20 -2.55 29.18
C VAL L 550 -5.51 -3.30 28.05
N PHE L 551 -6.17 -3.38 26.90
CA PHE L 551 -5.59 -4.10 25.77
C PHE L 551 -4.33 -3.40 25.25
N TYR L 552 -4.42 -2.09 25.04
CA TYR L 552 -3.32 -1.33 24.46
C TYR L 552 -2.34 -0.79 25.49
N ARG L 553 -2.57 -1.07 26.79
CA ARG L 553 -1.68 -0.62 27.86
C ARG L 553 -1.53 0.90 27.84
N LYS L 554 -2.65 1.60 27.85
CA LYS L 554 -2.67 3.05 27.90
C LYS L 554 -3.35 3.52 29.18
N PRO L 555 -2.88 4.61 29.77
CA PRO L 555 -3.54 5.13 30.97
C PRO L 555 -4.94 5.65 30.66
N LEU L 556 -5.81 5.56 31.65
CA LEU L 556 -7.19 5.98 31.52
C LEU L 556 -7.55 6.87 32.70
N LEU L 557 -8.11 8.04 32.41
CA LEU L 557 -8.58 8.96 33.44
C LEU L 557 -10.09 8.89 33.48
N GLU L 558 -10.62 8.24 34.52
CA GLU L 558 -12.05 8.03 34.67
C GLU L 558 -12.62 9.01 35.68
N SER L 559 -13.84 9.47 35.44
CA SER L 559 -14.51 10.39 36.34
C SER L 559 -16.02 10.23 36.20
N GLY L 560 -16.75 10.84 37.13
CA GLY L 560 -18.20 10.76 37.09
C GLY L 560 -18.86 11.45 38.27
N THR L 561 -20.05 12.04 38.04
CA THR L 561 -20.77 12.76 39.07
C THR L 561 -22.17 12.20 39.22
N LEU L 562 -22.73 12.37 40.41
CA LEU L 562 -24.11 11.98 40.71
C LEU L 562 -24.65 12.97 41.74
N GLY L 563 -25.29 14.02 41.25
CA GLY L 563 -25.78 15.06 42.15
C GLY L 563 -24.63 15.86 42.72
N THR L 564 -24.61 15.99 44.06
CA THR L 564 -23.51 16.65 44.73
C THR L 564 -22.34 15.72 45.00
N LYS L 565 -22.41 14.47 44.56
CA LYS L 565 -21.32 13.52 44.72
C LYS L 565 -20.55 13.39 43.41
N GLY L 566 -19.30 12.99 43.53
CA GLY L 566 -18.44 12.81 42.38
C GLY L 566 -17.20 12.02 42.77
N ASN L 567 -16.57 11.42 41.77
CA ASN L 567 -15.40 10.58 42.02
C ASN L 567 -14.47 10.61 40.81
N THR L 568 -13.20 10.31 41.09
CA THR L 568 -12.17 10.19 40.06
C THR L 568 -11.43 8.88 40.22
N GLN L 569 -10.94 8.34 39.11
CA GLN L 569 -10.23 7.08 39.11
C GLN L 569 -9.08 7.15 38.11
N VAL L 570 -7.91 6.72 38.54
CA VAL L 570 -6.71 6.69 37.69
C VAL L 570 -6.37 5.24 37.41
N ILE L 571 -6.14 4.93 36.14
CA ILE L 571 -5.81 3.58 35.71
C ILE L 571 -4.43 3.63 35.04
N ILE L 572 -3.45 3.00 35.66
CA ILE L 572 -2.07 2.98 35.18
C ILE L 572 -1.76 1.57 34.68
N PRO L 573 -1.22 1.42 33.47
CA PRO L 573 -0.89 0.08 32.97
C PRO L 573 0.19 -0.60 33.82
N ARG L 574 -0.03 -1.89 34.07
CA ARG L 574 0.85 -2.79 34.82
C ARG L 574 1.00 -2.40 36.29
N LEU L 575 0.31 -1.35 36.76
CA LEU L 575 0.45 -0.88 38.13
C LEU L 575 -0.83 -1.05 38.93
N THR L 576 -1.95 -0.50 38.46
CA THR L 576 -3.20 -0.50 39.18
C THR L 576 -4.25 -1.30 38.42
N GLU L 577 -5.37 -1.53 39.10
CA GLU L 577 -6.49 -2.20 38.46
C GLU L 577 -7.27 -1.22 37.60
N SER L 578 -8.08 -1.76 36.69
CA SER L 578 -8.83 -0.97 35.74
C SER L 578 -10.17 -0.54 36.33
N TYR L 579 -10.95 0.19 35.54
CA TYR L 579 -12.29 0.59 35.96
C TYR L 579 -13.28 -0.55 35.90
N SER L 580 -12.94 -1.65 35.23
CA SER L 580 -13.80 -2.82 35.18
C SER L 580 -13.62 -3.73 36.39
N SER L 581 -12.45 -3.67 37.02
CA SER L 581 -12.14 -4.51 38.17
C SER L 581 -12.61 -3.90 39.49
N SER L 582 -13.62 -3.03 39.44
CA SER L 582 -14.16 -2.43 40.66
C SER L 582 -15.68 -2.53 40.69
N PRO L 591 -34.41 -7.85 45.31
CA PRO L 591 -34.45 -8.16 43.87
C PRO L 591 -35.72 -7.64 43.21
N LEU L 592 -35.60 -7.01 42.04
CA LEU L 592 -36.78 -6.51 41.33
C LEU L 592 -37.40 -7.59 40.45
N CYS L 593 -37.57 -8.77 41.03
CA CYS L 593 -38.45 -9.79 40.48
C CYS L 593 -39.58 -10.10 41.45
N THR L 594 -39.26 -10.61 42.63
CA THR L 594 -40.27 -10.84 43.66
C THR L 594 -40.93 -9.53 44.07
N LEU L 595 -40.15 -8.44 44.12
CA LEU L 595 -40.67 -7.16 44.56
C LEU L 595 -41.74 -6.60 43.63
N ARG L 596 -41.79 -7.04 42.38
CA ARG L 596 -42.86 -6.58 41.52
C ARG L 596 -44.19 -7.16 41.95
N SER L 597 -44.19 -8.39 42.49
CA SER L 597 -45.41 -9.05 42.91
C SER L 597 -45.91 -8.52 44.24
N PHE L 598 -45.01 -8.31 45.20
CA PHE L 598 -45.37 -7.77 46.52
C PHE L 598 -44.60 -6.49 46.76
N PRO L 599 -45.15 -5.34 46.36
CA PRO L 599 -44.41 -4.08 46.49
C PRO L 599 -44.53 -3.50 47.89
N ASN L 600 -43.50 -2.72 48.25
CA ASN L 600 -43.53 -1.92 49.47
C ASN L 600 -43.04 -0.49 49.27
N LYS L 601 -42.47 -0.17 48.10
CA LYS L 601 -42.08 1.19 47.75
C LYS L 601 -42.63 1.48 46.36
N ILE L 602 -42.72 2.77 46.02
CA ILE L 602 -43.26 3.13 44.71
C ILE L 602 -42.34 2.68 43.59
N ASP L 603 -41.06 2.41 43.88
CA ASP L 603 -40.15 1.94 42.86
C ASP L 603 -40.59 0.59 42.29
N HIS L 604 -41.19 -0.25 43.13
CA HIS L 604 -41.62 -1.56 42.66
C HIS L 604 -42.87 -1.47 41.79
N THR L 605 -43.77 -0.52 42.10
CA THR L 605 -44.95 -0.37 41.27
C THR L 605 -44.62 0.27 39.93
N ILE L 606 -43.61 1.14 39.89
CA ILE L 606 -43.20 1.73 38.62
C ILE L 606 -42.56 0.66 37.74
N ALA L 607 -41.73 -0.20 38.31
CA ALA L 607 -41.17 -1.31 37.55
C ALA L 607 -42.27 -2.26 37.09
N TRP L 608 -43.33 -2.39 37.89
CA TRP L 608 -44.47 -3.19 37.46
C TRP L 608 -45.25 -2.48 36.36
N ALA L 609 -45.44 -1.16 36.49
CA ALA L 609 -46.15 -0.41 35.46
C ALA L 609 -45.31 -0.30 34.20
N LYS L 610 -43.99 -0.16 34.36
CA LYS L 610 -43.13 -0.09 33.19
C LYS L 610 -43.15 -1.41 32.42
N SER L 611 -43.26 -2.54 33.13
CA SER L 611 -43.34 -3.83 32.47
C SER L 611 -44.71 -4.04 31.82
N LEU L 612 -45.78 -3.55 32.47
CA LEU L 612 -47.10 -3.61 31.88
C LEU L 612 -47.17 -2.73 30.63
N PHE L 613 -46.51 -1.57 30.67
CA PHE L 613 -46.43 -0.72 29.49
C PHE L 613 -45.70 -1.41 28.36
N GLN L 614 -44.77 -2.31 28.67
CA GLN L 614 -44.03 -3.02 27.64
C GLN L 614 -44.91 -4.08 26.97
N GLY L 615 -45.62 -4.87 27.78
CA GLY L 615 -46.49 -5.89 27.23
C GLY L 615 -47.74 -5.37 26.54
N TYR L 616 -48.15 -4.14 26.88
CA TYR L 616 -49.37 -3.60 26.29
C TYR L 616 -49.12 -3.06 24.89
N PHE L 617 -48.13 -2.18 24.74
CA PHE L 617 -47.96 -1.41 23.51
C PHE L 617 -46.67 -1.69 22.76
N THR L 618 -45.81 -2.58 23.24
CA THR L 618 -44.57 -2.91 22.55
C THR L 618 -44.48 -4.37 22.16
N ASP L 619 -44.74 -5.28 23.09
CA ASP L 619 -44.63 -6.71 22.79
C ASP L 619 -45.85 -7.23 22.02
N SER L 620 -47.03 -6.69 22.31
CA SER L 620 -48.22 -7.15 21.59
C SER L 620 -48.14 -6.78 20.11
N ALA L 621 -47.56 -5.61 19.81
CA ALA L 621 -47.49 -5.18 18.41
C ALA L 621 -46.44 -5.97 17.65
N GLU L 622 -45.29 -6.26 18.27
CA GLU L 622 -44.25 -7.01 17.59
C GLU L 622 -44.66 -8.45 17.35
N ASN L 623 -45.54 -8.99 18.20
CA ASN L 623 -46.03 -10.36 17.97
C ASN L 623 -47.01 -10.39 16.81
N VAL L 624 -47.88 -9.39 16.71
CA VAL L 624 -48.82 -9.34 15.60
C VAL L 624 -48.10 -9.03 14.30
N ASN L 625 -47.11 -8.13 14.35
CA ASN L 625 -46.37 -7.77 13.15
C ASN L 625 -45.57 -8.94 12.62
N MET L 626 -45.12 -9.84 13.49
CA MET L 626 -44.36 -11.00 13.05
C MET L 626 -45.25 -12.18 12.67
N TYR L 627 -46.38 -12.36 13.37
CA TYR L 627 -47.32 -13.42 13.01
C TYR L 627 -47.92 -13.19 11.64
N LEU L 628 -48.03 -11.93 11.21
CA LEU L 628 -48.62 -11.60 9.93
C LEU L 628 -47.61 -11.60 8.80
N THR L 629 -46.34 -11.33 9.09
CA THR L 629 -45.30 -11.26 8.06
C THR L 629 -44.44 -12.51 7.96
N GLN L 630 -44.42 -13.36 8.98
CA GLN L 630 -43.65 -14.60 8.95
C GLN L 630 -44.61 -15.79 8.99
N PRO L 631 -44.65 -16.61 7.94
CA PRO L 631 -45.62 -17.73 7.94
C PRO L 631 -45.31 -18.80 8.96
N ASN L 632 -44.03 -19.13 9.16
CA ASN L 632 -43.64 -20.17 10.10
C ASN L 632 -43.58 -19.69 11.54
N PHE L 633 -44.16 -18.53 11.85
CA PHE L 633 -44.09 -18.00 13.20
C PHE L 633 -44.76 -18.94 14.20
N VAL L 634 -45.84 -19.59 13.79
CA VAL L 634 -46.53 -20.54 14.67
C VAL L 634 -45.64 -21.73 14.97
N GLU L 635 -44.99 -22.29 13.94
CA GLU L 635 -44.11 -23.44 14.14
C GLU L 635 -42.81 -23.04 14.85
N GLN L 636 -42.33 -21.82 14.63
CA GLN L 636 -41.08 -21.40 15.26
C GLN L 636 -41.27 -21.12 16.75
N THR L 637 -42.42 -20.56 17.13
CA THR L 637 -42.65 -20.22 18.52
C THR L 637 -42.77 -21.45 19.40
N LEU L 638 -43.24 -22.57 18.84
CA LEU L 638 -43.39 -23.79 19.63
C LEU L 638 -42.07 -24.37 20.10
N LYS L 639 -40.93 -23.91 19.56
CA LYS L 639 -39.64 -24.39 20.02
C LYS L 639 -39.21 -23.63 21.27
N ASP L 643 -42.50 -19.19 26.25
CA ASP L 643 -43.82 -18.77 26.68
C ASP L 643 -44.80 -18.81 25.51
N VAL L 644 -45.23 -20.02 25.14
CA VAL L 644 -46.13 -20.18 24.00
C VAL L 644 -47.54 -19.70 24.37
N LYS L 645 -48.01 -20.08 25.56
CA LYS L 645 -49.37 -19.72 25.97
C LYS L 645 -49.54 -18.21 26.04
N GLY L 646 -48.54 -17.49 26.56
CA GLY L 646 -48.65 -16.05 26.69
C GLY L 646 -48.48 -15.32 25.38
N VAL L 647 -47.66 -15.84 24.47
CA VAL L 647 -47.50 -15.19 23.17
C VAL L 647 -48.72 -15.43 22.29
N LEU L 648 -49.24 -16.65 22.29
CA LEU L 648 -50.45 -16.92 21.51
C LEU L 648 -51.65 -16.18 22.06
N GLU L 649 -51.72 -16.02 23.38
CA GLU L 649 -52.81 -15.26 23.97
C GLU L 649 -52.74 -13.80 23.56
N SER L 650 -51.52 -13.26 23.44
CA SER L 650 -51.36 -11.85 23.08
C SER L 650 -51.80 -11.58 21.65
N ILE L 651 -51.52 -12.50 20.73
CA ILE L 651 -51.93 -12.28 19.34
C ILE L 651 -53.43 -12.51 19.20
N SER L 652 -54.01 -13.40 20.01
CA SER L 652 -55.44 -13.64 19.93
C SER L 652 -56.24 -12.45 20.45
N ASP L 653 -55.81 -11.87 21.57
CA ASP L 653 -56.53 -10.73 22.12
C ASP L 653 -56.29 -9.47 21.30
N SER L 654 -55.16 -9.38 20.62
CA SER L 654 -54.87 -8.20 19.82
C SER L 654 -55.68 -8.17 18.52
N LEU L 655 -56.26 -9.31 18.12
CA LEU L 655 -57.08 -9.38 16.93
C LEU L 655 -58.54 -9.69 17.24
N SER L 656 -58.89 -9.87 18.51
CA SER L 656 -60.27 -10.10 18.93
C SER L 656 -60.95 -8.78 19.28
N SER L 657 -60.36 -8.04 20.22
CA SER L 657 -60.89 -6.74 20.61
C SER L 657 -60.20 -5.63 19.80
N LYS L 658 -60.32 -5.75 18.48
CA LYS L 658 -59.74 -4.77 17.59
C LYS L 658 -60.56 -3.48 17.66
N PRO L 659 -59.98 -2.36 18.08
CA PRO L 659 -60.76 -1.12 18.17
C PRO L 659 -61.02 -0.50 16.81
N HIS L 660 -62.15 0.19 16.72
CA HIS L 660 -62.56 0.85 15.49
C HIS L 660 -62.44 2.37 15.57
N ASN L 661 -62.89 2.98 16.66
CA ASN L 661 -62.77 4.41 16.89
C ASN L 661 -62.08 4.63 18.23
N PHE L 662 -61.89 5.91 18.58
CA PHE L 662 -61.26 6.23 19.85
C PHE L 662 -62.14 5.88 21.05
N GLU L 663 -63.44 5.76 20.85
CA GLU L 663 -64.33 5.40 21.96
C GLU L 663 -64.10 3.96 22.40
N ASP L 664 -63.69 3.08 21.48
CA ASP L 664 -63.39 1.70 21.85
C ASP L 664 -62.11 1.60 22.64
N CYS L 665 -61.15 2.50 22.40
CA CYS L 665 -59.91 2.48 23.17
C CYS L 665 -60.15 2.90 24.61
N ILE L 666 -61.07 3.85 24.82
CA ILE L 666 -61.40 4.24 26.18
C ILE L 666 -62.05 3.08 26.92
N LYS L 667 -62.89 2.32 26.21
CA LYS L 667 -63.53 1.16 26.85
C LYS L 667 -62.48 0.10 27.21
N TRP L 668 -61.49 -0.10 26.36
CA TRP L 668 -60.48 -1.11 26.64
C TRP L 668 -59.63 -0.73 27.84
N ALA L 669 -59.27 0.56 27.96
CA ALA L 669 -58.46 0.99 29.09
C ALA L 669 -59.27 0.92 30.39
N ARG L 670 -60.56 1.23 30.33
CA ARG L 670 -61.40 1.11 31.52
C ARG L 670 -61.55 -0.34 31.94
N LEU L 671 -61.63 -1.25 30.97
CA LEU L 671 -61.72 -2.67 31.31
C LEU L 671 -60.40 -3.19 31.86
N GLU L 672 -59.27 -2.72 31.33
CA GLU L 672 -57.97 -3.14 31.87
C GLU L 672 -57.77 -2.60 33.27
N PHE L 673 -58.32 -1.42 33.58
CA PHE L 673 -58.27 -0.90 34.93
C PHE L 673 -58.97 -1.83 35.90
N GLU L 674 -60.16 -2.32 35.51
CA GLU L 674 -60.89 -3.23 36.37
C GLU L 674 -60.20 -4.57 36.47
N LYS L 675 -59.46 -4.98 35.44
CA LYS L 675 -58.76 -6.25 35.49
C LYS L 675 -57.54 -6.17 36.40
N LYS L 676 -56.70 -5.15 36.20
CA LYS L 676 -55.43 -5.10 36.92
C LYS L 676 -55.59 -4.61 38.35
N PHE L 677 -56.59 -3.78 38.63
CA PHE L 677 -56.72 -3.16 39.94
C PHE L 677 -57.98 -3.54 40.71
N ASN L 678 -58.95 -4.21 40.07
CA ASN L 678 -60.15 -4.63 40.78
C ASN L 678 -60.33 -6.13 40.79
N HIS L 679 -60.28 -6.79 39.62
CA HIS L 679 -60.52 -8.22 39.56
C HIS L 679 -59.33 -9.02 40.07
N ASP L 680 -58.12 -8.75 39.56
CA ASP L 680 -56.96 -9.51 39.98
C ASP L 680 -56.67 -9.35 41.46
N ILE L 681 -57.05 -8.21 42.05
CA ILE L 681 -56.87 -8.02 43.48
C ILE L 681 -57.90 -8.84 44.25
N LYS L 682 -59.13 -8.92 43.75
CA LYS L 682 -60.15 -9.73 44.40
C LYS L 682 -59.82 -11.22 44.29
N GLN L 683 -59.27 -11.65 43.15
CA GLN L 683 -58.89 -13.04 42.99
C GLN L 683 -57.76 -13.41 43.95
N LEU L 684 -56.80 -12.51 44.14
CA LEU L 684 -55.73 -12.75 45.10
C LEU L 684 -56.26 -12.77 46.53
N LEU L 685 -57.15 -11.82 46.86
CA LEU L 685 -57.74 -11.78 48.18
C LEU L 685 -58.69 -12.94 48.43
N PHE L 686 -59.18 -13.59 47.37
CA PHE L 686 -60.04 -14.75 47.54
C PHE L 686 -59.21 -15.96 47.99
N ASN L 687 -58.05 -16.17 47.37
CA ASN L 687 -57.20 -17.30 47.76
C ASN L 687 -56.51 -17.04 49.09
N PHE L 688 -56.03 -15.81 49.31
CA PHE L 688 -55.37 -15.42 50.55
C PHE L 688 -56.08 -14.20 51.13
N PRO L 689 -57.06 -14.39 52.01
CA PRO L 689 -57.77 -13.25 52.60
C PRO L 689 -56.84 -12.43 53.49
N LYS L 690 -57.36 -11.28 53.92
CA LYS L 690 -56.60 -10.40 54.80
C LYS L 690 -56.25 -11.07 56.13
N ASP L 691 -57.03 -12.07 56.54
CA ASP L 691 -56.78 -12.77 57.80
C ASP L 691 -56.15 -14.14 57.58
N ALA L 692 -55.66 -14.42 56.36
CA ALA L 692 -55.09 -15.73 56.07
C ALA L 692 -53.83 -15.98 56.90
N LYS L 693 -53.58 -17.26 57.16
CA LYS L 693 -52.45 -17.68 57.97
C LYS L 693 -51.68 -18.77 57.24
N THR L 694 -50.37 -18.84 57.48
CA THR L 694 -49.52 -19.78 56.79
C THR L 694 -49.48 -21.12 57.51
N SER L 695 -48.54 -21.98 57.10
CA SER L 695 -48.42 -23.30 57.71
C SER L 695 -48.03 -23.19 59.18
N ASN L 696 -47.06 -22.33 59.50
CA ASN L 696 -46.57 -22.18 60.87
C ASN L 696 -47.54 -21.43 61.77
N GLY L 697 -48.70 -21.01 61.25
CA GLY L 697 -49.65 -20.25 62.02
C GLY L 697 -49.41 -18.76 62.03
N GLU L 698 -48.41 -18.28 61.30
CA GLU L 698 -48.10 -16.87 61.21
C GLU L 698 -49.00 -16.20 60.16
N PRO L 699 -49.35 -14.93 60.37
CA PRO L 699 -50.19 -14.24 59.39
C PRO L 699 -49.50 -14.14 58.04
N PHE L 700 -50.26 -14.45 56.98
CA PHE L 700 -49.70 -14.42 55.63
C PHE L 700 -49.30 -13.00 55.24
N TRP L 701 -50.17 -12.02 55.49
CA TRP L 701 -49.90 -10.63 55.15
C TRP L 701 -49.21 -9.96 56.34
N SER L 702 -47.88 -10.02 56.35
CA SER L 702 -47.11 -9.41 57.42
C SER L 702 -45.71 -9.09 56.90
N GLY L 703 -45.13 -8.04 57.49
CA GLY L 703 -43.80 -7.60 57.10
C GLY L 703 -43.74 -6.95 55.74
N ALA L 704 -42.93 -7.50 54.84
CA ALA L 704 -42.78 -6.94 53.51
C ALA L 704 -44.01 -7.12 52.64
N LYS L 705 -44.96 -7.95 53.04
CA LYS L 705 -46.17 -8.19 52.28
C LYS L 705 -47.28 -7.31 52.82
N ARG L 706 -47.97 -6.61 51.92
CA ARG L 706 -49.04 -5.70 52.29
C ARG L 706 -50.33 -6.20 51.67
N ALA L 707 -51.35 -6.40 52.50
CA ALA L 707 -52.63 -6.90 52.00
C ALA L 707 -53.26 -5.85 51.09
N PRO L 708 -53.46 -6.15 49.81
CA PRO L 708 -54.02 -5.15 48.89
C PRO L 708 -55.51 -4.98 49.09
N THR L 709 -56.06 -3.98 48.39
CA THR L 709 -57.48 -3.72 48.41
C THR L 709 -57.94 -3.36 47.00
N PRO L 710 -59.10 -3.87 46.57
CA PRO L 710 -59.57 -3.59 45.21
C PRO L 710 -59.97 -2.13 45.03
N LEU L 711 -59.69 -1.60 43.86
CA LEU L 711 -60.00 -0.21 43.54
C LEU L 711 -61.39 -0.09 42.92
N GLU L 712 -62.15 0.90 43.40
CA GLU L 712 -63.39 1.29 42.76
C GLU L 712 -63.09 2.49 41.86
N PHE L 713 -63.27 2.32 40.55
CA PHE L 713 -62.90 3.35 39.60
C PHE L 713 -63.63 4.65 39.88
N ASP L 714 -62.88 5.74 39.95
CA ASP L 714 -63.41 7.09 40.14
C ASP L 714 -62.75 7.97 39.10
N ILE L 715 -63.53 8.46 38.14
CA ILE L 715 -62.96 9.30 37.08
C ILE L 715 -62.41 10.60 37.63
N TYR L 716 -62.88 11.01 38.81
CA TYR L 716 -62.37 12.23 39.44
C TYR L 716 -61.06 12.01 40.15
N ASN L 717 -60.69 10.76 40.41
CA ASN L 717 -59.33 10.45 40.86
C ASN L 717 -58.37 10.69 39.72
N ASN L 718 -57.34 11.51 39.97
CA ASN L 718 -56.45 11.93 38.90
C ASN L 718 -55.66 10.76 38.33
N ASP L 719 -55.39 9.74 39.14
CA ASP L 719 -54.62 8.59 38.64
C ASP L 719 -55.49 7.63 37.85
N HIS L 720 -56.75 7.47 38.25
CA HIS L 720 -57.66 6.62 37.50
C HIS L 720 -58.02 7.26 36.16
N PHE L 721 -58.18 8.59 36.14
CA PHE L 721 -58.54 9.27 34.91
C PHE L 721 -57.41 9.19 33.89
N HIS L 722 -56.18 9.46 34.31
CA HIS L 722 -55.07 9.45 33.37
C HIS L 722 -54.67 8.04 32.96
N PHE L 723 -54.99 7.03 33.76
CA PHE L 723 -54.74 5.66 33.31
C PHE L 723 -55.57 5.32 32.08
N VAL L 724 -56.79 5.86 32.00
CA VAL L 724 -57.64 5.63 30.83
C VAL L 724 -57.20 6.51 29.68
N VAL L 725 -56.88 7.77 29.95
CA VAL L 725 -56.48 8.69 28.88
C VAL L 725 -55.21 8.19 28.22
N ALA L 726 -54.20 7.87 29.02
CA ALA L 726 -52.94 7.40 28.45
C ALA L 726 -53.10 6.00 27.87
N GLY L 727 -53.89 5.14 28.52
CA GLY L 727 -54.10 3.82 27.99
C GLY L 727 -54.81 3.84 26.65
N ALA L 728 -55.82 4.69 26.52
CA ALA L 728 -56.52 4.80 25.24
C ALA L 728 -55.63 5.43 24.18
N SER L 729 -54.92 6.51 24.53
CA SER L 729 -54.09 7.18 23.53
C SER L 729 -52.96 6.29 23.05
N LEU L 730 -52.45 5.42 23.91
CA LEU L 730 -51.37 4.54 23.49
C LEU L 730 -51.88 3.36 22.68
N ARG L 731 -53.04 2.78 23.07
CA ARG L 731 -53.62 1.72 22.26
C ARG L 731 -54.07 2.23 20.90
N ALA L 732 -54.63 3.44 20.85
CA ALA L 732 -55.01 4.02 19.56
C ALA L 732 -53.78 4.23 18.67
N TYR L 733 -52.61 4.46 19.28
CA TYR L 733 -51.40 4.60 18.48
C TYR L 733 -50.98 3.26 17.88
N ASN L 734 -51.23 2.15 18.58
CA ASN L 734 -50.89 0.84 18.06
C ASN L 734 -51.73 0.49 16.84
N TYR L 735 -53.04 0.75 16.90
CA TYR L 735 -53.96 0.40 15.82
C TYR L 735 -54.16 1.53 14.82
N GLY L 736 -53.42 2.62 14.95
CA GLY L 736 -53.50 3.70 13.97
C GLY L 736 -54.79 4.50 14.04
N ILE L 737 -55.39 4.61 15.21
CA ILE L 737 -56.63 5.36 15.40
C ILE L 737 -56.31 6.73 15.95
N LYS L 738 -56.89 7.75 15.32
CA LYS L 738 -56.75 9.13 15.79
C LYS L 738 -58.13 9.67 16.15
N SER L 739 -58.14 10.76 16.91
CA SER L 739 -59.37 11.30 17.45
C SER L 739 -59.40 12.81 17.28
N ASP L 740 -60.57 13.39 17.52
CA ASP L 740 -60.72 14.83 17.63
C ASP L 740 -60.41 15.33 19.04
N ASP L 741 -60.08 14.43 19.96
CA ASP L 741 -59.76 14.83 21.32
C ASP L 741 -58.49 15.66 21.33
N SER L 742 -58.45 16.64 22.25
CA SER L 742 -57.29 17.50 22.39
C SER L 742 -56.19 16.80 23.16
N ASN L 743 -54.99 16.75 22.59
CA ASN L 743 -53.84 16.26 23.33
C ASN L 743 -53.45 17.28 24.39
N SER L 744 -52.96 16.77 25.52
CA SER L 744 -52.50 17.55 26.67
C SER L 744 -53.62 18.27 27.41
N LYS L 745 -54.86 18.17 26.94
CA LYS L 745 -56.02 18.76 27.63
C LYS L 745 -57.20 17.82 27.50
N PRO L 746 -57.16 16.69 28.20
CA PRO L 746 -58.29 15.75 28.13
C PRO L 746 -59.45 16.23 28.98
N ASN L 747 -60.66 15.93 28.50
CA ASN L 747 -61.89 16.35 29.18
C ASN L 747 -62.49 15.19 29.95
N VAL L 748 -62.83 15.45 31.22
CA VAL L 748 -63.32 14.38 32.10
C VAL L 748 -64.73 13.97 31.69
N ASP L 749 -65.59 14.94 31.35
CA ASP L 749 -66.97 14.63 31.04
C ASP L 749 -67.08 13.77 29.78
N GLU L 750 -66.20 13.98 28.81
CA GLU L 750 -66.21 13.16 27.61
C GLU L 750 -65.80 11.72 27.93
N TYR L 751 -64.73 11.54 28.71
CA TYR L 751 -64.35 10.20 29.13
C TYR L 751 -65.36 9.60 30.10
N LYS L 752 -66.09 10.44 30.83
CA LYS L 752 -67.05 9.92 31.79
C LYS L 752 -68.30 9.38 31.09
N SER L 753 -68.78 10.07 30.06
CA SER L 753 -69.94 9.61 29.33
C SER L 753 -69.65 8.30 28.61
N VAL L 754 -68.39 8.05 28.26
CA VAL L 754 -68.03 6.80 27.62
C VAL L 754 -68.00 5.66 28.63
N ILE L 755 -67.56 5.95 29.86
CA ILE L 755 -67.44 4.91 30.87
C ILE L 755 -68.77 4.65 31.57
N ASP L 756 -69.55 5.70 31.82
CA ASP L 756 -70.83 5.54 32.50
C ASP L 756 -71.84 4.77 31.67
N HIS L 757 -71.62 4.66 30.35
CA HIS L 757 -72.48 3.90 29.46
C HIS L 757 -71.95 2.49 29.23
N MET L 758 -70.91 2.09 29.94
CA MET L 758 -70.33 0.76 29.81
C MET L 758 -70.99 -0.22 30.77
N ILE L 759 -70.90 -1.49 30.42
CA ILE L 759 -71.32 -2.59 31.30
C ILE L 759 -70.05 -3.28 31.77
N ILE L 760 -69.75 -3.16 33.05
CA ILE L 760 -68.54 -3.72 33.64
C ILE L 760 -68.86 -5.11 34.18
N PRO L 761 -68.21 -6.17 33.71
CA PRO L 761 -68.52 -7.50 34.23
C PRO L 761 -68.19 -7.59 35.71
N GLU L 762 -69.01 -8.36 36.43
CA GLU L 762 -68.77 -8.55 37.85
C GLU L 762 -67.63 -9.53 38.07
N PHE L 763 -67.21 -9.65 39.31
CA PHE L 763 -66.11 -10.54 39.68
C PHE L 763 -66.67 -11.87 40.17
N THR L 764 -66.12 -12.97 39.65
CA THR L 764 -66.46 -14.31 40.12
C THR L 764 -65.16 -15.07 40.34
N PRO L 765 -64.98 -15.69 41.51
CA PRO L 765 -63.72 -16.42 41.76
C PRO L 765 -63.56 -17.60 40.82
N ASN L 766 -62.30 -17.86 40.44
CA ASN L 766 -62.00 -18.94 39.52
C ASN L 766 -61.35 -20.11 40.27
N GLU L 790 -56.16 -28.43 24.70
CA GLU L 790 -54.95 -27.88 25.30
C GLU L 790 -54.56 -26.56 24.64
N ILE L 791 -53.27 -26.37 24.41
CA ILE L 791 -52.81 -25.17 23.72
C ILE L 791 -53.14 -25.24 22.24
N ASP L 792 -53.45 -26.42 21.72
CA ASP L 792 -53.84 -26.53 20.31
C ASP L 792 -55.18 -25.86 20.05
N GLN L 793 -55.99 -25.62 21.09
CA GLN L 793 -57.21 -24.87 20.93
C GLN L 793 -56.93 -23.39 20.68
N LEU L 794 -55.85 -22.87 21.30
CA LEU L 794 -55.52 -21.45 21.13
C LEU L 794 -55.02 -21.17 19.71
N VAL L 795 -54.19 -22.06 19.17
CA VAL L 795 -53.62 -21.83 17.84
C VAL L 795 -54.65 -21.91 16.73
N SER L 796 -55.83 -22.46 17.00
CA SER L 796 -56.87 -22.55 15.99
C SER L 796 -57.81 -21.36 15.97
N SER L 797 -57.84 -20.56 17.04
CA SER L 797 -58.69 -19.38 17.07
C SER L 797 -58.08 -18.19 16.35
N LEU L 798 -56.78 -18.21 16.09
CA LEU L 798 -56.14 -17.10 15.39
C LEU L 798 -56.53 -17.12 13.93
N PRO L 799 -56.92 -15.99 13.34
CA PRO L 799 -57.17 -15.97 11.90
C PRO L 799 -55.86 -16.09 11.14
N ASP L 800 -55.98 -16.45 9.87
CA ASP L 800 -54.79 -16.62 9.05
C ASP L 800 -54.23 -15.27 8.62
N PRO L 801 -52.91 -15.17 8.43
CA PRO L 801 -52.31 -13.89 8.00
C PRO L 801 -52.86 -13.36 6.68
N SER L 802 -53.41 -14.23 5.82
CA SER L 802 -54.00 -13.75 4.58
C SER L 802 -55.30 -12.97 4.81
N THR L 803 -55.98 -13.19 5.93
CA THR L 803 -57.19 -12.42 6.24
C THR L 803 -56.85 -10.95 6.46
N LEU L 804 -55.82 -10.69 7.26
CA LEU L 804 -55.40 -9.32 7.55
C LEU L 804 -54.21 -9.00 6.66
N ALA L 805 -54.51 -8.65 5.40
CA ALA L 805 -53.49 -8.33 4.42
C ALA L 805 -53.04 -6.89 4.60
N GLY L 806 -51.75 -6.70 4.88
CA GLY L 806 -51.22 -5.37 5.07
C GLY L 806 -51.53 -4.73 6.40
N PHE L 807 -52.21 -5.44 7.30
CA PHE L 807 -52.51 -4.89 8.61
C PHE L 807 -51.22 -4.76 9.42
N LYS L 808 -50.93 -3.54 9.87
CA LYS L 808 -49.70 -3.26 10.59
C LYS L 808 -50.03 -2.55 11.89
N LEU L 809 -49.47 -3.05 12.99
CA LEU L 809 -49.53 -2.39 14.28
C LEU L 809 -48.26 -1.60 14.49
N GLU L 810 -48.39 -0.40 15.06
CA GLU L 810 -47.23 0.46 15.29
C GLU L 810 -46.75 0.26 16.71
N PRO L 811 -45.61 -0.41 16.93
CA PRO L 811 -45.12 -0.59 18.29
C PRO L 811 -44.64 0.72 18.90
N VAL L 812 -44.86 0.84 20.21
CA VAL L 812 -44.49 2.06 20.94
C VAL L 812 -43.05 1.92 21.43
N ASP L 813 -42.22 2.87 21.04
CA ASP L 813 -40.82 2.94 21.48
C ASP L 813 -40.76 3.90 22.68
N PHE L 814 -40.39 3.37 23.84
CA PHE L 814 -40.43 4.16 25.08
C PHE L 814 -39.47 5.35 24.99
N GLU L 815 -40.01 6.55 25.22
CA GLU L 815 -39.23 7.78 25.23
C GLU L 815 -39.54 8.55 26.50
N LYS L 816 -38.54 8.73 27.36
CA LYS L 816 -38.76 9.34 28.66
C LYS L 816 -38.78 10.87 28.60
N ASP L 817 -38.15 11.48 27.60
CA ASP L 817 -37.97 12.92 27.55
C ASP L 817 -39.09 13.66 26.84
N ASP L 818 -40.01 12.96 26.19
CA ASP L 818 -41.15 13.59 25.54
C ASP L 818 -42.32 13.62 26.51
N ASP L 819 -42.85 14.81 26.75
CA ASP L 819 -43.93 15.01 27.71
C ASP L 819 -45.31 15.04 27.07
N THR L 820 -45.39 14.75 25.78
CA THR L 820 -46.66 14.74 25.08
C THR L 820 -47.04 13.39 24.50
N ASN L 821 -46.17 12.38 24.59
CA ASN L 821 -46.45 11.06 24.03
C ASN L 821 -47.20 10.14 24.99
N HIS L 822 -47.62 10.63 26.15
CA HIS L 822 -48.35 9.87 27.16
C HIS L 822 -47.54 8.68 27.70
N HIS L 823 -46.23 8.68 27.52
CA HIS L 823 -45.40 7.59 28.04
C HIS L 823 -45.22 7.72 29.55
N ILE L 824 -44.74 8.87 30.01
CA ILE L 824 -44.63 9.08 31.45
C ILE L 824 -46.02 9.19 32.07
N GLU L 825 -46.99 9.72 31.31
CA GLU L 825 -48.35 9.83 31.82
C GLU L 825 -48.95 8.48 32.16
N PHE L 826 -48.67 7.46 31.34
CA PHE L 826 -49.21 6.13 31.59
C PHE L 826 -48.52 5.48 32.79
N ILE L 827 -47.18 5.46 32.79
CA ILE L 827 -46.44 4.78 33.84
C ILE L 827 -46.74 5.41 35.19
N THR L 828 -46.86 6.74 35.22
CA THR L 828 -47.20 7.41 36.47
C THR L 828 -48.57 6.99 36.96
N ALA L 829 -49.58 7.06 36.08
CA ALA L 829 -50.92 6.71 36.51
C ALA L 829 -51.02 5.22 36.85
N CYS L 830 -50.42 4.37 36.03
CA CYS L 830 -50.51 2.94 36.27
C CYS L 830 -49.81 2.53 37.55
N SER L 831 -48.66 3.14 37.83
CA SER L 831 -47.93 2.80 39.06
C SER L 831 -48.70 3.26 40.28
N ASN L 832 -49.28 4.46 40.24
CA ASN L 832 -49.98 4.98 41.40
C ASN L 832 -51.25 4.21 41.71
N CYS L 833 -51.88 3.65 40.68
CA CYS L 833 -53.07 2.83 40.90
C CYS L 833 -52.72 1.57 41.67
N ARG L 834 -51.64 0.89 41.27
CA ARG L 834 -51.17 -0.26 42.05
C ARG L 834 -50.64 0.17 43.40
N ALA L 835 -50.12 1.39 43.50
CA ALA L 835 -49.74 1.92 44.80
C ALA L 835 -50.96 2.09 45.69
N GLN L 836 -52.09 2.53 45.11
CA GLN L 836 -53.30 2.63 45.89
C GLN L 836 -53.80 1.25 46.31
N ASN L 837 -53.47 0.21 45.53
CA ASN L 837 -53.85 -1.14 45.91
C ASN L 837 -53.12 -1.57 47.17
N TYR L 838 -51.79 -1.45 47.18
CA TYR L 838 -50.98 -1.91 48.28
C TYR L 838 -50.66 -0.81 49.29
N PHE L 839 -51.46 0.25 49.31
CA PHE L 839 -51.32 1.33 50.29
C PHE L 839 -49.94 1.97 50.25
N ILE L 840 -49.43 2.21 49.05
CA ILE L 840 -48.16 2.89 48.83
C ILE L 840 -48.45 4.33 48.41
N GLU L 841 -47.70 5.28 48.95
CA GLU L 841 -47.90 6.68 48.64
C GLU L 841 -47.60 6.96 47.18
N THR L 842 -48.49 7.68 46.52
CA THR L 842 -48.33 7.95 45.09
C THR L 842 -47.21 8.97 44.86
N ALA L 843 -46.77 9.05 43.59
CA ALA L 843 -45.72 9.96 43.17
C ALA L 843 -46.15 10.70 41.92
N ASP L 844 -45.62 11.90 41.73
CA ASP L 844 -46.00 12.68 40.58
C ASP L 844 -45.22 12.24 39.34
N ARG L 845 -45.43 12.96 38.24
CA ARG L 845 -44.79 12.57 36.98
C ARG L 845 -43.29 12.79 37.04
N GLN L 846 -42.84 13.87 37.66
CA GLN L 846 -41.42 14.17 37.66
C GLN L 846 -40.64 13.13 38.46
N LYS L 847 -41.21 12.65 39.57
CA LYS L 847 -40.55 11.60 40.33
C LYS L 847 -40.62 10.26 39.61
N THR L 848 -41.72 9.99 38.91
CA THR L 848 -41.83 8.76 38.14
C THR L 848 -40.91 8.79 36.92
N LYS L 849 -40.84 9.93 36.23
CA LYS L 849 -39.88 10.06 35.13
C LYS L 849 -38.46 9.83 35.60
N PHE L 850 -38.15 10.23 36.83
CA PHE L 850 -36.80 10.05 37.37
C PHE L 850 -36.51 8.57 37.61
N ILE L 851 -37.44 7.86 38.24
CA ILE L 851 -37.18 6.46 38.56
C ILE L 851 -37.33 5.59 37.32
N ALA L 852 -38.33 5.87 36.50
CA ALA L 852 -38.55 5.06 35.30
C ALA L 852 -37.46 5.32 34.26
N GLY L 853 -37.14 6.58 34.03
CA GLY L 853 -36.11 6.91 33.06
C GLY L 853 -34.68 6.73 33.54
N ARG L 854 -34.49 6.44 34.82
CA ARG L 854 -33.16 6.26 35.41
C ARG L 854 -32.27 7.47 35.14
N ILE L 855 -32.84 8.66 35.30
CA ILE L 855 -32.11 9.90 35.01
C ILE L 855 -31.04 10.10 36.07
N ILE L 856 -29.85 10.51 35.62
CA ILE L 856 -28.74 10.81 36.50
C ILE L 856 -28.73 12.32 36.76
N PRO L 857 -28.85 12.77 38.00
CA PRO L 857 -28.80 14.21 38.27
C PRO L 857 -27.40 14.75 38.02
N ALA L 858 -27.34 16.04 37.67
CA ALA L 858 -26.06 16.67 37.37
C ALA L 858 -26.14 18.15 37.65
N ILE L 859 -25.26 18.64 38.52
CA ILE L 859 -25.17 20.06 38.82
C ILE L 859 -23.85 20.57 38.27
N ALA L 860 -23.82 21.85 37.91
CA ALA L 860 -22.65 22.40 37.24
C ALA L 860 -21.45 22.56 38.17
N THR L 861 -21.67 22.56 39.48
CA THR L 861 -20.56 22.75 40.40
C THR L 861 -19.71 21.49 40.51
N THR L 862 -20.35 20.33 40.73
CA THR L 862 -19.63 19.07 40.87
C THR L 862 -18.95 18.67 39.57
N THR L 863 -19.52 19.00 38.42
CA THR L 863 -18.89 18.66 37.15
C THR L 863 -17.58 19.43 36.97
N SER L 864 -17.57 20.72 37.30
CA SER L 864 -16.35 21.52 37.18
C SER L 864 -15.30 21.09 38.19
N LEU L 865 -15.72 20.78 39.42
CA LEU L 865 -14.80 20.37 40.46
C LEU L 865 -14.13 19.05 40.09
N VAL L 866 -14.92 18.07 39.66
CA VAL L 866 -14.38 16.75 39.32
C VAL L 866 -13.42 16.85 38.15
N THR L 867 -13.73 17.70 37.16
CA THR L 867 -12.84 17.85 36.01
C THR L 867 -11.49 18.42 36.45
N GLY L 868 -11.49 19.30 37.43
CA GLY L 868 -10.24 19.84 37.92
C GLY L 868 -9.33 18.77 38.52
N LEU L 869 -9.92 17.89 39.34
CA LEU L 869 -9.12 16.83 39.95
C LEU L 869 -8.56 15.89 38.90
N VAL L 870 -9.29 15.69 37.80
CA VAL L 870 -8.77 14.85 36.74
C VAL L 870 -7.53 15.48 36.13
N ASN L 871 -7.56 16.79 35.92
CA ASN L 871 -6.40 17.49 35.35
C ASN L 871 -5.24 17.56 36.31
N LEU L 872 -5.49 17.46 37.62
CA LEU L 872 -4.39 17.39 38.59
C LEU L 872 -3.72 16.02 38.57
N GLU L 873 -4.47 14.96 38.25
CA GLU L 873 -3.86 13.66 38.02
C GLU L 873 -3.19 13.60 36.66
N LEU L 874 -3.66 14.43 35.70
CA LEU L 874 -3.03 14.47 34.39
C LEU L 874 -1.58 14.91 34.49
N TYR L 875 -1.28 15.81 35.44
CA TYR L 875 0.10 16.23 35.67
C TYR L 875 0.98 15.04 36.03
N LYS L 876 0.43 14.08 36.76
CA LYS L 876 1.20 12.91 37.13
C LYS L 876 1.37 11.93 35.98
N LEU L 877 0.48 11.95 34.99
CA LEU L 877 0.67 11.11 33.81
C LEU L 877 1.75 11.67 32.90
N ILE L 878 1.91 12.99 32.86
CA ILE L 878 2.94 13.59 32.00
C ILE L 878 4.33 13.28 32.54
N ASP L 879 4.50 13.33 33.85
CA ASP L 879 5.79 12.99 34.45
C ASP L 879 6.07 11.50 34.41
N ASN L 880 5.10 10.68 34.02
CA ASN L 880 5.24 9.22 33.95
C ASN L 880 5.57 8.64 35.32
N LYS L 881 4.82 9.08 36.33
CA LYS L 881 5.03 8.57 37.68
C LYS L 881 4.63 7.10 37.76
N THR L 882 5.46 6.31 38.45
CA THR L 882 5.19 4.89 38.68
C THR L 882 4.96 4.54 40.13
N ASP L 883 5.24 5.47 41.06
CA ASP L 883 4.93 5.25 42.47
C ASP L 883 3.43 5.29 42.66
N ILE L 884 2.84 4.16 43.06
CA ILE L 884 1.39 4.08 43.16
C ILE L 884 0.87 4.99 44.27
N GLU L 885 1.70 5.35 45.24
CA GLU L 885 1.25 6.22 46.33
C GLU L 885 1.14 7.68 45.91
N GLN L 886 1.76 8.06 44.79
CA GLN L 886 1.66 9.43 44.31
C GLN L 886 0.31 9.72 43.69
N TYR L 887 -0.30 8.73 43.07
CA TYR L 887 -1.61 8.90 42.48
C TYR L 887 -2.68 8.95 43.56
N LYS L 888 -3.81 9.56 43.24
CA LYS L 888 -4.89 9.76 44.20
C LYS L 888 -6.24 9.62 43.52
N ASN L 889 -7.05 8.68 44.02
CA ASN L 889 -8.44 8.54 43.60
C ASN L 889 -9.31 9.40 44.52
N GLY L 890 -10.05 10.32 43.93
CA GLY L 890 -10.83 11.29 44.68
C GLY L 890 -12.30 10.91 44.80
N PHE L 891 -12.89 11.32 45.93
CA PHE L 891 -14.32 11.17 46.16
C PHE L 891 -14.82 12.43 46.84
N VAL L 892 -15.80 13.08 46.24
CA VAL L 892 -16.31 14.35 46.77
C VAL L 892 -17.81 14.22 46.98
N ASN L 893 -18.30 14.91 48.00
CA ASN L 893 -19.74 15.03 48.29
C ASN L 893 -19.95 16.46 48.77
N LEU L 894 -20.25 17.36 47.83
CA LEU L 894 -20.34 18.78 48.13
C LEU L 894 -21.46 19.12 49.11
N ALA L 895 -22.34 18.17 49.41
CA ALA L 895 -23.46 18.47 50.30
C ALA L 895 -23.04 18.55 51.76
N LEU L 896 -21.99 17.83 52.14
CA LEU L 896 -21.64 17.76 53.55
C LEU L 896 -20.90 19.01 54.03
N PRO L 897 -19.80 19.46 53.38
CA PRO L 897 -19.02 18.94 52.25
C PRO L 897 -17.93 17.99 52.72
N PHE L 898 -17.64 16.98 51.90
CA PHE L 898 -16.63 15.98 52.22
C PHE L 898 -15.67 15.87 51.06
N PHE L 899 -14.39 15.78 51.38
CA PHE L 899 -13.34 15.58 50.39
C PHE L 899 -12.44 14.44 50.87
N GLY L 900 -12.35 13.39 50.08
CA GLY L 900 -11.50 12.27 50.43
C GLY L 900 -10.70 11.78 49.25
N PHE L 901 -9.47 11.34 49.50
CA PHE L 901 -8.59 10.83 48.47
C PHE L 901 -7.96 9.54 48.97
N SER L 902 -7.94 8.53 48.10
CA SER L 902 -7.41 7.22 48.42
C SER L 902 -6.38 6.80 47.38
N GLU L 903 -5.41 6.02 47.82
CA GLU L 903 -4.41 5.49 46.91
C GLU L 903 -5.05 4.47 45.98
N PRO L 904 -4.74 4.48 44.69
CA PRO L 904 -5.30 3.50 43.77
C PRO L 904 -4.94 2.08 44.19
N ILE L 905 -5.85 1.15 43.89
CA ILE L 905 -5.64 -0.25 44.24
C ILE L 905 -4.68 -0.88 43.24
N ALA L 906 -3.66 -1.55 43.75
CA ALA L 906 -2.71 -2.23 42.87
C ALA L 906 -3.39 -3.38 42.14
N SER L 907 -2.97 -3.60 40.89
CA SER L 907 -3.55 -4.66 40.10
C SER L 907 -3.30 -6.00 40.76
N PRO L 908 -4.30 -6.86 40.89
CA PRO L 908 -4.10 -8.15 41.56
C PRO L 908 -3.17 -9.05 40.76
N LYS L 909 -2.28 -9.74 41.46
CA LYS L 909 -1.32 -10.63 40.84
C LYS L 909 -1.74 -12.08 41.03
N GLY L 910 -1.41 -12.92 40.04
CA GLY L 910 -1.67 -14.33 40.13
C GLY L 910 -0.43 -15.14 39.79
N GLU L 911 -0.57 -16.46 39.68
CA GLU L 911 0.56 -17.30 39.31
C GLU L 911 0.05 -18.61 38.75
N TYR L 912 0.84 -19.17 37.83
CA TYR L 912 0.56 -20.49 37.27
C TYR L 912 1.90 -21.16 36.99
N ASN L 913 2.05 -22.39 37.49
CA ASN L 913 3.32 -23.11 37.40
C ASN L 913 4.46 -22.29 38.01
N ASN L 914 4.16 -21.61 39.12
CA ASN L 914 5.12 -20.76 39.84
C ASN L 914 5.65 -19.62 38.99
N LYS L 915 4.93 -19.24 37.95
CA LYS L 915 5.28 -18.11 37.08
C LYS L 915 4.29 -16.99 37.36
N LYS L 916 4.74 -15.94 38.04
CA LYS L 916 3.85 -14.86 38.43
C LYS L 916 3.46 -14.01 37.22
N TYR L 917 2.24 -13.46 37.27
CA TYR L 917 1.73 -12.65 36.19
C TYR L 917 0.75 -11.62 36.75
N ASP L 918 0.39 -10.66 35.89
CA ASP L 918 -0.58 -9.63 36.24
C ASP L 918 -1.95 -10.03 35.69
N LYS L 919 -2.94 -10.15 36.59
CA LYS L 919 -4.24 -10.64 36.20
C LYS L 919 -5.00 -9.67 35.31
N ILE L 920 -4.61 -8.40 35.30
CA ILE L 920 -5.31 -7.37 34.54
C ILE L 920 -4.62 -7.06 33.22
N TRP L 921 -3.29 -6.93 33.24
CA TRP L 921 -2.56 -6.37 32.10
C TRP L 921 -1.75 -7.40 31.32
N ASP L 922 -1.30 -8.47 31.95
CA ASP L 922 -0.49 -9.45 31.24
C ASP L 922 -1.34 -10.27 30.27
N ARG L 923 -0.71 -10.70 29.18
CA ARG L 923 -1.40 -11.49 28.16
C ARG L 923 -0.37 -12.29 27.36
N PHE L 924 -0.88 -13.28 26.64
CA PHE L 924 -0.07 -14.09 25.74
C PHE L 924 -0.09 -13.50 24.35
N ASP L 925 1.09 -13.35 23.74
CA ASP L 925 1.23 -12.79 22.40
C ASP L 925 1.59 -13.92 21.44
N ILE L 926 0.66 -14.26 20.55
CA ILE L 926 0.86 -15.27 19.52
C ILE L 926 0.91 -14.58 18.17
N LYS L 927 1.95 -14.86 17.40
CA LYS L 927 2.14 -14.23 16.10
C LYS L 927 1.56 -15.10 15.00
N GLY L 928 0.83 -14.47 14.07
CA GLY L 928 0.26 -15.15 12.94
C GLY L 928 -1.05 -15.84 13.26
N ASP L 929 -1.80 -16.15 12.20
CA ASP L 929 -3.07 -16.86 12.31
C ASP L 929 -2.79 -18.34 12.56
N ILE L 930 -2.46 -18.65 13.82
CA ILE L 930 -2.08 -20.01 14.19
C ILE L 930 -3.30 -20.92 14.15
N LYS L 931 -3.06 -22.21 13.96
CA LYS L 931 -4.13 -23.20 14.00
C LYS L 931 -4.44 -23.59 15.44
N LEU L 932 -5.64 -24.12 15.65
CA LEU L 932 -6.07 -24.49 16.99
C LEU L 932 -5.21 -25.61 17.57
N SER L 933 -4.77 -26.54 16.73
CA SER L 933 -3.91 -27.62 17.20
C SER L 933 -2.55 -27.07 17.62
N ASP L 934 -1.96 -26.20 16.80
CA ASP L 934 -0.66 -25.63 17.14
C ASP L 934 -0.75 -24.68 18.34
N LEU L 935 -1.93 -24.10 18.58
CA LEU L 935 -2.08 -23.21 19.73
C LEU L 935 -2.04 -24.00 21.04
N ILE L 936 -2.73 -25.15 21.09
CA ILE L 936 -2.66 -25.98 22.28
C ILE L 936 -1.25 -26.53 22.46
N GLU L 937 -0.55 -26.80 21.36
CA GLU L 937 0.83 -27.28 21.45
C GLU L 937 1.74 -26.18 22.01
N HIS L 938 1.49 -24.92 21.64
CA HIS L 938 2.32 -23.84 22.15
C HIS L 938 2.13 -23.65 23.65
N PHE L 939 0.95 -23.99 24.17
CA PHE L 939 0.69 -23.82 25.58
C PHE L 939 1.10 -25.03 26.42
N GLU L 940 1.19 -26.21 25.81
CA GLU L 940 1.67 -27.37 26.55
C GLU L 940 3.19 -27.44 26.57
N LYS L 941 3.85 -26.87 25.56
CA LYS L 941 5.31 -26.87 25.48
C LYS L 941 5.93 -25.66 26.17
N ASP L 942 5.51 -24.46 25.76
CA ASP L 942 6.14 -23.24 26.26
C ASP L 942 5.63 -22.84 27.64
N GLU L 943 4.36 -23.11 27.93
CA GLU L 943 3.77 -22.69 29.20
C GLU L 943 3.38 -23.84 30.12
N GLY L 944 3.32 -25.07 29.60
CA GLY L 944 2.89 -26.19 30.43
C GLY L 944 1.44 -26.10 30.83
N LEU L 945 0.59 -25.58 29.95
CA LEU L 945 -0.83 -25.38 30.23
C LEU L 945 -1.64 -26.18 29.22
N GLU L 946 -2.54 -27.02 29.74
CA GLU L 946 -3.44 -27.80 28.89
C GLU L 946 -4.70 -26.96 28.66
N ILE L 947 -4.82 -26.37 27.47
CA ILE L 947 -5.96 -25.55 27.13
C ILE L 947 -7.21 -26.42 27.11
N THR L 948 -8.13 -26.17 28.05
CA THR L 948 -9.36 -26.93 28.11
C THR L 948 -10.50 -26.27 27.35
N MET L 949 -10.52 -24.94 27.29
CA MET L 949 -11.54 -24.23 26.53
C MET L 949 -10.93 -22.96 25.93
N LEU L 950 -11.58 -22.46 24.89
CA LEU L 950 -11.12 -21.27 24.18
C LEU L 950 -12.32 -20.55 23.61
N SER L 951 -12.38 -19.23 23.81
CA SER L 951 -13.50 -18.44 23.35
C SER L 951 -12.99 -17.18 22.65
N TYR L 952 -13.87 -16.55 21.88
CA TYR L 952 -13.58 -15.31 21.18
C TYR L 952 -14.76 -14.37 21.41
N GLY L 953 -14.60 -13.47 22.38
CA GLY L 953 -15.69 -12.59 22.76
C GLY L 953 -16.77 -13.34 23.52
N VAL L 954 -17.94 -13.47 22.92
CA VAL L 954 -19.04 -14.20 23.54
C VAL L 954 -19.29 -15.53 22.84
N SER L 955 -18.29 -16.05 22.14
CA SER L 955 -18.44 -17.27 21.34
C SER L 955 -17.44 -18.31 21.82
N LEU L 956 -17.94 -19.46 22.25
CA LEU L 956 -17.09 -20.58 22.65
C LEU L 956 -16.66 -21.36 21.42
N LEU L 957 -15.35 -21.46 21.21
CA LEU L 957 -14.79 -22.07 20.01
C LEU L 957 -14.34 -23.51 20.24
N TYR L 958 -13.55 -23.76 21.28
CA TYR L 958 -12.97 -25.07 21.53
C TYR L 958 -13.24 -25.51 22.95
N ALA L 959 -13.39 -26.82 23.12
CA ALA L 959 -13.57 -27.42 24.44
C ALA L 959 -12.98 -28.82 24.40
N SER L 960 -12.15 -29.15 25.41
CA SER L 960 -11.50 -30.44 25.43
C SER L 960 -12.49 -31.59 25.68
N PHE L 961 -13.66 -31.29 26.24
CA PHE L 961 -14.68 -32.29 26.49
C PHE L 961 -15.70 -32.40 25.35
N PHE L 962 -15.41 -31.77 24.21
CA PHE L 962 -16.29 -31.86 23.06
C PHE L 962 -16.30 -33.29 22.53
N PRO L 963 -17.38 -33.71 21.88
CA PRO L 963 -17.42 -35.03 21.26
C PRO L 963 -16.40 -35.14 20.15
N PRO L 964 -15.97 -36.35 19.80
CA PRO L 964 -14.93 -36.50 18.76
C PRO L 964 -15.33 -35.93 17.41
N LYS L 965 -16.63 -35.69 17.17
CA LYS L 965 -17.04 -35.07 15.92
C LYS L 965 -16.69 -33.60 15.90
N LYS L 966 -16.92 -32.89 17.01
CA LYS L 966 -16.56 -31.49 17.08
C LYS L 966 -15.06 -31.29 17.19
N LEU L 967 -14.34 -32.26 17.76
CA LEU L 967 -12.90 -32.11 17.94
C LEU L 967 -12.18 -32.18 16.60
N LYS L 968 -12.37 -33.25 15.85
CA LYS L 968 -11.68 -33.40 14.57
C LYS L 968 -12.06 -32.31 13.59
N GLU L 969 -13.24 -31.72 13.74
CA GLU L 969 -13.68 -30.66 12.84
C GLU L 969 -12.91 -29.37 13.09
N ARG L 970 -12.65 -29.04 14.36
CA ARG L 970 -12.09 -27.74 14.71
C ARG L 970 -10.60 -27.77 15.03
N LEU L 971 -10.03 -28.94 15.32
CA LEU L 971 -8.62 -29.01 15.70
C LEU L 971 -7.69 -28.61 14.56
N ASN L 972 -8.13 -28.77 13.30
CA ASN L 972 -7.30 -28.48 12.15
C ASN L 972 -7.55 -27.09 11.56
N LEU L 973 -8.42 -26.30 12.17
CA LEU L 973 -8.69 -25.01 11.57
C LEU L 973 -7.91 -23.90 12.27
N PRO L 974 -7.49 -22.87 11.53
CA PRO L 974 -6.86 -21.71 12.18
C PRO L 974 -7.87 -20.90 12.99
N ILE L 975 -7.40 -19.88 13.70
CA ILE L 975 -8.28 -19.12 14.59
C ILE L 975 -9.33 -18.35 13.80
N THR L 976 -8.95 -17.79 12.64
CA THR L 976 -9.89 -17.02 11.85
C THR L 976 -11.00 -17.91 11.27
N GLN L 977 -10.63 -19.06 10.71
CA GLN L 977 -11.62 -19.98 10.18
C GLN L 977 -12.41 -20.67 11.28
N LEU L 978 -11.86 -20.77 12.49
CA LEU L 978 -12.60 -21.35 13.60
C LEU L 978 -13.75 -20.44 14.03
N VAL L 979 -13.54 -19.12 14.00
CA VAL L 979 -14.59 -18.19 14.35
C VAL L 979 -15.69 -18.19 13.28
N LYS L 980 -15.29 -18.32 12.02
CA LYS L 980 -16.28 -18.41 10.95
C LYS L 980 -17.17 -19.63 11.11
N LEU L 981 -16.58 -20.76 11.54
CA LEU L 981 -17.37 -21.96 11.72
C LEU L 981 -18.37 -21.82 12.86
N VAL L 982 -17.97 -21.17 13.95
CA VAL L 982 -18.83 -21.09 15.12
C VAL L 982 -19.85 -19.95 14.99
N THR L 983 -19.40 -18.77 14.54
CA THR L 983 -20.27 -17.61 14.52
C THR L 983 -20.97 -17.39 13.18
N LYS L 984 -20.66 -18.21 12.17
CA LYS L 984 -21.21 -18.08 10.81
C LYS L 984 -20.93 -16.71 10.21
N LYS L 985 -19.92 -16.01 10.72
CA LYS L 985 -19.57 -14.68 10.23
C LYS L 985 -18.06 -14.60 10.00
N ASP L 986 -17.68 -13.81 9.01
CA ASP L 986 -16.28 -13.66 8.64
C ASP L 986 -15.63 -12.52 9.41
N ILE L 987 -14.36 -12.69 9.74
CA ILE L 987 -13.56 -11.64 10.36
C ILE L 987 -13.23 -10.60 9.30
N PRO L 988 -13.63 -9.34 9.49
CA PRO L 988 -13.37 -8.30 8.48
C PRO L 988 -11.88 -8.05 8.31
N ALA L 989 -11.52 -7.53 7.12
CA ALA L 989 -10.12 -7.31 6.79
C ALA L 989 -9.46 -6.23 7.65
N HIS L 990 -10.24 -5.31 8.21
CA HIS L 990 -9.68 -4.26 9.05
C HIS L 990 -9.26 -4.75 10.43
N VAL L 991 -9.63 -5.97 10.81
CA VAL L 991 -9.26 -6.53 12.11
C VAL L 991 -7.83 -7.05 12.05
N SER L 992 -6.98 -6.54 12.93
CA SER L 992 -5.57 -6.94 12.99
C SER L 992 -5.23 -7.80 14.20
N THR L 993 -6.04 -7.78 15.25
CA THR L 993 -5.76 -8.55 16.46
C THR L 993 -7.05 -9.20 16.94
N MET L 994 -6.90 -10.30 17.68
CA MET L 994 -8.04 -11.03 18.23
C MET L 994 -7.76 -11.39 19.67
N ILE L 995 -8.77 -11.19 20.53
CA ILE L 995 -8.66 -11.44 21.96
C ILE L 995 -9.36 -12.75 22.28
N LEU L 996 -8.65 -13.67 22.93
CA LEU L 996 -9.18 -14.98 23.24
C LEU L 996 -9.11 -15.22 24.75
N GLU L 997 -10.24 -15.59 25.34
CA GLU L 997 -10.29 -16.02 26.73
C GLU L 997 -10.12 -17.53 26.79
N ILE L 998 -9.29 -18.00 27.72
CA ILE L 998 -8.95 -19.42 27.80
C ILE L 998 -9.01 -19.89 29.25
N CYS L 999 -9.44 -21.14 29.44
CA CYS L 999 -9.31 -21.86 30.69
C CYS L 999 -8.36 -23.02 30.48
N ALA L 1000 -7.46 -23.23 31.43
CA ALA L 1000 -6.43 -24.25 31.25
C ALA L 1000 -6.08 -24.86 32.60
N ASP L 1001 -5.44 -26.04 32.53
CA ASP L 1001 -4.96 -26.73 33.71
C ASP L 1001 -3.44 -26.63 33.78
N ASP L 1002 -2.93 -26.60 35.01
CA ASP L 1002 -1.49 -26.48 35.24
C ASP L 1002 -0.82 -27.84 35.05
N LYS L 1003 0.44 -27.94 35.47
CA LYS L 1003 1.17 -29.20 35.35
C LYS L 1003 0.63 -30.29 36.27
N GLU L 1004 -0.29 -29.96 37.18
CA GLU L 1004 -0.89 -30.94 38.07
C GLU L 1004 -2.28 -31.36 37.63
N GLY L 1005 -2.80 -30.78 36.56
CA GLY L 1005 -4.12 -31.15 36.06
C GLY L 1005 -5.27 -30.47 36.77
N GLU L 1006 -5.06 -29.27 37.29
CA GLU L 1006 -6.10 -28.51 37.98
C GLU L 1006 -6.23 -27.14 37.36
N ASP L 1007 -7.45 -26.63 37.31
CA ASP L 1007 -7.70 -25.34 36.68
C ASP L 1007 -6.98 -24.24 37.44
N VAL L 1008 -6.40 -23.31 36.69
CA VAL L 1008 -5.64 -22.19 37.25
C VAL L 1008 -5.95 -20.95 36.42
N GLU L 1009 -6.03 -19.80 37.09
CA GLU L 1009 -6.31 -18.55 36.40
C GLU L 1009 -5.13 -18.17 35.51
N VAL L 1010 -5.41 -17.89 34.24
CA VAL L 1010 -4.38 -17.57 33.27
C VAL L 1010 -4.79 -16.30 32.53
N PRO L 1011 -3.82 -15.56 31.98
CA PRO L 1011 -4.16 -14.37 31.18
C PRO L 1011 -4.89 -14.72 29.89
N PHE L 1012 -5.28 -13.70 29.13
CA PHE L 1012 -5.94 -13.91 27.86
C PHE L 1012 -4.91 -14.00 26.74
N ILE L 1013 -5.38 -14.21 25.51
CA ILE L 1013 -4.54 -14.43 24.35
C ILE L 1013 -4.80 -13.33 23.33
N THR L 1014 -3.72 -12.83 22.72
CA THR L 1014 -3.80 -11.87 21.61
C THR L 1014 -3.24 -12.55 20.37
N ILE L 1015 -4.11 -12.79 19.39
CA ILE L 1015 -3.73 -13.44 18.15
C ILE L 1015 -3.41 -12.34 17.14
N HIS L 1016 -2.11 -12.12 16.91
CA HIS L 1016 -1.67 -11.10 15.96
C HIS L 1016 -1.78 -11.66 14.55
N LEU L 1017 -2.82 -11.26 13.84
CA LEU L 1017 -3.04 -11.72 12.48
C LEU L 1017 -2.05 -11.05 11.53
N SER M 8 -13.55 -9.82 37.63
CA SER M 8 -13.13 -10.46 36.38
C SER M 8 -14.09 -10.14 35.24
N THR M 9 -13.81 -10.67 34.06
CA THR M 9 -14.69 -10.49 32.91
C THR M 9 -16.00 -11.27 33.13
N ALA M 10 -16.98 -11.02 32.26
CA ALA M 10 -18.23 -11.75 32.33
C ALA M 10 -18.16 -13.03 31.50
N SER M 11 -17.63 -12.93 30.29
CA SER M 11 -17.45 -14.13 29.47
C SER M 11 -16.43 -15.07 30.07
N SER M 12 -15.39 -14.53 30.72
CA SER M 12 -14.38 -15.36 31.37
C SER M 12 -14.97 -16.08 32.58
N LEU M 13 -15.85 -15.40 33.32
CA LEU M 13 -16.48 -16.04 34.48
C LEU M 13 -17.48 -17.10 34.04
N LEU M 14 -18.21 -16.86 32.96
CA LEU M 14 -19.15 -17.85 32.45
C LEU M 14 -18.45 -19.09 31.93
N LEU M 15 -17.26 -18.94 31.35
CA LEU M 15 -16.53 -20.10 30.83
C LEU M 15 -16.11 -21.04 31.96
N ARG M 16 -15.53 -20.49 33.02
CA ARG M 16 -15.06 -21.33 34.11
C ARG M 16 -16.19 -22.08 34.79
N GLN M 17 -17.39 -21.48 34.83
CA GLN M 17 -18.52 -22.18 35.42
C GLN M 17 -19.20 -23.12 34.43
N TYR M 18 -19.14 -22.80 33.13
CA TYR M 18 -19.66 -23.71 32.13
C TYR M 18 -18.80 -24.97 32.00
N ARG M 19 -17.48 -24.83 32.19
CA ARG M 19 -16.62 -26.01 32.12
C ARG M 19 -16.80 -26.93 33.31
N GLU M 20 -17.06 -26.36 34.49
CA GLU M 20 -17.24 -27.20 35.68
C GLU M 20 -18.58 -27.91 35.72
N LEU M 21 -19.60 -27.39 35.03
CA LEU M 21 -20.91 -28.02 34.99
C LEU M 21 -21.15 -28.87 33.76
N THR M 22 -20.22 -28.88 32.80
CA THR M 22 -20.35 -29.72 31.62
C THR M 22 -19.23 -30.73 31.45
N ASP M 23 -18.15 -30.61 32.22
CA ASP M 23 -17.12 -31.63 32.22
C ASP M 23 -17.68 -32.89 32.87
N PRO M 24 -17.57 -34.06 32.23
CA PRO M 24 -18.26 -35.26 32.77
C PRO M 24 -17.68 -35.76 34.08
N LYS M 25 -16.49 -35.32 34.47
CA LYS M 25 -15.99 -35.62 35.82
C LYS M 25 -16.63 -34.69 36.84
N LYS M 26 -16.90 -33.44 36.47
CA LYS M 26 -17.44 -32.46 37.40
C LYS M 26 -18.91 -32.14 37.14
N ALA M 27 -19.54 -32.77 36.16
CA ALA M 27 -20.94 -32.46 35.87
C ALA M 27 -21.83 -33.02 36.95
N ILE M 28 -22.75 -32.18 37.45
CA ILE M 28 -23.75 -32.63 38.41
C ILE M 28 -24.76 -33.46 37.64
N PRO M 29 -25.03 -34.71 38.04
CA PRO M 29 -25.93 -35.56 37.25
C PRO M 29 -27.39 -35.13 37.29
N SER M 30 -27.73 -34.08 38.04
CA SER M 30 -29.09 -33.61 38.12
C SER M 30 -29.44 -32.61 37.04
N PHE M 31 -28.47 -32.14 36.26
CA PHE M 31 -28.69 -31.10 35.26
C PHE M 31 -27.97 -31.44 33.97
N HIS M 32 -28.67 -31.28 32.85
CA HIS M 32 -28.11 -31.46 31.52
C HIS M 32 -28.01 -30.08 30.88
N ILE M 33 -26.79 -29.55 30.80
CA ILE M 33 -26.54 -28.18 30.35
C ILE M 33 -25.97 -28.20 28.94
N GLU M 34 -26.52 -27.38 28.06
CA GLU M 34 -26.01 -27.21 26.71
C GLU M 34 -26.21 -25.76 26.29
N LEU M 35 -25.27 -25.22 25.51
CA LEU M 35 -25.39 -23.85 25.05
C LEU M 35 -26.39 -23.75 23.91
N GLU M 36 -27.03 -22.58 23.82
CA GLU M 36 -27.90 -22.30 22.70
C GLU M 36 -27.05 -22.04 21.45
N ASP M 37 -27.27 -22.85 20.42
CA ASP M 37 -26.51 -22.82 19.17
C ASP M 37 -25.01 -23.03 19.35
N ASP M 38 -24.58 -23.50 20.53
CA ASP M 38 -23.18 -23.78 20.86
C ASP M 38 -22.27 -22.56 20.67
N SER M 39 -22.82 -21.35 20.60
CA SER M 39 -22.00 -20.17 20.36
C SER M 39 -22.28 -19.02 21.32
N ASN M 40 -23.46 -18.94 21.92
CA ASN M 40 -23.78 -17.87 22.85
C ASN M 40 -23.49 -18.39 24.25
N ILE M 41 -22.51 -17.78 24.93
CA ILE M 41 -22.18 -18.20 26.28
C ILE M 41 -23.18 -17.67 27.30
N PHE M 42 -23.95 -16.64 26.94
CA PHE M 42 -24.89 -15.98 27.82
C PHE M 42 -26.32 -16.52 27.68
N THR M 43 -26.47 -17.71 27.08
CA THR M 43 -27.79 -18.35 26.95
C THR M 43 -27.60 -19.84 27.10
N TRP M 44 -28.06 -20.39 28.22
CA TRP M 44 -27.90 -21.79 28.55
C TRP M 44 -29.25 -22.50 28.49
N ASN M 45 -29.27 -23.67 27.87
CA ASN M 45 -30.44 -24.54 27.85
C ASN M 45 -30.19 -25.67 28.85
N ILE M 46 -30.90 -25.63 29.98
CA ILE M 46 -30.66 -26.54 31.09
C ILE M 46 -31.86 -27.45 31.25
N GLY M 47 -31.60 -28.75 31.38
CA GLY M 47 -32.64 -29.72 31.67
C GLY M 47 -32.66 -30.14 33.13
N VAL M 48 -33.71 -29.75 33.85
CA VAL M 48 -33.80 -29.99 35.28
C VAL M 48 -34.37 -31.38 35.53
N MET M 49 -33.67 -32.17 36.33
CA MET M 49 -34.10 -33.52 36.69
C MET M 49 -34.04 -33.70 38.20
N VAL M 50 -35.03 -34.40 38.74
CA VAL M 50 -35.10 -34.67 40.18
C VAL M 50 -34.78 -36.15 40.36
N LEU M 51 -33.58 -36.44 40.84
CA LEU M 51 -33.13 -37.81 41.04
C LEU M 51 -33.68 -38.45 42.31
N ASN M 52 -34.31 -37.66 43.19
CA ASN M 52 -34.88 -38.20 44.41
C ASN M 52 -36.04 -39.14 44.06
N GLU M 53 -35.96 -40.38 44.56
CA GLU M 53 -36.97 -41.39 44.22
C GLU M 53 -38.30 -41.12 44.91
N ASP M 54 -38.27 -40.60 46.14
CA ASP M 54 -39.50 -40.33 46.88
C ASP M 54 -40.21 -39.06 46.44
N SER M 55 -39.55 -38.22 45.64
CA SER M 55 -40.17 -36.97 45.20
C SER M 55 -41.26 -37.23 44.17
N ILE M 56 -42.24 -36.34 44.14
CA ILE M 56 -43.32 -36.44 43.17
C ILE M 56 -42.80 -36.16 41.77
N TYR M 57 -41.75 -35.34 41.65
CA TYR M 57 -41.16 -34.97 40.37
C TYR M 57 -40.14 -35.99 39.89
N HIS M 58 -40.15 -37.20 40.43
CA HIS M 58 -39.18 -38.21 40.03
C HIS M 58 -39.42 -38.66 38.60
N GLY M 59 -38.33 -38.92 37.89
CA GLY M 59 -38.40 -39.37 36.52
C GLY M 59 -38.66 -38.28 35.50
N GLY M 60 -38.76 -37.03 35.92
CA GLY M 60 -39.06 -35.96 35.00
C GLY M 60 -37.82 -35.33 34.38
N PHE M 61 -38.04 -34.66 33.25
CA PHE M 61 -36.99 -33.94 32.52
C PHE M 61 -37.61 -32.59 32.12
N PHE M 62 -37.42 -31.59 32.96
CA PHE M 62 -38.02 -30.28 32.76
C PHE M 62 -37.02 -29.38 32.03
N LYS M 63 -37.31 -29.07 30.77
CA LYS M 63 -36.43 -28.21 29.99
C LYS M 63 -36.58 -26.76 30.43
N ALA M 64 -35.46 -26.03 30.45
CA ALA M 64 -35.47 -24.64 30.85
C ALA M 64 -34.38 -23.90 30.11
N GLN M 65 -34.35 -22.57 30.27
CA GLN M 65 -33.36 -21.74 29.60
C GLN M 65 -32.89 -20.63 30.54
N MET M 66 -31.58 -20.45 30.63
CA MET M 66 -30.98 -19.39 31.43
C MET M 66 -30.31 -18.37 30.51
N ARG M 67 -30.63 -17.09 30.69
CA ARG M 67 -30.02 -16.01 29.95
C ARG M 67 -29.28 -15.11 30.92
N PHE M 68 -27.97 -15.04 30.76
CA PHE M 68 -27.19 -14.20 31.64
C PHE M 68 -27.08 -12.80 31.04
N PRO M 69 -27.28 -11.74 31.82
CA PRO M 69 -27.19 -10.40 31.28
C PRO M 69 -25.76 -10.02 30.94
N GLU M 70 -25.62 -8.87 30.28
CA GLU M 70 -24.30 -8.39 29.91
C GLU M 70 -23.50 -7.98 31.14
N ASP M 71 -24.18 -7.55 32.20
CA ASP M 71 -23.54 -7.08 33.42
C ASP M 71 -23.43 -8.17 34.48
N PHE M 72 -23.27 -9.41 34.07
CA PHE M 72 -23.07 -10.50 35.00
C PHE M 72 -21.73 -10.33 35.71
N PRO M 73 -21.64 -10.62 37.03
CA PRO M 73 -22.73 -11.08 37.89
C PRO M 73 -23.38 -9.96 38.67
N PHE M 74 -23.27 -8.72 38.19
CA PHE M 74 -23.87 -7.59 38.87
C PHE M 74 -25.38 -7.52 38.66
N SER M 75 -25.91 -8.30 37.72
CA SER M 75 -27.34 -8.41 37.51
C SER M 75 -27.72 -9.89 37.57
N PRO M 76 -28.83 -10.22 38.24
CA PRO M 76 -29.23 -11.62 38.38
C PRO M 76 -29.70 -12.18 37.05
N PRO M 77 -29.40 -13.44 36.76
CA PRO M 77 -29.85 -14.01 35.50
C PRO M 77 -31.30 -14.46 35.60
N GLN M 78 -31.91 -14.62 34.43
CA GLN M 78 -33.29 -15.06 34.36
C GLN M 78 -33.34 -16.57 34.17
N PHE M 79 -34.35 -17.18 34.76
CA PHE M 79 -34.57 -18.62 34.66
C PHE M 79 -36.02 -18.84 34.28
N ARG M 80 -36.24 -19.61 33.22
CA ARG M 80 -37.59 -19.82 32.71
C ARG M 80 -37.75 -21.27 32.27
N PHE M 81 -38.85 -21.89 32.69
CA PHE M 81 -39.16 -23.26 32.29
C PHE M 81 -39.82 -23.26 30.91
N THR M 82 -39.30 -24.10 30.01
CA THR M 82 -39.85 -24.23 28.65
C THR M 82 -40.21 -25.68 28.40
N PRO M 83 -41.48 -26.06 28.48
CA PRO M 83 -42.59 -25.15 28.80
C PRO M 83 -42.77 -24.93 30.30
N ALA M 84 -43.71 -24.05 30.65
CA ALA M 84 -43.98 -23.74 32.05
C ALA M 84 -44.50 -24.96 32.78
N ILE M 85 -44.18 -25.03 34.07
CA ILE M 85 -44.59 -26.15 34.91
C ILE M 85 -45.51 -25.63 36.00
N TYR M 86 -46.22 -26.56 36.63
CA TYR M 86 -47.15 -26.25 37.70
C TYR M 86 -46.38 -26.28 39.02
N HIS M 87 -46.16 -25.10 39.61
CA HIS M 87 -45.38 -24.98 40.82
C HIS M 87 -45.75 -23.68 41.51
N PRO M 88 -45.82 -23.64 42.84
CA PRO M 88 -46.23 -22.41 43.53
C PRO M 88 -45.28 -21.24 43.34
N ASN M 89 -44.06 -21.48 42.87
CA ASN M 89 -43.05 -20.43 42.76
C ASN M 89 -42.67 -20.13 41.31
N VAL M 90 -43.38 -20.69 40.33
CA VAL M 90 -43.12 -20.46 38.92
C VAL M 90 -44.30 -19.71 38.32
N TYR M 91 -44.01 -18.62 37.62
CA TYR M 91 -45.06 -17.81 37.03
C TYR M 91 -45.80 -18.58 35.93
N ARG M 92 -46.89 -17.98 35.45
CA ARG M 92 -47.55 -18.51 34.26
C ARG M 92 -46.63 -18.43 33.05
N ASP M 93 -45.76 -17.41 33.01
CA ASP M 93 -44.79 -17.28 31.94
C ASP M 93 -43.75 -18.41 31.95
N GLY M 94 -43.64 -19.13 33.07
CA GLY M 94 -42.64 -20.16 33.23
C GLY M 94 -41.36 -19.71 33.89
N ARG M 95 -41.26 -18.44 34.28
CA ARG M 95 -40.04 -17.90 34.85
C ARG M 95 -40.05 -18.01 36.36
N LEU M 96 -38.86 -18.20 36.92
CA LEU M 96 -38.65 -18.32 38.37
C LEU M 96 -37.64 -17.25 38.78
N CYS M 97 -38.00 -16.46 39.80
CA CYS M 97 -37.13 -15.37 40.23
C CYS M 97 -35.84 -15.90 40.83
N ILE M 98 -34.71 -15.40 40.36
CA ILE M 98 -33.40 -15.77 40.88
C ILE M 98 -32.90 -14.58 41.71
N SER M 99 -32.80 -14.80 43.01
CA SER M 99 -32.41 -13.75 43.95
C SER M 99 -30.89 -13.70 44.08
N ILE M 100 -30.35 -12.49 44.10
CA ILE M 100 -28.91 -12.29 44.23
C ILE M 100 -28.48 -12.47 45.69
N VAL M 120 -22.55 -12.60 43.39
CA VAL M 120 -21.63 -13.33 44.24
C VAL M 120 -21.97 -14.82 44.17
N GLN M 121 -23.15 -15.12 43.62
CA GLN M 121 -23.66 -16.49 43.53
C GLN M 121 -23.22 -17.14 42.21
N THR M 122 -23.08 -18.45 42.27
CA THR M 122 -22.64 -19.23 41.11
C THR M 122 -23.81 -20.04 40.55
N VAL M 123 -23.63 -20.52 39.33
CA VAL M 123 -24.68 -21.29 38.68
C VAL M 123 -24.98 -22.57 39.44
N GLU M 124 -23.95 -23.18 40.04
CA GLU M 124 -24.19 -24.39 40.83
C GLU M 124 -25.12 -24.09 42.01
N SER M 125 -24.92 -22.96 42.67
CA SER M 125 -25.78 -22.60 43.79
C SER M 125 -27.19 -22.25 43.34
N VAL M 126 -27.32 -21.65 42.16
CA VAL M 126 -28.64 -21.26 41.66
C VAL M 126 -29.43 -22.51 41.27
N LEU M 127 -28.82 -23.40 40.50
CA LEU M 127 -29.54 -24.59 40.04
C LEU M 127 -29.92 -25.49 41.21
N ILE M 128 -29.01 -25.68 42.17
CA ILE M 128 -29.33 -26.49 43.34
C ILE M 128 -30.43 -25.83 44.16
N SER M 129 -30.47 -24.49 44.18
CA SER M 129 -31.57 -23.82 44.85
C SER M 129 -32.89 -24.04 44.12
N ILE M 130 -32.83 -24.33 42.83
CA ILE M 130 -34.06 -24.51 42.06
C ILE M 130 -34.64 -25.90 42.27
N VAL M 131 -33.81 -26.94 42.22
CA VAL M 131 -34.32 -28.29 42.42
C VAL M 131 -34.83 -28.47 43.85
N SER M 132 -34.27 -27.72 44.80
CA SER M 132 -34.77 -27.76 46.16
C SER M 132 -36.15 -27.13 46.26
N LEU M 133 -36.44 -26.12 45.43
CA LEU M 133 -37.77 -25.51 45.43
C LEU M 133 -38.81 -26.43 44.82
N LEU M 134 -38.41 -27.32 43.91
CA LEU M 134 -39.38 -28.22 43.27
C LEU M 134 -39.99 -29.16 44.30
N GLU M 135 -39.19 -29.61 45.26
CA GLU M 135 -39.67 -30.50 46.32
C GLU M 135 -40.17 -29.73 47.53
N ASP M 136 -39.62 -28.53 47.78
CA ASP M 136 -40.02 -27.70 48.92
C ASP M 136 -40.42 -26.33 48.40
N PRO M 137 -41.68 -26.16 48.03
CA PRO M 137 -42.13 -24.86 47.51
C PRO M 137 -42.23 -23.82 48.60
N ASN M 138 -41.88 -22.58 48.26
CA ASN M 138 -41.97 -21.46 49.20
C ASN M 138 -43.39 -20.91 49.11
N ILE M 139 -44.29 -21.52 49.89
CA ILE M 139 -45.71 -21.17 49.81
C ILE M 139 -46.00 -19.78 50.35
N ASN M 140 -45.12 -19.21 51.16
CA ASN M 140 -45.40 -17.90 51.74
C ASN M 140 -45.28 -16.78 50.72
N SER M 141 -44.39 -16.92 49.72
CA SER M 141 -44.21 -15.92 48.66
C SER M 141 -44.52 -16.59 47.33
N PRO M 142 -45.81 -16.77 47.01
CA PRO M 142 -46.17 -17.47 45.78
C PRO M 142 -46.33 -16.56 44.58
N LYS M 143 -45.89 -17.07 43.42
CA LYS M 143 -46.13 -16.41 42.15
C LYS M 143 -47.34 -16.99 41.41
N ASN M 144 -47.52 -18.31 41.45
CA ASN M 144 -48.72 -18.96 40.97
C ASN M 144 -49.65 -19.18 42.15
N VAL M 145 -50.59 -18.25 42.35
CA VAL M 145 -51.53 -18.36 43.46
C VAL M 145 -52.38 -19.61 43.33
N ASP M 146 -52.63 -20.06 42.09
CA ASP M 146 -53.39 -21.30 41.89
C ASP M 146 -52.62 -22.50 42.41
N ALA M 147 -51.34 -22.61 42.06
CA ALA M 147 -50.55 -23.74 42.51
C ALA M 147 -50.29 -23.67 44.01
N ALA M 148 -50.24 -22.47 44.58
CA ALA M 148 -50.01 -22.33 46.02
C ALA M 148 -51.22 -22.79 46.82
N VAL M 149 -52.42 -22.40 46.39
CA VAL M 149 -53.62 -22.81 47.10
C VAL M 149 -53.89 -24.30 46.89
N ASP M 150 -53.42 -24.88 45.78
CA ASP M 150 -53.59 -26.32 45.58
C ASP M 150 -52.57 -27.12 46.39
N TYR M 151 -51.41 -26.54 46.68
CA TYR M 151 -50.40 -27.25 47.44
C TYR M 151 -50.82 -27.47 48.88
N ARG M 152 -51.56 -26.52 49.46
CA ARG M 152 -51.91 -26.57 50.87
C ARG M 152 -53.35 -27.01 51.12
N LYS M 153 -54.30 -26.61 50.26
CA LYS M 153 -55.70 -26.91 50.51
C LYS M 153 -56.16 -28.18 49.81
N ASN M 154 -55.69 -28.43 48.59
CA ASN M 154 -56.09 -29.60 47.81
C ASN M 154 -54.86 -30.42 47.44
N PRO M 155 -54.26 -31.13 48.41
CA PRO M 155 -53.01 -31.84 48.11
C PRO M 155 -53.18 -32.93 47.06
N GLU M 156 -54.30 -33.67 47.10
CA GLU M 156 -54.50 -34.74 46.14
C GLU M 156 -54.59 -34.20 44.72
N GLN M 157 -55.20 -33.01 44.56
CA GLN M 157 -55.30 -32.42 43.23
C GLN M 157 -53.95 -31.89 42.77
N TYR M 158 -53.16 -31.33 43.69
CA TYR M 158 -51.85 -30.81 43.33
C TYR M 158 -50.93 -31.93 42.85
N LYS M 159 -50.97 -33.09 43.53
CA LYS M 159 -50.16 -34.22 43.11
C LYS M 159 -50.56 -34.70 41.72
N GLN M 160 -51.84 -34.62 41.38
CA GLN M 160 -52.28 -35.06 40.07
C GLN M 160 -51.82 -34.09 38.99
N ARG M 161 -51.83 -32.79 39.28
CA ARG M 161 -51.32 -31.81 38.32
C ARG M 161 -49.81 -31.93 38.15
N VAL M 162 -49.10 -32.32 39.21
CA VAL M 162 -47.66 -32.48 39.10
C VAL M 162 -47.31 -33.75 38.33
N LYS M 163 -47.99 -34.86 38.64
CA LYS M 163 -47.72 -36.10 37.92
C LYS M 163 -48.03 -35.95 36.44
N MET M 164 -49.11 -35.23 36.10
CA MET M 164 -49.42 -34.98 34.70
C MET M 164 -48.40 -34.03 34.06
N GLU M 165 -47.85 -33.10 34.84
CA GLU M 165 -46.82 -32.22 34.32
C GLU M 165 -45.50 -32.95 34.13
N VAL M 166 -45.22 -33.95 34.97
CA VAL M 166 -43.98 -34.71 34.83
C VAL M 166 -44.04 -35.58 33.59
N GLU M 167 -45.22 -36.12 33.26
CA GLU M 167 -45.34 -36.96 32.08
C GLU M 167 -45.20 -36.13 30.81
N ARG M 168 -45.76 -34.91 30.79
CA ARG M 168 -45.56 -34.06 29.63
C ARG M 168 -44.11 -33.65 29.46
N SER M 169 -43.31 -33.75 30.53
CA SER M 169 -41.88 -33.52 30.44
C SER M 169 -41.14 -34.70 29.84
N LYS M 170 -41.71 -35.90 29.91
CA LYS M 170 -41.06 -37.06 29.33
C LYS M 170 -41.01 -37.00 27.82
N GLN M 171 -41.79 -36.13 27.19
CA GLN M 171 -41.67 -35.94 25.75
C GLN M 171 -40.42 -35.15 25.39
N ASP M 172 -39.90 -34.34 26.32
CA ASP M 172 -38.72 -33.51 26.09
C ASP M 172 -37.45 -34.20 26.57
N ILE M 173 -37.27 -35.47 26.19
CA ILE M 173 -36.05 -36.20 26.53
C ILE M 173 -35.13 -36.21 25.30
N PRO M 174 -33.82 -36.16 25.48
CA PRO M 174 -32.92 -36.25 24.33
C PRO M 174 -32.88 -37.65 23.74
N LYS M 175 -31.92 -37.91 22.88
CA LYS M 175 -31.83 -39.18 22.14
C LYS M 175 -30.69 -39.99 22.71
N GLY M 176 -31.00 -41.19 23.20
CA GLY M 176 -30.01 -42.06 23.80
C GLY M 176 -29.65 -41.74 25.23
N PHE M 177 -30.07 -40.59 25.75
CA PHE M 177 -29.70 -40.19 27.09
C PHE M 177 -30.46 -41.01 28.13
N ILE M 178 -29.74 -41.46 29.16
CA ILE M 178 -30.32 -42.15 30.29
C ILE M 178 -30.08 -41.32 31.54
N MET M 179 -31.09 -41.23 32.40
CA MET M 179 -30.99 -40.49 33.65
C MET M 179 -30.85 -41.43 34.84
N PRO M 180 -29.63 -41.85 35.20
CA PRO M 180 -29.46 -42.79 36.31
C PRO M 180 -29.46 -42.07 37.65
N THR M 181 -29.28 -42.84 38.72
CA THR M 181 -29.18 -42.29 40.06
C THR M 181 -28.11 -43.01 40.86
N HIS N 7 62.74 -50.13 29.50
CA HIS N 7 63.98 -50.31 28.74
C HIS N 7 63.67 -50.66 27.28
N MET N 8 62.85 -49.83 26.65
CA MET N 8 62.47 -49.94 25.24
C MET N 8 62.88 -48.65 24.54
N GLN N 9 63.43 -48.77 23.34
CA GLN N 9 63.95 -47.63 22.61
C GLN N 9 63.13 -47.29 21.38
N ILE N 10 62.92 -45.99 21.17
CA ILE N 10 62.25 -45.44 19.99
C ILE N 10 63.14 -44.32 19.47
N PHE N 11 63.02 -44.01 18.18
CA PHE N 11 63.84 -43.00 17.56
C PHE N 11 63.02 -41.74 17.25
N VAL N 12 63.72 -40.60 17.26
CA VAL N 12 63.12 -39.30 16.98
C VAL N 12 64.07 -38.52 16.06
N ARG N 13 63.56 -38.05 14.93
CA ARG N 13 64.36 -37.28 13.97
C ARG N 13 64.17 -35.79 14.19
N THR N 14 65.29 -35.06 14.22
CA THR N 14 65.29 -33.62 14.44
C THR N 14 65.27 -32.90 13.09
N LEU N 15 65.45 -31.58 13.12
CA LEU N 15 65.47 -30.81 11.88
C LEU N 15 66.75 -31.07 11.08
N THR N 16 67.83 -31.42 11.75
CA THR N 16 69.13 -31.66 11.11
C THR N 16 69.38 -33.14 10.88
N GLY N 17 68.38 -33.89 10.43
CA GLY N 17 68.47 -35.33 10.28
C GLY N 17 69.29 -36.03 11.35
N ARG N 18 69.01 -35.73 12.62
CA ARG N 18 69.69 -36.33 13.74
C ARG N 18 68.71 -37.24 14.48
N THR N 19 69.20 -38.41 14.87
CA THR N 19 68.35 -39.45 15.46
C THR N 19 68.56 -39.47 16.96
N ILE N 20 67.45 -39.46 17.69
CA ILE N 20 67.45 -39.48 19.15
C ILE N 20 66.96 -40.83 19.63
N THR N 21 67.62 -41.35 20.65
CA THR N 21 67.22 -42.61 21.28
C THR N 21 66.51 -42.29 22.60
N LEU N 22 65.31 -42.84 22.76
CA LEU N 22 64.47 -42.54 23.91
C LEU N 22 64.26 -43.81 24.72
N GLU N 23 64.23 -43.67 26.04
CA GLU N 23 63.92 -44.78 26.94
C GLU N 23 62.48 -44.61 27.42
N VAL N 24 61.59 -45.45 26.92
CA VAL N 24 60.16 -45.35 27.20
C VAL N 24 59.58 -46.75 27.34
N GLU N 25 58.31 -46.82 27.71
CA GLU N 25 57.54 -48.06 27.74
C GLU N 25 56.25 -47.86 26.96
N SER N 26 55.42 -48.90 26.92
CA SER N 26 54.18 -48.82 26.16
C SER N 26 53.17 -47.90 26.84
N SER N 27 53.26 -47.72 28.15
CA SER N 27 52.28 -46.95 28.90
C SER N 27 52.65 -45.48 29.06
N ASP N 28 53.77 -45.04 28.48
CA ASP N 28 54.16 -43.64 28.60
C ASP N 28 53.30 -42.76 27.69
N THR N 29 52.93 -41.59 28.21
CA THR N 29 52.09 -40.67 27.46
C THR N 29 52.92 -39.83 26.50
N ILE N 30 52.23 -39.22 25.55
CA ILE N 30 52.90 -38.34 24.59
C ILE N 30 53.46 -37.11 25.30
N ASP N 31 52.82 -36.66 26.38
CA ASP N 31 53.35 -35.55 27.15
C ASP N 31 54.69 -35.91 27.77
N ASN N 32 54.86 -37.17 28.20
CA ASN N 32 56.16 -37.61 28.68
C ASN N 32 57.17 -37.65 27.55
N VAL N 33 56.77 -38.17 26.38
CA VAL N 33 57.68 -38.24 25.24
C VAL N 33 58.05 -36.84 24.76
N ARG N 34 57.11 -35.89 24.86
CA ARG N 34 57.38 -34.55 24.38
C ARG N 34 58.31 -33.79 25.32
N ALA N 35 58.09 -33.92 26.63
CA ALA N 35 58.94 -33.20 27.58
C ALA N 35 60.31 -33.86 27.69
N ARG N 36 60.42 -35.15 27.41
CA ARG N 36 61.70 -35.83 27.47
C ARG N 36 62.66 -35.34 26.38
N ILE N 37 62.13 -34.99 25.21
CA ILE N 37 62.99 -34.46 24.14
C ILE N 37 63.45 -33.03 24.47
N GLN N 38 62.73 -32.32 25.33
CA GLN N 38 63.09 -30.95 25.65
C GLN N 38 64.49 -30.84 26.25
N ASP N 39 64.79 -31.66 27.26
CA ASP N 39 66.08 -31.56 27.94
C ASP N 39 67.25 -32.12 27.14
N ARG N 40 67.00 -32.90 26.09
CA ARG N 40 68.08 -33.42 25.27
C ARG N 40 68.34 -32.61 24.01
N GLU N 41 67.30 -32.00 23.45
CA GLU N 41 67.43 -31.23 22.22
C GLU N 41 67.28 -29.73 22.42
N GLY N 42 66.51 -29.30 23.41
CA GLY N 42 66.36 -27.88 23.70
C GLY N 42 65.11 -27.21 23.18
N ILE N 43 64.18 -27.96 22.60
CA ILE N 43 62.96 -27.36 22.05
C ILE N 43 61.86 -27.38 23.12
N PRO N 44 61.19 -26.27 23.37
CA PRO N 44 60.12 -26.26 24.35
C PRO N 44 58.97 -27.17 23.90
N PRO N 45 58.18 -27.68 24.84
CA PRO N 45 57.12 -28.62 24.46
C PRO N 45 56.01 -28.00 23.62
N ASP N 46 55.76 -26.70 23.77
CA ASP N 46 54.67 -26.07 23.03
C ASP N 46 55.02 -25.86 21.56
N GLN N 47 56.29 -25.68 21.25
CA GLN N 47 56.78 -25.44 19.90
C GLN N 47 56.96 -26.73 19.10
N GLN N 48 56.51 -27.86 19.63
CA GLN N 48 56.81 -29.16 19.06
C GLN N 48 55.54 -29.85 18.55
N ARG N 49 55.69 -30.58 17.46
CA ARG N 49 54.67 -31.50 16.96
C ARG N 49 55.33 -32.86 16.78
N LEU N 50 54.51 -33.90 16.64
CA LEU N 50 55.03 -35.26 16.54
C LEU N 50 54.11 -36.06 15.64
N ILE N 51 54.67 -36.64 14.58
CA ILE N 51 53.91 -37.47 13.65
C ILE N 51 54.64 -38.79 13.46
N PHE N 52 53.87 -39.89 13.50
CA PHE N 52 54.40 -41.23 13.28
C PHE N 52 53.53 -41.92 12.25
N ALA N 53 54.15 -42.32 11.13
CA ALA N 53 53.40 -42.88 10.01
C ALA N 53 52.29 -41.93 9.56
N GLY N 54 52.54 -40.63 9.66
CA GLY N 54 51.55 -39.65 9.26
C GLY N 54 50.44 -39.42 10.24
N ARG N 55 50.67 -39.64 11.54
CA ARG N 55 49.67 -39.46 12.57
C ARG N 55 50.18 -38.44 13.58
N GLN N 56 49.52 -37.29 13.65
CA GLN N 56 49.89 -36.29 14.65
C GLN N 56 49.51 -36.81 16.04
N LEU N 57 50.53 -36.98 16.89
CA LEU N 57 50.31 -37.58 18.20
C LEU N 57 49.64 -36.57 19.13
N GLU N 58 48.47 -36.92 19.65
CA GLU N 58 47.75 -36.08 20.58
C GLU N 58 48.34 -36.19 21.97
N ASP N 59 48.21 -35.12 22.75
CA ASP N 59 48.85 -35.07 24.07
C ASP N 59 48.18 -35.98 25.09
N GLY N 60 46.94 -36.39 24.85
CA GLY N 60 46.21 -37.17 25.84
C GLY N 60 46.47 -38.66 25.78
N ARG N 61 46.83 -39.17 24.61
CA ARG N 61 46.98 -40.60 24.39
C ARG N 61 48.39 -41.04 24.81
N THR N 62 48.65 -42.34 24.68
CA THR N 62 49.92 -42.94 25.06
C THR N 62 50.62 -43.53 23.83
N LEU N 63 51.78 -44.13 24.06
CA LEU N 63 52.55 -44.74 22.98
C LEU N 63 51.92 -46.04 22.48
N ALA N 64 51.28 -46.79 23.38
CA ALA N 64 50.64 -48.04 22.97
C ALA N 64 49.39 -47.79 22.15
N ASP N 65 48.80 -46.60 22.24
CA ASP N 65 47.61 -46.31 21.45
C ASP N 65 47.90 -46.17 19.96
N TYR N 66 49.17 -45.98 19.59
CA TYR N 66 49.57 -45.84 18.19
C TYR N 66 50.38 -47.04 17.71
N ASN N 67 50.46 -48.11 18.49
CA ASN N 67 51.21 -49.32 18.14
C ASN N 67 52.67 -48.98 17.85
N ILE N 68 53.28 -48.19 18.73
CA ILE N 68 54.68 -47.80 18.58
C ILE N 68 55.51 -48.80 19.39
N GLN N 69 55.97 -49.85 18.71
CA GLN N 69 56.82 -50.85 19.34
C GLN N 69 58.27 -50.37 19.37
N ARG N 70 59.18 -51.26 19.73
CA ARG N 70 60.59 -50.89 19.79
C ARG N 70 61.15 -50.70 18.38
N GLU N 71 62.25 -49.95 18.31
CA GLU N 71 62.94 -49.65 17.05
C GLU N 71 62.03 -48.93 16.06
N SER N 72 61.11 -48.12 16.57
CA SER N 72 60.25 -47.28 15.75
C SER N 72 60.91 -45.93 15.51
N THR N 73 60.33 -45.16 14.59
CA THR N 73 60.88 -43.86 14.19
C THR N 73 59.80 -42.80 14.29
N LEU N 74 59.97 -41.84 15.19
CA LEU N 74 59.10 -40.68 15.28
C LEU N 74 59.68 -39.53 14.45
N HIS N 75 58.86 -38.50 14.25
CA HIS N 75 59.28 -37.34 13.48
C HIS N 75 58.88 -36.07 14.22
N LEU N 76 59.82 -35.14 14.33
CA LEU N 76 59.62 -33.88 15.02
C LEU N 76 59.67 -32.73 14.02
N VAL N 77 58.67 -31.86 14.07
CA VAL N 77 58.62 -30.69 13.21
C VAL N 77 58.29 -29.47 14.05
N LEU N 78 58.79 -28.32 13.62
CA LEU N 78 58.65 -27.10 14.38
C LEU N 78 57.28 -26.47 14.17
N ARG N 79 56.82 -25.72 15.16
CA ARG N 79 55.59 -24.96 15.08
C ARG N 79 55.85 -23.58 14.51
N LEU N 80 54.82 -22.98 13.92
CA LEU N 80 54.92 -21.67 13.32
C LEU N 80 54.37 -20.61 14.25
N ARG N 81 54.94 -19.40 14.16
CA ARG N 81 54.48 -18.26 14.94
C ARG N 81 54.40 -17.04 14.03
N GLY N 82 53.83 -15.96 14.56
CA GLY N 82 53.66 -14.75 13.79
C GLY N 82 54.98 -14.09 13.46
N GLY N 83 54.90 -13.14 12.53
CA GLY N 83 56.06 -12.38 12.12
C GLY N 83 55.70 -11.05 11.51
N MET O 8 41.81 33.29 -100.65
CA MET O 8 41.26 31.96 -100.88
C MET O 8 39.85 31.86 -100.26
N GLN O 9 38.91 31.32 -101.02
CA GLN O 9 37.52 31.21 -100.60
C GLN O 9 37.10 29.75 -100.47
N ILE O 10 36.29 29.49 -99.44
CA ILE O 10 35.71 28.17 -99.20
C ILE O 10 34.21 28.35 -99.00
N PHE O 11 33.45 27.29 -99.29
CA PHE O 11 32.00 27.33 -99.18
C PHE O 11 31.54 26.55 -97.94
N VAL O 12 30.41 26.98 -97.40
CA VAL O 12 29.82 26.37 -96.20
C VAL O 12 28.31 26.25 -96.43
N ARG O 13 27.78 25.04 -96.22
CA ARG O 13 26.36 24.78 -96.40
C ARG O 13 25.64 24.94 -95.06
N THR O 14 24.52 25.66 -95.08
CA THR O 14 23.75 25.93 -93.88
C THR O 14 22.67 24.87 -93.69
N LEU O 15 21.75 25.12 -92.75
CA LEU O 15 20.67 24.18 -92.49
C LEU O 15 19.65 24.16 -93.62
N THR O 16 19.49 25.26 -94.35
CA THR O 16 18.50 25.38 -95.40
C THR O 16 19.03 25.10 -96.80
N GLY O 17 20.29 24.70 -96.92
CA GLY O 17 20.87 24.53 -98.24
C GLY O 17 21.26 25.87 -98.82
N ARG O 18 21.97 26.67 -98.03
CA ARG O 18 22.44 27.99 -98.43
C ARG O 18 23.95 27.98 -98.49
N THR O 19 24.52 28.62 -99.49
CA THR O 19 25.96 28.59 -99.73
C THR O 19 26.55 29.90 -99.21
N ILE O 20 27.59 29.78 -98.39
CA ILE O 20 28.26 30.93 -97.79
C ILE O 20 29.63 31.10 -98.42
N THR O 21 29.99 32.35 -98.70
CA THR O 21 31.31 32.68 -99.24
C THR O 21 32.16 33.26 -98.11
N LEU O 22 33.32 32.66 -97.90
CA LEU O 22 34.20 33.06 -96.80
C LEU O 22 35.54 33.55 -97.35
N GLU O 23 36.10 34.56 -96.67
CA GLU O 23 37.42 35.07 -97.00
C GLU O 23 38.39 34.49 -95.97
N VAL O 24 39.25 33.58 -96.42
CA VAL O 24 40.14 32.85 -95.53
C VAL O 24 41.50 32.70 -96.19
N GLU O 25 42.43 32.13 -95.42
CA GLU O 25 43.75 31.78 -95.91
C GLU O 25 44.04 30.33 -95.54
N SER O 26 45.06 29.77 -96.19
CA SER O 26 45.41 28.37 -95.94
C SER O 26 45.92 28.14 -94.52
N SER O 27 46.36 29.21 -93.84
CA SER O 27 46.89 29.09 -92.49
C SER O 27 45.82 29.24 -91.40
N ASP O 28 44.61 29.66 -91.76
CA ASP O 28 43.56 29.84 -90.77
C ASP O 28 43.14 28.49 -90.19
N THR O 29 43.07 28.42 -88.87
CA THR O 29 42.73 27.18 -88.19
C THR O 29 41.22 26.94 -88.23
N ILE O 30 40.84 25.69 -87.95
CA ILE O 30 39.43 25.34 -87.92
C ILE O 30 38.71 26.08 -86.79
N ASP O 31 39.40 26.26 -85.65
CA ASP O 31 38.84 27.03 -84.56
C ASP O 31 38.56 28.47 -84.97
N ASN O 32 39.39 29.02 -85.86
CA ASN O 32 39.14 30.36 -86.39
C ASN O 32 38.03 30.37 -87.43
N VAL O 33 37.84 29.26 -88.15
CA VAL O 33 36.74 29.19 -89.10
C VAL O 33 35.41 29.01 -88.39
N ARG O 34 35.40 28.28 -87.27
CA ARG O 34 34.16 28.07 -86.52
C ARG O 34 33.60 29.39 -86.00
N ALA O 35 34.47 30.24 -85.45
CA ALA O 35 34.02 31.51 -84.88
C ALA O 35 33.56 32.47 -85.97
N ARG O 36 34.12 32.36 -87.18
CA ARG O 36 33.70 33.23 -88.27
C ARG O 36 32.26 32.93 -88.70
N ILE O 37 31.84 31.66 -88.66
CA ILE O 37 30.46 31.33 -88.98
C ILE O 37 29.51 31.75 -87.85
N GLN O 38 30.03 31.89 -86.63
CA GLN O 38 29.17 32.27 -85.51
C GLN O 38 28.56 33.66 -85.72
N ASP O 39 29.39 34.65 -86.07
CA ASP O 39 28.89 36.00 -86.27
C ASP O 39 28.14 36.16 -87.58
N ARG O 40 28.27 35.21 -88.51
CA ARG O 40 27.57 35.28 -89.79
C ARG O 40 26.27 34.50 -89.79
N GLU O 41 26.20 33.40 -89.05
CA GLU O 41 25.00 32.57 -89.00
C GLU O 41 24.27 32.60 -87.66
N GLY O 42 24.99 32.81 -86.56
CA GLY O 42 24.38 32.87 -85.24
C GLY O 42 24.46 31.62 -84.42
N ILE O 43 25.19 30.60 -84.88
CA ILE O 43 25.28 29.33 -84.17
C ILE O 43 26.49 29.33 -83.23
N PRO O 44 26.32 28.92 -81.97
CA PRO O 44 27.46 28.86 -81.04
C PRO O 44 28.50 27.86 -81.52
N PRO O 45 29.76 28.02 -81.11
CA PRO O 45 30.81 27.13 -81.63
C PRO O 45 30.66 25.68 -81.20
N ASP O 46 30.03 25.42 -80.05
CA ASP O 46 29.89 24.05 -79.58
C ASP O 46 28.81 23.30 -80.34
N GLN O 47 27.79 24.01 -80.82
CA GLN O 47 26.66 23.44 -81.54
C GLN O 47 26.96 23.19 -83.02
N GLN O 48 28.20 23.39 -83.46
CA GLN O 48 28.56 23.38 -84.86
C GLN O 48 29.47 22.22 -85.18
N ARG O 49 29.30 21.64 -86.37
CA ARG O 49 30.24 20.69 -86.92
C ARG O 49 30.66 21.16 -88.31
N LEU O 50 31.72 20.54 -88.82
CA LEU O 50 32.26 20.88 -90.13
C LEU O 50 32.83 19.61 -90.74
N ILE O 51 32.35 19.23 -91.92
CA ILE O 51 32.82 18.03 -92.59
C ILE O 51 33.24 18.39 -94.01
N PHE O 52 34.40 17.90 -94.42
CA PHE O 52 34.93 18.08 -95.77
C PHE O 52 35.39 16.73 -96.26
N ALA O 53 34.79 16.26 -97.36
CA ALA O 53 35.04 14.90 -97.86
C ALA O 53 34.75 13.87 -96.78
N GLY O 54 33.75 14.15 -95.93
CA GLY O 54 33.36 13.23 -94.89
C GLY O 54 34.24 13.17 -93.67
N ARG O 55 34.98 14.24 -93.38
CA ARG O 55 35.88 14.27 -92.23
C ARG O 55 35.50 15.43 -91.32
N GLN O 56 35.12 15.11 -90.10
CA GLN O 56 34.81 16.14 -89.11
C GLN O 56 36.09 16.89 -88.78
N LEU O 57 36.12 18.19 -89.04
CA LEU O 57 37.33 18.98 -88.90
C LEU O 57 37.63 19.21 -87.42
N GLU O 58 38.84 18.81 -87.01
CA GLU O 58 39.26 18.96 -85.63
C GLU O 58 39.67 20.40 -85.34
N ASP O 59 39.52 20.80 -84.08
CA ASP O 59 39.72 22.19 -83.69
C ASP O 59 41.20 22.61 -83.71
N GLY O 60 42.13 21.66 -83.68
CA GLY O 60 43.53 22.01 -83.61
C GLY O 60 44.21 22.28 -84.93
N ARG O 61 43.72 21.66 -86.00
CA ARG O 61 44.36 21.76 -87.30
C ARG O 61 43.90 23.00 -88.05
N THR O 62 44.42 23.18 -89.26
CA THR O 62 44.13 24.32 -90.13
C THR O 62 43.43 23.83 -91.39
N LEU O 63 43.15 24.79 -92.29
CA LEU O 63 42.51 24.43 -93.55
C LEU O 63 43.46 23.70 -94.50
N ALA O 64 44.75 24.05 -94.46
CA ALA O 64 45.71 23.39 -95.32
C ALA O 64 46.00 21.96 -94.88
N ASP O 65 45.71 21.62 -93.62
CA ASP O 65 45.95 20.27 -93.13
C ASP O 65 45.00 19.25 -93.73
N TYR O 66 43.89 19.71 -94.33
CA TYR O 66 42.91 18.83 -94.95
C TYR O 66 42.90 18.94 -96.47
N ASN O 67 43.90 19.59 -97.06
CA ASN O 67 43.97 19.81 -98.50
C ASN O 67 42.72 20.52 -99.01
N ILE O 68 42.34 21.59 -98.31
CA ILE O 68 41.18 22.40 -98.66
C ILE O 68 41.69 23.56 -99.50
N GLN O 69 41.66 23.40 -100.82
CA GLN O 69 42.04 24.50 -101.71
C GLN O 69 40.86 25.45 -101.85
N ARG O 70 40.98 26.43 -102.76
CA ARG O 70 39.88 27.36 -102.96
C ARG O 70 38.71 26.66 -103.66
N GLU O 71 37.53 27.25 -103.51
CA GLU O 71 36.29 26.74 -104.10
C GLU O 71 35.96 25.34 -103.62
N SER O 72 36.30 25.03 -102.37
CA SER O 72 35.89 23.79 -101.74
C SER O 72 34.55 24.00 -101.04
N THR O 73 33.95 22.89 -100.60
CA THR O 73 32.61 22.94 -100.00
C THR O 73 32.63 22.25 -98.65
N LEU O 74 32.39 23.02 -97.59
CA LEU O 74 32.20 22.49 -96.25
C LEU O 74 30.72 22.24 -96.00
N HIS O 75 30.44 21.50 -94.92
CA HIS O 75 29.07 21.18 -94.55
C HIS O 75 28.90 21.38 -93.04
N LEU O 76 27.83 22.08 -92.67
CA LEU O 76 27.53 22.40 -91.28
C LEU O 76 26.30 21.63 -90.85
N VAL O 77 26.40 20.95 -89.71
CA VAL O 77 25.28 20.20 -89.14
C VAL O 77 25.19 20.54 -87.66
N LEU O 78 24.00 20.95 -87.23
CA LEU O 78 23.80 21.41 -85.87
C LEU O 78 23.70 20.25 -84.89
N ARG O 79 23.73 20.58 -83.60
CA ARG O 79 23.61 19.60 -82.53
C ARG O 79 22.55 20.07 -81.54
N LEU O 80 22.23 19.20 -80.59
CA LEU O 80 21.23 19.51 -79.57
C LEU O 80 21.77 20.53 -78.56
N HIS P 4 -24.48 -48.64 64.88
CA HIS P 4 -24.25 -48.13 63.54
C HIS P 4 -23.59 -46.75 63.57
N HIS P 5 -22.97 -46.43 64.71
CA HIS P 5 -22.30 -45.15 64.87
C HIS P 5 -20.94 -45.15 64.17
N HIS P 6 -20.57 -44.01 63.60
CA HIS P 6 -19.32 -43.87 62.89
C HIS P 6 -18.78 -42.46 63.08
N HIS P 7 -17.64 -42.19 62.46
CA HIS P 7 -17.03 -40.87 62.43
C HIS P 7 -16.53 -40.60 61.03
N MET P 8 -16.81 -39.41 60.50
CA MET P 8 -16.53 -39.13 59.10
C MET P 8 -16.32 -37.63 58.90
N GLN P 9 -15.79 -37.29 57.72
CA GLN P 9 -15.57 -35.91 57.31
C GLN P 9 -16.44 -35.62 56.10
N ILE P 10 -17.04 -34.43 56.08
CA ILE P 10 -17.90 -34.00 54.97
C ILE P 10 -17.46 -32.63 54.49
N PHE P 11 -17.80 -32.34 53.24
CA PHE P 11 -17.49 -31.06 52.61
C PHE P 11 -18.77 -30.24 52.51
N VAL P 12 -18.61 -28.92 52.55
CA VAL P 12 -19.75 -28.00 52.46
C VAL P 12 -19.38 -26.88 51.50
N ARG P 13 -20.18 -26.71 50.46
CA ARG P 13 -19.97 -25.65 49.46
C ARG P 13 -20.87 -24.47 49.80
N THR P 14 -20.30 -23.27 49.73
CA THR P 14 -21.04 -22.06 50.07
C THR P 14 -21.69 -21.51 48.79
N LEU P 15 -22.27 -20.32 48.89
CA LEU P 15 -22.90 -19.71 47.71
C LEU P 15 -21.87 -19.25 46.70
N THR P 16 -20.66 -18.93 47.16
CA THR P 16 -19.58 -18.43 46.30
C THR P 16 -18.62 -19.55 45.90
N GLY P 17 -19.18 -20.72 45.58
CA GLY P 17 -18.42 -21.93 45.28
C GLY P 17 -17.12 -22.14 46.01
N ARG P 18 -17.12 -21.95 47.33
CA ARG P 18 -15.95 -22.22 48.15
C ARG P 18 -16.29 -23.32 49.13
N THR P 19 -15.38 -24.28 49.28
CA THR P 19 -15.63 -25.49 50.03
C THR P 19 -14.94 -25.46 51.40
N ILE P 20 -15.71 -25.76 52.44
CA ILE P 20 -15.21 -25.87 53.81
C ILE P 20 -15.31 -27.34 54.20
N THR P 21 -14.30 -27.82 54.92
CA THR P 21 -14.25 -29.22 55.36
C THR P 21 -14.63 -29.33 56.84
N LEU P 22 -15.62 -30.18 57.12
CA LEU P 22 -16.14 -30.38 58.47
C LEU P 22 -15.94 -31.82 58.92
N GLU P 23 -15.60 -32.01 60.20
CA GLU P 23 -15.47 -33.31 60.82
C GLU P 23 -16.67 -33.52 61.76
N VAL P 24 -17.52 -34.48 61.43
CA VAL P 24 -18.77 -34.71 62.12
C VAL P 24 -18.97 -36.21 62.33
N GLU P 25 -20.05 -36.56 63.03
CA GLU P 25 -20.45 -37.95 63.21
C GLU P 25 -21.89 -38.13 62.80
N SER P 26 -22.28 -39.39 62.58
CA SER P 26 -23.63 -39.70 62.12
C SER P 26 -24.68 -39.39 63.18
N SER P 27 -24.29 -39.28 64.45
CA SER P 27 -25.22 -38.97 65.52
C SER P 27 -25.43 -37.47 65.70
N ASP P 28 -24.81 -36.64 64.86
CA ASP P 28 -24.95 -35.19 64.95
C ASP P 28 -26.20 -34.74 64.20
N THR P 29 -27.02 -33.94 64.87
CA THR P 29 -28.22 -33.41 64.24
C THR P 29 -27.85 -32.37 63.18
N ILE P 30 -28.80 -32.12 62.27
CA ILE P 30 -28.59 -31.10 61.25
C ILE P 30 -28.48 -29.72 61.90
N ASP P 31 -29.31 -29.46 62.92
CA ASP P 31 -29.20 -28.21 63.66
C ASP P 31 -27.84 -28.08 64.33
N ASN P 32 -27.25 -29.20 64.73
CA ASN P 32 -25.88 -29.19 65.24
C ASN P 32 -24.89 -28.82 64.14
N VAL P 33 -25.13 -29.32 62.92
CA VAL P 33 -24.23 -29.00 61.80
C VAL P 33 -24.59 -27.66 61.18
N ARG P 34 -25.86 -27.23 61.29
CA ARG P 34 -26.24 -25.92 60.77
C ARG P 34 -25.57 -24.80 61.56
N ALA P 35 -25.61 -24.89 62.89
CA ALA P 35 -24.87 -23.97 63.72
C ALA P 35 -23.35 -24.19 63.61
N ARG P 36 -22.93 -25.34 63.09
CA ARG P 36 -21.50 -25.58 62.88
C ARG P 36 -20.98 -24.74 61.71
N ILE P 37 -21.76 -24.62 60.63
CA ILE P 37 -21.39 -23.76 59.53
C ILE P 37 -21.68 -22.29 59.82
N GLN P 38 -22.63 -22.03 60.72
CA GLN P 38 -23.03 -20.66 61.04
C GLN P 38 -21.87 -19.87 61.66
N ASP P 39 -21.23 -20.43 62.68
CA ASP P 39 -20.17 -19.72 63.39
C ASP P 39 -18.86 -19.65 62.62
N ARG P 40 -18.72 -20.42 61.53
CA ARG P 40 -17.48 -20.44 60.76
C ARG P 40 -17.51 -19.47 59.58
N GLU P 41 -18.68 -19.18 59.03
CA GLU P 41 -18.77 -18.34 57.83
C GLU P 41 -19.32 -16.95 58.10
N GLY P 42 -20.14 -16.76 59.13
CA GLY P 42 -20.70 -15.46 59.42
C GLY P 42 -22.11 -15.23 58.96
N ILE P 43 -22.80 -16.26 58.52
CA ILE P 43 -24.15 -16.13 57.96
C ILE P 43 -25.17 -16.23 59.10
N PRO P 44 -26.17 -15.35 59.14
CA PRO P 44 -27.20 -15.46 60.18
C PRO P 44 -27.93 -16.78 60.03
N PRO P 45 -28.51 -17.28 61.13
CA PRO P 45 -29.14 -18.61 61.06
C PRO P 45 -30.35 -18.68 60.17
N ASP P 46 -31.06 -17.57 59.97
CA ASP P 46 -32.29 -17.60 59.19
C ASP P 46 -32.07 -17.62 57.69
N GLN P 47 -30.99 -17.01 57.19
CA GLN P 47 -30.88 -16.84 55.75
C GLN P 47 -30.34 -18.04 54.99
N GLN P 48 -29.89 -19.11 55.65
CA GLN P 48 -29.29 -20.21 54.93
C GLN P 48 -29.87 -21.55 55.39
N ARG P 49 -29.96 -22.48 54.45
CA ARG P 49 -30.32 -23.87 54.69
C ARG P 49 -29.26 -24.81 54.13
N LEU P 50 -29.55 -26.11 54.12
CA LEU P 50 -28.59 -27.14 53.73
C LEU P 50 -29.28 -28.14 52.81
N ILE P 51 -28.67 -28.40 51.66
CA ILE P 51 -29.22 -29.29 50.65
C ILE P 51 -28.21 -30.41 50.39
N PHE P 52 -28.70 -31.65 50.35
CA PHE P 52 -27.88 -32.81 50.05
C PHE P 52 -28.61 -33.66 49.02
N ALA P 53 -28.02 -33.83 47.85
CA ALA P 53 -28.66 -34.53 46.74
C ALA P 53 -30.04 -33.94 46.43
N GLY P 54 -30.16 -32.63 46.56
CA GLY P 54 -31.42 -31.96 46.29
C GLY P 54 -32.49 -32.07 47.35
N ARG P 55 -32.10 -32.30 48.60
CA ARG P 55 -33.02 -32.43 49.72
C ARG P 55 -32.66 -31.45 50.82
N GLN P 56 -33.59 -30.54 51.14
CA GLN P 56 -33.37 -29.61 52.23
C GLN P 56 -33.36 -30.37 53.56
N LEU P 57 -32.23 -30.34 54.26
CA LEU P 57 -32.07 -31.10 55.48
C LEU P 57 -32.81 -30.41 56.62
N GLU P 58 -33.74 -31.12 57.24
CA GLU P 58 -34.48 -30.58 58.36
C GLU P 58 -33.66 -30.64 59.64
N ASP P 59 -33.93 -29.71 60.55
CA ASP P 59 -33.12 -29.55 61.76
C ASP P 59 -33.33 -30.68 62.77
N GLY P 60 -34.43 -31.44 62.66
CA GLY P 60 -34.71 -32.44 63.67
C GLY P 60 -34.00 -33.76 63.47
N ARG P 61 -33.65 -34.10 62.23
CA ARG P 61 -33.03 -35.38 61.92
C ARG P 61 -31.51 -35.30 62.13
N THR P 62 -30.83 -36.41 61.87
CA THR P 62 -29.38 -36.51 62.05
C THR P 62 -28.72 -36.76 60.69
N LEU P 63 -27.40 -36.91 60.71
CA LEU P 63 -26.66 -37.14 59.47
C LEU P 63 -26.88 -38.54 58.93
N ALA P 64 -27.04 -39.53 59.81
CA ALA P 64 -27.28 -40.89 59.36
C ALA P 64 -28.69 -41.06 58.79
N ASP P 65 -29.62 -40.16 59.15
CA ASP P 65 -30.98 -40.23 58.63
C ASP P 65 -31.06 -39.88 57.15
N TYR P 66 -30.03 -39.24 56.60
CA TYR P 66 -30.02 -38.86 55.20
C TYR P 66 -29.01 -39.66 54.38
N ASN P 67 -28.45 -40.73 54.96
CA ASN P 67 -27.46 -41.58 54.28
C ASN P 67 -26.26 -40.75 53.83
N ILE P 68 -25.77 -39.90 54.72
CA ILE P 68 -24.62 -39.04 54.45
C ILE P 68 -23.38 -39.79 54.94
N GLN P 69 -22.72 -40.50 54.04
CA GLN P 69 -21.50 -41.22 54.38
C GLN P 69 -20.32 -40.25 54.38
N ARG P 70 -19.11 -40.78 54.50
CA ARG P 70 -17.92 -39.95 54.55
C ARG P 70 -17.63 -39.32 53.18
N GLU P 71 -16.91 -38.19 53.23
CA GLU P 71 -16.47 -37.48 52.03
C GLU P 71 -17.66 -37.08 51.15
N SER P 72 -18.79 -36.75 51.77
CA SER P 72 -19.94 -36.25 51.05
C SER P 72 -19.84 -34.74 50.89
N THR P 73 -20.74 -34.18 50.08
CA THR P 73 -20.72 -32.77 49.75
C THR P 73 -22.10 -32.17 50.03
N LEU P 74 -22.15 -31.25 50.99
CA LEU P 74 -23.37 -30.50 51.25
C LEU P 74 -23.39 -29.21 50.44
N HIS P 75 -24.56 -28.60 50.36
CA HIS P 75 -24.76 -27.37 49.60
C HIS P 75 -25.60 -26.39 50.41
N LEU P 76 -25.21 -25.12 50.37
CA LEU P 76 -25.86 -24.07 51.14
C LEU P 76 -26.69 -23.21 50.19
N VAL P 77 -27.96 -22.99 50.55
CA VAL P 77 -28.90 -22.14 49.78
C VAL P 77 -29.73 -21.33 50.78
N LEU P 78 -30.30 -20.20 50.37
CA LEU P 78 -31.07 -19.38 51.33
C LEU P 78 -32.38 -20.07 51.68
N ARG P 79 -32.91 -19.80 52.87
CA ARG P 79 -34.18 -20.44 53.28
C ARG P 79 -35.29 -19.90 52.40
N LEU P 80 -35.63 -18.62 52.57
CA LEU P 80 -36.64 -17.98 51.70
C LEU P 80 -35.94 -17.83 50.37
N ARG P 81 -36.12 -18.80 49.47
CA ARG P 81 -35.39 -18.78 48.17
C ARG P 81 -36.21 -18.01 47.14
N GLY P 82 -36.49 -18.65 46.02
CA GLY P 82 -37.25 -17.93 44.99
C GLY P 82 -38.58 -17.49 45.55
N GLY P 83 -38.95 -16.22 45.40
CA GLY P 83 -40.26 -15.71 45.85
C GLY P 83 -41.22 -15.70 44.61
N MET Q 8 -25.50 8.10 104.85
CA MET Q 8 -26.70 8.84 105.25
C MET Q 8 -26.38 10.34 105.14
N GLN Q 9 -25.58 10.68 104.13
CA GLN Q 9 -25.14 12.04 103.86
C GLN Q 9 -25.68 12.48 102.50
N ILE Q 10 -25.99 13.78 102.40
CA ILE Q 10 -26.51 14.35 101.17
C ILE Q 10 -25.62 15.52 100.75
N PHE Q 11 -25.64 15.82 99.46
CA PHE Q 11 -24.83 16.87 98.86
C PHE Q 11 -25.68 18.08 98.49
N VAL Q 12 -25.04 19.25 98.49
CA VAL Q 12 -25.68 20.50 98.12
C VAL Q 12 -24.72 21.25 97.20
N ARG Q 13 -25.18 21.56 95.98
CA ARG Q 13 -24.38 22.28 95.00
C ARG Q 13 -24.72 23.76 94.98
N THR Q 14 -23.69 24.60 94.99
CA THR Q 14 -23.89 26.04 94.90
C THR Q 14 -23.76 26.46 93.43
N LEU Q 15 -23.76 27.76 93.17
CA LEU Q 15 -23.61 28.24 91.80
C LEU Q 15 -22.19 28.06 91.28
N THR Q 16 -21.20 28.05 92.17
CA THR Q 16 -19.79 28.00 91.78
C THR Q 16 -19.23 26.59 91.82
N GLY Q 17 -20.00 25.61 91.31
CA GLY Q 17 -19.65 24.20 91.34
C GLY Q 17 -18.90 23.68 92.54
N ARG Q 18 -19.37 24.00 93.74
CA ARG Q 18 -18.77 23.50 94.97
C ARG Q 18 -19.75 22.59 95.67
N THR Q 19 -19.25 21.46 96.15
CA THR Q 19 -20.09 20.41 96.73
C THR Q 19 -19.99 20.47 98.24
N ILE Q 20 -21.14 20.49 98.91
CA ILE Q 20 -21.22 20.53 100.36
C ILE Q 20 -21.73 19.19 100.85
N THR Q 21 -21.11 18.68 101.91
CA THR Q 21 -21.54 17.45 102.56
C THR Q 21 -22.28 17.79 103.84
N LEU Q 22 -23.51 17.29 103.97
CA LEU Q 22 -24.35 17.62 105.10
C LEU Q 22 -24.66 16.36 105.90
N GLU Q 23 -24.74 16.52 107.22
CA GLU Q 23 -25.09 15.44 108.13
C GLU Q 23 -26.55 15.60 108.54
N VAL Q 24 -27.41 14.72 108.03
CA VAL Q 24 -28.84 14.82 108.25
C VAL Q 24 -29.42 13.42 108.44
N GLU Q 25 -30.71 13.38 108.78
CA GLU Q 25 -31.48 12.15 108.82
C GLU Q 25 -32.77 12.39 108.05
N SER Q 26 -33.57 11.33 107.90
CA SER Q 26 -34.81 11.43 107.14
C SER Q 26 -35.86 12.27 107.86
N SER Q 27 -35.64 12.63 109.12
CA SER Q 27 -36.65 13.35 109.90
C SER Q 27 -36.44 14.87 109.88
N ASP Q 28 -35.25 15.34 109.52
CA ASP Q 28 -34.99 16.77 109.55
C ASP Q 28 -35.81 17.51 108.51
N THR Q 29 -36.29 18.70 108.87
CA THR Q 29 -37.10 19.51 107.97
C THR Q 29 -36.20 20.34 107.06
N ILE Q 30 -36.84 20.99 106.08
CA ILE Q 30 -36.10 21.84 105.15
C ILE Q 30 -35.56 23.07 105.87
N ASP Q 31 -36.33 23.62 106.81
CA ASP Q 31 -35.88 24.79 107.56
C ASP Q 31 -34.62 24.48 108.37
N ASN Q 32 -34.46 23.24 108.82
CA ASN Q 32 -33.22 22.86 109.47
C ASN Q 32 -32.06 22.83 108.48
N VAL Q 33 -32.32 22.38 107.25
CA VAL Q 33 -31.26 22.34 106.25
C VAL Q 33 -30.98 23.73 105.69
N ARG Q 34 -31.97 24.62 105.68
CA ARG Q 34 -31.75 25.97 105.18
C ARG Q 34 -30.80 26.74 106.09
N ALA Q 35 -31.07 26.73 107.40
CA ALA Q 35 -30.15 27.33 108.36
C ALA Q 35 -28.86 26.52 108.51
N ARG Q 36 -28.87 25.25 108.13
CA ARG Q 36 -27.65 24.44 108.16
C ARG Q 36 -26.61 24.98 107.17
N ILE Q 37 -27.05 25.46 106.02
CA ILE Q 37 -26.14 26.07 105.06
C ILE Q 37 -25.73 27.47 105.49
N GLN Q 38 -26.54 28.13 106.31
CA GLN Q 38 -26.24 29.50 106.73
C GLN Q 38 -24.93 29.57 107.49
N ASP Q 39 -24.75 28.70 108.49
CA ASP Q 39 -23.53 28.75 109.28
C ASP Q 39 -22.34 28.16 108.54
N ARG Q 40 -22.57 27.44 107.45
CA ARG Q 40 -21.49 26.86 106.67
C ARG Q 40 -21.11 27.70 105.46
N GLU Q 41 -22.09 28.40 104.85
CA GLU Q 41 -21.85 29.21 103.67
C GLU Q 41 -22.00 30.70 103.91
N GLY Q 42 -22.85 31.11 104.84
CA GLY Q 42 -23.04 32.51 105.15
C GLY Q 42 -24.27 33.16 104.55
N ILE Q 43 -25.14 32.39 103.88
CA ILE Q 43 -26.34 32.95 103.26
C ILE Q 43 -27.50 32.85 104.24
N PRO Q 44 -28.26 33.92 104.46
CA PRO Q 44 -29.40 33.85 105.36
C PRO Q 44 -30.43 32.87 104.85
N PRO Q 45 -31.24 32.28 105.74
CA PRO Q 45 -32.20 31.26 105.30
C PRO Q 45 -33.31 31.79 104.41
N ASP Q 46 -33.67 33.08 104.53
CA ASP Q 46 -34.77 33.63 103.73
C ASP Q 46 -34.34 33.88 102.28
N GLN Q 47 -33.07 34.17 102.06
CA GLN Q 47 -32.51 34.48 100.75
C GLN Q 47 -32.21 33.25 99.92
N GLN Q 48 -32.60 32.06 100.41
CA GLN Q 48 -32.19 30.79 99.83
C GLN Q 48 -33.39 30.06 99.25
N ARG Q 49 -33.13 29.34 98.16
CA ARG Q 49 -34.10 28.40 97.62
C ARG Q 49 -33.43 27.04 97.50
N LEU Q 50 -34.24 26.01 97.36
CA LEU Q 50 -33.73 24.64 97.33
C LEU Q 50 -34.59 23.82 96.39
N ILE Q 51 -33.96 23.18 95.41
CA ILE Q 51 -34.66 22.35 94.45
C ILE Q 51 -33.98 20.98 94.41
N PHE Q 52 -34.80 19.93 94.42
CA PHE Q 52 -34.33 18.55 94.33
C PHE Q 52 -35.14 17.85 93.25
N ALA Q 53 -34.46 17.39 92.20
CA ALA Q 53 -35.12 16.84 91.02
C ALA Q 53 -36.12 17.84 90.44
N GLY Q 54 -35.79 19.13 90.54
CA GLY Q 54 -36.66 20.16 90.00
C GLY Q 54 -37.88 20.49 90.85
N ARG Q 55 -37.80 20.28 92.17
CA ARG Q 55 -38.91 20.52 93.07
C ARG Q 55 -38.49 21.52 94.13
N GLN Q 56 -39.14 22.69 94.14
CA GLN Q 56 -38.87 23.68 95.16
C GLN Q 56 -39.35 23.16 96.52
N LEU Q 57 -38.40 22.99 97.44
CA LEU Q 57 -38.70 22.42 98.75
C LEU Q 57 -39.41 23.43 99.63
N GLU Q 58 -40.59 23.07 100.12
CA GLU Q 58 -41.36 23.93 101.01
C GLU Q 58 -40.76 23.90 102.41
N ASP Q 59 -40.93 25.00 103.14
CA ASP Q 59 -40.30 25.14 104.44
C ASP Q 59 -40.91 24.24 105.51
N GLY Q 60 -42.14 23.76 105.29
CA GLY Q 60 -42.83 22.98 106.29
C GLY Q 60 -42.54 21.49 106.29
N ARG Q 61 -42.13 20.96 105.14
CA ARG Q 61 -41.94 19.52 104.97
C ARG Q 61 -40.55 19.08 105.44
N THR Q 62 -40.29 17.78 105.35
CA THR Q 62 -39.04 17.17 105.80
C THR Q 62 -38.31 16.56 104.60
N LEU Q 63 -37.16 15.94 104.89
CA LEU Q 63 -36.36 15.31 103.84
C LEU Q 63 -36.99 14.01 103.35
N ALA Q 64 -37.65 13.26 104.23
CA ALA Q 64 -38.26 12.01 103.81
C ALA Q 64 -39.49 12.23 102.94
N ASP Q 65 -40.11 13.41 103.01
CA ASP Q 65 -41.28 13.69 102.18
C ASP Q 65 -40.91 13.85 100.71
N TYR Q 66 -39.63 14.06 100.39
CA TYR Q 66 -39.19 14.23 99.02
C TYR Q 66 -38.36 13.06 98.51
N ASN Q 67 -38.31 11.95 99.25
CA ASN Q 67 -37.55 10.76 98.86
C ASN Q 67 -36.08 11.09 98.62
N ILE Q 68 -35.48 11.81 99.57
CA ILE Q 68 -34.08 12.18 99.50
C ILE Q 68 -33.30 11.12 100.29
N GLN Q 69 -32.81 10.11 99.59
CA GLN Q 69 -32.00 9.08 100.23
C GLN Q 69 -30.55 9.59 100.36
N ARG Q 70 -29.64 8.70 100.77
CA ARG Q 70 -28.26 9.09 100.93
C ARG Q 70 -27.60 9.33 99.57
N GLU Q 71 -26.52 10.12 99.60
CA GLU Q 71 -25.75 10.45 98.41
C GLU Q 71 -26.59 11.15 97.34
N SER Q 72 -27.57 11.93 97.76
CA SER Q 72 -28.35 12.75 96.85
C SER Q 72 -27.68 14.11 96.66
N THR Q 73 -28.19 14.87 95.69
CA THR Q 73 -27.60 16.16 95.33
C THR Q 73 -28.69 17.23 95.33
N LEU Q 74 -28.58 18.18 96.24
CA LEU Q 74 -29.46 19.34 96.26
C LEU Q 74 -28.85 20.50 95.47
N HIS Q 75 -29.67 21.50 95.18
CA HIS Q 75 -29.21 22.67 94.44
C HIS Q 75 -29.75 23.93 95.12
N LEU Q 76 -28.87 24.90 95.32
CA LEU Q 76 -29.20 26.15 95.99
C LEU Q 76 -29.12 27.30 95.01
N VAL Q 77 -30.18 28.11 94.94
CA VAL Q 77 -30.23 29.29 94.10
C VAL Q 77 -30.78 30.44 94.93
N LEU Q 78 -30.15 31.61 94.83
CA LEU Q 78 -30.51 32.74 95.65
C LEU Q 78 -31.53 33.64 94.95
N ARG Q 79 -32.23 34.43 95.75
CA ARG Q 79 -33.19 35.40 95.23
C ARG Q 79 -32.53 36.77 95.10
N LEU Q 80 -32.98 37.54 94.11
CA LEU Q 80 -32.46 38.88 93.88
C LEU Q 80 -33.27 39.86 94.71
N ARG Q 81 -32.72 40.27 95.85
CA ARG Q 81 -33.39 41.19 96.75
C ARG Q 81 -33.01 42.64 96.52
N GLY Q 82 -31.75 42.91 96.18
CA GLY Q 82 -31.31 44.27 95.95
C GLY Q 82 -31.79 44.79 94.61
N GLY Q 83 -32.34 46.01 94.62
CA GLY Q 83 -32.82 46.63 93.39
C GLY Q 83 -31.70 47.17 92.53
N HIS R 5 -38.28 91.31 -16.15
CA HIS R 5 -37.78 90.92 -17.47
C HIS R 5 -38.79 91.22 -18.56
N HIS R 6 -40.08 91.08 -18.24
CA HIS R 6 -41.15 91.27 -19.20
C HIS R 6 -42.24 92.15 -18.60
N HIS R 7 -42.85 92.98 -19.46
CA HIS R 7 -44.02 93.76 -19.12
C HIS R 7 -45.18 93.17 -19.93
N MET R 8 -45.81 92.14 -19.38
CA MET R 8 -46.81 91.36 -20.09
C MET R 8 -48.19 91.56 -19.50
N GLN R 9 -49.20 91.08 -20.23
CA GLN R 9 -50.60 91.18 -19.83
C GLN R 9 -51.15 89.78 -19.61
N ILE R 10 -51.96 89.62 -18.56
CA ILE R 10 -52.59 88.33 -18.28
C ILE R 10 -54.08 88.55 -18.07
N PHE R 11 -54.85 87.50 -18.33
CA PHE R 11 -56.29 87.52 -18.20
C PHE R 11 -56.74 86.68 -17.01
N VAL R 12 -57.88 87.06 -16.44
CA VAL R 12 -58.48 86.37 -15.29
C VAL R 12 -59.97 86.24 -15.54
N ARG R 13 -60.48 85.01 -15.45
CA ARG R 13 -61.89 84.75 -15.68
C ARG R 13 -62.68 84.79 -14.38
N THR R 14 -63.80 85.50 -14.40
CA THR R 14 -64.67 85.67 -13.24
C THR R 14 -65.76 84.60 -13.23
N LEU R 15 -66.76 84.77 -12.37
CA LEU R 15 -67.86 83.82 -12.26
C LEU R 15 -68.76 83.86 -13.49
N THR R 16 -68.81 84.99 -14.19
CA THR R 16 -69.73 85.17 -15.30
C THR R 16 -69.12 84.82 -16.65
N GLY R 17 -67.91 84.27 -16.67
CA GLY R 17 -67.21 84.06 -17.91
C GLY R 17 -66.89 85.41 -18.51
N ARG R 18 -66.36 86.30 -17.66
CA ARG R 18 -65.94 87.64 -18.05
C ARG R 18 -64.44 87.73 -17.89
N THR R 19 -63.79 88.36 -18.85
CA THR R 19 -62.33 88.39 -18.90
C THR R 19 -61.85 89.73 -18.37
N ILE R 20 -60.89 89.67 -17.44
CA ILE R 20 -60.31 90.85 -16.81
C ILE R 20 -58.91 91.04 -17.36
N THR R 21 -58.55 92.29 -17.65
CA THR R 21 -57.23 92.62 -18.16
C THR R 21 -56.39 93.17 -17.02
N LEU R 22 -55.23 92.57 -16.78
CA LEU R 22 -54.36 92.94 -15.69
C LEU R 22 -53.02 93.40 -16.24
N GLU R 23 -52.44 94.42 -15.61
CA GLU R 23 -51.11 94.92 -15.97
C GLU R 23 -50.12 94.41 -14.92
N VAL R 24 -49.24 93.50 -15.33
CA VAL R 24 -48.30 92.85 -14.42
C VAL R 24 -46.95 92.73 -15.12
N GLU R 25 -45.96 92.26 -14.35
CA GLU R 25 -44.63 91.95 -14.88
C GLU R 25 -44.24 90.56 -14.42
N SER R 26 -43.15 90.05 -15.01
CA SER R 26 -42.66 88.72 -14.64
C SER R 26 -42.18 88.68 -13.20
N SER R 27 -41.74 89.81 -12.66
CA SER R 27 -41.27 89.89 -11.28
C SER R 27 -42.42 89.92 -10.27
N ASP R 28 -43.66 90.11 -10.72
CA ASP R 28 -44.79 90.14 -9.81
C ASP R 28 -45.04 88.78 -9.19
N THR R 29 -45.43 88.77 -7.92
CA THR R 29 -45.71 87.54 -7.21
C THR R 29 -47.20 87.20 -7.35
N ILE R 30 -47.59 86.05 -6.79
CA ILE R 30 -48.98 85.64 -6.83
C ILE R 30 -49.80 86.45 -5.85
N ASP R 31 -49.26 86.72 -4.66
CA ASP R 31 -49.99 87.49 -3.65
C ASP R 31 -50.23 88.92 -4.09
N ASN R 32 -49.39 89.46 -4.98
CA ASN R 32 -49.67 90.76 -5.57
C ASN R 32 -50.85 90.69 -6.54
N VAL R 33 -50.96 89.58 -7.27
CA VAL R 33 -52.10 89.39 -8.17
C VAL R 33 -53.38 89.14 -7.37
N ARG R 34 -53.30 88.30 -6.35
CA ARG R 34 -54.47 88.04 -5.52
C ARG R 34 -55.00 89.33 -4.89
N ALA R 35 -54.10 90.23 -4.51
CA ALA R 35 -54.52 91.52 -3.97
C ALA R 35 -54.95 92.48 -5.07
N ARG R 36 -54.34 92.37 -6.25
CA ARG R 36 -54.74 93.22 -7.37
C ARG R 36 -56.17 92.95 -7.78
N ILE R 37 -56.62 91.69 -7.70
CA ILE R 37 -58.00 91.34 -7.99
C ILE R 37 -58.95 91.75 -6.87
N GLN R 38 -58.46 91.89 -5.64
CA GLN R 38 -59.33 92.26 -4.53
C GLN R 38 -59.98 93.62 -4.76
N ASP R 39 -59.18 94.62 -5.11
CA ASP R 39 -59.71 95.96 -5.33
C ASP R 39 -60.47 96.11 -6.64
N ARG R 40 -60.36 95.14 -7.54
CA ARG R 40 -61.05 95.20 -8.82
C ARG R 40 -62.37 94.43 -8.82
N GLU R 41 -62.45 93.33 -8.06
CA GLU R 41 -63.64 92.51 -8.00
C GLU R 41 -64.36 92.55 -6.66
N GLY R 42 -63.63 92.76 -5.57
CA GLY R 42 -64.21 92.81 -4.25
C GLY R 42 -64.08 91.56 -3.42
N ILE R 43 -63.34 90.56 -3.90
CA ILE R 43 -63.21 89.28 -3.22
C ILE R 43 -61.98 89.29 -2.31
N PRO R 44 -62.11 88.89 -1.04
CA PRO R 44 -60.95 88.82 -0.14
C PRO R 44 -59.93 87.82 -0.65
N PRO R 45 -58.65 87.97 -0.27
CA PRO R 45 -57.62 87.08 -0.80
C PRO R 45 -57.76 85.63 -0.34
N ASP R 46 -58.36 85.39 0.82
CA ASP R 46 -58.49 84.04 1.33
C ASP R 46 -59.59 83.26 0.61
N GLN R 47 -60.61 83.96 0.14
CA GLN R 47 -61.76 83.37 -0.56
C GLN R 47 -61.48 83.09 -2.03
N GLN R 48 -60.24 83.27 -2.48
CA GLN R 48 -59.89 83.22 -3.89
C GLN R 48 -58.98 82.04 -4.17
N ARG R 49 -59.14 81.45 -5.34
CA ARG R 49 -58.20 80.48 -5.86
C ARG R 49 -57.78 80.93 -7.25
N LEU R 50 -56.68 80.36 -7.74
CA LEU R 50 -56.13 80.74 -9.04
C LEU R 50 -55.50 79.52 -9.66
N ILE R 51 -55.94 79.16 -10.86
CA ILE R 51 -55.41 78.01 -11.58
C ILE R 51 -54.99 78.44 -12.98
N PHE R 52 -53.81 78.02 -13.40
CA PHE R 52 -53.29 78.27 -14.74
C PHE R 52 -52.81 76.96 -15.32
N ALA R 53 -53.41 76.54 -16.43
CA ALA R 53 -53.14 75.23 -17.02
C ALA R 53 -53.34 74.12 -15.99
N GLY R 54 -54.31 74.31 -15.10
CA GLY R 54 -54.60 73.32 -14.08
C GLY R 54 -53.66 73.29 -12.90
N ARG R 55 -53.00 74.41 -12.59
CA ARG R 55 -52.05 74.49 -11.50
C ARG R 55 -52.50 75.57 -10.54
N GLN R 56 -52.84 75.18 -9.31
CA GLN R 56 -53.21 76.16 -8.29
C GLN R 56 -51.98 76.98 -7.92
N LEU R 57 -52.06 78.29 -8.13
CA LEU R 57 -50.91 79.16 -7.90
C LEU R 57 -50.69 79.34 -6.41
N GLU R 58 -49.51 78.97 -5.94
CA GLU R 58 -49.15 79.11 -4.54
C GLU R 58 -48.78 80.56 -4.22
N ASP R 59 -48.98 80.94 -2.95
CA ASP R 59 -48.79 82.33 -2.55
C ASP R 59 -47.32 82.75 -2.53
N GLY R 60 -46.40 81.79 -2.47
CA GLY R 60 -44.98 82.10 -2.34
C GLY R 60 -44.25 82.36 -3.65
N ARG R 61 -44.74 81.78 -4.74
CA ARG R 61 -44.07 81.87 -6.02
C ARG R 61 -44.47 83.14 -6.76
N THR R 62 -43.93 83.31 -7.95
CA THR R 62 -44.16 84.47 -8.80
C THR R 62 -44.87 84.05 -10.08
N LEU R 63 -45.11 85.03 -10.96
CA LEU R 63 -45.77 84.74 -12.23
C LEU R 63 -44.84 84.03 -13.20
N ALA R 64 -43.54 84.35 -13.16
CA ALA R 64 -42.58 83.70 -14.05
C ALA R 64 -42.31 82.26 -13.66
N ASP R 65 -42.59 81.89 -12.40
CA ASP R 65 -42.34 80.52 -11.95
C ASP R 65 -43.31 79.52 -12.57
N TYR R 66 -44.41 80.00 -13.15
CA TYR R 66 -45.40 79.14 -13.77
C TYR R 66 -45.42 79.26 -15.29
N ASN R 67 -44.41 79.91 -15.87
CA ASN R 67 -44.32 80.12 -17.32
C ASN R 67 -45.58 80.83 -17.84
N ILE R 68 -45.96 81.90 -17.14
CA ILE R 68 -47.13 82.70 -17.52
C ILE R 68 -46.62 83.82 -18.40
N GLN R 69 -46.65 83.59 -19.71
CA GLN R 69 -46.21 84.59 -20.68
C GLN R 69 -47.35 85.59 -20.92
N ARG R 70 -47.20 86.46 -21.91
CA ARG R 70 -48.21 87.45 -22.22
C ARG R 70 -49.43 86.76 -22.83
N GLU R 71 -50.58 87.41 -22.70
CA GLU R 71 -51.85 86.92 -23.25
C GLU R 71 -52.22 85.55 -22.69
N SER R 72 -51.87 85.30 -21.43
CA SER R 72 -52.25 84.07 -20.75
C SER R 72 -53.62 84.24 -20.09
N THR R 73 -54.18 83.12 -19.63
CA THR R 73 -55.52 83.10 -19.06
C THR R 73 -55.49 82.41 -17.69
N LEU R 74 -55.76 83.17 -16.64
CA LEU R 74 -55.94 82.62 -15.31
C LEU R 74 -57.42 82.32 -15.08
N HIS R 75 -57.72 81.58 -14.02
CA HIS R 75 -59.09 81.24 -13.68
C HIS R 75 -59.31 81.44 -12.20
N LEU R 76 -60.41 82.10 -11.86
CA LEU R 76 -60.76 82.42 -10.49
C LEU R 76 -61.98 81.62 -10.06
N VAL R 77 -61.88 80.93 -8.94
CA VAL R 77 -62.98 80.16 -8.38
C VAL R 77 -63.05 80.45 -6.88
N LEU R 78 -64.24 80.76 -6.38
CA LEU R 78 -64.41 81.06 -4.97
C LEU R 78 -64.47 79.77 -4.15
N ARG R 79 -64.37 79.95 -2.83
CA ARG R 79 -64.66 78.89 -1.88
C ARG R 79 -65.48 79.49 -0.74
N LEU R 80 -66.00 78.62 0.12
CA LEU R 80 -66.87 79.02 1.21
C LEU R 80 -66.18 79.96 2.18
N GLY S 5 -0.87 -112.90 17.69
CA GLY S 5 -1.10 -111.61 17.06
C GLY S 5 -1.45 -110.51 18.03
N GLU S 6 -0.53 -110.23 18.95
CA GLU S 6 -0.71 -109.20 19.97
C GLU S 6 0.31 -108.10 19.79
N ILE S 7 -0.10 -106.87 20.11
CA ILE S 7 0.78 -105.69 20.06
C ILE S 7 0.77 -105.04 21.44
N ASP S 8 1.95 -104.84 22.00
CA ASP S 8 2.09 -104.20 23.31
C ASP S 8 1.78 -102.71 23.15
N GLU S 9 0.56 -102.32 23.48
CA GLU S 9 0.13 -100.94 23.32
C GLU S 9 0.71 -100.01 24.39
N SER S 10 1.41 -100.55 25.38
CA SER S 10 2.12 -99.74 26.35
C SER S 10 3.50 -99.32 25.86
N LEU S 11 4.15 -100.15 25.05
CA LEU S 11 5.47 -99.85 24.51
C LEU S 11 5.39 -99.17 23.15
N TYR S 12 4.50 -99.64 22.27
CA TYR S 12 4.33 -99.07 20.94
C TYR S 12 3.18 -98.08 20.88
N SER S 13 2.93 -97.36 21.97
CA SER S 13 1.79 -96.43 22.03
C SER S 13 1.92 -95.34 20.98
N ARG S 14 3.02 -94.57 21.05
CA ARG S 14 3.22 -93.48 20.11
C ARG S 14 3.50 -93.98 18.70
N GLN S 15 4.03 -95.20 18.56
CA GLN S 15 4.32 -95.73 17.23
C GLN S 15 3.08 -96.33 16.57
N LEU S 16 2.16 -96.89 17.35
CA LEU S 16 0.94 -97.46 16.78
C LEU S 16 0.12 -96.41 16.05
N TYR S 17 0.14 -95.16 16.53
CA TYR S 17 -0.55 -94.08 15.86
C TYR S 17 0.13 -93.68 14.55
N VAL S 18 1.34 -94.18 14.30
CA VAL S 18 2.06 -93.93 13.05
C VAL S 18 1.90 -95.10 12.08
N LEU S 19 2.15 -96.32 12.56
CA LEU S 19 2.14 -97.48 11.68
C LEU S 19 0.79 -98.19 11.64
N GLY S 20 -0.03 -98.07 12.68
CA GLY S 20 -1.32 -98.72 12.70
C GLY S 20 -1.26 -100.18 13.08
N LYS S 21 -2.42 -100.73 13.41
CA LYS S 21 -2.50 -102.11 13.88
C LYS S 21 -2.29 -103.10 12.73
N GLU S 22 -2.89 -102.83 11.57
CA GLU S 22 -2.79 -103.77 10.45
C GLU S 22 -1.36 -103.85 9.91
N ALA S 23 -0.71 -102.70 9.72
CA ALA S 23 0.63 -102.72 9.14
C ALA S 23 1.66 -103.30 10.11
N MET S 24 1.51 -103.01 11.41
CA MET S 24 2.45 -103.54 12.39
C MET S 24 2.37 -105.06 12.53
N LEU S 25 1.23 -105.66 12.17
CA LEU S 25 1.14 -107.11 12.24
C LEU S 25 1.89 -107.77 11.11
N LYS S 26 1.97 -107.12 9.93
CA LYS S 26 2.80 -107.65 8.85
C LYS S 26 4.28 -107.50 9.16
N MET S 27 4.67 -106.43 9.86
CA MET S 27 6.07 -106.23 10.21
C MET S 27 6.58 -107.31 11.17
N GLN S 28 5.73 -107.75 12.10
CA GLN S 28 6.10 -108.77 13.08
C GLN S 28 6.19 -110.16 12.49
N THR S 29 6.05 -110.30 11.16
CA THR S 29 6.20 -111.57 10.48
C THR S 29 7.23 -111.50 9.36
N SER S 30 8.09 -110.49 9.39
CA SER S 30 9.09 -110.26 8.35
C SER S 30 10.49 -110.28 8.97
N ASN S 31 11.38 -111.07 8.37
CA ASN S 31 12.76 -111.16 8.81
C ASN S 31 13.63 -110.25 7.95
N VAL S 32 14.39 -109.38 8.59
CA VAL S 32 15.18 -108.36 7.92
C VAL S 32 16.66 -108.74 8.04
N LEU S 33 17.37 -108.65 6.93
CA LEU S 33 18.81 -108.89 6.89
C LEU S 33 19.51 -107.59 6.47
N ILE S 34 20.49 -107.16 7.25
CA ILE S 34 21.24 -105.93 6.97
C ILE S 34 22.70 -106.30 6.77
N LEU S 35 23.25 -105.91 5.62
CA LEU S 35 24.63 -106.21 5.24
C LEU S 35 25.51 -105.00 5.49
N GLY S 36 26.55 -105.18 6.30
CA GLY S 36 27.46 -104.08 6.63
C GLY S 36 27.03 -103.32 7.85
N LEU S 37 27.93 -103.20 8.83
CA LEU S 37 27.58 -102.54 10.08
C LEU S 37 28.49 -101.35 10.38
N LYS S 38 28.74 -100.52 9.38
CA LYS S 38 29.40 -99.24 9.60
C LYS S 38 28.38 -98.24 10.12
N GLY S 39 28.73 -96.96 10.11
CA GLY S 39 27.80 -95.93 10.59
C GLY S 39 26.46 -95.99 9.89
N LEU S 40 26.47 -96.17 8.57
CA LEU S 40 25.21 -96.26 7.83
C LEU S 40 24.46 -97.56 8.16
N GLY S 41 25.19 -98.65 8.41
CA GLY S 41 24.53 -99.90 8.71
C GLY S 41 23.90 -99.92 10.09
N VAL S 42 24.63 -99.44 11.10
CA VAL S 42 24.11 -99.43 12.46
C VAL S 42 22.99 -98.41 12.63
N GLU S 43 22.95 -97.37 11.80
CA GLU S 43 21.85 -96.40 11.90
C GLU S 43 20.55 -97.01 11.40
N ILE S 44 20.63 -97.77 10.30
CA ILE S 44 19.44 -98.47 9.80
C ILE S 44 19.03 -99.57 10.76
N ALA S 45 20.00 -100.30 11.31
CA ALA S 45 19.69 -101.40 12.21
C ALA S 45 19.03 -100.91 13.50
N LYS S 46 19.47 -99.76 14.02
CA LYS S 46 18.90 -99.24 15.25
C LYS S 46 17.43 -98.92 15.09
N ASN S 47 17.08 -98.21 14.01
CA ASN S 47 15.69 -97.79 13.83
C ASN S 47 14.77 -98.96 13.49
N VAL S 48 15.27 -99.96 12.76
CA VAL S 48 14.44 -101.09 12.40
C VAL S 48 14.20 -102.00 13.60
N VAL S 49 15.23 -102.20 14.43
CA VAL S 49 15.05 -102.99 15.64
C VAL S 49 14.08 -102.30 16.58
N LEU S 50 14.17 -100.98 16.69
CA LEU S 50 13.22 -100.23 17.51
C LEU S 50 11.79 -100.34 16.97
N ALA S 51 11.65 -100.48 15.65
CA ALA S 51 10.32 -100.55 15.05
C ALA S 51 9.61 -101.87 15.32
N GLY S 52 10.33 -102.90 15.76
CA GLY S 52 9.70 -104.16 16.10
C GLY S 52 9.41 -105.08 14.92
N VAL S 53 10.45 -105.51 14.22
CA VAL S 53 10.34 -106.53 13.19
C VAL S 53 10.44 -107.90 13.86
N LYS S 54 10.08 -108.95 13.11
CA LYS S 54 10.12 -110.30 13.68
C LYS S 54 11.53 -110.68 14.12
N SER S 55 12.51 -110.53 13.22
CA SER S 55 13.89 -110.85 13.54
C SER S 55 14.81 -109.94 12.75
N MET S 56 15.98 -109.68 13.34
CA MET S 56 17.00 -108.86 12.72
C MET S 56 18.29 -109.66 12.61
N THR S 57 18.87 -109.67 11.41
CA THR S 57 20.12 -110.38 11.16
C THR S 57 21.11 -109.41 10.54
N VAL S 58 22.32 -109.40 11.08
CA VAL S 58 23.39 -108.52 10.61
C VAL S 58 24.53 -109.38 10.08
N PHE S 59 25.30 -108.81 9.15
CA PHE S 59 26.42 -109.53 8.54
C PHE S 59 27.54 -108.53 8.25
N ASP S 60 28.63 -108.63 9.00
CA ASP S 60 29.83 -107.83 8.76
C ASP S 60 31.05 -108.49 9.40
N PRO S 61 31.73 -109.39 8.68
CA PRO S 61 32.92 -110.04 9.24
C PRO S 61 34.19 -109.20 9.19
N GLU S 62 34.10 -107.91 8.86
CA GLU S 62 35.27 -107.07 8.75
C GLU S 62 35.77 -106.66 10.13
N PRO S 63 37.08 -106.54 10.32
CA PRO S 63 37.61 -106.12 11.62
C PRO S 63 37.35 -104.65 11.88
N VAL S 64 37.15 -104.31 13.15
CA VAL S 64 36.89 -102.94 13.54
C VAL S 64 38.17 -102.13 13.43
N GLN S 65 38.12 -101.04 12.67
CA GLN S 65 39.22 -100.09 12.56
C GLN S 65 38.86 -98.80 13.25
N LEU S 66 39.90 -98.04 13.63
CA LEU S 66 39.67 -96.78 14.34
C LEU S 66 38.88 -95.79 13.49
N ALA S 67 39.09 -95.80 12.17
CA ALA S 67 38.36 -94.89 11.30
C ALA S 67 36.87 -95.23 11.21
N ASP S 68 36.48 -96.47 11.52
CA ASP S 68 35.07 -96.84 11.48
C ASP S 68 34.26 -96.21 12.61
N LEU S 69 34.91 -95.80 13.69
CA LEU S 69 34.23 -95.18 14.84
C LEU S 69 33.76 -93.76 14.57
N SER S 70 33.91 -93.27 13.33
CA SER S 70 33.49 -91.92 13.02
C SER S 70 31.97 -91.77 13.07
N THR S 71 31.24 -92.77 12.56
CA THR S 71 29.78 -92.73 12.52
C THR S 71 29.11 -93.87 13.27
N GLN S 72 29.81 -94.97 13.53
CA GLN S 72 29.23 -96.09 14.26
C GLN S 72 29.32 -95.79 15.76
N PHE S 73 28.18 -95.68 16.41
CA PHE S 73 28.11 -95.27 17.82
C PHE S 73 28.22 -96.43 18.80
N PHE S 74 28.11 -97.68 18.36
CA PHE S 74 28.20 -98.83 19.25
C PHE S 74 29.61 -99.41 19.32
N LEU S 75 30.59 -98.74 18.73
CA LEU S 75 31.98 -99.19 18.75
C LEU S 75 32.82 -98.30 19.66
N THR S 76 33.71 -98.92 20.41
CA THR S 76 34.67 -98.25 21.27
C THR S 76 36.07 -98.70 20.89
N GLU S 77 37.07 -98.04 21.48
CA GLU S 77 38.45 -98.41 21.18
C GLU S 77 38.77 -99.82 21.64
N LYS S 78 38.04 -100.34 22.63
CA LYS S 78 38.26 -101.71 23.08
C LYS S 78 37.76 -102.74 22.08
N ASP S 79 36.83 -102.37 21.20
CA ASP S 79 36.27 -103.28 20.23
C ASP S 79 37.10 -103.37 18.94
N ILE S 80 38.21 -102.65 18.86
CA ILE S 80 39.03 -102.65 17.65
C ILE S 80 39.70 -104.01 17.50
N GLY S 81 39.55 -104.60 16.32
CA GLY S 81 40.15 -105.90 16.06
C GLY S 81 39.13 -107.00 15.87
N GLN S 82 38.04 -106.94 16.63
CA GLN S 82 36.98 -107.94 16.53
C GLN S 82 36.04 -107.60 15.38
N LYS S 83 35.19 -108.56 15.03
CA LYS S 83 34.27 -108.38 13.91
C LYS S 83 33.23 -107.32 14.22
N ARG S 84 32.87 -106.52 13.21
CA ARG S 84 31.89 -105.47 13.40
C ARG S 84 30.51 -106.03 13.73
N GLY S 85 30.13 -107.12 13.07
CA GLY S 85 28.79 -107.67 13.28
C GLY S 85 28.60 -108.28 14.66
N ASP S 86 29.63 -108.97 15.16
CA ASP S 86 29.47 -109.67 16.43
C ASP S 86 29.42 -108.70 17.61
N VAL S 87 30.28 -107.68 17.63
CA VAL S 87 30.33 -106.76 18.75
C VAL S 87 29.14 -105.81 18.77
N THR S 88 28.44 -105.67 17.65
CA THR S 88 27.27 -104.81 17.59
C THR S 88 25.99 -105.55 17.90
N ARG S 89 25.95 -106.86 17.59
CA ARG S 89 24.75 -107.65 17.84
C ARG S 89 24.33 -107.60 19.30
N ALA S 90 25.32 -107.60 20.22
CA ALA S 90 25.00 -107.53 21.64
C ALA S 90 24.30 -106.23 21.97
N LYS S 91 24.85 -105.11 21.49
CA LYS S 91 24.27 -103.80 21.77
C LYS S 91 23.03 -103.51 20.94
N LEU S 92 22.84 -104.19 19.81
CA LEU S 92 21.63 -103.99 19.01
C LEU S 92 20.43 -104.68 19.64
N ALA S 93 20.62 -105.89 20.18
CA ALA S 93 19.53 -106.62 20.79
C ALA S 93 19.01 -105.93 22.06
N GLU S 94 19.82 -105.08 22.67
CA GLU S 94 19.41 -104.36 23.88
C GLU S 94 18.34 -103.32 23.60
N LEU S 95 18.17 -102.92 22.34
CA LEU S 95 17.23 -101.84 22.03
C LEU S 95 15.79 -102.30 22.18
N ASN S 96 15.52 -103.58 21.90
CA ASN S 96 14.16 -104.12 21.97
C ASN S 96 14.26 -105.59 22.30
N ALA S 97 13.75 -105.97 23.48
CA ALA S 97 13.78 -107.37 23.90
C ALA S 97 12.86 -108.25 23.06
N TYR S 98 11.87 -107.66 22.39
CA TYR S 98 10.94 -108.43 21.56
C TYR S 98 11.52 -108.81 20.21
N VAL S 99 12.63 -108.20 19.81
CA VAL S 99 13.26 -108.45 18.51
C VAL S 99 14.58 -109.16 18.76
N PRO S 100 14.71 -110.44 18.41
CA PRO S 100 16.00 -111.11 18.54
C PRO S 100 16.93 -110.72 17.39
N VAL S 101 18.18 -110.45 17.73
CA VAL S 101 19.19 -110.01 16.77
C VAL S 101 20.21 -111.13 16.62
N ASN S 102 20.35 -111.64 15.40
CA ASN S 102 21.29 -112.70 15.09
C ASN S 102 22.36 -112.17 14.13
N VAL S 103 23.40 -112.98 13.96
CA VAL S 103 24.54 -112.62 13.10
C VAL S 103 24.65 -113.66 12.00
N LEU S 104 24.67 -113.20 10.75
CA LEU S 104 24.96 -114.07 9.62
C LEU S 104 26.48 -114.28 9.55
N ASP S 105 26.90 -115.54 9.64
CA ASP S 105 28.33 -115.84 9.77
C ASP S 105 29.05 -115.76 8.43
N SER S 106 28.50 -116.39 7.40
CA SER S 106 29.15 -116.47 6.09
C SER S 106 28.15 -116.29 4.98
N LEU S 107 28.47 -115.43 4.03
CA LEU S 107 27.64 -115.18 2.85
C LEU S 107 28.16 -115.93 1.64
N ASP S 108 28.58 -117.18 1.83
CA ASP S 108 29.09 -117.97 0.72
C ASP S 108 27.98 -118.55 -0.14
N ASP S 109 26.83 -118.89 0.46
CA ASP S 109 25.68 -119.41 -0.26
C ASP S 109 24.62 -118.32 -0.33
N VAL S 110 24.27 -117.90 -1.55
CA VAL S 110 23.29 -116.84 -1.72
C VAL S 110 21.89 -117.31 -1.37
N THR S 111 21.66 -118.63 -1.33
CA THR S 111 20.36 -119.17 -0.97
C THR S 111 19.98 -118.85 0.47
N GLN S 112 20.93 -118.42 1.30
CA GLN S 112 20.60 -118.02 2.66
C GLN S 112 19.79 -116.74 2.71
N LEU S 113 19.77 -115.97 1.62
CA LEU S 113 18.92 -114.78 1.56
C LEU S 113 17.45 -115.13 1.43
N SER S 114 17.13 -116.37 1.06
CA SER S 114 15.75 -116.76 0.82
C SER S 114 14.91 -116.78 2.09
N GLN S 115 15.53 -116.96 3.26
CA GLN S 115 14.80 -117.00 4.51
C GLN S 115 14.52 -115.62 5.09
N PHE S 116 14.75 -114.56 4.32
CA PHE S 116 14.46 -113.20 4.74
C PHE S 116 13.46 -112.58 3.77
N GLN S 117 12.81 -111.52 4.22
CA GLN S 117 11.87 -110.79 3.40
C GLN S 117 12.41 -109.45 2.89
N VAL S 118 13.27 -108.79 3.66
CA VAL S 118 13.88 -107.54 3.27
C VAL S 118 15.39 -107.66 3.47
N VAL S 119 16.15 -107.41 2.40
CA VAL S 119 17.60 -107.46 2.43
C VAL S 119 18.14 -106.05 2.21
N VAL S 120 18.98 -105.59 3.14
CA VAL S 120 19.54 -104.25 3.12
C VAL S 120 21.05 -104.35 2.91
N ALA S 121 21.54 -103.73 1.83
CA ALA S 121 22.95 -103.72 1.49
C ALA S 121 23.48 -102.31 1.65
N THR S 122 24.39 -102.11 2.60
CA THR S 122 24.96 -100.80 2.89
C THR S 122 26.22 -100.57 2.04
N ASP S 123 26.98 -99.55 2.40
CA ASP S 123 28.14 -99.15 1.61
C ASP S 123 29.24 -100.21 1.58
N THR S 124 29.21 -101.17 2.50
CA THR S 124 30.22 -102.22 2.54
C THR S 124 30.04 -103.29 1.48
N VAL S 125 29.02 -103.16 0.62
CA VAL S 125 28.76 -104.13 -0.43
C VAL S 125 29.19 -103.53 -1.77
N SER S 126 29.98 -104.30 -2.52
CA SER S 126 30.46 -103.85 -3.83
C SER S 126 29.30 -103.76 -4.81
N LEU S 127 29.49 -102.94 -5.85
CA LEU S 127 28.45 -102.77 -6.86
C LEU S 127 28.17 -104.06 -7.61
N GLU S 128 29.20 -104.88 -7.84
CA GLU S 128 28.99 -106.18 -8.46
C GLU S 128 28.18 -107.10 -7.55
N ASP S 129 28.44 -107.05 -6.24
CA ASP S 129 27.68 -107.87 -5.30
C ASP S 129 26.27 -107.34 -5.08
N LYS S 130 26.08 -106.02 -5.19
CA LYS S 130 24.73 -105.47 -5.07
C LYS S 130 23.83 -105.93 -6.21
N VAL S 131 24.40 -106.09 -7.41
CA VAL S 131 23.61 -106.57 -8.53
C VAL S 131 23.35 -108.07 -8.40
N LYS S 132 24.35 -108.82 -7.92
CA LYS S 132 24.16 -110.26 -7.70
C LYS S 132 23.08 -110.51 -6.66
N ILE S 133 23.08 -109.73 -5.58
CA ILE S 133 22.12 -109.94 -4.50
C ILE S 133 20.72 -109.48 -4.92
N ASN S 134 20.63 -108.32 -5.58
CA ASN S 134 19.33 -107.82 -6.00
C ASN S 134 18.68 -108.76 -7.01
N GLU S 135 19.47 -109.35 -7.90
CA GLU S 135 18.90 -110.27 -8.89
C GLU S 135 18.29 -111.50 -8.23
N PHE S 136 18.91 -111.98 -7.14
CA PHE S 136 18.31 -113.09 -6.41
C PHE S 136 17.10 -112.66 -5.61
N CYS S 137 17.10 -111.43 -5.11
CA CYS S 137 15.96 -110.93 -4.35
C CYS S 137 14.79 -110.59 -5.26
N HIS S 138 15.06 -109.94 -6.40
CA HIS S 138 14.01 -109.57 -7.32
C HIS S 138 13.34 -110.80 -7.94
N SER S 139 14.12 -111.84 -8.24
CA SER S 139 13.59 -113.06 -8.83
C SER S 139 12.96 -114.00 -7.82
N SER S 140 13.03 -113.67 -6.52
CA SER S 140 12.45 -114.50 -5.47
C SER S 140 11.38 -113.76 -4.68
N GLY S 141 10.97 -112.58 -5.13
CA GLY S 141 9.97 -111.81 -4.42
C GLY S 141 10.46 -111.15 -3.15
N ILE S 142 11.76 -111.12 -2.94
CA ILE S 142 12.34 -110.52 -1.75
C ILE S 142 12.55 -109.04 -2.00
N ARG S 143 12.23 -108.22 -1.00
CA ARG S 143 12.41 -106.78 -1.12
C ARG S 143 13.87 -106.42 -0.94
N PHE S 144 14.42 -105.66 -1.88
CA PHE S 144 15.82 -105.28 -1.88
C PHE S 144 15.95 -103.78 -1.67
N ILE S 145 16.82 -103.37 -0.76
CA ILE S 145 17.10 -101.97 -0.49
C ILE S 145 18.61 -101.79 -0.37
N SER S 146 19.17 -100.83 -1.09
CA SER S 146 20.59 -100.53 -1.04
C SER S 146 20.80 -99.06 -0.70
N SER S 147 21.97 -98.75 -0.16
CA SER S 147 22.32 -97.38 0.22
C SER S 147 23.81 -97.31 0.51
N GLU S 148 24.41 -96.15 0.21
CA GLU S 148 25.79 -95.90 0.54
C GLU S 148 26.02 -94.40 0.69
N THR S 149 26.92 -94.03 1.60
CA THR S 149 27.23 -92.63 1.87
C THR S 149 28.72 -92.41 1.71
N ARG S 150 29.08 -91.41 0.91
CA ARG S 150 30.46 -91.03 0.66
C ARG S 150 30.62 -89.58 1.10
N GLY S 151 31.10 -89.38 2.33
CA GLY S 151 31.29 -88.04 2.84
C GLY S 151 29.96 -87.31 2.97
N LEU S 152 29.88 -86.14 2.33
CA LEU S 152 28.65 -85.35 2.31
C LEU S 152 27.69 -85.78 1.21
N PHE S 153 27.94 -86.91 0.55
CA PHE S 153 27.07 -87.43 -0.48
C PHE S 153 26.38 -88.70 0.00
N GLY S 154 25.48 -89.21 -0.82
CA GLY S 154 24.76 -90.43 -0.47
C GLY S 154 23.59 -90.71 -1.39
N ASN S 155 23.16 -91.98 -1.42
CA ASN S 155 22.03 -92.38 -2.24
C ASN S 155 21.37 -93.59 -1.60
N THR S 156 20.24 -94.00 -2.19
CA THR S 156 19.54 -95.19 -1.73
C THR S 156 18.72 -95.74 -2.90
N PHE S 157 18.59 -97.06 -2.92
CA PHE S 157 17.91 -97.79 -3.99
C PHE S 157 16.81 -98.65 -3.39
N VAL S 158 15.64 -98.68 -4.03
CA VAL S 158 14.49 -99.43 -3.54
C VAL S 158 13.96 -100.31 -4.67
N ASP S 159 13.93 -101.62 -4.43
CA ASP S 159 13.36 -102.58 -5.37
C ASP S 159 12.52 -103.56 -4.56
N LEU S 160 11.20 -103.40 -4.61
CA LEU S 160 10.27 -104.19 -3.80
C LEU S 160 9.63 -105.32 -4.61
N GLY S 161 10.29 -105.79 -5.66
CA GLY S 161 9.78 -106.88 -6.47
C GLY S 161 8.85 -106.41 -7.57
N ASP S 162 8.46 -107.37 -8.42
CA ASP S 162 7.60 -107.08 -9.56
C ASP S 162 6.13 -106.94 -9.19
N GLU S 163 5.73 -107.32 -7.97
CA GLU S 163 4.35 -107.21 -7.53
C GLU S 163 4.34 -106.65 -6.12
N PHE S 164 3.94 -105.38 -5.99
CA PHE S 164 3.82 -104.74 -4.69
C PHE S 164 2.55 -103.90 -4.68
N THR S 165 1.72 -104.10 -3.67
CA THR S 165 0.43 -103.42 -3.56
C THR S 165 0.48 -102.42 -2.41
N VAL S 166 0.07 -101.19 -2.69
CA VAL S 166 0.07 -100.12 -1.70
C VAL S 166 -1.36 -99.96 -1.21
N LEU S 167 -1.63 -100.49 -0.02
CA LEU S 167 -2.99 -100.41 0.54
C LEU S 167 -3.33 -98.99 0.95
N ASP S 168 -2.40 -98.31 1.63
CA ASP S 168 -2.59 -96.91 2.05
C ASP S 168 -1.55 -96.06 1.34
N PRO S 169 -1.95 -95.07 0.54
CA PRO S 169 -0.95 -94.30 -0.22
C PRO S 169 -0.27 -93.20 0.60
N THR S 170 -0.98 -92.63 1.57
CA THR S 170 -0.48 -91.47 2.29
C THR S 170 -0.41 -91.66 3.80
N GLY S 171 -1.24 -92.53 4.37
CA GLY S 171 -1.29 -92.68 5.81
C GLY S 171 -2.03 -91.57 6.54
N GLU S 172 -2.59 -90.61 5.83
CA GLU S 172 -3.33 -89.52 6.46
C GLU S 172 -4.71 -90.01 6.91
N GLU S 173 -5.40 -89.14 7.66
CA GLU S 173 -6.77 -89.45 8.06
C GLU S 173 -7.72 -89.22 6.89
N PRO S 174 -8.67 -90.13 6.67
CA PRO S 174 -9.63 -89.95 5.57
C PRO S 174 -10.45 -88.68 5.76
N ARG S 175 -10.43 -87.83 4.74
CA ARG S 175 -11.17 -86.57 4.78
C ARG S 175 -12.67 -86.86 4.75
N THR S 176 -13.42 -86.15 5.59
CA THR S 176 -14.84 -86.35 5.70
C THR S 176 -15.54 -84.99 5.81
N GLY S 177 -16.83 -84.99 5.50
CA GLY S 177 -17.63 -83.78 5.58
C GLY S 177 -19.08 -84.07 5.28
N MET S 178 -19.91 -83.06 5.51
CA MET S 178 -21.35 -83.16 5.32
C MET S 178 -21.76 -82.55 3.98
N VAL S 179 -22.84 -83.10 3.42
CA VAL S 179 -23.34 -82.71 2.11
C VAL S 179 -24.63 -81.91 2.30
N SER S 180 -24.81 -80.89 1.46
CA SER S 180 -26.02 -80.07 1.46
C SER S 180 -26.91 -80.27 0.26
N ASP S 181 -26.36 -80.66 -0.89
CA ASP S 181 -27.16 -80.85 -2.10
C ASP S 181 -26.38 -81.72 -3.08
N ILE S 182 -27.08 -82.66 -3.72
CA ILE S 182 -26.53 -83.50 -4.78
C ILE S 182 -27.39 -83.32 -6.01
N GLU S 183 -26.87 -82.60 -7.00
CA GLU S 183 -27.60 -82.38 -8.24
C GLU S 183 -27.63 -83.65 -9.07
N PRO S 184 -28.60 -83.79 -9.97
CA PRO S 184 -28.67 -85.01 -10.79
C PRO S 184 -27.44 -85.25 -11.65
N ASP S 185 -26.69 -84.20 -12.00
CA ASP S 185 -25.46 -84.37 -12.77
C ASP S 185 -24.28 -84.79 -11.92
N GLY S 186 -24.39 -84.75 -10.59
CA GLY S 186 -23.35 -85.19 -9.70
C GLY S 186 -22.60 -84.10 -8.96
N THR S 187 -22.96 -82.83 -9.16
CA THR S 187 -22.27 -81.74 -8.49
C THR S 187 -22.66 -81.77 -7.01
N VAL S 188 -21.80 -82.35 -6.19
CA VAL S 188 -22.04 -82.48 -4.76
C VAL S 188 -21.59 -81.20 -4.07
N THR S 189 -22.54 -80.42 -3.58
CA THR S 189 -22.24 -79.20 -2.86
C THR S 189 -22.33 -79.47 -1.36
N MET S 190 -21.29 -79.10 -0.63
CA MET S 190 -21.19 -79.34 0.81
C MET S 190 -21.87 -78.19 1.56
N LEU S 191 -21.62 -78.07 2.85
CA LEU S 191 -22.21 -77.00 3.64
C LEU S 191 -21.32 -75.77 3.62
N ASP S 192 -21.89 -74.64 4.04
CA ASP S 192 -21.25 -73.35 3.87
C ASP S 192 -20.06 -73.20 4.81
N ASP S 193 -18.91 -72.81 4.24
CA ASP S 193 -17.66 -72.56 4.97
C ASP S 193 -16.99 -73.88 5.41
N ASN S 194 -17.09 -74.90 4.57
CA ASN S 194 -16.36 -76.15 4.78
C ASN S 194 -15.66 -76.51 3.49
N ARG S 195 -14.37 -76.82 3.57
CA ARG S 195 -13.60 -77.32 2.44
C ARG S 195 -13.54 -78.84 2.47
N HIS S 196 -13.80 -79.47 1.33
CA HIS S 196 -13.78 -80.93 1.30
C HIS S 196 -12.37 -81.49 1.50
N GLY S 197 -11.34 -80.75 1.06
CA GLY S 197 -9.97 -81.22 1.16
C GLY S 197 -9.59 -82.26 0.13
N LEU S 198 -10.53 -82.69 -0.70
CA LEU S 198 -10.27 -83.67 -1.74
C LEU S 198 -9.54 -83.05 -2.93
N GLU S 199 -8.84 -83.90 -3.67
CA GLU S 199 -8.19 -83.51 -4.91
C GLU S 199 -8.66 -84.44 -6.01
N ASP S 200 -8.38 -84.03 -7.26
CA ASP S 200 -8.82 -84.83 -8.41
C ASP S 200 -8.21 -86.22 -8.38
N GLY S 201 -9.01 -87.21 -8.75
CA GLY S 201 -8.57 -88.59 -8.72
C GLY S 201 -8.88 -89.35 -7.46
N ASN S 202 -9.38 -88.68 -6.43
CA ASN S 202 -9.73 -89.35 -5.18
C ASN S 202 -11.03 -90.13 -5.34
N PHE S 203 -11.35 -90.92 -4.32
CA PHE S 203 -12.56 -91.73 -4.28
C PHE S 203 -13.22 -91.58 -2.93
N VAL S 204 -14.54 -91.51 -2.92
CA VAL S 204 -15.32 -91.29 -1.71
C VAL S 204 -16.54 -92.21 -1.71
N ARG S 205 -16.90 -92.68 -0.53
CA ARG S 205 -18.17 -93.35 -0.30
C ARG S 205 -19.13 -92.39 0.39
N PHE S 206 -20.40 -92.79 0.44
CA PHE S 206 -21.45 -91.91 0.95
C PHE S 206 -22.24 -92.62 2.04
N SER S 207 -22.85 -91.81 2.90
CA SER S 207 -23.68 -92.31 3.98
C SER S 207 -24.71 -91.25 4.33
N GLU S 208 -25.90 -91.72 4.71
CA GLU S 208 -26.98 -90.86 5.19
C GLU S 208 -27.47 -89.89 4.11
N VAL S 209 -27.53 -90.35 2.87
CA VAL S 209 -28.08 -89.57 1.77
C VAL S 209 -29.52 -90.02 1.60
N GLU S 210 -30.46 -89.13 1.90
CA GLU S 210 -31.88 -89.45 1.94
C GLU S 210 -32.52 -89.33 0.56
N GLY S 211 -32.47 -90.43 -0.20
CA GLY S 211 -33.18 -90.53 -1.46
C GLY S 211 -32.39 -91.29 -2.50
N LEU S 212 -31.10 -90.96 -2.63
CA LEU S 212 -30.15 -91.78 -3.39
C LEU S 212 -29.81 -92.99 -2.52
N ASP S 213 -30.74 -93.95 -2.47
CA ASP S 213 -30.60 -95.05 -1.53
C ASP S 213 -29.41 -95.94 -1.89
N LYS S 214 -29.18 -96.18 -3.18
CA LYS S 214 -28.05 -97.00 -3.61
C LYS S 214 -26.73 -96.24 -3.59
N LEU S 215 -26.75 -94.95 -3.24
CA LEU S 215 -25.53 -94.18 -3.08
C LEU S 215 -24.86 -94.43 -1.74
N ASN S 216 -25.59 -94.99 -0.78
CA ASN S 216 -25.08 -95.20 0.57
C ASN S 216 -24.50 -96.60 0.78
N ASP S 217 -24.60 -97.48 -0.21
CA ASP S 217 -24.16 -98.86 -0.04
C ASP S 217 -22.64 -99.01 0.03
N GLY S 218 -21.88 -97.95 -0.26
CA GLY S 218 -20.43 -98.03 -0.23
C GLY S 218 -19.75 -97.91 -1.57
N THR S 219 -20.49 -97.69 -2.65
CA THR S 219 -19.89 -97.53 -3.96
C THR S 219 -19.02 -96.30 -3.99
N LEU S 220 -17.86 -96.42 -4.64
CA LEU S 220 -16.91 -95.32 -4.73
C LEU S 220 -17.16 -94.49 -5.99
N PHE S 221 -16.85 -93.20 -5.91
CA PHE S 221 -17.05 -92.27 -7.01
C PHE S 221 -15.81 -91.41 -7.20
N LYS S 222 -15.46 -91.14 -8.46
CA LYS S 222 -14.29 -90.34 -8.77
C LYS S 222 -14.59 -88.86 -8.55
N VAL S 223 -13.65 -88.17 -7.91
CA VAL S 223 -13.84 -86.79 -7.50
C VAL S 223 -13.29 -85.87 -8.59
N GLU S 224 -14.13 -84.97 -9.08
CA GLU S 224 -13.72 -83.90 -10.01
C GLU S 224 -13.93 -82.58 -9.27
N VAL S 225 -12.84 -82.00 -8.76
CA VAL S 225 -12.94 -80.80 -7.96
C VAL S 225 -13.32 -79.62 -8.86
N LEU S 226 -14.45 -78.98 -8.56
CA LEU S 226 -14.85 -77.76 -9.27
C LEU S 226 -14.36 -76.52 -8.54
N GLY S 227 -14.43 -76.50 -7.22
CA GLY S 227 -13.94 -75.41 -6.41
C GLY S 227 -13.67 -75.86 -4.99
N PRO S 228 -13.28 -74.91 -4.13
CA PRO S 228 -13.01 -75.27 -2.73
C PRO S 228 -14.27 -75.68 -1.96
N PHE S 229 -15.46 -75.56 -2.54
CA PHE S 229 -16.69 -75.89 -1.83
C PHE S 229 -17.59 -76.86 -2.59
N ALA S 230 -17.10 -77.48 -3.68
CA ALA S 230 -17.93 -78.41 -4.42
C ALA S 230 -17.05 -79.29 -5.30
N PHE S 231 -17.53 -80.51 -5.53
CA PHE S 231 -16.91 -81.45 -6.46
C PHE S 231 -18.02 -82.23 -7.15
N ARG S 232 -17.63 -82.98 -8.19
CA ARG S 232 -18.57 -83.71 -9.02
C ARG S 232 -18.17 -85.18 -9.05
N ILE S 233 -19.17 -86.07 -9.02
CA ILE S 233 -18.95 -87.50 -8.94
C ILE S 233 -19.60 -88.26 -10.10
N GLY S 234 -20.19 -87.55 -11.05
CA GLY S 234 -20.86 -88.17 -12.18
C GLY S 234 -22.38 -88.21 -11.97
N SER S 235 -23.07 -88.51 -13.07
CA SER S 235 -24.53 -88.49 -13.07
C SER S 235 -25.10 -89.48 -12.06
N VAL S 236 -25.97 -88.98 -11.18
CA VAL S 236 -26.60 -89.80 -10.16
C VAL S 236 -28.09 -89.88 -10.44
N LYS S 237 -28.49 -89.71 -11.70
CA LYS S 237 -29.90 -89.81 -12.05
C LYS S 237 -30.43 -91.21 -11.84
N GLU S 238 -29.57 -92.22 -11.94
CA GLU S 238 -29.99 -93.61 -11.76
C GLU S 238 -30.43 -93.87 -10.33
N TYR S 239 -29.87 -93.14 -9.35
CA TYR S 239 -30.13 -93.41 -7.95
C TYR S 239 -31.35 -92.69 -7.41
N GLY S 240 -31.83 -91.64 -8.10
CA GLY S 240 -33.01 -90.93 -7.64
C GLY S 240 -32.83 -89.42 -7.62
N GLU S 241 -33.32 -88.79 -6.55
CA GLU S 241 -33.21 -87.35 -6.37
C GLU S 241 -32.89 -87.05 -4.92
N TYR S 242 -32.06 -86.02 -4.73
CA TYR S 242 -31.60 -85.65 -3.39
C TYR S 242 -32.69 -84.92 -2.62
N LYS S 243 -32.83 -85.25 -1.34
CA LYS S 243 -33.78 -84.58 -0.47
C LYS S 243 -33.09 -83.79 0.64
N LYS S 244 -32.28 -84.44 1.47
CA LYS S 244 -31.55 -83.79 2.55
C LYS S 244 -30.57 -84.79 3.14
N GLY S 245 -29.67 -84.28 4.00
CA GLY S 245 -28.69 -85.11 4.66
C GLY S 245 -27.51 -85.43 3.76
N GLY S 246 -26.56 -86.20 4.31
CA GLY S 246 -25.43 -86.65 3.53
C GLY S 246 -24.08 -86.46 4.20
N ILE S 247 -23.29 -87.52 4.23
CA ILE S 247 -21.92 -87.49 4.77
C ILE S 247 -21.04 -88.32 3.86
N PHE S 248 -20.01 -87.70 3.30
CA PHE S 248 -19.07 -88.39 2.43
C PHE S 248 -17.80 -88.72 3.20
N THR S 249 -17.24 -89.90 2.93
CA THR S 249 -16.01 -90.34 3.56
C THR S 249 -15.05 -90.80 2.46
N GLU S 250 -13.83 -90.28 2.49
CA GLU S 250 -12.83 -90.66 1.50
C GLU S 250 -12.32 -92.08 1.78
N VAL S 251 -12.19 -92.88 0.73
CA VAL S 251 -11.67 -94.24 0.82
C VAL S 251 -10.39 -94.31 0.01
N LYS S 252 -9.36 -94.93 0.58
CA LYS S 252 -8.06 -95.07 -0.07
C LYS S 252 -8.05 -96.38 -0.85
N VAL S 253 -7.99 -96.28 -2.18
CA VAL S 253 -7.97 -97.44 -3.05
C VAL S 253 -6.54 -97.94 -3.24
N PRO S 254 -6.34 -99.24 -3.45
CA PRO S 254 -4.98 -99.74 -3.68
C PRO S 254 -4.45 -99.38 -5.05
N ARG S 255 -3.12 -99.25 -5.13
CA ARG S 255 -2.42 -98.94 -6.37
C ARG S 255 -1.28 -99.93 -6.54
N LYS S 256 -1.36 -100.77 -7.56
CA LYS S 256 -0.36 -101.80 -7.81
C LYS S 256 0.75 -101.22 -8.68
N ILE S 257 1.91 -100.99 -8.08
CA ILE S 257 3.08 -100.44 -8.78
C ILE S 257 4.09 -101.54 -9.02
N SER S 258 4.77 -101.47 -10.15
CA SER S 258 5.78 -102.45 -10.53
C SER S 258 7.16 -101.83 -10.46
N PHE S 259 8.12 -102.61 -9.97
CA PHE S 259 9.49 -102.16 -9.81
C PHE S 259 10.40 -102.90 -10.78
N LYS S 260 11.48 -102.22 -11.17
CA LYS S 260 12.51 -102.80 -12.03
C LYS S 260 13.72 -103.21 -11.20
N SER S 261 14.49 -104.17 -11.72
CA SER S 261 15.67 -104.66 -11.04
C SER S 261 16.77 -103.60 -11.04
N LEU S 262 17.80 -103.84 -10.22
CA LEU S 262 18.93 -102.92 -10.15
C LEU S 262 19.69 -102.88 -11.47
N LYS S 263 19.84 -104.02 -12.13
CA LYS S 263 20.53 -104.06 -13.41
C LYS S 263 19.80 -103.20 -14.45
N GLN S 264 18.47 -103.30 -14.49
CA GLN S 264 17.69 -102.46 -15.42
C GLN S 264 17.72 -100.99 -15.01
N GLN S 265 17.85 -100.72 -13.71
CA GLN S 265 17.83 -99.35 -13.23
C GLN S 265 19.17 -98.64 -13.38
N LEU S 266 20.27 -99.39 -13.49
CA LEU S 266 21.57 -98.75 -13.69
C LEU S 266 21.67 -98.08 -15.05
N SER S 267 20.91 -98.56 -16.04
CA SER S 267 20.93 -97.98 -17.38
C SER S 267 19.84 -96.94 -17.56
N ASN S 268 18.65 -97.18 -17.03
CA ASN S 268 17.51 -96.26 -17.13
C ASN S 268 16.95 -96.05 -15.73
N PRO S 269 17.56 -95.17 -14.94
CA PRO S 269 17.09 -94.96 -13.56
C PRO S 269 15.87 -94.05 -13.50
N GLU S 270 15.08 -94.26 -12.45
CA GLU S 270 13.93 -93.41 -12.15
C GLU S 270 14.23 -92.66 -10.85
N PHE S 271 14.40 -91.34 -10.97
CA PHE S 271 14.87 -90.53 -9.86
C PHE S 271 13.72 -89.93 -9.07
N VAL S 272 13.94 -89.79 -7.76
CA VAL S 272 13.10 -88.99 -6.88
C VAL S 272 13.99 -87.92 -6.26
N PHE S 273 13.65 -86.65 -6.51
CA PHE S 273 14.57 -85.57 -6.18
C PHE S 273 14.45 -85.18 -4.71
N SER S 274 15.60 -85.00 -4.06
CA SER S 274 15.64 -84.56 -2.68
C SER S 274 15.67 -83.04 -2.54
N ASP S 275 15.96 -82.32 -3.63
CA ASP S 275 16.02 -80.87 -3.60
C ASP S 275 15.82 -80.39 -5.03
N PHE S 276 14.69 -79.73 -5.30
CA PHE S 276 14.41 -79.31 -6.67
C PHE S 276 15.33 -78.20 -7.12
N ALA S 277 16.03 -77.53 -6.20
CA ALA S 277 17.07 -76.59 -6.60
C ALA S 277 18.29 -77.29 -7.17
N LYS S 278 18.52 -78.56 -6.83
CA LYS S 278 19.61 -79.36 -7.36
C LYS S 278 19.10 -80.57 -8.12
N PHE S 279 17.94 -80.46 -8.77
CA PHE S 279 17.39 -81.59 -9.49
C PHE S 279 18.21 -81.97 -10.72
N ASP S 280 19.15 -81.12 -11.14
CA ASP S 280 20.07 -81.48 -12.21
C ASP S 280 21.22 -82.33 -11.70
N ARG S 281 21.61 -82.18 -10.44
CA ARG S 281 22.73 -82.92 -9.87
C ARG S 281 22.40 -84.39 -9.62
N ALA S 282 21.14 -84.80 -9.80
CA ALA S 282 20.76 -86.19 -9.55
C ALA S 282 21.46 -87.14 -10.49
N ALA S 283 21.35 -86.91 -11.80
CA ALA S 283 21.99 -87.79 -12.77
C ALA S 283 23.51 -87.71 -12.70
N GLN S 284 24.05 -86.60 -12.21
CA GLN S 284 25.51 -86.47 -12.10
C GLN S 284 26.06 -87.43 -11.05
N LEU S 285 25.45 -87.45 -9.86
CA LEU S 285 25.93 -88.35 -8.81
C LEU S 285 25.58 -89.82 -9.09
N HIS S 286 24.63 -90.07 -10.00
CA HIS S 286 24.33 -91.46 -10.36
C HIS S 286 25.53 -92.14 -11.00
N LEU S 287 26.19 -91.45 -11.93
CA LEU S 287 27.41 -91.98 -12.53
C LEU S 287 28.60 -91.86 -11.59
N GLY S 288 28.59 -90.87 -10.70
CA GLY S 288 29.70 -90.70 -9.77
C GLY S 288 29.82 -91.84 -8.78
N PHE S 289 28.68 -92.30 -8.25
CA PHE S 289 28.73 -93.42 -7.31
C PHE S 289 29.09 -94.73 -8.00
N GLN S 290 28.69 -94.90 -9.26
CA GLN S 290 29.11 -96.07 -10.03
C GLN S 290 30.60 -96.05 -10.31
N ALA S 291 31.14 -94.87 -10.65
CA ALA S 291 32.57 -94.77 -10.94
C ALA S 291 33.42 -94.99 -9.69
N LEU S 292 32.88 -94.68 -8.51
CA LEU S 292 33.62 -94.93 -7.27
C LEU S 292 33.85 -96.43 -7.07
N HIS S 293 32.94 -97.27 -7.58
CA HIS S 293 33.13 -98.71 -7.49
C HIS S 293 34.03 -99.22 -8.61
N GLN S 294 33.93 -98.65 -9.81
CA GLN S 294 34.86 -98.98 -10.88
C GLN S 294 36.29 -98.61 -10.49
N PHE S 295 36.46 -97.49 -9.80
CA PHE S 295 37.78 -97.11 -9.29
C PHE S 295 38.28 -98.13 -8.27
N ALA S 296 37.38 -98.63 -7.42
CA ALA S 296 37.78 -99.61 -6.41
C ALA S 296 38.22 -100.93 -7.03
N VAL S 297 37.59 -101.35 -8.12
CA VAL S 297 37.97 -102.59 -8.78
C VAL S 297 39.36 -102.47 -9.37
N ARG S 298 39.64 -101.36 -10.07
CA ARG S 298 40.94 -101.14 -10.70
C ARG S 298 42.04 -100.83 -9.69
N HIS S 299 41.70 -100.63 -8.41
CA HIS S 299 42.67 -100.24 -7.40
C HIS S 299 42.58 -101.14 -6.17
N ASN S 300 42.13 -102.38 -6.36
CA ASN S 300 42.10 -103.40 -5.31
C ASN S 300 41.25 -102.95 -4.11
N GLY S 301 40.00 -102.59 -4.41
CA GLY S 301 39.06 -102.21 -3.37
C GLY S 301 39.38 -100.94 -2.63
N GLU S 302 40.27 -100.10 -3.15
CA GLU S 302 40.62 -98.84 -2.53
C GLU S 302 39.75 -97.72 -3.08
N LEU S 303 39.41 -96.79 -2.23
CA LEU S 303 38.67 -95.60 -2.64
C LEU S 303 39.64 -94.49 -3.01
N PRO S 304 39.21 -93.55 -3.85
CA PRO S 304 40.08 -92.42 -4.21
C PRO S 304 40.61 -91.70 -2.97
N ARG S 305 41.91 -91.44 -2.97
CA ARG S 305 42.56 -90.85 -1.81
C ARG S 305 41.98 -89.47 -1.51
N THR S 306 42.03 -89.11 -0.23
CA THR S 306 41.42 -87.88 0.24
C THR S 306 42.11 -86.66 -0.35
N MET S 307 41.32 -85.77 -0.97
CA MET S 307 41.80 -84.51 -1.54
C MET S 307 42.85 -84.70 -2.62
N ASN S 308 42.89 -85.88 -3.25
CA ASN S 308 43.90 -86.16 -4.28
C ASN S 308 43.36 -85.75 -5.64
N ASP S 309 44.18 -85.02 -6.40
CA ASP S 309 43.78 -84.53 -7.70
C ASP S 309 44.04 -85.52 -8.83
N GLU S 310 45.10 -86.33 -8.72
CA GLU S 310 45.39 -87.32 -9.74
C GLU S 310 44.30 -88.38 -9.81
N ASP S 311 43.82 -88.84 -8.65
CA ASP S 311 42.71 -89.78 -8.63
C ASP S 311 41.40 -89.10 -9.02
N ALA S 312 41.25 -87.82 -8.68
CA ALA S 312 40.03 -87.10 -9.06
C ALA S 312 39.92 -86.98 -10.58
N ASN S 313 41.06 -86.82 -11.27
CA ASN S 313 41.02 -86.76 -12.72
C ASN S 313 40.69 -88.11 -13.34
N GLU S 314 41.13 -89.20 -12.70
CA GLU S 314 40.79 -90.53 -13.19
C GLU S 314 39.31 -90.82 -13.00
N LEU S 315 38.72 -90.36 -11.90
CA LEU S 315 37.30 -90.59 -11.65
C LEU S 315 36.44 -89.89 -12.67
N ILE S 316 36.81 -88.67 -13.08
CA ILE S 316 36.06 -87.96 -14.11
C ILE S 316 36.12 -88.72 -15.43
N LYS S 317 37.25 -89.37 -15.71
CA LYS S 317 37.35 -90.19 -16.92
C LYS S 317 36.42 -91.39 -16.86
N LEU S 318 36.33 -92.05 -15.70
CA LEU S 318 35.43 -93.19 -15.56
C LEU S 318 33.97 -92.76 -15.67
N VAL S 319 33.64 -91.57 -15.15
CA VAL S 319 32.29 -91.04 -15.30
C VAL S 319 32.01 -90.74 -16.77
N THR S 320 32.99 -90.19 -17.48
CA THR S 320 32.81 -89.89 -18.90
C THR S 320 32.68 -91.17 -19.71
N ASP S 321 33.45 -92.20 -19.36
CA ASP S 321 33.35 -93.48 -20.07
C ASP S 321 31.99 -94.14 -19.87
N LEU S 322 31.38 -93.95 -18.69
CA LEU S 322 30.05 -94.52 -18.45
C LEU S 322 28.96 -93.78 -19.21
N SER S 323 29.17 -92.48 -19.46
CA SER S 323 28.17 -91.70 -20.20
C SER S 323 27.99 -92.22 -21.63
N VAL S 324 29.05 -92.77 -22.22
CA VAL S 324 28.91 -93.36 -23.56
C VAL S 324 28.20 -94.69 -23.47
N GLN S 325 28.40 -95.44 -22.38
CA GLN S 325 27.72 -96.72 -22.22
C GLN S 325 26.23 -96.53 -21.94
N GLN S 326 25.88 -95.58 -21.08
CA GLN S 326 24.50 -95.31 -20.68
C GLN S 326 24.16 -93.88 -21.07
N PRO S 327 23.79 -93.64 -22.32
CA PRO S 327 23.45 -92.27 -22.75
C PRO S 327 22.10 -91.77 -22.24
N GLU S 328 21.28 -92.65 -21.64
CA GLU S 328 19.97 -92.23 -21.16
C GLU S 328 20.02 -91.60 -19.78
N VAL S 329 21.07 -91.83 -19.01
CA VAL S 329 21.16 -91.28 -17.65
C VAL S 329 21.23 -89.76 -17.69
N LEU S 330 22.25 -89.22 -18.35
CA LEU S 330 22.42 -87.77 -18.43
C LEU S 330 21.54 -87.16 -19.50
N GLY S 331 21.36 -87.85 -20.62
CA GLY S 331 20.67 -87.30 -21.77
C GLY S 331 21.62 -86.65 -22.75
N GLU S 332 21.09 -86.37 -23.93
CA GLU S 332 21.91 -85.80 -25.00
C GLU S 332 22.18 -84.33 -24.72
N GLY S 333 23.45 -83.93 -24.89
CA GLY S 333 23.84 -82.55 -24.73
C GLY S 333 24.20 -82.12 -23.32
N VAL S 334 24.34 -83.06 -22.39
CA VAL S 334 24.69 -82.75 -21.01
C VAL S 334 26.10 -83.23 -20.75
N ASP S 335 26.96 -82.33 -20.27
CA ASP S 335 28.36 -82.63 -20.01
C ASP S 335 28.51 -83.36 -18.68
N VAL S 336 29.76 -83.63 -18.31
CA VAL S 336 30.04 -84.46 -17.14
C VAL S 336 29.96 -83.67 -15.83
N ASN S 337 30.11 -82.35 -15.87
CA ASN S 337 30.13 -81.51 -14.67
C ASN S 337 31.26 -81.96 -13.73
N GLU S 338 32.49 -81.78 -14.24
CA GLU S 338 33.67 -82.27 -13.55
C GLU S 338 33.80 -81.70 -12.13
N ASP S 339 33.25 -80.52 -11.88
CA ASP S 339 33.37 -79.91 -10.56
C ASP S 339 32.65 -80.72 -9.50
N LEU S 340 31.48 -81.29 -9.85
CA LEU S 340 30.75 -82.10 -8.89
C LEU S 340 31.47 -83.41 -8.60
N ILE S 341 31.93 -84.10 -9.65
CA ILE S 341 32.62 -85.36 -9.48
C ILE S 341 33.93 -85.18 -8.73
N LYS S 342 34.59 -84.03 -8.91
CA LYS S 342 35.85 -83.77 -8.22
C LYS S 342 35.66 -83.71 -6.71
N GLU S 343 34.56 -83.11 -6.26
CA GLU S 343 34.30 -83.04 -4.82
C GLU S 343 33.92 -84.40 -4.25
N LEU S 344 33.25 -85.24 -5.04
CA LEU S 344 32.91 -86.58 -4.59
C LEU S 344 34.17 -87.42 -4.37
N SER S 345 35.16 -87.29 -5.25
CA SER S 345 36.42 -88.02 -5.07
C SER S 345 37.18 -87.52 -3.86
N TYR S 346 37.08 -86.22 -3.54
CA TYR S 346 37.78 -85.68 -2.39
C TYR S 346 37.22 -86.22 -1.09
N GLN S 347 35.92 -86.55 -1.06
CA GLN S 347 35.25 -87.03 0.14
C GLN S 347 34.85 -88.50 0.02
N ALA S 348 35.53 -89.26 -0.86
CA ALA S 348 35.15 -90.65 -1.07
C ALA S 348 35.37 -91.49 0.18
N ARG S 349 36.31 -91.09 1.05
CA ARG S 349 36.59 -91.80 2.29
C ARG S 349 35.92 -91.15 3.49
N GLY S 350 35.08 -90.15 3.27
CA GLY S 350 34.45 -89.46 4.38
C GLY S 350 33.26 -90.23 4.95
N ASP S 351 33.07 -90.06 6.25
CA ASP S 351 31.96 -90.69 6.99
C ASP S 351 31.33 -89.59 7.84
N ILE S 352 30.34 -88.90 7.29
CA ILE S 352 29.74 -87.75 7.96
C ILE S 352 28.53 -88.18 8.77
N PRO S 353 28.47 -87.87 10.07
CA PRO S 353 27.30 -88.26 10.87
C PRO S 353 26.00 -87.64 10.39
N GLY S 354 26.04 -86.38 9.93
CA GLY S 354 24.83 -85.74 9.46
C GLY S 354 24.22 -86.42 8.25
N VAL S 355 25.07 -86.90 7.34
CA VAL S 355 24.58 -87.59 6.16
C VAL S 355 24.18 -89.02 6.49
N VAL S 356 24.94 -89.67 7.39
CA VAL S 356 24.61 -91.04 7.78
C VAL S 356 23.27 -91.07 8.52
N ALA S 357 23.07 -90.16 9.46
CA ALA S 357 21.80 -90.11 10.19
C ALA S 357 20.64 -89.79 9.28
N PHE S 358 20.86 -88.99 8.23
CA PHE S 358 19.80 -88.70 7.28
C PHE S 358 19.36 -89.96 6.55
N PHE S 359 20.30 -90.62 5.86
CA PHE S 359 19.96 -91.82 5.10
C PHE S 359 19.66 -93.01 6.00
N GLY S 360 20.17 -93.01 7.24
CA GLY S 360 19.85 -94.09 8.15
C GLY S 360 18.38 -94.14 8.51
N GLY S 361 17.79 -92.98 8.80
CA GLY S 361 16.36 -92.94 9.09
C GLY S 361 15.49 -93.10 7.87
N LEU S 362 15.94 -92.58 6.72
CA LEU S 362 15.16 -92.71 5.50
C LEU S 362 15.07 -94.17 5.05
N VAL S 363 16.21 -94.86 5.00
CA VAL S 363 16.21 -96.25 4.56
C VAL S 363 15.45 -97.13 5.54
N ALA S 364 15.55 -96.83 6.83
CA ALA S 364 14.81 -97.60 7.83
C ALA S 364 13.31 -97.49 7.61
N GLN S 365 12.82 -96.29 7.29
CA GLN S 365 11.41 -96.15 6.97
C GLN S 365 11.05 -96.93 5.72
N GLU S 366 11.97 -96.99 4.74
CA GLU S 366 11.72 -97.80 3.55
C GLU S 366 11.72 -99.29 3.86
N VAL S 367 12.47 -99.71 4.89
CA VAL S 367 12.40 -101.10 5.32
C VAL S 367 11.03 -101.39 5.93
N LEU S 368 10.47 -100.41 6.65
CA LEU S 368 9.15 -100.61 7.25
C LEU S 368 8.07 -100.68 6.17
N LYS S 369 8.17 -99.84 5.13
CA LYS S 369 7.24 -99.92 4.03
C LYS S 369 7.38 -101.23 3.26
N ALA S 370 8.58 -101.81 3.24
CA ALA S 370 8.76 -103.08 2.54
C ALA S 370 8.09 -104.23 3.30
N CYS S 371 8.07 -104.17 4.62
CA CYS S 371 7.46 -105.22 5.43
C CYS S 371 5.97 -105.02 5.62
N SER S 372 5.52 -103.77 5.78
CA SER S 372 4.13 -103.48 6.06
C SER S 372 3.36 -102.96 4.85
N GLY S 373 4.01 -102.21 3.96
CA GLY S 373 3.33 -101.60 2.84
C GLY S 373 2.40 -100.47 3.20
N LYS S 374 2.63 -99.80 4.34
CA LYS S 374 1.67 -98.80 4.81
C LYS S 374 1.76 -97.50 4.03
N PHE S 375 2.97 -97.09 3.64
CA PHE S 375 3.14 -95.82 2.96
C PHE S 375 3.61 -96.06 1.53
N THR S 376 3.69 -94.97 0.77
CA THR S 376 4.18 -95.03 -0.60
C THR S 376 5.70 -95.12 -0.61
N PRO S 377 6.29 -96.17 -1.17
CA PRO S 377 7.75 -96.33 -1.11
C PRO S 377 8.46 -95.38 -2.06
N LEU S 378 9.77 -95.28 -1.86
CA LEU S 378 10.61 -94.47 -2.74
C LEU S 378 10.66 -95.11 -4.12
N LYS S 379 10.56 -94.26 -5.16
CA LYS S 379 10.45 -94.76 -6.53
C LYS S 379 11.84 -94.91 -7.15
N GLN S 380 12.52 -95.97 -6.72
CA GLN S 380 13.67 -96.64 -7.32
C GLN S 380 15.00 -95.90 -7.19
N PHE S 381 15.03 -94.63 -6.78
CA PHE S 381 16.30 -93.90 -6.69
C PHE S 381 16.08 -92.54 -6.05
N MET S 382 17.11 -92.07 -5.35
CA MET S 382 17.19 -90.70 -4.88
C MET S 382 18.63 -90.40 -4.47
N TYR S 383 19.09 -89.22 -4.83
CA TYR S 383 20.44 -88.76 -4.49
C TYR S 383 20.36 -87.48 -3.67
N PHE S 384 21.36 -87.29 -2.81
CA PHE S 384 21.35 -86.17 -1.87
C PHE S 384 22.79 -85.75 -1.58
N ASP S 385 22.99 -84.44 -1.48
CA ASP S 385 24.30 -83.88 -1.12
C ASP S 385 24.11 -82.65 -0.24
N SER S 386 25.11 -82.38 0.59
CA SER S 386 25.11 -81.24 1.50
C SER S 386 26.40 -80.44 1.35
N LEU S 387 26.76 -80.14 0.10
CA LEU S 387 28.02 -79.45 -0.17
C LEU S 387 28.07 -78.05 0.42
N GLU S 388 26.93 -77.45 0.74
CA GLU S 388 26.91 -76.14 1.39
C GLU S 388 27.45 -76.17 2.81
N SER S 389 27.62 -77.35 3.40
CA SER S 389 28.20 -77.46 4.74
C SER S 389 29.71 -77.30 4.75
N LEU S 390 30.35 -77.33 3.59
CA LEU S 390 31.80 -77.16 3.52
C LEU S 390 32.18 -75.75 3.95
N PRO S 391 33.17 -75.59 4.83
CA PRO S 391 33.56 -74.24 5.26
C PRO S 391 34.25 -73.48 4.14
N ASP S 392 34.40 -72.18 4.36
CA ASP S 392 35.07 -71.32 3.39
C ASP S 392 36.54 -71.68 3.30
N PRO S 393 37.07 -71.99 2.11
CA PRO S 393 38.49 -72.36 2.01
C PRO S 393 39.47 -71.28 2.45
N LYS S 394 39.03 -70.03 2.59
CA LYS S 394 39.93 -68.99 3.05
C LYS S 394 40.22 -69.10 4.54
N ASN S 395 39.28 -69.66 5.32
CA ASN S 395 39.46 -69.84 6.76
C ASN S 395 39.98 -71.23 7.12
N PHE S 396 39.42 -72.27 6.49
CA PHE S 396 39.83 -73.65 6.74
C PHE S 396 40.08 -74.30 5.39
N PRO S 397 41.28 -74.15 4.84
CA PRO S 397 41.56 -74.70 3.50
C PRO S 397 41.61 -76.21 3.52
N ARG S 398 41.16 -76.81 2.41
CA ARG S 398 41.12 -78.25 2.26
C ARG S 398 42.15 -78.65 1.21
N ASN S 399 43.08 -79.51 1.61
CA ASN S 399 44.08 -80.05 0.70
C ASN S 399 44.54 -81.40 1.24
N GLU S 400 45.59 -81.95 0.63
CA GLU S 400 46.09 -83.26 1.03
C GLU S 400 46.83 -83.23 2.36
N LYS S 401 47.13 -82.05 2.89
CA LYS S 401 47.84 -81.92 4.16
C LYS S 401 46.91 -81.69 5.34
N THR S 402 45.85 -80.89 5.15
CA THR S 402 44.91 -80.62 6.24
C THR S 402 43.95 -81.78 6.48
N THR S 403 43.61 -82.53 5.43
CA THR S 403 42.63 -83.59 5.51
C THR S 403 43.25 -84.97 5.72
N GLN S 404 44.55 -85.04 6.02
CA GLN S 404 45.19 -86.32 6.24
C GLN S 404 44.77 -86.88 7.60
N PRO S 405 44.75 -88.21 7.75
CA PRO S 405 44.35 -88.80 9.03
C PRO S 405 45.33 -88.48 10.14
N VAL S 406 44.81 -88.48 11.37
CA VAL S 406 45.61 -88.19 12.56
C VAL S 406 45.54 -89.33 13.56
N ASN S 407 45.18 -90.53 13.10
CA ASN S 407 45.06 -91.72 13.96
C ASN S 407 44.08 -91.46 15.11
N SER S 408 42.89 -90.99 14.76
CA SER S 408 41.83 -90.75 15.72
C SER S 408 40.51 -91.22 15.13
N ARG S 409 39.46 -91.22 15.96
CA ARG S 409 38.15 -91.64 15.50
C ARG S 409 37.54 -90.65 14.51
N TYR S 410 38.05 -89.43 14.43
CA TYR S 410 37.51 -88.41 13.55
C TYR S 410 38.24 -88.33 12.22
N ASP S 411 39.04 -89.35 11.88
CA ASP S 411 39.82 -89.30 10.64
C ASP S 411 38.92 -89.22 9.42
N ASN S 412 37.80 -89.94 9.43
CA ASN S 412 36.88 -89.91 8.30
C ASN S 412 36.07 -88.62 8.24
N GLN S 413 36.04 -87.84 9.33
CA GLN S 413 35.44 -86.51 9.30
C GLN S 413 36.44 -85.44 8.89
N ILE S 414 37.70 -85.57 9.29
CA ILE S 414 38.74 -84.64 8.87
C ILE S 414 38.97 -84.74 7.37
N ALA S 415 38.73 -85.92 6.78
CA ALA S 415 38.94 -86.10 5.35
C ALA S 415 38.05 -85.20 4.49
N VAL S 416 37.00 -84.61 5.08
CA VAL S 416 36.09 -83.73 4.36
C VAL S 416 36.32 -82.27 4.71
N PHE S 417 36.48 -81.96 6.00
CA PHE S 417 36.53 -80.58 6.46
C PHE S 417 37.93 -80.11 6.83
N GLY S 418 38.85 -81.02 7.12
CA GLY S 418 40.19 -80.64 7.51
C GLY S 418 40.37 -80.67 9.02
N LEU S 419 41.64 -80.76 9.44
CA LEU S 419 41.95 -80.89 10.86
C LEU S 419 41.61 -79.61 11.62
N ASP S 420 41.83 -78.45 11.01
CA ASP S 420 41.57 -77.19 11.71
C ASP S 420 40.08 -76.96 11.94
N PHE S 421 39.22 -77.45 11.04
CA PHE S 421 37.79 -77.25 11.21
C PHE S 421 37.24 -78.14 12.32
N GLN S 422 37.74 -79.38 12.41
CA GLN S 422 37.31 -80.27 13.49
C GLN S 422 37.77 -79.75 14.85
N LYS S 423 38.89 -79.03 14.90
CA LYS S 423 39.34 -78.43 16.15
C LYS S 423 38.35 -77.40 16.67
N LYS S 424 37.76 -76.60 15.76
CA LYS S 424 36.79 -75.60 16.18
C LYS S 424 35.48 -76.24 16.63
N ILE S 425 35.08 -77.34 16.00
CA ILE S 425 33.88 -78.05 16.42
C ILE S 425 34.03 -78.57 17.85
N ALA S 426 35.21 -79.14 18.17
CA ALA S 426 35.44 -79.67 19.51
C ALA S 426 35.50 -78.59 20.57
N ASN S 427 35.76 -77.33 20.18
CA ASN S 427 35.86 -76.23 21.13
C ASN S 427 34.57 -75.41 21.20
N SER S 428 33.48 -75.90 20.64
CA SER S 428 32.22 -75.16 20.64
C SER S 428 31.48 -75.36 21.95
N LYS S 429 30.82 -74.30 22.40
CA LYS S 429 30.02 -74.31 23.63
C LYS S 429 28.56 -74.15 23.23
N VAL S 430 27.81 -75.25 23.30
CA VAL S 430 26.44 -75.31 22.79
C VAL S 430 25.48 -75.60 23.95
N PHE S 431 24.19 -75.36 23.67
CA PHE S 431 23.12 -75.54 24.65
C PHE S 431 22.00 -76.33 23.99
N LEU S 432 21.75 -77.54 24.48
CA LEU S 432 20.67 -78.38 23.99
C LEU S 432 19.53 -78.35 25.00
N VAL S 433 18.39 -77.81 24.59
CA VAL S 433 17.23 -77.69 25.45
C VAL S 433 16.33 -78.89 25.19
N GLY S 434 16.30 -79.82 26.12
CA GLY S 434 15.51 -81.03 25.96
C GLY S 434 16.41 -82.21 25.63
N SER S 435 16.09 -83.36 26.22
CA SER S 435 16.87 -84.58 26.03
C SER S 435 15.96 -85.72 25.60
N GLY S 436 14.95 -85.41 24.79
CA GLY S 436 14.01 -86.42 24.34
C GLY S 436 14.47 -87.20 23.13
N ALA S 437 13.57 -87.44 22.19
CA ALA S 437 13.92 -88.19 20.98
C ALA S 437 14.91 -87.42 20.13
N ILE S 438 14.64 -86.13 19.90
CA ILE S 438 15.56 -85.31 19.14
C ILE S 438 16.84 -85.06 19.94
N GLY S 439 16.70 -84.81 21.23
CA GLY S 439 17.87 -84.58 22.06
C GLY S 439 18.79 -85.78 22.15
N CYS S 440 18.20 -86.98 22.21
CA CYS S 440 19.01 -88.20 22.27
C CYS S 440 19.72 -88.44 20.94
N GLU S 441 19.02 -88.22 19.82
CA GLU S 441 19.68 -88.36 18.53
C GLU S 441 20.69 -87.24 18.31
N MET S 442 20.45 -86.06 18.89
CA MET S 442 21.38 -84.95 18.74
C MET S 442 22.67 -85.22 19.50
N LEU S 443 22.57 -85.70 20.74
CA LEU S 443 23.76 -86.01 21.51
C LEU S 443 24.57 -87.13 20.89
N LYS S 444 23.91 -88.06 20.19
CA LYS S 444 24.63 -89.14 19.52
C LYS S 444 25.49 -88.59 18.37
N ASN S 445 24.92 -87.70 17.56
CA ASN S 445 25.69 -87.08 16.48
C ASN S 445 26.77 -86.16 17.04
N TRP S 446 26.45 -85.42 18.11
CA TRP S 446 27.45 -84.56 18.73
C TRP S 446 28.59 -85.38 19.32
N ALA S 447 28.31 -86.61 19.76
CA ALA S 447 29.38 -87.48 20.24
C ALA S 447 30.26 -87.96 19.08
N LEU S 448 29.65 -88.21 17.93
CA LEU S 448 30.43 -88.61 16.76
C LEU S 448 31.28 -87.46 16.24
N LEU S 449 30.76 -86.23 16.33
CA LEU S 449 31.52 -85.06 15.92
C LEU S 449 32.62 -84.67 16.90
N GLY S 450 32.60 -85.22 18.11
CA GLY S 450 33.52 -84.76 19.13
C GLY S 450 33.23 -83.37 19.63
N LEU S 451 32.02 -82.87 19.40
CA LEU S 451 31.67 -81.52 19.80
C LEU S 451 31.72 -81.38 21.32
N GLY S 452 32.40 -80.33 21.79
CA GLY S 452 32.54 -80.08 23.21
C GLY S 452 33.63 -80.86 23.90
N SER S 453 34.36 -81.72 23.19
CA SER S 453 35.43 -82.50 23.80
C SER S 453 36.73 -81.71 23.94
N GLY S 454 36.84 -80.56 23.29
CA GLY S 454 38.03 -79.74 23.40
C GLY S 454 38.13 -79.04 24.74
N SER S 455 39.33 -78.54 25.03
CA SER S 455 39.58 -77.87 26.29
C SER S 455 38.84 -76.55 26.43
N ASP S 456 38.23 -76.04 25.36
CA ASP S 456 37.53 -74.76 25.42
C ASP S 456 36.02 -74.87 25.26
N GLY S 457 35.49 -76.03 24.89
CA GLY S 457 34.07 -76.22 24.69
C GLY S 457 33.44 -77.10 25.74
N TYR S 458 32.10 -77.14 25.69
CA TYR S 458 31.30 -77.96 26.59
C TYR S 458 29.90 -78.07 26.03
N ILE S 459 29.10 -78.94 26.63
CA ILE S 459 27.70 -79.15 26.25
C ILE S 459 26.84 -79.11 27.50
N VAL S 460 25.78 -78.31 27.47
CA VAL S 460 24.81 -78.22 28.56
C VAL S 460 23.46 -78.70 28.03
N VAL S 461 22.93 -79.75 28.63
CA VAL S 461 21.63 -80.31 28.27
C VAL S 461 20.77 -80.39 29.52
N THR S 462 19.49 -80.02 29.39
CA THR S 462 18.59 -79.98 30.53
C THR S 462 17.24 -80.57 30.17
N ASP S 463 16.67 -81.33 31.11
CA ASP S 463 15.34 -81.90 30.95
C ASP S 463 14.84 -82.30 32.33
N ASN S 464 13.69 -81.76 32.73
CA ASN S 464 13.13 -81.97 34.06
C ASN S 464 12.24 -83.21 34.16
N ASP S 465 12.19 -84.03 33.12
CA ASP S 465 11.30 -85.19 33.10
C ASP S 465 12.06 -86.47 33.43
N SER S 466 11.29 -87.50 33.78
CA SER S 466 11.81 -88.83 34.06
C SER S 466 11.49 -89.76 32.90
N ILE S 467 12.10 -90.95 32.93
CA ILE S 467 11.95 -91.92 31.85
C ILE S 467 10.70 -92.75 32.08
N GLU S 468 9.96 -93.01 31.01
CA GLU S 468 8.76 -93.82 31.03
C GLU S 468 8.90 -94.98 30.06
N LYS S 469 8.06 -96.01 30.24
CA LYS S 469 8.19 -97.23 29.45
C LYS S 469 7.87 -97.01 27.97
N SER S 470 7.01 -96.04 27.64
CA SER S 470 6.66 -95.78 26.26
C SER S 470 7.77 -95.09 25.48
N ASN S 471 8.67 -94.40 26.18
CA ASN S 471 9.76 -93.68 25.53
C ASN S 471 10.88 -94.59 25.04
N LEU S 472 10.84 -95.88 25.39
CA LEU S 472 11.88 -96.80 24.97
C LEU S 472 11.85 -97.07 23.47
N ASN S 473 10.75 -96.75 22.80
CA ASN S 473 10.64 -97.02 21.37
C ASN S 473 11.35 -95.98 20.52
N ARG S 474 11.15 -94.70 20.83
CA ARG S 474 11.73 -93.61 20.04
C ARG S 474 12.98 -93.00 20.65
N GLN S 475 13.29 -93.30 21.90
CA GLN S 475 14.49 -92.79 22.57
C GLN S 475 15.34 -93.99 22.97
N PHE S 476 16.42 -94.20 22.21
CA PHE S 476 17.23 -95.41 22.32
C PHE S 476 18.32 -95.33 23.38
N LEU S 477 18.60 -94.15 23.93
CA LEU S 477 19.60 -94.02 24.98
C LEU S 477 19.11 -94.53 26.33
N PHE S 478 17.81 -94.75 26.49
CA PHE S 478 17.26 -95.21 27.76
C PHE S 478 16.95 -96.70 27.69
N ARG S 479 17.12 -97.37 28.84
CA ARG S 479 16.87 -98.79 28.98
C ARG S 479 15.78 -99.03 30.03
N PRO S 480 15.17 -100.21 30.05
CA PRO S 480 14.17 -100.49 31.09
C PRO S 480 14.69 -100.36 32.51
N LYS S 481 15.99 -100.58 32.73
CA LYS S 481 16.57 -100.44 34.07
C LYS S 481 16.62 -98.98 34.52
N ASP S 482 16.51 -98.03 33.60
CA ASP S 482 16.65 -96.62 33.91
C ASP S 482 15.32 -95.89 34.05
N VAL S 483 14.20 -96.60 33.92
CA VAL S 483 12.89 -95.94 34.04
C VAL S 483 12.73 -95.39 35.45
N GLY S 484 12.38 -94.11 35.54
CA GLY S 484 12.26 -93.41 36.80
C GLY S 484 13.37 -92.41 37.07
N LYS S 485 14.53 -92.57 36.45
CA LYS S 485 15.63 -91.63 36.64
C LYS S 485 15.44 -90.42 35.73
N ASN S 486 16.32 -89.44 35.88
CA ASN S 486 16.23 -88.22 35.11
C ASN S 486 16.70 -88.43 33.67
N LYS S 487 16.08 -87.72 32.74
CA LYS S 487 16.36 -87.91 31.33
C LYS S 487 17.76 -87.41 30.96
N SER S 488 18.07 -86.17 31.34
CA SER S 488 19.35 -85.58 30.96
C SER S 488 20.53 -86.27 31.63
N GLU S 489 20.34 -86.75 32.86
CA GLU S 489 21.44 -87.39 33.58
C GLU S 489 21.78 -88.75 32.98
N VAL S 490 20.76 -89.54 32.62
CA VAL S 490 21.00 -90.86 32.04
C VAL S 490 21.53 -90.73 30.61
N ALA S 491 20.96 -89.81 29.83
CA ALA S 491 21.41 -89.62 28.45
C ALA S 491 22.84 -89.12 28.38
N ALA S 492 23.30 -88.37 29.40
CA ALA S 492 24.68 -87.90 29.41
C ALA S 492 25.66 -89.05 29.55
N GLU S 493 25.44 -89.91 30.55
CA GLU S 493 26.31 -91.06 30.75
C GLU S 493 26.17 -92.11 29.65
N ALA S 494 25.04 -92.11 28.94
CA ALA S 494 24.85 -93.10 27.87
C ALA S 494 25.78 -92.84 26.70
N VAL S 495 25.93 -91.57 26.30
CA VAL S 495 26.80 -91.24 25.18
C VAL S 495 28.27 -91.18 25.58
N CYS S 496 28.56 -90.96 26.87
CA CYS S 496 29.95 -90.97 27.32
C CYS S 496 30.57 -92.36 27.20
N ALA S 497 29.76 -93.42 27.27
CA ALA S 497 30.29 -94.76 27.06
C ALA S 497 30.62 -95.01 25.60
N MET S 498 29.88 -94.38 24.68
CA MET S 498 30.18 -94.52 23.26
C MET S 498 31.45 -93.77 22.88
N ASN S 499 31.61 -92.55 23.37
CA ASN S 499 32.80 -91.74 23.13
C ASN S 499 33.28 -91.19 24.46
N PRO S 500 34.32 -91.78 25.06
CA PRO S 500 34.80 -91.29 26.37
C PRO S 500 35.34 -89.87 26.33
N ASP S 501 35.50 -89.26 25.15
CA ASP S 501 36.00 -87.89 25.08
C ASP S 501 35.02 -86.91 25.71
N LEU S 502 33.73 -87.23 25.73
CA LEU S 502 32.73 -86.35 26.29
C LEU S 502 32.52 -86.56 27.79
N LYS S 503 33.20 -87.53 28.39
CA LYS S 503 33.09 -87.76 29.82
C LYS S 503 33.65 -86.58 30.58
N GLY S 504 32.84 -85.98 31.46
CA GLY S 504 33.25 -84.81 32.19
C GLY S 504 33.11 -83.50 31.44
N LYS S 505 32.55 -83.51 30.24
CA LYS S 505 32.37 -82.31 29.44
C LYS S 505 30.91 -81.96 29.22
N ILE S 506 29.98 -82.76 29.74
CA ILE S 506 28.55 -82.54 29.58
C ILE S 506 27.97 -82.20 30.94
N ASN S 507 27.35 -81.03 31.04
CA ASN S 507 26.70 -80.58 32.28
C ASN S 507 25.21 -80.88 32.15
N ALA S 508 24.77 -81.96 32.77
CA ALA S 508 23.38 -82.40 32.73
C ALA S 508 22.60 -81.76 33.88
N LYS S 509 21.59 -80.97 33.53
CA LYS S 509 20.72 -80.33 34.50
C LYS S 509 19.30 -80.87 34.38
N ILE S 510 18.53 -80.70 35.45
CA ILE S 510 17.18 -81.25 35.49
C ILE S 510 16.18 -80.11 35.66
N ASP S 511 16.54 -78.91 35.23
CA ASP S 511 15.68 -77.73 35.38
C ASP S 511 15.00 -77.41 34.06
N LYS S 512 13.72 -77.08 34.15
CA LYS S 512 12.95 -76.71 32.96
C LYS S 512 13.27 -75.27 32.56
N VAL S 513 13.48 -75.05 31.26
CA VAL S 513 13.77 -73.72 30.76
C VAL S 513 12.48 -72.92 30.69
N GLY S 514 12.48 -71.75 31.32
CA GLY S 514 11.32 -70.90 31.39
C GLY S 514 11.54 -69.74 32.34
N PRO S 515 10.50 -68.92 32.54
CA PRO S 515 10.63 -67.78 33.47
C PRO S 515 10.88 -68.18 34.91
N GLU S 516 10.60 -69.43 35.29
CA GLU S 516 10.83 -69.84 36.68
C GLU S 516 12.30 -70.04 36.99
N THR S 517 13.10 -70.44 36.01
CA THR S 517 14.51 -70.75 36.21
C THR S 517 15.42 -69.78 35.47
N GLU S 518 15.06 -68.50 35.47
CA GLU S 518 15.90 -67.48 34.85
C GLU S 518 17.09 -67.10 35.71
N GLU S 519 17.13 -67.52 36.96
CA GLU S 519 18.29 -67.26 37.81
C GLU S 519 19.43 -68.23 37.52
N ILE S 520 19.10 -69.48 37.24
CA ILE S 520 20.13 -70.46 36.90
C ILE S 520 20.65 -70.22 35.50
N PHE S 521 19.75 -70.05 34.53
CA PHE S 521 20.13 -69.69 33.16
C PHE S 521 20.09 -68.17 33.03
N ASN S 522 21.05 -67.53 33.71
CA ASN S 522 21.11 -66.07 33.78
C ASN S 522 21.81 -65.52 32.54
N ASP S 523 22.14 -64.23 32.58
CA ASP S 523 22.79 -63.59 31.43
C ASP S 523 24.19 -64.16 31.20
N SER S 524 24.90 -64.48 32.28
CA SER S 524 26.26 -65.03 32.14
C SER S 524 26.24 -66.39 31.46
N PHE S 525 25.20 -67.19 31.67
CA PHE S 525 25.12 -68.50 31.05
C PHE S 525 24.87 -68.41 29.55
N TRP S 526 23.91 -67.57 29.14
CA TRP S 526 23.53 -67.49 27.74
C TRP S 526 24.63 -66.87 26.89
N GLU S 527 25.27 -65.80 27.39
CA GLU S 527 26.26 -65.08 26.60
C GLU S 527 27.52 -65.90 26.34
N SER S 528 27.82 -66.89 27.18
CA SER S 528 28.99 -67.72 27.00
C SER S 528 28.79 -68.80 25.93
N LEU S 529 27.56 -69.02 25.49
CA LEU S 529 27.26 -70.08 24.53
C LEU S 529 27.59 -69.63 23.11
N ASP S 530 27.86 -70.61 22.25
CA ASP S 530 28.11 -70.37 20.84
C ASP S 530 26.81 -70.39 20.04
N PHE S 531 26.00 -71.43 20.22
CA PHE S 531 24.68 -71.50 19.61
C PHE S 531 23.83 -72.47 20.41
N VAL S 532 22.53 -72.44 20.14
CA VAL S 532 21.54 -73.23 20.88
C VAL S 532 20.81 -74.16 19.92
N THR S 533 20.55 -75.38 20.36
CA THR S 533 19.83 -76.38 19.58
C THR S 533 18.57 -76.77 20.35
N ASN S 534 17.42 -76.70 19.68
CA ASN S 534 16.14 -77.00 20.30
C ASN S 534 15.78 -78.47 20.10
N ALA S 535 15.37 -79.12 21.19
CA ALA S 535 14.90 -80.50 21.18
C ALA S 535 13.60 -80.61 21.96
N LEU S 536 12.70 -79.66 21.75
CA LEU S 536 11.46 -79.56 22.50
C LEU S 536 10.30 -80.17 21.72
N ASP S 537 9.16 -80.31 22.39
CA ASP S 537 7.97 -80.89 21.79
C ASP S 537 6.77 -79.94 21.75
N ASN S 538 6.74 -78.91 22.59
CA ASN S 538 5.62 -77.97 22.61
C ASN S 538 6.09 -76.60 22.12
N VAL S 539 5.15 -75.84 21.58
CA VAL S 539 5.48 -74.53 21.01
C VAL S 539 5.68 -73.49 22.11
N ASP S 540 5.06 -73.68 23.28
CA ASP S 540 5.20 -72.71 24.36
C ASP S 540 6.63 -72.60 24.85
N ALA S 541 7.36 -73.72 24.89
CA ALA S 541 8.76 -73.68 25.31
C ALA S 541 9.68 -73.24 24.18
N ARG S 542 9.35 -73.61 22.94
CA ARG S 542 10.15 -73.17 21.79
C ARG S 542 10.14 -71.65 21.67
N THR S 543 8.97 -71.04 21.85
CA THR S 543 8.87 -69.59 21.69
C THR S 543 9.70 -68.84 22.72
N TYR S 544 9.75 -69.34 23.95
CA TYR S 544 10.54 -68.69 24.98
C TYR S 544 12.03 -68.76 24.66
N VAL S 545 12.51 -69.94 24.25
CA VAL S 545 13.93 -70.09 23.90
C VAL S 545 14.29 -69.25 22.69
N ASP S 546 13.36 -69.14 21.74
CA ASP S 546 13.62 -68.33 20.55
C ASP S 546 13.76 -66.86 20.92
N ARG S 547 12.89 -66.35 21.79
CA ARG S 547 12.99 -64.97 22.23
C ARG S 547 14.25 -64.73 23.05
N ARG S 548 14.74 -65.75 23.75
CA ARG S 548 16.01 -65.61 24.46
C ARG S 548 17.17 -65.50 23.48
N CYS S 549 17.14 -66.31 22.41
CA CYS S 549 18.22 -66.25 21.41
C CYS S 549 18.24 -64.91 20.70
N VAL S 550 17.08 -64.29 20.48
CA VAL S 550 17.03 -62.96 19.89
C VAL S 550 17.63 -61.94 20.87
N PHE S 551 17.35 -62.11 22.15
CA PHE S 551 17.86 -61.18 23.16
C PHE S 551 19.38 -61.27 23.28
N TYR S 552 19.91 -62.49 23.37
CA TYR S 552 21.34 -62.72 23.57
C TYR S 552 22.11 -62.82 22.26
N ARG S 553 21.44 -62.69 21.12
CA ARG S 553 22.09 -62.74 19.80
C ARG S 553 22.86 -64.04 19.61
N LYS S 554 22.18 -65.17 19.82
CA LYS S 554 22.76 -66.47 19.62
C LYS S 554 22.02 -67.23 18.53
N PRO S 555 22.71 -68.01 17.69
CA PRO S 555 22.03 -68.82 16.69
C PRO S 555 21.20 -69.92 17.34
N LEU S 556 20.12 -70.31 16.66
CA LEU S 556 19.21 -71.32 17.16
C LEU S 556 18.92 -72.33 16.06
N LEU S 557 19.10 -73.62 16.37
CA LEU S 557 18.81 -74.71 15.45
C LEU S 557 17.51 -75.37 15.89
N GLU S 558 16.44 -75.13 15.14
CA GLU S 558 15.12 -75.62 15.48
C GLU S 558 14.77 -76.86 14.64
N SER S 559 14.08 -77.81 15.26
CA SER S 559 13.67 -79.03 14.59
C SER S 559 12.42 -79.58 15.27
N GLY S 560 11.78 -80.54 14.62
CA GLY S 560 10.58 -81.16 15.16
C GLY S 560 9.97 -82.18 14.24
N THR S 561 9.40 -83.24 14.81
CA THR S 561 8.80 -84.32 14.04
C THR S 561 7.37 -84.56 14.48
N LEU S 562 6.57 -85.08 13.55
CA LEU S 562 5.18 -85.46 13.82
C LEU S 562 4.86 -86.64 12.90
N GLY S 563 5.03 -87.85 13.44
CA GLY S 563 4.82 -89.04 12.63
C GLY S 563 5.90 -89.16 11.57
N THR S 564 5.47 -89.34 10.32
CA THR S 564 6.40 -89.38 9.19
C THR S 564 6.77 -88.00 8.67
N LYS S 565 6.27 -86.94 9.31
CA LYS S 565 6.59 -85.58 8.92
C LYS S 565 7.64 -84.99 9.84
N GLY S 566 8.40 -84.03 9.33
CA GLY S 566 9.43 -83.39 10.11
C GLY S 566 9.91 -82.13 9.42
N ASN S 567 10.51 -81.24 10.21
CA ASN S 567 10.99 -79.97 9.68
C ASN S 567 12.18 -79.51 10.49
N THR S 568 13.02 -78.69 9.85
CA THR S 568 14.16 -78.06 10.50
C THR S 568 14.13 -76.57 10.17
N GLN S 569 14.63 -75.76 11.10
CA GLN S 569 14.66 -74.31 10.92
C GLN S 569 15.94 -73.77 11.52
N VAL S 570 16.62 -72.91 10.76
CA VAL S 570 17.87 -72.29 11.19
C VAL S 570 17.60 -70.81 11.44
N ILE S 571 18.04 -70.33 12.60
CA ILE S 571 17.85 -68.93 13.00
C ILE S 571 19.24 -68.34 13.22
N ILE S 572 19.61 -67.37 12.39
CA ILE S 572 20.92 -66.74 12.42
C ILE S 572 20.75 -65.31 12.93
N PRO S 573 21.54 -64.87 13.90
CA PRO S 573 21.41 -63.50 14.41
C PRO S 573 21.69 -62.47 13.33
N ARG S 574 20.86 -61.42 13.31
CA ARG S 574 20.95 -60.26 12.42
C ARG S 574 20.73 -60.59 10.95
N LEU S 575 20.46 -61.85 10.60
CA LEU S 575 20.31 -62.25 9.21
C LEU S 575 18.91 -62.72 8.86
N THR S 576 18.38 -63.70 9.59
CA THR S 576 17.10 -64.32 9.27
C THR S 576 16.07 -64.02 10.35
N GLU S 577 14.82 -64.40 10.05
CA GLU S 577 13.71 -64.26 10.97
C GLU S 577 13.73 -65.38 12.01
N SER S 578 12.95 -65.17 13.07
CA SER S 578 12.91 -66.09 14.20
C SER S 578 11.90 -67.21 13.95
N TYR S 579 11.75 -68.09 14.95
CA TYR S 579 10.81 -69.20 14.92
C TYR S 579 9.37 -68.77 15.20
N SER S 580 9.05 -67.48 15.06
CA SER S 580 7.68 -67.05 15.30
C SER S 580 6.74 -67.45 14.18
N SER S 581 7.26 -67.71 12.98
CA SER S 581 6.43 -68.17 11.88
C SER S 581 6.30 -69.68 11.97
N SER S 582 5.06 -70.16 12.14
CA SER S 582 4.79 -71.59 12.21
C SER S 582 3.67 -72.02 11.26
N PRO S 591 -10.90 -76.79 18.45
CA PRO S 591 -11.28 -76.23 19.76
C PRO S 591 -12.62 -75.48 19.72
N LEU S 592 -13.71 -76.23 19.66
CA LEU S 592 -15.06 -75.67 19.55
C LEU S 592 -15.89 -76.07 20.75
N CYS S 593 -16.56 -75.09 21.35
CA CYS S 593 -17.49 -75.36 22.45
C CYS S 593 -18.93 -75.48 21.95
N THR S 594 -19.31 -74.68 20.94
CA THR S 594 -20.64 -74.82 20.36
C THR S 594 -20.84 -76.21 19.78
N LEU S 595 -19.82 -76.76 19.12
CA LEU S 595 -19.91 -78.11 18.56
C LEU S 595 -20.03 -79.15 19.66
N ARG S 596 -19.55 -78.85 20.87
CA ARG S 596 -19.66 -79.77 21.99
C ARG S 596 -21.10 -79.89 22.47
N SER S 597 -21.90 -78.84 22.30
CA SER S 597 -23.28 -78.87 22.79
C SER S 597 -24.14 -79.76 21.91
N PHE S 598 -23.97 -79.68 20.59
CA PHE S 598 -24.66 -80.54 19.63
C PHE S 598 -23.59 -81.29 18.84
N PRO S 599 -23.18 -82.46 19.31
CA PRO S 599 -22.07 -83.16 18.67
C PRO S 599 -22.49 -83.91 17.42
N ASN S 600 -21.53 -84.04 16.50
CA ASN S 600 -21.70 -84.86 15.31
C ASN S 600 -20.52 -85.74 15.00
N LYS S 601 -19.39 -85.60 15.70
CA LYS S 601 -18.23 -86.46 15.51
C LYS S 601 -17.78 -87.00 16.87
N ILE S 602 -16.97 -88.06 16.81
CA ILE S 602 -16.49 -88.69 18.03
C ILE S 602 -15.56 -87.76 18.81
N ASP S 603 -14.95 -86.79 18.14
CA ASP S 603 -14.10 -85.84 18.85
C ASP S 603 -14.90 -84.98 19.82
N HIS S 604 -16.15 -84.66 19.48
CA HIS S 604 -16.98 -83.83 20.34
C HIS S 604 -17.50 -84.59 21.55
N THR S 605 -17.78 -85.88 21.41
CA THR S 605 -18.24 -86.66 22.55
C THR S 605 -17.12 -86.96 23.53
N ILE S 606 -15.88 -87.11 23.04
CA ILE S 606 -14.75 -87.35 23.93
C ILE S 606 -14.45 -86.09 24.76
N ALA S 607 -14.46 -84.92 24.12
CA ALA S 607 -14.25 -83.68 24.85
C ALA S 607 -15.37 -83.44 25.86
N TRP S 608 -16.60 -83.88 25.54
CA TRP S 608 -17.69 -83.78 26.50
C TRP S 608 -17.48 -84.72 27.68
N ALA S 609 -17.04 -85.96 27.40
CA ALA S 609 -16.76 -86.91 28.47
C ALA S 609 -15.52 -86.50 29.25
N LYS S 610 -14.53 -85.94 28.56
CA LYS S 610 -13.32 -85.48 29.24
C LYS S 610 -13.62 -84.34 30.19
N SER S 611 -14.56 -83.46 29.81
CA SER S 611 -14.94 -82.37 30.70
C SER S 611 -15.80 -82.88 31.85
N LEU S 612 -16.66 -83.86 31.60
CA LEU S 612 -17.45 -84.46 32.67
C LEU S 612 -16.58 -85.24 33.64
N PHE S 613 -15.52 -85.88 33.15
CA PHE S 613 -14.60 -86.61 34.02
C PHE S 613 -13.91 -85.67 35.00
N GLN S 614 -13.70 -84.42 34.61
CA GLN S 614 -13.06 -83.44 35.50
C GLN S 614 -14.02 -82.96 36.58
N GLY S 615 -15.25 -82.59 36.19
CA GLY S 615 -16.22 -82.12 37.15
C GLY S 615 -16.72 -83.18 38.11
N TYR S 616 -16.61 -84.45 37.75
CA TYR S 616 -17.12 -85.52 38.60
C TYR S 616 -16.15 -85.83 39.74
N PHE S 617 -14.89 -86.09 39.41
CA PHE S 617 -13.94 -86.64 40.37
C PHE S 617 -12.75 -85.72 40.66
N THR S 618 -12.66 -84.56 40.02
CA THR S 618 -11.57 -83.62 40.26
C THR S 618 -12.05 -82.29 40.78
N ASP S 619 -13.06 -81.69 40.16
CA ASP S 619 -13.53 -80.38 40.61
C ASP S 619 -14.42 -80.50 41.84
N SER S 620 -15.21 -81.56 41.92
CA SER S 620 -16.07 -81.74 43.09
C SER S 620 -15.25 -82.00 44.36
N ALA S 621 -14.14 -82.73 44.22
CA ALA S 621 -13.32 -83.03 45.39
C ALA S 621 -12.52 -81.82 45.84
N GLU S 622 -11.96 -81.06 44.89
CA GLU S 622 -11.18 -79.89 45.26
C GLU S 622 -12.06 -78.79 45.83
N ASN S 623 -13.34 -78.75 45.44
CA ASN S 623 -14.25 -77.76 46.01
C ASN S 623 -14.63 -78.12 47.44
N VAL S 624 -14.81 -79.42 47.72
CA VAL S 624 -15.09 -79.85 49.09
C VAL S 624 -13.83 -79.72 49.95
N ASN S 625 -12.66 -80.05 49.38
CA ASN S 625 -11.41 -79.92 50.12
C ASN S 625 -11.11 -78.48 50.47
N MET S 626 -11.56 -77.53 49.65
CA MET S 626 -11.34 -76.12 49.93
C MET S 626 -12.42 -75.54 50.84
N TYR S 627 -13.67 -76.00 50.69
CA TYR S 627 -14.72 -75.55 51.60
C TYR S 627 -14.47 -76.01 53.02
N LEU S 628 -13.79 -77.15 53.18
CA LEU S 628 -13.52 -77.71 54.51
C LEU S 628 -12.24 -77.15 55.12
N THR S 629 -11.29 -76.72 54.29
CA THR S 629 -10.03 -76.17 54.77
C THR S 629 -10.00 -74.65 54.78
N GLN S 630 -10.89 -74.00 54.03
CA GLN S 630 -10.98 -72.54 54.02
C GLN S 630 -12.33 -72.14 54.60
N PRO S 631 -12.36 -71.46 55.75
CA PRO S 631 -13.66 -71.08 56.34
C PRO S 631 -14.41 -70.04 55.54
N ASN S 632 -13.71 -69.05 54.99
CA ASN S 632 -14.31 -67.98 54.20
C ASN S 632 -14.54 -68.38 52.75
N PHE S 633 -14.52 -69.68 52.44
CA PHE S 633 -14.62 -70.13 51.05
C PHE S 633 -15.94 -69.69 50.40
N VAL S 634 -17.03 -69.59 51.17
CA VAL S 634 -18.29 -69.16 50.59
C VAL S 634 -18.19 -67.72 50.09
N GLU S 635 -17.63 -66.83 50.91
CA GLU S 635 -17.46 -65.44 50.48
C GLU S 635 -16.32 -65.31 49.47
N GLN S 636 -15.30 -66.16 49.56
CA GLN S 636 -14.14 -66.03 48.67
C GLN S 636 -14.48 -66.46 47.25
N THR S 637 -15.27 -67.52 47.09
CA THR S 637 -15.60 -67.99 45.75
C THR S 637 -16.49 -67.01 45.00
N LEU S 638 -17.33 -66.28 45.71
CA LEU S 638 -18.21 -65.30 45.08
C LEU S 638 -17.39 -64.16 44.48
N ASP S 643 -18.61 -70.51 38.64
CA ASP S 643 -20.04 -70.56 38.38
C ASP S 643 -20.83 -69.92 39.52
N VAL S 644 -21.98 -69.35 39.19
CA VAL S 644 -22.80 -68.70 40.20
C VAL S 644 -23.44 -69.74 41.11
N LYS S 645 -23.98 -70.81 40.53
CA LYS S 645 -24.64 -71.88 41.27
C LYS S 645 -23.97 -73.23 41.11
N GLY S 646 -23.29 -73.49 39.98
CA GLY S 646 -22.67 -74.78 39.76
C GLY S 646 -21.59 -75.13 40.78
N VAL S 647 -20.91 -74.13 41.31
CA VAL S 647 -19.88 -74.41 42.32
C VAL S 647 -20.52 -74.81 43.64
N LEU S 648 -21.60 -74.12 44.03
CA LEU S 648 -22.32 -74.50 45.24
C LEU S 648 -23.05 -75.81 45.07
N GLU S 649 -23.57 -76.07 43.87
CA GLU S 649 -24.28 -77.32 43.61
C GLU S 649 -23.36 -78.53 43.70
N SER S 650 -22.10 -78.38 43.27
CA SER S 650 -21.18 -79.51 43.29
C SER S 650 -20.83 -79.92 44.71
N ILE S 651 -20.67 -78.95 45.62
CA ILE S 651 -20.34 -79.27 47.01
C ILE S 651 -21.56 -79.82 47.74
N SER S 652 -22.77 -79.41 47.34
CA SER S 652 -23.96 -79.89 48.02
C SER S 652 -24.23 -81.36 47.72
N ASP S 653 -24.08 -81.78 46.46
CA ASP S 653 -24.33 -83.17 46.12
C ASP S 653 -23.21 -84.08 46.59
N SER S 654 -21.99 -83.57 46.72
CA SER S 654 -20.86 -84.38 47.14
C SER S 654 -20.88 -84.72 48.63
N LEU S 655 -21.66 -83.98 49.43
CA LEU S 655 -21.75 -84.23 50.86
C LEU S 655 -23.14 -84.65 51.31
N SER S 656 -24.10 -84.77 50.39
CA SER S 656 -25.45 -85.22 50.72
C SER S 656 -25.57 -86.73 50.54
N SER S 657 -25.30 -87.22 49.34
CA SER S 657 -25.33 -88.65 49.05
C SER S 657 -23.93 -89.25 49.23
N LYS S 658 -23.40 -89.09 50.43
CA LYS S 658 -22.07 -89.60 50.73
C LYS S 658 -22.11 -91.13 50.80
N PRO S 659 -21.34 -91.83 49.97
CA PRO S 659 -21.40 -93.30 49.99
C PRO S 659 -20.71 -93.87 51.22
N HIS S 660 -21.18 -95.04 51.63
CA HIS S 660 -20.66 -95.75 52.79
C HIS S 660 -19.81 -96.95 52.41
N ASN S 661 -20.25 -97.76 51.45
CA ASN S 661 -19.50 -98.89 50.94
C ASN S 661 -19.39 -98.76 49.42
N PHE S 662 -18.71 -99.73 48.81
CA PHE S 662 -18.56 -99.70 47.35
C PHE S 662 -19.88 -99.93 46.62
N GLU S 663 -20.86 -100.56 47.28
CA GLU S 663 -22.14 -100.79 46.64
C GLU S 663 -22.92 -99.49 46.44
N ASP S 664 -22.71 -98.50 47.32
CA ASP S 664 -23.39 -97.22 47.13
C ASP S 664 -22.82 -96.45 45.95
N CYS S 665 -21.54 -96.66 45.62
CA CYS S 665 -20.95 -96.00 44.46
C CYS S 665 -21.52 -96.54 43.16
N ILE S 666 -21.84 -97.84 43.12
CA ILE S 666 -22.47 -98.42 41.94
C ILE S 666 -23.85 -97.81 41.73
N LYS S 667 -24.58 -97.55 42.83
CA LYS S 667 -25.90 -96.94 42.71
C LYS S 667 -25.80 -95.53 42.14
N TRP S 668 -24.77 -94.77 42.52
CA TRP S 668 -24.61 -93.41 42.03
C TRP S 668 -24.28 -93.40 40.54
N ALA S 669 -23.46 -94.34 40.08
CA ALA S 669 -23.10 -94.38 38.66
C ALA S 669 -24.28 -94.78 37.79
N ARG S 670 -25.12 -95.69 38.27
CA ARG S 670 -26.32 -96.06 37.51
C ARG S 670 -27.31 -94.90 37.42
N LEU S 671 -27.44 -94.12 38.49
CA LEU S 671 -28.35 -92.98 38.46
C LEU S 671 -27.82 -91.87 37.56
N GLU S 672 -26.51 -91.65 37.55
CA GLU S 672 -25.92 -90.65 36.66
C GLU S 672 -26.07 -91.05 35.20
N PHE S 673 -26.08 -92.35 34.92
CA PHE S 673 -26.33 -92.81 33.55
C PHE S 673 -27.71 -92.36 33.08
N GLU S 674 -28.72 -92.53 33.94
CA GLU S 674 -30.08 -92.12 33.57
C GLU S 674 -30.19 -90.61 33.43
N LYS S 675 -29.41 -89.85 34.19
CA LYS S 675 -29.49 -88.39 34.10
C LYS S 675 -28.82 -87.87 32.84
N LYS S 676 -27.58 -88.29 32.57
CA LYS S 676 -26.81 -87.71 31.48
C LYS S 676 -27.23 -88.24 30.11
N PHE S 677 -27.73 -89.47 30.04
CA PHE S 677 -28.01 -90.08 28.75
C PHE S 677 -29.48 -90.43 28.53
N ASN S 678 -30.32 -90.37 29.56
CA ASN S 678 -31.75 -90.63 29.41
C ASN S 678 -32.61 -89.44 29.77
N HIS S 679 -32.40 -88.84 30.94
CA HIS S 679 -33.26 -87.74 31.38
C HIS S 679 -32.94 -86.44 30.63
N ASP S 680 -31.65 -86.05 30.60
CA ASP S 680 -31.28 -84.82 29.93
C ASP S 680 -31.57 -84.88 28.44
N ILE S 681 -31.56 -86.08 27.85
CA ILE S 681 -31.91 -86.20 26.44
C ILE S 681 -33.41 -86.01 26.25
N LYS S 682 -34.22 -86.56 27.17
CA LYS S 682 -35.66 -86.35 27.10
C LYS S 682 -36.02 -84.90 27.37
N GLN S 683 -35.30 -84.26 28.31
CA GLN S 683 -35.55 -82.86 28.59
C GLN S 683 -35.20 -81.98 27.39
N LEU S 684 -34.12 -82.32 26.69
CA LEU S 684 -33.78 -81.60 25.47
C LEU S 684 -34.81 -81.85 24.37
N LEU S 685 -35.23 -83.11 24.21
CA LEU S 685 -36.24 -83.45 23.21
C LEU S 685 -37.62 -82.91 23.57
N PHE S 686 -37.87 -82.59 24.85
CA PHE S 686 -39.15 -81.99 25.20
C PHE S 686 -39.23 -80.55 24.75
N ASN S 687 -38.15 -79.78 24.93
CA ASN S 687 -38.14 -78.40 24.49
C ASN S 687 -38.04 -78.29 22.97
N PHE S 688 -37.21 -79.15 22.37
CA PHE S 688 -37.01 -79.20 20.92
C PHE S 688 -37.33 -80.62 20.46
N PRO S 689 -38.57 -80.89 20.07
CA PRO S 689 -38.92 -82.24 19.62
C PRO S 689 -38.22 -82.58 18.31
N LYS S 690 -38.32 -83.86 17.94
CA LYS S 690 -37.75 -84.33 16.69
C LYS S 690 -38.44 -83.69 15.48
N ASP S 691 -39.66 -83.21 15.66
CA ASP S 691 -40.42 -82.56 14.59
C ASP S 691 -40.40 -81.05 14.69
N ALA S 692 -39.52 -80.49 15.53
CA ALA S 692 -39.44 -79.05 15.70
C ALA S 692 -38.99 -78.38 14.41
N LYS S 693 -39.41 -77.13 14.24
CA LYS S 693 -39.12 -76.37 13.03
C LYS S 693 -38.55 -75.02 13.39
N THR S 694 -37.71 -74.48 12.50
CA THR S 694 -37.06 -73.21 12.70
C THR S 694 -37.96 -72.09 12.18
N SER S 695 -37.41 -70.88 12.05
CA SER S 695 -38.19 -69.75 11.57
C SER S 695 -38.66 -69.98 10.14
N ASN S 696 -37.76 -70.44 9.26
CA ASN S 696 -38.10 -70.65 7.86
C ASN S 696 -38.97 -71.88 7.62
N GLY S 697 -39.31 -72.62 8.66
CA GLY S 697 -40.06 -73.86 8.50
C GLY S 697 -39.20 -75.07 8.25
N GLU S 698 -37.88 -74.93 8.29
CA GLU S 698 -36.94 -76.02 8.10
C GLU S 698 -36.77 -76.83 9.38
N PRO S 699 -36.53 -78.13 9.27
CA PRO S 699 -36.35 -78.94 10.47
C PRO S 699 -35.17 -78.46 11.30
N PHE S 700 -35.38 -78.35 12.61
CA PHE S 700 -34.33 -77.88 13.51
C PHE S 700 -33.14 -78.83 13.52
N TRP S 701 -33.40 -80.13 13.56
CA TRP S 701 -32.34 -81.14 13.59
C TRP S 701 -31.97 -81.47 12.15
N SER S 702 -31.00 -80.73 11.61
CA SER S 702 -30.56 -80.93 10.25
C SER S 702 -29.12 -80.46 10.11
N GLY S 703 -28.39 -81.06 9.18
CA GLY S 703 -27.01 -80.73 8.96
C GLY S 703 -26.09 -81.20 10.06
N ALA S 704 -25.37 -80.28 10.70
CA ALA S 704 -24.46 -80.63 11.78
C ALA S 704 -25.18 -81.06 13.05
N LYS S 705 -26.49 -80.83 13.14
CA LYS S 705 -27.27 -81.21 14.31
C LYS S 705 -27.92 -82.56 14.06
N ARG S 706 -27.78 -83.46 15.03
CA ARG S 706 -28.35 -84.80 14.96
C ARG S 706 -29.33 -85.00 16.11
N ALA S 707 -30.56 -85.37 15.79
CA ALA S 707 -31.59 -85.55 16.80
C ALA S 707 -31.23 -86.73 17.71
N PRO S 708 -31.00 -86.50 18.99
CA PRO S 708 -30.60 -87.60 19.88
C PRO S 708 -31.78 -88.50 20.24
N THR S 709 -31.45 -89.61 20.90
CA THR S 709 -32.43 -90.56 21.38
C THR S 709 -32.03 -91.04 22.77
N PRO S 710 -32.99 -91.16 23.69
CA PRO S 710 -32.64 -91.60 25.05
C PRO S 710 -32.19 -93.05 25.06
N LEU S 711 -31.19 -93.33 25.90
CA LEU S 711 -30.63 -94.68 26.02
C LEU S 711 -31.35 -95.46 27.11
N GLU S 712 -31.69 -96.70 26.80
CA GLU S 712 -32.20 -97.65 27.79
C GLU S 712 -31.02 -98.47 28.29
N PHE S 713 -30.75 -98.38 29.58
CA PHE S 713 -29.55 -99.01 30.14
C PHE S 713 -29.58 -100.51 29.91
N ASP S 714 -28.48 -101.04 29.38
CA ASP S 714 -28.31 -102.46 29.14
C ASP S 714 -26.95 -102.85 29.70
N ILE S 715 -26.95 -103.61 30.80
CA ILE S 715 -25.69 -103.98 31.44
C ILE S 715 -24.84 -104.89 30.55
N TYR S 716 -25.44 -105.55 29.57
CA TYR S 716 -24.68 -106.40 28.65
C TYR S 716 -24.01 -105.61 27.54
N ASN S 717 -24.43 -104.36 27.32
CA ASN S 717 -23.69 -103.47 26.44
C ASN S 717 -22.38 -103.06 27.12
N ASN S 718 -21.26 -103.22 26.41
CA ASN S 718 -19.96 -103.00 27.01
C ASN S 718 -19.76 -101.54 27.42
N ASP S 719 -20.39 -100.60 26.72
CA ASP S 719 -20.21 -99.19 27.04
C ASP S 719 -21.03 -98.77 28.25
N HIS S 720 -22.24 -99.33 28.38
CA HIS S 720 -23.05 -99.04 29.56
C HIS S 720 -22.44 -99.65 30.81
N PHE S 721 -21.85 -100.84 30.67
CA PHE S 721 -21.27 -101.54 31.83
C PHE S 721 -20.04 -100.81 32.35
N HIS S 722 -19.13 -100.41 31.45
CA HIS S 722 -17.89 -99.78 31.89
C HIS S 722 -18.10 -98.37 32.40
N PHE S 723 -19.19 -97.70 32.01
CA PHE S 723 -19.49 -96.40 32.59
C PHE S 723 -19.83 -96.53 34.07
N VAL S 724 -20.47 -97.63 34.47
CA VAL S 724 -20.80 -97.83 35.88
C VAL S 724 -19.57 -98.33 36.66
N VAL S 725 -18.81 -99.25 36.07
CA VAL S 725 -17.63 -99.79 36.75
C VAL S 725 -16.60 -98.69 36.98
N ALA S 726 -16.27 -97.94 35.94
CA ALA S 726 -15.30 -96.87 36.08
C ALA S 726 -15.85 -95.71 36.90
N GLY S 727 -17.14 -95.40 36.72
CA GLY S 727 -17.74 -94.32 37.49
C GLY S 727 -17.78 -94.61 38.98
N ALA S 728 -18.15 -95.83 39.36
CA ALA S 728 -18.18 -96.20 40.77
C ALA S 728 -16.77 -96.27 41.33
N SER S 729 -15.84 -96.86 40.57
CA SER S 729 -14.47 -97.00 41.05
C SER S 729 -13.79 -95.66 41.27
N LEU S 730 -14.14 -94.65 40.44
CA LEU S 730 -13.55 -93.33 40.59
C LEU S 730 -14.19 -92.56 41.74
N ARG S 731 -15.51 -92.70 41.91
CA ARG S 731 -16.16 -92.08 43.07
C ARG S 731 -15.68 -92.71 44.37
N ALA S 732 -15.45 -94.02 44.37
CA ALA S 732 -14.91 -94.67 45.55
C ALA S 732 -13.51 -94.16 45.89
N TYR S 733 -12.76 -93.71 44.87
CA TYR S 733 -11.46 -93.11 45.13
C TYR S 733 -11.59 -91.76 45.80
N ASN S 734 -12.65 -91.00 45.48
CA ASN S 734 -12.86 -89.71 46.12
C ASN S 734 -13.17 -89.86 47.60
N TYR S 735 -14.04 -90.80 47.96
CA TYR S 735 -14.45 -90.99 49.34
C TYR S 735 -13.61 -92.01 50.08
N GLY S 736 -12.53 -92.50 49.47
CA GLY S 736 -11.63 -93.42 50.15
C GLY S 736 -12.19 -94.81 50.37
N ILE S 737 -13.06 -95.28 49.48
CA ILE S 737 -13.64 -96.62 49.58
C ILE S 737 -12.88 -97.54 48.63
N LYS S 738 -12.52 -98.73 49.12
CA LYS S 738 -11.83 -99.70 48.28
C LYS S 738 -12.65 -100.97 48.12
N LYS S 745 -10.87 -107.15 38.46
CA LYS S 745 -11.76 -107.73 37.46
C LYS S 745 -13.21 -107.69 37.92
N PRO S 746 -14.00 -106.78 37.36
CA PRO S 746 -15.40 -106.67 37.76
C PRO S 746 -16.26 -107.75 37.13
N ASN S 747 -17.26 -108.18 37.90
CA ASN S 747 -18.19 -109.23 37.49
C ASN S 747 -19.51 -108.60 37.06
N VAL S 748 -20.03 -109.03 35.91
CA VAL S 748 -21.25 -108.42 35.39
C VAL S 748 -22.45 -108.79 36.23
N ASP S 749 -22.56 -110.06 36.64
CA ASP S 749 -23.71 -110.48 37.41
C ASP S 749 -23.74 -109.82 38.78
N GLU S 750 -22.58 -109.59 39.39
CA GLU S 750 -22.53 -108.92 40.69
C GLU S 750 -22.97 -107.47 40.56
N TYR S 751 -22.50 -106.76 39.54
CA TYR S 751 -22.99 -105.41 39.30
C TYR S 751 -24.46 -105.42 38.86
N LYS S 752 -24.91 -106.53 38.28
CA LYS S 752 -26.29 -106.62 37.80
C LYS S 752 -27.27 -106.77 38.96
N SER S 753 -26.92 -107.56 39.97
CA SER S 753 -27.79 -107.74 41.12
C SER S 753 -27.95 -106.45 41.91
N VAL S 754 -26.96 -105.55 41.85
CA VAL S 754 -27.06 -104.27 42.54
C VAL S 754 -27.99 -103.33 41.78
N ILE S 755 -27.99 -103.40 40.45
CA ILE S 755 -28.80 -102.48 39.66
C ILE S 755 -30.23 -102.98 39.56
N ASP S 756 -30.42 -104.30 39.44
CA ASP S 756 -31.76 -104.85 39.29
C ASP S 756 -32.65 -104.63 40.51
N HIS S 757 -32.05 -104.31 41.66
CA HIS S 757 -32.81 -104.01 42.88
C HIS S 757 -33.03 -102.53 43.08
N MET S 758 -32.67 -101.70 42.10
CA MET S 758 -32.83 -100.26 42.19
C MET S 758 -34.18 -99.83 41.64
N ILE S 759 -34.64 -98.67 42.08
CA ILE S 759 -35.84 -98.02 41.57
C ILE S 759 -35.39 -96.80 40.78
N ILE S 760 -35.63 -96.82 39.47
CA ILE S 760 -35.19 -95.74 38.58
C ILE S 760 -36.33 -94.73 38.47
N PRO S 761 -36.12 -93.47 38.88
CA PRO S 761 -37.18 -92.47 38.75
C PRO S 761 -37.56 -92.22 37.29
N GLU S 762 -38.84 -91.96 37.07
CA GLU S 762 -39.34 -91.69 35.73
C GLU S 762 -38.96 -90.27 35.30
N PHE S 763 -39.23 -89.96 34.04
CA PHE S 763 -38.90 -88.65 33.48
C PHE S 763 -40.11 -87.73 33.54
N THR S 764 -39.89 -86.51 34.04
CA THR S 764 -40.89 -85.45 34.07
C THR S 764 -40.24 -84.18 33.55
N PRO S 765 -40.86 -83.47 32.60
CA PRO S 765 -40.24 -82.26 32.05
C PRO S 765 -40.10 -81.18 33.11
N ASN S 766 -39.01 -80.42 33.02
CA ASN S 766 -38.73 -79.37 33.99
C ASN S 766 -38.98 -77.99 33.37
N ILE S 791 -31.05 -67.91 45.60
CA ILE S 791 -29.79 -68.62 45.76
C ILE S 791 -29.48 -68.80 47.24
N ASP S 792 -30.17 -68.02 48.08
CA ASP S 792 -29.99 -68.12 49.53
C ASP S 792 -30.46 -69.45 50.10
N GLN S 793 -31.29 -70.20 49.37
CA GLN S 793 -31.72 -71.51 49.84
C GLN S 793 -30.57 -72.52 49.79
N LEU S 794 -29.70 -72.42 48.79
CA LEU S 794 -28.59 -73.36 48.68
C LEU S 794 -27.54 -73.10 49.74
N VAL S 795 -27.23 -71.83 50.02
CA VAL S 795 -26.18 -71.52 50.99
C VAL S 795 -26.60 -71.82 52.41
N SER S 796 -27.90 -72.00 52.67
CA SER S 796 -28.37 -72.28 54.02
C SER S 796 -28.50 -73.78 54.29
N SER S 797 -28.57 -74.61 53.25
CA SER S 797 -28.64 -76.06 53.41
C SER S 797 -27.28 -76.71 53.61
N LEU S 798 -26.20 -75.98 53.36
CA LEU S 798 -24.86 -76.56 53.47
C LEU S 798 -24.50 -76.80 54.93
N PRO S 799 -24.00 -77.99 55.29
CA PRO S 799 -23.55 -78.22 56.66
C PRO S 799 -22.26 -77.47 56.97
N ASP S 800 -21.96 -77.39 58.27
CA ASP S 800 -20.78 -76.67 58.72
C ASP S 800 -19.51 -77.50 58.49
N PRO S 801 -18.38 -76.85 58.23
CA PRO S 801 -17.13 -77.61 58.04
C PRO S 801 -16.70 -78.42 59.25
N SER S 802 -17.13 -78.04 60.45
CA SER S 802 -16.79 -78.81 61.65
C SER S 802 -17.54 -80.14 61.72
N THR S 803 -18.65 -80.27 60.99
CA THR S 803 -19.38 -81.53 60.95
C THR S 803 -18.53 -82.63 60.33
N LEU S 804 -17.83 -82.32 59.23
CA LEU S 804 -16.97 -83.29 58.56
C LEU S 804 -15.54 -83.05 59.04
N ALA S 805 -15.25 -83.58 60.22
CA ALA S 805 -13.94 -83.41 60.83
C ALA S 805 -12.98 -84.44 60.25
N GLY S 806 -11.95 -83.97 59.55
CA GLY S 806 -10.96 -84.83 58.93
C GLY S 806 -11.42 -85.55 57.69
N PHE S 807 -12.67 -85.39 57.28
CA PHE S 807 -13.15 -86.01 56.05
C PHE S 807 -12.53 -85.30 54.85
N LYS S 808 -11.83 -86.07 54.01
CA LYS S 808 -11.12 -85.50 52.87
C LYS S 808 -11.51 -86.26 51.61
N LEU S 809 -11.83 -85.51 50.55
CA LEU S 809 -12.07 -86.10 49.25
C LEU S 809 -10.78 -86.06 48.45
N GLU S 810 -10.51 -87.14 47.72
CA GLU S 810 -9.27 -87.29 46.96
C GLU S 810 -9.50 -86.87 45.52
N PRO S 811 -8.98 -85.74 45.07
CA PRO S 811 -9.16 -85.37 43.66
C PRO S 811 -8.37 -86.29 42.75
N VAL S 812 -8.95 -86.56 41.58
CA VAL S 812 -8.35 -87.49 40.61
C VAL S 812 -7.42 -86.71 39.70
N ASP S 813 -6.16 -87.14 39.64
CA ASP S 813 -5.17 -86.56 38.74
C ASP S 813 -5.16 -87.39 37.46
N PHE S 814 -5.55 -86.77 36.35
CA PHE S 814 -5.71 -87.49 35.09
C PHE S 814 -4.37 -88.01 34.58
N GLU S 815 -4.29 -89.31 34.36
CA GLU S 815 -3.11 -89.95 33.81
C GLU S 815 -3.54 -90.86 32.65
N LYS S 816 -3.06 -90.52 31.44
CA LYS S 816 -3.49 -91.25 30.26
C LYS S 816 -2.72 -92.55 30.03
N ASP S 817 -1.51 -92.66 30.56
CA ASP S 817 -0.65 -93.80 30.28
C ASP S 817 -0.86 -94.96 31.25
N ASP S 818 -1.62 -94.76 32.32
CA ASP S 818 -1.92 -95.83 33.26
C ASP S 818 -3.22 -96.51 32.84
N ASP S 819 -3.16 -97.82 32.65
CA ASP S 819 -4.30 -98.58 32.16
C ASP S 819 -5.08 -99.28 33.26
N THR S 820 -4.74 -99.01 34.52
CA THR S 820 -5.42 -99.62 35.65
C THR S 820 -6.17 -98.63 36.54
N ASN S 821 -6.05 -97.33 36.28
CA ASN S 821 -6.72 -96.32 37.08
C ASN S 821 -8.13 -96.02 36.61
N HIS S 822 -8.63 -96.73 35.59
CA HIS S 822 -9.97 -96.54 35.03
C HIS S 822 -10.18 -95.14 34.45
N HIS S 823 -9.09 -94.43 34.16
CA HIS S 823 -9.21 -93.10 33.57
C HIS S 823 -9.62 -93.19 32.11
N ILE S 824 -8.86 -93.93 31.31
CA ILE S 824 -9.22 -94.12 29.92
C ILE S 824 -10.48 -94.98 29.82
N GLU S 825 -10.66 -95.90 30.77
CA GLU S 825 -11.85 -96.74 30.77
C GLU S 825 -13.11 -95.90 30.90
N PHE S 826 -13.08 -94.86 31.75
CA PHE S 826 -14.25 -94.03 31.93
C PHE S 826 -14.50 -93.14 30.72
N ILE S 827 -13.46 -92.42 30.27
CA ILE S 827 -13.64 -91.47 29.19
C ILE S 827 -14.12 -92.16 27.93
N THR S 828 -13.58 -93.37 27.65
CA THR S 828 -14.04 -94.12 26.49
C THR S 828 -15.51 -94.50 26.63
N ALA S 829 -15.88 -95.07 27.79
CA ALA S 829 -17.26 -95.48 28.00
C ALA S 829 -18.21 -94.30 28.04
N CYS S 830 -17.82 -93.21 28.71
CA CYS S 830 -18.70 -92.05 28.80
C CYS S 830 -18.92 -91.41 27.44
N SER S 831 -17.87 -91.34 26.62
CA SER S 831 -18.00 -90.73 25.31
C SER S 831 -18.89 -91.55 24.39
N ASN S 832 -18.74 -92.87 24.41
CA ASN S 832 -19.55 -93.72 23.54
C ASN S 832 -21.02 -93.70 23.93
N CYS S 833 -21.33 -93.51 25.21
CA CYS S 833 -22.72 -93.42 25.62
C CYS S 833 -23.40 -92.20 25.01
N ARG S 834 -22.72 -91.04 25.04
CA ARG S 834 -23.26 -89.88 24.35
C ARG S 834 -23.25 -90.08 22.84
N ALA S 835 -22.30 -90.86 22.33
CA ALA S 835 -22.29 -91.18 20.92
C ALA S 835 -23.50 -92.03 20.55
N GLN S 836 -23.89 -92.96 21.42
CA GLN S 836 -25.10 -93.74 21.17
C GLN S 836 -26.35 -92.87 21.22
N ASN S 837 -26.30 -91.76 21.97
CA ASN S 837 -27.42 -90.83 22.01
C ASN S 837 -27.60 -90.14 20.67
N TYR S 838 -26.53 -89.55 20.13
CA TYR S 838 -26.58 -88.74 18.92
C TYR S 838 -26.21 -89.54 17.67
N PHE S 839 -26.32 -90.87 17.72
CA PHE S 839 -26.09 -91.73 16.57
C PHE S 839 -24.68 -91.52 15.99
N ILE S 840 -23.70 -91.40 16.86
CA ILE S 840 -22.30 -91.25 16.47
C ILE S 840 -21.59 -92.59 16.64
N GLU S 841 -20.73 -92.92 15.68
CA GLU S 841 -20.00 -94.17 15.72
C GLU S 841 -19.03 -94.19 16.90
N THR S 842 -19.04 -95.30 17.64
CA THR S 842 -18.20 -95.41 18.83
C THR S 842 -16.73 -95.61 18.43
N ALA S 843 -15.85 -95.44 19.41
CA ALA S 843 -14.42 -95.62 19.21
C ALA S 843 -13.86 -96.48 20.33
N ASP S 844 -12.75 -97.17 20.04
CA ASP S 844 -12.13 -98.03 21.02
C ASP S 844 -11.25 -97.24 21.99
N ARG S 845 -10.54 -97.95 22.87
CA ARG S 845 -9.74 -97.27 23.88
C ARG S 845 -8.53 -96.58 23.27
N GLN S 846 -7.87 -97.23 22.31
CA GLN S 846 -6.64 -96.66 21.75
C GLN S 846 -6.92 -95.39 20.95
N LYS S 847 -8.04 -95.36 20.21
CA LYS S 847 -8.39 -94.13 19.50
C LYS S 847 -8.85 -93.05 20.47
N THR S 848 -9.51 -93.43 21.57
CA THR S 848 -9.90 -92.45 22.57
C THR S 848 -8.68 -91.92 23.32
N LYS S 849 -7.73 -92.80 23.65
CA LYS S 849 -6.50 -92.37 24.29
C LYS S 849 -5.74 -91.36 23.43
N PHE S 850 -5.81 -91.51 22.10
CA PHE S 850 -5.15 -90.56 21.22
C PHE S 850 -5.81 -89.18 21.28
N ILE S 851 -7.14 -89.15 21.20
CA ILE S 851 -7.85 -87.88 21.14
C ILE S 851 -7.91 -87.22 22.51
N ALA S 852 -8.15 -88.00 23.57
CA ALA S 852 -8.26 -87.41 24.90
C ALA S 852 -6.91 -86.91 25.40
N GLY S 853 -5.87 -87.71 25.25
CA GLY S 853 -4.54 -87.31 25.67
C GLY S 853 -3.81 -86.40 24.72
N ARG S 854 -4.35 -86.20 23.52
CA ARG S 854 -3.71 -85.36 22.49
C ARG S 854 -2.28 -85.82 22.23
N ILE S 855 -2.11 -87.14 22.11
CA ILE S 855 -0.79 -87.72 21.91
C ILE S 855 -0.26 -87.36 20.53
N ILE S 856 1.02 -87.00 20.48
CA ILE S 856 1.69 -86.67 19.23
C ILE S 856 2.33 -87.93 18.68
N PRO S 857 1.96 -88.38 17.48
CA PRO S 857 2.58 -89.58 16.90
C PRO S 857 4.04 -89.31 16.57
N ALA S 858 4.95 -90.07 17.19
CA ALA S 858 6.37 -89.90 16.98
C ALA S 858 7.01 -91.25 16.70
N ILE S 859 7.69 -91.36 15.56
CA ILE S 859 8.42 -92.57 15.20
C ILE S 859 9.91 -92.26 15.22
N ALA S 860 10.71 -93.29 15.50
CA ALA S 860 12.15 -93.11 15.66
C ALA S 860 12.88 -92.87 14.34
N THR S 861 12.24 -93.19 13.21
CA THR S 861 12.90 -93.03 11.92
C THR S 861 12.99 -91.56 11.53
N THR S 862 11.86 -90.84 11.63
CA THR S 862 11.85 -89.42 11.26
C THR S 862 12.75 -88.59 12.18
N THR S 863 12.88 -89.00 13.44
CA THR S 863 13.73 -88.25 14.37
C THR S 863 15.19 -88.34 13.96
N SER S 864 15.67 -89.52 13.56
CA SER S 864 17.06 -89.67 13.15
C SER S 864 17.35 -88.87 11.88
N LEU S 865 16.41 -88.88 10.93
CA LEU S 865 16.60 -88.14 9.69
C LEU S 865 16.66 -86.64 9.95
N VAL S 866 15.74 -86.14 10.76
CA VAL S 866 15.71 -84.70 11.07
C VAL S 866 16.98 -84.29 11.80
N THR S 867 17.48 -85.14 12.70
CA THR S 867 18.70 -84.84 13.42
C THR S 867 19.89 -84.72 12.48
N GLY S 868 19.93 -85.55 11.43
CA GLY S 868 21.01 -85.46 10.47
C GLY S 868 21.04 -84.13 9.76
N LEU S 869 19.88 -83.63 9.35
CA LEU S 869 19.81 -82.34 8.68
C LEU S 869 20.26 -81.19 9.59
N VAL S 870 19.99 -81.30 10.89
CA VAL S 870 20.41 -80.27 11.83
C VAL S 870 21.93 -80.20 11.90
N ASN S 871 22.60 -81.36 11.95
CA ASN S 871 24.05 -81.39 12.01
C ASN S 871 24.69 -80.92 10.71
N LEU S 872 23.96 -81.00 9.59
CA LEU S 872 24.46 -80.46 8.33
C LEU S 872 24.38 -78.94 8.33
N GLU S 873 23.40 -78.37 9.03
CA GLU S 873 23.35 -76.93 9.22
C GLU S 873 24.34 -76.47 10.30
N LEU S 874 24.68 -77.35 11.24
CA LEU S 874 25.66 -77.00 12.27
C LEU S 874 27.03 -76.73 11.66
N TYR S 875 27.38 -77.43 10.59
CA TYR S 875 28.66 -77.17 9.92
C TYR S 875 28.75 -75.73 9.43
N LYS S 876 27.63 -75.17 8.98
CA LYS S 876 27.62 -73.79 8.53
C LYS S 876 27.64 -72.81 9.68
N LEU S 877 27.18 -73.22 10.87
CA LEU S 877 27.28 -72.37 12.04
C LEU S 877 28.70 -72.28 12.56
N ILE S 878 29.48 -73.36 12.41
CA ILE S 878 30.87 -73.35 12.86
C ILE S 878 31.71 -72.42 11.98
N ASP S 879 31.44 -72.42 10.67
CA ASP S 879 32.13 -71.53 9.75
C ASP S 879 31.69 -70.08 9.90
N ASN S 880 30.62 -69.81 10.65
CA ASN S 880 30.09 -68.46 10.84
C ASN S 880 29.69 -67.85 9.50
N LYS S 881 28.95 -68.64 8.72
CA LYS S 881 28.50 -68.20 7.41
C LYS S 881 27.50 -67.05 7.54
N THR S 882 27.65 -66.05 6.69
CA THR S 882 26.73 -64.91 6.65
C THR S 882 25.92 -64.86 5.36
N ASP S 883 26.28 -65.64 4.35
CA ASP S 883 25.49 -65.73 3.12
C ASP S 883 24.19 -66.48 3.41
N ILE S 884 23.06 -65.79 3.30
CA ILE S 884 21.78 -66.39 3.65
C ILE S 884 21.37 -67.51 2.71
N GLU S 885 21.93 -67.55 1.50
CA GLU S 885 21.57 -68.60 0.54
C GLU S 885 22.23 -69.94 0.84
N GLN S 886 23.27 -69.95 1.69
CA GLN S 886 23.92 -71.21 2.05
C GLN S 886 23.10 -72.03 3.02
N TYR S 887 22.33 -71.38 3.89
CA TYR S 887 21.48 -72.09 4.84
C TYR S 887 20.27 -72.70 4.13
N LYS S 888 19.71 -73.73 4.75
CA LYS S 888 18.61 -74.48 4.16
C LYS S 888 17.64 -74.94 5.25
N ASN S 889 16.39 -74.53 5.12
CA ASN S 889 15.32 -75.02 5.98
C ASN S 889 14.69 -76.25 5.34
N GLY S 890 14.68 -77.36 6.06
CA GLY S 890 14.21 -78.63 5.53
C GLY S 890 12.79 -78.96 5.96
N PHE S 891 12.09 -79.67 5.09
CA PHE S 891 10.76 -80.19 5.38
C PHE S 891 10.67 -81.58 4.78
N VAL S 892 10.37 -82.59 5.59
CA VAL S 892 10.35 -83.98 5.14
C VAL S 892 8.99 -84.59 5.47
N ASN S 893 8.55 -85.49 4.61
CA ASN S 893 7.35 -86.30 4.84
C ASN S 893 7.67 -87.68 4.29
N LEU S 894 8.15 -88.58 5.16
CA LEU S 894 8.61 -89.89 4.72
C LEU S 894 7.50 -90.74 4.13
N ALA S 895 6.24 -90.34 4.26
CA ALA S 895 5.14 -91.14 3.75
C ALA S 895 5.03 -91.07 2.23
N LEU S 896 5.42 -89.95 1.62
CA LEU S 896 5.21 -89.77 0.18
C LEU S 896 6.22 -90.57 -0.63
N PRO S 897 7.55 -90.44 -0.41
CA PRO S 897 8.34 -89.56 0.45
C PRO S 897 8.69 -88.26 -0.27
N PHE S 898 8.75 -87.14 0.47
CA PHE S 898 9.05 -85.84 -0.11
C PHE S 898 10.20 -85.19 0.64
N PHE S 899 11.14 -84.62 -0.13
CA PHE S 899 12.28 -83.92 0.43
C PHE S 899 12.38 -82.56 -0.25
N GLY S 900 12.24 -81.50 0.53
CA GLY S 900 12.33 -80.15 0.00
C GLY S 900 13.15 -79.27 0.90
N PHE S 901 13.88 -78.34 0.28
CA PHE S 901 14.73 -77.40 1.00
C PHE S 901 14.47 -76.00 0.47
N SER S 902 14.29 -75.05 1.38
CA SER S 902 14.01 -73.67 1.03
C SER S 902 15.00 -72.76 1.76
N GLU S 903 15.31 -71.64 1.13
CA GLU S 903 16.18 -70.67 1.77
C GLU S 903 15.47 -70.03 2.96
N PRO S 904 16.16 -69.87 4.09
CA PRO S 904 15.52 -69.24 5.26
C PRO S 904 15.05 -67.82 4.94
N ILE S 905 13.89 -67.47 5.51
CA ILE S 905 13.30 -66.17 5.22
C ILE S 905 14.09 -65.07 5.91
N ALA S 906 14.44 -64.03 5.17
CA ALA S 906 15.15 -62.89 5.74
C ALA S 906 14.25 -62.14 6.70
N SER S 907 14.86 -61.61 7.76
CA SER S 907 14.10 -60.86 8.76
C SER S 907 13.47 -59.64 8.12
N PRO S 908 12.18 -59.38 8.37
CA PRO S 908 11.52 -58.23 7.75
C PRO S 908 12.09 -56.91 8.23
N LYS S 909 12.23 -55.96 7.30
CA LYS S 909 12.78 -54.65 7.61
C LYS S 909 11.66 -53.61 7.71
N GLY S 910 11.88 -52.62 8.57
CA GLY S 910 10.93 -51.54 8.73
C GLY S 910 11.62 -50.19 8.65
N GLU S 911 10.89 -49.12 8.95
CA GLU S 911 11.49 -47.79 8.93
C GLU S 911 10.67 -46.85 9.80
N TYR S 912 11.38 -45.88 10.39
CA TYR S 912 10.75 -44.81 11.15
C TYR S 912 11.61 -43.56 10.98
N ASN S 913 10.98 -42.46 10.56
CA ASN S 913 11.70 -41.23 10.23
C ASN S 913 12.79 -41.50 9.19
N ASN S 914 12.47 -42.36 8.22
CA ASN S 914 13.37 -42.76 7.14
C ASN S 914 14.63 -43.47 7.65
N LYS S 915 14.57 -44.05 8.84
CA LYS S 915 15.69 -44.80 9.42
C LYS S 915 15.33 -46.28 9.40
N LYS S 916 15.99 -47.04 8.52
CA LYS S 916 15.69 -48.47 8.40
C LYS S 916 16.23 -49.24 9.59
N TYR S 917 15.52 -50.31 9.95
CA TYR S 917 15.92 -51.14 11.09
C TYR S 917 15.45 -52.57 10.85
N ASP S 918 15.92 -53.47 11.70
CA ASP S 918 15.52 -54.87 11.68
C ASP S 918 14.46 -55.10 12.74
N LYS S 919 13.28 -55.56 12.31
CA LYS S 919 12.15 -55.72 13.22
C LYS S 919 12.35 -56.84 14.22
N ILE S 920 13.24 -57.78 13.96
CA ILE S 920 13.41 -58.95 14.82
C ILE S 920 14.59 -58.80 15.77
N TRP S 921 15.73 -58.32 15.27
CA TRP S 921 16.98 -58.37 16.03
C TRP S 921 17.43 -57.02 16.59
N ASP S 922 17.10 -55.91 15.93
CA ASP S 922 17.57 -54.61 16.40
C ASP S 922 16.83 -54.18 17.66
N ARG S 923 17.53 -53.42 18.50
CA ARG S 923 16.95 -52.94 19.75
C ARG S 923 17.74 -51.72 20.21
N PHE S 924 17.12 -50.97 21.13
CA PHE S 924 17.77 -49.82 21.73
C PHE S 924 18.43 -50.25 23.04
N ASP S 925 19.70 -49.86 23.20
CA ASP S 925 20.48 -50.21 24.38
C ASP S 925 20.64 -48.96 25.24
N ILE S 926 20.02 -48.98 26.41
CA ILE S 926 20.10 -47.89 27.38
C ILE S 926 20.93 -48.36 28.57
N LYS S 927 21.94 -47.58 28.93
CA LYS S 927 22.85 -47.94 30.01
C LYS S 927 22.36 -47.36 31.33
N GLY S 928 22.38 -48.18 32.38
CA GLY S 928 22.01 -47.75 33.70
C GLY S 928 20.51 -47.75 33.91
N ASP S 929 20.13 -47.73 35.20
CA ASP S 929 18.71 -47.67 35.59
C ASP S 929 18.23 -46.25 35.36
N ILE S 930 17.90 -45.95 34.11
CA ILE S 930 17.50 -44.60 33.73
C ILE S 930 16.13 -44.28 34.31
N LYS S 931 15.86 -42.99 34.50
CA LYS S 931 14.57 -42.53 34.95
C LYS S 931 13.59 -42.46 33.79
N LEU S 932 12.29 -42.51 34.12
CA LEU S 932 11.27 -42.49 33.08
C LEU S 932 11.28 -41.16 32.32
N SER S 933 11.56 -40.06 33.02
CA SER S 933 11.63 -38.76 32.37
C SER S 933 12.82 -38.70 31.40
N ASP S 934 13.99 -39.18 31.85
CA ASP S 934 15.17 -39.19 31.00
C ASP S 934 15.05 -40.18 29.86
N LEU S 935 14.23 -41.22 30.01
CA LEU S 935 14.03 -42.17 28.93
C LEU S 935 13.25 -41.56 27.79
N ILE S 936 12.17 -40.82 28.11
CA ILE S 936 11.42 -40.11 27.08
C ILE S 936 12.27 -39.00 26.47
N GLU S 937 13.12 -38.35 27.27
CA GLU S 937 13.99 -37.31 26.75
C GLU S 937 15.04 -37.88 25.81
N HIS S 938 15.57 -39.06 26.12
CA HIS S 938 16.57 -39.68 25.26
C HIS S 938 15.99 -40.10 23.92
N PHE S 939 14.70 -40.42 23.88
CA PHE S 939 14.06 -40.89 22.66
C PHE S 939 13.54 -39.77 21.77
N GLU S 940 13.28 -38.59 22.33
CA GLU S 940 12.84 -37.46 21.51
C GLU S 940 14.01 -36.73 20.86
N LYS S 941 15.20 -36.81 21.46
CA LYS S 941 16.38 -36.17 20.91
C LYS S 941 17.14 -37.07 19.94
N ASP S 942 17.48 -38.29 20.38
CA ASP S 942 18.31 -39.17 19.56
C ASP S 942 17.53 -39.87 18.46
N GLU S 943 16.26 -40.22 18.70
CA GLU S 943 15.47 -40.96 17.74
C GLU S 943 14.31 -40.20 17.15
N GLY S 944 13.91 -39.07 17.76
CA GLY S 944 12.77 -38.34 17.27
C GLY S 944 11.46 -39.09 17.42
N LEU S 945 11.32 -39.86 18.51
CA LEU S 945 10.15 -40.67 18.76
C LEU S 945 9.50 -40.24 20.06
N GLU S 946 8.21 -39.93 20.01
CA GLU S 946 7.44 -39.56 21.20
C GLU S 946 6.87 -40.84 21.79
N ILE S 947 7.47 -41.31 22.87
CA ILE S 947 7.03 -42.54 23.53
C ILE S 947 5.64 -42.29 24.12
N THR S 948 4.63 -42.95 23.55
CA THR S 948 3.25 -42.80 24.03
C THR S 948 2.87 -43.87 25.04
N MET S 949 3.45 -45.07 24.93
CA MET S 949 3.17 -46.15 25.85
C MET S 949 4.44 -46.94 26.10
N LEU S 950 4.48 -47.63 27.24
CA LEU S 950 5.63 -48.42 27.65
C LEU S 950 5.16 -49.56 28.53
N SER S 951 5.66 -50.77 28.25
CA SER S 951 5.27 -51.95 28.99
C SER S 951 6.51 -52.77 29.34
N TYR S 952 6.33 -53.65 30.34
CA TYR S 952 7.39 -54.56 30.80
C TYR S 952 6.75 -55.93 30.95
N GLY S 953 6.90 -56.78 29.94
CA GLY S 953 6.26 -58.08 29.95
C GLY S 953 4.77 -57.98 29.76
N VAL S 954 4.00 -58.31 30.80
CA VAL S 954 2.55 -58.21 30.76
C VAL S 954 2.05 -57.05 31.62
N SER S 955 2.91 -56.08 31.91
CA SER S 955 2.60 -54.98 32.82
C SER S 955 2.75 -53.65 32.07
N LEU S 956 1.67 -52.88 32.02
CA LEU S 956 1.71 -51.54 31.43
C LEU S 956 2.23 -50.56 32.48
N LEU S 957 3.32 -49.87 32.17
CA LEU S 957 3.97 -48.97 33.11
C LEU S 957 3.62 -47.51 32.86
N TYR S 958 3.73 -47.05 31.61
CA TYR S 958 3.54 -45.65 31.28
C TYR S 958 2.54 -45.53 30.14
N ALA S 959 1.77 -44.44 30.16
CA ALA S 959 0.82 -44.15 29.11
C ALA S 959 0.66 -42.64 28.98
N SER S 960 0.72 -42.14 27.75
CA SER S 960 0.64 -40.70 27.53
C SER S 960 -0.75 -40.15 27.84
N PHE S 961 -1.78 -41.00 27.87
CA PHE S 961 -3.14 -40.58 28.17
C PHE S 961 -3.48 -40.71 29.66
N PHE S 962 -2.49 -40.99 30.50
CA PHE S 962 -2.73 -41.08 31.93
C PHE S 962 -3.08 -39.70 32.49
N PRO S 963 -3.84 -39.65 33.58
CA PRO S 963 -4.15 -38.35 34.21
C PRO S 963 -2.89 -37.71 34.76
N PRO S 964 -2.88 -36.38 34.94
CA PRO S 964 -1.68 -35.71 35.44
C PRO S 964 -1.23 -36.19 36.82
N LYS S 965 -2.11 -36.86 37.57
CA LYS S 965 -1.71 -37.40 38.86
C LYS S 965 -0.83 -38.64 38.69
N LYS S 966 -1.21 -39.52 37.76
CA LYS S 966 -0.40 -40.71 37.50
C LYS S 966 0.87 -40.37 36.72
N LEU S 967 0.84 -39.30 35.92
CA LEU S 967 2.02 -38.94 35.13
C LEU S 967 3.15 -38.43 36.04
N LYS S 968 2.88 -37.40 36.83
CA LYS S 968 3.90 -36.84 37.70
C LYS S 968 4.37 -37.84 38.75
N GLU S 969 3.54 -38.82 39.09
CA GLU S 969 3.93 -39.83 40.08
C GLU S 969 4.99 -40.76 39.55
N ARG S 970 4.88 -41.17 38.28
CA ARG S 970 5.76 -42.17 37.71
C ARG S 970 6.86 -41.60 36.84
N LEU S 971 6.71 -40.35 36.37
CA LEU S 971 7.74 -39.76 35.52
C LEU S 971 9.06 -39.53 36.24
N ASN S 972 9.04 -39.41 37.57
CA ASN S 972 10.23 -39.14 38.35
C ASN S 972 10.87 -40.41 38.92
N LEU S 973 10.30 -41.58 38.63
CA LEU S 973 10.85 -42.81 39.18
C LEU S 973 11.73 -43.52 38.17
N PRO S 974 12.78 -44.21 38.64
CA PRO S 974 13.60 -45.03 37.72
C PRO S 974 12.84 -46.25 37.24
N ILE S 975 13.46 -47.04 36.35
CA ILE S 975 12.76 -48.19 35.76
C ILE S 975 12.49 -49.24 36.83
N THR S 976 13.42 -49.45 37.75
CA THR S 976 13.24 -50.47 38.78
C THR S 976 12.12 -50.10 39.74
N GLN S 977 12.10 -48.84 40.20
CA GLN S 977 11.02 -48.40 41.08
C GLN S 977 9.70 -48.23 40.33
N LEU S 978 9.74 -48.02 39.02
CA LEU S 978 8.50 -47.93 38.25
C LEU S 978 7.81 -49.28 38.18
N VAL S 979 8.58 -50.36 38.04
CA VAL S 979 8.00 -51.70 38.03
C VAL S 979 7.51 -52.07 39.43
N LYS S 980 8.24 -51.65 40.46
CA LYS S 980 7.81 -51.90 41.83
C LYS S 980 6.49 -51.22 42.14
N LEU S 981 6.30 -49.98 41.66
CA LEU S 981 5.07 -49.27 41.92
C LEU S 981 3.89 -49.92 41.20
N VAL S 982 4.10 -50.37 39.97
CA VAL S 982 3.00 -50.88 39.16
C VAL S 982 2.71 -52.34 39.49
N THR S 983 3.75 -53.17 39.60
CA THR S 983 3.58 -54.61 39.79
C THR S 983 3.60 -55.05 41.24
N LYS S 984 3.88 -54.14 42.18
CA LYS S 984 3.98 -54.45 43.60
C LYS S 984 5.03 -55.53 43.90
N LYS S 985 6.00 -55.72 43.01
CA LYS S 985 7.04 -56.71 43.18
C LYS S 985 8.40 -56.09 42.89
N ASP S 986 9.42 -56.57 43.62
CA ASP S 986 10.78 -56.06 43.47
C ASP S 986 11.54 -56.84 42.41
N ILE S 987 12.40 -56.14 41.67
CA ILE S 987 13.30 -56.77 40.72
C ILE S 987 14.41 -57.47 41.49
N PRO S 988 14.58 -58.78 41.34
CA PRO S 988 15.62 -59.48 42.10
C PRO S 988 17.02 -59.03 41.71
N ALA S 989 17.96 -59.24 42.62
CA ALA S 989 19.33 -58.78 42.42
C ALA S 989 20.03 -59.52 41.29
N HIS S 990 19.60 -60.74 40.97
CA HIS S 990 20.23 -61.51 39.90
C HIS S 990 19.87 -61.00 38.51
N VAL S 991 18.89 -60.11 38.40
CA VAL S 991 18.48 -59.56 37.11
C VAL S 991 19.47 -58.47 36.71
N SER S 992 20.07 -58.63 35.52
CA SER S 992 21.01 -57.67 34.99
C SER S 992 20.47 -56.85 33.83
N THR S 993 19.42 -57.33 33.16
CA THR S 993 18.84 -56.62 32.04
C THR S 993 17.31 -56.67 32.14
N MET S 994 16.67 -55.69 31.53
CA MET S 994 15.22 -55.59 31.53
C MET S 994 14.74 -55.24 30.12
N ILE S 995 13.69 -55.92 29.68
CA ILE S 995 13.13 -55.74 28.33
C ILE S 995 11.86 -54.90 28.43
N LEU S 996 11.82 -53.81 27.67
CA LEU S 996 10.69 -52.89 27.67
C LEU S 996 10.14 -52.74 26.26
N GLU S 997 8.84 -52.98 26.11
CA GLU S 997 8.16 -52.73 24.85
C GLU S 997 7.54 -51.33 24.86
N ILE S 998 7.68 -50.62 23.75
CA ILE S 998 7.23 -49.24 23.65
C ILE S 998 6.50 -49.04 22.34
N CYS S 999 5.45 -48.21 22.36
CA CYS S 999 4.80 -47.69 21.17
C CYS S 999 5.03 -46.18 21.11
N ALA S 1000 5.34 -45.68 19.92
CA ALA S 1000 5.72 -44.29 19.77
C ALA S 1000 5.26 -43.76 18.42
N ASP S 1001 5.22 -42.44 18.30
CA ASP S 1001 4.87 -41.75 17.07
C ASP S 1001 6.13 -41.15 16.45
N ASP S 1002 6.14 -41.07 15.12
CA ASP S 1002 7.29 -40.53 14.40
C ASP S 1002 7.24 -39.00 14.42
N LYS S 1003 8.10 -38.38 13.61
CA LYS S 1003 8.15 -36.92 13.55
C LYS S 1003 6.92 -36.30 12.91
N GLU S 1004 6.02 -37.11 12.34
CA GLU S 1004 4.79 -36.61 11.75
C GLU S 1004 3.57 -36.78 12.64
N GLY S 1005 3.74 -37.38 13.82
CA GLY S 1005 2.64 -37.53 14.75
C GLY S 1005 1.71 -38.69 14.47
N GLU S 1006 2.22 -39.75 13.86
CA GLU S 1006 1.43 -40.94 13.57
C GLU S 1006 2.15 -42.17 14.11
N ASP S 1007 1.36 -43.14 14.58
CA ASP S 1007 1.94 -44.34 15.18
C ASP S 1007 2.75 -45.13 14.16
N VAL S 1008 3.91 -45.61 14.59
CA VAL S 1008 4.83 -46.37 13.75
C VAL S 1008 5.46 -47.47 14.60
N GLU S 1009 5.68 -48.63 13.98
CA GLU S 1009 6.29 -49.74 14.68
C GLU S 1009 7.74 -49.43 15.03
N VAL S 1010 8.11 -49.64 16.30
CA VAL S 1010 9.45 -49.32 16.78
C VAL S 1010 9.99 -50.53 17.55
N PRO S 1011 11.31 -50.66 17.63
CA PRO S 1011 11.90 -51.76 18.41
C PRO S 1011 11.66 -51.64 19.90
N PHE S 1012 12.11 -52.64 20.66
CA PHE S 1012 11.98 -52.65 22.11
C PHE S 1012 13.22 -52.03 22.76
N ILE S 1013 13.21 -51.98 24.09
CA ILE S 1013 14.27 -51.34 24.88
C ILE S 1013 14.92 -52.37 25.78
N THR S 1014 16.24 -52.31 25.89
CA THR S 1014 17.01 -53.13 26.81
C THR S 1014 17.64 -52.22 27.86
N ILE S 1015 17.22 -52.36 29.11
CA ILE S 1015 17.71 -51.53 30.21
C ILE S 1015 18.85 -52.31 30.90
N HIS S 1016 20.08 -51.91 30.61
CA HIS S 1016 21.26 -52.53 31.21
C HIS S 1016 21.47 -51.96 32.60
N LEU S 1017 21.09 -52.72 33.62
CA LEU S 1017 21.24 -52.28 35.01
C LEU S 1017 22.71 -52.30 35.44
N SER T 8 7.51 -59.88 22.63
CA SER T 8 6.88 -60.29 21.37
C SER T 8 6.03 -59.17 20.79
N THR T 9 5.49 -59.40 19.59
CA THR T 9 4.59 -58.44 18.96
C THR T 9 3.13 -58.72 19.28
N ALA T 10 2.86 -59.30 20.46
CA ALA T 10 1.51 -59.52 20.93
C ALA T 10 1.05 -58.39 21.84
N SER T 11 1.90 -58.00 22.79
CA SER T 11 1.59 -56.88 23.67
C SER T 11 1.58 -55.56 22.92
N SER T 12 2.42 -55.41 21.89
CA SER T 12 2.42 -54.18 21.11
C SER T 12 1.13 -54.02 20.32
N LEU T 13 0.61 -55.13 19.78
CA LEU T 13 -0.65 -55.06 19.04
C LEU T 13 -1.82 -54.84 19.99
N LEU T 14 -1.79 -55.48 21.17
CA LEU T 14 -2.85 -55.28 22.14
C LEU T 14 -2.84 -53.85 22.69
N LEU T 15 -1.65 -53.25 22.83
CA LEU T 15 -1.58 -51.87 23.31
C LEU T 15 -2.18 -50.90 22.29
N ARG T 16 -1.85 -51.07 21.02
CA ARG T 16 -2.37 -50.18 19.99
C ARG T 16 -3.88 -50.27 19.87
N GLN T 17 -4.46 -51.44 20.15
CA GLN T 17 -5.91 -51.58 20.11
C GLN T 17 -6.55 -51.12 21.42
N TYR T 18 -5.83 -51.24 22.54
CA TYR T 18 -6.34 -50.68 23.80
C TYR T 18 -6.33 -49.16 23.77
N ARG T 19 -5.33 -48.56 23.10
CA ARG T 19 -5.27 -47.12 22.99
C ARG T 19 -6.32 -46.58 22.03
N GLU T 20 -6.65 -47.35 20.98
CA GLU T 20 -7.65 -46.89 20.01
C GLU T 20 -9.06 -47.00 20.56
N LEU T 21 -9.30 -47.90 21.53
CA LEU T 21 -10.62 -48.06 22.11
C LEU T 21 -10.81 -47.24 23.39
N THR T 22 -9.76 -46.58 23.88
CA THR T 22 -9.85 -45.71 25.04
C THR T 22 -9.49 -44.27 24.75
N ASP T 23 -8.95 -43.97 23.57
CA ASP T 23 -8.70 -42.59 23.17
C ASP T 23 -10.02 -41.86 22.97
N PRO T 24 -10.27 -40.74 23.67
CA PRO T 24 -11.58 -40.10 23.54
C PRO T 24 -11.74 -39.35 22.23
N LYS T 25 -11.23 -39.91 21.15
CA LYS T 25 -11.46 -39.44 19.79
C LYS T 25 -11.94 -40.54 18.86
N LYS T 26 -11.41 -41.75 19.00
CA LYS T 26 -11.78 -42.88 18.17
C LYS T 26 -12.47 -43.98 18.94
N ALA T 27 -12.69 -43.80 20.25
CA ALA T 27 -13.30 -44.85 21.06
C ALA T 27 -14.78 -45.01 20.71
N ILE T 28 -15.19 -46.25 20.51
CA ILE T 28 -16.60 -46.57 20.26
C ILE T 28 -17.36 -46.42 21.57
N PRO T 29 -18.42 -45.61 21.60
CA PRO T 29 -19.14 -45.38 22.87
C PRO T 29 -19.92 -46.57 23.38
N SER T 30 -19.90 -47.71 22.67
CA SER T 30 -20.62 -48.90 23.09
C SER T 30 -19.84 -49.76 24.07
N PHE T 31 -18.56 -49.48 24.29
CA PHE T 31 -17.72 -50.32 25.14
C PHE T 31 -16.86 -49.43 26.03
N HIS T 32 -16.78 -49.79 27.31
CA HIS T 32 -15.92 -49.14 28.28
C HIS T 32 -14.79 -50.12 28.62
N ILE T 33 -13.60 -49.86 28.10
CA ILE T 33 -12.47 -50.78 28.21
C ILE T 33 -11.49 -50.26 29.25
N GLU T 34 -11.10 -51.13 30.17
CA GLU T 34 -10.08 -50.83 31.17
C GLU T 34 -9.26 -52.08 31.42
N LEU T 35 -7.98 -51.90 31.67
CA LEU T 35 -7.09 -53.02 31.94
C LEU T 35 -7.29 -53.52 33.36
N GLU T 36 -7.00 -54.81 33.56
CA GLU T 36 -7.04 -55.38 34.90
C GLU T 36 -5.88 -54.80 35.71
N ASP T 37 -6.21 -54.17 36.84
CA ASP T 37 -5.25 -53.43 37.66
C ASP T 37 -4.61 -52.28 36.89
N ASP T 38 -5.22 -51.88 35.77
CA ASP T 38 -4.73 -50.81 34.89
C ASP T 38 -3.32 -51.07 34.37
N SER T 39 -2.86 -52.31 34.46
CA SER T 39 -1.50 -52.67 34.06
C SER T 39 -1.40 -53.92 33.19
N ASN T 40 -2.38 -54.82 33.23
CA ASN T 40 -2.29 -56.09 32.52
C ASN T 40 -2.82 -55.94 31.11
N ILE T 41 -1.95 -56.10 30.12
CA ILE T 41 -2.36 -55.98 28.72
C ILE T 41 -3.09 -57.23 28.22
N PHE T 42 -2.88 -58.38 28.85
CA PHE T 42 -3.49 -59.63 28.42
C PHE T 42 -4.73 -59.98 29.22
N THR T 43 -5.28 -59.02 29.98
CA THR T 43 -6.50 -59.24 30.75
C THR T 43 -7.25 -57.92 30.78
N TRP T 44 -8.36 -57.84 30.04
CA TRP T 44 -9.13 -56.61 29.90
C TRP T 44 -10.45 -56.73 30.63
N ASN T 45 -10.81 -55.68 31.37
CA ASN T 45 -12.12 -55.55 32.00
C ASN T 45 -12.94 -54.59 31.15
N ILE T 46 -13.90 -55.13 30.41
CA ILE T 46 -14.66 -54.37 29.43
C ILE T 46 -16.10 -54.25 29.90
N GLY T 47 -16.65 -53.04 29.79
CA GLY T 47 -18.04 -52.81 30.10
C GLY T 47 -18.90 -52.74 28.86
N VAL T 48 -19.79 -53.70 28.68
CA VAL T 48 -20.61 -53.81 27.49
C VAL T 48 -21.85 -52.95 27.65
N MET T 49 -22.10 -52.08 26.68
CA MET T 49 -23.26 -51.19 26.69
C MET T 49 -24.00 -51.31 25.37
N VAL T 50 -25.33 -51.28 25.45
CA VAL T 50 -26.19 -51.38 24.28
C VAL T 50 -26.79 -49.99 24.05
N LEU T 51 -26.28 -49.28 23.04
CA LEU T 51 -26.76 -47.94 22.73
C LEU T 51 -28.06 -47.96 21.93
N ASN T 52 -28.48 -49.11 21.43
CA ASN T 52 -29.72 -49.23 20.66
C ASN T 52 -30.92 -48.93 21.56
N GLU T 53 -31.73 -47.95 21.18
CA GLU T 53 -32.89 -47.60 21.98
C GLU T 53 -34.00 -48.62 21.84
N ASP T 54 -34.15 -49.22 20.66
CA ASP T 54 -35.19 -50.22 20.43
C ASP T 54 -34.83 -51.59 21.00
N SER T 55 -33.59 -51.80 21.41
CA SER T 55 -33.20 -53.10 21.95
C SER T 55 -33.77 -53.31 23.34
N ILE T 56 -34.01 -54.58 23.67
CA ILE T 56 -34.53 -54.91 24.99
C ILE T 56 -33.46 -54.69 26.05
N TYR T 57 -32.18 -54.87 25.69
CA TYR T 57 -31.06 -54.71 26.60
C TYR T 57 -30.55 -53.28 26.67
N HIS T 58 -31.37 -52.30 26.28
CA HIS T 58 -30.94 -50.91 26.27
C HIS T 58 -30.70 -50.40 27.68
N GLY T 59 -29.70 -49.54 27.83
CA GLY T 59 -29.37 -48.94 29.11
C GLY T 59 -28.56 -49.81 30.04
N GLY T 60 -28.16 -51.02 29.61
CA GLY T 60 -27.43 -51.90 30.47
C GLY T 60 -25.92 -51.71 30.38
N PHE T 61 -25.23 -52.15 31.44
CA PHE T 61 -23.77 -52.09 31.53
C PHE T 61 -23.33 -53.43 32.12
N PHE T 62 -23.02 -54.36 31.22
CA PHE T 62 -22.68 -55.73 31.61
C PHE T 62 -21.16 -55.86 31.67
N LYS T 63 -20.64 -56.05 32.89
CA LYS T 63 -19.21 -56.19 33.07
C LYS T 63 -18.75 -57.54 32.55
N ALA T 64 -17.55 -57.56 31.97
CA ALA T 64 -16.99 -58.79 31.42
C ALA T 64 -15.47 -58.73 31.54
N GLN T 65 -14.83 -59.85 31.18
CA GLN T 65 -13.38 -59.97 31.27
C GLN T 65 -12.88 -60.72 30.05
N MET T 66 -11.85 -60.18 29.41
CA MET T 66 -11.20 -60.80 28.26
C MET T 66 -9.79 -61.19 28.64
N ARG T 67 -9.42 -62.44 28.33
CA ARG T 67 -8.08 -62.97 28.60
C ARG T 67 -7.43 -63.31 27.27
N PHE T 68 -6.37 -62.58 26.93
CA PHE T 68 -5.64 -62.75 25.67
C PHE T 68 -4.48 -63.73 25.86
N PRO T 69 -4.31 -64.67 24.93
CA PRO T 69 -3.19 -65.61 25.02
C PRO T 69 -1.88 -64.93 24.67
N GLU T 70 -0.79 -65.66 24.87
CA GLU T 70 0.54 -65.13 24.59
C GLU T 70 0.78 -64.97 23.09
N ASP T 71 0.12 -65.80 22.28
CA ASP T 71 0.32 -65.79 20.83
C ASP T 71 -0.77 -64.97 20.11
N PHE T 72 -1.23 -63.91 20.73
CA PHE T 72 -2.20 -63.02 20.10
C PHE T 72 -1.58 -62.36 18.88
N PRO T 73 -2.33 -62.19 17.78
CA PRO T 73 -3.72 -62.60 17.61
C PRO T 73 -3.90 -63.94 16.90
N PHE T 74 -2.86 -64.78 16.93
CA PHE T 74 -2.92 -66.08 16.27
C PHE T 74 -3.72 -67.12 17.05
N SER T 75 -4.10 -66.82 18.29
CA SER T 75 -4.97 -67.68 19.07
C SER T 75 -6.15 -66.88 19.57
N PRO T 76 -7.36 -67.45 19.55
CA PRO T 76 -8.55 -66.69 19.97
C PRO T 76 -8.56 -66.44 21.47
N PRO T 77 -8.97 -65.25 21.89
CA PRO T 77 -9.03 -64.94 23.31
C PRO T 77 -10.31 -65.44 23.96
N GLN T 78 -10.29 -65.50 25.28
CA GLN T 78 -11.45 -65.91 26.06
C GLN T 78 -12.26 -64.70 26.48
N PHE T 79 -13.59 -64.87 26.50
CA PHE T 79 -14.51 -63.82 26.90
C PHE T 79 -15.51 -64.41 27.89
N ARG T 80 -15.64 -63.77 29.05
CA ARG T 80 -16.53 -64.26 30.10
C ARG T 80 -17.23 -63.08 30.76
N PHE T 81 -18.55 -63.22 30.95
CA PHE T 81 -19.33 -62.20 31.64
C PHE T 81 -19.19 -62.37 33.15
N THR T 82 -18.86 -61.28 33.84
CA THR T 82 -18.71 -61.28 35.30
C THR T 82 -19.60 -60.18 35.89
N PRO T 83 -20.76 -60.55 36.46
CA PRO T 83 -21.25 -61.93 36.56
C PRO T 83 -21.97 -62.41 35.31
N ALA T 84 -22.36 -63.68 35.29
CA ALA T 84 -23.09 -64.24 34.16
C ALA T 84 -24.44 -63.57 34.01
N ILE T 85 -24.91 -63.49 32.77
CA ILE T 85 -26.18 -62.86 32.44
C ILE T 85 -27.10 -63.91 31.83
N TYR T 86 -28.39 -63.57 31.75
CA TYR T 86 -29.41 -64.47 31.22
C TYR T 86 -29.50 -64.27 29.71
N HIS T 87 -29.02 -65.26 28.96
CA HIS T 87 -29.02 -65.18 27.51
C HIS T 87 -28.94 -66.58 26.93
N PRO T 88 -29.64 -66.88 25.83
CA PRO T 88 -29.59 -68.24 25.28
C PRO T 88 -28.22 -68.67 24.79
N ASN T 89 -27.28 -67.75 24.60
CA ASN T 89 -25.97 -68.06 24.05
C ASN T 89 -24.83 -67.87 25.06
N VAL T 90 -25.15 -67.92 26.36
CA VAL T 90 -24.14 -67.79 27.41
C VAL T 90 -24.40 -68.84 28.47
N TYR T 91 -23.38 -69.64 28.79
CA TYR T 91 -23.53 -70.69 29.78
C TYR T 91 -23.59 -70.09 31.18
N ARG T 92 -23.66 -70.98 32.18
CA ARG T 92 -23.53 -70.54 33.56
C ARG T 92 -22.11 -70.08 33.85
N ASP T 93 -21.12 -70.60 33.12
CA ASP T 93 -19.74 -70.15 33.27
C ASP T 93 -19.55 -68.71 32.84
N GLY T 94 -20.47 -68.17 32.05
CA GLY T 94 -20.35 -66.81 31.55
C GLY T 94 -19.51 -66.68 30.30
N ARG T 95 -18.89 -67.75 29.82
CA ARG T 95 -18.02 -67.68 28.66
C ARG T 95 -18.84 -67.65 27.37
N LEU T 96 -18.27 -66.99 26.36
CA LEU T 96 -18.95 -66.78 25.08
C LEU T 96 -18.11 -67.39 23.96
N CYS T 97 -18.80 -67.77 22.88
CA CYS T 97 -18.15 -68.38 21.73
C CYS T 97 -17.28 -67.35 21.01
N ILE T 98 -15.97 -67.58 21.01
CA ILE T 98 -15.01 -66.72 20.32
C ILE T 98 -14.33 -67.57 19.25
N SER T 99 -14.66 -67.32 18.00
CA SER T 99 -14.10 -68.08 16.89
C SER T 99 -12.84 -67.39 16.34
N ILE T 100 -12.15 -68.10 15.45
CA ILE T 100 -10.92 -67.59 14.84
C ILE T 100 -11.25 -66.81 13.57
N GLN T 121 -8.91 -61.10 12.75
CA GLN T 121 -9.91 -60.54 13.66
C GLN T 121 -9.31 -59.52 14.60
N THR T 122 -10.08 -58.49 14.93
CA THR T 122 -9.64 -57.43 15.84
C THR T 122 -10.49 -57.46 17.11
N VAL T 123 -10.00 -56.80 18.15
CA VAL T 123 -10.75 -56.71 19.39
C VAL T 123 -12.04 -55.91 19.17
N GLU T 124 -11.97 -54.89 18.32
CA GLU T 124 -13.16 -54.12 18.00
C GLU T 124 -14.21 -54.98 17.29
N SER T 125 -13.77 -55.83 16.37
CA SER T 125 -14.71 -56.69 15.65
C SER T 125 -15.33 -57.74 16.57
N VAL T 126 -14.59 -58.23 17.56
CA VAL T 126 -15.13 -59.23 18.47
C VAL T 126 -16.19 -58.61 19.36
N LEU T 127 -15.89 -57.45 19.96
CA LEU T 127 -16.84 -56.81 20.86
C LEU T 127 -18.10 -56.38 20.11
N ILE T 128 -17.92 -55.86 18.89
CA ILE T 128 -19.07 -55.49 18.08
C ILE T 128 -19.88 -56.72 17.69
N SER T 129 -19.21 -57.85 17.48
CA SER T 129 -19.94 -59.09 17.24
C SER T 129 -20.69 -59.56 18.48
N ILE T 130 -20.25 -59.16 19.67
CA ILE T 130 -20.88 -59.61 20.91
C ILE T 130 -22.18 -58.85 21.17
N VAL T 131 -22.16 -57.52 20.99
CA VAL T 131 -23.38 -56.75 21.21
C VAL T 131 -24.45 -57.12 20.19
N SER T 132 -24.04 -57.59 19.00
CA SER T 132 -25.02 -58.05 18.03
C SER T 132 -25.70 -59.33 18.50
N LEU T 133 -24.98 -60.20 19.20
CA LEU T 133 -25.60 -61.40 19.76
C LEU T 133 -26.51 -61.06 20.92
N LEU T 134 -26.23 -59.98 21.65
CA LEU T 134 -27.04 -59.62 22.81
C LEU T 134 -28.45 -59.24 22.40
N GLU T 135 -28.62 -58.57 21.27
CA GLU T 135 -29.94 -58.16 20.82
C GLU T 135 -30.61 -59.19 19.93
N ASP T 136 -29.84 -59.97 19.18
CA ASP T 136 -30.37 -60.99 18.28
C ASP T 136 -29.73 -62.33 18.62
N PRO T 137 -30.33 -63.09 19.53
CA PRO T 137 -29.74 -64.37 19.92
C PRO T 137 -29.82 -65.40 18.81
N ASN T 138 -28.77 -66.21 18.69
CA ASN T 138 -28.69 -67.26 17.69
C ASN T 138 -29.39 -68.49 18.27
N ILE T 139 -30.70 -68.59 18.01
CA ILE T 139 -31.52 -69.64 18.62
C ILE T 139 -31.12 -71.03 18.14
N ASN T 140 -30.44 -71.14 17.01
CA ASN T 140 -30.07 -72.45 16.50
C ASN T 140 -28.98 -73.09 17.34
N SER T 141 -28.09 -72.31 17.93
CA SER T 141 -26.99 -72.82 18.76
C SER T 141 -27.15 -72.27 20.17
N PRO T 142 -28.06 -72.81 20.95
CA PRO T 142 -28.29 -72.30 22.30
C PRO T 142 -27.44 -72.99 23.34
N LYS T 143 -27.08 -72.21 24.37
CA LYS T 143 -26.33 -72.73 25.51
C LYS T 143 -27.18 -72.80 26.78
N ASN T 144 -28.12 -71.87 26.93
CA ASN T 144 -29.08 -71.90 28.04
C ASN T 144 -30.40 -72.42 27.47
N VAL T 145 -30.66 -73.71 27.68
CA VAL T 145 -31.89 -74.31 27.17
C VAL T 145 -33.11 -73.65 27.81
N ASP T 146 -32.96 -73.13 29.05
CA ASP T 146 -34.05 -72.40 29.67
C ASP T 146 -34.33 -71.10 28.94
N ALA T 147 -33.29 -70.33 28.64
CA ALA T 147 -33.48 -69.08 27.91
C ALA T 147 -33.88 -69.34 26.46
N ALA T 148 -33.46 -70.47 25.90
CA ALA T 148 -33.81 -70.79 24.52
C ALA T 148 -35.30 -71.13 24.40
N VAL T 149 -35.82 -71.95 25.31
CA VAL T 149 -37.22 -72.31 25.25
C VAL T 149 -38.10 -71.12 25.64
N ASP T 150 -37.59 -70.20 26.46
CA ASP T 150 -38.35 -69.01 26.82
C ASP T 150 -38.35 -67.97 25.71
N TYR T 151 -37.30 -67.94 24.89
CA TYR T 151 -37.24 -66.95 23.82
C TYR T 151 -38.28 -67.21 22.74
N ARG T 152 -38.58 -68.48 22.47
CA ARG T 152 -39.48 -68.84 21.38
C ARG T 152 -40.87 -69.24 21.84
N LYS T 153 -40.98 -69.94 22.96
CA LYS T 153 -42.27 -70.46 23.42
C LYS T 153 -42.97 -69.55 24.42
N ASN T 154 -42.23 -68.93 25.34
CA ASN T 154 -42.81 -68.07 26.38
C ASN T 154 -42.20 -66.68 26.30
N PRO T 155 -42.59 -65.88 25.29
CA PRO T 155 -41.97 -64.56 25.11
C PRO T 155 -42.22 -63.60 26.27
N GLU T 156 -43.42 -63.64 26.86
CA GLU T 156 -43.77 -62.68 27.90
C GLU T 156 -42.86 -62.80 29.12
N GLN T 157 -42.44 -64.02 29.45
CA GLN T 157 -41.56 -64.20 30.60
C GLN T 157 -40.14 -63.71 30.31
N TYR T 158 -39.69 -63.90 29.06
CA TYR T 158 -38.32 -63.52 28.71
C TYR T 158 -38.10 -62.01 28.85
N LYS T 159 -39.09 -61.20 28.43
CA LYS T 159 -38.94 -59.75 28.56
C LYS T 159 -38.81 -59.32 30.01
N GLN T 160 -39.49 -60.00 30.93
CA GLN T 160 -39.39 -59.64 32.34
C GLN T 160 -38.05 -60.05 32.93
N ARG T 161 -37.52 -61.20 32.50
CA ARG T 161 -36.22 -61.63 32.98
C ARG T 161 -35.09 -60.73 32.48
N VAL T 162 -35.25 -60.15 31.29
CA VAL T 162 -34.24 -59.23 30.79
C VAL T 162 -34.29 -57.91 31.55
N LYS T 163 -35.50 -57.41 31.81
CA LYS T 163 -35.64 -56.14 32.53
C LYS T 163 -35.00 -56.23 33.92
N MET T 164 -35.17 -57.36 34.60
CA MET T 164 -34.52 -57.57 35.88
C MET T 164 -33.01 -57.72 35.72
N GLU T 165 -32.56 -58.28 34.59
CA GLU T 165 -31.13 -58.42 34.34
C GLU T 165 -30.48 -57.08 34.00
N VAL T 166 -31.21 -56.18 33.36
CA VAL T 166 -30.66 -54.86 33.03
C VAL T 166 -30.51 -54.02 34.29
N GLU T 167 -31.43 -54.15 35.24
CA GLU T 167 -31.38 -53.35 36.45
C GLU T 167 -30.21 -53.76 37.34
N ARG T 168 -29.95 -55.06 37.46
CA ARG T 168 -28.79 -55.51 38.21
C ARG T 168 -27.48 -55.13 37.53
N SER T 169 -27.51 -54.86 36.22
CA SER T 169 -26.32 -54.35 35.55
C SER T 169 -26.17 -52.85 35.78
N LYS T 170 -27.29 -52.14 36.00
CA LYS T 170 -27.23 -50.72 36.28
C LYS T 170 -26.67 -50.41 37.66
N GLN T 171 -26.59 -51.41 38.53
CA GLN T 171 -25.92 -51.21 39.82
C GLN T 171 -24.41 -51.19 39.67
N ASP T 172 -23.87 -51.83 38.63
CA ASP T 172 -22.43 -51.89 38.38
C ASP T 172 -21.99 -50.80 37.41
N ILE T 173 -22.40 -49.56 37.65
CA ILE T 173 -22.00 -48.44 36.79
C ILE T 173 -20.87 -47.67 37.48
N PRO T 174 -19.85 -47.22 36.76
CA PRO T 174 -18.85 -46.34 37.37
C PRO T 174 -19.46 -44.95 37.55
N LYS T 175 -18.77 -44.11 38.33
CA LYS T 175 -19.32 -42.79 38.66
C LYS T 175 -18.53 -41.72 37.92
N GLY T 176 -19.23 -40.97 37.07
CA GLY T 176 -18.68 -39.89 36.29
C GLY T 176 -18.62 -40.16 34.80
N PHE T 177 -18.69 -41.42 34.38
CA PHE T 177 -18.67 -41.73 32.96
C PHE T 177 -20.06 -41.54 32.38
N ILE T 178 -20.13 -40.93 31.20
CA ILE T 178 -21.41 -40.73 30.51
C ILE T 178 -21.40 -41.51 29.20
N MET T 179 -22.55 -42.10 28.87
CA MET T 179 -22.74 -42.88 27.67
C MET T 179 -23.90 -42.30 26.86
N PRO T 180 -23.69 -41.88 25.61
CA PRO T 180 -24.76 -41.29 24.82
C PRO T 180 -25.66 -42.33 24.17
N GLY U 5 10.28 49.31 15.76
CA GLY U 5 10.51 50.26 14.68
C GLY U 5 10.87 49.60 13.36
N GLU U 6 9.98 48.77 12.85
CA GLU U 6 10.18 48.06 11.59
C GLU U 6 9.15 48.49 10.57
N ILE U 7 9.54 48.49 9.31
CA ILE U 7 8.68 48.86 8.19
C ILE U 7 8.62 47.69 7.21
N ASP U 8 7.41 47.29 6.84
CA ASP U 8 7.22 46.20 5.90
C ASP U 8 7.64 46.67 4.52
N GLU U 9 8.86 46.32 4.13
CA GLU U 9 9.43 46.75 2.85
C GLU U 9 8.84 46.03 1.65
N SER U 10 7.96 45.04 1.86
CA SER U 10 7.26 44.42 0.74
C SER U 10 6.02 45.19 0.34
N LEU U 11 5.36 45.85 1.29
CA LEU U 11 4.16 46.63 1.01
C LEU U 11 4.47 48.09 0.73
N TYR U 12 5.37 48.70 1.52
CA TYR U 12 5.74 50.11 1.36
C TYR U 12 7.04 50.27 0.57
N SER U 13 7.29 49.39 -0.39
CA SER U 13 8.55 49.44 -1.14
C SER U 13 8.68 50.74 -1.91
N ARG U 14 7.72 51.03 -2.80
CA ARG U 14 7.77 52.24 -3.60
C ARG U 14 7.54 53.50 -2.79
N GLN U 15 6.85 53.40 -1.65
CA GLN U 15 6.60 54.56 -0.81
C GLN U 15 7.80 54.88 0.09
N LEU U 16 8.55 53.86 0.52
CA LEU U 16 9.72 54.10 1.37
C LEU U 16 10.75 54.97 0.67
N TYR U 17 10.87 54.84 -0.65
CA TYR U 17 11.79 55.68 -1.40
C TYR U 17 11.31 57.13 -1.51
N VAL U 18 10.07 57.41 -1.12
CA VAL U 18 9.53 58.77 -1.13
C VAL U 18 9.61 59.41 0.25
N LEU U 19 9.13 58.70 1.27
CA LEU U 19 9.04 59.26 2.62
C LEU U 19 10.26 58.95 3.47
N GLY U 20 10.97 57.86 3.19
CA GLY U 20 12.12 57.47 3.97
C GLY U 20 11.75 56.71 5.22
N LYS U 21 12.75 56.05 5.80
CA LYS U 21 12.51 55.21 6.97
C LYS U 21 12.27 56.04 8.22
N GLU U 22 13.02 57.13 8.39
CA GLU U 22 12.88 57.94 9.59
C GLU U 22 11.51 58.59 9.66
N ALA U 23 11.05 59.16 8.55
CA ALA U 23 9.76 59.84 8.55
C ALA U 23 8.60 58.86 8.67
N MET U 24 8.71 57.70 8.02
CA MET U 24 7.64 56.70 8.09
C MET U 24 7.51 56.09 9.47
N LEU U 25 8.58 56.09 10.26
CA LEU U 25 8.49 55.60 11.63
C LEU U 25 7.79 56.58 12.55
N LYS U 26 7.93 57.89 12.28
CA LYS U 26 7.17 58.88 13.03
C LYS U 26 5.69 58.83 12.65
N MET U 27 5.39 58.49 11.40
CA MET U 27 4.00 58.39 10.95
C MET U 27 3.27 57.26 11.67
N GLN U 28 3.97 56.15 11.91
CA GLN U 28 3.41 54.96 12.56
C GLN U 28 3.16 55.16 14.06
N THR U 29 3.35 56.37 14.59
CA THR U 29 3.07 56.68 15.99
C THR U 29 2.10 57.85 16.13
N SER U 30 1.36 58.17 15.07
CA SER U 30 0.43 59.29 15.04
C SER U 30 -0.98 58.80 14.74
N ASN U 31 -1.93 59.21 15.56
CA ASN U 31 -3.33 58.89 15.37
C ASN U 31 -4.02 60.06 14.67
N VAL U 32 -4.71 59.77 13.57
CA VAL U 32 -5.33 60.79 12.73
C VAL U 32 -6.83 60.71 12.89
N LEU U 33 -7.47 61.86 13.08
CA LEU U 33 -8.92 61.96 13.15
C LEU U 33 -9.43 62.79 11.99
N ILE U 34 -10.40 62.27 11.25
CA ILE U 34 -10.99 62.94 10.11
C ILE U 34 -12.47 63.15 10.40
N LEU U 35 -12.93 64.39 10.32
CA LEU U 35 -14.31 64.74 10.63
C LEU U 35 -15.09 64.89 9.33
N GLY U 36 -16.15 64.11 9.18
CA GLY U 36 -16.94 64.15 7.97
C GLY U 36 -16.45 63.16 6.92
N LEU U 37 -17.34 62.30 6.44
CA LEU U 37 -16.96 61.27 5.49
C LEU U 37 -17.74 61.41 4.18
N LYS U 38 -17.82 62.63 3.66
CA LYS U 38 -18.37 62.86 2.33
C LYS U 38 -17.31 62.51 1.29
N GLY U 39 -17.55 62.92 0.05
CA GLY U 39 -16.57 62.65 -1.00
C GLY U 39 -15.19 63.18 -0.66
N LEU U 40 -15.13 64.39 -0.10
CA LEU U 40 -13.84 64.95 0.31
C LEU U 40 -13.26 64.21 1.51
N GLY U 41 -14.11 63.76 2.43
CA GLY U 41 -13.61 63.07 3.61
C GLY U 41 -13.07 61.68 3.31
N VAL U 42 -13.79 60.90 2.50
CA VAL U 42 -13.34 59.56 2.19
C VAL U 42 -12.13 59.58 1.29
N GLU U 43 -11.94 60.65 0.51
CA GLU U 43 -10.76 60.73 -0.34
C GLU U 43 -9.50 60.99 0.48
N ILE U 44 -9.60 61.83 1.51
CA ILE U 44 -8.47 62.04 2.41
C ILE U 44 -8.21 60.81 3.25
N ALA U 45 -9.27 60.14 3.71
CA ALA U 45 -9.11 58.96 4.54
C ALA U 45 -8.46 57.82 3.76
N LYS U 46 -8.81 57.68 2.48
CA LYS U 46 -8.25 56.59 1.68
C LYS U 46 -6.73 56.71 1.56
N ASN U 47 -6.24 57.90 1.22
CA ASN U 47 -4.80 58.07 1.01
C ASN U 47 -4.03 58.00 2.33
N VAL U 48 -4.63 58.45 3.43
CA VAL U 48 -3.95 58.41 4.72
C VAL U 48 -3.90 57.00 5.26
N VAL U 49 -5.00 56.25 5.12
CA VAL U 49 -5.01 54.86 5.55
C VAL U 49 -4.03 54.04 4.73
N LEU U 50 -3.99 54.28 3.41
CA LEU U 50 -3.02 53.59 2.56
C LEU U 50 -1.59 53.97 2.91
N ALA U 51 -1.38 55.19 3.42
CA ALA U 51 -0.03 55.64 3.76
C ALA U 51 0.52 54.97 5.02
N GLY U 52 -0.33 54.33 5.81
CA GLY U 52 0.13 53.63 6.99
C GLY U 52 0.37 54.47 8.22
N VAL U 53 -0.68 55.11 8.73
CA VAL U 53 -0.63 55.82 10.00
C VAL U 53 -0.92 54.82 11.12
N LYS U 54 -0.63 55.21 12.36
CA LYS U 54 -0.84 54.30 13.48
C LYS U 54 -2.30 53.89 13.60
N SER U 55 -3.20 54.88 13.63
CA SER U 55 -4.62 54.59 13.72
C SER U 55 -5.40 55.67 13.00
N MET U 56 -6.55 55.30 12.47
CA MET U 56 -7.44 56.21 11.76
C MET U 56 -8.80 56.20 12.44
N THR U 57 -9.31 57.39 12.75
CA THR U 57 -10.62 57.53 13.37
C THR U 57 -11.45 58.51 12.55
N VAL U 58 -12.68 58.12 12.23
CA VAL U 58 -13.59 58.93 11.44
C VAL U 58 -14.82 59.26 12.29
N PHE U 59 -15.45 60.39 11.97
CA PHE U 59 -16.62 60.84 12.70
C PHE U 59 -17.57 61.54 11.72
N ASP U 60 -18.69 60.91 11.43
CA ASP U 60 -19.73 61.51 10.60
C ASP U 60 -21.07 60.82 10.88
N PRO U 61 -21.83 61.30 11.87
CA PRO U 61 -23.12 60.67 12.19
C PRO U 61 -24.26 61.06 11.27
N GLU U 62 -23.99 61.72 10.14
CA GLU U 62 -25.05 62.17 9.23
C GLU U 62 -25.61 61.00 8.45
N PRO U 63 -26.91 61.00 8.17
CA PRO U 63 -27.50 59.92 7.38
C PRO U 63 -27.10 60.00 5.92
N VAL U 64 -26.98 58.83 5.29
CA VAL U 64 -26.56 58.76 3.90
C VAL U 64 -27.71 59.21 2.99
N GLN U 65 -27.43 60.20 2.15
CA GLN U 65 -28.37 60.65 1.12
C GLN U 65 -27.87 60.25 -0.26
N LEU U 66 -28.81 60.19 -1.21
CA LEU U 66 -28.45 59.80 -2.58
C LEU U 66 -27.49 60.79 -3.21
N ALA U 67 -27.62 62.08 -2.87
CA ALA U 67 -26.74 63.08 -3.45
C ALA U 67 -25.29 62.92 -3.01
N ASP U 68 -25.04 62.21 -1.90
CA ASP U 68 -23.68 62.01 -1.43
C ASP U 68 -22.90 61.05 -2.34
N LEU U 69 -23.59 60.22 -3.11
CA LEU U 69 -22.91 59.26 -3.99
C LEU U 69 -22.25 59.91 -5.20
N SER U 70 -22.26 61.24 -5.30
CA SER U 70 -21.64 61.90 -6.44
C SER U 70 -20.12 61.72 -6.43
N THR U 71 -19.51 61.83 -5.25
CA THR U 71 -18.06 61.75 -5.11
C THR U 71 -17.58 60.62 -4.19
N GLN U 72 -18.45 60.10 -3.32
CA GLN U 72 -18.07 59.02 -2.42
C GLN U 72 -18.13 57.69 -3.15
N PHE U 73 -16.99 57.02 -3.28
CA PHE U 73 -16.90 55.78 -4.02
C PHE U 73 -17.20 54.55 -3.17
N PHE U 74 -17.24 54.68 -1.85
CA PHE U 74 -17.52 53.58 -0.95
C PHE U 74 -18.99 53.52 -0.55
N LEU U 75 -19.84 54.31 -1.18
CA LEU U 75 -21.26 54.37 -0.87
C LEU U 75 -22.07 53.71 -1.98
N THR U 76 -23.10 52.96 -1.59
CA THR U 76 -24.02 52.32 -2.52
C THR U 76 -25.45 52.74 -2.17
N GLU U 77 -26.38 52.39 -3.07
CA GLU U 77 -27.78 52.73 -2.84
C GLU U 77 -28.36 52.00 -1.64
N LYS U 78 -27.80 50.84 -1.29
CA LYS U 78 -28.30 50.09 -0.14
C LYS U 78 -27.92 50.73 1.18
N ASP U 79 -26.89 51.57 1.21
CA ASP U 79 -26.44 52.21 2.44
C ASP U 79 -27.20 53.49 2.76
N ILE U 80 -28.20 53.84 1.96
CA ILE U 80 -28.93 55.08 2.19
C ILE U 80 -29.76 54.96 3.47
N GLY U 81 -29.61 55.93 4.36
CA GLY U 81 -30.34 55.92 5.62
C GLY U 81 -29.43 55.71 6.82
N GLN U 82 -28.40 54.88 6.67
CA GLN U 82 -27.47 54.59 7.74
C GLN U 82 -26.39 55.67 7.81
N LYS U 83 -25.62 55.63 8.90
CA LYS U 83 -24.59 56.64 9.13
C LYS U 83 -23.45 56.49 8.13
N ARG U 84 -22.91 57.64 7.70
CA ARG U 84 -21.83 57.62 6.72
C ARG U 84 -20.58 56.98 7.29
N GLY U 85 -20.28 57.23 8.57
CA GLY U 85 -19.05 56.72 9.15
C GLY U 85 -19.04 55.21 9.31
N ASP U 86 -20.19 54.63 9.68
CA ASP U 86 -20.23 53.19 9.94
C ASP U 86 -20.10 52.38 8.64
N VAL U 87 -20.80 52.81 7.58
CA VAL U 87 -20.75 52.04 6.34
C VAL U 87 -19.43 52.21 5.60
N THR U 88 -18.65 53.25 5.94
CA THR U 88 -17.36 53.48 5.32
C THR U 88 -16.22 52.84 6.11
N ARG U 89 -16.36 52.74 7.43
CA ARG U 89 -15.31 52.16 8.27
C ARG U 89 -14.99 50.74 7.85
N ALA U 90 -16.01 49.96 7.46
CA ALA U 90 -15.79 48.59 7.04
C ALA U 90 -14.94 48.52 5.78
N LYS U 91 -15.28 49.34 4.78
CA LYS U 91 -14.53 49.34 3.52
C LYS U 91 -13.20 50.07 3.62
N LEU U 92 -13.04 50.96 4.61
CA LEU U 92 -11.76 51.65 4.78
C LEU U 92 -10.71 50.73 5.41
N ALA U 93 -11.11 49.91 6.38
CA ALA U 93 -10.17 49.01 7.03
C ALA U 93 -9.64 47.95 6.07
N GLU U 94 -10.36 47.66 4.99
CA GLU U 94 -9.90 46.67 4.02
C GLU U 94 -8.71 47.16 3.20
N LEU U 95 -8.46 48.48 3.19
CA LEU U 95 -7.39 49.02 2.36
C LEU U 95 -6.02 48.72 2.94
N ASN U 96 -5.91 48.62 4.27
CA ASN U 96 -4.63 48.39 4.92
C ASN U 96 -4.89 47.64 6.21
N ALA U 97 -4.43 46.40 6.28
CA ALA U 97 -4.60 45.59 7.49
C ALA U 97 -3.74 46.09 8.66
N TYR U 98 -2.67 46.83 8.38
CA TYR U 98 -1.81 47.35 9.43
C TYR U 98 -2.37 48.59 10.11
N VAL U 99 -3.38 49.24 9.53
CA VAL U 99 -3.96 50.46 10.06
C VAL U 99 -5.37 50.13 10.54
N PRO U 100 -5.63 50.12 11.85
CA PRO U 100 -6.99 49.91 12.32
C PRO U 100 -7.84 51.17 12.17
N VAL U 101 -9.06 50.98 11.69
CA VAL U 101 -9.99 52.08 11.46
C VAL U 101 -11.12 51.95 12.47
N ASN U 102 -11.27 52.97 13.30
CA ASN U 102 -12.31 53.02 14.32
C ASN U 102 -13.28 54.14 14.02
N VAL U 103 -14.39 54.14 14.76
CA VAL U 103 -15.45 55.12 14.60
C VAL U 103 -15.59 55.87 15.92
N LEU U 104 -15.50 57.19 15.85
CA LEU U 104 -15.76 58.03 17.02
C LEU U 104 -17.27 58.15 17.21
N ASP U 105 -17.73 57.78 18.41
CA ASP U 105 -19.17 57.68 18.63
C ASP U 105 -19.80 59.04 18.82
N SER U 106 -19.22 59.88 19.68
CA SER U 106 -19.78 61.19 19.96
C SER U 106 -18.66 62.21 20.11
N LEU U 107 -18.77 63.32 19.40
CA LEU U 107 -17.82 64.43 19.52
C LEU U 107 -18.39 65.53 20.41
N ASP U 108 -19.06 65.14 21.49
CA ASP U 108 -19.62 66.10 22.43
C ASP U 108 -18.58 66.62 23.39
N ASP U 109 -17.59 65.80 23.73
CA ASP U 109 -16.52 66.20 24.63
C ASP U 109 -15.26 66.46 23.82
N VAL U 110 -14.77 67.70 23.87
CA VAL U 110 -13.61 68.09 23.09
C VAL U 110 -12.33 67.47 23.62
N THR U 111 -12.34 67.00 24.87
CA THR U 111 -11.14 66.36 25.42
C THR U 111 -10.79 65.06 24.70
N GLN U 112 -11.72 64.51 23.91
CA GLN U 112 -11.42 63.32 23.12
C GLN U 112 -10.44 63.62 21.99
N LEU U 113 -10.23 64.89 21.67
CA LEU U 113 -9.23 65.26 20.67
C LEU U 113 -7.82 65.00 21.17
N SER U 114 -7.63 64.81 22.47
CA SER U 114 -6.31 64.64 23.03
C SER U 114 -5.63 63.34 22.61
N GLN U 115 -6.41 62.33 22.24
CA GLN U 115 -5.83 61.06 21.81
C GLN U 115 -5.44 61.05 20.34
N PHE U 116 -5.51 62.19 19.67
CA PHE U 116 -5.12 62.29 18.26
C PHE U 116 -3.97 63.29 18.11
N GLN U 117 -3.25 63.14 17.00
CA GLN U 117 -2.16 64.05 16.65
C GLN U 117 -2.51 64.98 15.50
N VAL U 118 -3.32 64.54 14.55
CA VAL U 118 -3.77 65.35 13.43
C VAL U 118 -5.29 65.26 13.36
N VAL U 119 -5.94 66.41 13.37
CA VAL U 119 -7.40 66.51 13.29
C VAL U 119 -7.76 67.16 11.96
N VAL U 120 -8.61 66.49 11.18
CA VAL U 120 -9.01 66.96 9.86
C VAL U 120 -10.50 67.28 9.91
N ALA U 121 -10.84 68.52 9.58
CA ALA U 121 -12.23 68.99 9.54
C ALA U 121 -12.58 69.28 8.09
N THR U 122 -13.51 68.50 7.55
CA THR U 122 -13.92 68.62 6.16
C THR U 122 -15.09 69.59 6.04
N ASP U 123 -15.74 69.60 4.87
CA ASP U 123 -16.80 70.56 4.58
C ASP U 123 -18.02 70.38 5.49
N THR U 124 -18.14 69.22 6.14
CA THR U 124 -19.27 68.96 7.02
C THR U 124 -19.16 69.68 8.37
N VAL U 125 -18.10 70.43 8.59
CA VAL U 125 -17.89 71.18 9.81
C VAL U 125 -18.16 72.65 9.54
N SER U 126 -18.99 73.27 10.37
CA SER U 126 -19.29 74.68 10.22
C SER U 126 -18.07 75.53 10.55
N LEU U 127 -18.04 76.75 9.99
CA LEU U 127 -16.91 77.64 10.21
C LEU U 127 -16.79 78.03 11.68
N GLU U 128 -17.90 78.17 12.39
CA GLU U 128 -17.85 78.45 13.82
C GLU U 128 -17.25 77.26 14.58
N ASP U 129 -17.56 76.03 14.15
CA ASP U 129 -17.00 74.85 14.78
C ASP U 129 -15.54 74.64 14.40
N LYS U 130 -15.14 75.08 13.20
CA LYS U 130 -13.75 74.96 12.79
C LYS U 130 -12.84 75.81 13.67
N VAL U 131 -13.30 76.99 14.09
CA VAL U 131 -12.49 77.84 14.94
C VAL U 131 -12.44 77.29 16.36
N LYS U 132 -13.56 76.77 16.86
CA LYS U 132 -13.59 76.19 18.19
C LYS U 132 -12.68 74.98 18.28
N ILE U 133 -12.67 74.14 17.25
CA ILE U 133 -11.84 72.94 17.28
C ILE U 133 -10.36 73.30 17.09
N ASN U 134 -10.07 74.21 16.16
CA ASN U 134 -8.69 74.60 15.93
C ASN U 134 -8.08 75.28 17.15
N GLU U 135 -8.89 76.06 17.88
CA GLU U 135 -8.38 76.72 19.08
C GLU U 135 -7.95 75.71 20.14
N PHE U 136 -8.64 74.56 20.23
CA PHE U 136 -8.21 73.53 21.16
C PHE U 136 -6.98 72.77 20.64
N CYS U 137 -6.85 72.64 19.32
CA CYS U 137 -5.70 71.93 18.77
C CYS U 137 -4.43 72.77 18.86
N HIS U 138 -4.53 74.06 18.55
CA HIS U 138 -3.35 74.92 18.60
C HIS U 138 -2.83 75.06 20.02
N SER U 139 -3.74 75.12 21.00
CA SER U 139 -3.36 75.25 22.40
C SER U 139 -2.96 73.93 23.03
N SER U 140 -3.08 72.82 22.31
CA SER U 140 -2.70 71.50 22.82
C SER U 140 -1.61 70.84 21.99
N GLY U 141 -1.01 71.57 21.05
CA GLY U 141 0.02 71.00 20.21
C GLY U 141 -0.47 70.03 19.16
N ILE U 142 -1.77 69.98 18.92
CA ILE U 142 -2.34 69.08 17.92
C ILE U 142 -2.32 69.77 16.56
N ARG U 143 -1.97 69.01 15.52
CA ARG U 143 -1.94 69.53 14.17
C ARG U 143 -3.35 69.60 13.62
N PHE U 144 -3.74 70.76 13.11
CA PHE U 144 -5.09 70.97 12.59
C PHE U 144 -5.01 71.22 11.08
N ILE U 145 -5.88 70.54 10.34
CA ILE U 145 -5.98 70.71 8.89
C ILE U 145 -7.46 70.76 8.53
N SER U 146 -7.85 71.76 7.74
CA SER U 146 -9.23 71.92 7.29
C SER U 146 -9.27 71.98 5.76
N SER U 147 -10.43 71.65 5.20
CA SER U 147 -10.63 71.67 3.76
C SER U 147 -12.11 71.57 3.45
N GLU U 148 -12.53 72.21 2.35
CA GLU U 148 -13.89 72.12 1.87
C GLU U 148 -13.90 72.38 0.37
N THR U 149 -14.81 71.71 -0.33
CA THR U 149 -14.95 71.84 -1.78
C THR U 149 -16.39 72.23 -2.11
N ARG U 150 -16.54 73.30 -2.88
CA ARG U 150 -17.84 73.79 -3.32
C ARG U 150 -17.84 73.78 -4.85
N GLY U 151 -18.36 72.71 -5.44
CA GLY U 151 -18.41 72.62 -6.89
C GLY U 151 -17.02 72.59 -7.48
N LEU U 152 -16.75 73.52 -8.40
CA LEU U 152 -15.44 73.66 -9.00
C LEU U 152 -14.49 74.51 -8.17
N PHE U 153 -14.86 74.83 -6.94
CA PHE U 153 -14.01 75.59 -6.04
C PHE U 153 -13.54 74.71 -4.89
N GLY U 154 -12.65 75.26 -4.09
CA GLY U 154 -12.11 74.54 -2.94
C GLY U 154 -10.94 75.23 -2.28
N ASN U 155 -10.67 74.88 -1.02
CA ASN U 155 -9.55 75.45 -0.29
C ASN U 155 -9.09 74.44 0.75
N THR U 156 -8.00 74.79 1.44
CA THR U 156 -7.49 73.96 2.51
C THR U 156 -6.70 74.83 3.48
N PHE U 157 -6.75 74.48 4.76
CA PHE U 157 -6.12 75.23 5.83
C PHE U 157 -5.20 74.28 6.61
N VAL U 158 -4.01 74.77 6.96
CA VAL U 158 -3.01 73.96 7.65
C VAL U 158 -2.53 74.73 8.87
N ASP U 159 -2.69 74.13 10.05
CA ASP U 159 -2.21 74.70 11.31
C ASP U 159 -1.53 73.57 12.09
N LEU U 160 -0.19 73.59 12.10
CA LEU U 160 0.59 72.52 12.71
C LEU U 160 1.12 72.91 14.09
N GLY U 161 0.45 73.82 14.78
CA GLY U 161 0.87 74.23 16.10
C GLY U 161 1.88 75.37 16.07
N ASP U 162 2.19 75.87 17.26
CA ASP U 162 3.10 77.00 17.41
C ASP U 162 4.58 76.62 17.27
N GLU U 163 4.89 75.32 17.29
CA GLU U 163 6.27 74.86 17.17
C GLU U 163 6.31 73.70 16.19
N PHE U 164 6.84 73.93 14.99
CA PHE U 164 7.00 72.89 13.99
C PHE U 164 8.36 73.08 13.31
N THR U 165 9.15 72.02 13.28
CA THR U 165 10.49 72.05 12.71
C THR U 165 10.52 71.21 11.44
N VAL U 166 10.95 71.82 10.34
CA VAL U 166 11.06 71.13 9.06
C VAL U 166 12.47 70.54 9.00
N LEU U 167 12.57 69.23 9.24
CA LEU U 167 13.87 68.58 9.21
C LEU U 167 14.38 68.45 7.78
N ASP U 168 13.52 68.02 6.87
CA ASP U 168 13.86 67.92 5.45
C ASP U 168 12.96 68.86 4.67
N PRO U 169 13.49 69.84 3.96
CA PRO U 169 12.62 70.81 3.29
C PRO U 169 12.06 70.34 1.95
N THR U 170 12.80 69.51 1.23
CA THR U 170 12.42 69.12 -0.13
C THR U 170 12.28 67.62 -0.33
N GLY U 171 12.98 66.80 0.45
CA GLY U 171 12.97 65.38 0.21
C GLY U 171 13.81 64.93 -0.95
N GLU U 172 14.53 65.84 -1.61
CA GLU U 172 15.37 65.50 -2.74
C GLU U 172 16.65 64.81 -2.27
N GLU U 173 17.40 64.31 -3.23
CA GLU U 173 18.71 63.75 -2.91
C GLU U 173 19.71 64.88 -2.70
N PRO U 174 20.55 64.79 -1.67
CA PRO U 174 21.55 65.85 -1.44
C PRO U 174 22.49 65.97 -2.62
N ARG U 175 22.59 67.17 -3.17
CA ARG U 175 23.45 67.41 -4.32
C ARG U 175 24.91 67.27 -3.92
N THR U 176 25.68 66.57 -4.76
CA THR U 176 27.09 66.31 -4.47
C THR U 176 27.92 66.44 -5.73
N GLY U 177 29.23 66.63 -5.54
CA GLY U 177 30.16 66.74 -6.64
C GLY U 177 31.58 66.82 -6.10
N MET U 178 32.53 66.76 -7.03
CA MET U 178 33.94 66.78 -6.69
C MET U 178 34.52 68.17 -6.86
N VAL U 179 35.51 68.49 -6.02
CA VAL U 179 36.14 69.79 -5.96
C VAL U 179 37.52 69.69 -6.58
N SER U 180 37.92 70.72 -7.33
CA SER U 180 39.25 70.77 -7.93
C SER U 180 40.17 71.82 -7.30
N ASP U 181 39.62 72.89 -6.73
CA ASP U 181 40.44 73.92 -6.11
C ASP U 181 39.58 74.74 -5.16
N ILE U 182 40.13 75.05 -3.99
CA ILE U 182 39.50 75.91 -3.00
C ILE U 182 40.46 77.06 -2.70
N GLU U 183 40.15 78.24 -3.22
CA GLU U 183 41.01 79.39 -2.99
C GLU U 183 40.90 79.85 -1.54
N PRO U 184 41.92 80.57 -1.04
CA PRO U 184 41.89 81.00 0.37
C PRO U 184 40.70 81.88 0.72
N ASP U 185 40.11 82.58 -0.26
CA ASP U 185 38.93 83.40 0.02
C ASP U 185 37.65 82.57 0.09
N GLY U 186 37.69 81.30 -0.31
CA GLY U 186 36.54 80.43 -0.24
C GLY U 186 35.90 80.09 -1.56
N THR U 187 36.44 80.58 -2.68
CA THR U 187 35.86 80.29 -3.99
C THR U 187 36.12 78.84 -4.33
N VAL U 188 35.11 77.99 -4.11
CA VAL U 188 35.22 76.57 -4.38
C VAL U 188 34.90 76.34 -5.85
N THR U 189 35.91 75.99 -6.64
CA THR U 189 35.74 75.72 -8.05
C THR U 189 35.61 74.22 -8.26
N MET U 190 34.63 73.83 -9.09
CA MET U 190 34.31 72.44 -9.29
C MET U 190 35.28 71.80 -10.28
N LEU U 191 35.06 70.51 -10.56
CA LEU U 191 35.88 69.79 -11.51
C LEU U 191 35.42 70.14 -12.92
N ASP U 192 36.07 69.54 -13.92
CA ASP U 192 35.90 69.99 -15.30
C ASP U 192 34.51 69.58 -15.82
N ASP U 193 33.76 70.57 -16.29
CA ASP U 193 32.46 70.35 -16.92
C ASP U 193 31.44 69.74 -15.95
N ASN U 194 31.44 70.21 -14.70
CA ASN U 194 30.44 69.75 -13.74
C ASN U 194 29.79 70.96 -13.07
N ARG U 195 28.46 70.95 -13.03
CA ARG U 195 27.68 71.97 -12.32
C ARG U 195 27.38 71.50 -10.90
N HIS U 196 27.61 72.38 -9.92
CA HIS U 196 27.35 71.98 -8.54
C HIS U 196 25.87 71.76 -8.27
N GLY U 197 25.01 72.51 -8.94
CA GLY U 197 23.57 72.42 -8.73
C GLY U 197 23.07 73.11 -7.47
N LEU U 198 23.97 73.67 -6.66
CA LEU U 198 23.59 74.37 -5.44
C LEU U 198 23.02 75.75 -5.76
N GLU U 199 22.23 76.27 -4.82
CA GLU U 199 21.70 77.62 -4.89
C GLU U 199 22.08 78.37 -3.63
N ASP U 200 21.92 79.70 -3.68
CA ASP U 200 22.30 80.54 -2.55
C ASP U 200 21.48 80.19 -1.31
N GLY U 201 22.15 80.21 -0.15
CA GLY U 201 21.53 79.85 1.09
C GLY U 201 21.69 78.41 1.51
N ASN U 202 22.26 77.55 0.65
CA ASN U 202 22.47 76.16 0.99
C ASN U 202 23.66 76.01 1.95
N PHE U 203 23.81 74.80 2.47
CA PHE U 203 24.91 74.45 3.37
C PHE U 203 25.52 73.13 2.92
N VAL U 204 26.85 73.04 3.00
CA VAL U 204 27.57 71.87 2.51
C VAL U 204 28.67 71.50 3.51
N ARG U 205 28.89 70.20 3.66
CA ARG U 205 30.04 69.67 4.37
C ARG U 205 31.06 69.16 3.35
N PHE U 206 32.26 68.88 3.82
CA PHE U 206 33.35 68.52 2.93
C PHE U 206 34.03 67.24 3.40
N SER U 207 34.66 66.57 2.45
CA SER U 207 35.41 65.34 2.70
C SER U 207 36.51 65.21 1.68
N GLU U 208 37.63 64.62 2.11
CA GLU U 208 38.77 64.30 1.24
C GLU U 208 39.43 65.56 0.67
N VAL U 209 39.51 66.62 1.48
CA VAL U 209 40.23 67.82 1.11
C VAL U 209 41.60 67.74 1.77
N GLU U 210 42.65 67.58 0.96
CA GLU U 210 44.02 67.38 1.45
C GLU U 210 44.68 68.73 1.68
N GLY U 211 44.52 69.28 2.89
CA GLY U 211 45.21 70.50 3.26
C GLY U 211 44.41 71.38 4.18
N LEU U 212 43.10 71.14 4.24
CA LEU U 212 42.21 71.76 5.22
C LEU U 212 41.57 70.63 6.02
N ASP U 213 42.31 70.11 7.00
CA ASP U 213 41.85 68.92 7.72
C ASP U 213 40.63 69.22 8.58
N LYS U 214 40.58 70.41 9.19
CA LYS U 214 39.43 70.78 10.00
C LYS U 214 38.23 71.17 9.16
N LEU U 215 38.38 71.21 7.84
CA LEU U 215 37.25 71.45 6.95
C LEU U 215 36.45 70.18 6.68
N ASN U 216 37.04 69.02 6.95
CA ASN U 216 36.44 67.73 6.63
C ASN U 216 35.68 67.12 7.80
N ASP U 217 35.73 67.72 8.99
CA ASP U 217 35.12 67.12 10.17
C ASP U 217 33.60 67.15 10.12
N GLY U 218 32.99 67.84 9.16
CA GLY U 218 31.55 67.93 9.06
C GLY U 218 30.98 69.31 9.31
N THR U 219 31.82 70.31 9.53
CA THR U 219 31.34 71.68 9.72
C THR U 219 30.64 72.17 8.45
N LEU U 220 29.52 72.87 8.64
CA LEU U 220 28.74 73.37 7.52
C LEU U 220 29.17 74.77 7.14
N PHE U 221 29.04 75.09 5.86
CA PHE U 221 29.40 76.38 5.30
C PHE U 221 28.28 76.87 4.39
N LYS U 222 27.99 78.16 4.45
CA LYS U 222 26.93 78.73 3.63
C LYS U 222 27.42 78.93 2.20
N VAL U 223 26.57 78.55 1.25
CA VAL U 223 26.93 78.56 -0.17
C VAL U 223 26.50 79.89 -0.78
N GLU U 224 27.45 80.60 -1.38
CA GLU U 224 27.18 81.81 -2.15
C GLU U 224 27.56 81.50 -3.60
N VAL U 225 26.55 81.27 -4.42
CA VAL U 225 26.78 80.86 -5.81
C VAL U 225 27.34 82.02 -6.60
N LEU U 226 28.53 81.85 -7.17
CA LEU U 226 29.12 82.83 -8.07
C LEU U 226 28.76 82.56 -9.53
N GLY U 227 28.76 81.30 -9.92
CA GLY U 227 28.38 80.91 -11.25
C GLY U 227 27.97 79.45 -11.28
N PRO U 228 27.65 78.93 -12.47
CA PRO U 228 27.25 77.53 -12.58
C PRO U 228 28.36 76.53 -12.28
N PHE U 229 29.61 76.99 -12.09
CA PHE U 229 30.73 76.09 -11.86
C PHE U 229 31.52 76.43 -10.60
N ALA U 230 31.03 77.33 -9.75
CA ALA U 230 31.77 77.69 -8.55
C ALA U 230 30.84 78.36 -7.56
N PHE U 231 31.18 78.21 -6.27
CA PHE U 231 30.51 78.89 -5.18
C PHE U 231 31.53 79.27 -4.13
N ARG U 232 31.11 80.09 -3.17
CA ARG U 232 31.99 80.61 -2.13
C ARG U 232 31.42 80.27 -0.77
N ILE U 233 32.32 79.93 0.18
CA ILE U 233 31.96 79.49 1.51
C ILE U 233 32.59 80.36 2.60
N GLY U 234 33.29 81.42 2.20
CA GLY U 234 33.96 82.30 3.13
C GLY U 234 35.45 81.98 3.23
N SER U 235 36.18 82.89 3.87
CA SER U 235 37.63 82.77 3.96
C SER U 235 38.02 81.48 4.67
N VAL U 236 38.87 80.69 4.03
CA VAL U 236 39.34 79.44 4.59
C VAL U 236 40.83 79.53 4.95
N LYS U 237 41.33 80.74 5.18
CA LYS U 237 42.72 80.91 5.57
C LYS U 237 42.98 80.30 6.94
N GLU U 238 41.95 80.22 7.79
CA GLU U 238 42.13 79.67 9.12
C GLU U 238 42.47 78.19 9.09
N TYR U 239 42.00 77.47 8.07
CA TYR U 239 42.19 76.03 8.00
C TYR U 239 43.48 75.61 7.31
N GLY U 240 44.09 76.51 6.55
CA GLY U 240 45.32 76.21 5.87
C GLY U 240 45.29 76.61 4.40
N GLU U 241 45.82 75.75 3.54
CA GLU U 241 45.83 76.00 2.10
C GLU U 241 45.51 74.71 1.36
N TYR U 242 44.77 74.84 0.27
CA TYR U 242 44.31 73.71 -0.51
C TYR U 242 45.44 73.13 -1.37
N LYS U 243 45.49 71.81 -1.47
CA LYS U 243 46.45 71.12 -2.33
C LYS U 243 45.76 70.36 -3.46
N LYS U 244 44.86 69.43 -3.15
CA LYS U 244 44.16 68.65 -4.17
C LYS U 244 43.04 67.87 -3.49
N GLY U 245 42.19 67.25 -4.32
CA GLY U 245 41.08 66.46 -3.82
C GLY U 245 39.89 67.30 -3.41
N GLY U 246 38.86 66.62 -2.93
CA GLY U 246 37.69 67.30 -2.41
C GLY U 246 36.35 66.80 -2.91
N ILE U 247 35.42 66.54 -1.99
CA ILE U 247 34.07 66.13 -2.30
C ILE U 247 33.13 66.84 -1.33
N PHE U 248 32.20 67.63 -1.86
CA PHE U 248 31.25 68.35 -1.04
C PHE U 248 29.90 67.64 -1.05
N THR U 249 29.23 67.65 0.10
CA THR U 249 27.92 67.04 0.26
C THR U 249 26.97 68.06 0.87
N GLU U 250 25.83 68.26 0.22
CA GLU U 250 24.84 69.20 0.73
C GLU U 250 24.14 68.62 1.95
N VAL U 251 23.97 69.45 2.98
CA VAL U 251 23.30 69.06 4.21
C VAL U 251 22.07 69.95 4.39
N LYS U 252 20.93 69.34 4.73
CA LYS U 252 19.68 70.07 4.93
C LYS U 252 19.56 70.44 6.41
N VAL U 253 19.61 71.73 6.70
CA VAL U 253 19.51 72.22 8.07
C VAL U 253 18.04 72.37 8.45
N PRO U 254 17.69 72.23 9.73
CA PRO U 254 16.29 72.40 10.12
C PRO U 254 15.85 73.86 10.09
N ARG U 255 14.56 74.06 9.84
CA ARG U 255 13.96 75.40 9.78
C ARG U 255 12.72 75.38 10.67
N LYS U 256 12.83 75.95 11.86
CA LYS U 256 11.72 76.01 12.80
C LYS U 256 10.75 77.09 12.35
N ILE U 257 9.59 76.69 11.84
CA ILE U 257 8.56 77.61 11.38
C ILE U 257 7.44 77.66 12.40
N SER U 258 6.86 78.85 12.58
CA SER U 258 5.77 79.06 13.52
C SER U 258 4.47 79.30 12.77
N PHE U 259 3.39 78.73 13.28
CA PHE U 259 2.07 78.85 12.68
C PHE U 259 1.16 79.70 13.56
N LYS U 260 0.22 80.39 12.93
CA LYS U 260 -0.78 81.18 13.61
C LYS U 260 -2.10 80.42 13.67
N SER U 261 -2.93 80.79 14.64
CA SER U 261 -4.21 80.13 14.81
C SER U 261 -5.15 80.48 13.66
N LEU U 262 -6.27 79.75 13.59
CA LEU U 262 -7.25 80.01 12.54
C LEU U 262 -7.89 81.37 12.72
N LYS U 263 -8.12 81.78 13.98
CA LYS U 263 -8.70 83.11 14.23
C LYS U 263 -7.79 84.21 13.72
N GLN U 264 -6.48 84.08 13.94
CA GLN U 264 -5.54 85.08 13.45
C GLN U 264 -5.43 85.06 11.93
N GLN U 265 -5.59 83.88 11.32
CA GLN U 265 -5.44 83.76 9.87
C GLN U 265 -6.70 84.15 9.11
N LEU U 266 -7.88 84.10 9.75
CA LEU U 266 -9.08 84.55 9.06
C LEU U 266 -9.07 86.04 8.82
N SER U 267 -8.37 86.80 9.67
CA SER U 267 -8.27 88.25 9.52
C SER U 267 -7.05 88.67 8.71
N ASN U 268 -5.92 87.99 8.89
CA ASN U 268 -4.69 88.28 8.17
C ASN U 268 -4.15 86.97 7.60
N PRO U 269 -4.69 86.53 6.47
CA PRO U 269 -4.27 85.23 5.90
C PRO U 269 -2.95 85.31 5.17
N GLU U 270 -2.26 84.17 5.12
CA GLU U 270 -1.02 83.99 4.37
C GLU U 270 -1.30 83.00 3.25
N PHE U 271 -1.29 83.48 2.00
CA PHE U 271 -1.72 82.68 0.87
C PHE U 271 -0.54 81.96 0.21
N VAL U 272 -0.82 80.78 -0.31
CA VAL U 272 0.07 80.07 -1.23
C VAL U 272 -0.69 79.83 -2.52
N PHE U 273 -0.19 80.38 -3.62
CA PHE U 273 -0.96 80.44 -4.85
C PHE U 273 -0.87 79.12 -5.62
N SER U 274 -2.02 78.64 -6.09
CA SER U 274 -2.09 77.45 -6.92
C SER U 274 -1.93 77.76 -8.40
N ASP U 275 -2.08 79.03 -8.78
CA ASP U 275 -1.93 79.44 -10.18
C ASP U 275 -1.63 80.93 -10.17
N PHE U 276 -0.42 81.30 -10.58
CA PHE U 276 -0.01 82.70 -10.53
C PHE U 276 -0.77 83.57 -11.53
N ALA U 277 -1.44 82.96 -12.51
CA ALA U 277 -2.33 83.73 -13.38
C ALA U 277 -3.59 84.20 -12.66
N LYS U 278 -3.97 83.53 -11.57
CA LYS U 278 -5.13 83.89 -10.78
C LYS U 278 -4.76 84.28 -9.35
N PHE U 279 -3.59 84.91 -9.17
CA PHE U 279 -3.16 85.28 -7.83
C PHE U 279 -4.03 86.36 -7.21
N ASP U 280 -4.87 87.03 -8.00
CA ASP U 280 -5.82 87.98 -7.45
C ASP U 280 -7.05 87.29 -6.88
N ARG U 281 -7.41 86.13 -7.44
CA ARG U 281 -8.60 85.40 -6.99
C ARG U 281 -8.43 84.74 -5.63
N ALA U 282 -7.21 84.75 -5.08
CA ALA U 282 -6.98 84.10 -3.79
C ALA U 282 -7.78 84.78 -2.68
N ALA U 283 -7.59 86.09 -2.52
CA ALA U 283 -8.32 86.81 -1.49
C ALA U 283 -9.81 86.89 -1.82
N GLN U 284 -10.17 86.81 -3.10
CA GLN U 284 -11.58 86.86 -3.49
C GLN U 284 -12.32 85.62 -3.00
N LEU U 285 -11.76 84.44 -3.26
CA LEU U 285 -12.40 83.21 -2.81
C LEU U 285 -12.30 83.03 -1.30
N HIS U 286 -11.38 83.74 -0.65
CA HIS U 286 -11.28 83.68 0.81
C HIS U 286 -12.53 84.23 1.47
N LEU U 287 -13.02 85.38 0.98
CA LEU U 287 -14.25 85.94 1.51
C LEU U 287 -15.48 85.17 1.02
N GLY U 288 -15.39 84.55 -0.16
CA GLY U 288 -16.52 83.79 -0.66
C GLY U 288 -16.83 82.57 0.19
N PHE U 289 -15.79 81.85 0.63
CA PHE U 289 -16.00 80.69 1.48
C PHE U 289 -16.45 81.08 2.88
N GLN U 290 -15.99 82.24 3.38
CA GLN U 290 -16.49 82.74 4.66
C GLN U 290 -17.96 83.13 4.56
N ALA U 291 -18.35 83.77 3.46
CA ALA U 291 -19.74 84.16 3.28
C ALA U 291 -20.65 82.96 3.08
N LEU U 292 -20.11 81.86 2.53
CA LEU U 292 -20.92 80.65 2.37
C LEU U 292 -21.37 80.10 3.71
N HIS U 293 -20.57 80.31 4.77
CA HIS U 293 -20.96 79.87 6.10
C HIS U 293 -21.87 80.90 6.77
N GLN U 294 -21.60 82.20 6.55
CA GLN U 294 -22.51 83.23 7.04
C GLN U 294 -23.89 83.09 6.41
N PHE U 295 -23.95 82.72 5.13
CA PHE U 295 -25.22 82.47 4.48
C PHE U 295 -25.94 81.29 5.12
N ALA U 296 -25.19 80.26 5.52
CA ALA U 296 -25.80 79.10 6.16
C ALA U 296 -26.37 79.45 7.53
N VAL U 297 -25.73 80.37 8.25
CA VAL U 297 -26.24 80.77 9.56
C VAL U 297 -27.56 81.50 9.42
N ARG U 298 -27.64 82.44 8.48
CA ARG U 298 -28.87 83.21 8.27
C ARG U 298 -29.96 82.40 7.59
N HIS U 299 -29.66 81.18 7.10
CA HIS U 299 -30.64 80.40 6.35
C HIS U 299 -30.75 78.98 6.90
N ASN U 300 -30.45 78.79 8.18
CA ASN U 300 -30.61 77.51 8.88
C ASN U 300 -29.80 76.40 8.21
N GLY U 301 -28.50 76.64 8.08
CA GLY U 301 -27.61 75.64 7.53
C GLY U 301 -27.81 75.33 6.07
N GLU U 302 -28.51 76.19 5.33
CA GLU U 302 -28.74 75.98 3.91
C GLU U 302 -27.66 76.65 3.08
N LEU U 303 -27.28 76.00 1.99
CA LEU U 303 -26.33 76.55 1.04
C LEU U 303 -27.07 77.32 -0.04
N PRO U 304 -26.40 78.29 -0.69
CA PRO U 304 -27.04 79.02 -1.78
C PRO U 304 -27.59 78.08 -2.84
N ARG U 305 -28.83 78.32 -3.24
CA ARG U 305 -29.52 77.44 -4.17
C ARG U 305 -28.79 77.42 -5.51
N THR U 306 -28.90 76.28 -6.20
CA THR U 306 -28.17 76.08 -7.44
C THR U 306 -28.64 77.03 -8.52
N MET U 307 -27.70 77.77 -9.10
CA MET U 307 -27.96 78.72 -10.19
C MET U 307 -28.96 79.81 -9.80
N ASN U 308 -29.12 80.07 -8.51
CA ASN U 308 -30.09 81.04 -8.02
C ASN U 308 -29.45 82.42 -7.93
N ASP U 309 -30.15 83.44 -8.44
CA ASP U 309 -29.62 84.79 -8.45
C ASP U 309 -29.91 85.55 -7.15
N GLU U 310 -31.04 85.26 -6.49
CA GLU U 310 -31.33 85.94 -5.23
C GLU U 310 -30.32 85.56 -4.15
N ASP U 311 -29.96 84.29 -4.08
CA ASP U 311 -28.93 83.87 -3.13
C ASP U 311 -27.56 84.35 -3.59
N ALA U 312 -27.32 84.40 -4.90
CA ALA U 312 -26.06 84.92 -5.40
C ALA U 312 -25.92 86.41 -5.09
N ASN U 313 -27.03 87.15 -5.16
CA ASN U 313 -26.97 88.57 -4.84
C ASN U 313 -26.80 88.80 -3.34
N GLU U 314 -27.38 87.93 -2.51
CA GLU U 314 -27.19 88.05 -1.07
C GLU U 314 -25.75 87.71 -0.68
N LEU U 315 -25.15 86.73 -1.36
CA LEU U 315 -23.78 86.35 -1.04
C LEU U 315 -22.80 87.49 -1.33
N ILE U 316 -23.04 88.23 -2.42
CA ILE U 316 -22.19 89.38 -2.73
C ILE U 316 -22.29 90.42 -1.63
N LYS U 317 -23.48 90.56 -1.03
CA LYS U 317 -23.64 91.47 0.09
C LYS U 317 -22.86 90.97 1.31
N LEU U 318 -22.91 89.66 1.58
CA LEU U 318 -22.16 89.12 2.70
C LEU U 318 -20.65 89.24 2.48
N VAL U 319 -20.20 89.07 1.24
CA VAL U 319 -18.79 89.28 0.94
C VAL U 319 -18.40 90.74 1.13
N THR U 320 -19.28 91.65 0.70
CA THR U 320 -19.00 93.08 0.88
C THR U 320 -19.02 93.46 2.36
N ASP U 321 -19.95 92.88 3.12
CA ASP U 321 -19.99 93.15 4.55
C ASP U 321 -18.76 92.61 5.27
N LEU U 322 -18.21 91.50 4.79
CA LEU U 322 -16.99 90.95 5.39
C LEU U 322 -15.76 91.78 5.03
N SER U 323 -15.77 92.43 3.87
CA SER U 323 -14.64 93.27 3.48
C SER U 323 -14.45 94.44 4.43
N VAL U 324 -15.54 94.94 5.01
CA VAL U 324 -15.42 96.02 5.99
C VAL U 324 -14.88 95.49 7.31
N GLN U 325 -15.21 94.24 7.66
CA GLN U 325 -14.71 93.67 8.91
C GLN U 325 -13.22 93.36 8.82
N GLN U 326 -12.76 92.80 7.70
CA GLN U 326 -11.37 92.41 7.49
C GLN U 326 -10.82 93.17 6.28
N PRO U 327 -10.38 94.42 6.47
CA PRO U 327 -9.87 95.20 5.34
C PRO U 327 -8.49 94.75 4.87
N GLU U 328 -7.82 93.87 5.60
CA GLU U 328 -6.49 93.41 5.22
C GLU U 328 -6.52 92.28 4.20
N VAL U 329 -7.65 91.58 4.06
CA VAL U 329 -7.73 90.45 3.15
C VAL U 329 -7.58 90.90 1.71
N LEU U 330 -8.48 91.77 1.25
CA LEU U 330 -8.42 92.24 -0.14
C LEU U 330 -7.39 93.35 -0.31
N GLY U 331 -7.29 94.26 0.65
CA GLY U 331 -6.46 95.43 0.50
C GLY U 331 -7.22 96.62 -0.07
N GLU U 332 -6.57 97.78 0.01
CA GLU U 332 -7.20 99.01 -0.46
C GLU U 332 -7.20 99.07 -1.98
N GLY U 333 -8.34 99.46 -2.55
CA GLY U 333 -8.47 99.64 -3.97
C GLY U 333 -8.85 98.42 -4.77
N VAL U 334 -9.26 97.33 -4.11
CA VAL U 334 -9.64 96.09 -4.78
C VAL U 334 -11.15 95.92 -4.68
N ASP U 335 -11.80 95.73 -5.83
CA ASP U 335 -13.25 95.59 -5.86
C ASP U 335 -13.66 94.18 -5.45
N VAL U 336 -14.97 93.93 -5.44
CA VAL U 336 -15.46 92.65 -4.94
C VAL U 336 -15.43 91.57 -6.02
N ASN U 337 -15.46 91.96 -7.30
CA ASN U 337 -15.52 91.03 -8.42
C ASN U 337 -16.73 90.10 -8.29
N GLU U 338 -17.90 90.74 -8.39
CA GLU U 338 -19.17 90.03 -8.15
C GLU U 338 -19.35 88.82 -9.06
N ASP U 339 -18.73 88.83 -10.26
CA ASP U 339 -18.88 87.71 -11.17
C ASP U 339 -18.26 86.44 -10.62
N LEU U 340 -17.14 86.57 -9.90
CA LEU U 340 -16.51 85.39 -9.31
C LEU U 340 -17.36 84.81 -8.18
N ILE U 341 -17.84 85.67 -7.28
CA ILE U 341 -18.68 85.23 -6.18
C ILE U 341 -19.98 84.65 -6.69
N LYS U 342 -20.47 85.16 -7.82
CA LYS U 342 -21.73 84.67 -8.39
C LYS U 342 -21.59 83.22 -8.82
N GLU U 343 -20.44 82.84 -9.39
CA GLU U 343 -20.25 81.46 -9.79
C GLU U 343 -20.09 80.54 -8.59
N LEU U 344 -19.50 81.03 -7.50
CA LEU U 344 -19.38 80.22 -6.29
C LEU U 344 -20.75 79.92 -5.70
N SER U 345 -21.65 80.91 -5.70
CA SER U 345 -23.00 80.67 -5.21
C SER U 345 -23.77 79.72 -6.10
N TYR U 346 -23.51 79.76 -7.42
CA TYR U 346 -24.19 78.87 -8.34
C TYR U 346 -23.81 77.41 -8.12
N GLN U 347 -22.57 77.16 -7.68
CA GLN U 347 -22.06 75.82 -7.47
C GLN U 347 -21.84 75.50 -5.99
N ALA U 348 -22.54 76.21 -5.10
CA ALA U 348 -22.34 76.00 -3.67
C ALA U 348 -22.75 74.60 -3.25
N ARG U 349 -23.64 73.96 -3.99
CA ARG U 349 -24.09 72.61 -3.70
C ARG U 349 -23.41 71.58 -4.57
N GLY U 350 -22.42 72.00 -5.37
CA GLY U 350 -21.76 71.07 -6.27
C GLY U 350 -20.70 70.24 -5.57
N ASP U 351 -20.54 69.01 -6.06
CA ASP U 351 -19.53 68.07 -5.57
C ASP U 351 -18.85 67.47 -6.80
N ILE U 352 -17.76 68.10 -7.24
CA ILE U 352 -17.09 67.71 -8.47
C ILE U 352 -15.98 66.71 -8.13
N PRO U 353 -15.96 65.53 -8.76
CA PRO U 353 -14.90 64.56 -8.45
C PRO U 353 -13.50 65.08 -8.75
N GLY U 354 -13.35 65.86 -9.83
CA GLY U 354 -12.04 66.38 -10.16
C GLY U 354 -11.46 67.29 -9.11
N VAL U 355 -12.31 68.09 -8.47
CA VAL U 355 -11.84 69.00 -7.43
C VAL U 355 -11.61 68.26 -6.12
N VAL U 356 -12.46 67.30 -5.79
CA VAL U 356 -12.27 66.52 -4.57
C VAL U 356 -11.01 65.68 -4.65
N ALA U 357 -10.82 64.98 -5.78
CA ALA U 357 -9.61 64.18 -5.95
C ALA U 357 -8.36 65.05 -5.93
N PHE U 358 -8.46 66.28 -6.42
CA PHE U 358 -7.33 67.20 -6.34
C PHE U 358 -7.03 67.54 -4.89
N PHE U 359 -8.02 68.07 -4.16
CA PHE U 359 -7.84 68.42 -2.77
C PHE U 359 -7.70 67.20 -1.87
N GLY U 360 -8.22 66.04 -2.30
CA GLY U 360 -8.05 64.84 -1.51
C GLY U 360 -6.59 64.42 -1.41
N GLY U 361 -5.88 64.44 -2.54
CA GLY U 361 -4.47 64.14 -2.52
C GLY U 361 -3.64 65.24 -1.90
N LEU U 362 -4.04 66.49 -2.10
CA LEU U 362 -3.31 67.62 -1.53
C LEU U 362 -3.38 67.60 -0.01
N VAL U 363 -4.57 67.47 0.56
CA VAL U 363 -4.72 67.48 2.00
C VAL U 363 -4.09 66.24 2.62
N ALA U 364 -4.20 65.09 1.94
CA ALA U 364 -3.60 63.86 2.47
C ALA U 364 -2.09 63.99 2.60
N GLN U 365 -1.45 64.59 1.61
CA GLN U 365 -0.01 64.82 1.72
C GLN U 365 0.30 65.76 2.88
N GLU U 366 -0.56 66.74 3.12
CA GLU U 366 -0.38 67.64 4.26
C GLU U 366 -0.58 66.91 5.59
N VAL U 367 -1.43 65.89 5.62
CA VAL U 367 -1.57 65.09 6.82
C VAL U 367 -0.31 64.28 7.09
N LEU U 368 0.32 63.75 6.03
CA LEU U 368 1.51 62.93 6.22
C LEU U 368 2.71 63.77 6.67
N LYS U 369 2.90 64.94 6.07
CA LYS U 369 3.97 65.82 6.52
C LYS U 369 3.70 66.37 7.92
N ALA U 370 2.43 66.43 8.33
CA ALA U 370 2.11 66.95 9.65
C ALA U 370 2.56 66.01 10.76
N CYS U 371 2.49 64.70 10.52
CA CYS U 371 2.91 63.74 11.53
C CYS U 371 4.41 63.44 11.48
N SER U 372 5.00 63.44 10.28
CA SER U 372 6.40 63.08 10.11
C SER U 372 7.32 64.28 9.96
N GLY U 373 6.83 65.39 9.41
CA GLY U 373 7.70 66.52 9.13
C GLY U 373 8.67 66.29 7.99
N LYS U 374 8.32 65.41 7.05
CA LYS U 374 9.26 65.02 6.01
C LYS U 374 9.41 66.10 4.95
N PHE U 375 8.32 66.78 4.61
CA PHE U 375 8.37 67.81 3.58
C PHE U 375 8.01 69.16 4.18
N THR U 376 8.12 70.21 3.37
CA THR U 376 7.74 71.55 3.79
C THR U 376 6.22 71.68 3.73
N PRO U 377 5.56 72.00 4.84
CA PRO U 377 4.09 72.05 4.82
C PRO U 377 3.57 73.28 4.10
N LEU U 378 2.27 73.22 3.80
CA LEU U 378 1.59 74.35 3.20
C LEU U 378 1.50 75.49 4.21
N LYS U 379 1.77 76.71 3.74
CA LYS U 379 1.86 77.85 4.65
C LYS U 379 0.48 78.52 4.77
N GLN U 380 -0.38 77.86 5.52
CA GLN U 380 -1.60 78.36 6.16
C GLN U 380 -2.80 78.54 5.22
N PHE U 381 -2.64 78.48 3.90
CA PHE U 381 -3.78 78.73 3.00
C PHE U 381 -3.39 78.43 1.57
N MET U 382 -4.38 78.00 0.79
CA MET U 382 -4.26 77.92 -0.66
C MET U 382 -5.67 77.79 -1.23
N TYR U 383 -5.94 78.53 -2.30
CA TYR U 383 -7.22 78.48 -2.97
C TYR U 383 -7.06 78.08 -4.43
N PHE U 384 -8.08 77.42 -4.96
CA PHE U 384 -8.02 76.86 -6.31
C PHE U 384 -9.43 76.84 -6.91
N ASP U 385 -9.51 77.11 -8.21
CA ASP U 385 -10.77 77.03 -8.95
C ASP U 385 -10.49 76.49 -10.34
N SER U 386 -11.50 75.84 -10.92
CA SER U 386 -11.40 75.25 -12.25
C SER U 386 -12.57 75.70 -13.11
N LEU U 387 -12.85 77.01 -13.09
CA LEU U 387 -13.99 77.54 -13.83
C LEU U 387 -13.87 77.33 -15.33
N GLU U 388 -12.65 77.10 -15.83
CA GLU U 388 -12.45 76.83 -17.25
C GLU U 388 -13.06 75.50 -17.70
N SER U 389 -13.44 74.64 -16.75
CA SER U 389 -14.09 73.38 -17.08
C SER U 389 -15.57 73.56 -17.42
N LEU U 390 -16.14 74.72 -17.15
CA LEU U 390 -17.54 74.96 -17.45
C LEU U 390 -17.75 74.96 -18.97
N PRO U 391 -18.75 74.24 -19.46
CA PRO U 391 -19.00 74.21 -20.91
C PRO U 391 -19.54 75.55 -21.40
N ASP U 392 -19.55 75.69 -22.72
CA ASP U 392 -20.07 76.90 -23.35
C ASP U 392 -21.57 76.98 -23.11
N PRO U 393 -22.08 78.06 -22.53
CA PRO U 393 -23.54 78.19 -22.31
C PRO U 393 -24.37 78.16 -23.59
N LYS U 394 -23.74 78.34 -24.76
CA LYS U 394 -24.49 78.28 -26.02
C LYS U 394 -24.91 76.86 -26.35
N ASN U 395 -24.14 75.86 -25.93
CA ASN U 395 -24.44 74.46 -26.16
C ASN U 395 -25.16 73.81 -24.98
N PHE U 396 -24.72 74.09 -23.76
CA PHE U 396 -25.30 73.53 -22.55
C PHE U 396 -25.57 74.70 -21.61
N PRO U 397 -26.73 75.36 -21.75
CA PRO U 397 -26.99 76.54 -20.93
C PRO U 397 -27.21 76.16 -19.47
N ARG U 398 -26.75 77.04 -18.58
CA ARG U 398 -26.85 76.82 -17.14
C ARG U 398 -27.83 77.81 -16.55
N ASN U 399 -28.88 77.29 -15.92
CA ASN U 399 -29.88 78.10 -15.24
C ASN U 399 -30.52 77.25 -14.15
N GLU U 400 -31.59 77.77 -13.54
CA GLU U 400 -32.25 77.06 -12.45
C GLU U 400 -33.08 75.88 -12.96
N LYS U 401 -33.27 75.74 -14.26
CA LYS U 401 -34.06 74.65 -14.82
C LYS U 401 -33.20 73.48 -15.29
N THR U 402 -32.03 73.75 -15.89
CA THR U 402 -31.17 72.68 -16.39
C THR U 402 -30.38 72.00 -15.27
N THR U 403 -30.02 72.73 -14.22
CA THR U 403 -29.16 72.22 -13.16
C THR U 403 -29.94 71.70 -11.95
N GLN U 404 -31.25 71.55 -12.06
CA GLN U 404 -32.04 71.05 -10.95
C GLN U 404 -31.81 69.54 -10.79
N PRO U 405 -31.94 69.02 -9.57
CA PRO U 405 -31.70 67.59 -9.36
C PRO U 405 -32.73 66.71 -10.07
N VAL U 406 -32.31 65.48 -10.37
CA VAL U 406 -33.15 64.50 -11.05
C VAL U 406 -33.29 63.21 -10.23
N ASN U 407 -33.04 63.30 -8.92
CA ASN U 407 -33.12 62.17 -8.00
C ASN U 407 -32.19 61.03 -8.43
N SER U 408 -30.93 61.38 -8.65
CA SER U 408 -29.90 60.42 -9.02
C SER U 408 -28.63 60.73 -8.25
N ARG U 409 -27.64 59.84 -8.37
CA ARG U 409 -26.37 60.06 -7.69
C ARG U 409 -25.58 61.23 -8.26
N TYR U 410 -25.92 61.68 -9.47
CA TYR U 410 -25.20 62.77 -10.12
C TYR U 410 -25.84 64.14 -9.88
N ASP U 411 -26.74 64.25 -8.89
CA ASP U 411 -27.44 65.51 -8.66
C ASP U 411 -26.46 66.63 -8.33
N ASN U 412 -25.43 66.34 -7.54
CA ASN U 412 -24.45 67.35 -7.17
C ASN U 412 -23.50 67.69 -8.31
N GLN U 413 -23.43 66.85 -9.34
CA GLN U 413 -22.65 67.17 -10.53
C GLN U 413 -23.45 67.95 -11.56
N ILE U 414 -24.75 67.62 -11.70
CA ILE U 414 -25.62 68.36 -12.60
C ILE U 414 -25.77 69.81 -12.14
N ALA U 415 -25.65 70.05 -10.84
CA ALA U 415 -25.80 71.41 -10.31
C ALA U 415 -24.76 72.38 -10.86
N VAL U 416 -23.69 71.88 -11.46
CA VAL U 416 -22.66 72.72 -12.03
C VAL U 416 -22.72 72.76 -13.55
N PHE U 417 -22.90 71.60 -14.19
CA PHE U 417 -22.80 71.50 -15.65
C PHE U 417 -24.15 71.40 -16.35
N GLY U 418 -25.20 70.95 -15.67
CA GLY U 418 -26.48 70.78 -16.30
C GLY U 418 -26.72 69.34 -16.73
N LEU U 419 -28.01 69.01 -16.92
CA LEU U 419 -28.38 67.64 -17.23
C LEU U 419 -27.89 67.22 -18.61
N ASP U 420 -27.95 68.14 -19.59
CA ASP U 420 -27.55 67.79 -20.94
C ASP U 420 -26.05 67.55 -21.07
N PHE U 421 -25.24 68.21 -20.25
CA PHE U 421 -23.80 67.99 -20.31
C PHE U 421 -23.43 66.64 -19.73
N GLN U 422 -24.11 66.22 -18.65
CA GLN U 422 -23.87 64.90 -18.09
C GLN U 422 -24.29 63.79 -19.05
N LYS U 423 -25.26 64.06 -19.91
CA LYS U 423 -25.68 63.07 -20.90
C LYS U 423 -24.55 62.78 -21.89
N LYS U 424 -23.80 63.80 -22.30
CA LYS U 424 -22.71 63.59 -23.24
C LYS U 424 -21.55 62.86 -22.57
N ILE U 425 -21.30 63.14 -21.29
CA ILE U 425 -20.25 62.43 -20.56
C ILE U 425 -20.57 60.95 -20.49
N ALA U 426 -21.84 60.61 -20.20
CA ALA U 426 -22.25 59.22 -20.14
C ALA U 426 -22.23 58.55 -21.52
N ASN U 427 -22.24 59.33 -22.59
CA ASN U 427 -22.25 58.81 -23.95
C ASN U 427 -20.87 58.82 -24.59
N SER U 428 -19.82 59.04 -23.80
CA SER U 428 -18.47 59.11 -24.33
C SER U 428 -17.87 57.73 -24.49
N LYS U 429 -17.10 57.54 -25.56
CA LYS U 429 -16.42 56.28 -25.86
C LYS U 429 -14.93 56.54 -25.70
N VAL U 430 -14.34 56.05 -24.61
CA VAL U 430 -12.97 56.38 -24.24
C VAL U 430 -12.13 55.12 -24.21
N PHE U 431 -10.81 55.33 -24.21
CA PHE U 431 -9.83 54.25 -24.21
C PHE U 431 -8.77 54.56 -23.17
N LEU U 432 -8.69 53.72 -22.14
CA LEU U 432 -7.71 53.88 -21.07
C LEU U 432 -6.59 52.86 -21.27
N VAL U 433 -5.39 53.36 -21.54
CA VAL U 433 -4.22 52.52 -21.80
C VAL U 433 -3.45 52.39 -20.49
N GLY U 434 -3.53 51.22 -19.87
CA GLY U 434 -2.85 50.98 -18.61
C GLY U 434 -3.81 50.98 -17.45
N SER U 435 -3.59 50.07 -16.51
CA SER U 435 -4.42 49.93 -15.31
C SER U 435 -3.54 49.93 -14.07
N GLY U 436 -2.48 50.71 -14.08
CA GLY U 436 -1.56 50.78 -12.97
C GLY U 436 -2.04 51.69 -11.86
N ALA U 437 -1.13 52.48 -11.29
CA ALA U 437 -1.50 53.40 -10.23
C ALA U 437 -2.45 54.48 -10.74
N ILE U 438 -2.11 55.08 -11.89
CA ILE U 438 -2.96 56.11 -12.48
C ILE U 438 -4.25 55.50 -13.02
N GLY U 439 -4.16 54.31 -13.62
CA GLY U 439 -5.35 53.69 -14.20
C GLY U 439 -6.43 53.37 -13.17
N CYS U 440 -6.02 52.96 -11.97
CA CYS U 440 -7.01 52.68 -10.94
C CYS U 440 -7.72 53.94 -10.46
N GLU U 441 -6.97 55.03 -10.28
CA GLU U 441 -7.60 56.29 -9.90
C GLU U 441 -8.43 56.87 -11.03
N MET U 442 -8.04 56.62 -12.28
CA MET U 442 -8.80 57.15 -13.40
C MET U 442 -10.17 56.48 -13.51
N LEU U 443 -10.21 55.16 -13.40
CA LEU U 443 -11.48 54.44 -13.47
C LEU U 443 -12.39 54.81 -12.30
N LYS U 444 -11.81 55.14 -11.14
CA LYS U 444 -12.61 55.55 -10.00
C LYS U 444 -13.32 56.87 -10.28
N ASN U 445 -12.61 57.85 -10.85
CA ASN U 445 -13.22 59.12 -11.19
C ASN U 445 -14.24 58.96 -12.31
N TRP U 446 -13.94 58.12 -13.30
CA TRP U 446 -14.88 57.87 -14.38
C TRP U 446 -16.15 57.19 -13.87
N ALA U 447 -16.05 56.41 -12.79
CA ALA U 447 -17.24 55.79 -12.22
C ALA U 447 -18.13 56.83 -11.53
N LEU U 448 -17.51 57.83 -10.89
CA LEU U 448 -18.29 58.89 -10.25
C LEU U 448 -18.98 59.76 -11.28
N LEU U 449 -18.34 60.01 -12.42
CA LEU U 449 -18.93 60.80 -13.49
C LEU U 449 -20.03 60.07 -14.24
N GLY U 450 -20.15 58.75 -14.07
CA GLY U 450 -21.06 58.01 -14.92
C GLY U 450 -20.61 57.92 -16.36
N LEU U 451 -19.32 58.15 -16.62
CA LEU U 451 -18.80 58.13 -17.98
C LEU U 451 -18.94 56.74 -18.59
N GLY U 452 -19.49 56.67 -19.80
CA GLY U 452 -19.69 55.42 -20.48
C GLY U 452 -20.94 54.66 -20.09
N SER U 453 -21.75 55.18 -19.17
CA SER U 453 -22.96 54.49 -18.75
C SER U 453 -24.13 54.69 -19.71
N GLY U 454 -24.03 55.62 -20.64
CA GLY U 454 -25.10 55.83 -21.59
C GLY U 454 -25.19 54.72 -22.62
N SER U 455 -26.32 54.67 -23.31
CA SER U 455 -26.57 53.64 -24.31
C SER U 455 -25.68 53.77 -25.53
N ASP U 456 -24.95 54.87 -25.69
CA ASP U 456 -24.09 55.07 -26.85
C ASP U 456 -22.60 55.09 -26.52
N GLY U 457 -22.23 55.12 -25.23
CA GLY U 457 -20.85 55.15 -24.83
C GLY U 457 -20.40 53.86 -24.17
N TYR U 458 -19.08 53.77 -23.97
CA TYR U 458 -18.45 52.63 -23.33
C TYR U 458 -17.05 53.03 -22.90
N ILE U 459 -16.41 52.14 -22.14
CA ILE U 459 -15.03 52.35 -21.68
C ILE U 459 -14.23 51.09 -22.01
N VAL U 460 -13.08 51.29 -22.64
CA VAL U 460 -12.16 50.19 -22.95
C VAL U 460 -10.86 50.44 -22.18
N VAL U 461 -10.51 49.50 -21.31
CA VAL U 461 -9.28 49.58 -20.52
C VAL U 461 -8.52 48.28 -20.73
N THR U 462 -7.20 48.37 -20.92
CA THR U 462 -6.38 47.21 -21.18
C THR U 462 -5.08 47.29 -20.40
N ASP U 463 -4.65 46.15 -19.87
CA ASP U 463 -3.37 46.06 -19.15
C ASP U 463 -2.99 44.59 -19.07
N ASN U 464 -1.81 44.25 -19.58
CA ASN U 464 -1.35 42.87 -19.65
C ASN U 464 -0.62 42.41 -18.40
N ASP U 465 -0.68 43.19 -17.32
CA ASP U 465 0.05 42.88 -16.11
C ASP U 465 -0.85 42.21 -15.07
N SER U 466 -0.20 41.54 -14.11
CA SER U 466 -0.88 40.90 -13.00
C SER U 466 -0.65 41.70 -11.72
N ILE U 467 -1.39 41.35 -10.68
CA ILE U 467 -1.33 42.06 -9.41
C ILE U 467 -0.18 41.51 -8.57
N GLU U 468 0.56 42.41 -7.95
CA GLU U 468 1.68 42.06 -7.08
C GLU U 468 1.47 42.69 -5.70
N LYS U 469 2.19 42.14 -4.71
CA LYS U 469 2.00 42.60 -3.33
C LYS U 469 2.47 44.04 -3.13
N SER U 470 3.46 44.50 -3.92
CA SER U 470 3.96 45.85 -3.77
C SER U 470 3.01 46.90 -4.34
N ASN U 471 2.17 46.53 -5.31
CA ASN U 471 1.23 47.47 -5.90
C ASN U 471 0.00 47.72 -5.04
N LEU U 472 -0.17 46.95 -3.96
CA LEU U 472 -1.33 47.11 -3.09
C LEU U 472 -1.32 48.43 -2.33
N ASN U 473 -0.17 49.10 -2.25
CA ASN U 473 -0.08 50.34 -1.49
C ASN U 473 -0.64 51.53 -2.27
N ARG U 474 -0.32 51.65 -3.55
CA ARG U 474 -0.73 52.79 -4.36
C ARG U 474 -1.96 52.50 -5.23
N GLN U 475 -2.37 51.24 -5.34
CA GLN U 475 -3.54 50.86 -6.14
C GLN U 475 -4.58 50.25 -5.20
N PHE U 476 -5.65 51.02 -4.92
CA PHE U 476 -6.63 50.65 -3.91
C PHE U 476 -7.75 49.77 -4.44
N LEU U 477 -7.86 49.59 -5.76
CA LEU U 477 -8.89 48.72 -6.30
C LEU U 477 -8.57 47.24 -6.13
N PHE U 478 -7.33 46.91 -5.83
CA PHE U 478 -6.90 45.53 -5.66
C PHE U 478 -6.75 45.18 -4.20
N ARG U 479 -7.03 43.92 -3.87
CA ARG U 479 -6.93 43.40 -2.51
C ARG U 479 -5.91 42.26 -2.47
N PRO U 480 -5.43 41.91 -1.27
CA PRO U 480 -4.50 40.76 -1.18
C PRO U 480 -5.09 39.46 -1.71
N LYS U 481 -6.41 39.29 -1.64
CA LYS U 481 -7.03 38.07 -2.17
C LYS U 481 -6.97 38.00 -3.68
N ASP U 482 -6.71 39.12 -4.35
CA ASP U 482 -6.71 39.19 -5.81
C ASP U 482 -5.31 39.14 -6.42
N VAL U 483 -4.27 38.98 -5.59
CA VAL U 483 -2.91 38.94 -6.11
C VAL U 483 -2.77 37.74 -7.03
N GLY U 484 -2.25 37.97 -8.24
CA GLY U 484 -2.14 36.96 -9.26
C GLY U 484 -3.12 37.14 -10.40
N LYS U 485 -4.22 37.85 -10.17
CA LYS U 485 -5.20 38.10 -11.21
C LYS U 485 -4.75 39.25 -12.12
N ASN U 486 -5.50 39.48 -13.18
CA ASN U 486 -5.19 40.55 -14.13
C ASN U 486 -5.63 41.91 -13.58
N LYS U 487 -4.86 42.94 -13.94
CA LYS U 487 -5.12 44.28 -13.41
C LYS U 487 -6.43 44.85 -13.96
N SER U 488 -6.59 44.83 -15.28
CA SER U 488 -7.77 45.46 -15.89
C SER U 488 -9.05 44.71 -15.56
N GLU U 489 -8.99 43.39 -15.43
CA GLU U 489 -10.19 42.60 -15.16
C GLU U 489 -10.71 42.85 -13.74
N VAL U 490 -9.81 42.90 -12.76
CA VAL U 490 -10.24 43.12 -11.38
C VAL U 490 -10.68 44.56 -11.18
N ALA U 491 -9.95 45.51 -11.77
CA ALA U 491 -10.33 46.92 -11.62
C ALA U 491 -11.66 47.22 -12.28
N ALA U 492 -12.02 46.49 -13.33
CA ALA U 492 -13.32 46.68 -13.96
C ALA U 492 -14.46 46.26 -13.04
N GLU U 493 -14.37 45.04 -12.48
CA GLU U 493 -15.38 44.56 -11.56
C GLU U 493 -15.34 45.30 -10.22
N ALA U 494 -14.21 45.93 -9.89
CA ALA U 494 -14.12 46.65 -8.62
C ALA U 494 -14.97 47.91 -8.64
N VAL U 495 -14.95 48.66 -9.74
CA VAL U 495 -15.74 49.88 -9.83
C VAL U 495 -17.20 49.61 -10.11
N CYS U 496 -17.53 48.45 -10.69
CA CYS U 496 -18.92 48.10 -10.92
C CYS U 496 -19.67 47.90 -9.60
N ALA U 497 -18.96 47.51 -8.54
CA ALA U 497 -19.60 47.42 -7.23
C ALA U 497 -19.84 48.80 -6.63
N MET U 498 -18.98 49.77 -6.95
CA MET U 498 -19.18 51.13 -6.45
C MET U 498 -20.35 51.81 -7.16
N ASN U 499 -20.42 51.68 -8.49
CA ASN U 499 -21.50 52.25 -9.28
C ASN U 499 -22.02 51.17 -10.23
N PRO U 500 -23.16 50.55 -9.92
CA PRO U 500 -23.69 49.49 -10.81
C PRO U 500 -24.07 49.99 -12.20
N ASP U 501 -24.08 51.31 -12.43
CA ASP U 501 -24.41 51.82 -13.76
C ASP U 501 -23.38 51.42 -14.80
N LEU U 502 -22.14 51.17 -14.39
CA LEU U 502 -21.07 50.80 -15.30
C LEU U 502 -21.01 49.30 -15.58
N LYS U 503 -21.87 48.51 -14.93
CA LYS U 503 -21.87 47.07 -15.15
C LYS U 503 -22.28 46.77 -16.60
N GLY U 504 -21.43 46.03 -17.31
CA GLY U 504 -21.68 45.73 -18.70
C GLY U 504 -21.28 46.80 -19.69
N LYS U 505 -20.63 47.89 -19.23
CA LYS U 505 -20.21 48.97 -20.10
C LYS U 505 -18.70 49.12 -20.16
N ILE U 506 -17.94 48.32 -19.43
CA ILE U 506 -16.48 48.40 -19.41
C ILE U 506 -15.93 47.14 -20.06
N ASN U 507 -15.14 47.31 -21.11
CA ASN U 507 -14.50 46.20 -21.82
C ASN U 507 -13.06 46.09 -21.31
N ALA U 508 -12.82 45.13 -20.43
CA ALA U 508 -11.50 44.92 -19.84
C ALA U 508 -10.73 43.92 -20.69
N LYS U 509 -9.60 44.35 -21.24
CA LYS U 509 -8.72 43.52 -22.04
C LYS U 509 -7.39 43.33 -21.32
N ILE U 510 -6.67 42.28 -21.72
CA ILE U 510 -5.39 41.96 -21.09
C ILE U 510 -4.29 41.99 -22.15
N ASP U 511 -4.50 42.79 -23.19
CA ASP U 511 -3.55 42.87 -24.30
C ASP U 511 -2.70 44.13 -24.18
N LYS U 512 -1.41 43.98 -24.46
CA LYS U 512 -0.49 45.11 -24.41
C LYS U 512 -0.64 45.95 -25.67
N VAL U 513 -0.71 47.27 -25.50
CA VAL U 513 -0.81 48.19 -26.62
C VAL U 513 0.56 48.35 -27.26
N GLY U 514 0.65 48.13 -28.57
CA GLY U 514 1.89 48.22 -29.28
C GLY U 514 1.78 47.70 -30.71
N PRO U 515 2.89 47.71 -31.43
CA PRO U 515 2.87 47.21 -32.82
C PRO U 515 2.53 45.74 -32.94
N GLU U 516 2.66 44.96 -31.86
CA GLU U 516 2.35 43.54 -31.93
C GLU U 516 0.85 43.28 -32.00
N THR U 517 0.05 44.16 -31.38
CA THR U 517 -1.38 43.97 -31.28
C THR U 517 -2.16 45.04 -32.06
N GLU U 518 -1.66 45.39 -33.25
CA GLU U 518 -2.37 46.33 -34.10
C GLU U 518 -3.55 45.71 -34.82
N GLU U 519 -3.68 44.38 -34.80
CA GLU U 519 -4.84 43.73 -35.40
C GLU U 519 -6.05 43.81 -34.48
N ILE U 520 -5.83 43.70 -33.16
CA ILE U 520 -6.94 43.81 -32.22
C ILE U 520 -7.41 45.26 -32.11
N PHE U 521 -6.46 46.18 -31.94
CA PHE U 521 -6.77 47.61 -31.92
C PHE U 521 -6.58 48.17 -33.33
N ASN U 522 -7.50 47.78 -34.21
CA ASN U 522 -7.42 48.12 -35.63
C ASN U 522 -7.99 49.51 -35.85
N ASP U 523 -8.19 49.87 -37.13
CA ASP U 523 -8.71 51.20 -37.47
C ASP U 523 -10.15 51.37 -37.00
N SER U 524 -10.96 50.31 -37.07
CA SER U 524 -12.35 50.41 -36.64
C SER U 524 -12.45 50.67 -35.14
N PHE U 525 -11.51 50.14 -34.36
CA PHE U 525 -11.54 50.36 -32.91
C PHE U 525 -11.16 51.80 -32.56
N TRP U 526 -10.06 52.29 -33.13
CA TRP U 526 -9.57 53.62 -32.77
C TRP U 526 -10.48 54.73 -33.26
N GLU U 527 -10.97 54.61 -34.50
CA GLU U 527 -11.79 55.67 -35.07
C GLU U 527 -13.15 55.80 -34.39
N SER U 528 -13.65 54.73 -33.77
CA SER U 528 -14.92 54.80 -33.07
C SER U 528 -14.81 55.46 -31.69
N LEU U 529 -13.60 55.66 -31.19
CA LEU U 529 -13.41 56.23 -29.87
C LEU U 529 -13.55 57.75 -29.91
N ASP U 530 -13.88 58.33 -28.75
CA ASP U 530 -13.97 59.78 -28.62
C ASP U 530 -12.64 60.41 -28.24
N PHE U 531 -11.97 59.87 -27.22
CA PHE U 531 -10.63 60.31 -26.86
C PHE U 531 -9.94 59.18 -26.08
N VAL U 532 -8.63 59.33 -25.91
CA VAL U 532 -7.79 58.33 -25.26
C VAL U 532 -7.13 58.96 -24.05
N THR U 533 -7.03 58.19 -22.97
CA THR U 533 -6.40 58.63 -21.74
C THR U 533 -5.24 57.70 -21.42
N ASN U 534 -4.07 58.28 -21.17
CA ASN U 534 -2.86 57.52 -20.88
C ASN U 534 -2.73 57.29 -19.38
N ALA U 535 -2.48 56.04 -19.00
CA ALA U 535 -2.22 55.65 -17.63
C ALA U 535 -0.99 54.75 -17.57
N LEU U 536 0.05 55.12 -18.31
CA LEU U 536 1.25 54.33 -18.45
C LEU U 536 2.35 54.84 -17.53
N ASP U 537 3.43 54.06 -17.44
CA ASP U 537 4.57 54.40 -16.60
C ASP U 537 5.88 54.57 -17.34
N ASN U 538 6.01 54.03 -18.54
CA ASN U 538 7.23 54.12 -19.33
C ASN U 538 7.00 55.00 -20.56
N VAL U 539 8.09 55.61 -21.04
CA VAL U 539 7.98 56.54 -22.16
C VAL U 539 7.84 55.79 -23.49
N ASP U 540 8.32 54.55 -23.56
CA ASP U 540 8.24 53.79 -24.81
C ASP U 540 6.78 53.55 -25.22
N ALA U 541 5.91 53.31 -24.23
CA ALA U 541 4.49 53.10 -24.52
C ALA U 541 3.75 54.42 -24.72
N ARG U 542 4.16 55.47 -24.01
CA ARG U 542 3.53 56.78 -24.19
C ARG U 542 3.75 57.29 -25.61
N THR U 543 4.95 57.14 -26.15
CA THR U 543 5.25 57.66 -27.48
C THR U 543 4.44 56.92 -28.54
N TYR U 544 4.23 55.61 -28.37
CA TYR U 544 3.45 54.85 -29.35
C TYR U 544 1.99 55.32 -29.35
N VAL U 545 1.39 55.48 -28.18
CA VAL U 545 0.01 55.95 -28.09
C VAL U 545 -0.12 57.35 -28.66
N ASP U 546 0.90 58.19 -28.45
CA ASP U 546 0.85 59.56 -28.97
C ASP U 546 0.83 59.57 -30.49
N ARG U 547 1.69 58.76 -31.12
CA ARG U 547 1.68 58.70 -32.59
C ARG U 547 0.40 58.08 -33.12
N ARG U 548 -0.22 57.16 -32.35
CA ARG U 548 -1.51 56.62 -32.74
C ARG U 548 -2.59 57.68 -32.64
N CYS U 549 -2.58 58.49 -31.58
CA CYS U 549 -3.56 59.55 -31.43
C CYS U 549 -3.42 60.61 -32.51
N VAL U 550 -2.18 60.89 -32.93
CA VAL U 550 -1.96 61.84 -34.02
C VAL U 550 -2.49 61.27 -35.33
N PHE U 551 -2.33 59.96 -35.53
CA PHE U 551 -2.77 59.33 -36.77
C PHE U 551 -4.29 59.34 -36.88
N TYR U 552 -4.99 58.98 -35.81
CA TYR U 552 -6.44 58.88 -35.83
C TYR U 552 -7.14 60.19 -35.47
N ARG U 553 -6.37 61.25 -35.18
CA ARG U 553 -6.92 62.57 -34.86
C ARG U 553 -7.87 62.49 -33.66
N LYS U 554 -7.39 61.90 -32.57
CA LYS U 554 -8.15 61.78 -31.34
C LYS U 554 -7.44 62.52 -30.21
N PRO U 555 -8.19 63.14 -29.29
CA PRO U 555 -7.55 63.80 -28.16
C PRO U 555 -6.88 62.79 -27.23
N LEU U 556 -5.82 63.25 -26.57
CA LEU U 556 -5.03 62.40 -25.69
C LEU U 556 -4.80 63.13 -24.36
N LEU U 557 -5.11 62.45 -23.26
CA LEU U 557 -4.90 62.98 -21.92
C LEU U 557 -3.68 62.29 -21.31
N GLU U 558 -2.57 63.02 -21.22
CA GLU U 558 -1.31 62.47 -20.73
C GLU U 558 -1.08 62.88 -19.28
N SER U 559 -0.52 61.97 -18.50
CA SER U 559 -0.23 62.23 -17.10
C SER U 559 0.92 61.33 -16.66
N GLY U 560 1.45 61.63 -15.48
CA GLY U 560 2.55 60.86 -14.93
C GLY U 560 3.03 61.39 -13.59
N THR U 561 3.46 60.49 -12.71
CA THR U 561 3.93 60.85 -11.39
C THR U 561 5.31 60.28 -11.12
N LEU U 562 6.06 60.97 -10.27
CA LEU U 562 7.39 60.51 -9.83
C LEU U 562 7.58 61.01 -8.40
N GLY U 563 7.25 60.16 -7.43
CA GLY U 563 7.36 60.57 -6.04
C GLY U 563 6.30 61.62 -5.71
N THR U 564 6.75 62.72 -5.13
CA THR U 564 5.88 63.85 -4.84
C THR U 564 5.69 64.78 -6.03
N LYS U 565 6.27 64.47 -7.18
CA LYS U 565 6.14 65.28 -8.38
C LYS U 565 5.12 64.66 -9.32
N GLY U 566 4.53 65.51 -10.16
CA GLY U 566 3.56 65.06 -11.15
C GLY U 566 3.29 66.13 -12.17
N ASN U 567 2.78 65.69 -13.32
CA ASN U 567 2.52 66.61 -14.42
C ASN U 567 1.35 66.09 -15.25
N THR U 568 0.69 67.01 -15.93
CA THR U 568 -0.40 66.69 -16.84
C THR U 568 -0.15 67.39 -18.18
N GLN U 569 -0.60 66.75 -19.25
CA GLN U 569 -0.43 67.30 -20.60
C GLN U 569 -1.68 67.00 -21.40
N VAL U 570 -2.18 68.02 -22.09
CA VAL U 570 -3.38 67.91 -22.92
C VAL U 570 -2.96 68.01 -24.38
N ILE U 571 -3.44 67.07 -25.18
CA ILE U 571 -3.13 67.01 -26.61
C ILE U 571 -4.45 67.09 -27.36
N ILE U 572 -4.66 68.18 -28.09
CA ILE U 572 -5.89 68.43 -28.83
C ILE U 572 -5.57 68.31 -30.32
N PRO U 573 -6.36 67.56 -31.09
CA PRO U 573 -6.09 67.43 -32.52
C PRO U 573 -6.22 68.78 -33.23
N ARG U 574 -5.27 69.06 -34.13
CA ARG U 574 -5.21 70.24 -34.98
C ARG U 574 -5.02 71.53 -34.19
N LEU U 575 -4.89 71.48 -32.87
CA LEU U 575 -4.76 72.69 -32.07
C LEU U 575 -3.40 72.78 -31.37
N THR U 576 -3.02 71.77 -30.59
CA THR U 576 -1.80 71.79 -29.81
C THR U 576 -0.82 70.74 -30.31
N GLU U 577 0.40 70.81 -29.79
CA GLU U 577 1.43 69.83 -30.13
C GLU U 577 1.24 68.55 -29.32
N SER U 578 1.88 67.48 -29.78
CA SER U 578 1.75 66.18 -29.16
C SER U 578 2.79 66.02 -28.05
N TYR U 579 2.76 64.86 -27.39
CA TYR U 579 3.73 64.52 -26.37
C TYR U 579 5.07 64.09 -26.94
N SER U 580 5.16 63.85 -28.25
CA SER U 580 6.40 63.44 -28.88
C SER U 580 7.31 64.60 -29.24
N SER U 581 6.77 65.80 -29.39
CA SER U 581 7.58 66.96 -29.79
C SER U 581 8.29 67.63 -28.62
N SER U 582 7.99 67.26 -27.38
CA SER U 582 8.67 67.84 -26.23
C SER U 582 9.21 66.81 -25.25
N ARG U 583 8.96 65.52 -25.46
CA ARG U 583 9.40 64.45 -24.56
C ARG U 583 8.92 64.68 -23.12
N LEU U 592 29.33 57.63 -19.53
CA LEU U 592 29.06 56.92 -18.28
C LEU U 592 29.61 55.50 -18.32
N CYS U 593 29.76 54.96 -19.54
CA CYS U 593 30.43 53.67 -19.74
C CYS U 593 31.81 53.67 -19.09
N THR U 594 32.69 54.57 -19.55
CA THR U 594 34.03 54.66 -19.00
C THR U 594 34.03 54.85 -17.49
N LEU U 595 33.11 55.67 -16.97
CA LEU U 595 33.07 55.87 -15.52
C LEU U 595 32.70 54.60 -14.76
N ARG U 596 32.03 53.66 -15.42
CA ARG U 596 31.70 52.38 -14.79
C ARG U 596 32.92 51.50 -14.59
N SER U 597 33.96 51.67 -15.41
CA SER U 597 35.13 50.80 -15.30
C SER U 597 35.94 51.12 -14.05
N PHE U 598 36.15 52.40 -13.76
CA PHE U 598 36.82 52.84 -12.52
C PHE U 598 35.82 53.71 -11.78
N PRO U 599 35.05 53.13 -10.86
CA PRO U 599 33.94 53.85 -10.25
C PRO U 599 34.38 54.85 -9.18
N ASN U 600 33.53 55.85 -8.98
CA ASN U 600 33.69 56.82 -7.91
C ASN U 600 32.40 57.04 -7.13
N LYS U 601 31.28 56.48 -7.57
CA LYS U 601 30.02 56.56 -6.84
C LYS U 601 29.46 55.15 -6.70
N ILE U 602 28.52 54.99 -5.76
CA ILE U 602 27.92 53.68 -5.51
C ILE U 602 27.05 53.21 -6.68
N ASP U 603 26.55 54.15 -7.50
CA ASP U 603 25.74 53.76 -8.64
C ASP U 603 26.55 52.98 -9.66
N HIS U 604 27.85 53.27 -9.80
CA HIS U 604 28.67 52.59 -10.78
C HIS U 604 29.02 51.18 -10.33
N THR U 605 29.18 50.95 -9.02
CA THR U 605 29.46 49.61 -8.54
C THR U 605 28.24 48.70 -8.63
N ILE U 606 27.04 49.27 -8.48
CA ILE U 606 25.83 48.47 -8.61
C ILE U 606 25.63 48.04 -10.06
N ALA U 607 25.83 48.96 -11.01
CA ALA U 607 25.75 48.61 -12.42
C ALA U 607 26.83 47.60 -12.81
N TRP U 608 27.99 47.67 -12.16
CA TRP U 608 29.03 46.67 -12.41
C TRP U 608 28.63 45.31 -11.86
N ALA U 609 28.03 45.28 -10.66
CA ALA U 609 27.61 44.01 -10.08
C ALA U 609 26.42 43.42 -10.84
N LYS U 610 25.51 44.27 -11.32
CA LYS U 610 24.39 43.77 -12.10
C LYS U 610 24.85 43.15 -13.40
N SER U 611 25.92 43.69 -14.00
CA SER U 611 26.46 43.10 -15.23
C SER U 611 27.18 41.78 -14.94
N LEU U 612 27.88 41.69 -13.81
CA LEU U 612 28.49 40.43 -13.43
C LEU U 612 27.42 39.41 -13.06
N PHE U 613 26.35 39.87 -12.42
CA PHE U 613 25.24 38.98 -12.10
C PHE U 613 24.57 38.44 -13.36
N GLN U 614 24.58 39.20 -14.44
CA GLN U 614 23.98 38.75 -15.69
C GLN U 614 24.89 37.74 -16.38
N GLY U 615 26.18 38.05 -16.50
CA GLY U 615 27.11 37.16 -17.17
C GLY U 615 27.42 35.89 -16.41
N TYR U 616 27.21 35.88 -15.09
CA TYR U 616 27.52 34.70 -14.29
C TYR U 616 26.41 33.66 -14.37
N PHE U 617 25.17 34.07 -14.11
CA PHE U 617 24.07 33.12 -13.94
C PHE U 617 22.94 33.28 -14.95
N THR U 618 23.02 34.24 -15.87
CA THR U 618 21.98 34.43 -16.88
C THR U 618 22.50 34.24 -18.30
N ASP U 619 23.60 34.90 -18.65
CA ASP U 619 24.14 34.79 -20.01
C ASP U 619 24.96 33.52 -20.20
N SER U 620 25.66 33.07 -19.15
CA SER U 620 26.46 31.85 -19.28
C SER U 620 25.59 30.62 -19.50
N ALA U 621 24.41 30.58 -18.88
CA ALA U 621 23.53 29.43 -19.06
C ALA U 621 22.89 29.42 -20.43
N GLU U 622 22.50 30.60 -20.94
CA GLU U 622 21.88 30.65 -22.26
C GLU U 622 22.88 30.31 -23.36
N ASN U 623 24.17 30.57 -23.12
CA ASN U 623 25.19 30.18 -24.10
C ASN U 623 25.41 28.68 -24.10
N VAL U 624 25.39 28.05 -22.92
CA VAL U 624 25.52 26.60 -22.85
C VAL U 624 24.26 25.93 -23.38
N ASN U 625 23.09 26.48 -23.05
CA ASN U 625 21.84 25.90 -23.53
C ASN U 625 21.70 25.99 -25.04
N MET U 626 22.29 27.01 -25.66
CA MET U 626 22.22 27.15 -27.12
C MET U 626 23.32 26.39 -27.82
N TYR U 627 24.51 26.30 -27.23
CA TYR U 627 25.59 25.51 -27.82
C TYR U 627 25.24 24.03 -27.84
N LEU U 628 24.44 23.57 -26.89
CA LEU U 628 24.07 22.17 -26.81
C LEU U 628 22.80 21.84 -27.58
N THR U 629 21.88 22.80 -27.73
CA THR U 629 20.61 22.54 -28.39
C THR U 629 20.55 23.03 -29.84
N GLN U 630 21.43 23.94 -30.24
CA GLN U 630 21.44 24.41 -31.62
C GLN U 630 22.75 24.00 -32.28
N PRO U 631 22.70 23.14 -33.31
CA PRO U 631 23.96 22.71 -33.93
C PRO U 631 24.66 23.81 -34.69
N ASN U 632 23.93 24.65 -35.42
CA ASN U 632 24.55 25.72 -36.19
C ASN U 632 24.83 26.96 -35.34
N PHE U 633 24.65 26.88 -34.02
CA PHE U 633 24.89 28.05 -33.17
C PHE U 633 26.36 28.44 -33.17
N VAL U 634 27.27 27.48 -33.26
CA VAL U 634 28.69 27.78 -33.24
C VAL U 634 29.08 28.60 -34.46
N GLU U 635 28.60 28.20 -35.65
CA GLU U 635 28.90 28.96 -36.85
C GLU U 635 28.14 30.28 -36.87
N GLN U 636 26.96 30.32 -36.26
CA GLN U 636 26.16 31.54 -36.23
C GLN U 636 26.76 32.59 -35.30
N THR U 637 27.37 32.16 -34.20
CA THR U 637 27.91 33.11 -33.23
C THR U 637 29.04 33.95 -33.79
N LEU U 638 29.80 33.41 -34.76
CA LEU U 638 30.88 34.18 -35.35
C LEU U 638 30.38 35.37 -36.15
N LYS U 639 29.09 35.44 -36.44
CA LYS U 639 28.50 36.57 -37.16
C LYS U 639 28.24 37.74 -36.22
N ASP U 643 32.20 40.18 -30.12
CA ASP U 643 32.93 39.53 -29.05
C ASP U 643 32.72 38.03 -29.08
N VAL U 644 33.62 37.33 -29.78
CA VAL U 644 33.53 35.88 -29.90
C VAL U 644 34.32 35.18 -28.79
N LYS U 645 35.50 35.69 -28.46
CA LYS U 645 36.32 35.07 -27.41
C LYS U 645 35.59 35.07 -26.08
N GLY U 646 34.77 36.07 -25.82
CA GLY U 646 34.02 36.10 -24.57
C GLY U 646 32.91 35.07 -24.50
N VAL U 647 32.30 34.76 -25.65
CA VAL U 647 31.25 33.75 -25.67
C VAL U 647 31.84 32.37 -25.53
N LEU U 648 32.96 32.11 -26.22
CA LEU U 648 33.62 30.80 -26.10
C LEU U 648 34.21 30.61 -24.71
N GLU U 649 34.70 31.68 -24.09
CA GLU U 649 35.24 31.56 -22.74
C GLU U 649 34.16 31.19 -21.74
N SER U 650 32.93 31.69 -21.93
CA SER U 650 31.86 31.40 -20.98
C SER U 650 31.42 29.94 -21.07
N ILE U 651 31.37 29.38 -22.28
CA ILE U 651 30.94 27.99 -22.42
C ILE U 651 32.05 27.03 -22.01
N SER U 652 33.31 27.41 -22.18
CA SER U 652 34.40 26.51 -21.82
C SER U 652 34.53 26.39 -20.31
N ASP U 653 34.41 27.51 -19.58
CA ASP U 653 34.54 27.46 -18.13
C ASP U 653 33.32 26.84 -17.47
N SER U 654 32.15 26.93 -18.12
CA SER U 654 30.94 26.37 -17.54
C SER U 654 30.89 24.85 -17.61
N LEU U 655 31.74 24.24 -18.43
CA LEU U 655 31.80 22.79 -18.54
C LEU U 655 33.12 22.21 -18.05
N SER U 656 34.04 23.06 -17.60
CA SER U 656 35.31 22.61 -17.05
C SER U 656 35.22 22.44 -15.53
N SER U 657 34.86 23.52 -14.83
CA SER U 657 34.67 23.48 -13.38
C SER U 657 33.20 23.19 -13.05
N LYS U 658 32.72 22.06 -13.57
CA LYS U 658 31.34 21.65 -13.34
C LYS U 658 31.17 21.22 -11.89
N PRO U 659 30.32 21.88 -11.10
CA PRO U 659 30.15 21.48 -9.70
C PRO U 659 29.34 20.20 -9.57
N HIS U 660 29.61 19.46 -8.50
CA HIS U 660 28.94 18.20 -8.22
C HIS U 660 27.94 18.32 -7.08
N ASN U 661 28.33 18.97 -5.98
CA ASN U 661 27.47 19.22 -4.84
C ASN U 661 27.47 20.71 -4.52
N PHE U 662 26.71 21.09 -3.50
CA PHE U 662 26.66 22.50 -3.10
C PHE U 662 27.97 22.97 -2.50
N GLU U 663 28.80 22.04 -2.01
CA GLU U 663 30.08 22.42 -1.44
C GLU U 663 31.05 22.89 -2.53
N ASP U 664 30.92 22.38 -3.74
CA ASP U 664 31.76 22.84 -4.85
C ASP U 664 31.36 24.25 -5.28
N CYS U 665 30.10 24.63 -5.07
CA CYS U 665 29.67 25.98 -5.41
C CYS U 665 30.29 27.00 -4.46
N ILE U 666 30.47 26.64 -3.19
CA ILE U 666 31.12 27.55 -2.25
C ILE U 666 32.56 27.80 -2.65
N LYS U 667 33.25 26.77 -3.12
CA LYS U 667 34.62 26.93 -3.57
C LYS U 667 34.69 27.83 -4.80
N TRP U 668 33.72 27.70 -5.71
CA TRP U 668 33.75 28.52 -6.92
C TRP U 668 33.51 29.98 -6.60
N ALA U 669 32.60 30.27 -5.67
CA ALA U 669 32.34 31.65 -5.31
C ALA U 669 33.53 32.25 -4.57
N ARG U 670 34.20 31.46 -3.73
CA ARG U 670 35.38 31.94 -3.03
C ARG U 670 36.53 32.21 -4.00
N LEU U 671 36.69 31.38 -5.03
CA LEU U 671 37.75 31.62 -6.00
C LEU U 671 37.46 32.85 -6.85
N GLU U 672 36.20 33.07 -7.21
CA GLU U 672 35.84 34.26 -7.98
C GLU U 672 36.04 35.53 -7.16
N PHE U 673 35.89 35.44 -5.83
CA PHE U 673 36.17 36.58 -4.98
C PHE U 673 37.63 37.02 -5.11
N GLU U 674 38.55 36.05 -5.08
CA GLU U 674 39.97 36.38 -5.20
C GLU U 674 40.33 36.87 -6.60
N LYS U 675 39.60 36.44 -7.62
CA LYS U 675 39.90 36.89 -8.97
C LYS U 675 39.43 38.32 -9.17
N LYS U 676 38.17 38.61 -8.80
CA LYS U 676 37.57 39.90 -9.12
C LYS U 676 38.05 41.01 -8.19
N PHE U 677 38.42 40.68 -6.94
CA PHE U 677 38.73 41.69 -5.95
C PHE U 677 40.16 41.67 -5.44
N ASN U 678 40.94 40.63 -5.75
CA ASN U 678 42.34 40.58 -5.34
C ASN U 678 43.29 40.53 -6.53
N HIS U 679 43.08 39.61 -7.47
CA HIS U 679 44.00 39.46 -8.59
C HIS U 679 43.83 40.58 -9.60
N ASP U 680 42.59 40.81 -10.06
CA ASP U 680 42.34 41.84 -11.07
C ASP U 680 42.66 43.23 -10.53
N ILE U 681 42.53 43.44 -9.23
CA ILE U 681 42.90 44.72 -8.65
C ILE U 681 44.41 44.87 -8.62
N LYS U 682 45.13 43.80 -8.27
CA LYS U 682 46.59 43.84 -8.29
C LYS U 682 47.11 43.94 -9.72
N GLN U 683 46.45 43.26 -10.66
CA GLN U 683 46.86 43.34 -12.06
C GLN U 683 46.69 44.75 -12.60
N LEU U 684 45.60 45.43 -12.21
CA LEU U 684 45.42 46.82 -12.62
C LEU U 684 46.45 47.72 -11.94
N LEU U 685 46.70 47.49 -10.65
CA LEU U 685 47.72 48.26 -9.94
C LEU U 685 49.13 47.94 -10.41
N PHE U 686 49.33 46.78 -11.04
CA PHE U 686 50.66 46.46 -11.56
C PHE U 686 50.98 47.29 -12.80
N ASN U 687 50.01 47.43 -13.70
CA ASN U 687 50.22 48.24 -14.91
C ASN U 687 50.25 49.72 -14.57
N PHE U 688 49.36 50.16 -13.67
CA PHE U 688 49.29 51.55 -13.22
C PHE U 688 49.45 51.57 -11.72
N PRO U 689 50.68 51.71 -11.21
CA PRO U 689 50.89 51.74 -9.77
C PRO U 689 50.27 52.98 -9.13
N LYS U 690 50.25 52.98 -7.80
CA LYS U 690 49.74 54.12 -7.05
C LYS U 690 50.57 55.36 -7.27
N ASP U 691 51.84 55.22 -7.67
CA ASP U 691 52.72 56.35 -7.92
C ASP U 691 52.87 56.65 -9.41
N ALA U 692 52.02 56.05 -10.25
CA ALA U 692 52.09 56.28 -11.68
C ALA U 692 51.73 57.73 -12.01
N LYS U 693 52.29 58.23 -13.10
CA LYS U 693 52.09 59.60 -13.52
C LYS U 693 51.69 59.64 -14.98
N THR U 694 50.90 60.68 -15.33
CA THR U 694 50.38 60.84 -16.67
C THR U 694 51.39 61.61 -17.53
N SER U 695 50.94 62.07 -18.70
CA SER U 695 51.82 62.79 -19.62
C SER U 695 52.34 64.08 -18.99
N ASN U 696 51.44 64.86 -18.37
CA ASN U 696 51.82 66.13 -17.78
C ASN U 696 52.60 65.99 -16.48
N GLY U 697 52.86 64.77 -16.03
CA GLY U 697 53.51 64.56 -14.75
C GLY U 697 52.59 64.55 -13.57
N GLU U 698 51.27 64.63 -13.80
CA GLU U 698 50.24 64.61 -12.77
C GLU U 698 49.93 63.18 -12.37
N PRO U 699 49.56 62.96 -11.10
CA PRO U 699 49.23 61.60 -10.66
C PRO U 699 48.08 61.02 -11.47
N PHE U 700 48.24 59.76 -11.88
CA PHE U 700 47.22 59.10 -12.68
C PHE U 700 45.92 58.97 -11.90
N TRP U 701 46.00 58.59 -10.63
CA TRP U 701 44.84 58.41 -9.77
C TRP U 701 44.50 59.75 -9.11
N SER U 702 43.66 60.53 -9.79
CA SER U 702 43.27 61.83 -9.29
C SER U 702 41.90 62.20 -9.86
N GLY U 703 41.16 63.00 -9.10
CA GLY U 703 39.84 63.41 -9.52
C GLY U 703 38.82 62.29 -9.46
N ALA U 704 38.22 61.97 -10.60
CA ALA U 704 37.24 60.90 -10.66
C ALA U 704 37.86 59.52 -10.50
N LYS U 705 39.19 59.43 -10.55
CA LYS U 705 39.87 58.14 -10.40
C LYS U 705 40.28 57.93 -8.96
N ARG U 706 39.96 56.75 -8.43
CA ARG U 706 40.29 56.39 -7.05
C ARG U 706 41.19 55.15 -7.08
N ALA U 707 42.36 55.26 -6.46
CA ALA U 707 43.30 54.15 -6.45
C ALA U 707 42.73 52.97 -5.69
N PRO U 708 42.51 51.82 -6.33
CA PRO U 708 41.91 50.68 -5.65
C PRO U 708 42.92 49.98 -4.75
N THR U 709 42.41 49.05 -3.95
CA THR U 709 43.23 48.24 -3.07
C THR U 709 42.71 46.80 -3.08
N PRO U 710 43.59 45.81 -3.12
CA PRO U 710 43.13 44.43 -3.13
C PRO U 710 42.47 44.04 -1.82
N LEU U 711 41.42 43.23 -1.92
CA LEU U 711 40.65 42.80 -0.75
C LEU U 711 41.22 41.51 -0.20
N GLU U 712 41.37 41.46 1.13
CA GLU U 712 41.68 40.24 1.84
C GLU U 712 40.38 39.63 2.33
N PHE U 713 40.05 38.43 1.85
CA PHE U 713 38.76 37.83 2.16
C PHE U 713 38.57 37.64 3.65
N ASP U 714 37.45 38.14 4.16
CA ASP U 714 37.09 38.01 5.57
C ASP U 714 35.64 37.55 5.64
N ILE U 715 35.42 36.30 6.07
CA ILE U 715 34.08 35.76 6.12
C ILE U 715 33.22 36.50 7.16
N TYR U 716 33.84 37.19 8.11
CA TYR U 716 33.08 37.94 9.11
C TYR U 716 32.58 39.28 8.59
N ASN U 717 33.13 39.77 7.48
CA ASN U 717 32.55 40.92 6.79
C ASN U 717 31.24 40.49 6.14
N ASN U 718 30.16 41.24 6.41
CA ASN U 718 28.84 40.83 5.95
C ASN U 718 28.74 40.83 4.43
N ASP U 719 29.53 41.68 3.77
CA ASP U 719 29.47 41.75 2.32
C ASP U 719 30.27 40.62 1.66
N HIS U 720 31.41 40.24 2.26
CA HIS U 720 32.17 39.12 1.72
C HIS U 720 31.44 37.81 1.93
N PHE U 721 30.75 37.66 3.06
CA PHE U 721 30.05 36.42 3.35
C PHE U 721 28.87 36.24 2.42
N HIS U 722 28.08 37.29 2.22
CA HIS U 722 26.88 37.15 1.39
C HIS U 722 27.22 37.04 -0.09
N PHE U 723 28.40 37.50 -0.51
CA PHE U 723 28.81 37.27 -1.89
C PHE U 723 29.04 35.80 -2.18
N VAL U 724 29.53 35.05 -1.19
CA VAL U 724 29.73 33.62 -1.39
C VAL U 724 28.42 32.86 -1.23
N VAL U 725 27.59 33.25 -0.25
CA VAL U 725 26.31 32.57 -0.04
C VAL U 725 25.42 32.74 -1.26
N ALA U 726 25.26 33.98 -1.73
CA ALA U 726 24.41 34.21 -2.90
C ALA U 726 25.08 33.69 -4.16
N GLY U 727 26.40 33.82 -4.25
CA GLY U 727 27.11 33.32 -5.42
C GLY U 727 27.01 31.80 -5.57
N ALA U 728 27.16 31.09 -4.45
CA ALA U 728 27.02 29.63 -4.52
C ALA U 728 25.57 29.24 -4.78
N SER U 729 24.62 29.92 -4.14
CA SER U 729 23.21 29.57 -4.32
C SER U 729 22.75 29.82 -5.75
N LEU U 730 23.31 30.83 -6.42
CA LEU U 730 22.90 31.12 -7.79
C LEU U 730 23.55 30.16 -8.78
N ARG U 731 24.83 29.82 -8.57
CA ARG U 731 25.45 28.80 -9.42
C ARG U 731 24.79 27.45 -9.22
N ALA U 732 24.41 27.12 -7.98
CA ALA U 732 23.71 25.86 -7.73
C ALA U 732 22.37 25.82 -8.44
N TYR U 733 21.75 26.99 -8.66
CA TYR U 733 20.50 27.02 -9.41
C TYR U 733 20.71 26.72 -10.89
N ASN U 734 21.86 27.12 -11.44
CA ASN U 734 22.16 26.82 -12.83
C ASN U 734 22.34 25.33 -13.06
N TYR U 735 23.08 24.67 -12.17
CA TYR U 735 23.40 23.26 -12.30
C TYR U 735 22.40 22.35 -11.58
N GLY U 736 21.32 22.92 -11.04
CA GLY U 736 20.28 22.11 -10.43
C GLY U 736 20.65 21.46 -9.12
N ILE U 737 21.54 22.08 -8.35
CA ILE U 737 21.97 21.56 -7.05
C ILE U 737 21.18 22.29 -5.96
N LYS U 738 20.67 21.54 -5.00
CA LYS U 738 19.96 22.14 -3.88
C LYS U 738 20.69 21.87 -2.57
N LYS U 745 18.40 29.31 6.83
CA LYS U 745 19.41 30.34 7.03
C LYS U 745 20.82 29.78 6.93
N PRO U 746 21.71 30.51 6.26
CA PRO U 746 23.09 30.03 6.12
C PRO U 746 23.88 30.23 7.40
N ASN U 747 24.77 29.28 7.67
CA ASN U 747 25.62 29.30 8.84
C ASN U 747 27.04 29.72 8.45
N VAL U 748 27.63 30.63 9.22
CA VAL U 748 28.94 31.16 8.85
C VAL U 748 30.01 30.09 9.06
N ASP U 749 29.93 29.33 10.15
CA ASP U 749 30.96 28.33 10.43
C ASP U 749 30.95 27.22 9.39
N GLU U 750 29.76 26.86 8.88
CA GLU U 750 29.69 25.83 7.86
C GLU U 750 30.33 26.29 6.56
N TYR U 751 30.05 27.53 6.14
CA TYR U 751 30.71 28.09 4.97
C TYR U 751 32.20 28.31 5.24
N LYS U 752 32.57 28.48 6.51
CA LYS U 752 33.97 28.73 6.84
C LYS U 752 34.79 27.46 6.74
N SER U 753 34.24 26.32 7.18
CA SER U 753 34.98 25.07 7.11
C SER U 753 35.23 24.65 5.66
N VAL U 754 34.36 25.08 4.74
CA VAL U 754 34.57 24.77 3.33
C VAL U 754 35.68 25.64 2.76
N ILE U 755 35.77 26.88 3.22
CA ILE U 755 36.78 27.80 2.69
C ILE U 755 38.14 27.56 3.33
N ASP U 756 38.16 27.22 4.61
CA ASP U 756 39.41 27.00 5.31
C ASP U 756 40.18 25.79 4.79
N HIS U 757 39.53 24.91 4.04
CA HIS U 757 40.20 23.77 3.43
C HIS U 757 40.64 24.03 2.00
N MET U 758 40.48 25.26 1.52
CA MET U 758 40.84 25.60 0.16
C MET U 758 42.28 26.11 0.07
N ILE U 759 42.85 25.97 -1.12
CA ILE U 759 44.17 26.54 -1.45
C ILE U 759 43.94 27.68 -2.44
N ILE U 760 44.27 28.90 -2.02
CA ILE U 760 44.04 30.08 -2.83
C ILE U 760 45.32 30.35 -3.63
N PRO U 761 45.26 30.35 -4.96
CA PRO U 761 46.45 30.64 -5.76
C PRO U 761 46.94 32.07 -5.53
N GLU U 762 48.25 32.24 -5.57
CA GLU U 762 48.86 33.54 -5.39
C GLU U 762 48.71 34.37 -6.67
N PHE U 763 49.09 35.65 -6.56
CA PHE U 763 48.98 36.59 -7.67
C PHE U 763 50.30 36.67 -8.42
N THR U 764 50.22 36.61 -9.75
CA THR U 764 51.37 36.80 -10.63
C THR U 764 50.98 37.79 -11.71
N PRO U 765 51.79 38.80 -11.98
CA PRO U 765 51.43 39.81 -12.98
C PRO U 765 51.31 39.21 -14.37
N ASN U 766 50.36 39.74 -15.14
CA ASN U 766 50.09 39.25 -16.49
C ASN U 766 50.62 40.22 -17.54
N GLU U 790 46.02 30.31 -32.33
CA GLU U 790 45.07 31.42 -32.32
C GLU U 790 43.76 31.01 -31.64
N ILE U 791 42.64 31.47 -32.19
CA ILE U 791 41.33 31.13 -31.65
C ILE U 791 40.97 29.68 -31.90
N ASP U 792 41.68 29.00 -32.81
CA ASP U 792 41.41 27.59 -33.09
C ASP U 792 41.73 26.69 -31.91
N GLN U 793 42.52 27.15 -30.94
CA GLN U 793 42.78 26.34 -29.76
C GLN U 793 41.55 26.26 -28.86
N LEU U 794 40.78 27.35 -28.78
CA LEU U 794 39.59 27.35 -27.93
C LEU U 794 38.49 26.48 -28.51
N VAL U 795 38.29 26.54 -29.84
CA VAL U 795 37.22 25.77 -30.46
C VAL U 795 37.52 24.28 -30.44
N SER U 796 38.77 23.89 -30.20
CA SER U 796 39.14 22.48 -30.14
C SER U 796 39.07 21.91 -28.72
N SER U 797 39.06 22.77 -27.70
CA SER U 797 38.96 22.32 -26.32
C SER U 797 37.53 22.05 -25.88
N LEU U 798 36.54 22.50 -26.66
CA LEU U 798 35.15 22.31 -26.30
C LEU U 798 34.76 20.84 -26.43
N PRO U 799 34.07 20.27 -25.44
CA PRO U 799 33.59 18.89 -25.57
C PRO U 799 32.47 18.80 -26.60
N ASP U 800 32.20 17.56 -27.03
CA ASP U 800 31.18 17.36 -28.04
C ASP U 800 29.78 17.47 -27.43
N PRO U 801 28.80 17.97 -28.19
CA PRO U 801 27.43 18.03 -27.67
C PRO U 801 26.85 16.66 -27.35
N SER U 802 27.35 15.60 -27.97
CA SER U 802 26.86 14.25 -27.68
C SER U 802 27.30 13.77 -26.30
N THR U 803 28.37 14.33 -25.75
CA THR U 803 28.80 13.95 -24.41
C THR U 803 27.78 14.36 -23.37
N LEU U 804 27.28 15.60 -23.46
CA LEU U 804 26.28 16.12 -22.53
C LEU U 804 24.91 16.03 -23.19
N ALA U 805 24.34 14.83 -23.16
CA ALA U 805 23.03 14.58 -23.76
C ALA U 805 21.94 15.01 -22.78
N GLY U 806 21.12 15.98 -23.18
CA GLY U 806 20.04 16.45 -22.33
C GLY U 806 20.46 17.36 -21.20
N PHE U 807 21.75 17.70 -21.10
CA PHE U 807 22.23 18.59 -20.06
C PHE U 807 21.68 20.00 -20.28
N LYS U 808 20.98 20.52 -19.28
CA LYS U 808 20.35 21.83 -19.37
C LYS U 808 20.75 22.67 -18.16
N LEU U 809 21.20 23.89 -18.41
CA LEU U 809 21.46 24.87 -17.38
C LEU U 809 20.26 25.78 -17.24
N GLU U 810 19.91 26.14 -16.01
CA GLU U 810 18.75 26.98 -15.77
C GLU U 810 19.18 28.43 -15.65
N PRO U 811 18.90 29.28 -16.64
CA PRO U 811 19.29 30.69 -16.53
C PRO U 811 18.46 31.40 -15.47
N VAL U 812 19.10 32.36 -14.80
CA VAL U 812 18.48 33.10 -13.72
C VAL U 812 17.75 34.30 -14.32
N ASP U 813 16.45 34.40 -14.07
CA ASP U 813 15.65 35.53 -14.51
C ASP U 813 15.60 36.56 -13.39
N PHE U 814 16.17 37.73 -13.63
CA PHE U 814 16.31 38.74 -12.59
C PHE U 814 14.95 39.23 -12.11
N GLU U 815 14.72 39.10 -10.81
CA GLU U 815 13.49 39.57 -10.17
C GLU U 815 13.89 40.40 -8.95
N LYS U 816 13.53 41.68 -8.97
CA LYS U 816 13.95 42.60 -7.92
C LYS U 816 13.06 42.55 -6.69
N ASP U 817 11.82 42.09 -6.81
CA ASP U 817 10.87 42.14 -5.71
C ASP U 817 10.91 40.90 -4.82
N ASP U 818 11.62 39.86 -5.21
CA ASP U 818 11.75 38.65 -4.40
C ASP U 818 13.01 38.76 -3.54
N ASP U 819 12.84 38.62 -2.23
CA ASP U 819 13.94 38.75 -1.29
C ASP U 819 14.51 37.42 -0.84
N THR U 820 14.06 36.31 -1.43
CA THR U 820 14.55 35.00 -1.07
C THR U 820 15.28 34.27 -2.18
N ASN U 821 15.32 34.83 -3.39
CA ASN U 821 16.00 34.21 -4.52
C ASN U 821 17.49 34.58 -4.59
N HIS U 822 18.01 35.29 -3.59
CA HIS U 822 19.40 35.73 -3.52
C HIS U 822 19.78 36.65 -4.67
N HIS U 823 18.79 37.26 -5.32
CA HIS U 823 19.07 38.20 -6.41
C HIS U 823 19.58 39.52 -5.85
N ILE U 824 18.80 40.14 -4.95
CA ILE U 824 19.25 41.37 -4.31
C ILE U 824 20.43 41.09 -3.39
N GLU U 825 20.47 39.90 -2.79
CA GLU U 825 21.58 39.56 -1.91
C GLU U 825 22.91 39.54 -2.65
N PHE U 826 22.93 39.03 -3.88
CA PHE U 826 24.17 38.96 -4.64
C PHE U 826 24.60 40.35 -5.12
N ILE U 827 23.70 41.07 -5.79
CA ILE U 827 24.07 42.35 -6.38
C ILE U 827 24.50 43.33 -5.31
N THR U 828 23.81 43.32 -4.16
CA THR U 828 24.21 44.21 -3.07
C THR U 828 25.59 43.86 -2.56
N ALA U 829 25.83 42.58 -2.27
CA ALA U 829 27.13 42.17 -1.75
C ALA U 829 28.24 42.38 -2.79
N CYS U 830 27.97 42.04 -4.05
CA CYS U 830 28.97 42.19 -5.09
C CYS U 830 29.31 43.66 -5.33
N SER U 831 28.29 44.54 -5.28
CA SER U 831 28.54 45.96 -5.48
C SER U 831 29.37 46.53 -4.33
N ASN U 832 29.06 46.13 -3.10
CA ASN U 832 29.79 46.65 -1.95
C ASN U 832 31.23 46.16 -1.91
N CYS U 833 31.50 44.96 -2.43
CA CYS U 833 32.88 44.47 -2.46
C CYS U 833 33.74 45.31 -3.40
N ARG U 834 33.23 45.63 -4.60
CA ARG U 834 33.97 46.54 -5.46
C ARG U 834 34.02 47.95 -4.88
N ALA U 835 33.00 48.33 -4.12
CA ALA U 835 33.02 49.63 -3.44
C ALA U 835 34.14 49.68 -2.41
N GLN U 836 34.37 48.57 -1.71
CA GLN U 836 35.49 48.50 -0.76
C GLN U 836 36.83 48.57 -1.48
N ASN U 837 36.88 48.15 -2.75
CA ASN U 837 38.11 48.26 -3.52
C ASN U 837 38.49 49.71 -3.75
N TYR U 838 37.57 50.51 -4.28
CA TYR U 838 37.82 51.89 -4.66
C TYR U 838 37.42 52.89 -3.57
N PHE U 839 37.32 52.44 -2.32
CA PHE U 839 37.05 53.30 -1.17
C PHE U 839 35.75 54.08 -1.34
N ILE U 840 34.71 53.38 -1.83
CA ILE U 840 33.37 53.95 -1.95
C ILE U 840 32.52 53.41 -0.81
N GLU U 841 31.72 54.28 -0.20
CA GLU U 841 30.89 53.86 0.92
C GLU U 841 29.83 52.88 0.47
N THR U 842 29.69 51.79 1.23
CA THR U 842 28.76 50.74 0.84
C THR U 842 27.31 51.19 1.03
N ALA U 843 26.40 50.43 0.45
CA ALA U 843 24.98 50.70 0.52
C ALA U 843 24.25 49.42 0.92
N ASP U 844 23.08 49.59 1.53
CA ASP U 844 22.30 48.47 2.02
C ASP U 844 21.51 47.84 0.86
N ARG U 845 20.66 46.86 1.17
CA ARG U 845 19.93 46.17 0.12
C ARG U 845 18.88 47.07 -0.51
N GLN U 846 18.19 47.88 0.30
CA GLN U 846 17.11 48.70 -0.24
C GLN U 846 17.64 49.80 -1.15
N LYS U 847 18.80 50.37 -0.83
CA LYS U 847 19.37 51.36 -1.73
C LYS U 847 19.89 50.71 -3.00
N THR U 848 20.40 49.48 -2.90
CA THR U 848 20.84 48.76 -4.10
C THR U 848 19.64 48.33 -4.94
N LYS U 849 18.57 47.87 -4.28
CA LYS U 849 17.35 47.49 -4.99
C LYS U 849 16.77 48.67 -5.78
N PHE U 850 16.90 49.88 -5.25
CA PHE U 850 16.39 51.06 -5.96
C PHE U 850 17.21 51.32 -7.22
N ILE U 851 18.54 51.29 -7.13
CA ILE U 851 19.39 51.64 -8.26
C ILE U 851 19.43 50.52 -9.28
N ALA U 852 19.53 49.26 -8.82
CA ALA U 852 19.64 48.14 -9.75
C ALA U 852 18.33 47.92 -10.50
N GLY U 853 17.21 47.90 -9.78
CA GLY U 853 15.92 47.72 -10.41
C GLY U 853 15.35 48.95 -11.09
N ARG U 854 15.98 50.11 -10.89
CA ARG U 854 15.50 51.37 -11.45
C ARG U 854 14.04 51.62 -11.06
N ILE U 855 13.74 51.38 -9.78
CA ILE U 855 12.37 51.51 -9.28
C ILE U 855 11.98 52.99 -9.27
N ILE U 856 10.75 53.26 -9.70
CA ILE U 856 10.21 54.61 -9.73
C ILE U 856 9.50 54.86 -8.40
N PRO U 857 9.90 55.86 -7.63
CA PRO U 857 9.20 56.15 -6.36
C PRO U 857 7.80 56.69 -6.64
N ALA U 858 6.80 56.03 -6.05
CA ALA U 858 5.40 56.38 -6.30
C ALA U 858 4.63 56.33 -5.00
N ILE U 859 3.99 57.45 -4.64
CA ILE U 859 3.15 57.54 -3.47
C ILE U 859 1.70 57.71 -3.93
N ALA U 860 0.77 57.23 -3.10
CA ALA U 860 -0.64 57.24 -3.47
C ALA U 860 -1.27 58.62 -3.45
N THR U 861 -0.64 59.59 -2.77
CA THR U 861 -1.22 60.92 -2.67
C THR U 861 -1.07 61.68 -3.98
N THR U 862 0.14 61.69 -4.55
CA THR U 862 0.36 62.42 -5.80
C THR U 862 -0.44 61.82 -6.96
N THR U 863 -0.68 60.51 -6.92
CA THR U 863 -1.46 59.89 -7.99
C THR U 863 -2.90 60.38 -8.00
N SER U 864 -3.51 60.52 -6.82
CA SER U 864 -4.89 60.98 -6.76
C SER U 864 -5.01 62.44 -7.20
N LEU U 865 -4.05 63.27 -6.83
CA LEU U 865 -4.08 64.68 -7.23
C LEU U 865 -3.94 64.82 -8.74
N VAL U 866 -2.99 64.10 -9.32
CA VAL U 866 -2.77 64.17 -10.76
C VAL U 866 -3.99 63.66 -11.52
N THR U 867 -4.62 62.60 -11.00
CA THR U 867 -5.82 62.07 -11.65
C THR U 867 -6.96 63.07 -11.61
N GLY U 868 -7.07 63.83 -10.52
CA GLY U 868 -8.12 64.84 -10.45
C GLY U 868 -7.96 65.93 -11.48
N LEU U 869 -6.72 66.39 -11.69
CA LEU U 869 -6.47 67.42 -12.68
C LEU U 869 -6.77 66.94 -14.10
N VAL U 870 -6.55 65.65 -14.36
CA VAL U 870 -6.85 65.10 -15.69
C VAL U 870 -8.35 65.15 -15.95
N ASN U 871 -9.16 64.80 -14.94
CA ASN U 871 -10.60 64.82 -15.10
C ASN U 871 -11.16 66.23 -15.20
N LEU U 872 -10.44 67.24 -14.69
CA LEU U 872 -10.86 68.62 -14.88
C LEU U 872 -10.59 69.09 -16.30
N GLU U 873 -9.55 68.54 -16.94
CA GLU U 873 -9.33 68.79 -18.36
C GLU U 873 -10.28 67.96 -19.22
N LEU U 874 -10.75 66.83 -18.71
CA LEU U 874 -11.71 66.00 -19.44
C LEU U 874 -13.01 66.74 -19.69
N TYR U 875 -13.42 67.61 -18.75
CA TYR U 875 -14.63 68.40 -18.95
C TYR U 875 -14.52 69.27 -20.20
N LYS U 876 -13.33 69.78 -20.49
CA LYS U 876 -13.11 70.61 -21.66
C LYS U 876 -13.10 69.82 -22.95
N LEU U 877 -12.77 68.52 -22.89
CA LEU U 877 -12.85 67.68 -24.08
C LEU U 877 -14.29 67.37 -24.46
N ILE U 878 -15.17 67.26 -23.46
CA ILE U 878 -16.58 66.98 -23.73
C ILE U 878 -17.24 68.18 -24.39
N ASP U 879 -16.91 69.39 -23.95
CA ASP U 879 -17.46 70.59 -24.56
C ASP U 879 -16.88 70.87 -25.94
N ASN U 880 -15.84 70.14 -26.35
CA ASN U 880 -15.19 70.33 -27.64
C ASN U 880 -14.66 71.75 -27.78
N LYS U 881 -13.98 72.21 -26.73
CA LYS U 881 -13.42 73.55 -26.73
C LYS U 881 -12.30 73.68 -27.76
N THR U 882 -12.31 74.81 -28.47
CA THR U 882 -11.26 75.11 -29.44
C THR U 882 -10.38 76.28 -29.02
N ASP U 883 -10.79 77.04 -28.01
CA ASP U 883 -9.94 78.10 -27.46
C ASP U 883 -8.79 77.46 -26.69
N ILE U 884 -7.57 77.66 -27.18
CA ILE U 884 -6.41 77.01 -26.57
C ILE U 884 -6.12 77.54 -25.17
N GLU U 885 -6.63 78.73 -24.83
CA GLU U 885 -6.40 79.30 -23.51
C GLU U 885 -7.25 78.66 -22.42
N GLN U 886 -8.29 77.91 -22.79
CA GLN U 886 -9.11 77.24 -21.79
C GLN U 886 -8.40 76.01 -21.21
N TYR U 887 -7.59 75.34 -22.02
CA TYR U 887 -6.84 74.18 -21.53
C TYR U 887 -5.68 74.61 -20.65
N LYS U 888 -5.25 73.69 -19.79
CA LYS U 888 -4.19 74.01 -18.83
C LYS U 888 -3.31 72.78 -18.62
N ASN U 889 -2.01 72.93 -18.86
CA ASN U 889 -1.04 71.90 -18.53
C ASN U 889 -0.56 72.13 -17.09
N GLY U 890 -0.72 71.11 -16.25
CA GLY U 890 -0.41 71.22 -14.84
C GLY U 890 0.95 70.64 -14.49
N PHE U 891 1.57 71.24 -13.48
CA PHE U 891 2.82 70.74 -12.90
C PHE U 891 2.75 70.90 -11.39
N VAL U 892 2.90 69.80 -10.67
CA VAL U 892 2.77 69.80 -9.23
C VAL U 892 4.04 69.21 -8.60
N ASN U 893 4.39 69.74 -7.43
CA ASN U 893 5.50 69.21 -6.63
C ASN U 893 5.05 69.33 -5.17
N LEU U 894 4.45 68.25 -4.64
CA LEU U 894 3.85 68.31 -3.31
C LEU U 894 4.88 68.53 -2.21
N ALA U 895 6.17 68.43 -2.51
CA ALA U 895 7.20 68.57 -1.49
C ALA U 895 7.41 70.02 -1.06
N LEU U 896 7.19 70.98 -1.96
CA LEU U 896 7.49 72.38 -1.66
C LEU U 896 6.41 73.00 -0.76
N PRO U 897 5.12 72.93 -1.11
CA PRO U 897 4.41 72.47 -2.32
C PRO U 897 4.28 73.58 -3.36
N PHE U 898 4.35 73.21 -4.63
CA PHE U 898 4.25 74.18 -5.72
C PHE U 898 3.19 73.73 -6.70
N PHE U 899 2.34 74.66 -7.13
CA PHE U 899 1.30 74.39 -8.11
C PHE U 899 1.40 75.43 -9.21
N GLY U 900 1.66 74.98 -10.43
CA GLY U 900 1.72 75.86 -11.57
C GLY U 900 1.00 75.31 -12.77
N PHE U 901 0.37 76.19 -13.55
CA PHE U 901 -0.37 75.78 -14.74
C PHE U 901 0.02 76.68 -15.89
N SER U 902 0.29 76.08 -17.04
CA SER U 902 0.70 76.81 -18.23
C SER U 902 -0.19 76.43 -19.39
N GLU U 903 -0.37 77.37 -20.32
CA GLU U 903 -1.16 77.09 -21.50
C GLU U 903 -0.43 76.08 -22.39
N PRO U 904 -1.14 75.10 -22.94
CA PRO U 904 -0.47 74.11 -23.80
C PRO U 904 0.22 74.75 -24.99
N ILE U 905 1.38 74.20 -25.34
CA ILE U 905 2.18 74.75 -26.42
C ILE U 905 1.50 74.48 -27.76
N ALA U 906 1.36 75.52 -28.57
CA ALA U 906 0.78 75.36 -29.89
C ALA U 906 1.70 74.54 -30.79
N SER U 907 1.08 73.73 -31.66
CA SER U 907 1.86 72.89 -32.56
C SER U 907 2.70 73.75 -33.49
N PRO U 908 3.98 73.43 -33.69
CA PRO U 908 4.82 74.26 -34.56
C PRO U 908 4.35 74.17 -36.01
N LYS U 909 4.37 75.32 -36.68
CA LYS U 909 3.94 75.41 -38.05
C LYS U 909 5.13 75.50 -38.99
N GLY U 910 4.96 74.98 -40.21
CA GLY U 910 5.97 75.05 -41.24
C GLY U 910 5.40 75.55 -42.55
N GLU U 911 6.19 75.50 -43.61
CA GLU U 911 5.72 75.93 -44.92
C GLU U 911 6.58 75.31 -46.01
N TYR U 912 5.95 75.05 -47.15
CA TYR U 912 6.65 74.56 -48.34
C TYR U 912 5.93 75.12 -49.56
N ASN U 913 6.68 75.76 -50.46
CA ASN U 913 6.12 76.44 -51.62
C ASN U 913 5.05 77.46 -51.20
N ASN U 914 5.32 78.16 -50.09
CA ASN U 914 4.42 79.17 -49.53
C ASN U 914 3.08 78.59 -49.10
N LYS U 915 3.02 77.28 -48.84
CA LYS U 915 1.81 76.62 -48.38
C LYS U 915 2.00 76.24 -46.91
N LYS U 916 1.30 76.93 -46.02
CA LYS U 916 1.45 76.68 -44.59
C LYS U 916 0.79 75.37 -44.20
N TYR U 917 1.39 74.70 -43.20
CA TYR U 917 0.89 73.42 -42.72
C TYR U 917 1.24 73.26 -41.25
N ASP U 918 0.65 72.22 -40.65
CA ASP U 918 0.94 71.84 -39.27
C ASP U 918 1.94 70.69 -39.26
N LYS U 919 3.08 70.89 -38.62
CA LYS U 919 4.16 69.90 -38.65
C LYS U 919 3.80 68.63 -37.89
N ILE U 920 2.83 68.68 -36.98
CA ILE U 920 2.49 67.54 -36.14
C ILE U 920 1.27 66.79 -36.68
N TRP U 921 0.23 67.52 -37.10
CA TRP U 921 -1.05 66.92 -37.40
C TRP U 921 -1.36 66.80 -38.89
N ASP U 922 -0.84 67.69 -39.72
CA ASP U 922 -1.15 67.66 -41.15
C ASP U 922 -0.42 66.51 -41.83
N ARG U 923 -1.06 65.97 -42.86
CA ARG U 923 -0.48 64.85 -43.60
C ARG U 923 -1.13 64.79 -44.98
N PHE U 924 -0.48 64.07 -45.89
CA PHE U 924 -1.01 63.85 -47.22
C PHE U 924 -1.81 62.56 -47.24
N ASP U 925 -3.03 62.61 -47.76
CA ASP U 925 -3.92 61.46 -47.86
C ASP U 925 -4.01 61.03 -49.32
N ILE U 926 -3.47 59.85 -49.62
CA ILE U 926 -3.51 59.28 -50.96
C ILE U 926 -4.44 58.07 -50.93
N LYS U 927 -5.41 58.06 -51.85
CA LYS U 927 -6.42 56.99 -51.91
C LYS U 927 -5.98 55.90 -52.86
N GLY U 928 -6.14 54.65 -52.42
CA GLY U 928 -5.81 53.51 -53.25
C GLY U 928 -4.34 53.16 -53.21
N ASP U 929 -4.04 51.93 -53.61
CA ASP U 929 -2.66 51.44 -53.69
C ASP U 929 -2.00 52.05 -54.92
N ILE U 930 -1.58 53.30 -54.79
CA ILE U 930 -1.00 54.02 -55.92
C ILE U 930 0.38 53.45 -56.24
N LYS U 931 0.80 53.64 -57.48
CA LYS U 931 2.13 53.22 -57.89
C LYS U 931 3.15 54.28 -57.49
N LEU U 932 4.41 53.86 -57.39
CA LEU U 932 5.46 54.78 -56.97
C LEU U 932 5.66 55.90 -57.98
N SER U 933 5.50 55.60 -59.27
CA SER U 933 5.64 56.64 -60.29
C SER U 933 4.52 57.67 -60.18
N ASP U 934 3.28 57.20 -60.02
CA ASP U 934 2.16 58.12 -59.88
C ASP U 934 2.19 58.88 -58.56
N LEU U 935 2.84 58.33 -57.53
CA LEU U 935 2.94 59.04 -56.26
C LEU U 935 3.89 60.24 -56.39
N ILE U 936 5.04 60.05 -57.03
CA ILE U 936 5.94 61.17 -57.27
C ILE U 936 5.32 62.15 -58.26
N GLU U 937 4.57 61.63 -59.24
CA GLU U 937 3.90 62.51 -60.20
C GLU U 937 2.79 63.32 -59.54
N HIS U 938 2.06 62.71 -58.60
CA HIS U 938 0.98 63.43 -57.92
C HIS U 938 1.52 64.53 -57.01
N PHE U 939 2.75 64.39 -56.52
CA PHE U 939 3.35 65.37 -55.62
C PHE U 939 4.05 66.51 -56.35
N GLU U 940 4.44 66.32 -57.61
CA GLU U 940 5.06 67.41 -58.37
C GLU U 940 4.03 68.33 -59.00
N LYS U 941 2.82 67.84 -59.27
CA LYS U 941 1.78 68.66 -59.85
C LYS U 941 0.94 69.37 -58.79
N ASP U 942 0.39 68.62 -57.83
CA ASP U 942 -0.51 69.21 -56.86
C ASP U 942 0.23 69.96 -55.76
N GLU U 943 1.42 69.48 -55.37
CA GLU U 943 2.16 70.08 -54.27
C GLU U 943 3.47 70.73 -54.72
N GLY U 944 3.95 70.44 -55.93
CA GLY U 944 5.21 70.98 -56.39
C GLY U 944 6.41 70.46 -55.63
N LEU U 945 6.37 69.20 -55.20
CA LEU U 945 7.45 68.58 -54.44
C LEU U 945 7.98 67.38 -55.19
N GLU U 946 9.29 67.38 -55.44
CA GLU U 946 9.97 66.24 -56.08
C GLU U 946 10.45 65.32 -54.95
N ILE U 947 9.74 64.21 -54.76
CA ILE U 947 10.08 63.27 -53.70
C ILE U 947 11.44 62.66 -53.98
N THR U 948 12.42 62.97 -53.13
CA THR U 948 13.78 62.45 -53.28
C THR U 948 14.01 61.17 -52.48
N MET U 949 13.31 61.01 -51.36
CA MET U 949 13.44 59.81 -50.54
C MET U 949 12.07 59.46 -49.95
N LEU U 950 11.90 58.19 -49.63
CA LEU U 950 10.64 57.68 -49.09
C LEU U 950 10.95 56.48 -48.22
N SER U 951 10.35 56.44 -47.03
CA SER U 951 10.58 55.36 -46.08
C SER U 951 9.25 54.89 -45.49
N TYR U 952 9.27 53.68 -44.94
CA TYR U 952 8.11 53.08 -44.29
C TYR U 952 8.59 52.48 -42.96
N GLY U 953 8.41 53.23 -41.89
CA GLY U 953 8.91 52.79 -40.59
C GLY U 953 10.42 52.84 -40.52
N VAL U 954 11.05 51.68 -40.44
CA VAL U 954 12.49 51.56 -40.42
C VAL U 954 13.02 51.02 -41.75
N SER U 955 12.23 51.12 -42.81
CA SER U 955 12.55 50.56 -44.12
C SER U 955 12.59 51.66 -45.16
N LEU U 956 13.74 51.82 -45.81
CA LEU U 956 13.88 52.78 -46.90
C LEU U 956 13.38 52.14 -48.19
N LEU U 957 12.38 52.76 -48.82
CA LEU U 957 11.75 52.21 -50.02
C LEU U 957 12.29 52.84 -51.30
N TYR U 958 12.32 54.17 -51.37
CA TYR U 958 12.71 54.88 -52.58
C TYR U 958 13.79 55.90 -52.25
N ALA U 959 14.68 56.12 -53.21
CA ALA U 959 15.74 57.12 -53.07
C ALA U 959 16.09 57.67 -54.44
N SER U 960 16.16 59.00 -54.55
CA SER U 960 16.44 59.64 -55.84
C SER U 960 17.86 59.38 -56.31
N PHE U 961 18.77 59.02 -55.41
CA PHE U 961 20.15 58.74 -55.78
C PHE U 961 20.40 57.27 -56.08
N PHE U 962 19.35 56.46 -56.18
CA PHE U 962 19.51 55.06 -56.52
C PHE U 962 20.01 54.90 -57.96
N PRO U 963 20.73 53.83 -58.26
CA PRO U 963 21.16 53.59 -59.64
C PRO U 963 19.97 53.35 -60.55
N PRO U 964 20.13 53.54 -61.86
CA PRO U 964 18.99 53.35 -62.78
C PRO U 964 18.39 51.95 -62.73
N LYS U 965 19.11 50.97 -62.20
CA LYS U 965 18.55 49.63 -62.05
C LYS U 965 17.54 49.58 -60.92
N LYS U 966 17.85 50.21 -59.78
CA LYS U 966 16.92 50.26 -58.67
C LYS U 966 15.76 51.21 -58.95
N LEU U 967 15.99 52.25 -59.75
CA LEU U 967 14.94 53.23 -60.02
C LEU U 967 13.82 52.62 -60.87
N LYS U 968 14.17 52.10 -62.04
CA LYS U 968 13.17 51.51 -62.94
C LYS U 968 12.50 50.29 -62.34
N GLU U 969 13.17 49.60 -61.42
CA GLU U 969 12.60 48.40 -60.81
C GLU U 969 11.45 48.73 -59.87
N ARG U 970 11.59 49.81 -59.09
CA ARG U 970 10.61 50.13 -58.05
C ARG U 970 9.64 51.22 -58.45
N LEU U 971 9.94 52.02 -59.48
CA LEU U 971 9.05 53.08 -59.89
C LEU U 971 7.72 52.56 -60.43
N ASN U 972 7.69 51.33 -60.94
CA ASN U 972 6.50 50.73 -61.52
C ASN U 972 5.73 49.86 -60.54
N LEU U 973 6.17 49.77 -59.28
CA LEU U 973 5.49 48.92 -58.32
C LEU U 973 4.55 49.71 -57.43
N PRO U 974 3.42 49.12 -57.02
CA PRO U 974 2.55 49.79 -56.06
C PRO U 974 3.17 49.86 -54.67
N ILE U 975 2.49 50.54 -53.74
CA ILE U 975 3.06 50.74 -52.41
C ILE U 975 3.16 49.42 -51.65
N THR U 976 2.17 48.54 -51.81
CA THR U 976 2.18 47.27 -51.08
C THR U 976 3.30 46.37 -51.59
N GLN U 977 3.45 46.25 -52.92
CA GLN U 977 4.52 45.44 -53.48
C GLN U 977 5.90 46.07 -53.29
N LEU U 978 5.96 47.40 -53.11
CA LEU U 978 7.24 48.03 -52.84
C LEU U 978 7.77 47.64 -51.46
N VAL U 979 6.86 47.56 -50.47
CA VAL U 979 7.26 47.14 -49.14
C VAL U 979 7.60 45.65 -49.13
N LYS U 980 6.87 44.85 -49.91
CA LYS U 980 7.17 43.43 -50.01
C LYS U 980 8.56 43.19 -50.58
N LEU U 981 8.96 43.98 -51.57
CA LEU U 981 10.29 43.82 -52.15
C LEU U 981 11.38 44.21 -51.17
N VAL U 982 11.14 45.27 -50.39
CA VAL U 982 12.17 45.81 -49.51
C VAL U 982 12.22 45.05 -48.18
N THR U 983 11.06 44.78 -47.58
CA THR U 983 11.02 44.19 -46.25
C THR U 983 10.90 42.68 -46.26
N LYS U 984 10.76 42.05 -47.43
CA LYS U 984 10.57 40.60 -47.57
C LYS U 984 9.36 40.09 -46.79
N LYS U 985 8.41 40.97 -46.48
CA LYS U 985 7.21 40.60 -45.74
C LYS U 985 5.99 41.19 -46.43
N ASP U 986 4.87 40.46 -46.35
CA ASP U 986 3.63 40.87 -46.97
C ASP U 986 2.83 41.74 -46.01
N ILE U 987 2.14 42.74 -46.57
CA ILE U 987 1.21 43.55 -45.80
C ILE U 987 -0.03 42.70 -45.53
N PRO U 988 -0.36 42.43 -44.27
CA PRO U 988 -1.53 41.58 -43.99
C PRO U 988 -2.82 42.23 -44.44
N ALA U 989 -3.84 41.39 -44.67
CA ALA U 989 -5.10 41.88 -45.20
C ALA U 989 -5.85 42.77 -44.21
N HIS U 990 -5.59 42.64 -42.92
CA HIS U 990 -6.25 43.48 -41.92
C HIS U 990 -5.71 44.90 -41.89
N VAL U 991 -4.59 45.17 -42.56
CA VAL U 991 -4.01 46.51 -42.59
C VAL U 991 -4.78 47.34 -43.61
N SER U 992 -5.32 48.48 -43.18
CA SER U 992 -6.07 49.37 -44.04
C SER U 992 -5.35 50.66 -44.40
N THR U 993 -4.34 51.05 -43.64
CA THR U 993 -3.60 52.28 -43.91
C THR U 993 -2.11 52.03 -43.75
N MET U 994 -1.31 52.85 -44.43
CA MET U 994 0.14 52.77 -44.39
C MET U 994 0.73 54.16 -44.27
N ILE U 995 1.70 54.30 -43.38
CA ILE U 995 2.34 55.59 -43.09
C ILE U 995 3.72 55.63 -43.76
N LEU U 996 3.95 56.66 -44.56
CA LEU U 996 5.19 56.82 -45.31
C LEU U 996 5.84 58.15 -44.97
N GLU U 997 7.11 58.11 -44.55
CA GLU U 997 7.90 59.31 -44.36
C GLU U 997 8.66 59.64 -45.64
N ILE U 998 8.66 60.92 -46.01
CA ILE U 998 9.25 61.36 -47.28
C ILE U 998 10.10 62.59 -47.06
N CYS U 999 11.21 62.67 -47.78
CA CYS U 999 12.00 63.88 -47.92
C CYS U 999 11.93 64.33 -49.38
N ALA U 1000 11.73 65.63 -49.59
CA ALA U 1000 11.50 66.13 -50.93
C ALA U 1000 12.07 67.53 -51.06
N ASP U 1001 12.23 67.97 -52.31
CA ASP U 1001 12.69 69.32 -52.62
C ASP U 1001 11.52 70.14 -53.13
N ASP U 1002 11.55 71.44 -52.84
CA ASP U 1002 10.49 72.34 -53.25
C ASP U 1002 10.71 72.74 -54.71
N LYS U 1003 9.96 73.75 -55.17
CA LYS U 1003 10.10 74.22 -56.54
C LYS U 1003 11.43 74.94 -56.78
N GLU U 1004 12.20 75.21 -55.73
CA GLU U 1004 13.50 75.86 -55.84
C GLU U 1004 14.66 74.88 -55.73
N GLY U 1005 14.39 73.60 -55.49
CA GLY U 1005 15.44 72.61 -55.45
C GLY U 1005 16.19 72.49 -54.14
N GLU U 1006 15.55 72.80 -53.02
CA GLU U 1006 16.17 72.70 -51.71
C GLU U 1006 15.31 71.86 -50.78
N ASP U 1007 15.95 71.07 -49.92
CA ASP U 1007 15.25 70.20 -49.01
C ASP U 1007 14.43 71.01 -48.01
N VAL U 1008 13.20 70.56 -47.75
CA VAL U 1008 12.29 71.23 -46.84
C VAL U 1008 11.50 70.17 -46.08
N GLU U 1009 11.23 70.45 -44.80
CA GLU U 1009 10.45 69.52 -43.99
C GLU U 1009 9.02 69.45 -44.49
N VAL U 1010 8.54 68.23 -44.71
CA VAL U 1010 7.20 68.01 -45.26
C VAL U 1010 6.47 67.00 -44.38
N PRO U 1011 5.13 67.03 -44.39
CA PRO U 1011 4.37 66.05 -43.60
C PRO U 1011 4.54 64.62 -44.11
N PHE U 1012 3.93 63.67 -43.41
CA PHE U 1012 3.99 62.27 -43.81
C PHE U 1012 2.80 61.94 -44.71
N ILE U 1013 2.74 60.69 -45.16
CA ILE U 1013 1.75 60.23 -46.11
C ILE U 1013 0.94 59.10 -45.48
N THR U 1014 -0.37 59.12 -45.71
CA THR U 1014 -1.28 58.04 -45.31
C THR U 1014 -1.83 57.39 -46.56
N ILE U 1015 -1.46 56.12 -46.79
CA ILE U 1015 -1.87 55.38 -47.98
C ILE U 1015 -3.12 54.58 -47.63
N HIS U 1016 -4.28 55.07 -48.07
CA HIS U 1016 -5.54 54.38 -47.84
C HIS U 1016 -5.70 53.28 -48.88
N LEU U 1017 -5.45 52.04 -48.48
CA LEU U 1017 -5.56 50.90 -49.39
C LEU U 1017 -7.02 50.58 -49.69
N THR V 9 10.17 62.16 -36.18
CA THR V 9 11.08 62.77 -37.15
C THR V 9 12.51 62.29 -36.92
N ALA V 10 12.66 60.98 -36.65
CA ALA V 10 13.97 60.36 -36.47
C ALA V 10 14.49 59.80 -37.79
N SER V 11 13.64 59.10 -38.54
CA SER V 11 14.05 58.57 -39.84
C SER V 11 14.31 59.70 -40.84
N SER V 12 13.58 60.80 -40.73
CA SER V 12 13.81 61.91 -41.65
C SER V 12 15.17 62.56 -41.43
N LEU V 13 15.60 62.69 -40.18
CA LEU V 13 16.91 63.24 -39.90
C LEU V 13 18.01 62.26 -40.27
N LEU V 14 17.80 60.97 -40.02
CA LEU V 14 18.80 59.96 -40.39
C LEU V 14 18.95 59.87 -41.90
N LEU V 15 17.86 60.04 -42.65
CA LEU V 15 17.93 59.99 -44.10
C LEU V 15 18.73 61.17 -44.66
N ARG V 16 18.46 62.38 -44.14
CA ARG V 16 19.15 63.56 -44.65
C ARG V 16 20.65 63.51 -44.37
N GLN V 17 21.06 62.88 -43.28
CA GLN V 17 22.48 62.74 -42.99
C GLN V 17 23.10 61.56 -43.72
N TYR V 18 22.32 60.51 -43.98
CA TYR V 18 22.82 59.40 -44.79
C TYR V 18 22.99 59.81 -46.25
N ARG V 19 22.13 60.69 -46.75
CA ARG V 19 22.25 61.15 -48.13
C ARG V 19 23.45 62.08 -48.31
N GLU V 20 23.77 62.88 -47.28
CA GLU V 20 24.91 63.79 -47.38
C GLU V 20 26.23 63.07 -47.27
N LEU V 21 26.27 61.89 -46.65
CA LEU V 21 27.50 61.13 -46.49
C LEU V 21 27.69 60.09 -47.59
N THR V 22 26.72 59.91 -48.48
CA THR V 22 26.85 59.00 -49.61
C THR V 22 26.73 59.70 -50.96
N ASP V 23 26.29 60.95 -50.99
CA ASP V 23 26.30 61.73 -52.23
C ASP V 23 27.74 61.99 -52.64
N PRO V 24 28.17 61.60 -53.84
CA PRO V 24 29.60 61.75 -54.17
C PRO V 24 30.02 63.18 -54.49
N LYS V 25 29.36 64.14 -53.86
CA LYS V 25 29.80 65.53 -53.88
C LYS V 25 30.20 66.06 -52.51
N LYS V 26 29.45 65.69 -51.48
CA LYS V 26 29.68 66.15 -50.11
C LYS V 26 30.13 65.02 -49.17
N ALA V 27 30.28 63.81 -49.68
CA ALA V 27 30.63 62.68 -48.83
C ALA V 27 32.06 62.83 -48.32
N ILE V 28 32.25 62.61 -47.04
CA ILE V 28 33.59 62.63 -46.44
C ILE V 28 34.31 61.37 -46.91
N PRO V 29 35.48 61.49 -47.54
CA PRO V 29 36.16 60.31 -48.08
C PRO V 29 36.75 59.38 -47.02
N SER V 30 36.62 59.70 -45.73
CA SER V 30 37.15 58.86 -44.67
C SER V 30 36.20 57.77 -44.22
N PHE V 31 34.94 57.79 -44.67
CA PHE V 31 33.95 56.82 -44.21
C PHE V 31 33.10 56.36 -45.39
N HIS V 32 32.87 55.05 -45.47
CA HIS V 32 31.98 54.45 -46.46
C HIS V 32 30.76 53.95 -45.71
N ILE V 33 29.63 54.65 -45.87
CA ILE V 33 28.42 54.40 -45.09
C ILE V 33 27.41 53.67 -45.97
N GLU V 34 26.84 52.60 -45.43
CA GLU V 34 25.77 51.86 -46.10
C GLU V 34 24.80 51.34 -45.06
N LEU V 35 23.53 51.28 -45.44
CA LEU V 35 22.50 50.80 -44.54
C LEU V 35 22.55 49.29 -44.42
N GLU V 36 22.09 48.78 -43.28
CA GLU V 36 21.99 47.33 -43.08
C GLU V 36 20.90 46.78 -43.98
N ASP V 37 21.27 45.82 -44.83
CA ASP V 37 20.39 45.26 -45.84
C ASP V 37 19.92 46.31 -46.84
N ASP V 38 20.60 47.45 -46.89
CA ASP V 38 20.27 48.58 -47.76
C ASP V 38 18.84 49.09 -47.53
N SER V 39 18.24 48.73 -46.39
CA SER V 39 16.87 49.11 -46.08
C SER V 39 16.67 49.66 -44.67
N ASN V 40 17.55 49.35 -43.72
CA ASN V 40 17.35 49.75 -42.32
C ASN V 40 18.01 51.10 -42.11
N ILE V 41 17.20 52.12 -41.81
CA ILE V 41 17.72 53.45 -41.56
C ILE V 41 18.30 53.57 -40.15
N PHE V 42 17.88 52.71 -39.22
CA PHE V 42 18.34 52.77 -37.85
C PHE V 42 19.47 51.78 -37.58
N THR V 43 20.09 51.23 -38.62
CA THR V 43 21.22 50.32 -38.47
C THR V 43 22.15 50.57 -39.66
N TRP V 44 23.30 51.18 -39.39
CA TRP V 44 24.25 51.57 -40.43
C TRP V 44 25.49 50.69 -40.40
N ASN V 45 25.91 50.26 -41.57
CA ASN V 45 27.19 49.57 -41.74
C ASN V 45 28.19 50.58 -42.30
N ILE V 46 29.10 51.04 -41.45
CA ILE V 46 30.02 52.12 -41.79
C ILE V 46 31.43 51.56 -41.84
N GLY V 47 32.16 51.92 -42.90
CA GLY V 47 33.56 51.55 -43.01
C GLY V 47 34.48 52.69 -42.63
N VAL V 48 35.19 52.52 -41.52
CA VAL V 48 36.05 53.58 -40.99
C VAL V 48 37.42 53.46 -41.65
N MET V 49 37.89 54.58 -42.20
CA MET V 49 39.20 54.63 -42.87
C MET V 49 40.01 55.78 -42.30
N VAL V 50 41.31 55.54 -42.14
CA VAL V 50 42.23 56.56 -41.66
C VAL V 50 43.07 56.99 -42.86
N LEU V 51 42.75 58.15 -43.42
CA LEU V 51 43.44 58.67 -44.59
C LEU V 51 44.76 59.34 -44.26
N ASN V 52 45.03 59.60 -42.99
CA ASN V 52 46.29 60.23 -42.59
C ASN V 52 47.45 59.29 -42.90
N GLU V 53 48.41 59.76 -43.69
CA GLU V 53 49.53 58.92 -44.09
C GLU V 53 50.51 58.71 -42.93
N ASP V 54 50.66 59.71 -42.06
CA ASP V 54 51.57 59.60 -40.92
C ASP V 54 51.01 58.74 -39.80
N SER V 55 49.72 58.40 -39.85
CA SER V 55 49.12 57.58 -38.80
C SER V 55 49.58 56.14 -38.91
N ILE V 56 49.62 55.46 -37.75
CA ILE V 56 49.99 54.05 -37.73
C ILE V 56 48.88 53.21 -38.34
N TYR V 57 47.63 53.66 -38.23
CA TYR V 57 46.48 52.94 -38.76
C TYR V 57 46.19 53.29 -40.21
N HIS V 58 47.17 53.84 -40.93
CA HIS V 58 46.95 54.26 -42.31
C HIS V 58 46.73 53.07 -43.22
N GLY V 59 45.85 53.24 -44.21
CA GLY V 59 45.54 52.19 -45.16
C GLY V 59 44.56 51.15 -44.69
N GLY V 60 44.02 51.28 -43.48
CA GLY V 60 43.10 50.30 -42.95
C GLY V 60 41.65 50.60 -43.29
N PHE V 61 40.82 49.55 -43.23
CA PHE V 61 39.38 49.64 -43.47
C PHE V 61 38.70 48.80 -42.40
N PHE V 62 38.33 49.44 -41.30
CA PHE V 62 37.75 48.77 -40.13
C PHE V 62 36.23 48.85 -40.22
N LYS V 63 35.60 47.70 -40.44
CA LYS V 63 34.14 47.64 -40.51
C LYS V 63 33.52 47.81 -39.13
N ALA V 64 32.38 48.49 -39.08
CA ALA V 64 31.68 48.71 -37.82
C ALA V 64 30.19 48.75 -38.09
N GLN V 65 29.41 48.84 -37.01
CA GLN V 65 27.96 48.86 -37.10
C GLN V 65 27.40 49.85 -36.10
N MET V 66 26.51 50.73 -36.56
CA MET V 66 25.84 51.70 -35.71
C MET V 66 24.35 51.39 -35.64
N ARG V 67 23.81 51.36 -34.43
CA ARG V 67 22.38 51.13 -34.20
C ARG V 67 21.78 52.37 -33.56
N PHE V 68 20.89 53.02 -34.29
CA PHE V 68 20.24 54.26 -33.84
C PHE V 68 18.93 53.95 -33.13
N PRO V 69 18.65 54.59 -32.00
CA PRO V 69 17.37 54.37 -31.31
C PRO V 69 16.22 55.04 -32.04
N GLU V 70 15.00 54.77 -31.57
CA GLU V 70 13.82 55.34 -32.19
C GLU V 70 13.72 56.84 -31.97
N ASP V 71 14.27 57.34 -30.85
CA ASP V 71 14.19 58.76 -30.50
C ASP V 71 15.44 59.53 -30.91
N PHE V 72 16.05 59.16 -32.03
CA PHE V 72 17.19 59.90 -32.53
C PHE V 72 16.77 61.32 -32.92
N PRO V 73 17.60 62.34 -32.65
CA PRO V 73 18.90 62.25 -31.99
C PRO V 73 18.86 62.54 -30.48
N PHE V 74 17.69 62.38 -29.87
CA PHE V 74 17.54 62.66 -28.44
C PHE V 74 18.10 61.54 -27.57
N SER V 75 18.46 60.39 -28.15
CA SER V 75 19.11 59.32 -27.42
C SER V 75 20.39 58.92 -28.15
N PRO V 76 21.47 58.65 -27.42
CA PRO V 76 22.75 58.34 -28.07
C PRO V 76 22.71 56.97 -28.74
N PRO V 77 23.30 56.84 -29.92
CA PRO V 77 23.33 55.55 -30.61
C PRO V 77 24.47 54.67 -30.13
N GLN V 78 24.36 53.38 -30.45
CA GLN V 78 25.37 52.40 -30.12
C GLN V 78 26.36 52.23 -31.26
N PHE V 79 27.63 52.00 -30.92
CA PHE V 79 28.69 51.81 -31.89
C PHE V 79 29.49 50.57 -31.52
N ARG V 80 29.67 49.66 -32.49
CA ARG V 80 30.35 48.40 -32.24
C ARG V 80 31.24 48.07 -33.44
N PHE V 81 32.49 47.70 -33.16
CA PHE V 81 33.44 47.31 -34.21
C PHE V 81 33.23 45.84 -34.57
N THR V 82 33.15 45.56 -35.87
CA THR V 82 32.98 44.20 -36.38
C THR V 82 34.10 43.86 -37.36
N PRO V 83 35.14 43.11 -36.94
CA PRO V 83 35.34 42.59 -35.59
C PRO V 83 36.03 43.60 -34.67
N ALA V 84 36.21 43.24 -33.40
CA ALA V 84 36.90 44.12 -32.47
C ALA V 84 38.36 44.31 -32.92
N ILE V 85 38.89 45.49 -32.64
CA ILE V 85 40.25 45.84 -33.05
C ILE V 85 41.10 46.07 -31.80
N TYR V 86 42.41 46.12 -32.00
CA TYR V 86 43.35 46.32 -30.91
C TYR V 86 43.55 47.82 -30.70
N HIS V 87 42.94 48.35 -29.63
CA HIS V 87 43.00 49.76 -29.27
C HIS V 87 42.63 49.87 -27.81
N PRO V 88 43.25 50.77 -27.04
CA PRO V 88 42.93 50.86 -25.61
C PRO V 88 41.49 51.26 -25.30
N ASN V 89 40.73 51.78 -26.27
CA ASN V 89 39.39 52.28 -26.01
C ASN V 89 38.29 51.48 -26.72
N VAL V 90 38.48 50.17 -26.93
CA VAL V 90 37.49 49.36 -27.60
C VAL V 90 37.45 47.95 -27.01
N TYR V 91 36.28 47.32 -27.11
CA TYR V 91 36.12 45.88 -26.86
C TYR V 91 34.73 45.44 -27.34
N VAL V 120 21.43 66.39 -30.29
CA VAL V 120 22.21 67.63 -30.26
C VAL V 120 23.45 67.47 -31.14
N GLN V 121 23.74 66.22 -31.49
CA GLN V 121 24.93 65.84 -32.24
C GLN V 121 24.52 65.19 -33.56
N THR V 122 25.40 65.30 -34.55
CA THR V 122 25.15 64.71 -35.86
C THR V 122 26.07 63.52 -36.05
N VAL V 123 25.74 62.68 -37.04
CA VAL V 123 26.52 61.49 -37.32
C VAL V 123 27.94 61.85 -37.75
N GLU V 124 28.10 62.97 -38.45
CA GLU V 124 29.42 63.40 -38.87
C GLU V 124 30.32 63.69 -37.68
N SER V 125 29.77 64.31 -36.63
CA SER V 125 30.59 64.62 -35.45
C SER V 125 31.02 63.35 -34.72
N VAL V 126 30.18 62.33 -34.71
CA VAL V 126 30.52 61.10 -34.00
C VAL V 126 31.64 60.36 -34.74
N LEU V 127 31.49 60.20 -36.05
CA LEU V 127 32.50 59.46 -36.81
C LEU V 127 33.85 60.17 -36.80
N ILE V 128 33.83 61.50 -36.93
CA ILE V 128 35.07 62.26 -36.90
C ILE V 128 35.73 62.17 -35.53
N SER V 129 34.94 62.08 -34.46
CA SER V 129 35.51 61.89 -33.14
C SER V 129 36.14 60.51 -32.97
N ILE V 130 35.71 59.53 -33.77
CA ILE V 130 36.21 58.17 -33.62
C ILE V 130 37.60 58.03 -34.23
N VAL V 131 37.81 58.57 -35.44
CA VAL V 131 39.11 58.47 -36.09
C VAL V 131 40.17 59.23 -35.32
N SER V 132 39.78 60.25 -34.56
CA SER V 132 40.73 60.99 -33.74
C SER V 132 41.27 60.13 -32.60
N LEU V 133 40.43 59.25 -32.03
CA LEU V 133 40.89 58.36 -30.98
C LEU V 133 41.84 57.29 -31.49
N LEU V 134 41.69 56.88 -32.76
CA LEU V 134 42.54 55.82 -33.29
C LEU V 134 44.01 56.25 -33.35
N GLU V 135 44.26 57.51 -33.71
CA GLU V 135 45.63 58.02 -33.80
C GLU V 135 46.08 58.68 -32.50
N ASP V 136 45.15 59.25 -31.73
CA ASP V 136 45.44 59.94 -30.48
C ASP V 136 44.55 59.29 -29.42
N PRO V 137 45.06 58.28 -28.72
CA PRO V 137 44.23 57.55 -27.76
C PRO V 137 43.83 58.35 -26.53
N ASN V 138 43.15 57.67 -25.61
CA ASN V 138 42.62 58.24 -24.38
C ASN V 138 43.14 57.45 -23.20
N ILE V 139 44.47 57.39 -23.04
CA ILE V 139 45.10 56.50 -22.07
C ILE V 139 44.59 56.74 -20.65
N ASN V 140 44.01 57.90 -20.37
CA ASN V 140 43.47 58.15 -19.04
C ASN V 140 42.22 57.32 -18.80
N SER V 141 41.44 57.05 -19.85
CA SER V 141 40.22 56.24 -19.77
C SER V 141 40.38 55.01 -20.64
N PRO V 142 41.13 54.01 -20.19
CA PRO V 142 41.35 52.81 -21.00
C PRO V 142 40.31 51.73 -20.75
N LYS V 143 40.19 50.84 -21.73
CA LYS V 143 39.38 49.63 -21.59
C LYS V 143 40.23 48.37 -21.75
N ASN V 144 41.02 48.28 -22.82
CA ASN V 144 41.94 47.16 -23.02
C ASN V 144 43.20 47.43 -22.22
N VAL V 145 43.31 46.81 -21.05
CA VAL V 145 44.49 47.03 -20.21
C VAL V 145 45.76 46.56 -20.92
N ASP V 146 45.64 45.56 -21.80
CA ASP V 146 46.80 45.13 -22.59
C ASP V 146 47.24 46.22 -23.56
N ALA V 147 46.29 46.77 -24.32
CA ALA V 147 46.63 47.82 -25.28
C ALA V 147 47.02 49.11 -24.58
N ALA V 148 46.50 49.37 -23.39
CA ALA V 148 46.85 50.59 -22.67
C ALA V 148 48.28 50.52 -22.15
N VAL V 149 48.65 49.39 -21.55
CA VAL V 149 50.01 49.25 -21.02
C VAL V 149 51.02 49.10 -22.16
N ASP V 150 50.58 48.58 -23.31
CA ASP V 150 51.50 48.44 -24.45
C ASP V 150 51.74 49.77 -25.17
N TYR V 151 50.77 50.68 -25.12
CA TYR V 151 50.93 51.95 -25.81
C TYR V 151 52.00 52.82 -25.15
N ARG V 152 52.11 52.75 -23.83
CA ARG V 152 53.01 53.63 -23.08
C ARG V 152 54.29 52.94 -22.63
N LYS V 153 54.23 51.67 -22.24
CA LYS V 153 55.39 50.98 -21.69
C LYS V 153 56.17 50.21 -22.74
N ASN V 154 55.49 49.56 -23.69
CA ASN V 154 56.11 48.73 -24.71
C ASN V 154 55.74 49.26 -26.10
N PRO V 155 56.33 50.37 -26.52
CA PRO V 155 55.94 50.97 -27.81
C PRO V 155 56.23 50.08 -29.02
N GLU V 156 57.37 49.38 -29.02
CA GLU V 156 57.72 48.56 -30.17
C GLU V 156 56.71 47.42 -30.40
N GLN V 157 56.18 46.87 -29.31
CA GLN V 157 55.20 45.80 -29.43
C GLN V 157 53.84 46.32 -29.90
N TYR V 158 53.47 47.51 -29.44
CA TYR V 158 52.17 48.08 -29.79
C TYR V 158 52.06 48.35 -31.29
N LYS V 159 53.12 48.90 -31.90
CA LYS V 159 53.09 49.18 -33.33
C LYS V 159 52.97 47.91 -34.16
N GLN V 160 53.54 46.80 -33.71
CA GLN V 160 53.46 45.56 -34.48
C GLN V 160 52.06 44.97 -34.44
N ARG V 161 51.38 45.06 -33.29
CA ARG V 161 50.01 44.56 -33.20
C ARG V 161 49.04 45.40 -34.02
N VAL V 162 49.32 46.70 -34.16
CA VAL V 162 48.48 47.55 -34.98
C VAL V 162 48.70 47.26 -36.46
N LYS V 163 49.96 47.10 -36.86
CA LYS V 163 50.27 46.81 -38.26
C LYS V 163 49.63 45.51 -38.71
N MET V 164 49.61 44.50 -37.84
CA MET V 164 48.93 43.24 -38.16
C MET V 164 47.41 43.43 -38.21
N GLU V 165 46.89 44.37 -37.42
CA GLU V 165 45.45 44.63 -37.44
C GLU V 165 45.03 45.32 -38.73
N VAL V 166 45.91 46.14 -39.32
CA VAL V 166 45.59 46.82 -40.56
C VAL V 166 45.55 45.84 -41.72
N GLU V 167 46.45 44.85 -41.71
CA GLU V 167 46.51 43.89 -42.82
C GLU V 167 45.29 42.97 -42.82
N ARG V 168 44.85 42.51 -41.65
CA ARG V 168 43.64 41.70 -41.57
C ARG V 168 42.39 42.50 -41.89
N SER V 169 42.47 43.83 -41.86
CA SER V 169 41.34 44.69 -42.21
C SER V 169 41.10 44.79 -43.70
N LYS V 170 42.11 44.51 -44.53
CA LYS V 170 41.95 44.60 -45.98
C LYS V 170 41.00 43.55 -46.53
N GLN V 171 40.65 42.53 -45.75
CA GLN V 171 39.66 41.55 -46.17
C GLN V 171 38.26 42.13 -46.18
N ASP V 172 38.04 43.23 -45.45
CA ASP V 172 36.74 43.88 -45.30
C ASP V 172 36.57 45.05 -46.26
N ILE V 173 36.97 44.91 -47.52
CA ILE V 173 36.79 46.01 -48.47
C ILE V 173 35.48 45.79 -49.22
N PRO V 174 34.68 46.85 -49.44
CA PRO V 174 33.41 46.68 -50.16
C PRO V 174 33.53 46.40 -51.65
N LYS V 175 34.27 47.24 -52.39
CA LYS V 175 34.28 47.12 -53.84
C LYS V 175 35.55 47.80 -54.37
N GLY V 176 35.57 48.04 -55.68
CA GLY V 176 36.67 48.67 -56.40
C GLY V 176 37.21 49.98 -55.86
N PHE V 177 36.55 50.59 -54.89
CA PHE V 177 36.97 51.90 -54.42
C PHE V 177 38.29 51.79 -53.67
N ILE V 178 39.19 52.73 -53.95
CA ILE V 178 40.51 52.81 -53.32
C ILE V 178 40.59 54.09 -52.50
N MET V 179 41.34 54.01 -51.40
CA MET V 179 41.54 55.09 -50.43
C MET V 179 41.67 56.45 -51.11
N PRO V 180 40.76 57.37 -50.84
CA PRO V 180 40.77 58.71 -51.51
C PRO V 180 41.71 59.72 -50.84
N THR V 181 42.99 59.70 -51.21
CA THR V 181 43.90 60.73 -50.75
C THR V 181 43.60 62.05 -51.46
N SER V 182 43.76 63.15 -50.75
CA SER V 182 43.43 64.47 -51.28
C SER V 182 44.01 65.59 -50.40
N MET W 8 -23.42 -39.40 -1.74
CA MET W 8 -23.21 -39.72 -0.34
C MET W 8 -22.38 -40.98 -0.16
N GLN W 9 -21.37 -40.93 0.70
CA GLN W 9 -20.48 -42.05 0.96
C GLN W 9 -20.62 -42.51 2.40
N ILE W 10 -20.57 -43.83 2.60
CA ILE W 10 -20.64 -44.45 3.91
C ILE W 10 -19.48 -45.41 4.06
N PHE W 11 -19.11 -45.67 5.32
CA PHE W 11 -18.00 -46.56 5.64
C PHE W 11 -18.51 -47.89 6.17
N VAL W 12 -17.74 -48.95 5.92
CA VAL W 12 -18.07 -50.30 6.36
C VAL W 12 -16.81 -50.95 6.90
N ARG W 13 -16.85 -51.45 8.13
CA ARG W 13 -15.71 -52.12 8.74
C ARG W 13 -15.82 -53.62 8.53
N THR W 14 -14.73 -54.24 8.10
CA THR W 14 -14.70 -55.66 7.81
C THR W 14 -14.24 -56.47 9.01
N LEU W 15 -14.01 -57.77 8.80
CA LEU W 15 -13.53 -58.64 9.87
C LEU W 15 -12.08 -58.35 10.24
N THR W 16 -11.29 -57.85 9.28
CA THR W 16 -9.88 -57.57 9.50
C THR W 16 -9.63 -56.10 9.83
N GLY W 17 -10.49 -55.52 10.67
CA GLY W 17 -10.49 -54.12 11.02
C GLY W 17 -10.05 -53.16 9.93
N ARG W 18 -10.57 -53.37 8.71
CA ARG W 18 -10.32 -52.50 7.58
C ARG W 18 -11.63 -51.91 7.11
N THR W 19 -11.61 -50.62 6.77
CA THR W 19 -12.82 -49.86 6.45
C THR W 19 -12.95 -49.70 4.94
N ILE W 20 -14.16 -49.96 4.43
CA ILE W 20 -14.45 -49.89 3.00
C ILE W 20 -15.30 -48.64 2.73
N THR W 21 -15.00 -47.97 1.62
CA THR W 21 -15.75 -46.81 1.17
C THR W 21 -16.71 -47.22 0.05
N LEU W 22 -17.99 -46.92 0.24
CA LEU W 22 -19.03 -47.33 -0.69
C LEU W 22 -19.73 -46.12 -1.29
N GLU W 23 -20.14 -46.27 -2.54
CA GLU W 23 -20.91 -45.24 -3.25
C GLU W 23 -22.37 -45.65 -3.22
N VAL W 24 -23.17 -44.91 -2.47
CA VAL W 24 -24.58 -45.23 -2.23
C VAL W 24 -25.39 -43.94 -2.23
N GLU W 25 -26.70 -44.09 -2.12
CA GLU W 25 -27.62 -42.97 -1.95
C GLU W 25 -28.52 -43.27 -0.75
N SER W 26 -29.45 -42.36 -0.48
CA SER W 26 -30.37 -42.50 0.64
C SER W 26 -31.64 -43.26 0.28
N SER W 27 -31.72 -43.82 -0.93
CA SER W 27 -32.89 -44.56 -1.38
C SER W 27 -32.62 -46.05 -1.58
N ASP W 28 -31.39 -46.50 -1.38
CA ASP W 28 -31.05 -47.91 -1.58
C ASP W 28 -31.42 -48.72 -0.35
N THR W 29 -31.97 -49.91 -0.57
CA THR W 29 -32.36 -50.79 0.51
C THR W 29 -31.13 -51.45 1.13
N ILE W 30 -31.34 -52.11 2.27
CA ILE W 30 -30.25 -52.83 2.92
C ILE W 30 -29.86 -54.07 2.11
N ASP W 31 -30.82 -54.68 1.42
CA ASP W 31 -30.50 -55.80 0.55
C ASP W 31 -29.56 -55.39 -0.58
N ASN W 32 -29.62 -54.12 -0.99
CA ASN W 32 -28.70 -53.63 -2.01
C ASN W 32 -27.27 -53.60 -1.47
N VAL W 33 -27.09 -52.99 -0.30
CA VAL W 33 -25.77 -52.93 0.33
C VAL W 33 -25.26 -54.33 0.64
N ARG W 34 -26.17 -55.26 0.97
CA ARG W 34 -25.76 -56.64 1.20
C ARG W 34 -25.12 -57.25 -0.05
N ALA W 35 -25.68 -56.96 -1.22
CA ALA W 35 -25.13 -57.45 -2.49
C ALA W 35 -23.99 -56.59 -3.01
N ARG W 36 -23.86 -55.36 -2.51
CA ARG W 36 -22.78 -54.47 -2.91
C ARG W 36 -21.49 -54.79 -2.17
N ILE W 37 -21.56 -55.18 -0.90
CA ILE W 37 -20.35 -55.60 -0.20
C ILE W 37 -19.91 -56.97 -0.68
N GLN W 38 -20.85 -57.77 -1.19
CA GLN W 38 -20.52 -59.08 -1.72
C GLN W 38 -19.58 -58.96 -2.90
N ASP W 39 -19.91 -58.08 -3.85
CA ASP W 39 -19.11 -57.91 -5.05
C ASP W 39 -17.81 -57.14 -4.80
N ARG W 40 -17.68 -56.49 -3.65
CA ARG W 40 -16.47 -55.75 -3.33
C ARG W 40 -15.49 -56.53 -2.48
N GLU W 41 -15.99 -57.42 -1.61
CA GLU W 41 -15.13 -58.21 -0.73
C GLU W 41 -15.12 -59.69 -1.05
N GLY W 42 -16.20 -60.23 -1.60
CA GLY W 42 -16.27 -61.63 -1.95
C GLY W 42 -17.00 -62.52 -0.97
N ILE W 43 -17.65 -61.94 0.04
CA ILE W 43 -18.36 -62.74 1.04
C ILE W 43 -19.80 -62.91 0.57
N PRO W 44 -20.34 -64.13 0.60
CA PRO W 44 -21.74 -64.34 0.17
C PRO W 44 -22.71 -63.59 1.05
N PRO W 45 -23.89 -63.26 0.54
CA PRO W 45 -24.84 -62.44 1.32
C PRO W 45 -25.35 -63.14 2.57
N ASP W 46 -25.36 -64.48 2.60
CA ASP W 46 -25.89 -65.19 3.76
C ASP W 46 -24.93 -65.15 4.93
N GLN W 47 -23.63 -65.07 4.67
CA GLN W 47 -22.60 -65.06 5.70
C GLN W 47 -22.37 -63.68 6.31
N GLN W 48 -23.18 -62.68 5.95
CA GLN W 48 -22.92 -61.29 6.31
C GLN W 48 -24.01 -60.75 7.21
N ARG W 49 -23.60 -59.91 8.17
CA ARG W 49 -24.52 -59.13 8.97
C ARG W 49 -24.06 -57.68 8.94
N LEU W 50 -24.92 -56.76 9.37
CA LEU W 50 -24.61 -55.33 9.36
C LEU W 50 -25.32 -54.66 10.51
N ILE W 51 -24.57 -54.00 11.39
CA ILE W 51 -25.12 -53.26 12.52
C ILE W 51 -24.56 -51.85 12.52
N PHE W 52 -25.42 -50.88 12.80
CA PHE W 52 -25.02 -49.47 12.87
C PHE W 52 -25.51 -48.90 14.18
N ALA W 53 -24.58 -48.41 15.01
CA ALA W 53 -24.87 -47.94 16.36
C ALA W 53 -25.57 -49.01 17.18
N GLY W 54 -25.22 -50.26 16.93
CA GLY W 54 -25.81 -51.39 17.64
C GLY W 54 -27.19 -51.76 17.17
N ARG W 55 -27.53 -51.46 15.91
CA ARG W 55 -28.83 -51.78 15.34
C ARG W 55 -28.62 -52.63 14.10
N GLN W 56 -29.09 -53.88 14.14
CA GLN W 56 -29.02 -54.75 12.97
C GLN W 56 -29.99 -54.25 11.90
N LEU W 57 -29.44 -53.88 10.74
CA LEU W 57 -30.26 -53.32 9.67
C LEU W 57 -31.10 -54.41 9.02
N GLU W 58 -32.42 -54.23 9.03
CA GLU W 58 -33.31 -55.21 8.44
C GLU W 58 -33.32 -55.09 6.93
N ASP W 59 -33.57 -56.22 6.26
CA ASP W 59 -33.50 -56.27 4.80
C ASP W 59 -34.64 -55.52 4.13
N GLY W 60 -35.74 -55.27 4.84
CA GLY W 60 -36.90 -54.64 4.24
C GLY W 60 -36.82 -53.13 4.23
N ARG W 61 -36.08 -52.57 5.17
CA ARG W 61 -35.99 -51.12 5.31
C ARG W 61 -34.89 -50.57 4.41
N THR W 62 -34.73 -49.24 4.43
CA THR W 62 -33.75 -48.55 3.59
C THR W 62 -32.72 -47.86 4.48
N LEU W 63 -31.78 -47.16 3.83
CA LEU W 63 -30.75 -46.44 4.58
C LEU W 63 -31.31 -45.20 5.25
N ALA W 64 -32.29 -44.54 4.62
CA ALA W 64 -32.90 -43.35 5.22
C ALA W 64 -33.76 -43.68 6.42
N ASP W 65 -34.21 -44.93 6.55
CA ASP W 65 -35.05 -45.31 7.69
C ASP W 65 -34.25 -45.37 9.00
N TYR W 66 -32.93 -45.43 8.92
CA TYR W 66 -32.08 -45.48 10.11
C TYR W 66 -31.27 -44.20 10.30
N ASN W 67 -31.54 -43.16 9.51
CA ASN W 67 -30.85 -41.88 9.59
C ASN W 67 -29.33 -42.07 9.43
N ILE W 68 -28.95 -42.83 8.40
CA ILE W 68 -27.54 -43.09 8.12
C ILE W 68 -27.10 -42.03 7.10
N GLN W 69 -26.55 -40.95 7.62
CA GLN W 69 -26.04 -39.87 6.78
C GLN W 69 -24.65 -40.22 6.28
N ARG W 70 -23.98 -39.25 5.65
CA ARG W 70 -22.63 -39.47 5.14
C ARG W 70 -21.63 -39.59 6.28
N GLU W 71 -20.49 -40.21 5.98
CA GLU W 71 -19.41 -40.42 6.94
C GLU W 71 -19.89 -41.23 8.15
N SER W 72 -20.82 -42.16 7.92
CA SER W 72 -21.25 -43.09 8.95
C SER W 72 -20.37 -44.35 8.91
N THR W 73 -20.51 -45.18 9.93
CA THR W 73 -19.67 -46.38 10.07
C THR W 73 -20.56 -47.60 10.25
N LEU W 74 -20.52 -48.49 9.27
CA LEU W 74 -21.19 -49.78 9.38
C LEU W 74 -20.19 -50.82 9.90
N HIS W 75 -20.73 -51.96 10.32
CA HIS W 75 -19.88 -53.02 10.86
C HIS W 75 -20.32 -54.36 10.30
N LEU W 76 -19.35 -55.16 9.87
CA LEU W 76 -19.59 -56.47 9.28
C LEU W 76 -19.08 -57.54 10.23
N VAL W 77 -19.94 -58.52 10.54
CA VAL W 77 -19.57 -59.63 11.40
C VAL W 77 -20.02 -60.96 10.79
N HIS X 5 53.47 85.11 -47.34
CA HIS X 5 52.21 84.74 -46.72
C HIS X 5 51.03 85.39 -47.44
N HIS X 6 49.89 84.71 -47.45
CA HIS X 6 48.70 85.20 -48.11
C HIS X 6 47.46 84.82 -47.29
N HIS X 7 46.52 85.75 -47.19
CA HIS X 7 45.32 85.51 -46.41
C HIS X 7 44.45 84.43 -47.07
N MET X 8 43.56 83.86 -46.27
CA MET X 8 42.84 82.65 -46.63
C MET X 8 41.74 82.40 -45.58
N GLN X 9 40.62 81.87 -46.04
CA GLN X 9 39.48 81.59 -45.18
C GLN X 9 39.28 80.09 -45.06
N ILE X 10 38.97 79.64 -43.84
CA ILE X 10 38.75 78.23 -43.55
C ILE X 10 37.43 78.04 -42.80
N PHE X 11 36.88 76.84 -42.90
CA PHE X 11 35.63 76.46 -42.26
C PHE X 11 35.91 75.55 -41.07
N VAL X 12 35.01 75.57 -40.09
CA VAL X 12 35.13 74.77 -38.88
C VAL X 12 33.78 74.16 -38.57
N ARG X 13 33.72 72.84 -38.43
CA ARG X 13 32.50 72.13 -38.07
C ARG X 13 32.50 71.92 -36.56
N THR X 14 31.39 72.24 -35.91
CA THR X 14 31.29 72.14 -34.47
C THR X 14 30.74 70.77 -34.05
N LEU X 15 30.48 70.60 -32.75
CA LEU X 15 29.89 69.35 -32.28
C LEU X 15 28.43 69.26 -32.68
N THR X 16 27.76 70.40 -32.82
CA THR X 16 26.36 70.46 -33.24
C THR X 16 26.33 70.74 -34.74
N GLY X 17 25.13 70.80 -35.30
CA GLY X 17 25.03 70.95 -36.75
C GLY X 17 25.16 72.37 -37.24
N ARG X 18 26.16 73.11 -36.75
CA ARG X 18 26.42 74.48 -37.18
C ARG X 18 27.82 74.61 -37.77
N THR X 19 27.91 75.29 -38.91
CA THR X 19 29.16 75.52 -39.62
C THR X 19 29.54 76.99 -39.46
N ILE X 20 30.77 77.25 -39.04
CA ILE X 20 31.26 78.63 -38.84
C ILE X 20 32.30 78.99 -39.88
N THR X 21 32.22 80.23 -40.37
CA THR X 21 33.18 80.79 -41.31
C THR X 21 34.13 81.71 -40.54
N LEU X 22 35.42 81.49 -40.70
CA LEU X 22 36.44 82.21 -39.94
C LEU X 22 37.34 83.05 -40.85
N GLU X 23 37.76 84.20 -40.32
CA GLU X 23 38.68 85.10 -40.99
C GLU X 23 40.08 84.89 -40.39
N VAL X 24 40.99 84.33 -41.18
CA VAL X 24 42.33 83.97 -40.73
C VAL X 24 43.34 84.36 -41.80
N GLU X 25 44.62 84.18 -41.47
CA GLU X 25 45.68 84.40 -42.44
C GLU X 25 46.60 83.18 -42.51
N SER X 26 47.71 83.31 -43.24
CA SER X 26 48.53 82.14 -43.53
C SER X 26 49.33 81.69 -42.32
N SER X 27 49.87 82.62 -41.55
CA SER X 27 50.78 82.31 -40.46
C SER X 27 50.11 82.39 -39.08
N ASP X 28 48.80 82.15 -39.02
CA ASP X 28 48.10 82.12 -37.74
C ASP X 28 48.41 80.83 -37.01
N THR X 29 48.79 80.94 -35.74
CA THR X 29 49.08 79.76 -34.94
C THR X 29 47.80 79.09 -34.47
N ILE X 30 47.93 77.80 -34.09
CA ILE X 30 46.79 77.05 -33.62
C ILE X 30 46.31 77.58 -32.27
N ASP X 31 47.23 78.08 -31.44
CA ASP X 31 46.84 78.66 -30.16
C ASP X 31 45.89 79.84 -30.34
N ASN X 32 45.96 80.52 -31.48
CA ASN X 32 45.05 81.63 -31.75
C ASN X 32 43.67 81.11 -32.16
N VAL X 33 43.62 80.19 -33.13
CA VAL X 33 42.33 79.75 -33.68
C VAL X 33 41.49 79.05 -32.63
N ARG X 34 42.14 78.41 -31.65
CA ARG X 34 41.37 77.75 -30.59
C ARG X 34 40.62 78.77 -29.73
N ALA X 35 41.27 79.88 -29.38
CA ALA X 35 40.62 80.92 -28.60
C ALA X 35 39.71 81.80 -29.45
N ARG X 36 39.92 81.81 -30.76
CA ARG X 36 39.06 82.58 -31.66
C ARG X 36 37.64 82.02 -31.69
N ILE X 37 37.49 80.70 -31.59
CA ILE X 37 36.16 80.10 -31.56
C ILE X 37 35.48 80.32 -30.21
N GLN X 38 36.24 80.55 -29.14
CA GLN X 38 35.65 80.73 -27.82
C GLN X 38 34.72 81.94 -27.80
N ASP X 39 35.20 83.09 -28.28
CA ASP X 39 34.40 84.30 -28.25
C ASP X 39 33.29 84.31 -29.30
N ARG X 40 33.35 83.41 -30.29
CA ARG X 40 32.34 83.33 -31.32
C ARG X 40 31.29 82.26 -31.03
N GLU X 41 31.68 81.16 -30.39
CA GLU X 41 30.75 80.07 -30.09
C GLU X 41 30.49 79.89 -28.61
N GLY X 42 31.43 80.22 -27.74
CA GLY X 42 31.25 80.08 -26.31
C GLY X 42 31.89 78.86 -25.68
N ILE X 43 32.67 78.08 -26.43
CA ILE X 43 33.30 76.88 -25.90
C ILE X 43 34.69 77.24 -25.39
N PRO X 44 35.05 76.85 -24.17
CA PRO X 44 36.39 77.15 -23.68
C PRO X 44 37.45 76.43 -24.50
N PRO X 45 38.67 76.98 -24.56
CA PRO X 45 39.70 76.36 -25.39
C PRO X 45 40.16 74.99 -24.89
N ASP X 46 40.04 74.73 -23.59
CA ASP X 46 40.51 73.46 -23.03
C ASP X 46 39.58 72.31 -23.37
N GLN X 47 38.29 72.58 -23.54
CA GLN X 47 37.29 71.57 -23.84
C GLN X 47 37.24 71.21 -25.32
N GLN X 48 38.17 71.75 -26.12
CA GLN X 48 38.14 71.66 -27.57
C GLN X 48 39.34 70.89 -28.09
N ARG X 49 39.11 70.15 -29.17
CA ARG X 49 40.19 69.54 -29.93
C ARG X 49 40.01 69.97 -31.38
N LEU X 50 41.04 69.74 -32.20
CA LEU X 50 41.00 70.17 -33.60
C LEU X 50 41.78 69.18 -34.44
N ILE X 51 41.13 68.59 -35.45
CA ILE X 51 41.76 67.66 -36.36
C ILE X 51 41.45 68.10 -37.79
N PHE X 52 42.45 68.03 -38.66
CA PHE X 52 42.30 68.37 -40.07
C PHE X 52 42.84 67.22 -40.90
N ALA X 53 41.99 66.65 -41.76
CA ALA X 53 42.32 65.46 -42.53
C ALA X 53 42.76 64.31 -41.63
N GLY X 54 42.17 64.24 -40.44
CA GLY X 54 42.49 63.19 -39.50
C GLY X 54 43.80 63.40 -38.75
N ARG X 55 44.27 64.63 -38.63
CA ARG X 55 45.51 64.93 -37.92
C ARG X 55 45.22 65.97 -36.85
N GLN X 56 45.45 65.61 -35.59
CA GLN X 56 45.27 66.54 -34.49
C GLN X 56 46.28 67.68 -34.59
N LEU X 57 45.78 68.90 -34.73
CA LEU X 57 46.63 70.06 -34.92
C LEU X 57 47.31 70.43 -33.61
N GLU X 58 48.64 70.47 -33.61
CA GLU X 58 49.40 70.80 -32.42
C GLU X 58 49.35 72.30 -32.15
N ASP X 59 49.44 72.67 -30.88
CA ASP X 59 49.30 74.06 -30.47
C ASP X 59 50.50 74.91 -30.86
N GLY X 60 51.65 74.30 -31.10
CA GLY X 60 52.86 75.06 -31.37
C GLY X 60 53.04 75.47 -32.82
N ARG X 61 52.47 74.71 -33.74
CA ARG X 61 52.66 74.95 -35.16
C ARG X 61 51.62 75.96 -35.66
N THR X 62 51.68 76.26 -36.96
CA THR X 62 50.81 77.23 -37.60
C THR X 62 49.92 76.54 -38.62
N LEU X 63 49.11 77.34 -39.31
CA LEU X 63 48.20 76.80 -40.33
C LEU X 63 48.94 76.39 -41.58
N ALA X 64 50.02 77.09 -41.93
CA ALA X 64 50.79 76.74 -43.11
C ALA X 64 51.58 75.46 -42.94
N ASP X 65 51.85 75.04 -41.70
CA ASP X 65 52.59 73.81 -41.45
C ASP X 65 51.79 72.57 -41.79
N TYR X 66 50.46 72.68 -41.92
CA TYR X 66 49.61 71.55 -42.24
C TYR X 66 49.02 71.64 -43.64
N ASN X 67 49.51 72.58 -44.46
CA ASN X 67 49.00 72.79 -45.82
C ASN X 67 47.50 73.05 -45.79
N ILE X 68 47.06 73.92 -44.88
CA ILE X 68 45.66 74.28 -44.75
C ILE X 68 45.45 75.52 -45.61
N GLN X 69 45.05 75.29 -46.85
CA GLN X 69 44.77 76.38 -47.78
C GLN X 69 43.37 76.94 -47.50
N ARG X 70 42.91 77.79 -48.40
CA ARG X 70 41.60 78.41 -48.30
C ARG X 70 40.50 77.38 -48.54
N GLU X 71 39.30 77.71 -48.04
CA GLU X 71 38.11 76.88 -48.22
C GLU X 71 38.32 75.47 -47.67
N SER X 72 39.11 75.36 -46.60
CA SER X 72 39.28 74.09 -45.92
C SER X 72 38.22 73.93 -44.85
N THR X 73 38.12 72.73 -44.29
CA THR X 73 37.10 72.40 -43.31
C THR X 73 37.79 71.77 -42.10
N LEU X 74 37.74 72.47 -40.96
CA LEU X 74 38.22 71.92 -39.71
C LEU X 74 37.07 71.23 -38.98
N HIS X 75 37.42 70.45 -37.97
CA HIS X 75 36.43 69.73 -37.19
C HIS X 75 36.76 69.84 -35.70
N LEU X 76 35.75 70.13 -34.90
CA LEU X 76 35.89 70.33 -33.46
C LEU X 76 35.26 69.18 -32.71
N VAL X 77 36.01 68.59 -31.78
CA VAL X 77 35.51 67.50 -30.95
C VAL X 77 35.88 67.72 -29.49
#